data_8WXB
#
_entry.id   8WXB
#
loop_
_entity.id
_entity.type
_entity.pdbx_description
1 polymer 'Carboxysome shell vertex protein CsoS4A'
2 polymer 'Major carboxysome shell protein CsoS1'
3 polymer 'Carboxysome assembly protein CsoS2'
#
loop_
_entity_poly.entity_id
_entity_poly.type
_entity_poly.pdbx_seq_one_letter_code
_entity_poly.pdbx_strand_id
1 'polypeptide(L)'
;MLICKVLKPLVSTNRIPGFEHKHLQVVLDGSSNKVAVDAVGCKPGDWVICVGSSAAREAAGSKSYPSDLTIVGIIDHWDP
DSPKQIEV
;
2
2 'polypeptide(L)'
;MGIALGMIETRGLVPAIEAADAMTKAAEVRLIGREFVGGGYVTVLVRGETGAVNAAVRAGADACERVGDGLVAAHIIARP
HREVEPALGNGDFLGQKD
;
A,B,C,D,E,F,G,H,I,J,K,L,M,N,O,P,Q,R,S,T,U,V,W,X,a,b,c,d,e,f,g,h,i,j,k,l,m,n,o,p,q,r,s,t,u,v,w,x
3 'polypeptide(L)'
;MSTKTSREIALERRKAMSDGGKKAALHSSSTKDRVRSSQDINSTGATSSNKKVLTSPSKSNIPANKIARKSTSSKLSSKE
LGIERRKAMSTHGKSAINSSDRTRTDVKSDIKVNKVISTEKPQALKDHNNNIKDNQVVKQNIKRRINQKRKPITNTSRDI
VLARREAQSKHGKSASKQNTSAASLARRGDPDLSSREISQRVRELRSKTGSTSKQGNGKCRPCGPNKNGSKLNIADASWK
VGKSETDSGQTVTGTQANRSLKTTGNEASTCRTVTGTQYMGAEVTGQFCQDKPKYKQPIRASVTTTTSGNKVTGNEVGRS
EKVTGDEPGTCKNLTGTEYISANQSKKYCGEVIKKPSKVMQSITTDGLKVSGSLPGRSSLVTGDESGSGKQLTGDQYLGS
EPSPKGKSFEKVGSYDTLNGNNVTGTGVGRSDYVTGNEYGSCKNLTGDEYIGSQQYEKFCGSTPKPEARKVGLSLSSKSN
LISGTMTGRSKIVTGDEPGSCKVLTGTPYAGLDQINDNCNAEIADDMKSRATVNSGNNSNARLTGLQPGIGGVMTGATKG
SCKNLTGTPYIGGDQFLSNCETPPNDASYANQEKSASNSWKEFSVNSPSREKYSAKNTEGVTGNRYEDSSKITGPFDMAE
DKVTGTEQFRFEPNKNMTYKQKMKQEESQNIDIPTDKKEPSKITGEGQSAGNITGDDWDRGDKVTGTEGVSARKRNPSRA
GFMGAMPPVDNKRNDETEKPDFLITGSSGNTRDGQLVTFSGGARG
;
Y,Z
#
# COMPACT_ATOMS: atom_id res chain seq x y z
N MET A 1 -140.41 28.11 -7.99
CA MET A 1 -139.20 28.51 -8.69
C MET A 1 -139.33 27.97 -10.11
N LEU A 2 -138.45 28.40 -11.00
CA LEU A 2 -138.60 27.99 -12.40
C LEU A 2 -138.17 26.55 -12.59
N ILE A 3 -139.12 25.67 -12.89
CA ILE A 3 -138.77 24.33 -13.34
C ILE A 3 -138.00 24.47 -14.64
N CYS A 4 -136.99 23.63 -14.83
CA CYS A 4 -136.02 23.93 -15.86
C CYS A 4 -135.22 22.68 -16.22
N LYS A 5 -135.30 22.30 -17.50
CA LYS A 5 -134.58 21.16 -18.06
C LYS A 5 -133.29 21.65 -18.69
N VAL A 6 -132.16 21.15 -18.20
CA VAL A 6 -130.87 21.54 -18.76
C VAL A 6 -130.83 21.18 -20.23
N LEU A 7 -130.25 22.06 -21.04
CA LEU A 7 -130.18 21.85 -22.48
C LEU A 7 -128.74 21.61 -22.96
N LYS A 8 -127.83 22.53 -22.64
CA LYS A 8 -126.49 22.46 -23.18
C LYS A 8 -125.58 23.33 -22.33
N PRO A 9 -124.25 23.18 -22.48
CA PRO A 9 -123.32 24.10 -21.80
C PRO A 9 -123.07 25.38 -22.59
N LEU A 10 -122.16 26.22 -22.08
CA LEU A 10 -121.80 27.49 -22.70
C LEU A 10 -120.31 27.52 -23.06
N VAL A 11 -119.86 28.70 -23.47
CA VAL A 11 -118.47 28.98 -23.76
C VAL A 11 -118.11 30.33 -23.15
N SER A 12 -116.84 30.48 -22.79
CA SER A 12 -116.37 31.72 -22.21
C SER A 12 -116.34 32.84 -23.25
N THR A 13 -116.15 34.06 -22.77
CA THR A 13 -116.14 35.24 -23.62
C THR A 13 -115.42 36.36 -22.87
N ASN A 14 -115.56 37.59 -23.36
CA ASN A 14 -114.68 38.68 -23.01
C ASN A 14 -115.24 39.49 -21.82
N ARG A 15 -115.88 38.84 -20.86
CA ARG A 15 -116.30 39.55 -19.66
C ARG A 15 -115.34 39.23 -18.51
N ILE A 16 -115.16 40.20 -17.63
CA ILE A 16 -114.25 40.10 -16.49
C ILE A 16 -114.86 39.32 -15.32
N PRO A 17 -116.13 39.55 -14.92
CA PRO A 17 -116.62 38.90 -13.71
C PRO A 17 -116.93 37.42 -13.87
N GLY A 18 -116.44 36.82 -14.96
CA GLY A 18 -116.63 35.38 -15.15
C GLY A 18 -115.90 34.53 -14.12
N PHE A 19 -115.03 35.16 -13.33
CA PHE A 19 -114.35 34.46 -12.25
C PHE A 19 -115.35 33.81 -11.30
N GLU A 20 -116.54 34.40 -11.18
CA GLU A 20 -117.60 33.87 -10.34
C GLU A 20 -118.81 33.37 -11.15
N HIS A 21 -118.81 33.54 -12.46
CA HIS A 21 -119.96 33.13 -13.26
C HIS A 21 -120.08 31.62 -13.39
N LYS A 22 -118.98 30.89 -13.29
CA LYS A 22 -118.97 29.44 -13.08
C LYS A 22 -119.83 28.66 -14.05
N HIS A 23 -119.40 28.63 -15.31
CA HIS A 23 -119.92 27.74 -16.36
C HIS A 23 -121.43 27.81 -16.51
N LEU A 24 -121.94 28.97 -16.95
CA LEU A 24 -123.34 29.11 -17.31
C LEU A 24 -123.80 27.95 -18.17
N GLN A 25 -125.04 27.52 -18.00
CA GLN A 25 -125.60 26.40 -18.76
C GLN A 25 -126.94 26.82 -19.35
N VAL A 26 -127.12 26.60 -20.65
CA VAL A 26 -128.42 26.82 -21.27
C VAL A 26 -129.38 25.75 -20.82
N VAL A 27 -130.53 26.20 -20.31
CA VAL A 27 -131.58 25.39 -19.74
C VAL A 27 -132.86 25.77 -20.47
N LEU A 28 -133.91 25.00 -20.26
CA LEU A 28 -135.20 25.33 -20.85
C LEU A 28 -136.28 25.17 -19.79
N ASP A 29 -137.20 26.14 -19.75
CA ASP A 29 -138.31 26.13 -18.81
C ASP A 29 -139.58 25.55 -19.43
N GLY A 30 -139.47 24.90 -20.58
CA GLY A 30 -140.62 24.35 -21.27
C GLY A 30 -141.15 25.22 -22.39
N SER A 31 -140.81 26.51 -22.40
CA SER A 31 -141.27 27.44 -23.43
C SER A 31 -140.15 27.80 -24.41
N SER A 32 -139.04 28.31 -23.90
CA SER A 32 -137.92 28.71 -24.76
C SER A 32 -136.63 28.48 -23.98
N ASN A 33 -135.53 28.96 -24.53
CA ASN A 33 -134.22 28.77 -23.94
C ASN A 33 -133.96 29.80 -22.85
N LYS A 34 -132.96 29.52 -22.04
CA LYS A 34 -132.55 30.38 -20.93
C LYS A 34 -131.14 29.94 -20.58
N VAL A 35 -130.45 30.71 -19.75
CA VAL A 35 -129.16 30.26 -19.24
C VAL A 35 -129.02 30.64 -17.77
N ALA A 36 -128.52 29.70 -16.98
CA ALA A 36 -128.33 29.94 -15.56
C ALA A 36 -127.05 29.26 -15.10
N VAL A 37 -126.46 29.80 -14.04
CA VAL A 37 -125.22 29.26 -13.48
C VAL A 37 -125.49 27.90 -12.86
N ASP A 38 -124.66 26.93 -13.22
CA ASP A 38 -124.74 25.61 -12.62
C ASP A 38 -124.07 25.63 -11.26
N ALA A 39 -124.86 25.48 -10.21
CA ALA A 39 -124.33 25.36 -8.85
C ALA A 39 -124.04 23.91 -8.49
N VAL A 40 -125.05 23.04 -8.57
CA VAL A 40 -124.86 21.62 -8.34
C VAL A 40 -125.52 20.82 -9.46
N GLY A 41 -124.72 20.42 -10.46
CA GLY A 41 -125.15 19.47 -11.46
C GLY A 41 -126.05 20.02 -12.54
N CYS A 42 -125.74 19.72 -13.81
CA CYS A 42 -126.64 20.01 -14.92
C CYS A 42 -126.88 18.81 -15.82
N LYS A 43 -125.84 18.03 -16.14
CA LYS A 43 -125.92 16.84 -16.98
C LYS A 43 -126.52 17.19 -18.34
N PRO A 44 -126.90 16.21 -19.17
CA PRO A 44 -127.87 16.50 -20.22
C PRO A 44 -129.10 17.17 -19.64
N GLY A 45 -129.53 16.71 -18.47
CA GLY A 45 -130.59 17.37 -17.73
C GLY A 45 -131.94 16.70 -17.85
N ASP A 46 -132.43 16.16 -16.73
CA ASP A 46 -133.77 15.59 -16.70
C ASP A 46 -134.79 16.62 -16.22
N TRP A 47 -134.64 17.09 -14.99
CA TRP A 47 -135.47 18.16 -14.43
C TRP A 47 -134.76 18.73 -13.21
N VAL A 48 -134.36 20.00 -13.30
CA VAL A 48 -133.80 20.72 -12.15
C VAL A 48 -134.62 21.98 -11.92
N ILE A 49 -134.25 22.72 -10.89
CA ILE A 49 -135.02 23.88 -10.46
C ILE A 49 -134.10 25.10 -10.40
N CYS A 50 -134.62 26.24 -10.82
CA CYS A 50 -133.83 27.44 -11.10
C CYS A 50 -134.41 28.61 -10.31
N VAL A 51 -133.53 29.39 -9.68
CA VAL A 51 -133.90 30.53 -8.85
C VAL A 51 -133.26 31.80 -9.40
N GLY A 52 -134.05 32.85 -9.51
CA GLY A 52 -133.56 34.12 -10.03
C GLY A 52 -133.71 35.28 -9.08
N SER A 53 -134.14 36.42 -9.63
CA SER A 53 -134.36 37.65 -8.87
C SER A 53 -133.10 38.07 -8.14
N SER A 54 -133.25 38.93 -7.12
CA SER A 54 -132.12 39.27 -6.28
C SER A 54 -131.64 38.09 -5.44
N ALA A 55 -132.53 37.13 -5.16
CA ALA A 55 -132.09 35.94 -4.44
C ALA A 55 -130.94 35.27 -5.16
N ALA A 56 -131.04 35.19 -6.50
CA ALA A 56 -129.96 34.66 -7.32
C ALA A 56 -128.61 35.14 -6.85
N ARG A 57 -128.48 36.43 -6.49
CA ARG A 57 -127.18 36.94 -6.06
C ARG A 57 -126.66 36.11 -4.89
N GLU A 58 -127.39 36.11 -3.77
CA GLU A 58 -126.95 35.28 -2.65
C GLU A 58 -127.19 33.81 -2.93
N ALA A 59 -127.98 33.48 -3.96
CA ALA A 59 -128.08 32.08 -4.36
C ALA A 59 -126.83 31.66 -5.12
N ALA A 60 -126.10 32.61 -5.71
CA ALA A 60 -124.91 32.26 -6.46
C ALA A 60 -123.64 32.43 -5.63
N GLY A 61 -123.68 33.25 -4.60
CA GLY A 61 -122.54 33.35 -3.70
C GLY A 61 -122.20 34.74 -3.18
N SER A 62 -122.77 35.79 -3.77
CA SER A 62 -122.40 37.14 -3.36
C SER A 62 -123.58 38.09 -3.54
N LYS A 63 -123.67 39.06 -2.62
CA LYS A 63 -124.64 40.14 -2.75
C LYS A 63 -124.43 40.96 -4.02
N SER A 64 -123.17 41.21 -4.39
CA SER A 64 -122.85 41.98 -5.57
C SER A 64 -122.78 41.13 -6.82
N TYR A 65 -123.13 39.85 -6.73
CA TYR A 65 -122.98 38.96 -7.87
C TYR A 65 -123.96 39.34 -8.99
N PRO A 66 -123.51 39.41 -10.24
CA PRO A 66 -124.36 39.76 -11.40
C PRO A 66 -125.12 38.59 -12.04
N SER A 67 -126.26 38.23 -11.48
CA SER A 67 -127.09 37.20 -12.11
C SER A 67 -128.57 37.54 -12.00
N ASP A 68 -129.34 36.91 -12.89
CA ASP A 68 -130.80 37.00 -12.89
C ASP A 68 -131.47 35.67 -12.67
N LEU A 69 -130.73 34.56 -12.66
CA LEU A 69 -131.28 33.22 -12.53
C LEU A 69 -130.18 32.21 -12.25
N THR A 70 -130.32 31.44 -11.18
CA THR A 70 -129.37 30.41 -10.79
C THR A 70 -130.11 29.11 -10.54
N ILE A 71 -129.54 28.00 -11.01
CA ILE A 71 -130.13 26.71 -10.65
C ILE A 71 -129.79 26.42 -9.20
N VAL A 72 -130.73 25.82 -8.49
CA VAL A 72 -130.62 25.78 -7.05
C VAL A 72 -130.68 24.33 -6.57
N GLY A 73 -131.36 23.46 -7.32
CA GLY A 73 -131.54 22.10 -6.87
C GLY A 73 -131.94 21.17 -7.99
N ILE A 74 -131.96 19.87 -7.67
CA ILE A 74 -132.34 18.81 -8.59
C ILE A 74 -133.55 18.10 -8.00
N ILE A 75 -134.55 17.83 -8.82
CA ILE A 75 -135.72 17.08 -8.39
C ILE A 75 -135.50 15.61 -8.77
N ASP A 76 -135.40 14.75 -7.76
CA ASP A 76 -135.02 13.35 -8.03
C ASP A 76 -136.12 12.64 -8.81
N HIS A 77 -137.36 12.76 -8.36
CA HIS A 77 -138.49 12.10 -9.01
C HIS A 77 -139.04 12.90 -10.18
N TRP A 78 -138.52 14.11 -10.41
CA TRP A 78 -138.87 14.97 -11.55
C TRP A 78 -140.38 15.11 -11.72
N ASP A 79 -140.81 15.56 -12.89
CA ASP A 79 -142.23 15.75 -13.16
C ASP A 79 -142.52 15.79 -14.65
N PRO A 80 -143.53 15.06 -15.13
CA PRO A 80 -143.91 15.02 -16.54
C PRO A 80 -144.30 16.38 -17.08
N MET B 1 -67.60 22.74 -39.15
CA MET B 1 -67.10 22.57 -37.79
C MET B 1 -67.29 23.85 -36.98
N GLY B 2 -67.65 23.71 -35.71
CA GLY B 2 -67.87 24.88 -34.88
C GLY B 2 -66.59 25.70 -34.76
N ILE B 3 -66.66 26.95 -35.21
CA ILE B 3 -65.48 27.82 -35.19
C ILE B 3 -65.23 28.43 -33.83
N ALA B 4 -66.16 28.30 -32.90
CA ALA B 4 -65.99 28.88 -31.57
C ALA B 4 -64.72 28.33 -30.93
N LEU B 5 -63.89 29.23 -30.42
CA LEU B 5 -62.55 28.90 -29.96
C LEU B 5 -62.49 29.02 -28.44
N GLY B 6 -62.05 27.95 -27.79
CA GLY B 6 -61.64 28.00 -26.40
C GLY B 6 -60.14 27.74 -26.32
N MET B 7 -59.44 28.53 -25.51
CA MET B 7 -58.01 28.27 -25.32
C MET B 7 -57.67 28.54 -23.87
N ILE B 8 -56.87 27.66 -23.28
CA ILE B 8 -56.44 27.82 -21.90
C ILE B 8 -54.93 27.64 -21.80
N GLU B 9 -54.29 28.60 -21.15
CA GLU B 9 -52.84 28.59 -20.92
C GLU B 9 -52.55 28.45 -19.44
N THR B 10 -51.59 27.59 -19.13
CA THR B 10 -51.21 27.33 -17.75
C THR B 10 -49.69 27.23 -17.67
N ARG B 11 -49.18 27.31 -16.45
CA ARG B 11 -47.77 27.03 -16.16
C ARG B 11 -47.64 25.54 -15.94
N GLY B 12 -46.86 24.89 -16.78
CA GLY B 12 -46.85 23.44 -16.71
C GLY B 12 -48.11 22.85 -17.34
N LEU B 13 -47.95 21.65 -17.90
CA LEU B 13 -49.02 21.05 -18.65
C LEU B 13 -49.95 20.19 -17.81
N VAL B 14 -49.68 20.04 -16.51
CA VAL B 14 -50.63 19.31 -15.67
C VAL B 14 -51.94 20.10 -15.60
N PRO B 15 -51.92 21.39 -15.23
CA PRO B 15 -53.18 22.16 -15.33
C PRO B 15 -53.68 22.31 -16.76
N ALA B 16 -52.78 22.32 -17.75
CA ALA B 16 -53.21 22.40 -19.13
C ALA B 16 -54.04 21.18 -19.53
N ILE B 17 -53.58 19.98 -19.14
CA ILE B 17 -54.33 18.78 -19.44
C ILE B 17 -55.53 18.61 -18.53
N GLU B 18 -55.52 19.19 -17.33
CA GLU B 18 -56.76 19.27 -16.56
C GLU B 18 -57.80 20.11 -17.28
N ALA B 19 -57.37 21.24 -17.84
CA ALA B 19 -58.28 22.06 -18.64
C ALA B 19 -58.76 21.29 -19.86
N ALA B 20 -57.86 20.55 -20.50
CA ALA B 20 -58.25 19.75 -21.67
C ALA B 20 -59.25 18.66 -21.27
N ASP B 21 -59.08 18.07 -20.10
CA ASP B 21 -60.03 17.09 -19.61
C ASP B 21 -61.38 17.72 -19.36
N ALA B 22 -61.40 18.93 -18.78
CA ALA B 22 -62.66 19.65 -18.63
C ALA B 22 -63.28 19.92 -19.99
N MET B 23 -62.45 20.27 -20.97
CA MET B 23 -62.92 20.47 -22.33
C MET B 23 -63.65 19.23 -22.84
N THR B 24 -62.91 18.13 -22.94
CA THR B 24 -63.40 16.90 -23.54
C THR B 24 -64.42 16.17 -22.67
N LYS B 25 -64.63 16.63 -21.44
CA LYS B 25 -65.67 16.08 -20.59
C LYS B 25 -66.93 16.94 -20.57
N ALA B 26 -66.82 18.24 -20.86
CA ALA B 26 -67.98 19.12 -20.74
C ALA B 26 -68.88 19.05 -21.95
N ALA B 27 -68.37 19.43 -23.13
CA ALA B 27 -69.23 19.74 -24.25
C ALA B 27 -68.59 19.26 -25.55
N GLU B 28 -69.30 19.45 -26.65
CA GLU B 28 -68.86 19.02 -27.98
C GLU B 28 -67.76 19.96 -28.45
N VAL B 29 -66.58 19.77 -27.89
CA VAL B 29 -65.39 20.53 -28.27
C VAL B 29 -64.28 19.54 -28.58
N ARG B 30 -63.55 19.80 -29.65
CA ARG B 30 -62.42 18.98 -30.07
C ARG B 30 -61.16 19.79 -29.88
N LEU B 31 -60.22 19.25 -29.10
CA LEU B 31 -58.96 19.94 -28.89
C LEU B 31 -58.18 19.97 -30.20
N ILE B 32 -57.97 21.17 -30.73
CA ILE B 32 -57.26 21.31 -31.99
C ILE B 32 -55.79 21.64 -31.80
N GLY B 33 -55.35 21.88 -30.57
CA GLY B 33 -53.94 22.13 -30.35
C GLY B 33 -53.45 21.97 -28.93
N ARG B 34 -52.27 21.37 -28.78
CA ARG B 34 -51.57 21.27 -27.50
C ARG B 34 -50.16 21.77 -27.76
N GLU B 35 -49.88 23.00 -27.36
CA GLU B 35 -48.60 23.60 -27.71
C GLU B 35 -47.88 24.13 -26.49
N PHE B 36 -46.55 24.12 -26.58
CA PHE B 36 -45.67 24.56 -25.50
C PHE B 36 -45.15 25.94 -25.89
N VAL B 37 -45.59 26.96 -25.14
CA VAL B 37 -45.25 28.33 -25.49
C VAL B 37 -43.75 28.56 -25.38
N GLY B 38 -43.14 28.06 -24.32
CA GLY B 38 -41.74 28.27 -24.07
C GLY B 38 -41.49 28.74 -22.65
N GLY B 39 -40.49 28.14 -22.00
CA GLY B 39 -40.26 28.48 -20.61
C GLY B 39 -41.27 27.91 -19.66
N GLY B 40 -41.97 26.84 -20.04
CA GLY B 40 -42.91 26.18 -19.17
C GLY B 40 -44.38 26.45 -19.48
N TYR B 41 -44.68 27.47 -20.27
CA TYR B 41 -46.07 27.79 -20.57
C TYR B 41 -46.64 26.76 -21.53
N VAL B 42 -47.76 26.13 -21.15
CA VAL B 42 -48.42 25.13 -21.99
C VAL B 42 -49.87 25.58 -22.19
N THR B 43 -50.32 25.57 -23.43
CA THR B 43 -51.67 26.02 -23.72
C THR B 43 -52.36 25.11 -24.73
N VAL B 44 -53.70 25.11 -24.65
CA VAL B 44 -54.55 24.18 -25.38
C VAL B 44 -55.64 24.94 -26.11
N LEU B 45 -55.86 24.55 -27.38
CA LEU B 45 -56.90 25.09 -28.24
C LEU B 45 -57.94 24.00 -28.48
N VAL B 46 -59.20 24.32 -28.25
CA VAL B 46 -60.34 23.50 -28.64
C VAL B 46 -61.29 24.34 -29.46
N ARG B 47 -62.05 23.67 -30.33
CA ARG B 47 -63.00 24.33 -31.21
C ARG B 47 -64.34 23.62 -31.13
N GLY B 48 -65.41 24.39 -31.29
CA GLY B 48 -66.75 23.84 -31.22
C GLY B 48 -67.79 24.93 -31.26
N GLU B 49 -69.01 24.54 -30.88
CA GLU B 49 -70.13 25.47 -30.88
C GLU B 49 -69.98 26.49 -29.76
N THR B 50 -70.62 27.66 -29.94
CA THR B 50 -70.42 28.78 -29.02
C THR B 50 -70.79 28.40 -27.58
N GLY B 51 -72.01 27.89 -27.39
CA GLY B 51 -72.41 27.48 -26.05
C GLY B 51 -71.58 26.33 -25.53
N ALA B 52 -71.24 25.38 -26.40
CA ALA B 52 -70.42 24.25 -25.99
C ALA B 52 -69.04 24.72 -25.51
N VAL B 53 -68.40 25.60 -26.29
CA VAL B 53 -67.10 26.11 -25.89
C VAL B 53 -67.21 26.91 -24.60
N ASN B 54 -68.28 27.69 -24.46
CA ASN B 54 -68.46 28.48 -23.25
C ASN B 54 -68.57 27.59 -22.01
N ALA B 55 -69.39 26.55 -22.11
CA ALA B 55 -69.54 25.62 -20.99
C ALA B 55 -68.22 24.91 -20.69
N ALA B 56 -67.50 24.51 -21.74
CA ALA B 56 -66.23 23.82 -21.53
C ALA B 56 -65.23 24.73 -20.81
N VAL B 57 -65.10 25.98 -21.27
CA VAL B 57 -64.18 26.90 -20.63
C VAL B 57 -64.60 27.18 -19.19
N ARG B 58 -65.93 27.23 -18.95
CA ARG B 58 -66.41 27.34 -17.58
C ARG B 58 -65.91 26.18 -16.73
N ALA B 59 -66.04 24.95 -17.23
CA ALA B 59 -65.59 23.79 -16.48
C ALA B 59 -64.09 23.83 -16.23
N GLY B 60 -63.32 24.25 -17.24
CA GLY B 60 -61.88 24.36 -17.08
C GLY B 60 -61.50 25.39 -16.04
N ALA B 61 -62.15 26.56 -16.07
CA ALA B 61 -61.87 27.59 -15.08
C ALA B 61 -62.44 27.23 -13.72
N ASP B 62 -63.25 26.19 -13.65
CA ASP B 62 -63.69 25.72 -12.35
C ASP B 62 -62.73 24.67 -11.78
N ALA B 63 -62.13 23.85 -12.64
CA ALA B 63 -61.34 22.72 -12.18
C ALA B 63 -59.84 22.84 -12.47
N CYS B 64 -59.34 24.01 -12.85
CA CYS B 64 -57.94 24.10 -13.28
C CYS B 64 -57.04 24.86 -12.30
N GLU B 65 -57.56 25.86 -11.59
CA GLU B 65 -56.70 26.79 -10.88
C GLU B 65 -55.97 26.15 -9.71
N ARG B 66 -56.56 25.15 -9.07
CA ARG B 66 -56.00 24.66 -7.83
C ARG B 66 -55.17 23.39 -8.03
N VAL B 67 -54.67 23.17 -9.24
CA VAL B 67 -53.93 21.97 -9.59
C VAL B 67 -52.47 22.35 -9.74
N GLY B 68 -51.65 21.94 -8.77
CA GLY B 68 -50.26 22.36 -8.76
C GLY B 68 -50.18 23.87 -8.67
N ASP B 69 -49.32 24.45 -9.51
CA ASP B 69 -49.24 25.90 -9.59
C ASP B 69 -50.52 26.49 -10.16
N GLY B 70 -51.21 25.76 -11.04
CA GLY B 70 -52.56 26.11 -11.42
C GLY B 70 -52.67 26.92 -12.69
N LEU B 71 -53.90 27.36 -12.95
CA LEU B 71 -54.20 28.14 -14.13
C LEU B 71 -53.47 29.47 -14.11
N VAL B 72 -53.02 29.91 -15.29
CA VAL B 72 -52.41 31.21 -15.45
C VAL B 72 -53.22 32.12 -16.37
N ALA B 73 -53.81 31.57 -17.43
CA ALA B 73 -54.52 32.38 -18.41
C ALA B 73 -55.50 31.53 -19.18
N ALA B 74 -56.76 31.94 -19.18
CA ALA B 74 -57.83 31.33 -19.95
C ALA B 74 -58.63 32.42 -20.66
N HIS B 75 -59.46 32.01 -21.62
CA HIS B 75 -60.49 32.90 -22.15
C HIS B 75 -61.42 32.12 -23.06
N ILE B 76 -62.27 32.85 -23.78
CA ILE B 76 -63.06 32.30 -24.86
C ILE B 76 -62.92 33.24 -26.05
N ILE B 77 -63.04 32.71 -27.25
CA ILE B 77 -63.21 33.51 -28.45
C ILE B 77 -64.51 33.09 -29.11
N ALA B 78 -65.36 34.06 -29.41
CA ALA B 78 -66.70 33.78 -29.91
C ALA B 78 -66.73 33.48 -31.40
N ARG B 79 -66.32 34.44 -32.23
CA ARG B 79 -66.42 34.30 -33.69
C ARG B 79 -65.06 34.64 -34.28
N PRO B 80 -64.11 33.70 -34.21
CA PRO B 80 -62.73 34.00 -34.64
C PRO B 80 -62.66 34.35 -36.12
N HIS B 81 -61.72 35.22 -36.44
CA HIS B 81 -61.58 35.73 -37.80
C HIS B 81 -60.97 34.68 -38.71
N ARG B 82 -61.22 34.84 -40.02
CA ARG B 82 -60.67 33.92 -41.00
C ARG B 82 -59.15 34.00 -41.03
N GLU B 83 -58.61 35.21 -40.89
CA GLU B 83 -57.17 35.41 -40.96
C GLU B 83 -56.45 34.83 -39.75
N VAL B 84 -57.17 34.58 -38.65
CA VAL B 84 -56.56 33.95 -37.50
C VAL B 84 -56.30 32.47 -37.74
N GLU B 85 -57.09 31.84 -38.62
CA GLU B 85 -56.95 30.41 -38.88
C GLU B 85 -55.54 30.00 -39.29
N PRO B 86 -54.79 30.74 -40.11
CA PRO B 86 -53.39 30.38 -40.31
C PRO B 86 -52.59 30.30 -39.03
N ALA B 87 -52.85 31.18 -38.06
CA ALA B 87 -52.18 31.09 -36.77
C ALA B 87 -52.70 29.93 -35.93
N LEU B 88 -53.78 29.28 -36.35
CA LEU B 88 -54.39 28.16 -35.64
C LEU B 88 -54.07 26.83 -36.31
N GLY B 89 -52.88 26.69 -36.85
CA GLY B 89 -52.52 25.51 -37.60
C GLY B 89 -52.87 25.56 -39.06
N ASN B 90 -53.46 26.65 -39.54
CA ASN B 90 -53.78 26.84 -40.95
C ASN B 90 -54.73 25.77 -41.48
N GLY C 2 -50.22 49.14 -47.71
CA GLY C 2 -50.23 48.56 -46.38
C GLY C 2 -48.86 48.20 -45.88
N ILE C 3 -47.92 49.14 -46.04
CA ILE C 3 -46.54 48.90 -45.62
C ILE C 3 -46.32 49.10 -44.13
N ALA C 4 -47.23 49.80 -43.44
CA ALA C 4 -47.06 50.03 -42.02
C ALA C 4 -47.07 48.72 -41.26
N LEU C 5 -46.11 48.57 -40.34
CA LEU C 5 -45.88 47.31 -39.65
C LEU C 5 -46.30 47.49 -38.19
N GLY C 6 -47.46 46.94 -37.85
CA GLY C 6 -47.98 46.97 -36.48
C GLY C 6 -47.54 45.71 -35.76
N MET C 7 -47.32 45.82 -34.46
CA MET C 7 -46.57 44.79 -33.77
C MET C 7 -46.95 44.70 -32.30
N ILE C 8 -47.12 43.47 -31.80
CA ILE C 8 -47.49 43.22 -30.40
C ILE C 8 -46.68 42.06 -29.86
N GLU C 9 -46.20 42.18 -28.61
CA GLU C 9 -45.67 41.07 -27.82
C GLU C 9 -46.41 40.90 -26.50
N THR C 10 -46.43 39.66 -26.04
CA THR C 10 -46.97 39.40 -24.71
C THR C 10 -46.41 38.10 -24.15
N ARG C 11 -46.95 37.69 -23.01
CA ARG C 11 -46.54 36.44 -22.36
C ARG C 11 -47.64 35.41 -22.53
N GLY C 12 -47.49 34.53 -23.51
CA GLY C 12 -48.46 33.48 -23.76
C GLY C 12 -49.44 33.86 -24.86
N LEU C 13 -50.04 32.83 -25.44
CA LEU C 13 -50.96 33.02 -26.56
C LEU C 13 -52.29 33.63 -26.17
N VAL C 14 -52.71 33.52 -24.90
CA VAL C 14 -53.97 34.13 -24.49
C VAL C 14 -54.01 35.62 -24.80
N PRO C 15 -53.17 36.47 -24.20
CA PRO C 15 -53.14 37.86 -24.68
C PRO C 15 -52.67 37.97 -26.11
N ALA C 16 -51.89 37.01 -26.62
CA ALA C 16 -51.42 37.10 -27.99
C ALA C 16 -52.56 37.00 -28.99
N ILE C 17 -53.40 35.97 -28.89
CA ILE C 17 -54.48 35.84 -29.86
C ILE C 17 -55.61 36.80 -29.53
N GLU C 18 -55.73 37.20 -28.26
CA GLU C 18 -56.65 38.30 -27.97
C GLU C 18 -56.25 39.55 -28.74
N ALA C 19 -54.95 39.87 -28.73
CA ALA C 19 -54.46 40.98 -29.52
C ALA C 19 -54.67 40.74 -31.01
N ALA C 20 -54.49 39.49 -31.45
CA ALA C 20 -54.58 39.19 -32.87
C ALA C 20 -55.99 39.41 -33.41
N ASP C 21 -56.99 38.83 -32.74
CA ASP C 21 -58.34 39.04 -33.23
C ASP C 21 -58.84 40.45 -32.94
N ALA C 22 -58.29 41.12 -31.91
CA ALA C 22 -58.55 42.55 -31.79
C ALA C 22 -58.03 43.30 -33.00
N MET C 23 -56.82 42.94 -33.46
CA MET C 23 -56.27 43.54 -34.67
C MET C 23 -57.25 43.38 -35.82
N THR C 24 -57.58 42.13 -36.14
CA THR C 24 -58.31 41.87 -37.38
C THR C 24 -59.78 42.21 -37.28
N LYS C 25 -60.33 42.39 -36.08
CA LYS C 25 -61.74 42.70 -35.95
C LYS C 25 -61.99 44.19 -35.74
N ALA C 26 -61.07 44.90 -35.07
CA ALA C 26 -61.25 46.32 -34.86
C ALA C 26 -60.96 47.12 -36.13
N ALA C 27 -59.96 46.70 -36.90
CA ALA C 27 -59.57 47.42 -38.10
C ALA C 27 -59.46 46.45 -39.26
N GLU C 28 -59.55 46.99 -40.47
CA GLU C 28 -59.49 46.18 -41.69
C GLU C 28 -58.04 46.15 -42.18
N VAL C 29 -57.22 45.41 -41.43
CA VAL C 29 -55.79 45.29 -41.71
C VAL C 29 -55.44 43.81 -41.76
N ARG C 30 -54.23 43.52 -42.22
CA ARG C 30 -53.79 42.15 -42.44
C ARG C 30 -52.79 41.71 -41.38
N LEU C 31 -53.07 40.58 -40.75
CA LEU C 31 -52.13 39.88 -39.88
C LEU C 31 -51.19 39.03 -40.71
N ILE C 32 -49.89 39.29 -40.58
CA ILE C 32 -48.92 38.54 -41.36
C ILE C 32 -48.23 37.44 -40.58
N GLY C 33 -48.11 37.57 -39.25
CA GLY C 33 -47.30 36.58 -38.56
C GLY C 33 -47.58 36.33 -37.10
N ARG C 34 -47.47 35.06 -36.70
CA ARG C 34 -47.46 34.65 -35.31
C ARG C 34 -46.16 33.90 -35.06
N GLU C 35 -45.45 34.26 -34.01
CA GLU C 35 -44.16 33.67 -33.70
C GLU C 35 -44.04 33.41 -32.21
N PHE C 36 -43.31 32.37 -31.85
CA PHE C 36 -43.04 32.05 -30.46
C PHE C 36 -41.58 32.37 -30.17
N VAL C 37 -41.33 33.47 -29.46
CA VAL C 37 -39.97 33.89 -29.18
C VAL C 37 -39.24 32.83 -28.36
N GLY C 38 -39.90 32.31 -27.35
CA GLY C 38 -39.24 31.41 -26.40
C GLY C 38 -39.22 32.08 -25.04
N GLY C 39 -39.36 31.26 -24.00
CA GLY C 39 -39.48 31.80 -22.66
C GLY C 39 -40.82 32.40 -22.33
N GLY C 40 -41.83 32.17 -23.16
CA GLY C 40 -43.16 32.68 -22.94
C GLY C 40 -43.52 33.90 -23.76
N TYR C 41 -42.53 34.58 -24.32
CA TYR C 41 -42.82 35.75 -25.14
C TYR C 41 -43.39 35.31 -26.48
N VAL C 42 -44.50 35.93 -26.87
CA VAL C 42 -45.25 35.57 -28.05
C VAL C 42 -45.42 36.83 -28.89
N THR C 43 -45.36 36.65 -30.21
CA THR C 43 -45.16 37.69 -31.20
C THR C 43 -46.29 37.66 -32.22
N VAL C 44 -46.93 38.81 -32.44
CA VAL C 44 -47.89 38.95 -33.52
C VAL C 44 -47.57 40.20 -34.34
N LEU C 45 -47.61 40.03 -35.66
CA LEU C 45 -47.17 41.03 -36.62
C LEU C 45 -48.30 41.27 -37.63
N VAL C 46 -48.75 42.52 -37.75
CA VAL C 46 -49.78 42.92 -38.68
C VAL C 46 -49.20 43.95 -39.64
N ARG C 47 -49.87 44.13 -40.77
CA ARG C 47 -49.51 45.16 -41.74
C ARG C 47 -50.75 45.92 -42.15
N GLY C 48 -50.55 47.16 -42.57
CA GLY C 48 -51.64 47.97 -43.05
C GLY C 48 -51.25 49.44 -43.11
N GLU C 49 -52.26 50.27 -43.38
CA GLU C 49 -52.07 51.71 -43.42
C GLU C 49 -51.68 52.25 -42.05
N THR C 50 -50.87 53.31 -42.05
CA THR C 50 -50.29 53.80 -40.80
C THR C 50 -51.37 54.21 -39.81
N GLY C 51 -52.40 54.91 -40.27
CA GLY C 51 -53.51 55.23 -39.38
C GLY C 51 -54.29 53.99 -38.98
N ALA C 52 -54.55 53.10 -39.94
CA ALA C 52 -55.25 51.86 -39.63
C ALA C 52 -54.42 51.00 -38.67
N VAL C 53 -53.11 50.91 -38.91
CA VAL C 53 -52.23 50.18 -38.01
C VAL C 53 -52.26 50.80 -36.62
N ASN C 54 -52.22 52.13 -36.55
CA ASN C 54 -52.25 52.82 -35.27
C ASN C 54 -53.52 52.52 -34.50
N ALA C 55 -54.67 52.59 -35.18
CA ALA C 55 -55.93 52.29 -34.53
C ALA C 55 -55.96 50.85 -34.05
N ALA C 56 -55.49 49.92 -34.89
CA ALA C 56 -55.51 48.51 -34.53
C ALA C 56 -54.65 48.25 -33.31
N VAL C 57 -53.44 48.82 -33.29
CA VAL C 57 -52.51 48.56 -32.19
C VAL C 57 -53.04 49.19 -30.91
N ARG C 58 -53.66 50.37 -30.99
CA ARG C 58 -54.31 50.92 -29.83
C ARG C 58 -55.39 49.98 -29.31
N ALA C 59 -56.20 49.45 -30.23
CA ALA C 59 -57.29 48.55 -29.83
C ALA C 59 -56.73 47.33 -29.09
N GLY C 60 -55.74 46.68 -29.68
CA GLY C 60 -55.18 45.48 -29.06
C GLY C 60 -54.49 45.78 -27.75
N ALA C 61 -53.72 46.86 -27.69
CA ALA C 61 -52.98 47.20 -26.47
C ALA C 61 -53.94 47.56 -25.34
N ASP C 62 -55.11 48.10 -25.68
CA ASP C 62 -56.09 48.40 -24.62
C ASP C 62 -57.01 47.23 -24.36
N ALA C 63 -56.97 46.19 -25.21
CA ALA C 63 -57.88 45.06 -25.01
C ALA C 63 -57.22 43.85 -24.37
N CYS C 64 -55.90 43.69 -24.53
CA CYS C 64 -55.26 42.45 -24.14
C CYS C 64 -54.38 42.55 -22.90
N GLU C 65 -54.26 43.73 -22.30
CA GLU C 65 -53.29 43.92 -21.22
C GLU C 65 -53.75 43.26 -19.93
N ARG C 66 -55.05 43.17 -19.72
CA ARG C 66 -55.61 42.72 -18.45
C ARG C 66 -55.98 41.24 -18.48
N VAL C 67 -55.65 40.54 -19.55
CA VAL C 67 -55.95 39.13 -19.70
C VAL C 67 -54.63 38.37 -19.76
N GLY C 68 -54.55 37.29 -18.98
CA GLY C 68 -53.29 36.57 -18.88
C GLY C 68 -52.24 37.42 -18.18
N ASP C 69 -50.98 37.13 -18.49
CA ASP C 69 -49.88 37.93 -17.96
C ASP C 69 -49.79 39.31 -18.57
N GLY C 70 -50.53 39.56 -19.65
CA GLY C 70 -50.65 40.91 -20.18
C GLY C 70 -49.60 41.27 -21.21
N LEU C 71 -49.81 42.45 -21.79
CA LEU C 71 -48.94 43.00 -22.82
C LEU C 71 -47.53 43.19 -22.28
N VAL C 72 -46.55 43.13 -23.19
CA VAL C 72 -45.16 43.40 -22.86
C VAL C 72 -44.57 44.47 -23.76
N ALA C 73 -44.68 44.28 -25.08
CA ALA C 73 -44.10 45.22 -26.03
C ALA C 73 -45.13 45.49 -27.11
N ALA C 74 -45.75 46.65 -27.05
CA ALA C 74 -46.62 47.15 -28.11
C ALA C 74 -45.95 48.36 -28.75
N HIS C 75 -45.65 48.25 -30.04
CA HIS C 75 -44.95 49.31 -30.76
C HIS C 75 -45.08 49.05 -32.24
N ILE C 76 -45.18 50.13 -33.02
CA ILE C 76 -45.38 50.02 -34.46
C ILE C 76 -44.33 50.86 -35.17
N ILE C 77 -44.16 50.60 -36.46
CA ILE C 77 -43.15 51.26 -37.28
C ILE C 77 -43.85 52.19 -38.26
N ALA C 78 -43.40 53.44 -38.31
CA ALA C 78 -44.03 54.41 -39.21
C ALA C 78 -43.69 54.12 -40.66
N ARG C 79 -42.40 54.04 -40.97
CA ARG C 79 -41.92 53.83 -42.34
C ARG C 79 -40.98 52.63 -42.34
N PRO C 80 -41.53 51.42 -42.34
CA PRO C 80 -40.67 50.23 -42.30
C PRO C 80 -39.78 50.14 -43.53
N HIS C 81 -38.55 49.68 -43.32
CA HIS C 81 -37.60 49.53 -44.40
C HIS C 81 -37.82 48.21 -45.14
N ARG C 82 -37.39 48.19 -46.41
CA ARG C 82 -37.50 46.97 -47.20
C ARG C 82 -36.65 45.86 -46.60
N GLU C 83 -35.43 46.20 -46.16
CA GLU C 83 -34.42 45.20 -45.82
C GLU C 83 -34.90 44.21 -44.76
N VAL C 84 -35.74 44.65 -43.83
CA VAL C 84 -36.18 43.76 -42.76
C VAL C 84 -37.24 42.77 -43.24
N GLU C 85 -38.00 43.10 -44.28
CA GLU C 85 -39.09 42.24 -44.70
C GLU C 85 -38.66 40.81 -45.06
N PRO C 86 -37.58 40.58 -45.83
CA PRO C 86 -37.16 39.20 -46.06
C PRO C 86 -36.81 38.45 -44.79
N ALA C 87 -36.38 39.15 -43.75
CA ALA C 87 -36.08 38.53 -42.47
C ALA C 87 -37.33 38.31 -41.62
N LEU C 88 -38.50 38.71 -42.11
CA LEU C 88 -39.74 38.50 -41.39
C LEU C 88 -40.32 37.12 -41.69
N GLY D 2 -57.66 -1.21 -17.88
CA GLY D 2 -57.43 -0.03 -17.06
C GLY D 2 -56.56 1.00 -17.76
N ILE D 3 -57.16 2.13 -18.11
CA ILE D 3 -56.46 3.22 -18.80
C ILE D 3 -56.38 4.49 -17.97
N ALA D 4 -56.53 4.40 -16.65
CA ALA D 4 -56.39 5.58 -15.80
C ALA D 4 -55.02 6.20 -15.99
N LEU D 5 -55.02 7.51 -16.25
CA LEU D 5 -53.81 8.23 -16.63
C LEU D 5 -53.29 9.03 -15.44
N GLY D 6 -52.15 8.61 -14.91
CA GLY D 6 -51.41 9.41 -13.95
C GLY D 6 -50.33 10.21 -14.65
N MET D 7 -49.98 11.35 -14.07
CA MET D 7 -48.97 12.19 -14.68
C MET D 7 -48.40 13.12 -13.63
N ILE D 8 -47.11 13.42 -13.73
CA ILE D 8 -46.52 14.38 -12.81
C ILE D 8 -45.62 15.34 -13.56
N GLU D 9 -45.44 16.51 -12.98
CA GLU D 9 -44.59 17.58 -13.51
C GLU D 9 -43.65 18.03 -12.41
N THR D 10 -42.38 18.26 -12.77
CA THR D 10 -41.38 18.70 -11.81
C THR D 10 -40.29 19.50 -12.53
N ARG D 11 -39.56 20.27 -11.75
CA ARG D 11 -38.45 21.05 -12.30
C ARG D 11 -37.23 20.15 -12.46
N GLY D 12 -36.68 20.11 -13.67
CA GLY D 12 -35.55 19.26 -13.95
C GLY D 12 -35.98 17.82 -14.11
N LEU D 13 -35.35 17.08 -15.03
CA LEU D 13 -35.78 15.73 -15.29
C LEU D 13 -35.19 14.72 -14.31
N VAL D 14 -34.34 15.15 -13.37
CA VAL D 14 -33.87 14.25 -12.34
C VAL D 14 -35.03 13.71 -11.52
N PRO D 15 -35.77 14.53 -10.75
CA PRO D 15 -36.89 13.96 -9.98
C PRO D 15 -37.95 13.37 -10.88
N ALA D 16 -38.05 13.86 -12.12
CA ALA D 16 -39.00 13.27 -13.06
C ALA D 16 -38.69 11.80 -13.31
N ILE D 17 -37.44 11.47 -13.65
CA ILE D 17 -37.13 10.07 -13.90
C ILE D 17 -37.11 9.29 -12.60
N GLU D 18 -36.74 9.93 -11.48
CA GLU D 18 -36.88 9.25 -10.19
C GLU D 18 -38.30 8.77 -9.99
N ALA D 19 -39.26 9.66 -10.13
CA ALA D 19 -40.63 9.31 -9.82
C ALA D 19 -41.25 8.47 -10.91
N ALA D 20 -40.68 8.50 -12.12
CA ALA D 20 -41.11 7.56 -13.15
C ALA D 20 -40.67 6.15 -12.81
N ASP D 21 -39.43 6.01 -12.32
CA ASP D 21 -39.00 4.73 -11.77
C ASP D 21 -39.87 4.32 -10.61
N ALA D 22 -40.26 5.30 -9.78
CA ALA D 22 -41.20 5.00 -8.70
C ALA D 22 -42.54 4.53 -9.24
N MET D 23 -43.01 5.14 -10.33
CA MET D 23 -44.23 4.70 -10.99
C MET D 23 -44.14 3.22 -11.32
N THR D 24 -43.18 2.87 -12.17
CA THR D 24 -43.05 1.51 -12.66
C THR D 24 -42.47 0.56 -11.63
N LYS D 25 -42.11 1.07 -10.45
CA LYS D 25 -41.43 0.32 -9.42
C LYS D 25 -42.33 0.08 -8.21
N ALA D 26 -43.43 0.82 -8.09
CA ALA D 26 -44.36 0.68 -6.98
C ALA D 26 -45.77 0.33 -7.40
N ALA D 27 -46.10 0.38 -8.69
CA ALA D 27 -47.39 -0.08 -9.17
C ALA D 27 -47.26 -0.64 -10.56
N GLU D 28 -48.19 -1.53 -10.91
CA GLU D 28 -48.21 -2.15 -12.25
C GLU D 28 -48.94 -1.22 -13.21
N VAL D 29 -48.22 -0.17 -13.62
CA VAL D 29 -48.72 0.80 -14.57
C VAL D 29 -47.84 0.77 -15.81
N ARG D 30 -48.33 1.34 -16.89
CA ARG D 30 -47.57 1.40 -18.14
C ARG D 30 -47.16 2.85 -18.41
N LEU D 31 -45.87 3.04 -18.70
CA LEU D 31 -45.33 4.35 -19.02
C LEU D 31 -45.65 4.69 -20.46
N ILE D 32 -46.66 5.54 -20.67
CA ILE D 32 -46.96 5.94 -22.03
C ILE D 32 -45.99 6.99 -22.55
N GLY D 33 -45.27 7.71 -21.69
CA GLY D 33 -44.22 8.55 -22.23
C GLY D 33 -43.75 9.60 -21.26
N ARG D 34 -42.97 10.53 -21.82
CA ARG D 34 -42.32 11.61 -21.10
C ARG D 34 -42.43 12.86 -21.97
N GLU D 35 -42.26 14.03 -21.37
CA GLU D 35 -42.30 15.24 -22.16
C GLU D 35 -41.48 16.33 -21.48
N PHE D 36 -40.81 17.14 -22.29
CA PHE D 36 -39.97 18.22 -21.78
C PHE D 36 -40.69 19.54 -22.06
N VAL D 37 -41.31 20.09 -21.02
CA VAL D 37 -42.18 21.25 -21.20
C VAL D 37 -41.40 22.44 -21.72
N GLY D 38 -40.23 22.69 -21.15
CA GLY D 38 -39.46 23.87 -21.51
C GLY D 38 -39.14 24.72 -20.29
N GLY D 39 -37.94 25.30 -20.27
CA GLY D 39 -37.52 26.06 -19.11
C GLY D 39 -37.38 25.22 -17.87
N GLY D 40 -36.88 24.00 -18.00
CA GLY D 40 -36.65 23.14 -16.85
C GLY D 40 -37.83 22.31 -16.41
N TYR D 41 -38.99 22.49 -17.03
CA TYR D 41 -40.18 21.74 -16.64
C TYR D 41 -40.23 20.41 -17.38
N VAL D 42 -40.36 19.32 -16.63
CA VAL D 42 -40.35 17.97 -17.18
C VAL D 42 -41.53 17.21 -16.60
N THR D 43 -42.29 16.52 -17.46
CA THR D 43 -43.42 15.74 -17.02
C THR D 43 -43.29 14.31 -17.49
N VAL D 44 -43.96 13.41 -16.79
CA VAL D 44 -44.00 12.00 -17.16
C VAL D 44 -45.44 11.52 -17.09
N LEU D 45 -45.81 10.66 -18.04
CA LEU D 45 -47.16 10.21 -18.30
C LEU D 45 -47.20 8.69 -18.19
N VAL D 46 -48.00 8.18 -17.24
CA VAL D 46 -48.13 6.75 -16.99
C VAL D 46 -49.60 6.39 -17.05
N ARG D 47 -49.87 5.12 -17.37
CA ARG D 47 -51.22 4.63 -17.53
C ARG D 47 -51.35 3.29 -16.82
N GLY D 48 -52.51 3.06 -16.22
CA GLY D 48 -52.74 1.79 -15.54
C GLY D 48 -54.05 1.81 -14.78
N GLU D 49 -54.18 0.83 -13.88
CA GLU D 49 -55.38 0.69 -13.07
C GLU D 49 -55.51 1.88 -12.10
N THR D 50 -56.76 2.21 -11.78
CA THR D 50 -57.02 3.44 -11.03
C THR D 50 -56.35 3.44 -9.67
N GLY D 51 -56.59 2.40 -8.88
CA GLY D 51 -55.94 2.31 -7.58
C GLY D 51 -54.44 2.14 -7.71
N ALA D 52 -54.01 1.33 -8.69
CA ALA D 52 -52.59 1.16 -8.94
C ALA D 52 -51.94 2.48 -9.32
N VAL D 53 -52.57 3.24 -10.21
CA VAL D 53 -51.99 4.52 -10.63
C VAL D 53 -51.97 5.48 -9.45
N ASN D 54 -53.00 5.41 -8.60
CA ASN D 54 -53.02 6.24 -7.40
C ASN D 54 -51.82 5.95 -6.51
N ALA D 55 -51.61 4.68 -6.19
CA ALA D 55 -50.47 4.31 -5.35
C ALA D 55 -49.16 4.70 -6.01
N ALA D 56 -49.08 4.52 -7.33
CA ALA D 56 -47.89 4.85 -8.08
C ALA D 56 -47.55 6.33 -7.92
N VAL D 57 -48.53 7.21 -8.18
CA VAL D 57 -48.26 8.64 -8.10
C VAL D 57 -48.00 9.06 -6.66
N ARG D 58 -48.63 8.39 -5.69
CA ARG D 58 -48.29 8.63 -4.30
C ARG D 58 -46.80 8.43 -4.10
N ALA D 59 -46.30 7.26 -4.53
CA ALA D 59 -44.89 6.92 -4.35
C ALA D 59 -43.98 7.87 -5.12
N GLY D 60 -44.39 8.25 -6.33
CA GLY D 60 -43.60 9.13 -7.15
C GLY D 60 -43.45 10.52 -6.56
N ALA D 61 -44.56 11.10 -6.12
CA ALA D 61 -44.51 12.38 -5.44
C ALA D 61 -43.71 12.25 -4.14
N ASP D 62 -43.80 11.09 -3.50
CA ASP D 62 -43.04 10.84 -2.29
C ASP D 62 -41.53 10.90 -2.54
N ALA D 63 -41.07 10.24 -3.60
CA ALA D 63 -39.64 10.19 -3.91
C ALA D 63 -39.17 11.43 -4.63
N CYS D 64 -40.09 12.27 -5.11
CA CYS D 64 -39.77 13.44 -5.90
C CYS D 64 -39.72 14.72 -5.08
N GLU D 65 -40.13 14.67 -3.81
CA GLU D 65 -40.55 15.86 -3.08
C GLU D 65 -39.48 16.94 -2.88
N ARG D 66 -38.24 16.60 -2.51
CA ARG D 66 -37.25 17.67 -2.38
C ARG D 66 -36.01 17.41 -3.22
N VAL D 67 -35.88 16.21 -3.78
CA VAL D 67 -34.71 15.89 -4.58
C VAL D 67 -34.63 16.84 -5.77
N GLY D 68 -33.44 17.37 -6.03
CA GLY D 68 -33.31 18.35 -7.09
C GLY D 68 -34.09 19.60 -6.75
N ASP D 69 -34.91 20.04 -7.69
CA ASP D 69 -35.73 21.23 -7.49
C ASP D 69 -37.15 20.91 -7.04
N GLY D 70 -37.45 19.64 -6.78
CA GLY D 70 -38.72 19.30 -6.18
C GLY D 70 -39.86 19.18 -7.18
N LEU D 71 -40.95 18.61 -6.72
CA LEU D 71 -42.12 18.38 -7.54
C LEU D 71 -42.93 19.67 -7.69
N VAL D 72 -43.58 19.79 -8.85
CA VAL D 72 -44.47 20.92 -9.15
C VAL D 72 -45.93 20.51 -9.04
N ALA D 73 -46.34 19.49 -9.78
CA ALA D 73 -47.75 19.09 -9.78
C ALA D 73 -47.84 17.60 -10.13
N ALA D 74 -48.29 16.80 -9.16
CA ALA D 74 -48.72 15.44 -9.42
C ALA D 74 -50.23 15.41 -9.63
N HIS D 75 -50.69 14.46 -10.45
CA HIS D 75 -52.12 14.39 -10.71
C HIS D 75 -52.49 13.01 -11.24
N ILE D 76 -53.75 12.63 -10.97
CA ILE D 76 -54.37 11.42 -11.48
C ILE D 76 -55.72 11.74 -12.13
N ILE D 77 -55.90 11.28 -13.36
CA ILE D 77 -57.21 11.29 -14.00
C ILE D 77 -57.61 9.83 -14.16
N ALA D 78 -58.85 9.51 -13.78
CA ALA D 78 -59.26 8.11 -13.74
C ALA D 78 -59.81 7.61 -15.06
N ARG D 79 -60.60 8.42 -15.78
CA ARG D 79 -61.14 8.04 -17.09
C ARG D 79 -60.81 9.10 -18.11
N PRO D 80 -59.63 9.04 -18.73
CA PRO D 80 -59.32 9.96 -19.83
C PRO D 80 -60.21 9.71 -21.03
N HIS D 81 -60.40 10.75 -21.83
CA HIS D 81 -61.29 10.71 -22.98
C HIS D 81 -60.52 10.40 -24.26
N ARG D 82 -61.27 10.04 -25.30
CA ARG D 82 -60.67 9.71 -26.59
C ARG D 82 -59.96 10.91 -27.19
N GLU D 83 -60.54 12.10 -27.03
CA GLU D 83 -59.95 13.31 -27.61
C GLU D 83 -58.59 13.63 -27.01
N VAL D 84 -58.28 13.09 -25.83
CA VAL D 84 -57.00 13.39 -25.19
C VAL D 84 -55.85 12.62 -25.81
N GLU D 85 -56.12 11.48 -26.45
CA GLU D 85 -55.05 10.67 -27.03
C GLU D 85 -54.12 11.44 -27.97
N PRO D 86 -54.61 12.27 -28.89
CA PRO D 86 -53.66 13.09 -29.68
C PRO D 86 -52.82 14.02 -28.83
N ALA D 87 -53.30 14.42 -27.66
CA ALA D 87 -52.58 15.32 -26.78
C ALA D 87 -51.60 14.59 -25.86
N LEU D 88 -51.57 13.26 -25.92
CA LEU D 88 -50.64 12.49 -25.11
C LEU D 88 -49.73 11.65 -25.99
N GLY E 2 -23.94 -2.96 -14.75
CA GLY E 2 -24.37 -3.07 -16.14
C GLY E 2 -25.38 -2.01 -16.53
N ILE E 3 -26.65 -2.27 -16.23
CA ILE E 3 -27.72 -1.34 -16.55
C ILE E 3 -27.92 -0.28 -15.48
N ALA E 4 -27.13 -0.32 -14.41
CA ALA E 4 -27.28 0.66 -13.33
C ALA E 4 -27.09 2.06 -13.89
N LEU E 5 -28.06 2.92 -13.64
CA LEU E 5 -28.10 4.25 -14.23
C LEU E 5 -27.61 5.28 -13.22
N GLY E 6 -26.57 6.02 -13.61
CA GLY E 6 -26.20 7.25 -12.93
C GLY E 6 -26.59 8.42 -13.83
N MET E 7 -26.85 9.56 -13.21
CA MET E 7 -27.22 10.73 -14.01
C MET E 7 -27.08 11.99 -13.17
N ILE E 8 -26.67 13.07 -13.80
CA ILE E 8 -26.40 14.33 -13.11
C ILE E 8 -27.07 15.48 -13.85
N GLU E 9 -27.73 16.35 -13.11
CA GLU E 9 -28.29 17.59 -13.64
C GLU E 9 -27.45 18.75 -13.16
N THR E 10 -27.25 19.73 -14.04
CA THR E 10 -26.52 20.93 -13.70
C THR E 10 -27.10 22.11 -14.47
N ARG E 11 -26.56 23.28 -14.22
CA ARG E 11 -27.01 24.51 -14.85
C ARG E 11 -26.04 24.89 -15.96
N GLY E 12 -26.52 24.79 -17.20
CA GLY E 12 -25.68 25.11 -18.33
C GLY E 12 -24.88 23.91 -18.82
N LEU E 13 -24.18 24.10 -19.94
CA LEU E 13 -23.46 23.02 -20.59
C LEU E 13 -22.06 22.81 -20.06
N VAL E 14 -21.38 23.86 -19.60
CA VAL E 14 -20.00 23.69 -19.12
C VAL E 14 -19.93 22.70 -17.96
N PRO E 15 -20.69 22.87 -16.88
CA PRO E 15 -20.67 21.82 -15.85
C PRO E 15 -21.19 20.49 -16.34
N ALA E 16 -22.06 20.49 -17.35
CA ALA E 16 -22.49 19.22 -17.93
C ALA E 16 -21.32 18.50 -18.58
N ILE E 17 -20.50 19.24 -19.32
CA ILE E 17 -19.33 18.63 -19.94
C ILE E 17 -18.33 18.19 -18.87
N GLU E 18 -18.16 19.01 -17.81
CA GLU E 18 -17.36 18.59 -16.66
C GLU E 18 -17.85 17.26 -16.11
N ALA E 19 -19.15 17.15 -15.88
CA ALA E 19 -19.70 15.95 -15.28
C ALA E 19 -19.50 14.75 -16.19
N ALA E 20 -19.70 14.94 -17.50
CA ALA E 20 -19.49 13.84 -18.44
C ALA E 20 -18.03 13.40 -18.44
N ASP E 21 -17.10 14.36 -18.41
CA ASP E 21 -15.68 14.01 -18.39
C ASP E 21 -15.34 13.26 -17.12
N ALA E 22 -15.90 13.69 -15.98
CA ALA E 22 -15.71 12.95 -14.75
C ALA E 22 -16.32 11.55 -14.83
N MET E 23 -17.48 11.43 -15.47
CA MET E 23 -18.08 10.13 -15.69
C MET E 23 -17.09 9.20 -16.38
N THR E 24 -16.54 9.67 -17.49
CA THR E 24 -15.66 8.85 -18.32
C THR E 24 -14.30 8.59 -17.70
N LYS E 25 -13.77 9.51 -16.89
CA LYS E 25 -12.48 9.27 -16.27
C LYS E 25 -12.60 8.54 -14.95
N ALA E 26 -13.81 8.42 -14.40
CA ALA E 26 -13.95 7.81 -13.08
C ALA E 26 -14.05 6.30 -13.18
N ALA E 27 -15.05 5.79 -13.91
CA ALA E 27 -15.32 4.36 -13.90
C ALA E 27 -15.89 3.93 -15.24
N GLU E 28 -16.15 2.63 -15.34
CA GLU E 28 -16.57 1.98 -16.59
C GLU E 28 -18.03 2.29 -16.83
N VAL E 29 -18.31 3.47 -17.39
CA VAL E 29 -19.67 3.88 -17.70
C VAL E 29 -19.69 4.49 -19.08
N ARG E 30 -20.70 4.11 -19.88
CA ARG E 30 -20.95 4.73 -21.17
C ARG E 30 -22.06 5.76 -20.99
N LEU E 31 -21.77 7.00 -21.37
CA LEU E 31 -22.81 8.03 -21.29
C LEU E 31 -23.82 7.78 -22.39
N ILE E 32 -25.09 7.70 -22.00
CA ILE E 32 -26.16 7.34 -22.93
C ILE E 32 -27.11 8.50 -23.20
N GLY E 33 -27.08 9.55 -22.40
CA GLY E 33 -28.01 10.64 -22.56
C GLY E 33 -27.40 12.00 -22.35
N ARG E 34 -27.73 12.94 -23.23
CA ARG E 34 -27.17 14.28 -23.20
C ARG E 34 -28.29 15.27 -23.49
N GLU E 35 -29.00 15.70 -22.45
CA GLU E 35 -30.23 16.46 -22.67
C GLU E 35 -30.08 17.90 -22.25
N PHE E 36 -30.50 18.79 -23.15
CA PHE E 36 -30.67 20.21 -22.86
C PHE E 36 -32.13 20.40 -22.43
N VAL E 37 -32.35 20.37 -21.11
CA VAL E 37 -33.71 20.39 -20.59
C VAL E 37 -34.43 21.68 -20.99
N GLY E 38 -33.72 22.80 -20.96
CA GLY E 38 -34.34 24.09 -21.25
C GLY E 38 -34.37 24.97 -20.01
N GLY E 39 -34.20 26.27 -20.21
CA GLY E 39 -34.13 27.16 -19.07
C GLY E 39 -32.84 27.06 -18.28
N GLY E 40 -31.83 26.40 -18.82
CA GLY E 40 -30.53 26.28 -18.19
C GLY E 40 -30.20 24.90 -17.68
N TYR E 41 -31.19 24.03 -17.49
CA TYR E 41 -30.93 22.71 -16.96
C TYR E 41 -30.39 21.79 -18.05
N VAL E 42 -29.29 21.10 -17.74
CA VAL E 42 -28.68 20.14 -18.65
C VAL E 42 -28.39 18.87 -17.86
N THR E 43 -28.73 17.73 -18.45
CA THR E 43 -28.62 16.45 -17.77
C THR E 43 -27.76 15.48 -18.56
N VAL E 44 -27.00 14.68 -17.83
CA VAL E 44 -26.15 13.63 -18.39
C VAL E 44 -26.60 12.29 -17.80
N LEU E 45 -26.68 11.29 -18.67
CA LEU E 45 -27.20 9.96 -18.35
C LEU E 45 -26.14 8.94 -18.71
N VAL E 46 -25.69 8.15 -17.74
CA VAL E 46 -24.69 7.13 -17.95
C VAL E 46 -25.20 5.81 -17.39
N ARG E 47 -24.71 4.70 -17.95
CA ARG E 47 -25.05 3.37 -17.51
C ARG E 47 -23.77 2.60 -17.18
N GLY E 48 -23.89 1.67 -16.24
CA GLY E 48 -22.75 0.88 -15.82
C GLY E 48 -23.07 0.09 -14.57
N GLU E 49 -22.01 -0.35 -13.91
CA GLU E 49 -22.14 -1.12 -12.68
C GLU E 49 -22.40 -0.19 -11.50
N THR E 50 -23.12 -0.71 -10.50
CA THR E 50 -23.62 0.13 -9.41
C THR E 50 -22.50 0.89 -8.70
N GLY E 51 -21.46 0.18 -8.26
CA GLY E 51 -20.36 0.86 -7.60
C GLY E 51 -19.62 1.79 -8.53
N ALA E 52 -19.42 1.35 -9.78
CA ALA E 52 -18.82 2.22 -10.79
C ALA E 52 -19.68 3.46 -10.99
N VAL E 53 -21.00 3.27 -11.02
CA VAL E 53 -21.90 4.41 -11.14
C VAL E 53 -21.73 5.36 -9.97
N ASN E 54 -21.62 4.81 -8.75
CA ASN E 54 -21.47 5.67 -7.58
C ASN E 54 -20.18 6.47 -7.66
N ALA E 55 -19.08 5.81 -8.02
CA ALA E 55 -17.80 6.53 -8.12
C ALA E 55 -17.86 7.62 -9.19
N ALA E 56 -18.46 7.30 -10.34
CA ALA E 56 -18.60 8.29 -11.39
C ALA E 56 -19.44 9.47 -10.91
N VAL E 57 -20.53 9.18 -10.20
CA VAL E 57 -21.41 10.23 -9.72
C VAL E 57 -20.68 11.13 -8.73
N ARG E 58 -19.86 10.53 -7.84
CA ARG E 58 -19.09 11.35 -6.91
C ARG E 58 -18.16 12.28 -7.66
N ALA E 59 -17.43 11.74 -8.64
CA ALA E 59 -16.49 12.55 -9.41
C ALA E 59 -17.21 13.67 -10.15
N GLY E 60 -18.34 13.36 -10.78
CA GLY E 60 -19.10 14.38 -11.47
C GLY E 60 -19.62 15.44 -10.51
N ALA E 61 -20.15 15.01 -9.38
CA ALA E 61 -20.75 15.95 -8.43
C ALA E 61 -19.72 16.94 -7.92
N ASP E 62 -18.52 16.47 -7.60
CA ASP E 62 -17.48 17.41 -7.18
C ASP E 62 -16.62 17.90 -8.34
N ALA E 63 -17.06 17.68 -9.58
CA ALA E 63 -16.31 18.17 -10.73
C ALA E 63 -17.11 19.20 -11.50
N CYS E 64 -18.35 19.47 -11.07
CA CYS E 64 -19.18 20.40 -11.82
C CYS E 64 -19.94 21.36 -10.92
N GLU E 65 -19.35 21.73 -9.80
CA GLU E 65 -20.02 22.65 -8.88
C GLU E 65 -19.21 23.94 -8.72
N ARG E 66 -17.89 23.83 -8.82
CA ARG E 66 -17.03 25.00 -8.70
C ARG E 66 -16.86 25.66 -10.05
N VAL E 67 -17.36 25.02 -11.10
CA VAL E 67 -17.32 25.55 -12.44
C VAL E 67 -18.67 26.16 -12.77
N GLY E 68 -18.67 27.39 -13.27
CA GLY E 68 -19.91 28.06 -13.56
C GLY E 68 -20.76 28.24 -12.33
N ASP E 69 -22.07 28.09 -12.52
CA ASP E 69 -23.03 28.19 -11.43
C ASP E 69 -23.35 26.85 -10.78
N GLY E 70 -22.68 25.78 -11.20
CA GLY E 70 -22.74 24.52 -10.49
C GLY E 70 -23.97 23.70 -10.79
N LEU E 71 -23.99 22.51 -10.20
CA LEU E 71 -25.10 21.58 -10.37
C LEU E 71 -26.26 21.94 -9.46
N VAL E 72 -27.39 21.30 -9.68
CA VAL E 72 -28.55 21.48 -8.83
C VAL E 72 -29.06 20.11 -8.37
N ALA E 73 -28.72 19.07 -9.12
CA ALA E 73 -29.26 17.75 -8.83
C ALA E 73 -28.18 16.70 -9.11
N ALA E 74 -28.30 15.58 -8.41
CA ALA E 74 -27.37 14.47 -8.55
C ALA E 74 -28.01 13.19 -8.06
N HIS E 75 -28.25 12.23 -8.94
CA HIS E 75 -29.00 11.03 -8.59
C HIS E 75 -28.31 9.78 -9.10
N ILE E 76 -28.63 8.65 -8.46
CA ILE E 76 -28.18 7.34 -8.88
C ILE E 76 -29.36 6.36 -8.90
N ILE E 77 -29.79 5.98 -10.10
CA ILE E 77 -30.70 4.85 -10.22
C ILE E 77 -29.94 3.57 -9.88
N ALA E 78 -30.52 2.76 -9.01
CA ALA E 78 -29.96 1.45 -8.73
C ALA E 78 -30.23 0.45 -9.83
N ARG E 79 -31.49 0.29 -10.24
CA ARG E 79 -31.83 -0.43 -11.46
C ARG E 79 -33.02 0.23 -12.14
N PRO E 80 -32.86 0.72 -13.35
CA PRO E 80 -34.02 1.22 -14.10
C PRO E 80 -34.90 0.07 -14.54
N HIS E 81 -36.18 0.19 -14.21
CA HIS E 81 -37.16 -0.79 -14.65
C HIS E 81 -37.24 -0.79 -16.17
N ARG E 82 -37.56 -1.96 -16.75
CA ARG E 82 -37.59 -2.07 -18.21
C ARG E 82 -38.50 -1.02 -18.83
N GLU E 83 -39.56 -0.65 -18.12
CA GLU E 83 -40.49 0.36 -18.62
C GLU E 83 -39.81 1.70 -18.84
N VAL E 84 -38.67 1.94 -18.18
CA VAL E 84 -37.94 3.19 -18.36
C VAL E 84 -37.09 3.20 -19.61
N GLU E 85 -36.95 2.06 -20.28
CA GLU E 85 -36.10 2.00 -21.47
C GLU E 85 -36.48 3.03 -22.53
N PRO E 86 -37.75 3.24 -22.88
CA PRO E 86 -38.06 4.31 -23.85
C PRO E 86 -37.60 5.68 -23.40
N ALA E 87 -37.52 5.93 -22.09
CA ALA E 87 -37.00 7.21 -21.61
C ALA E 87 -35.51 7.36 -21.87
N LEU E 88 -34.83 6.30 -22.28
CA LEU E 88 -33.39 6.34 -22.46
C LEU E 88 -33.00 6.12 -23.91
N GLY F 2 -5.30 18.56 -33.70
CA GLY F 2 -5.39 18.51 -32.25
C GLY F 2 -6.77 18.10 -31.77
N ILE F 3 -6.80 17.32 -30.68
CA ILE F 3 -8.05 16.82 -30.13
C ILE F 3 -8.44 17.57 -28.85
N ALA F 4 -7.61 18.49 -28.40
CA ALA F 4 -7.92 19.25 -27.19
C ALA F 4 -9.19 20.05 -27.37
N LEU F 5 -9.96 20.15 -26.28
CA LEU F 5 -11.31 20.72 -26.31
C LEU F 5 -11.32 22.01 -25.50
N GLY F 6 -11.99 23.03 -26.02
CA GLY F 6 -12.28 24.23 -25.27
C GLY F 6 -13.71 24.64 -25.51
N MET F 7 -14.36 25.14 -24.47
CA MET F 7 -15.77 25.46 -24.63
C MET F 7 -16.22 26.33 -23.47
N ILE F 8 -16.98 27.37 -23.78
CA ILE F 8 -17.40 28.32 -22.77
C ILE F 8 -18.88 28.68 -22.96
N GLU F 9 -19.46 29.19 -21.88
CA GLU F 9 -20.89 29.46 -21.77
C GLU F 9 -21.11 30.92 -21.37
N THR F 10 -22.11 31.55 -21.98
CA THR F 10 -22.43 32.92 -21.62
C THR F 10 -23.90 33.21 -21.86
N ARG F 11 -24.40 34.23 -21.17
CA ARG F 11 -25.77 34.68 -21.37
C ARG F 11 -25.80 35.64 -22.56
N GLY F 12 -26.60 35.31 -23.57
CA GLY F 12 -26.68 36.12 -24.77
C GLY F 12 -25.57 35.82 -25.75
N LEU F 13 -25.91 35.94 -27.03
CA LEU F 13 -25.00 35.59 -28.10
C LEU F 13 -23.98 36.69 -28.41
N VAL F 14 -24.17 37.90 -27.91
CA VAL F 14 -23.18 38.97 -28.10
C VAL F 14 -21.86 38.52 -27.50
N PRO F 15 -21.78 38.24 -26.18
CA PRO F 15 -20.50 37.77 -25.64
C PRO F 15 -20.05 36.49 -26.27
N ALA F 16 -20.97 35.61 -26.66
CA ALA F 16 -20.60 34.35 -27.26
C ALA F 16 -19.81 34.57 -28.54
N ILE F 17 -20.35 35.36 -29.46
CA ILE F 17 -19.67 35.54 -30.73
C ILE F 17 -18.41 36.36 -30.54
N GLU F 18 -18.42 37.36 -29.65
CA GLU F 18 -17.21 38.16 -29.55
C GLU F 18 -16.09 37.35 -28.92
N ALA F 19 -16.43 36.46 -27.98
CA ALA F 19 -15.42 35.61 -27.36
C ALA F 19 -14.94 34.54 -28.33
N ALA F 20 -15.83 34.03 -29.19
CA ALA F 20 -15.38 33.15 -30.26
C ALA F 20 -14.41 33.87 -31.17
N ASP F 21 -14.69 35.15 -31.45
CA ASP F 21 -13.75 35.97 -32.22
C ASP F 21 -12.42 36.10 -31.49
N ALA F 22 -12.47 36.32 -30.18
CA ALA F 22 -11.23 36.42 -29.41
C ALA F 22 -10.45 35.12 -29.47
N MET F 23 -11.14 33.99 -29.39
CA MET F 23 -10.49 32.70 -29.50
C MET F 23 -9.83 32.53 -30.87
N THR F 24 -10.55 32.88 -31.94
CA THR F 24 -10.02 32.64 -33.28
C THR F 24 -9.01 33.68 -33.72
N LYS F 25 -8.89 34.81 -33.02
CA LYS F 25 -7.71 35.65 -33.18
C LYS F 25 -6.61 35.30 -32.20
N ALA F 26 -6.89 34.48 -31.20
CA ALA F 26 -5.95 34.24 -30.12
C ALA F 26 -5.14 32.97 -30.28
N ALA F 27 -5.68 31.95 -30.96
CA ALA F 27 -4.95 30.69 -31.06
C ALA F 27 -5.54 29.85 -32.17
N GLU F 28 -4.79 28.83 -32.57
CA GLU F 28 -5.22 27.96 -33.65
C GLU F 28 -6.33 27.04 -33.18
N VAL F 29 -7.55 27.56 -33.17
CA VAL F 29 -8.73 26.81 -32.75
C VAL F 29 -9.79 26.96 -33.82
N ARG F 30 -10.50 25.87 -34.10
CA ARG F 30 -11.58 25.86 -35.08
C ARG F 30 -12.91 25.76 -34.33
N LEU F 31 -13.80 26.71 -34.58
CA LEU F 31 -15.08 26.71 -33.90
C LEU F 31 -15.92 25.56 -34.43
N ILE F 32 -15.94 24.46 -33.68
CA ILE F 32 -16.70 23.29 -34.12
C ILE F 32 -18.14 23.30 -33.65
N GLY F 33 -18.52 24.21 -32.76
CA GLY F 33 -19.90 24.22 -32.33
C GLY F 33 -20.41 25.49 -31.67
N ARG F 34 -21.59 25.93 -32.09
CA ARG F 34 -22.40 26.90 -31.36
C ARG F 34 -23.65 26.19 -30.88
N GLU F 35 -23.97 26.36 -29.59
CA GLU F 35 -25.11 25.68 -29.00
C GLU F 35 -25.94 26.69 -28.22
N PHE F 36 -27.17 26.91 -28.68
CA PHE F 36 -28.16 27.63 -27.87
C PHE F 36 -28.68 26.64 -26.84
N VAL F 37 -28.01 26.63 -25.68
CA VAL F 37 -28.30 25.63 -24.66
C VAL F 37 -29.75 25.76 -24.19
N GLY F 38 -30.22 26.98 -23.99
CA GLY F 38 -31.56 27.20 -23.50
C GLY F 38 -31.57 28.13 -22.31
N GLY F 39 -32.62 28.94 -22.21
CA GLY F 39 -32.65 29.94 -21.15
C GLY F 39 -31.57 30.99 -21.27
N GLY F 40 -31.26 31.42 -22.49
CA GLY F 40 -30.24 32.43 -22.72
C GLY F 40 -28.83 31.91 -22.71
N TYR F 41 -28.62 30.66 -22.34
CA TYR F 41 -27.28 30.09 -22.33
C TYR F 41 -26.84 29.78 -23.75
N VAL F 42 -25.66 30.27 -24.12
CA VAL F 42 -25.05 29.96 -25.40
C VAL F 42 -23.61 29.53 -25.18
N THR F 43 -23.24 28.41 -25.78
CA THR F 43 -21.96 27.77 -25.55
C THR F 43 -21.21 27.62 -26.88
N VAL F 44 -19.90 27.86 -26.84
CA VAL F 44 -19.05 27.67 -27.99
C VAL F 44 -18.06 26.55 -27.70
N LEU F 45 -17.87 25.68 -28.70
CA LEU F 45 -17.01 24.50 -28.69
C LEU F 45 -15.96 24.65 -29.77
N VAL F 46 -14.69 24.46 -29.41
CA VAL F 46 -13.58 24.53 -30.35
C VAL F 46 -12.63 23.36 -30.12
N ARG F 47 -12.21 22.75 -31.22
CA ARG F 47 -11.06 21.86 -31.24
C ARG F 47 -9.79 22.68 -31.16
N GLY F 48 -8.68 22.00 -30.83
CA GLY F 48 -7.39 22.63 -30.93
C GLY F 48 -6.38 21.98 -30.03
N GLU F 49 -5.13 22.41 -30.21
CA GLU F 49 -4.04 21.97 -29.35
C GLU F 49 -4.20 22.57 -27.96
N THR F 50 -3.76 21.80 -26.95
CA THR F 50 -4.09 22.12 -25.56
C THR F 50 -3.55 23.49 -25.16
N GLY F 51 -2.32 23.81 -25.53
CA GLY F 51 -1.81 25.14 -25.24
C GLY F 51 -2.58 26.21 -25.99
N ALA F 52 -2.85 25.96 -27.28
CA ALA F 52 -3.60 26.93 -28.06
C ALA F 52 -4.99 27.13 -27.50
N VAL F 53 -5.72 26.03 -27.27
CA VAL F 53 -7.08 26.14 -26.80
C VAL F 53 -7.13 26.71 -25.39
N ASN F 54 -6.07 26.49 -24.60
CA ASN F 54 -5.99 27.09 -23.28
C ASN F 54 -5.85 28.61 -23.37
N ALA F 55 -4.93 29.07 -24.22
CA ALA F 55 -4.79 30.50 -24.42
C ALA F 55 -6.10 31.09 -24.96
N ALA F 56 -6.75 30.36 -25.85
CA ALA F 56 -8.00 30.83 -26.43
C ALA F 56 -9.10 30.94 -25.38
N VAL F 57 -9.20 29.97 -24.48
CA VAL F 57 -10.24 30.03 -23.46
C VAL F 57 -9.94 31.17 -22.49
N ARG F 58 -8.66 31.43 -22.22
CA ARG F 58 -8.32 32.63 -21.44
C ARG F 58 -8.77 33.91 -22.15
N ALA F 59 -8.51 34.00 -23.46
CA ALA F 59 -8.92 35.19 -24.20
C ALA F 59 -10.42 35.37 -24.18
N GLY F 60 -11.16 34.29 -24.39
CA GLY F 60 -12.61 34.37 -24.31
C GLY F 60 -13.08 34.76 -22.92
N ALA F 61 -12.39 34.27 -21.89
CA ALA F 61 -12.77 34.57 -20.52
C ALA F 61 -12.63 36.06 -20.23
N ASP F 62 -11.48 36.64 -20.57
CA ASP F 62 -11.33 38.06 -20.24
C ASP F 62 -11.87 38.97 -21.34
N ALA F 63 -12.49 38.41 -22.38
CA ALA F 63 -13.07 39.23 -23.42
C ALA F 63 -14.39 39.85 -22.99
N CYS F 64 -15.28 39.06 -22.39
CA CYS F 64 -16.63 39.50 -22.06
C CYS F 64 -16.88 39.64 -20.58
N GLU F 65 -15.93 40.19 -19.82
CA GLU F 65 -16.22 40.56 -18.44
C GLU F 65 -17.31 41.62 -18.39
N ARG F 66 -17.40 42.45 -19.42
CA ARG F 66 -18.40 43.49 -19.53
C ARG F 66 -19.35 43.30 -20.71
N VAL F 67 -18.96 42.48 -21.68
CA VAL F 67 -19.73 42.31 -22.92
C VAL F 67 -20.95 41.46 -22.61
N GLY F 68 -22.11 41.90 -23.10
CA GLY F 68 -23.34 41.25 -22.69
C GLY F 68 -23.58 41.49 -21.22
N ASP F 69 -24.07 40.46 -20.53
CA ASP F 69 -24.24 40.53 -19.08
C ASP F 69 -23.19 39.73 -18.33
N GLY F 70 -22.20 39.17 -19.01
CA GLY F 70 -21.06 38.55 -18.36
C GLY F 70 -20.88 37.12 -18.80
N LEU F 71 -19.88 36.48 -18.18
CA LEU F 71 -19.58 35.07 -18.44
C LEU F 71 -20.66 34.19 -17.81
N VAL F 72 -20.49 32.89 -17.98
CA VAL F 72 -21.16 31.93 -17.10
C VAL F 72 -20.10 30.98 -16.57
N ALA F 73 -19.33 30.40 -17.48
CA ALA F 73 -18.30 29.45 -17.11
C ALA F 73 -17.25 29.37 -18.21
N ALA F 74 -16.10 28.84 -17.86
CA ALA F 74 -15.02 28.57 -18.78
C ALA F 74 -14.09 27.56 -18.15
N HIS F 75 -13.50 26.71 -18.99
CA HIS F 75 -12.51 25.73 -18.52
C HIS F 75 -11.81 25.11 -19.72
N ILE F 76 -11.03 24.06 -19.47
CA ILE F 76 -10.33 23.39 -20.55
C ILE F 76 -10.48 21.88 -20.42
N ILE F 77 -10.59 21.18 -21.56
CA ILE F 77 -10.46 19.73 -21.62
C ILE F 77 -9.40 19.38 -22.65
N ALA F 78 -8.37 18.65 -22.22
CA ALA F 78 -7.37 18.21 -23.18
C ALA F 78 -7.78 16.89 -23.83
N ARG F 79 -8.14 15.88 -23.04
CA ARG F 79 -8.58 14.59 -23.56
C ARG F 79 -10.01 14.30 -23.11
N PRO F 80 -11.00 14.59 -23.95
CA PRO F 80 -12.30 13.97 -23.76
C PRO F 80 -12.25 12.50 -24.13
N HIS F 81 -13.15 11.71 -23.55
CA HIS F 81 -13.21 10.30 -23.89
C HIS F 81 -13.65 10.11 -25.33
N ARG F 82 -13.19 9.02 -25.95
CA ARG F 82 -13.50 8.78 -27.35
C ARG F 82 -15.01 8.64 -27.56
N GLU F 83 -15.74 8.23 -26.54
CA GLU F 83 -17.19 8.02 -26.67
C GLU F 83 -18.00 9.27 -26.38
N VAL F 84 -17.35 10.40 -26.05
CA VAL F 84 -18.07 11.64 -25.83
C VAL F 84 -18.36 12.37 -27.15
N GLU F 85 -17.87 11.85 -28.27
CA GLU F 85 -18.16 12.49 -29.55
C GLU F 85 -19.65 12.66 -29.80
N PRO F 86 -20.52 11.69 -29.51
CA PRO F 86 -21.98 11.98 -29.63
C PRO F 86 -22.43 13.13 -28.75
N ALA F 87 -21.73 13.41 -27.65
CA ALA F 87 -21.99 14.61 -26.87
C ALA F 87 -21.31 15.83 -27.45
N LEU F 88 -20.57 15.66 -28.54
CA LEU F 88 -19.84 16.78 -29.13
C LEU F 88 -20.43 17.14 -30.50
N GLY G 2 -19.00 46.86 -46.82
CA GLY G 2 -17.88 46.22 -46.17
C GLY G 2 -18.27 44.91 -45.50
N ILE G 3 -17.33 44.33 -44.75
CA ILE G 3 -17.57 43.08 -44.05
C ILE G 3 -17.45 43.24 -42.54
N ALA G 4 -17.41 44.46 -42.04
CA ALA G 4 -17.45 44.69 -40.61
C ALA G 4 -18.80 44.23 -40.06
N LEU G 5 -18.76 43.57 -38.90
CA LEU G 5 -19.93 42.94 -38.33
C LEU G 5 -20.37 43.69 -37.07
N GLY G 6 -21.58 44.22 -37.10
CA GLY G 6 -22.23 44.70 -35.91
C GLY G 6 -23.43 43.81 -35.63
N MET G 7 -23.93 43.92 -34.40
CA MET G 7 -25.09 43.11 -34.02
C MET G 7 -25.56 43.53 -32.64
N ILE G 8 -26.85 43.33 -32.40
CA ILE G 8 -27.47 43.80 -31.17
C ILE G 8 -28.43 42.75 -30.65
N GLU G 9 -28.52 42.65 -29.32
CA GLU G 9 -29.50 41.78 -28.66
C GLU G 9 -30.52 42.60 -27.91
N THR G 10 -31.62 41.93 -27.55
CA THR G 10 -32.60 42.50 -26.64
C THR G 10 -33.44 41.38 -26.06
N ARG G 11 -34.18 41.71 -25.00
CA ARG G 11 -35.09 40.77 -24.36
C ARG G 11 -36.46 40.95 -25.00
N GLY G 12 -36.65 40.27 -26.12
CA GLY G 12 -37.88 40.37 -26.88
C GLY G 12 -37.61 40.50 -28.37
N LEU G 13 -38.70 40.40 -29.13
CA LEU G 13 -38.62 40.47 -30.58
C LEU G 13 -38.98 41.85 -31.11
N VAL G 14 -39.91 42.57 -30.46
CA VAL G 14 -40.20 43.94 -30.88
C VAL G 14 -38.99 44.85 -30.77
N PRO G 15 -38.30 44.93 -29.64
CA PRO G 15 -37.08 45.76 -29.62
C PRO G 15 -36.06 45.27 -30.62
N ALA G 16 -35.96 43.96 -30.86
CA ALA G 16 -34.98 43.46 -31.82
C ALA G 16 -35.31 43.93 -33.24
N ILE G 17 -36.56 43.79 -33.65
CA ILE G 17 -36.93 44.17 -35.01
C ILE G 17 -36.91 45.67 -35.18
N GLU G 18 -37.27 46.43 -34.15
CA GLU G 18 -37.18 47.88 -34.27
C GLU G 18 -35.73 48.33 -34.31
N ALA G 19 -34.86 47.63 -33.57
CA ALA G 19 -33.44 47.91 -33.65
C ALA G 19 -32.90 47.60 -35.04
N ALA G 20 -33.36 46.51 -35.66
CA ALA G 20 -32.96 46.21 -37.03
C ALA G 20 -33.47 47.28 -37.99
N ASP G 21 -34.69 47.77 -37.76
CA ASP G 21 -35.20 48.89 -38.53
C ASP G 21 -34.28 50.09 -38.42
N ALA G 22 -33.85 50.39 -37.19
CA ALA G 22 -32.88 51.46 -36.98
C ALA G 22 -31.58 51.17 -37.70
N MET G 23 -31.14 49.91 -37.68
CA MET G 23 -29.91 49.52 -38.35
C MET G 23 -29.97 49.89 -39.83
N THR G 24 -31.04 49.46 -40.49
CA THR G 24 -31.15 49.64 -41.93
C THR G 24 -31.62 51.03 -42.31
N LYS G 25 -32.12 51.82 -41.36
CA LYS G 25 -32.57 53.17 -41.68
C LYS G 25 -31.50 54.21 -41.43
N ALA G 26 -30.81 54.13 -40.29
CA ALA G 26 -29.77 55.11 -39.98
C ALA G 26 -28.61 55.03 -40.97
N ALA G 27 -28.19 53.81 -41.30
CA ALA G 27 -27.07 53.61 -42.22
C ALA G 27 -27.42 52.49 -43.18
N GLU G 28 -26.75 52.50 -44.33
CA GLU G 28 -26.98 51.50 -45.37
C GLU G 28 -26.06 50.32 -45.11
N VAL G 29 -26.49 49.46 -44.19
CA VAL G 29 -25.77 48.25 -43.83
C VAL G 29 -26.66 47.05 -44.14
N ARG G 30 -26.07 46.03 -44.75
CA ARG G 30 -26.84 44.85 -45.11
C ARG G 30 -27.21 44.06 -43.86
N LEU G 31 -28.45 43.60 -43.81
CA LEU G 31 -28.94 42.80 -42.69
C LEU G 31 -28.80 41.33 -43.04
N ILE G 32 -28.06 40.57 -42.24
CA ILE G 32 -27.69 39.21 -42.60
C ILE G 32 -28.32 38.16 -41.71
N GLY G 33 -28.91 38.52 -40.58
CA GLY G 33 -29.48 37.49 -39.73
C GLY G 33 -30.31 37.95 -38.56
N ARG G 34 -31.29 37.14 -38.18
CA ARG G 34 -32.12 37.38 -37.00
C ARG G 34 -32.30 36.04 -36.30
N GLU G 35 -31.85 35.96 -35.05
CA GLU G 35 -31.79 34.68 -34.35
C GLU G 35 -32.42 34.81 -32.97
N PHE G 36 -33.11 33.74 -32.58
CA PHE G 36 -33.70 33.62 -31.26
C PHE G 36 -32.77 32.79 -30.39
N VAL G 37 -32.06 33.45 -29.48
CA VAL G 37 -31.18 32.74 -28.56
C VAL G 37 -31.98 31.76 -27.71
N GLY G 38 -33.14 32.19 -27.23
CA GLY G 38 -33.95 31.34 -26.38
C GLY G 38 -34.31 32.01 -25.08
N GLY G 39 -35.55 31.83 -24.63
CA GLY G 39 -35.99 32.47 -23.43
C GLY G 39 -36.13 33.97 -23.53
N GLY G 40 -36.32 34.49 -24.74
CA GLY G 40 -36.55 35.91 -24.94
C GLY G 40 -35.36 36.69 -25.47
N TYR G 41 -34.18 36.11 -25.47
CA TYR G 41 -33.00 36.80 -26.01
C TYR G 41 -33.04 36.70 -27.53
N VAL G 42 -33.20 37.83 -28.20
CA VAL G 42 -33.25 37.88 -29.65
C VAL G 42 -32.12 38.79 -30.13
N THR G 43 -31.35 38.31 -31.10
CA THR G 43 -30.23 39.05 -31.65
C THR G 43 -30.43 39.27 -33.14
N VAL G 44 -29.82 40.33 -33.64
CA VAL G 44 -29.88 40.67 -35.05
C VAL G 44 -28.50 41.12 -35.51
N LEU G 45 -28.14 40.72 -36.73
CA LEU G 45 -26.78 40.78 -37.26
C LEU G 45 -26.75 41.68 -38.49
N VAL G 46 -25.82 42.63 -38.52
CA VAL G 46 -25.65 43.53 -39.66
C VAL G 46 -24.20 43.52 -40.11
N ARG G 47 -24.00 43.73 -41.40
CA ARG G 47 -22.67 43.80 -42.00
C ARG G 47 -22.55 45.08 -42.81
N GLY G 48 -21.32 45.57 -42.91
CA GLY G 48 -21.06 46.72 -43.76
C GLY G 48 -19.77 47.43 -43.34
N GLU G 49 -19.67 48.68 -43.77
CA GLU G 49 -18.51 49.50 -43.45
C GLU G 49 -18.44 49.78 -41.96
N THR G 50 -17.22 49.86 -41.42
CA THR G 50 -17.04 50.03 -39.98
C THR G 50 -17.77 51.27 -39.48
N GLY G 51 -17.52 52.41 -40.12
CA GLY G 51 -18.30 53.60 -39.82
C GLY G 51 -19.78 53.37 -40.07
N ALA G 52 -20.12 52.68 -41.15
CA ALA G 52 -21.52 52.33 -41.38
C ALA G 52 -22.04 51.36 -40.34
N VAL G 53 -21.18 50.47 -39.82
CA VAL G 53 -21.63 49.50 -38.82
C VAL G 53 -22.00 50.22 -37.52
N ASN G 54 -21.07 51.00 -36.98
CA ASN G 54 -21.41 51.71 -35.75
C ASN G 54 -22.46 52.78 -36.02
N ALA G 55 -22.57 53.24 -37.27
CA ALA G 55 -23.65 54.13 -37.67
C ALA G 55 -25.02 53.46 -37.59
N ALA G 56 -25.13 52.20 -37.99
CA ALA G 56 -26.33 51.44 -37.71
C ALA G 56 -26.60 51.33 -36.23
N VAL G 57 -25.57 50.96 -35.45
CA VAL G 57 -25.76 50.75 -34.02
C VAL G 57 -26.20 52.03 -33.33
N ARG G 58 -25.84 53.19 -33.88
CA ARG G 58 -26.25 54.49 -33.37
C ARG G 58 -27.73 54.53 -33.01
N ALA G 59 -28.58 54.38 -34.02
CA ALA G 59 -30.01 54.48 -33.85
C ALA G 59 -30.57 53.34 -33.01
N GLY G 60 -30.07 52.13 -33.18
CA GLY G 60 -30.57 51.00 -32.42
C GLY G 60 -30.40 51.18 -30.93
N ALA G 61 -29.21 51.62 -30.53
CA ALA G 61 -28.87 51.73 -29.11
C ALA G 61 -29.86 52.63 -28.39
N ASP G 62 -30.14 53.79 -28.96
CA ASP G 62 -31.08 54.72 -28.34
C ASP G 62 -32.51 54.58 -28.88
N ALA G 63 -32.79 53.52 -29.62
CA ALA G 63 -34.18 53.25 -29.96
C ALA G 63 -34.76 52.08 -29.19
N CYS G 64 -33.96 51.11 -28.75
CA CYS G 64 -34.50 49.93 -28.10
C CYS G 64 -34.39 49.95 -26.58
N GLU G 65 -34.02 51.08 -25.97
CA GLU G 65 -33.76 51.08 -24.53
C GLU G 65 -35.06 50.97 -23.73
N ARG G 66 -36.15 51.56 -24.22
CA ARG G 66 -37.41 51.58 -23.50
C ARG G 66 -38.48 50.75 -24.19
N VAL G 67 -38.13 50.02 -25.24
CA VAL G 67 -39.08 49.20 -25.98
C VAL G 67 -39.11 47.82 -25.36
N GLY G 68 -40.29 47.41 -24.89
CA GLY G 68 -40.44 46.11 -24.27
C GLY G 68 -39.57 46.02 -23.02
N ASP G 69 -38.88 44.88 -22.88
CA ASP G 69 -37.99 44.69 -21.74
C ASP G 69 -36.71 45.52 -21.86
N GLY G 70 -36.35 45.95 -23.06
CA GLY G 70 -35.23 46.87 -23.22
C GLY G 70 -34.01 46.20 -23.84
N LEU G 71 -33.02 47.05 -24.10
CA LEU G 71 -31.77 46.60 -24.69
C LEU G 71 -31.05 45.65 -23.74
N VAL G 72 -30.44 44.62 -24.30
CA VAL G 72 -29.66 43.64 -23.55
C VAL G 72 -28.16 43.85 -23.75
N ALA G 73 -27.71 43.92 -24.99
CA ALA G 73 -26.32 44.20 -25.29
C ALA G 73 -26.22 44.79 -26.68
N ALA G 74 -25.24 45.68 -26.87
CA ALA G 74 -25.05 46.32 -28.17
C ALA G 74 -23.61 46.28 -28.64
N HIS G 75 -22.78 45.38 -28.11
CA HIS G 75 -21.39 45.32 -28.51
C HIS G 75 -21.28 44.86 -29.96
N ILE G 76 -20.23 45.33 -30.64
CA ILE G 76 -20.02 45.05 -32.05
C ILE G 76 -18.59 44.55 -32.26
N ILE G 77 -18.36 43.91 -33.40
CA ILE G 77 -17.05 43.39 -33.73
C ILE G 77 -16.43 44.23 -34.84
N ALA G 78 -15.17 44.62 -34.65
CA ALA G 78 -14.48 45.37 -35.70
C ALA G 78 -14.21 44.50 -36.91
N ARG G 79 -13.87 43.23 -36.70
CA ARG G 79 -13.80 42.27 -37.80
C ARG G 79 -13.91 40.84 -37.29
N PRO G 80 -14.85 40.05 -37.82
CA PRO G 80 -14.88 38.63 -37.47
C PRO G 80 -13.87 37.85 -38.28
N HIS G 81 -13.52 36.67 -37.79
CA HIS G 81 -12.54 35.83 -38.49
C HIS G 81 -13.24 35.05 -39.60
N ARG G 82 -12.42 34.49 -40.50
CA ARG G 82 -12.95 33.85 -41.69
C ARG G 82 -13.75 32.58 -41.39
N GLU G 83 -13.52 31.94 -40.23
CA GLU G 83 -14.26 30.72 -39.93
C GLU G 83 -15.39 30.97 -38.94
N VAL G 84 -15.65 32.22 -38.57
CA VAL G 84 -16.77 32.53 -37.70
C VAL G 84 -18.09 32.38 -38.43
N GLU G 85 -18.10 32.61 -39.75
CA GLU G 85 -19.34 32.61 -40.53
C GLU G 85 -20.18 31.35 -40.37
N PRO G 86 -19.63 30.12 -40.37
CA PRO G 86 -20.48 28.95 -40.17
C PRO G 86 -21.28 29.01 -38.87
N ALA G 87 -20.73 29.64 -37.84
CA ALA G 87 -21.48 29.89 -36.61
C ALA G 87 -22.32 31.15 -36.68
N LEU G 88 -22.60 31.64 -37.89
CA LEU G 88 -23.41 32.84 -38.05
C LEU G 88 -24.57 32.60 -39.00
N MET H 1 -115.39 -19.16 11.81
CA MET H 1 -115.12 -17.95 11.02
C MET H 1 -115.52 -16.70 11.78
N GLY H 2 -114.53 -16.03 12.38
CA GLY H 2 -114.79 -14.79 13.08
C GLY H 2 -114.87 -13.61 12.13
N ILE H 3 -116.07 -13.13 11.86
CA ILE H 3 -116.26 -12.05 10.90
C ILE H 3 -115.67 -10.73 11.36
N ALA H 4 -115.44 -10.56 12.66
CA ALA H 4 -114.94 -9.30 13.16
C ALA H 4 -113.59 -8.97 12.54
N LEU H 5 -113.50 -7.80 11.91
CA LEU H 5 -112.30 -7.36 11.24
C LEU H 5 -111.55 -6.37 12.12
N GLY H 6 -110.43 -6.81 12.67
CA GLY H 6 -109.50 -5.92 13.31
C GLY H 6 -108.41 -5.58 12.31
N MET H 7 -107.84 -4.37 12.44
CA MET H 7 -106.80 -4.00 11.51
C MET H 7 -106.14 -2.71 12.00
N ILE H 8 -104.84 -2.60 11.76
CA ILE H 8 -104.08 -1.45 12.22
C ILE H 8 -102.95 -1.17 11.24
N GLU H 9 -102.57 0.10 11.14
CA GLU H 9 -101.53 0.53 10.21
C GLU H 9 -100.49 1.36 10.94
N THR H 10 -99.27 1.36 10.39
CA THR H 10 -98.13 1.95 11.05
C THR H 10 -97.05 2.31 10.03
N ARG H 11 -95.92 2.78 10.57
CA ARG H 11 -94.78 3.27 9.78
C ARG H 11 -93.84 2.09 9.52
N GLY H 12 -93.95 1.50 8.35
CA GLY H 12 -93.03 0.46 7.96
C GLY H 12 -93.42 -0.91 8.49
N LEU H 13 -92.82 -1.93 7.88
CA LEU H 13 -93.23 -3.30 8.14
C LEU H 13 -92.67 -3.88 9.43
N VAL H 14 -91.65 -3.28 10.02
CA VAL H 14 -91.17 -3.80 11.31
C VAL H 14 -92.31 -3.69 12.31
N PRO H 15 -92.80 -2.49 12.66
CA PRO H 15 -93.91 -2.45 13.63
C PRO H 15 -95.13 -3.19 13.14
N ALA H 16 -95.38 -3.18 11.82
CA ALA H 16 -96.55 -3.85 11.28
C ALA H 16 -96.53 -5.34 11.58
N ILE H 17 -95.43 -6.02 11.25
CA ILE H 17 -95.44 -7.46 11.45
C ILE H 17 -95.15 -7.81 12.90
N GLU H 18 -94.52 -6.92 13.67
CA GLU H 18 -94.44 -7.18 15.11
C GLU H 18 -95.83 -7.15 15.73
N ALA H 19 -96.68 -6.21 15.32
CA ALA H 19 -98.06 -6.20 15.77
C ALA H 19 -98.81 -7.43 15.25
N ALA H 20 -98.52 -7.85 14.02
CA ALA H 20 -99.14 -9.05 13.48
C ALA H 20 -98.78 -10.28 14.31
N ASP H 21 -97.51 -10.42 14.65
CA ASP H 21 -97.09 -11.55 15.48
C ASP H 21 -97.67 -11.46 16.87
N ALA H 22 -97.78 -10.25 17.41
CA ALA H 22 -98.42 -10.08 18.71
C ALA H 22 -99.87 -10.53 18.66
N MET H 23 -100.59 -10.16 17.60
CA MET H 23 -101.98 -10.57 17.47
C MET H 23 -102.10 -12.08 17.31
N THR H 24 -101.24 -12.69 16.50
CA THR H 24 -101.35 -14.12 16.26
C THR H 24 -100.79 -14.95 17.40
N LYS H 25 -100.06 -14.35 18.33
CA LYS H 25 -99.56 -15.08 19.48
C LYS H 25 -100.43 -14.89 20.71
N ALA H 26 -100.73 -13.65 21.07
CA ALA H 26 -101.62 -13.38 22.20
C ALA H 26 -103.04 -13.87 21.94
N ALA H 27 -103.46 -13.91 20.70
CA ALA H 27 -104.79 -14.38 20.34
C ALA H 27 -104.66 -15.39 19.20
N GLU H 28 -105.65 -16.28 19.11
CA GLU H 28 -105.69 -17.29 18.06
C GLU H 28 -106.64 -16.79 16.97
N VAL H 29 -106.11 -15.91 16.12
CA VAL H 29 -106.88 -15.29 15.06
C VAL H 29 -106.09 -15.37 13.76
N ARG H 30 -106.79 -15.17 12.65
CA ARG H 30 -106.21 -15.32 11.32
C ARG H 30 -106.13 -13.96 10.64
N LEU H 31 -104.91 -13.50 10.39
CA LEU H 31 -104.72 -12.28 9.61
C LEU H 31 -104.89 -12.58 8.13
N ILE H 32 -105.54 -11.68 7.42
CA ILE H 32 -105.92 -11.91 6.03
C ILE H 32 -105.25 -10.96 5.05
N GLY H 33 -104.64 -9.88 5.53
CA GLY H 33 -104.08 -8.93 4.57
C GLY H 33 -102.94 -8.07 5.06
N ARG H 34 -101.96 -7.83 4.18
CA ARG H 34 -100.89 -6.87 4.43
C ARG H 34 -100.86 -5.92 3.25
N GLU H 35 -101.13 -4.63 3.51
CA GLU H 35 -101.33 -3.67 2.44
C GLU H 35 -100.36 -2.50 2.58
N PHE H 36 -99.82 -2.08 1.44
CA PHE H 36 -98.97 -0.89 1.37
C PHE H 36 -99.82 0.27 0.88
N VAL H 37 -100.22 1.15 1.81
CA VAL H 37 -100.99 2.32 1.42
C VAL H 37 -100.13 3.29 0.63
N GLY H 38 -98.90 3.50 1.06
CA GLY H 38 -98.01 4.42 0.38
C GLY H 38 -97.57 5.51 1.34
N GLY H 39 -96.30 5.90 1.23
CA GLY H 39 -95.73 6.87 2.14
C GLY H 39 -95.50 6.38 3.55
N GLY H 40 -95.20 5.09 3.71
CA GLY H 40 -94.94 4.52 5.01
C GLY H 40 -96.14 3.87 5.67
N TYR H 41 -97.34 4.17 5.19
CA TYR H 41 -98.57 3.61 5.75
C TYR H 41 -98.70 2.14 5.33
N VAL H 42 -98.46 1.23 6.27
CA VAL H 42 -98.59 -0.20 5.99
C VAL H 42 -99.56 -0.79 7.01
N THR H 43 -100.47 -1.63 6.52
CA THR H 43 -101.64 -2.03 7.28
C THR H 43 -101.73 -3.55 7.37
N VAL H 44 -102.12 -4.05 8.54
CA VAL H 44 -102.39 -5.45 8.76
C VAL H 44 -103.88 -5.62 9.03
N LEU H 45 -104.45 -6.66 8.40
CA LEU H 45 -105.88 -6.96 8.37
C LEU H 45 -106.08 -8.37 8.90
N VAL H 46 -106.83 -8.50 10.00
CA VAL H 46 -107.03 -9.78 10.67
C VAL H 46 -108.51 -9.98 10.94
N ARG H 47 -108.94 -11.24 10.89
CA ARG H 47 -110.31 -11.64 11.19
C ARG H 47 -110.36 -12.46 12.46
N GLY H 48 -111.44 -12.30 13.21
CA GLY H 48 -111.64 -13.05 14.43
C GLY H 48 -112.93 -12.60 15.10
N GLU H 49 -113.23 -13.25 16.22
CA GLU H 49 -114.39 -12.85 17.00
C GLU H 49 -114.09 -11.59 17.80
N THR H 50 -115.16 -10.96 18.30
CA THR H 50 -115.04 -9.63 18.87
C THR H 50 -114.06 -9.58 20.04
N GLY H 51 -114.15 -10.55 20.95
CA GLY H 51 -113.22 -10.59 22.06
C GLY H 51 -111.79 -10.87 21.62
N ALA H 52 -111.63 -11.85 20.72
CA ALA H 52 -110.30 -12.15 20.22
C ALA H 52 -109.71 -10.98 19.45
N VAL H 53 -110.52 -10.31 18.63
CA VAL H 53 -110.06 -9.13 17.93
C VAL H 53 -109.65 -8.05 18.93
N ASN H 54 -110.45 -7.85 19.97
CA ASN H 54 -110.13 -6.85 20.97
C ASN H 54 -108.78 -7.14 21.62
N ALA H 55 -108.58 -8.39 22.05
CA ALA H 55 -107.32 -8.75 22.67
C ALA H 55 -106.16 -8.58 21.71
N ALA H 56 -106.34 -8.99 20.46
CA ALA H 56 -105.28 -8.90 19.47
C ALA H 56 -104.88 -7.45 19.23
N VAL H 57 -105.86 -6.56 19.09
CA VAL H 57 -105.52 -5.18 18.79
C VAL H 57 -104.92 -4.49 20.02
N ARG H 58 -105.37 -4.86 21.22
CA ARG H 58 -104.73 -4.33 22.41
C ARG H 58 -103.27 -4.74 22.46
N ALA H 59 -102.99 -6.02 22.17
CA ALA H 59 -101.61 -6.48 22.16
C ALA H 59 -100.80 -5.77 21.10
N GLY H 60 -101.38 -5.58 19.91
CA GLY H 60 -100.65 -4.90 18.85
C GLY H 60 -100.33 -3.47 19.21
N ALA H 61 -101.27 -2.76 19.83
CA ALA H 61 -101.01 -1.40 20.27
C ALA H 61 -99.93 -1.38 21.34
N ASP H 62 -99.96 -2.34 22.27
CA ASP H 62 -98.96 -2.39 23.33
C ASP H 62 -97.56 -2.61 22.74
N ALA H 63 -97.45 -3.52 21.78
CA ALA H 63 -96.14 -3.92 21.26
C ALA H 63 -95.69 -3.11 20.06
N CYS H 64 -96.52 -2.21 19.54
CA CYS H 64 -96.21 -1.49 18.31
C CYS H 64 -95.77 -0.06 18.55
N GLU H 65 -96.15 0.55 19.67
CA GLU H 65 -95.83 1.95 19.91
C GLU H 65 -94.34 2.17 20.14
N ARG H 66 -93.66 1.18 20.71
CA ARG H 66 -92.26 1.33 21.13
C ARG H 66 -91.29 0.83 20.07
N VAL H 67 -91.74 0.67 18.83
CA VAL H 67 -90.90 0.19 17.74
C VAL H 67 -91.14 1.07 16.51
N GLY H 68 -90.06 1.40 15.81
CA GLY H 68 -90.16 2.28 14.65
C GLY H 68 -90.68 3.64 15.05
N ASP H 69 -91.41 4.27 14.12
CA ASP H 69 -92.08 5.52 14.43
C ASP H 69 -93.41 5.30 15.13
N GLY H 70 -93.84 4.05 15.29
CA GLY H 70 -94.98 3.73 16.13
C GLY H 70 -96.30 3.61 15.39
N LEU H 71 -97.28 3.10 16.12
CA LEU H 71 -98.63 2.92 15.61
C LEU H 71 -99.33 4.26 15.43
N VAL H 72 -100.34 4.27 14.57
CA VAL H 72 -101.10 5.49 14.31
C VAL H 72 -102.58 5.28 14.63
N ALA H 73 -103.20 4.28 14.01
CA ALA H 73 -104.63 4.04 14.17
C ALA H 73 -104.84 2.63 14.70
N ALA H 74 -105.72 2.52 15.69
CA ALA H 74 -105.93 1.25 16.39
C ALA H 74 -107.42 1.02 16.67
N HIS H 75 -108.28 1.25 15.68
CA HIS H 75 -109.69 0.94 15.85
C HIS H 75 -110.08 -0.26 15.00
N ILE H 76 -111.21 -0.87 15.38
CA ILE H 76 -111.66 -2.14 14.83
C ILE H 76 -113.10 -2.02 14.39
N ILE H 77 -113.59 -3.08 13.75
CA ILE H 77 -115.00 -3.21 13.42
C ILE H 77 -115.49 -4.56 13.92
N ALA H 78 -116.63 -4.55 14.63
CA ALA H 78 -117.13 -5.78 15.23
C ALA H 78 -117.89 -6.64 14.23
N ARG H 79 -118.81 -6.03 13.47
CA ARG H 79 -119.64 -6.76 12.51
C ARG H 79 -119.53 -6.09 11.15
N PRO H 80 -118.45 -6.35 10.43
CA PRO H 80 -118.33 -5.79 9.06
C PRO H 80 -119.44 -6.30 8.17
N HIS H 81 -119.90 -5.43 7.28
CA HIS H 81 -121.01 -5.77 6.40
C HIS H 81 -120.51 -6.50 5.16
N ARG H 82 -121.45 -7.12 4.44
CA ARG H 82 -121.10 -7.91 3.26
C ARG H 82 -120.44 -7.04 2.19
N GLU H 83 -120.94 -5.82 2.00
CA GLU H 83 -120.45 -4.97 0.91
C GLU H 83 -118.99 -4.56 1.09
N VAL H 84 -118.51 -4.44 2.33
CA VAL H 84 -117.09 -4.16 2.54
C VAL H 84 -116.24 -5.35 2.13
N GLU H 85 -116.82 -6.55 2.12
CA GLU H 85 -116.05 -7.76 1.87
C GLU H 85 -115.31 -7.76 0.53
N PRO H 86 -115.89 -7.32 -0.59
CA PRO H 86 -115.07 -7.17 -1.80
C PRO H 86 -113.88 -6.24 -1.63
N ALA H 87 -114.03 -5.18 -0.84
CA ALA H 87 -112.90 -4.28 -0.59
C ALA H 87 -111.78 -4.97 0.18
N LEU H 88 -112.06 -6.13 0.78
CA LEU H 88 -111.06 -6.93 1.45
C LEU H 88 -110.43 -7.96 0.52
N GLY H 89 -110.59 -7.79 -0.79
CA GLY H 89 -110.12 -8.76 -1.75
C GLY H 89 -111.08 -9.88 -2.06
N ASN H 90 -112.33 -9.78 -1.62
CA ASN H 90 -113.38 -10.80 -1.74
C ASN H 90 -112.92 -12.25 -1.86
N GLY I 2 -129.40 6.88 -7.67
CA GLY I 2 -128.90 6.23 -8.87
C GLY I 2 -127.41 6.43 -9.08
N ILE I 3 -127.06 7.42 -9.90
CA ILE I 3 -125.67 7.72 -10.18
C ILE I 3 -125.05 8.61 -9.12
N ALA I 4 -125.75 8.88 -8.02
CA ALA I 4 -125.25 9.79 -7.00
C ALA I 4 -123.92 9.30 -6.45
N LEU I 5 -122.89 10.12 -6.59
CA LEU I 5 -121.52 9.75 -6.23
C LEU I 5 -121.19 10.29 -4.86
N GLY I 6 -121.08 9.40 -3.88
CA GLY I 6 -120.51 9.74 -2.59
C GLY I 6 -119.06 9.27 -2.56
N MET I 7 -118.22 10.04 -1.88
CA MET I 7 -116.82 9.65 -1.81
C MET I 7 -116.08 10.29 -0.65
N ILE I 8 -115.10 9.58 -0.10
CA ILE I 8 -114.38 10.02 1.08
C ILE I 8 -112.88 9.86 0.84
N GLU I 9 -112.11 10.86 1.27
CA GLU I 9 -110.66 10.78 1.35
C GLU I 9 -110.22 10.82 2.80
N THR I 10 -109.18 10.05 3.11
CA THR I 10 -108.67 10.06 4.47
C THR I 10 -107.19 9.69 4.47
N ARG I 11 -106.58 9.83 5.64
CA ARG I 11 -105.17 9.56 5.84
C ARG I 11 -105.07 8.24 6.60
N GLY I 12 -104.57 7.22 5.92
CA GLY I 12 -104.62 5.87 6.47
C GLY I 12 -106.00 5.28 6.23
N LEU I 13 -106.07 4.00 5.87
CA LEU I 13 -107.35 3.46 5.43
C LEU I 13 -108.22 2.94 6.56
N VAL I 14 -107.78 3.06 7.82
CA VAL I 14 -108.62 2.64 8.93
C VAL I 14 -109.89 3.50 8.88
N PRO I 15 -109.79 4.83 8.86
CA PRO I 15 -111.01 5.63 8.64
C PRO I 15 -111.65 5.39 7.29
N ALA I 16 -110.89 5.04 6.26
CA ALA I 16 -111.50 4.77 4.96
C ALA I 16 -112.49 3.62 5.05
N ILE I 17 -112.08 2.51 5.66
CA ILE I 17 -112.99 1.39 5.78
C ILE I 17 -114.04 1.62 6.86
N GLU I 18 -113.77 2.47 7.86
CA GLU I 18 -114.82 2.84 8.80
C GLU I 18 -115.92 3.59 8.08
N ALA I 19 -115.54 4.53 7.22
CA ALA I 19 -116.51 5.23 6.39
C ALA I 19 -117.21 4.29 5.43
N ALA I 20 -116.49 3.28 4.91
CA ALA I 20 -117.13 2.29 4.06
C ALA I 20 -118.18 1.49 4.82
N ASP I 21 -117.87 1.14 6.07
CA ASP I 21 -118.85 0.47 6.92
C ASP I 21 -120.06 1.36 7.13
N ALA I 22 -119.85 2.65 7.37
CA ALA I 22 -120.97 3.57 7.46
C ALA I 22 -121.76 3.61 6.16
N MET I 23 -121.06 3.59 5.02
CA MET I 23 -121.72 3.55 3.72
C MET I 23 -122.68 2.38 3.65
N THR I 24 -122.17 1.19 3.95
CA THR I 24 -122.91 -0.03 3.68
C THR I 24 -123.94 -0.32 4.77
N LYS I 25 -123.82 0.30 5.94
CA LYS I 25 -124.77 0.04 7.00
C LYS I 25 -125.84 1.12 7.14
N ALA I 26 -125.45 2.38 7.00
CA ALA I 26 -126.40 3.49 7.13
C ALA I 26 -127.31 3.63 5.93
N ALA I 27 -126.79 3.38 4.74
CA ALA I 27 -127.56 3.56 3.51
C ALA I 27 -127.37 2.36 2.60
N GLU I 28 -128.20 2.29 1.58
CA GLU I 28 -128.16 1.19 0.62
C GLU I 28 -127.59 1.74 -0.68
N VAL I 29 -126.26 1.72 -0.77
CA VAL I 29 -125.53 2.18 -1.93
C VAL I 29 -124.51 1.12 -2.32
N ARG I 30 -124.01 1.22 -3.55
CA ARG I 30 -122.98 0.32 -4.05
C ARG I 30 -121.62 0.98 -3.90
N LEU I 31 -120.64 0.23 -3.41
CA LEU I 31 -119.28 0.73 -3.25
C LEU I 31 -118.54 0.45 -4.55
N ILE I 32 -118.26 1.51 -5.31
CA ILE I 32 -117.73 1.31 -6.66
C ILE I 32 -116.21 1.27 -6.71
N GLY I 33 -115.52 1.81 -5.71
CA GLY I 33 -114.06 1.85 -5.79
C GLY I 33 -113.38 2.10 -4.47
N ARG I 34 -112.14 1.60 -4.36
CA ARG I 34 -111.21 1.96 -3.30
C ARG I 34 -109.85 2.19 -3.94
N GLU I 35 -109.30 3.38 -3.76
CA GLU I 35 -108.09 3.78 -4.45
C GLU I 35 -107.01 4.21 -3.45
N PHE I 36 -105.80 3.72 -3.66
CA PHE I 36 -104.61 4.14 -2.91
C PHE I 36 -103.90 5.21 -3.74
N VAL I 37 -104.14 6.48 -3.39
CA VAL I 37 -103.51 7.57 -4.14
C VAL I 37 -102.01 7.57 -3.94
N GLY I 38 -101.55 7.29 -2.73
CA GLY I 38 -100.16 7.46 -2.40
C GLY I 38 -99.96 8.70 -1.56
N GLY I 39 -98.92 8.73 -0.74
CA GLY I 39 -98.77 9.82 0.20
C GLY I 39 -99.71 9.75 1.38
N GLY I 40 -100.35 8.60 1.60
CA GLY I 40 -101.25 8.42 2.71
C GLY I 40 -102.72 8.57 2.39
N TYR I 41 -103.05 9.04 1.19
CA TYR I 41 -104.45 9.28 0.85
C TYR I 41 -105.13 7.98 0.43
N VAL I 42 -106.17 7.60 1.17
CA VAL I 42 -106.98 6.43 0.85
C VAL I 42 -108.38 6.92 0.56
N THR I 43 -108.96 6.45 -0.54
CA THR I 43 -110.20 7.02 -1.03
C THR I 43 -111.23 5.92 -1.26
N VAL I 44 -112.46 6.17 -0.84
CA VAL I 44 -113.57 5.27 -1.07
C VAL I 44 -114.60 5.98 -1.94
N LEU I 45 -115.20 5.21 -2.86
CA LEU I 45 -116.10 5.72 -3.89
C LEU I 45 -117.33 4.84 -3.92
N VAL I 46 -118.51 5.45 -3.73
CA VAL I 46 -119.78 4.73 -3.72
C VAL I 46 -120.78 5.47 -4.60
N ARG I 47 -121.77 4.73 -5.08
CA ARG I 47 -122.84 5.28 -5.91
C ARG I 47 -124.19 4.81 -5.40
N GLY I 48 -125.19 5.68 -5.53
CA GLY I 48 -126.52 5.34 -5.05
C GLY I 48 -127.46 6.55 -5.16
N GLU I 49 -128.50 6.51 -4.33
CA GLU I 49 -129.52 7.56 -4.35
C GLU I 49 -129.03 8.80 -3.63
N THR I 50 -129.40 9.97 -4.14
CA THR I 50 -128.84 11.23 -3.66
C THR I 50 -129.07 11.42 -2.17
N GLY I 51 -130.31 11.25 -1.72
CA GLY I 51 -130.57 11.35 -0.28
C GLY I 51 -129.92 10.23 0.50
N ALA I 52 -129.97 9.01 -0.04
CA ALA I 52 -129.28 7.89 0.59
C ALA I 52 -127.78 8.14 0.64
N VAL I 53 -127.22 8.68 -0.44
CA VAL I 53 -125.79 8.97 -0.46
C VAL I 53 -125.46 10.06 0.56
N ASN I 54 -126.36 11.03 0.72
CA ASN I 54 -126.14 12.09 1.70
C ASN I 54 -126.12 11.53 3.11
N ALA I 55 -127.08 10.66 3.43
CA ALA I 55 -127.07 10.02 4.74
C ALA I 55 -125.81 9.18 4.92
N ALA I 56 -125.42 8.45 3.89
CA ALA I 56 -124.22 7.64 3.97
C ALA I 56 -123.01 8.50 4.27
N VAL I 57 -122.85 9.61 3.55
CA VAL I 57 -121.64 10.42 3.68
C VAL I 57 -121.62 11.13 5.02
N ARG I 58 -122.77 11.60 5.51
CA ARG I 58 -122.77 12.21 6.84
C ARG I 58 -122.40 11.19 7.92
N ALA I 59 -122.93 9.96 7.80
CA ALA I 59 -122.57 8.92 8.75
C ALA I 59 -121.09 8.60 8.67
N GLY I 60 -120.55 8.47 7.45
CA GLY I 60 -119.13 8.17 7.30
C GLY I 60 -118.25 9.26 7.87
N ALA I 61 -118.64 10.52 7.65
CA ALA I 61 -117.88 11.63 8.20
C ALA I 61 -117.86 11.58 9.72
N ASP I 62 -119.04 11.62 10.34
CA ASP I 62 -119.07 11.69 11.80
C ASP I 62 -118.71 10.37 12.46
N ALA I 63 -118.45 9.32 11.68
CA ALA I 63 -117.89 8.11 12.26
C ALA I 63 -116.37 8.07 12.17
N CYS I 64 -115.81 8.36 11.00
CA CYS I 64 -114.38 8.15 10.78
C CYS I 64 -113.54 9.41 10.96
N GLU I 65 -114.15 10.54 11.33
CA GLU I 65 -113.37 11.76 11.48
C GLU I 65 -112.43 11.74 12.68
N ARG I 66 -112.61 10.80 13.62
CA ARG I 66 -111.72 10.73 14.77
C ARG I 66 -110.68 9.63 14.69
N VAL I 67 -110.98 8.52 14.02
CA VAL I 67 -110.13 7.35 14.07
C VAL I 67 -108.80 7.64 13.41
N GLY I 68 -107.72 7.44 14.17
CA GLY I 68 -106.39 7.71 13.64
C GLY I 68 -106.25 9.15 13.20
N ASP I 69 -105.78 9.33 11.98
CA ASP I 69 -105.66 10.66 11.41
C ASP I 69 -106.99 11.22 10.94
N GLY I 70 -108.03 10.39 10.89
CA GLY I 70 -109.36 10.86 10.53
C GLY I 70 -109.46 11.19 9.06
N LEU I 71 -110.66 11.60 8.66
CA LEU I 71 -110.91 11.99 7.29
C LEU I 71 -110.16 13.27 6.96
N VAL I 72 -109.85 13.45 5.68
CA VAL I 72 -109.18 14.64 5.19
C VAL I 72 -110.10 15.53 4.38
N ALA I 73 -110.80 14.96 3.41
CA ALA I 73 -111.75 15.71 2.59
C ALA I 73 -112.98 14.84 2.32
N ALA I 74 -114.14 15.47 2.24
CA ALA I 74 -115.39 14.75 2.06
C ALA I 74 -116.42 15.68 1.42
N HIS I 75 -116.96 15.27 0.27
CA HIS I 75 -118.07 15.99 -0.32
C HIS I 75 -118.85 15.04 -1.21
N ILE I 76 -120.06 15.45 -1.55
CA ILE I 76 -121.03 14.62 -2.26
C ILE I 76 -121.13 15.10 -3.70
N ILE I 77 -121.36 14.16 -4.61
CA ILE I 77 -121.62 14.46 -6.02
C ILE I 77 -122.97 13.85 -6.37
N ALA I 78 -123.89 14.67 -6.87
CA ALA I 78 -125.26 14.23 -7.09
C ALA I 78 -125.46 13.58 -8.46
N ARG I 79 -125.13 14.29 -9.53
CA ARG I 79 -125.34 13.80 -10.90
C ARG I 79 -124.04 13.97 -11.68
N PRO I 80 -123.10 13.06 -11.49
CA PRO I 80 -121.83 13.16 -12.21
C PRO I 80 -122.01 12.99 -13.71
N HIS I 81 -121.14 13.65 -14.46
CA HIS I 81 -121.22 13.58 -15.91
C HIS I 81 -120.90 12.17 -16.40
N ARG I 82 -121.59 11.76 -17.47
CA ARG I 82 -121.37 10.43 -18.03
C ARG I 82 -119.95 10.27 -18.54
N GLU I 83 -119.31 11.37 -18.97
CA GLU I 83 -117.93 11.30 -19.41
C GLU I 83 -116.99 10.88 -18.28
N VAL I 84 -117.31 11.26 -17.05
CA VAL I 84 -116.49 10.91 -15.91
C VAL I 84 -116.49 9.40 -15.65
N GLU I 85 -117.60 8.72 -15.95
CA GLU I 85 -117.74 7.32 -15.58
C GLU I 85 -116.68 6.41 -16.16
N PRO I 86 -116.29 6.48 -17.45
CA PRO I 86 -115.25 5.57 -17.94
C PRO I 86 -113.93 5.68 -17.19
N ALA I 87 -113.62 6.86 -16.65
CA ALA I 87 -112.40 7.01 -15.86
C ALA I 87 -112.50 6.35 -14.50
N LEU I 88 -113.68 5.90 -14.09
CA LEU I 88 -113.87 5.27 -12.80
C LEU I 88 -114.42 3.86 -12.95
N GLY J 2 -83.91 -21.68 8.02
CA GLY J 2 -84.51 -21.63 9.33
C GLY J 2 -85.87 -20.95 9.34
N ILE J 3 -86.53 -20.92 10.50
CA ILE J 3 -87.82 -20.28 10.62
C ILE J 3 -87.75 -18.90 11.26
N ALA J 4 -86.59 -18.51 11.78
CA ALA J 4 -86.46 -17.19 12.39
C ALA J 4 -86.42 -16.11 11.32
N LEU J 5 -87.22 -15.06 11.53
CA LEU J 5 -87.28 -13.93 10.63
C LEU J 5 -86.63 -12.72 11.29
N GLY J 6 -85.64 -12.15 10.62
CA GLY J 6 -85.10 -10.86 11.04
C GLY J 6 -85.41 -9.84 9.97
N MET J 7 -85.61 -8.58 10.35
CA MET J 7 -86.06 -7.61 9.36
C MET J 7 -86.04 -6.17 9.87
N ILE J 8 -85.67 -5.25 8.98
CA ILE J 8 -85.33 -3.87 9.33
C ILE J 8 -85.84 -2.90 8.27
N GLU J 9 -86.26 -1.71 8.68
CA GLU J 9 -86.42 -0.62 7.73
C GLU J 9 -85.29 0.38 7.87
N THR J 10 -85.14 1.20 6.84
CA THR J 10 -84.32 2.39 6.89
C THR J 10 -84.83 3.39 5.88
N ARG J 11 -84.45 4.66 6.07
CA ARG J 11 -84.84 5.72 5.17
C ARG J 11 -83.74 5.86 4.12
N GLY J 12 -84.04 5.41 2.92
CA GLY J 12 -83.05 5.42 1.86
C GLY J 12 -82.62 3.99 1.52
N LEU J 13 -82.45 3.73 0.22
CA LEU J 13 -82.12 2.38 -0.22
C LEU J 13 -80.66 2.05 0.07
N VAL J 14 -79.78 3.05 0.04
CA VAL J 14 -78.36 2.78 0.28
C VAL J 14 -78.11 2.19 1.66
N PRO J 15 -78.60 2.78 2.76
CA PRO J 15 -78.44 2.11 4.06
C PRO J 15 -79.11 0.76 4.11
N ALA J 16 -80.21 0.58 3.38
CA ALA J 16 -80.90 -0.70 3.39
C ALA J 16 -80.01 -1.79 2.82
N ILE J 17 -79.39 -1.53 1.66
CA ILE J 17 -78.55 -2.57 1.08
C ILE J 17 -77.27 -2.74 1.88
N GLU J 18 -76.78 -1.68 2.52
CA GLU J 18 -75.63 -1.85 3.41
C GLU J 18 -75.99 -2.77 4.57
N ALA J 19 -77.17 -2.57 5.15
CA ALA J 19 -77.60 -3.41 6.25
C ALA J 19 -77.78 -4.85 5.81
N ALA J 20 -78.38 -5.06 4.63
CA ALA J 20 -78.56 -6.43 4.13
C ALA J 20 -77.22 -7.07 3.81
N ASP J 21 -76.26 -6.27 3.36
CA ASP J 21 -74.91 -6.77 3.10
C ASP J 21 -74.26 -7.25 4.39
N ALA J 22 -74.40 -6.44 5.45
CA ALA J 22 -73.94 -6.87 6.77
C ALA J 22 -74.73 -8.08 7.26
N MET J 23 -76.00 -8.20 6.85
CA MET J 23 -76.77 -9.39 7.17
C MET J 23 -76.10 -10.62 6.58
N THR J 24 -75.81 -10.57 5.28
CA THR J 24 -75.38 -11.75 4.55
C THR J 24 -73.93 -12.12 4.79
N LYS J 25 -73.10 -11.22 5.31
CA LYS J 25 -71.81 -11.72 5.80
C LYS J 25 -71.70 -11.85 7.32
N ALA J 26 -72.54 -11.18 8.10
CA ALA J 26 -72.41 -11.25 9.55
C ALA J 26 -72.65 -12.65 10.09
N ALA J 27 -73.67 -13.34 9.58
CA ALA J 27 -73.97 -14.70 10.02
C ALA J 27 -74.60 -15.45 8.86
N GLU J 28 -74.60 -16.78 8.96
CA GLU J 28 -75.21 -17.61 7.93
C GLU J 28 -76.71 -17.33 7.92
N VAL J 29 -77.17 -16.67 6.87
CA VAL J 29 -78.57 -16.26 6.77
C VAL J 29 -78.92 -16.09 5.30
N ARG J 30 -80.16 -16.39 4.96
CA ARG J 30 -80.70 -16.13 3.64
C ARG J 30 -81.69 -14.98 3.73
N LEU J 31 -81.57 -14.02 2.82
CA LEU J 31 -82.47 -12.88 2.80
C LEU J 31 -83.57 -13.11 1.78
N ILE J 32 -84.79 -12.76 2.16
CA ILE J 32 -85.98 -13.10 1.39
C ILE J 32 -86.77 -11.89 0.92
N GLY J 33 -86.54 -10.71 1.50
CA GLY J 33 -87.39 -9.59 1.15
C GLY J 33 -86.68 -8.26 0.96
N ARG J 34 -86.99 -7.58 -0.14
CA ARG J 34 -86.44 -6.26 -0.45
C ARG J 34 -87.61 -5.36 -0.84
N GLU J 35 -88.29 -4.80 0.16
CA GLU J 35 -89.59 -4.19 -0.04
C GLU J 35 -89.48 -2.67 0.02
N PHE J 36 -90.10 -2.00 -0.95
CA PHE J 36 -90.15 -0.54 -0.99
C PHE J 36 -91.46 -0.12 -0.36
N VAL J 37 -91.39 0.39 0.88
CA VAL J 37 -92.62 0.74 1.61
C VAL J 37 -93.32 1.91 0.95
N GLY J 38 -92.54 2.87 0.44
CA GLY J 38 -93.11 4.08 -0.09
C GLY J 38 -92.78 5.27 0.80
N GLY J 39 -92.47 6.40 0.20
CA GLY J 39 -92.05 7.55 0.98
C GLY J 39 -90.64 7.45 1.52
N GLY J 40 -89.87 6.45 1.10
CA GLY J 40 -88.48 6.32 1.50
C GLY J 40 -88.16 5.19 2.43
N TYR J 41 -89.16 4.57 3.04
CA TYR J 41 -88.89 3.43 3.91
C TYR J 41 -88.59 2.20 3.06
N VAL J 42 -87.44 1.57 3.32
CA VAL J 42 -87.06 0.35 2.62
C VAL J 42 -86.83 -0.73 3.66
N THR J 43 -87.42 -1.91 3.44
CA THR J 43 -87.40 -2.99 4.40
C THR J 43 -86.64 -4.19 3.85
N VAL J 44 -85.79 -4.76 4.70
CA VAL J 44 -85.00 -5.94 4.38
C VAL J 44 -85.47 -7.08 5.28
N LEU J 45 -85.68 -8.24 4.66
CA LEU J 45 -86.22 -9.44 5.31
C LEU J 45 -85.24 -10.57 5.12
N VAL J 46 -84.66 -11.05 6.22
CA VAL J 46 -83.71 -12.16 6.21
C VAL J 46 -84.31 -13.33 6.98
N ARG J 47 -83.92 -14.53 6.57
CA ARG J 47 -84.43 -15.77 7.12
C ARG J 47 -83.29 -16.65 7.59
N GLY J 48 -83.39 -17.15 8.82
CA GLY J 48 -82.36 -18.02 9.34
C GLY J 48 -82.68 -18.42 10.77
N GLU J 49 -81.73 -19.11 11.39
CA GLU J 49 -81.92 -19.57 12.76
C GLU J 49 -81.73 -18.41 13.73
N THR J 50 -82.18 -18.62 14.96
CA THR J 50 -82.35 -17.51 15.91
C THR J 50 -81.01 -16.84 16.23
N GLY J 51 -79.98 -17.62 16.50
CA GLY J 51 -78.70 -17.01 16.85
C GLY J 51 -78.08 -16.25 15.71
N ALA J 52 -78.10 -16.86 14.52
CA ALA J 52 -77.52 -16.21 13.35
C ALA J 52 -78.25 -14.91 13.03
N VAL J 53 -79.59 -14.95 13.01
CA VAL J 53 -80.34 -13.75 12.68
C VAL J 53 -80.12 -12.68 13.74
N ASN J 54 -80.09 -13.08 15.02
CA ASN J 54 -79.89 -12.11 16.07
C ASN J 54 -78.55 -11.40 15.92
N ALA J 55 -77.47 -12.17 15.78
CA ALA J 55 -76.15 -11.56 15.64
C ALA J 55 -76.07 -10.72 14.37
N ALA J 56 -76.59 -11.24 13.26
CA ALA J 56 -76.52 -10.52 12.00
C ALA J 56 -77.26 -9.20 12.08
N VAL J 57 -78.47 -9.21 12.64
CA VAL J 57 -79.26 -7.99 12.74
C VAL J 57 -78.57 -6.98 13.65
N ARG J 58 -78.04 -7.43 14.79
CA ARG J 58 -77.35 -6.48 15.65
C ARG J 58 -76.16 -5.86 14.94
N ALA J 59 -75.38 -6.67 14.22
CA ALA J 59 -74.22 -6.14 13.51
C ALA J 59 -74.64 -5.16 12.43
N GLY J 60 -75.63 -5.53 11.62
CA GLY J 60 -76.05 -4.65 10.54
C GLY J 60 -76.68 -3.36 11.06
N ALA J 61 -77.43 -3.44 12.15
CA ALA J 61 -78.06 -2.26 12.71
C ALA J 61 -77.01 -1.30 13.27
N ASP J 62 -76.09 -1.81 14.11
CA ASP J 62 -75.13 -0.88 14.70
C ASP J 62 -74.02 -0.50 13.73
N ALA J 63 -73.93 -1.15 12.57
CA ALA J 63 -73.06 -0.65 11.51
C ALA J 63 -73.77 0.32 10.59
N CYS J 64 -75.10 0.22 10.48
CA CYS J 64 -75.88 1.06 9.58
C CYS J 64 -76.47 2.28 10.26
N GLU J 65 -76.23 2.46 11.55
CA GLU J 65 -76.83 3.58 12.28
C GLU J 65 -76.39 4.90 11.68
N ARG J 66 -75.11 5.03 11.37
CA ARG J 66 -74.58 6.26 10.80
C ARG J 66 -74.59 6.25 9.29
N VAL J 67 -74.78 5.10 8.66
CA VAL J 67 -74.74 5.00 7.20
C VAL J 67 -75.96 5.71 6.62
N GLY J 68 -75.70 6.64 5.72
CA GLY J 68 -76.78 7.36 5.07
C GLY J 68 -77.64 8.11 6.06
N ASP J 69 -78.96 8.04 5.86
CA ASP J 69 -79.90 8.74 6.71
C ASP J 69 -80.12 8.06 8.05
N GLY J 70 -79.90 6.75 8.14
CA GLY J 70 -80.05 6.04 9.39
C GLY J 70 -81.16 5.00 9.36
N LEU J 71 -81.15 4.14 10.37
CA LEU J 71 -82.09 3.03 10.47
C LEU J 71 -83.46 3.53 10.94
N VAL J 72 -84.37 2.58 11.13
CA VAL J 72 -85.70 2.89 11.65
C VAL J 72 -85.97 2.09 12.91
N ALA J 73 -85.98 0.77 12.80
CA ALA J 73 -86.30 -0.11 13.92
C ALA J 73 -85.37 -1.32 13.85
N ALA J 74 -85.18 -2.00 14.98
CA ALA J 74 -84.19 -3.06 15.02
C ALA J 74 -84.60 -4.30 15.79
N HIS J 75 -85.83 -4.37 16.31
CA HIS J 75 -86.20 -5.52 17.12
C HIS J 75 -86.61 -6.68 16.22
N ILE J 76 -86.30 -7.90 16.66
CA ILE J 76 -86.45 -9.10 15.87
C ILE J 76 -87.27 -10.12 16.64
N ILE J 77 -88.13 -10.85 15.94
CA ILE J 77 -88.87 -11.97 16.50
C ILE J 77 -88.13 -13.26 16.24
N ALA J 78 -88.26 -14.21 17.17
CA ALA J 78 -87.50 -15.45 17.14
C ALA J 78 -88.25 -16.60 16.48
N ARG J 79 -89.44 -16.94 16.97
CA ARG J 79 -90.23 -18.05 16.46
C ARG J 79 -91.53 -17.48 15.88
N PRO J 80 -91.49 -16.99 14.65
CA PRO J 80 -92.71 -16.43 14.04
C PRO J 80 -93.78 -17.50 13.87
N HIS J 81 -95.03 -17.09 14.03
CA HIS J 81 -96.14 -17.98 13.76
C HIS J 81 -96.23 -18.29 12.27
N ARG J 82 -96.75 -19.47 11.95
CA ARG J 82 -96.89 -19.85 10.54
C ARG J 82 -97.77 -18.85 9.81
N GLU J 83 -98.70 -18.22 10.53
CA GLU J 83 -99.67 -17.31 9.91
C GLU J 83 -99.05 -16.12 9.22
N VAL J 84 -97.74 -15.92 9.34
CA VAL J 84 -97.08 -14.79 8.67
C VAL J 84 -96.72 -15.21 7.24
N GLU J 85 -97.25 -16.35 6.80
CA GLU J 85 -97.00 -16.79 5.43
C GLU J 85 -97.32 -15.75 4.37
N PRO J 86 -98.41 -14.99 4.45
CA PRO J 86 -98.63 -13.93 3.46
C PRO J 86 -97.51 -12.90 3.40
N ALA J 87 -96.73 -12.73 4.46
CA ALA J 87 -95.58 -11.85 4.39
C ALA J 87 -94.54 -12.33 3.39
N LEU J 88 -94.58 -13.61 3.01
CA LEU J 88 -93.72 -14.11 1.94
C LEU J 88 -94.16 -13.55 0.59
N GLY K 2 -62.89 -4.66 -11.33
CA GLY K 2 -63.14 -5.30 -10.05
C GLY K 2 -64.52 -5.91 -9.96
N ILE K 3 -65.07 -5.95 -8.74
CA ILE K 3 -66.43 -6.41 -8.49
C ILE K 3 -67.18 -5.43 -7.59
N ALA K 4 -66.59 -4.27 -7.35
CA ALA K 4 -67.17 -3.32 -6.40
C ALA K 4 -68.44 -2.68 -6.95
N LEU K 5 -69.38 -2.42 -6.05
CA LEU K 5 -70.61 -1.71 -6.36
C LEU K 5 -70.66 -0.44 -5.53
N GLY K 6 -70.67 0.71 -6.21
CA GLY K 6 -70.80 1.99 -5.55
C GLY K 6 -72.23 2.48 -5.66
N MET K 7 -72.65 3.22 -4.65
CA MET K 7 -74.05 3.64 -4.54
C MET K 7 -74.11 5.14 -4.31
N ILE K 8 -75.14 5.78 -4.86
CA ILE K 8 -75.40 7.19 -4.65
C ILE K 8 -76.89 7.35 -4.34
N GLU K 9 -77.21 8.19 -3.36
CA GLU K 9 -78.60 8.52 -3.03
C GLU K 9 -78.81 10.03 -3.06
N THR K 10 -79.93 10.48 -3.63
CA THR K 10 -80.27 11.89 -3.66
C THR K 10 -81.76 12.10 -3.48
N ARG K 11 -82.09 13.34 -3.10
CA ARG K 11 -83.44 13.87 -3.01
C ARG K 11 -83.87 14.25 -4.43
N GLY K 12 -84.39 13.30 -5.17
CA GLY K 12 -84.72 13.51 -6.55
C GLY K 12 -83.74 12.82 -7.49
N LEU K 13 -84.14 12.68 -8.74
CA LEU K 13 -83.39 11.85 -9.68
C LEU K 13 -82.38 12.63 -10.52
N VAL K 14 -82.61 13.92 -10.77
CA VAL K 14 -81.66 14.70 -11.57
C VAL K 14 -80.31 14.80 -10.87
N PRO K 15 -80.22 15.16 -9.58
CA PRO K 15 -78.93 15.04 -8.90
C PRO K 15 -78.39 13.63 -8.92
N ALA K 16 -79.25 12.62 -8.78
CA ALA K 16 -78.79 11.24 -8.76
C ALA K 16 -78.11 10.87 -10.07
N ILE K 17 -78.70 11.27 -11.20
CA ILE K 17 -78.17 10.84 -12.47
C ILE K 17 -77.07 11.75 -12.96
N GLU K 18 -77.00 13.00 -12.48
CA GLU K 18 -75.81 13.78 -12.75
C GLU K 18 -74.64 13.22 -11.95
N ALA K 19 -74.92 12.73 -10.74
CA ALA K 19 -73.92 11.98 -9.98
C ALA K 19 -73.52 10.70 -10.71
N ALA K 20 -74.48 10.03 -11.34
CA ALA K 20 -74.17 8.85 -12.14
C ALA K 20 -73.31 9.20 -13.34
N ASP K 21 -73.56 10.35 -13.95
CA ASP K 21 -72.69 10.84 -15.01
C ASP K 21 -71.28 11.06 -14.48
N ALA K 22 -71.16 11.68 -13.30
CA ALA K 22 -69.86 11.83 -12.68
C ALA K 22 -69.22 10.48 -12.41
N MET K 23 -70.03 9.50 -12.01
CA MET K 23 -69.54 8.14 -11.80
C MET K 23 -68.89 7.62 -13.07
N THR K 24 -69.69 7.51 -14.13
CA THR K 24 -69.25 6.85 -15.36
C THR K 24 -68.28 7.71 -16.16
N LYS K 25 -68.10 8.97 -15.79
CA LYS K 25 -67.24 9.87 -16.52
C LYS K 25 -65.94 10.14 -15.79
N ALA K 26 -65.88 9.89 -14.49
CA ALA K 26 -64.66 10.05 -13.71
C ALA K 26 -63.74 8.84 -13.85
N ALA K 27 -64.25 7.65 -13.59
CA ALA K 27 -63.44 6.43 -13.57
C ALA K 27 -64.10 5.37 -14.43
N GLU K 28 -63.36 4.28 -14.65
CA GLU K 28 -63.84 3.14 -15.45
C GLU K 28 -64.78 2.29 -14.61
N VAL K 29 -65.99 2.81 -14.43
CA VAL K 29 -67.05 2.14 -13.69
C VAL K 29 -68.33 2.22 -14.50
N ARG K 30 -69.05 1.12 -14.57
CA ARG K 30 -70.29 1.03 -15.33
C ARG K 30 -71.48 0.94 -14.36
N LEU K 31 -72.45 1.83 -14.51
CA LEU K 31 -73.59 1.79 -13.62
C LEU K 31 -74.55 0.70 -14.06
N ILE K 32 -75.04 -0.08 -13.09
CA ILE K 32 -75.98 -1.15 -13.39
C ILE K 32 -77.42 -0.73 -13.14
N GLY K 33 -77.65 0.31 -12.35
CA GLY K 33 -79.06 0.63 -12.10
C GLY K 33 -79.39 2.02 -11.61
N ARG K 34 -80.61 2.45 -11.93
CA ARG K 34 -81.25 3.59 -11.31
C ARG K 34 -82.56 3.11 -10.68
N GLU K 35 -82.82 3.51 -9.45
CA GLU K 35 -84.02 3.06 -8.75
C GLU K 35 -84.67 4.23 -8.04
N PHE K 36 -85.97 4.40 -8.28
CA PHE K 36 -86.78 5.38 -7.57
C PHE K 36 -87.33 4.70 -6.33
N VAL K 37 -86.79 5.06 -5.17
CA VAL K 37 -87.21 4.42 -3.92
C VAL K 37 -88.67 4.71 -3.64
N GLY K 38 -89.09 5.96 -3.83
CA GLY K 38 -90.43 6.36 -3.45
C GLY K 38 -90.37 7.53 -2.49
N GLY K 39 -91.25 8.52 -2.67
CA GLY K 39 -91.16 9.72 -1.88
C GLY K 39 -90.04 10.64 -2.27
N GLY K 40 -89.44 10.44 -3.44
CA GLY K 40 -88.38 11.27 -3.95
C GLY K 40 -86.99 10.68 -3.84
N TYR K 41 -86.79 9.71 -2.95
CA TYR K 41 -85.48 9.11 -2.82
C TYR K 41 -85.09 8.40 -4.11
N VAL K 42 -83.94 8.75 -4.67
CA VAL K 42 -83.46 8.12 -5.90
C VAL K 42 -82.05 7.62 -5.67
N THR K 43 -81.79 6.36 -6.03
CA THR K 43 -80.47 5.77 -5.91
C THR K 43 -79.94 5.36 -7.27
N VAL K 44 -78.62 5.40 -7.41
CA VAL K 44 -77.94 4.88 -8.59
C VAL K 44 -76.84 3.93 -8.13
N LEU K 45 -76.71 2.82 -8.85
CA LEU K 45 -75.81 1.72 -8.51
C LEU K 45 -74.85 1.55 -9.67
N VAL K 46 -73.56 1.81 -9.40
CA VAL K 46 -72.49 1.69 -10.38
C VAL K 46 -71.64 0.48 -10.02
N ARG K 47 -71.02 -0.11 -11.04
CA ARG K 47 -70.24 -1.33 -10.89
C ARG K 47 -68.88 -1.14 -11.54
N GLY K 48 -67.82 -1.57 -10.84
CA GLY K 48 -66.50 -1.49 -11.41
C GLY K 48 -65.42 -1.77 -10.37
N GLU K 49 -64.20 -1.38 -10.72
CA GLU K 49 -63.04 -1.62 -9.86
C GLU K 49 -63.14 -0.80 -8.57
N THR K 50 -62.67 -1.39 -7.48
CA THR K 50 -62.87 -0.79 -6.16
C THR K 50 -62.21 0.58 -6.05
N GLY K 51 -60.99 0.73 -6.52
CA GLY K 51 -60.36 2.04 -6.54
C GLY K 51 -61.08 2.99 -7.48
N ALA K 52 -61.44 2.49 -8.67
CA ALA K 52 -62.22 3.29 -9.60
C ALA K 52 -63.55 3.68 -8.99
N VAL K 53 -64.21 2.73 -8.32
CA VAL K 53 -65.49 3.03 -7.69
C VAL K 53 -65.34 4.11 -6.63
N ASN K 54 -64.30 3.99 -5.80
CA ASN K 54 -64.09 4.97 -4.74
C ASN K 54 -63.82 6.34 -5.32
N ALA K 55 -62.95 6.43 -6.32
CA ALA K 55 -62.66 7.73 -6.92
C ALA K 55 -63.89 8.32 -7.57
N ALA K 56 -64.68 7.50 -8.27
CA ALA K 56 -65.88 7.99 -8.92
C ALA K 56 -66.87 8.52 -7.90
N VAL K 57 -67.08 7.77 -6.81
CA VAL K 57 -68.00 8.19 -5.77
C VAL K 57 -67.54 9.49 -5.14
N ARG K 58 -66.23 9.60 -4.87
CA ARG K 58 -65.68 10.84 -4.36
C ARG K 58 -66.03 12.01 -5.29
N ALA K 59 -65.78 11.82 -6.59
CA ALA K 59 -66.05 12.89 -7.55
C ALA K 59 -67.52 13.27 -7.55
N GLY K 60 -68.41 12.28 -7.60
CA GLY K 60 -69.82 12.58 -7.68
C GLY K 60 -70.34 13.29 -6.44
N ALA K 61 -69.96 12.78 -5.26
CA ALA K 61 -70.38 13.41 -4.02
C ALA K 61 -69.87 14.84 -3.93
N ASP K 62 -68.60 15.06 -4.28
CA ASP K 62 -68.06 16.41 -4.27
C ASP K 62 -68.68 17.30 -5.32
N ALA K 63 -69.28 16.72 -6.36
CA ALA K 63 -69.92 17.50 -7.41
C ALA K 63 -71.35 17.90 -7.03
N CYS K 64 -72.07 17.04 -6.32
CA CYS K 64 -73.52 17.11 -6.27
C CYS K 64 -74.08 17.56 -4.93
N GLU K 65 -73.33 18.31 -4.11
CA GLU K 65 -73.91 18.83 -2.87
C GLU K 65 -75.05 19.81 -3.13
N ARG K 66 -74.88 20.72 -4.09
CA ARG K 66 -75.88 21.75 -4.34
C ARG K 66 -76.88 21.36 -5.41
N VAL K 67 -76.54 20.39 -6.26
CA VAL K 67 -77.43 19.99 -7.35
C VAL K 67 -78.73 19.45 -6.78
N GLY K 68 -79.84 19.91 -7.34
CA GLY K 68 -81.14 19.56 -6.80
C GLY K 68 -81.26 20.04 -5.38
N ASP K 69 -81.93 19.25 -4.55
CA ASP K 69 -82.01 19.54 -3.12
C ASP K 69 -80.81 18.97 -2.37
N GLY K 70 -80.01 18.10 -3.00
CA GLY K 70 -78.79 17.61 -2.40
C GLY K 70 -78.75 16.10 -2.24
N LEU K 71 -77.60 15.65 -1.71
CA LEU K 71 -77.31 14.23 -1.55
C LEU K 71 -77.90 13.70 -0.25
N VAL K 72 -77.95 12.37 -0.18
CA VAL K 72 -78.39 11.65 1.02
C VAL K 72 -77.36 10.62 1.44
N ALA K 73 -77.02 9.69 0.55
CA ALA K 73 -76.14 8.59 0.91
C ALA K 73 -75.34 8.15 -0.30
N ALA K 74 -74.06 7.88 -0.08
CA ALA K 74 -73.16 7.53 -1.17
C ALA K 74 -72.08 6.53 -0.81
N HIS K 75 -72.36 5.57 0.07
CA HIS K 75 -71.27 4.71 0.50
C HIS K 75 -71.22 3.43 -0.33
N ILE K 76 -70.09 2.74 -0.23
CA ILE K 76 -69.71 1.67 -1.13
C ILE K 76 -69.38 0.43 -0.32
N ILE K 77 -69.57 -0.73 -0.93
CA ILE K 77 -68.96 -1.98 -0.46
C ILE K 77 -68.09 -2.50 -1.58
N ALA K 78 -66.84 -2.83 -1.26
CA ALA K 78 -65.94 -3.32 -2.31
C ALA K 78 -66.31 -4.74 -2.73
N ARG K 79 -66.88 -5.53 -1.82
CA ARG K 79 -67.34 -6.89 -2.11
C ARG K 79 -68.76 -7.09 -1.61
N PRO K 80 -69.74 -6.56 -2.34
CA PRO K 80 -71.13 -6.95 -2.07
C PRO K 80 -71.31 -8.44 -2.34
N HIS K 81 -72.13 -9.09 -1.52
CA HIS K 81 -72.33 -10.53 -1.65
C HIS K 81 -73.07 -10.85 -2.93
N ARG K 82 -72.81 -12.07 -3.44
CA ARG K 82 -73.65 -12.62 -4.50
C ARG K 82 -75.11 -12.65 -4.08
N GLU K 83 -75.38 -12.85 -2.80
CA GLU K 83 -76.73 -12.80 -2.27
C GLU K 83 -77.37 -11.42 -2.44
N VAL K 84 -76.56 -10.37 -2.56
CA VAL K 84 -77.10 -9.05 -2.85
C VAL K 84 -77.50 -8.91 -4.32
N GLU K 85 -76.95 -9.75 -5.20
CA GLU K 85 -77.30 -9.70 -6.61
C GLU K 85 -78.80 -9.80 -6.88
N PRO K 86 -79.57 -10.66 -6.22
CA PRO K 86 -81.03 -10.59 -6.41
C PRO K 86 -81.61 -9.24 -6.09
N ALA K 87 -81.02 -8.50 -5.15
CA ALA K 87 -81.41 -7.12 -4.89
C ALA K 87 -80.81 -6.15 -5.89
N LEU K 88 -80.12 -6.63 -6.91
CA LEU K 88 -79.48 -5.78 -7.89
C LEU K 88 -80.15 -5.91 -9.24
N GLY L 2 -77.21 15.85 -31.97
CA GLY L 2 -77.25 16.43 -30.63
C GLY L 2 -77.48 15.39 -29.57
N ILE L 3 -76.63 15.39 -28.54
CA ILE L 3 -76.76 14.45 -27.44
C ILE L 3 -76.89 15.16 -26.10
N ALA L 4 -77.17 16.46 -26.14
CA ALA L 4 -77.31 17.23 -24.90
C ALA L 4 -78.66 16.96 -24.24
N LEU L 5 -78.63 16.77 -22.93
CA LEU L 5 -79.81 16.44 -22.14
C LEU L 5 -80.19 17.61 -21.24
N GLY L 6 -81.47 17.98 -21.29
CA GLY L 6 -82.00 19.03 -20.43
C GLY L 6 -83.01 18.43 -19.47
N MET L 7 -82.97 18.87 -18.22
CA MET L 7 -83.73 18.23 -17.16
C MET L 7 -84.38 19.26 -16.25
N ILE L 8 -85.61 18.99 -15.85
CA ILE L 8 -86.31 19.82 -14.87
C ILE L 8 -87.07 18.93 -13.89
N GLU L 9 -86.92 19.21 -12.60
CA GLU L 9 -87.75 18.63 -11.55
C GLU L 9 -88.68 19.68 -10.97
N THR L 10 -89.88 19.24 -10.59
CA THR L 10 -90.84 20.14 -10.01
C THR L 10 -91.84 19.35 -9.17
N ARG L 11 -92.71 20.08 -8.48
CA ARG L 11 -93.74 19.47 -7.65
C ARG L 11 -95.09 19.68 -8.34
N GLY L 12 -95.53 18.68 -9.09
CA GLY L 12 -96.79 18.74 -9.82
C GLY L 12 -96.59 18.54 -11.32
N LEU L 13 -97.71 18.56 -12.03
CA LEU L 13 -97.70 18.36 -13.46
C LEU L 13 -97.94 19.62 -14.28
N VAL L 14 -98.80 20.54 -13.84
CA VAL L 14 -98.86 21.85 -14.49
C VAL L 14 -97.47 22.45 -14.64
N PRO L 15 -96.65 22.53 -13.58
CA PRO L 15 -95.27 22.99 -13.81
C PRO L 15 -94.54 22.15 -14.81
N ALA L 16 -94.68 20.83 -14.72
CA ALA L 16 -93.95 19.94 -15.62
C ALA L 16 -94.41 20.12 -17.07
N ILE L 17 -95.72 20.10 -17.30
CA ILE L 17 -96.22 20.15 -18.67
C ILE L 17 -95.96 21.53 -19.28
N GLU L 18 -96.14 22.59 -18.51
CA GLU L 18 -95.89 23.92 -19.04
C GLU L 18 -94.40 24.13 -19.30
N ALA L 19 -93.56 23.61 -18.40
CA ALA L 19 -92.12 23.69 -18.62
C ALA L 19 -91.72 22.93 -19.88
N ALA L 20 -92.33 21.76 -20.11
CA ALA L 20 -92.04 21.01 -21.33
C ALA L 20 -92.52 21.75 -22.58
N ASP L 21 -93.67 22.42 -22.47
CA ASP L 21 -94.16 23.19 -23.60
C ASP L 21 -93.18 24.31 -23.94
N ALA L 22 -92.66 24.99 -22.93
CA ALA L 22 -91.62 25.99 -23.17
C ALA L 22 -90.36 25.34 -23.73
N MET L 23 -90.02 24.16 -23.18
CA MET L 23 -88.87 23.37 -23.63
C MET L 23 -88.88 23.21 -25.14
N THR L 24 -90.01 22.73 -25.66
CA THR L 24 -90.12 22.44 -27.08
C THR L 24 -90.43 23.67 -27.92
N LYS L 25 -91.04 24.71 -27.35
CA LYS L 25 -91.35 25.90 -28.13
C LYS L 25 -90.11 26.76 -28.36
N ALA L 26 -89.23 26.85 -27.36
CA ALA L 26 -88.08 27.73 -27.46
C ALA L 26 -87.16 27.32 -28.60
N ALA L 27 -86.88 26.03 -28.74
CA ALA L 27 -85.99 25.55 -29.77
C ALA L 27 -86.31 24.09 -30.05
N GLU L 28 -85.59 23.51 -31.01
CA GLU L 28 -85.84 22.12 -31.39
C GLU L 28 -85.15 21.24 -30.37
N VAL L 29 -85.95 20.59 -29.52
CA VAL L 29 -85.49 19.59 -28.57
C VAL L 29 -86.55 18.49 -28.53
N ARG L 30 -86.09 17.25 -28.43
CA ARG L 30 -87.01 16.11 -28.37
C ARG L 30 -87.20 15.70 -26.92
N LEU L 31 -88.43 15.81 -26.44
CA LEU L 31 -88.76 15.28 -25.12
C LEU L 31 -88.59 13.76 -25.13
N ILE L 32 -87.85 13.26 -24.14
CA ILE L 32 -87.60 11.82 -24.07
C ILE L 32 -88.20 11.24 -22.80
N GLY L 33 -88.13 11.99 -21.70
CA GLY L 33 -88.58 11.46 -20.43
C GLY L 33 -89.62 12.30 -19.71
N ARG L 34 -90.72 11.66 -19.30
CA ARG L 34 -91.77 12.29 -18.51
C ARG L 34 -92.02 11.38 -17.31
N GLU L 35 -91.23 11.56 -16.25
CA GLU L 35 -91.14 10.56 -15.19
C GLU L 35 -91.71 11.10 -13.89
N PHE L 36 -92.60 10.32 -13.29
CA PHE L 36 -93.21 10.65 -12.00
C PHE L 36 -92.40 9.98 -10.91
N VAL L 37 -91.62 10.77 -10.16
CA VAL L 37 -90.77 10.21 -9.13
C VAL L 37 -91.59 9.59 -8.01
N GLY L 38 -92.66 10.24 -7.64
CA GLY L 38 -93.37 9.91 -6.42
C GLY L 38 -93.04 10.91 -5.32
N GLY L 39 -93.97 11.05 -4.38
CA GLY L 39 -93.82 12.07 -3.37
C GLY L 39 -93.99 13.48 -3.89
N GLY L 40 -94.64 13.63 -5.04
CA GLY L 40 -94.87 14.93 -5.63
C GLY L 40 -93.85 15.35 -6.67
N TYR L 41 -92.72 14.65 -6.78
CA TYR L 41 -91.68 15.03 -7.72
C TYR L 41 -91.98 14.49 -9.11
N VAL L 42 -91.93 15.39 -10.10
CA VAL L 42 -92.12 15.05 -11.49
C VAL L 42 -90.98 15.66 -12.28
N THR L 43 -90.46 14.92 -13.26
CA THR L 43 -89.30 15.38 -14.01
C THR L 43 -89.53 15.24 -15.50
N VAL L 44 -88.93 16.15 -16.24
CA VAL L 44 -88.95 16.18 -17.70
C VAL L 44 -87.52 16.18 -18.21
N LEU L 45 -87.25 15.35 -19.20
CA LEU L 45 -85.94 15.21 -19.82
C LEU L 45 -86.11 15.37 -21.33
N VAL L 46 -85.37 16.31 -21.91
CA VAL L 46 -85.42 16.58 -23.34
C VAL L 46 -84.02 16.38 -23.93
N ARG L 47 -83.99 16.12 -25.23
CA ARG L 47 -82.75 15.86 -25.95
C ARG L 47 -82.61 16.87 -27.08
N GLY L 48 -81.41 17.43 -27.21
CA GLY L 48 -81.12 18.36 -28.29
C GLY L 48 -79.68 18.79 -28.23
N GLU L 49 -79.29 19.62 -29.19
CA GLU L 49 -77.91 20.08 -29.23
C GLU L 49 -77.66 21.08 -28.10
N THR L 50 -76.38 21.45 -27.94
CA THR L 50 -75.94 22.18 -26.75
C THR L 50 -76.64 23.53 -26.65
N GLY L 51 -76.58 24.34 -27.70
CA GLY L 51 -77.21 25.66 -27.64
C GLY L 51 -78.72 25.56 -27.57
N ALA L 52 -79.31 24.60 -28.31
CA ALA L 52 -80.75 24.43 -28.27
C ALA L 52 -81.22 24.06 -26.87
N VAL L 53 -80.54 23.10 -26.23
CA VAL L 53 -80.91 22.72 -24.88
C VAL L 53 -80.69 23.89 -23.92
N ASN L 54 -79.60 24.61 -24.10
CA ASN L 54 -79.32 25.79 -23.28
C ASN L 54 -80.50 26.76 -23.29
N ALA L 55 -80.85 27.27 -24.47
CA ALA L 55 -81.90 28.28 -24.56
C ALA L 55 -83.25 27.70 -24.19
N ALA L 56 -83.50 26.45 -24.56
CA ALA L 56 -84.77 25.82 -24.26
C ALA L 56 -84.99 25.68 -22.77
N VAL L 57 -83.96 25.29 -22.02
CA VAL L 57 -84.12 25.16 -20.57
C VAL L 57 -84.20 26.53 -19.92
N ARG L 58 -83.51 27.53 -20.49
CA ARG L 58 -83.78 28.92 -20.11
C ARG L 58 -85.28 29.20 -20.15
N ALA L 59 -85.89 29.01 -21.32
CA ALA L 59 -87.30 29.32 -21.48
C ALA L 59 -88.16 28.47 -20.56
N GLY L 60 -87.81 27.20 -20.41
CA GLY L 60 -88.60 26.33 -19.57
C GLY L 60 -88.63 26.76 -18.12
N ALA L 61 -87.46 27.06 -17.56
CA ALA L 61 -87.43 27.56 -16.19
C ALA L 61 -88.18 28.88 -16.09
N ASP L 62 -87.98 29.77 -17.08
CA ASP L 62 -88.57 31.10 -17.01
C ASP L 62 -90.07 31.06 -17.24
N ALA L 63 -90.60 29.92 -17.70
CA ALA L 63 -92.04 29.77 -17.80
C ALA L 63 -92.60 29.02 -16.59
N CYS L 64 -91.79 28.17 -15.98
CA CYS L 64 -92.28 27.27 -14.94
C CYS L 64 -92.14 27.82 -13.52
N GLU L 65 -91.31 28.86 -13.32
CA GLU L 65 -90.92 29.23 -11.96
C GLU L 65 -92.13 29.49 -11.07
N ARG L 66 -93.23 29.98 -11.63
CA ARG L 66 -94.33 30.56 -10.86
C ARG L 66 -95.53 29.62 -10.81
N VAL L 67 -95.30 28.31 -10.69
CA VAL L 67 -96.38 27.32 -10.63
C VAL L 67 -96.17 26.44 -9.42
N GLY L 68 -97.22 26.28 -8.62
CA GLY L 68 -97.14 25.46 -7.41
C GLY L 68 -96.13 26.00 -6.43
N ASP L 69 -95.44 25.09 -5.75
CA ASP L 69 -94.32 25.49 -4.90
C ASP L 69 -93.09 25.88 -5.71
N GLY L 70 -93.11 25.65 -7.02
CA GLY L 70 -92.07 26.11 -7.91
C GLY L 70 -91.18 24.98 -8.40
N LEU L 71 -90.37 25.31 -9.40
CA LEU L 71 -89.36 24.42 -9.92
C LEU L 71 -88.35 24.09 -8.82
N VAL L 72 -87.98 22.82 -8.75
CA VAL L 72 -87.08 22.32 -7.71
C VAL L 72 -85.62 22.34 -8.19
N ALA L 73 -85.38 21.83 -9.39
CA ALA L 73 -84.03 21.75 -9.92
C ALA L 73 -84.04 21.95 -11.42
N ALA L 74 -83.20 22.86 -11.90
CA ALA L 74 -83.00 23.07 -13.32
C ALA L 74 -81.56 22.71 -13.64
N HIS L 75 -81.36 21.75 -14.55
CA HIS L 75 -80.03 21.23 -14.76
C HIS L 75 -79.94 20.62 -16.16
N ILE L 76 -78.78 20.80 -16.80
CA ILE L 76 -78.53 20.27 -18.14
C ILE L 76 -77.09 19.78 -18.22
N ILE L 77 -76.83 18.90 -19.19
CA ILE L 77 -75.48 18.43 -19.51
C ILE L 77 -75.28 18.57 -21.00
N ALA L 78 -74.14 19.12 -21.40
CA ALA L 78 -73.84 19.26 -22.83
C ALA L 78 -73.70 17.90 -23.51
N ARG L 79 -73.01 16.95 -22.87
CA ARG L 79 -73.05 15.60 -23.39
C ARG L 79 -72.82 14.57 -22.29
N PRO L 80 -73.84 13.79 -21.95
CA PRO L 80 -73.64 12.69 -21.01
C PRO L 80 -72.74 11.62 -21.61
N HIS L 81 -72.14 10.83 -20.72
CA HIS L 81 -71.20 9.80 -21.13
C HIS L 81 -71.88 8.78 -22.04
N ARG L 82 -71.05 8.01 -22.75
CA ARG L 82 -71.55 6.93 -23.59
C ARG L 82 -72.28 5.87 -22.78
N GLU L 83 -72.06 5.84 -21.47
CA GLU L 83 -72.54 4.72 -20.65
C GLU L 83 -73.75 5.11 -19.81
N VAL L 84 -74.30 6.31 -19.97
CA VAL L 84 -75.46 6.73 -19.18
C VAL L 84 -76.76 6.24 -19.80
N GLU L 85 -76.87 6.33 -21.12
CA GLU L 85 -78.17 6.10 -21.76
C GLU L 85 -78.70 4.67 -21.66
N PRO L 86 -77.90 3.61 -21.46
CA PRO L 86 -78.50 2.29 -21.22
C PRO L 86 -79.49 2.27 -20.06
N ALA L 87 -79.34 3.16 -19.08
CA ALA L 87 -80.33 3.33 -18.04
C ALA L 87 -81.09 4.64 -18.17
N LEU L 88 -81.36 5.09 -19.39
CA LEU L 88 -82.10 6.32 -19.62
C LEU L 88 -83.51 6.21 -19.05
N GLY M 2 -110.15 18.89 -30.39
CA GLY M 2 -109.85 19.85 -29.35
C GLY M 2 -108.39 19.85 -28.94
N ILE M 3 -107.56 20.49 -29.76
CA ILE M 3 -106.13 20.53 -29.49
C ILE M 3 -105.81 21.31 -28.22
N ALA M 4 -106.56 22.36 -27.91
CA ALA M 4 -106.34 23.14 -26.71
C ALA M 4 -106.42 22.24 -25.48
N LEU M 5 -105.44 22.38 -24.58
CA LEU M 5 -105.29 21.48 -23.45
C LEU M 5 -105.31 22.26 -22.15
N GLY M 6 -106.06 21.76 -21.17
CA GLY M 6 -105.97 22.25 -19.81
C GLY M 6 -105.80 21.07 -18.88
N MET M 7 -105.44 21.37 -17.63
CA MET M 7 -105.28 20.28 -16.68
C MET M 7 -105.35 20.84 -15.27
N ILE M 8 -106.01 20.08 -14.38
CA ILE M 8 -106.24 20.49 -13.00
C ILE M 8 -105.47 19.55 -12.09
N GLU M 9 -104.62 20.11 -11.24
CA GLU M 9 -103.81 19.31 -10.34
C GLU M 9 -104.00 19.77 -8.90
N THR M 10 -104.12 18.81 -8.01
CA THR M 10 -104.40 19.11 -6.62
C THR M 10 -103.81 18.02 -5.75
N ARG M 11 -104.03 18.15 -4.45
CA ARG M 11 -103.60 17.17 -3.46
C ARG M 11 -104.83 16.38 -3.03
N GLY M 12 -104.84 15.09 -3.31
CA GLY M 12 -106.04 14.30 -3.12
C GLY M 12 -107.04 14.55 -4.23
N LEU M 13 -107.91 13.57 -4.48
CA LEU M 13 -108.79 13.69 -5.63
C LEU M 13 -110.24 13.98 -5.27
N VAL M 14 -110.55 14.37 -4.04
CA VAL M 14 -111.81 15.07 -3.81
C VAL M 14 -111.88 16.32 -4.68
N PRO M 15 -110.95 17.29 -4.56
CA PRO M 15 -110.97 18.41 -5.51
C PRO M 15 -110.70 17.98 -6.93
N ALA M 16 -109.94 16.91 -7.16
CA ALA M 16 -109.64 16.52 -8.53
C ALA M 16 -110.90 16.05 -9.25
N ILE M 17 -111.67 15.15 -8.65
CA ILE M 17 -112.89 14.70 -9.30
C ILE M 17 -113.93 15.80 -9.30
N GLU M 18 -113.93 16.67 -8.28
CA GLU M 18 -114.85 17.79 -8.31
C GLU M 18 -114.54 18.71 -9.48
N ALA M 19 -113.26 19.01 -9.69
CA ALA M 19 -112.85 19.86 -10.79
C ALA M 19 -113.10 19.20 -12.13
N ALA M 20 -112.86 17.88 -12.22
CA ALA M 20 -113.13 17.17 -13.46
C ALA M 20 -114.62 17.13 -13.76
N ASP M 21 -115.45 16.96 -12.73
CA ASP M 21 -116.89 17.04 -12.89
C ASP M 21 -117.26 18.42 -13.43
N ALA M 22 -116.68 19.47 -12.87
CA ALA M 22 -116.94 20.81 -13.39
C ALA M 22 -116.42 20.95 -14.83
N MET M 23 -115.28 20.33 -15.13
CA MET M 23 -114.73 20.37 -16.48
C MET M 23 -115.77 19.86 -17.47
N THR M 24 -116.15 18.59 -17.31
CA THR M 24 -117.18 18.01 -18.17
C THR M 24 -118.50 18.74 -18.03
N LYS M 25 -118.68 19.46 -16.93
CA LYS M 25 -119.97 20.08 -16.64
C LYS M 25 -120.11 21.38 -17.40
N ALA M 26 -118.98 21.95 -17.80
CA ALA M 26 -118.92 23.32 -18.29
C ALA M 26 -119.06 23.42 -19.80
N ALA M 27 -118.58 22.43 -20.54
CA ALA M 27 -118.55 22.52 -21.99
C ALA M 27 -118.37 21.13 -22.59
N GLU M 28 -118.30 21.09 -23.92
CA GLU M 28 -118.13 19.85 -24.67
C GLU M 28 -116.63 19.50 -24.71
N VAL M 29 -116.08 19.28 -23.52
CA VAL M 29 -114.67 18.99 -23.36
C VAL M 29 -114.50 17.50 -23.10
N ARG M 30 -113.35 16.96 -23.47
CA ARG M 30 -113.05 15.54 -23.32
C ARG M 30 -111.98 15.36 -22.26
N LEU M 31 -112.29 14.57 -21.23
CA LEU M 31 -111.32 14.22 -20.20
C LEU M 31 -110.49 13.06 -20.71
N ILE M 32 -109.21 13.32 -21.02
CA ILE M 32 -108.38 12.33 -21.67
C ILE M 32 -107.57 11.48 -20.70
N GLY M 33 -107.40 11.92 -19.46
CA GLY M 33 -106.62 11.12 -18.53
C GLY M 33 -106.52 11.63 -17.11
N ARG M 34 -106.66 10.72 -16.15
CA ARG M 34 -106.43 11.01 -14.74
C ARG M 34 -105.17 10.28 -14.32
N GLU M 35 -104.25 11.01 -13.68
CA GLU M 35 -102.95 10.46 -13.32
C GLU M 35 -102.69 10.69 -11.84
N PHE M 36 -102.27 9.63 -11.16
CA PHE M 36 -101.83 9.71 -9.77
C PHE M 36 -100.35 10.08 -9.76
N VAL M 37 -100.04 11.30 -9.34
CA VAL M 37 -98.65 11.77 -9.35
C VAL M 37 -97.81 10.96 -8.38
N GLY M 38 -98.35 10.68 -7.20
CA GLY M 38 -97.58 10.08 -6.13
C GLY M 38 -97.33 11.15 -5.08
N GLY M 39 -97.39 10.76 -3.82
CA GLY M 39 -97.31 11.74 -2.76
C GLY M 39 -98.56 12.53 -2.52
N GLY M 40 -99.67 12.13 -3.14
CA GLY M 40 -100.95 12.77 -2.92
C GLY M 40 -101.44 13.66 -4.03
N TYR M 41 -100.57 14.07 -4.95
CA TYR M 41 -101.01 14.91 -6.06
C TYR M 41 -101.77 14.06 -7.09
N VAL M 42 -102.86 14.61 -7.59
CA VAL M 42 -103.68 14.00 -8.63
C VAL M 42 -103.90 15.02 -9.72
N THR M 43 -103.79 14.58 -10.98
CA THR M 43 -103.91 15.44 -12.14
C THR M 43 -105.00 14.92 -13.06
N VAL M 44 -105.79 15.84 -13.61
CA VAL M 44 -106.83 15.49 -14.58
C VAL M 44 -106.65 16.35 -15.82
N LEU M 45 -106.52 15.70 -16.98
CA LEU M 45 -106.30 16.35 -18.25
C LEU M 45 -107.64 16.59 -18.93
N VAL M 46 -107.71 17.66 -19.73
CA VAL M 46 -108.93 17.96 -20.48
C VAL M 46 -108.53 18.60 -21.81
N ARG M 47 -109.29 18.27 -22.85
CA ARG M 47 -109.02 18.76 -24.19
C ARG M 47 -110.26 19.45 -24.76
N GLY M 48 -110.02 20.42 -25.64
CA GLY M 48 -111.11 21.16 -26.25
C GLY M 48 -110.58 22.40 -26.93
N GLU M 49 -111.49 23.31 -27.24
CA GLU M 49 -111.11 24.58 -27.83
C GLU M 49 -110.80 25.59 -26.72
N THR M 50 -110.19 26.71 -27.14
CA THR M 50 -109.62 27.64 -26.16
C THR M 50 -110.68 28.21 -25.23
N GLY M 51 -111.82 28.67 -25.79
CA GLY M 51 -112.83 29.29 -24.95
C GLY M 51 -113.51 28.31 -24.02
N ALA M 52 -113.90 27.14 -24.55
CA ALA M 52 -114.54 26.13 -23.73
C ALA M 52 -113.60 25.64 -22.64
N VAL M 53 -112.34 25.40 -22.99
CA VAL M 53 -111.36 24.94 -22.01
C VAL M 53 -111.16 26.00 -20.94
N ASN M 54 -111.09 27.27 -21.35
CA ASN M 54 -110.91 28.36 -20.39
C ASN M 54 -112.07 28.42 -19.41
N ALA M 55 -113.30 28.38 -19.93
CA ALA M 55 -114.46 28.43 -19.06
C ALA M 55 -114.46 27.26 -18.09
N ALA M 56 -114.21 26.06 -18.62
CA ALA M 56 -114.22 24.86 -17.79
C ALA M 56 -113.17 24.96 -16.69
N VAL M 57 -111.94 25.32 -17.06
CA VAL M 57 -110.85 25.33 -16.10
C VAL M 57 -111.09 26.36 -15.01
N ARG M 58 -111.58 27.55 -15.38
CA ARG M 58 -111.82 28.56 -14.36
C ARG M 58 -112.94 28.15 -13.43
N ALA M 59 -114.03 27.62 -13.99
CA ALA M 59 -115.14 27.15 -13.16
C ALA M 59 -114.67 26.08 -12.19
N GLY M 60 -113.98 25.06 -12.69
CA GLY M 60 -113.54 23.98 -11.83
C GLY M 60 -112.53 24.44 -10.80
N ALA M 61 -111.61 25.31 -11.18
CA ALA M 61 -110.58 25.75 -10.25
C ALA M 61 -111.20 26.53 -9.09
N ASP M 62 -112.09 27.48 -9.38
CA ASP M 62 -112.67 28.26 -8.30
C ASP M 62 -113.67 27.43 -7.51
N ALA M 63 -114.27 26.41 -8.13
CA ALA M 63 -115.16 25.53 -7.39
C ALA M 63 -114.38 24.64 -6.43
N CYS M 64 -113.21 24.18 -6.84
CA CYS M 64 -112.45 23.21 -6.06
C CYS M 64 -111.46 23.87 -5.10
N GLU M 65 -111.22 25.17 -5.22
CA GLU M 65 -110.33 25.83 -4.27
C GLU M 65 -110.81 25.76 -2.83
N ARG M 66 -112.11 25.53 -2.61
CA ARG M 66 -112.69 25.58 -1.27
C ARG M 66 -113.14 24.22 -0.76
N VAL M 67 -112.91 23.15 -1.51
CA VAL M 67 -113.33 21.81 -1.11
C VAL M 67 -112.11 21.08 -0.56
N GLY M 68 -112.25 20.51 0.63
CA GLY M 68 -111.15 19.78 1.22
C GLY M 68 -109.91 20.63 1.34
N ASP M 69 -108.83 20.16 0.74
CA ASP M 69 -107.56 20.88 0.72
C ASP M 69 -107.32 21.65 -0.58
N GLY M 70 -108.17 21.48 -1.58
CA GLY M 70 -108.22 22.39 -2.71
C GLY M 70 -107.17 22.16 -3.78
N LEU M 71 -107.26 23.01 -4.80
CA LEU M 71 -106.35 23.01 -5.95
C LEU M 71 -104.92 23.25 -5.49
N VAL M 72 -103.97 23.02 -6.42
CA VAL M 72 -102.60 23.49 -6.25
C VAL M 72 -102.21 24.49 -7.32
N ALA M 73 -102.46 24.17 -8.58
CA ALA M 73 -102.25 25.11 -9.68
C ALA M 73 -103.06 24.66 -10.89
N ALA M 74 -103.31 25.59 -11.80
CA ALA M 74 -104.11 25.28 -12.99
C ALA M 74 -103.85 26.36 -14.04
N HIS M 75 -103.34 25.95 -15.20
CA HIS M 75 -103.20 26.85 -16.34
C HIS M 75 -103.51 26.09 -17.61
N ILE M 76 -103.46 26.80 -18.73
CA ILE M 76 -103.97 26.29 -20.00
C ILE M 76 -102.87 26.38 -21.05
N ILE M 77 -102.91 25.43 -21.99
CA ILE M 77 -102.02 25.43 -23.14
C ILE M 77 -102.86 25.63 -24.39
N ALA M 78 -102.61 26.73 -25.10
CA ALA M 78 -103.45 27.08 -26.24
C ALA M 78 -103.05 26.31 -27.49
N ARG M 79 -101.74 26.21 -27.76
CA ARG M 79 -101.21 25.55 -28.96
C ARG M 79 -100.22 24.50 -28.51
N PRO M 80 -100.71 23.37 -27.98
CA PRO M 80 -99.80 22.33 -27.49
C PRO M 80 -98.93 21.76 -28.61
N HIS M 81 -97.72 21.36 -28.24
CA HIS M 81 -96.75 20.88 -29.22
C HIS M 81 -97.14 19.50 -29.71
N ARG M 82 -96.48 19.06 -30.78
CA ARG M 82 -96.73 17.76 -31.38
C ARG M 82 -96.39 16.60 -30.45
N GLU M 83 -95.61 16.85 -29.41
CA GLU M 83 -95.24 15.88 -28.39
C GLU M 83 -96.35 15.56 -27.42
N VAL M 84 -97.56 16.07 -27.64
CA VAL M 84 -98.66 15.79 -26.72
C VAL M 84 -99.02 14.32 -26.73
N GLU M 85 -98.96 13.68 -27.90
CA GLU M 85 -99.24 12.25 -27.97
C GLU M 85 -98.25 11.44 -27.15
N PRO M 86 -96.93 11.67 -27.20
CA PRO M 86 -96.05 11.03 -26.20
C PRO M 86 -96.38 11.44 -24.77
N ALA M 87 -96.86 12.67 -24.57
CA ALA M 87 -97.18 13.14 -23.24
C ALA M 87 -98.41 12.47 -22.64
N LEU M 88 -99.20 11.76 -23.44
CA LEU M 88 -100.38 11.08 -22.94
C LEU M 88 -100.24 9.57 -23.10
N MET N 1 -13.14 -9.71 -15.92
CA MET N 1 -13.84 -8.70 -16.70
C MET N 1 -13.67 -7.33 -16.06
N GLY N 2 -13.33 -7.31 -14.77
CA GLY N 2 -13.13 -6.06 -14.08
C GLY N 2 -11.91 -5.32 -14.61
N ILE N 3 -12.02 -4.00 -14.65
CA ILE N 3 -10.92 -3.17 -15.14
C ILE N 3 -10.29 -2.33 -14.04
N ALA N 4 -11.01 -2.08 -12.94
CA ALA N 4 -10.48 -1.26 -11.87
C ALA N 4 -9.26 -1.89 -11.22
N LEU N 5 -8.29 -1.06 -10.87
CA LEU N 5 -7.07 -1.48 -10.18
C LEU N 5 -7.19 -1.24 -8.69
N GLY N 6 -6.92 -2.29 -7.91
CA GLY N 6 -6.74 -2.14 -6.49
C GLY N 6 -5.36 -2.66 -6.13
N MET N 7 -4.56 -1.85 -5.46
CA MET N 7 -3.16 -2.27 -5.38
C MET N 7 -2.47 -1.62 -4.19
N ILE N 8 -1.50 -2.34 -3.66
CA ILE N 8 -0.94 -2.08 -2.34
C ILE N 8 0.58 -2.00 -2.41
N GLU N 9 1.13 -0.99 -1.75
CA GLU N 9 2.56 -0.81 -1.51
C GLU N 9 2.89 -1.26 -0.10
N THR N 10 3.94 -2.06 0.06
CA THR N 10 4.39 -2.50 1.37
C THR N 10 5.91 -2.57 1.41
N ARG N 11 6.47 -2.16 2.54
CA ARG N 11 7.89 -2.35 2.81
C ARG N 11 8.04 -3.72 3.47
N GLY N 12 8.45 -4.69 2.67
CA GLY N 12 8.51 -6.05 3.13
C GLY N 12 7.46 -6.90 2.45
N LEU N 13 7.82 -8.15 2.14
CA LEU N 13 6.92 -9.00 1.38
C LEU N 13 5.86 -9.64 2.29
N VAL N 14 6.07 -9.61 3.60
CA VAL N 14 5.07 -10.12 4.54
C VAL N 14 3.77 -9.34 4.39
N PRO N 15 3.77 -8.01 4.59
CA PRO N 15 2.51 -7.28 4.38
C PRO N 15 2.04 -7.35 2.95
N ALA N 16 2.94 -7.58 1.99
CA ALA N 16 2.53 -7.73 0.60
C ALA N 16 1.63 -8.95 0.43
N ILE N 17 2.09 -10.12 0.88
CA ILE N 17 1.26 -11.32 0.73
C ILE N 17 0.05 -11.25 1.65
N GLU N 18 0.18 -10.61 2.82
CA GLU N 18 -0.98 -10.47 3.69
C GLU N 18 -2.04 -9.63 2.99
N ALA N 19 -1.61 -8.55 2.33
CA ALA N 19 -2.55 -7.72 1.58
C ALA N 19 -3.18 -8.49 0.43
N ALA N 20 -2.38 -9.29 -0.27
CA ALA N 20 -2.93 -10.07 -1.39
C ALA N 20 -3.96 -11.08 -0.91
N ASP N 21 -3.67 -11.74 0.20
CA ASP N 21 -4.62 -12.70 0.75
C ASP N 21 -5.85 -11.99 1.30
N ALA N 22 -5.69 -10.78 1.83
CA ALA N 22 -6.84 -9.98 2.20
C ALA N 22 -7.65 -9.61 0.96
N MET N 23 -6.97 -9.35 -0.16
CA MET N 23 -7.67 -9.08 -1.41
C MET N 23 -8.56 -10.25 -1.78
N THR N 24 -7.99 -11.45 -1.79
CA THR N 24 -8.73 -12.62 -2.25
C THR N 24 -9.72 -13.13 -1.21
N LYS N 25 -9.57 -12.75 0.06
CA LYS N 25 -10.58 -13.12 1.05
C LYS N 25 -11.61 -12.02 1.24
N ALA N 26 -11.42 -10.85 0.65
CA ALA N 26 -12.36 -9.77 0.86
C ALA N 26 -13.45 -9.78 -0.21
N ALA N 27 -13.07 -9.63 -1.47
CA ALA N 27 -14.03 -9.55 -2.55
C ALA N 27 -13.49 -10.30 -3.76
N GLU N 28 -14.38 -10.58 -4.70
CA GLU N 28 -14.04 -11.41 -5.85
C GLU N 28 -13.17 -10.60 -6.81
N VAL N 29 -11.87 -10.63 -6.56
CA VAL N 29 -10.89 -10.01 -7.45
C VAL N 29 -9.73 -10.99 -7.64
N ARG N 30 -9.06 -10.85 -8.78
CA ARG N 30 -7.87 -11.63 -9.10
C ARG N 30 -6.67 -10.70 -9.13
N LEU N 31 -5.57 -11.12 -8.51
CA LEU N 31 -4.38 -10.27 -8.52
C LEU N 31 -3.73 -10.39 -9.87
N ILE N 32 -3.54 -9.26 -10.55
CA ILE N 32 -2.89 -9.31 -11.86
C ILE N 32 -1.37 -9.32 -11.70
N GLY N 33 -0.85 -8.93 -10.55
CA GLY N 33 0.60 -8.91 -10.41
C GLY N 33 1.16 -8.79 -9.02
N ARG N 34 2.40 -9.27 -8.85
CA ARG N 34 3.18 -9.11 -7.63
C ARG N 34 4.55 -8.63 -8.05
N GLU N 35 4.94 -7.44 -7.60
CA GLU N 35 6.15 -6.80 -8.12
C GLU N 35 7.08 -6.42 -6.99
N PHE N 36 8.36 -6.78 -7.14
CA PHE N 36 9.40 -6.35 -6.22
C PHE N 36 10.02 -5.07 -6.76
N VAL N 37 9.66 -3.94 -6.15
CA VAL N 37 10.16 -2.66 -6.62
C VAL N 37 11.65 -2.53 -6.33
N GLY N 38 12.08 -2.92 -5.14
CA GLY N 38 13.45 -2.75 -4.73
C GLY N 38 13.56 -2.06 -3.39
N GLY N 39 14.54 -2.46 -2.58
CA GLY N 39 14.68 -1.90 -1.26
C GLY N 39 13.52 -2.21 -0.33
N GLY N 40 12.95 -3.41 -0.44
CA GLY N 40 11.84 -3.80 0.39
C GLY N 40 10.48 -3.35 -0.12
N TYR N 41 10.44 -2.50 -1.14
CA TYR N 41 9.18 -2.01 -1.69
C TYR N 41 8.59 -3.10 -2.58
N VAL N 42 7.36 -3.52 -2.27
CA VAL N 42 6.68 -4.57 -3.00
C VAL N 42 5.23 -4.14 -3.21
N THR N 43 4.71 -4.37 -4.41
CA THR N 43 3.32 -4.07 -4.73
C THR N 43 2.54 -5.32 -5.09
N VAL N 44 1.25 -5.29 -4.76
CA VAL N 44 0.29 -6.27 -5.26
C VAL N 44 -0.77 -5.52 -6.06
N LEU N 45 -1.05 -6.01 -7.27
CA LEU N 45 -1.97 -5.41 -8.23
C LEU N 45 -3.11 -6.39 -8.48
N VAL N 46 -4.35 -5.96 -8.26
CA VAL N 46 -5.51 -6.80 -8.47
C VAL N 46 -6.50 -6.08 -9.37
N ARG N 47 -7.25 -6.87 -10.15
CA ARG N 47 -8.24 -6.36 -11.08
C ARG N 47 -9.63 -6.78 -10.61
N GLY N 48 -10.63 -5.99 -10.97
CA GLY N 48 -12.00 -6.32 -10.63
C GLY N 48 -12.91 -5.12 -10.84
N GLU N 49 -14.18 -5.34 -10.50
CA GLU N 49 -15.15 -4.27 -10.55
C GLU N 49 -14.92 -3.30 -9.39
N THR N 50 -15.48 -2.10 -9.52
CA THR N 50 -15.15 -1.01 -8.62
C THR N 50 -15.50 -1.34 -7.17
N GLY N 51 -16.69 -1.89 -6.94
CA GLY N 51 -17.11 -2.18 -5.58
C GLY N 51 -16.26 -3.26 -4.94
N ALA N 52 -16.02 -4.34 -5.68
CA ALA N 52 -15.19 -5.42 -5.16
C ALA N 52 -13.78 -4.94 -4.87
N VAL N 53 -13.22 -4.14 -5.78
CA VAL N 53 -11.87 -3.59 -5.57
C VAL N 53 -11.84 -2.72 -4.33
N ASN N 54 -12.86 -1.87 -4.15
CA ASN N 54 -12.88 -0.98 -2.99
C ASN N 54 -12.96 -1.78 -1.70
N ALA N 55 -13.83 -2.79 -1.66
CA ALA N 55 -13.92 -3.61 -0.44
C ALA N 55 -12.62 -4.35 -0.18
N ALA N 56 -12.01 -4.89 -1.24
CA ALA N 56 -10.77 -5.64 -1.07
C ALA N 56 -9.67 -4.76 -0.51
N VAL N 57 -9.48 -3.59 -1.10
CA VAL N 57 -8.42 -2.69 -0.62
C VAL N 57 -8.75 -2.21 0.78
N ARG N 58 -10.04 -2.06 1.10
CA ARG N 58 -10.42 -1.72 2.46
C ARG N 58 -9.91 -2.75 3.44
N ALA N 59 -10.19 -4.03 3.16
CA ALA N 59 -9.73 -5.10 4.04
C ALA N 59 -8.20 -5.14 4.10
N GLY N 60 -7.55 -4.98 2.96
CA GLY N 60 -6.09 -5.03 2.95
C GLY N 60 -5.47 -3.93 3.79
N ALA N 61 -6.00 -2.71 3.66
CA ALA N 61 -5.50 -1.60 4.48
C ALA N 61 -5.77 -1.86 5.95
N ASP N 62 -6.96 -2.36 6.28
CA ASP N 62 -7.28 -2.64 7.68
C ASP N 62 -6.40 -3.75 8.23
N ALA N 63 -5.81 -4.56 7.34
CA ALA N 63 -4.98 -5.68 7.79
C ALA N 63 -3.49 -5.35 7.85
N CYS N 64 -3.00 -4.43 7.01
CA CYS N 64 -1.56 -4.28 6.85
C CYS N 64 -0.98 -3.04 7.52
N GLU N 65 -1.71 -2.38 8.42
CA GLU N 65 -1.19 -1.14 9.01
C GLU N 65 0.01 -1.39 9.90
N ARG N 66 0.07 -2.55 10.56
CA ARG N 66 1.05 -2.81 11.61
C ARG N 66 2.00 -3.96 11.27
N VAL N 67 1.76 -4.69 10.20
CA VAL N 67 2.49 -5.91 9.91
C VAL N 67 3.81 -5.55 9.23
N GLY N 68 4.91 -6.06 9.78
CA GLY N 68 6.22 -5.76 9.23
C GLY N 68 6.58 -4.30 9.37
N ASP N 69 7.28 -3.78 8.36
CA ASP N 69 7.57 -2.36 8.32
C ASP N 69 6.29 -1.52 8.27
N GLY N 70 5.21 -2.05 7.74
CA GLY N 70 3.94 -1.38 7.71
C GLY N 70 3.50 -1.02 6.31
N LEU N 71 2.20 -0.76 6.18
CA LEU N 71 1.62 -0.36 4.92
C LEU N 71 2.17 1.00 4.50
N VAL N 72 2.29 1.19 3.19
CA VAL N 72 2.83 2.43 2.66
C VAL N 72 1.72 3.23 1.97
N ALA N 73 0.96 2.58 1.09
CA ALA N 73 -0.08 3.27 0.35
C ALA N 73 -1.08 2.27 -0.20
N ALA N 74 -2.32 2.74 -0.34
CA ALA N 74 -3.41 2.01 -0.98
C ALA N 74 -4.11 2.95 -1.96
N HIS N 75 -4.37 2.47 -3.17
CA HIS N 75 -4.95 3.36 -4.17
C HIS N 75 -5.84 2.54 -5.09
N ILE N 76 -6.89 3.19 -5.61
CA ILE N 76 -8.04 2.48 -6.16
C ILE N 76 -8.44 2.93 -7.56
N ILE N 77 -7.46 3.27 -8.41
CA ILE N 77 -7.77 3.65 -9.79
C ILE N 77 -8.81 2.72 -10.38
N ALA N 78 -9.90 3.29 -10.89
CA ALA N 78 -11.06 2.51 -11.31
C ALA N 78 -11.20 2.42 -12.82
N ARG N 79 -10.59 3.32 -13.58
CA ARG N 79 -10.66 3.22 -15.03
C ARG N 79 -9.38 3.76 -15.64
N PRO N 80 -8.33 2.94 -15.69
CA PRO N 80 -7.09 3.39 -16.33
C PRO N 80 -7.28 3.59 -17.82
N HIS N 81 -6.49 4.50 -18.38
CA HIS N 81 -6.49 4.70 -19.82
C HIS N 81 -6.01 3.43 -20.52
N ARG N 82 -6.45 3.29 -21.77
CA ARG N 82 -6.07 2.11 -22.56
C ARG N 82 -4.55 1.97 -22.63
N GLU N 83 -3.83 3.09 -22.56
CA GLU N 83 -2.37 3.07 -22.57
C GLU N 83 -1.79 2.69 -21.22
N VAL N 84 -2.60 2.66 -20.16
CA VAL N 84 -2.08 2.34 -18.84
C VAL N 84 -2.02 0.82 -18.62
N GLU N 85 -2.83 0.06 -19.36
CA GLU N 85 -2.72 -1.39 -19.27
C GLU N 85 -1.31 -1.90 -19.59
N PRO N 86 -0.61 -1.41 -20.61
CA PRO N 86 0.79 -1.81 -20.78
C PRO N 86 1.66 -1.47 -19.58
N ALA N 87 1.32 -0.39 -18.86
CA ALA N 87 2.09 -0.05 -17.66
C ALA N 87 1.94 -1.09 -16.57
N LEU N 88 0.82 -1.81 -16.53
CA LEU N 88 0.64 -2.89 -15.57
C LEU N 88 0.99 -4.25 -16.17
N GLY N 89 1.45 -4.29 -17.42
CA GLY N 89 2.06 -5.46 -17.97
C GLY N 89 1.29 -6.21 -19.04
N ASN N 90 0.32 -5.58 -19.71
CA ASN N 90 -0.40 -6.27 -20.77
C ASN N 90 -0.93 -5.33 -21.86
N GLY O 2 3.30 14.58 -30.08
CA GLY O 2 4.41 15.52 -30.19
C GLY O 2 5.76 14.88 -29.93
N ILE O 3 6.79 15.71 -29.84
CA ILE O 3 8.16 15.27 -29.58
C ILE O 3 8.57 15.55 -28.14
N ALA O 4 7.78 16.31 -27.40
CA ALA O 4 8.13 16.65 -26.04
C ALA O 4 8.02 15.45 -25.11
N LEU O 5 8.87 15.41 -24.10
CA LEU O 5 8.89 14.32 -23.13
C LEU O 5 8.54 14.87 -21.75
N GLY O 6 7.47 14.36 -21.17
CA GLY O 6 7.20 14.54 -19.76
C GLY O 6 7.65 13.28 -19.04
N MET O 7 8.04 13.42 -17.79
CA MET O 7 8.53 12.26 -17.06
C MET O 7 8.65 12.58 -15.59
N ILE O 8 8.20 11.64 -14.75
CA ILE O 8 7.95 11.88 -13.33
C ILE O 8 8.42 10.67 -12.53
N GLU O 9 9.02 10.92 -11.38
CA GLU O 9 9.56 9.85 -10.56
C GLU O 9 9.15 9.98 -9.10
N THR O 10 9.06 8.82 -8.44
CA THR O 10 8.62 8.78 -7.05
C THR O 10 9.08 7.49 -6.39
N ARG O 11 9.05 7.50 -5.05
CA ARG O 11 9.31 6.30 -4.26
C ARG O 11 8.17 5.31 -4.48
N GLY O 12 8.50 4.16 -5.06
CA GLY O 12 7.50 3.18 -5.39
C GLY O 12 6.77 3.55 -6.67
N LEU O 13 5.87 2.65 -7.09
CA LEU O 13 5.10 2.91 -8.29
C LEU O 13 3.63 3.20 -8.03
N VAL O 14 3.15 3.04 -6.80
CA VAL O 14 1.77 3.37 -6.49
C VAL O 14 1.58 4.84 -6.85
N PRO O 15 2.41 5.75 -6.33
CA PRO O 15 2.37 7.12 -6.87
C PRO O 15 2.69 7.19 -8.34
N ALA O 16 3.59 6.33 -8.83
CA ALA O 16 3.92 6.38 -10.25
C ALA O 16 2.74 5.96 -11.11
N ILE O 17 2.02 4.91 -10.71
CA ILE O 17 0.90 4.48 -11.54
C ILE O 17 -0.27 5.46 -11.44
N GLU O 18 -0.57 6.00 -10.25
CA GLU O 18 -1.62 6.99 -10.19
C GLU O 18 -1.21 8.26 -10.94
N ALA O 19 0.08 8.57 -10.95
CA ALA O 19 0.56 9.71 -11.72
C ALA O 19 0.47 9.44 -13.21
N ALA O 20 0.63 8.18 -13.63
CA ALA O 20 0.42 7.85 -15.03
C ALA O 20 -1.05 8.00 -15.41
N ASP O 21 -1.95 7.61 -14.51
CA ASP O 21 -3.36 7.88 -14.74
C ASP O 21 -3.61 9.37 -14.85
N ALA O 22 -2.95 10.16 -14.01
CA ALA O 22 -3.05 11.62 -14.13
C ALA O 22 -2.49 12.10 -15.46
N MET O 23 -1.40 11.50 -15.93
CA MET O 23 -0.84 11.81 -17.24
C MET O 23 -1.92 11.65 -18.30
N THR O 24 -2.57 10.49 -18.29
CA THR O 24 -3.53 10.18 -19.35
C THR O 24 -4.78 11.04 -19.25
N LYS O 25 -5.27 11.30 -18.04
CA LYS O 25 -6.44 12.15 -17.88
C LYS O 25 -6.12 13.63 -18.06
N ALA O 26 -4.84 13.98 -18.10
CA ALA O 26 -4.46 15.39 -18.11
C ALA O 26 -4.40 15.95 -19.52
N ALA O 27 -3.70 15.28 -20.42
CA ALA O 27 -3.49 15.80 -21.77
C ALA O 27 -3.16 14.65 -22.71
N GLU O 28 -3.24 14.94 -24.01
CA GLU O 28 -2.93 13.95 -25.04
C GLU O 28 -1.44 13.68 -24.96
N VAL O 29 -1.09 12.54 -24.38
CA VAL O 29 0.31 12.17 -24.18
C VAL O 29 0.43 10.67 -24.38
N ARG O 30 1.59 10.24 -24.88
CA ARG O 30 1.85 8.83 -25.19
C ARG O 30 2.86 8.28 -24.19
N LEU O 31 2.37 7.43 -23.28
CA LEU O 31 3.25 6.79 -22.29
C LEU O 31 4.17 5.80 -23.00
N ILE O 32 5.46 5.89 -22.72
CA ILE O 32 6.43 5.09 -23.45
C ILE O 32 7.40 4.36 -22.53
N GLY O 33 7.42 4.73 -21.25
CA GLY O 33 8.41 4.15 -20.35
C GLY O 33 7.97 3.97 -18.92
N ARG O 34 8.31 2.81 -18.34
CA ARG O 34 7.88 2.44 -16.99
C ARG O 34 9.08 1.77 -16.30
N GLU O 35 9.93 2.57 -15.69
CA GLU O 35 11.25 2.09 -15.33
C GLU O 35 11.42 2.06 -13.82
N PHE O 36 11.79 0.89 -13.30
CA PHE O 36 12.10 0.70 -11.88
C PHE O 36 13.59 1.01 -11.70
N VAL O 37 13.88 2.19 -11.16
CA VAL O 37 15.27 2.62 -11.03
C VAL O 37 16.02 1.72 -10.07
N GLY O 38 15.43 1.42 -8.92
CA GLY O 38 16.09 0.61 -7.93
C GLY O 38 16.03 1.20 -6.54
N GLY O 39 15.70 0.37 -5.55
CA GLY O 39 15.57 0.84 -4.19
C GLY O 39 14.30 1.60 -3.90
N GLY O 40 13.40 1.72 -4.87
CA GLY O 40 12.16 2.42 -4.71
C GLY O 40 11.89 3.50 -5.74
N TYR O 41 12.93 4.05 -6.36
CA TYR O 41 12.69 5.04 -7.40
C TYR O 41 12.01 4.38 -8.60
N VAL O 42 10.86 4.92 -8.98
CA VAL O 42 10.14 4.46 -10.16
C VAL O 42 9.80 5.69 -11.00
N THR O 43 10.03 5.59 -12.31
CA THR O 43 9.90 6.72 -13.21
C THR O 43 8.97 6.36 -14.35
N VAL O 44 8.16 7.33 -14.76
CA VAL O 44 7.26 7.22 -15.90
C VAL O 44 7.72 8.21 -16.97
N LEU O 45 7.85 7.70 -18.20
CA LEU O 45 8.29 8.46 -19.36
C LEU O 45 7.12 8.53 -20.34
N VAL O 46 6.69 9.74 -20.67
CA VAL O 46 5.53 9.93 -21.53
C VAL O 46 5.90 10.93 -22.62
N ARG O 47 5.34 10.73 -23.80
CA ARG O 47 5.61 11.57 -24.95
C ARG O 47 4.35 12.30 -25.38
N GLY O 48 4.51 13.57 -25.75
CA GLY O 48 3.38 14.37 -26.18
C GLY O 48 3.82 15.77 -26.53
N GLU O 49 2.83 16.59 -26.84
CA GLU O 49 3.08 17.98 -27.19
C GLU O 49 3.55 18.76 -25.97
N THR O 50 4.33 19.82 -26.22
CA THR O 50 4.98 20.57 -25.14
C THR O 50 3.97 21.09 -24.12
N GLY O 51 2.93 21.77 -24.59
CA GLY O 51 1.87 22.19 -23.67
C GLY O 51 1.11 21.02 -23.08
N ALA O 52 0.91 19.97 -23.89
CA ALA O 52 0.31 18.75 -23.35
C ALA O 52 1.19 18.14 -22.28
N VAL O 53 2.51 18.12 -22.52
CA VAL O 53 3.44 17.64 -21.51
C VAL O 53 3.34 18.48 -20.25
N ASN O 54 3.23 19.80 -20.41
CA ASN O 54 3.14 20.69 -19.27
C ASN O 54 1.90 20.39 -18.43
N ALA O 55 0.74 20.33 -19.09
CA ALA O 55 -0.49 20.02 -18.37
C ALA O 55 -0.40 18.66 -17.71
N ALA O 56 0.17 17.68 -18.41
CA ALA O 56 0.29 16.34 -17.87
C ALA O 56 1.12 16.32 -16.60
N VAL O 57 2.32 16.91 -16.65
CA VAL O 57 3.20 16.88 -15.50
C VAL O 57 2.60 17.68 -14.36
N ARG O 58 1.93 18.79 -14.66
CA ARG O 58 1.24 19.55 -13.62
C ARG O 58 0.23 18.68 -12.91
N ALA O 59 -0.63 17.98 -13.66
CA ALA O 59 -1.64 17.16 -13.03
C ALA O 59 -1.02 16.02 -12.24
N GLY O 60 0.02 15.39 -12.79
CA GLY O 60 0.63 14.26 -12.09
C GLY O 60 1.25 14.67 -10.78
N ALA O 61 2.03 15.75 -10.80
CA ALA O 61 2.58 16.26 -9.55
C ALA O 61 1.49 16.67 -8.59
N ASP O 62 0.46 17.38 -9.08
CA ASP O 62 -0.60 17.84 -8.20
C ASP O 62 -1.45 16.69 -7.68
N ALA O 63 -1.33 15.50 -8.25
CA ALA O 63 -2.02 14.34 -7.71
C ALA O 63 -1.10 13.36 -6.99
N CYS O 64 0.20 13.64 -6.95
CA CYS O 64 1.14 12.65 -6.43
C CYS O 64 1.52 12.83 -4.96
N GLU O 65 1.38 14.03 -4.39
CA GLU O 65 1.95 14.26 -3.06
C GLU O 65 1.27 13.41 -1.99
N ARG O 66 -0.01 13.08 -2.17
CA ARG O 66 -0.80 12.54 -1.09
C ARG O 66 -0.77 11.02 -1.02
N VAL O 67 -0.02 10.36 -1.91
CA VAL O 67 0.00 8.91 -1.99
C VAL O 67 1.40 8.41 -1.70
N GLY O 68 1.50 7.43 -0.80
CA GLY O 68 2.79 6.84 -0.48
C GLY O 68 3.79 7.87 -0.01
N ASP O 69 5.03 7.74 -0.49
CA ASP O 69 6.05 8.74 -0.22
C ASP O 69 5.93 9.95 -1.13
N GLY O 70 5.15 9.85 -2.21
CA GLY O 70 4.87 10.98 -3.05
C GLY O 70 5.95 11.28 -4.07
N LEU O 71 5.77 12.43 -4.72
CA LEU O 71 6.68 12.89 -5.75
C LEU O 71 8.10 13.02 -5.23
N VAL O 72 9.08 12.77 -6.11
CA VAL O 72 10.46 13.13 -5.85
C VAL O 72 11.02 14.04 -6.93
N ALA O 73 10.71 13.75 -8.19
CA ALA O 73 11.21 14.57 -9.30
C ALA O 73 10.18 14.52 -10.43
N ALA O 74 9.52 15.64 -10.65
CA ALA O 74 8.60 15.83 -11.77
C ALA O 74 9.25 16.81 -12.73
N HIS O 75 9.96 16.29 -13.72
CA HIS O 75 10.74 17.11 -14.62
C HIS O 75 9.95 17.35 -15.91
N ILE O 76 10.33 18.37 -16.66
CA ILE O 76 9.72 18.67 -17.95
C ILE O 76 10.82 19.00 -18.94
N ILE O 77 10.70 18.44 -20.15
CA ILE O 77 11.67 18.67 -21.21
C ILE O 77 10.92 18.70 -22.53
N ALA O 78 11.29 19.64 -23.41
CA ALA O 78 10.50 19.85 -24.61
C ALA O 78 11.12 19.20 -25.84
N ARG O 79 12.43 19.34 -26.03
CA ARG O 79 13.03 18.58 -27.14
C ARG O 79 14.35 17.95 -26.74
N PRO O 80 14.36 16.66 -26.44
CA PRO O 80 15.63 15.94 -26.33
C PRO O 80 16.26 15.79 -27.70
N HIS O 81 17.60 15.82 -27.72
CA HIS O 81 18.32 15.69 -28.98
C HIS O 81 18.11 14.30 -29.56
N ARG O 82 18.33 14.18 -30.87
CA ARG O 82 17.96 12.96 -31.57
C ARG O 82 18.78 11.76 -31.10
N GLU O 83 19.86 11.99 -30.37
CA GLU O 83 20.65 10.87 -29.87
C GLU O 83 20.23 10.43 -28.47
N VAL O 84 19.20 11.05 -27.89
CA VAL O 84 18.79 10.68 -26.55
C VAL O 84 17.73 9.59 -26.57
N GLU O 85 16.76 9.69 -27.47
CA GLU O 85 15.69 8.68 -27.52
C GLU O 85 16.18 7.29 -27.90
N PRO O 86 17.28 7.09 -28.64
CA PRO O 86 17.80 5.73 -28.79
C PRO O 86 18.15 5.08 -27.46
N ALA O 87 18.56 5.85 -26.47
CA ALA O 87 18.70 5.34 -25.11
C ALA O 87 17.37 5.26 -24.38
N LEU O 88 16.30 5.76 -24.98
CA LEU O 88 14.97 5.69 -24.39
C LEU O 88 14.06 4.79 -25.21
N GLY P 2 -0.04 -30.54 4.51
CA GLY P 2 -0.52 -29.24 4.94
C GLY P 2 -0.48 -28.19 3.85
N ILE P 3 -1.46 -27.29 3.86
CA ILE P 3 -1.55 -26.24 2.86
C ILE P 3 -1.47 -24.84 3.47
N ALA P 4 -1.63 -24.71 4.79
CA ALA P 4 -1.50 -23.41 5.43
C ALA P 4 -0.08 -22.87 5.25
N LEU P 5 0.03 -21.54 5.20
CA LEU P 5 1.30 -20.87 4.96
C LEU P 5 1.90 -20.35 6.26
N GLY P 6 3.19 -20.61 6.45
CA GLY P 6 4.00 -19.91 7.42
C GLY P 6 5.13 -19.22 6.67
N MET P 7 5.60 -18.09 7.21
CA MET P 7 6.62 -17.37 6.47
C MET P 7 7.32 -16.37 7.36
N ILE P 8 8.61 -16.14 7.07
CA ILE P 8 9.50 -15.34 7.90
C ILE P 8 10.18 -14.29 7.04
N GLU P 9 10.35 -13.09 7.60
CA GLU P 9 11.06 -12.01 6.94
C GLU P 9 12.14 -11.46 7.85
N THR P 10 13.30 -11.17 7.28
CA THR P 10 14.41 -10.61 8.03
C THR P 10 15.32 -9.83 7.08
N ARG P 11 16.38 -9.27 7.63
CA ARG P 11 17.41 -8.59 6.86
C ARG P 11 18.63 -9.49 6.79
N GLY P 12 19.09 -9.79 5.57
CA GLY P 12 20.13 -10.78 5.39
C GLY P 12 19.53 -12.17 5.48
N LEU P 13 19.92 -13.08 4.57
CA LEU P 13 19.23 -14.36 4.55
C LEU P 13 19.81 -15.32 5.58
N VAL P 14 20.81 -14.91 6.33
CA VAL P 14 21.40 -15.82 7.32
C VAL P 14 20.39 -16.09 8.43
N PRO P 15 19.82 -15.07 9.06
CA PRO P 15 18.70 -15.34 9.97
C PRO P 15 17.54 -16.03 9.27
N ALA P 16 17.29 -15.71 8.00
CA ALA P 16 16.19 -16.35 7.28
C ALA P 16 16.40 -17.85 7.17
N ILE P 17 17.59 -18.28 6.75
CA ILE P 17 17.84 -19.68 6.52
C ILE P 17 17.97 -20.44 7.84
N GLU P 18 18.53 -19.82 8.87
CA GLU P 18 18.56 -20.55 10.14
C GLU P 18 17.18 -20.59 10.78
N ALA P 19 16.33 -19.59 10.52
CA ALA P 19 14.94 -19.67 10.96
C ALA P 19 14.19 -20.72 10.16
N ALA P 20 14.54 -20.90 8.89
CA ALA P 20 13.97 -21.99 8.10
C ALA P 20 14.42 -23.34 8.65
N ASP P 21 15.67 -23.42 9.09
CA ASP P 21 16.13 -24.61 9.78
C ASP P 21 15.30 -24.85 11.03
N ALA P 22 15.00 -23.77 11.78
CA ALA P 22 14.10 -23.91 12.92
C ALA P 22 12.73 -24.38 12.49
N MET P 23 12.24 -23.88 11.36
CA MET P 23 10.97 -24.33 10.79
C MET P 23 10.97 -25.84 10.65
N THR P 24 11.99 -26.35 9.98
CA THR P 24 12.03 -27.75 9.59
C THR P 24 12.58 -28.67 10.66
N LYS P 25 13.06 -28.12 11.77
CA LYS P 25 13.38 -28.95 12.94
C LYS P 25 12.32 -28.86 14.02
N ALA P 26 11.38 -27.92 13.92
CA ALA P 26 10.39 -27.70 14.96
C ALA P 26 9.08 -28.42 14.68
N ALA P 27 8.61 -28.43 13.44
CA ALA P 27 7.33 -29.02 13.12
C ALA P 27 7.36 -29.55 11.69
N GLU P 28 6.46 -30.49 11.41
CA GLU P 28 6.45 -31.14 10.11
C GLU P 28 5.94 -30.18 9.04
N VAL P 29 6.84 -29.36 8.52
CA VAL P 29 6.52 -28.35 7.53
C VAL P 29 7.50 -28.46 6.38
N ARG P 30 6.99 -28.24 5.17
CA ARG P 30 7.81 -28.26 3.96
C ARG P 30 7.93 -26.84 3.44
N LEU P 31 9.17 -26.39 3.25
CA LEU P 31 9.42 -25.05 2.74
C LEU P 31 9.24 -25.03 1.23
N ILE P 32 8.60 -23.97 0.73
CA ILE P 32 8.41 -23.84 -0.71
C ILE P 32 9.35 -22.82 -1.33
N GLY P 33 9.76 -21.79 -0.60
CA GLY P 33 10.58 -20.79 -1.26
C GLY P 33 11.43 -19.88 -0.41
N ARG P 34 12.58 -19.47 -0.95
CA ARG P 34 13.40 -18.42 -0.37
C ARG P 34 13.46 -17.28 -1.38
N GLU P 35 13.12 -16.07 -0.96
CA GLU P 35 12.99 -14.96 -1.87
C GLU P 35 13.75 -13.75 -1.35
N PHE P 36 14.51 -13.12 -2.23
CA PHE P 36 15.22 -11.87 -1.94
C PHE P 36 14.27 -10.72 -2.25
N VAL P 37 13.65 -10.17 -1.21
CA VAL P 37 12.69 -9.09 -1.41
C VAL P 37 13.37 -7.87 -2.01
N GLY P 38 14.55 -7.51 -1.51
CA GLY P 38 15.24 -6.34 -1.99
C GLY P 38 15.72 -5.46 -0.86
N GLY P 39 16.86 -4.81 -1.04
CA GLY P 39 17.43 -3.98 0.01
C GLY P 39 17.80 -4.77 1.25
N GLY P 40 18.27 -5.99 1.09
CA GLY P 40 18.62 -6.84 2.20
C GLY P 40 17.46 -7.61 2.79
N TYR P 41 16.24 -7.38 2.31
CA TYR P 41 15.08 -8.07 2.84
C TYR P 41 14.95 -9.47 2.23
N VAL P 42 14.89 -10.48 3.09
CA VAL P 42 14.81 -11.87 2.67
C VAL P 42 13.65 -12.53 3.39
N THR P 43 12.87 -13.32 2.65
CA THR P 43 11.74 -14.05 3.20
C THR P 43 11.82 -15.53 2.87
N VAL P 44 11.21 -16.34 3.72
CA VAL P 44 11.09 -17.78 3.53
C VAL P 44 9.63 -18.17 3.67
N LEU P 45 9.18 -19.06 2.79
CA LEU P 45 7.77 -19.44 2.65
C LEU P 45 7.67 -20.95 2.77
N VAL P 46 6.80 -21.41 3.68
CA VAL P 46 6.67 -22.83 4.00
C VAL P 46 5.19 -23.23 4.05
N ARG P 47 4.93 -24.46 3.62
CA ARG P 47 3.65 -25.14 3.78
C ARG P 47 3.55 -25.74 5.18
N GLY P 48 2.33 -26.10 5.56
CA GLY P 48 2.13 -26.91 6.74
C GLY P 48 0.72 -26.75 7.26
N GLU P 49 0.35 -27.66 8.15
CA GLU P 49 -0.89 -27.50 8.88
C GLU P 49 -0.70 -26.45 9.98
N THR P 50 -1.79 -25.73 10.29
CA THR P 50 -1.67 -24.49 11.04
C THR P 50 -1.07 -24.71 12.43
N GLY P 51 -1.29 -25.88 13.05
CA GLY P 51 -0.61 -26.15 14.29
C GLY P 51 0.90 -26.24 14.11
N ALA P 52 1.32 -27.05 13.15
CA ALA P 52 2.73 -27.13 12.80
C ALA P 52 3.24 -25.79 12.31
N VAL P 53 2.44 -25.08 11.53
CA VAL P 53 2.83 -23.76 11.05
C VAL P 53 3.14 -22.83 12.21
N ASN P 54 2.23 -22.76 13.18
CA ASN P 54 2.44 -21.89 14.32
C ASN P 54 3.66 -22.30 15.13
N ALA P 55 3.79 -23.60 15.40
CA ALA P 55 4.92 -24.07 16.19
C ALA P 55 6.24 -23.73 15.51
N ALA P 56 6.36 -24.08 14.22
CA ALA P 56 7.60 -23.82 13.49
C ALA P 56 7.87 -22.33 13.37
N VAL P 57 6.86 -21.53 13.05
CA VAL P 57 7.07 -20.10 12.82
C VAL P 57 7.51 -19.44 14.12
N ARG P 58 6.91 -19.80 15.25
CA ARG P 58 7.33 -19.24 16.51
C ARG P 58 8.75 -19.70 16.86
N ALA P 59 9.08 -20.96 16.55
CA ALA P 59 10.44 -21.43 16.81
C ALA P 59 11.47 -20.64 16.02
N GLY P 60 11.19 -20.40 14.74
CA GLY P 60 12.12 -19.61 13.94
C GLY P 60 12.21 -18.19 14.42
N ALA P 61 11.08 -17.58 14.76
CA ALA P 61 11.10 -16.21 15.27
C ALA P 61 11.92 -16.12 16.55
N ASP P 62 11.78 -17.12 17.43
CA ASP P 62 12.49 -17.07 18.71
C ASP P 62 13.96 -17.41 18.55
N ALA P 63 14.32 -18.17 17.52
CA ALA P 63 15.71 -18.51 17.27
C ALA P 63 16.36 -17.59 16.25
N CYS P 64 15.65 -16.55 15.79
CA CYS P 64 16.10 -15.77 14.65
C CYS P 64 16.46 -14.32 14.99
N GLU P 65 15.99 -13.80 16.12
CA GLU P 65 16.14 -12.36 16.38
C GLU P 65 17.59 -11.99 16.65
N ARG P 66 18.34 -12.85 17.33
CA ARG P 66 19.73 -12.55 17.65
C ARG P 66 20.66 -12.62 16.46
N VAL P 67 20.26 -13.28 15.39
CA VAL P 67 21.13 -13.50 14.24
C VAL P 67 21.00 -12.31 13.30
N GLY P 68 22.12 -11.69 12.98
CA GLY P 68 22.12 -10.59 12.03
C GLY P 68 21.30 -9.42 12.52
N ASP P 69 20.50 -8.85 11.61
CA ASP P 69 19.71 -7.67 11.91
C ASP P 69 18.40 -7.99 12.60
N GLY P 70 18.10 -9.25 12.83
CA GLY P 70 16.87 -9.62 13.49
C GLY P 70 15.69 -9.71 12.54
N LEU P 71 14.53 -9.96 13.13
CA LEU P 71 13.31 -10.14 12.35
C LEU P 71 12.84 -8.82 11.75
N VAL P 72 11.93 -8.94 10.79
CA VAL P 72 11.10 -7.83 10.34
C VAL P 72 9.63 -8.12 10.54
N ALA P 73 9.20 -9.34 10.23
CA ALA P 73 7.83 -9.77 10.44
C ALA P 73 7.71 -11.28 10.39
N ALA P 74 7.08 -11.87 11.39
CA ALA P 74 6.70 -13.28 11.38
C ALA P 74 5.19 -13.36 11.30
N HIS P 75 4.69 -14.03 10.27
CA HIS P 75 3.26 -14.03 9.96
C HIS P 75 2.83 -15.41 9.50
N ILE P 76 1.61 -15.76 9.86
CA ILE P 76 1.00 -17.01 9.44
C ILE P 76 -0.38 -16.75 8.86
N ILE P 77 -0.77 -17.57 7.89
CA ILE P 77 -2.13 -17.61 7.37
C ILE P 77 -2.55 -19.07 7.27
N ALA P 78 -3.67 -19.41 7.90
CA ALA P 78 -4.07 -20.81 7.94
C ALA P 78 -4.92 -21.21 6.75
N ARG P 79 -5.49 -20.25 6.02
CA ARG P 79 -6.31 -20.54 4.84
C ARG P 79 -5.80 -19.74 3.66
N PRO P 80 -4.75 -20.22 3.00
CA PRO P 80 -4.29 -19.55 1.77
C PRO P 80 -5.20 -19.90 0.61
N HIS P 81 -5.54 -18.90 -0.19
CA HIS P 81 -6.40 -19.11 -1.34
C HIS P 81 -5.61 -19.75 -2.48
N ARG P 82 -6.33 -20.46 -3.34
CA ARG P 82 -5.71 -20.96 -4.57
C ARG P 82 -5.24 -19.81 -5.44
N GLU P 83 -6.03 -18.75 -5.51
CA GLU P 83 -5.75 -17.57 -6.31
C GLU P 83 -4.47 -16.87 -5.90
N VAL P 84 -3.97 -17.12 -4.69
CA VAL P 84 -2.70 -16.55 -4.27
C VAL P 84 -1.50 -17.33 -4.84
N GLU P 85 -1.68 -18.61 -5.16
CA GLU P 85 -0.57 -19.43 -5.62
C GLU P 85 0.21 -18.86 -6.79
N PRO P 86 -0.39 -18.28 -7.83
CA PRO P 86 0.43 -17.74 -8.94
C PRO P 86 1.40 -16.68 -8.48
N ALA P 87 1.18 -16.05 -7.33
CA ALA P 87 2.17 -15.18 -6.72
C ALA P 87 3.22 -15.94 -5.92
N LEU P 88 3.10 -17.26 -5.84
CA LEU P 88 4.06 -18.06 -5.10
C LEU P 88 4.81 -19.01 -6.04
N GLY Q 2 31.55 -33.02 6.45
CA GLY Q 2 31.11 -33.42 5.14
C GLY Q 2 29.96 -32.58 4.61
N ILE Q 3 28.85 -32.58 5.36
CA ILE Q 3 27.66 -31.83 4.96
C ILE Q 3 27.41 -30.63 5.85
N ALA Q 4 28.31 -30.33 6.79
CA ALA Q 4 28.16 -29.16 7.63
C ALA Q 4 28.13 -27.90 6.77
N LEU Q 5 27.19 -27.01 7.06
CA LEU Q 5 26.97 -25.82 6.27
C LEU Q 5 27.45 -24.61 7.06
N GLY Q 6 28.39 -23.87 6.49
CA GLY Q 6 28.94 -22.69 7.11
C GLY Q 6 28.53 -21.43 6.36
N MET Q 7 28.44 -20.34 7.11
CA MET Q 7 27.76 -19.14 6.65
C MET Q 7 28.60 -17.91 6.95
N ILE Q 8 28.70 -16.99 5.99
CA ILE Q 8 29.32 -15.68 6.24
C ILE Q 8 28.51 -14.60 5.57
N GLU Q 9 28.29 -13.50 6.30
CA GLU Q 9 27.35 -12.47 5.89
C GLU Q 9 27.87 -11.08 6.24
N THR Q 10 27.90 -10.19 5.25
CA THR Q 10 28.39 -8.84 5.46
C THR Q 10 27.61 -7.89 4.56
N ARG Q 11 27.99 -6.62 4.62
CA ARG Q 11 27.52 -5.63 3.66
C ARG Q 11 28.67 -5.31 2.72
N GLY Q 12 28.45 -5.51 1.42
CA GLY Q 12 29.52 -5.41 0.44
C GLY Q 12 30.27 -6.72 0.30
N LEU Q 13 30.49 -7.20 -0.92
CA LEU Q 13 31.02 -8.55 -1.10
C LEU Q 13 32.51 -8.64 -0.82
N VAL Q 14 33.17 -7.53 -0.48
CA VAL Q 14 34.61 -7.54 -0.32
C VAL Q 14 35.00 -8.22 0.97
N PRO Q 15 34.46 -7.83 2.14
CA PRO Q 15 34.66 -8.68 3.32
C PRO Q 15 34.13 -10.08 3.14
N ALA Q 16 33.06 -10.25 2.36
CA ALA Q 16 32.52 -11.59 2.12
C ALA Q 16 33.55 -12.48 1.42
N ILE Q 17 34.15 -11.97 0.35
CA ILE Q 17 35.07 -12.80 -0.41
C ILE Q 17 36.40 -12.93 0.29
N GLU Q 18 36.78 -11.97 1.13
CA GLU Q 18 38.00 -12.16 1.89
C GLU Q 18 37.78 -13.19 3.00
N ALA Q 19 36.60 -13.18 3.61
CA ALA Q 19 36.23 -14.29 4.48
C ALA Q 19 36.22 -15.60 3.72
N ALA Q 20 35.84 -15.58 2.45
CA ALA Q 20 35.87 -16.80 1.64
C ALA Q 20 37.30 -17.27 1.39
N ASP Q 21 38.21 -16.35 1.11
CA ASP Q 21 39.61 -16.71 0.99
C ASP Q 21 40.14 -17.27 2.29
N ALA Q 22 39.74 -16.67 3.41
CA ALA Q 22 40.07 -17.22 4.71
C ALA Q 22 39.46 -18.61 4.89
N MET Q 23 38.30 -18.85 4.30
CA MET Q 23 37.68 -20.17 4.39
C MET Q 23 38.54 -21.19 3.68
N THR Q 24 38.89 -20.90 2.42
CA THR Q 24 39.66 -21.83 1.62
C THR Q 24 41.14 -21.86 2.00
N LYS Q 25 41.56 -20.98 2.90
CA LYS Q 25 42.89 -21.03 3.47
C LYS Q 25 42.94 -21.53 4.91
N ALA Q 26 41.79 -21.69 5.56
CA ALA Q 26 41.75 -21.98 6.99
C ALA Q 26 41.43 -23.43 7.30
N ALA Q 27 40.37 -23.98 6.71
CA ALA Q 27 39.96 -25.34 7.01
C ALA Q 27 39.39 -25.98 5.76
N GLU Q 28 39.31 -27.31 5.78
CA GLU Q 28 38.82 -28.05 4.62
C GLU Q 28 37.32 -27.88 4.47
N VAL Q 29 36.90 -26.73 3.93
CA VAL Q 29 35.51 -26.43 3.65
C VAL Q 29 35.40 -25.95 2.22
N ARG Q 30 34.41 -26.48 1.51
CA ARG Q 30 34.16 -26.10 0.12
C ARG Q 30 33.04 -25.07 0.08
N LEU Q 31 33.31 -23.92 -0.53
CA LEU Q 31 32.26 -22.92 -0.72
C LEU Q 31 31.37 -23.36 -1.88
N ILE Q 32 30.06 -23.33 -1.65
CA ILE Q 32 29.12 -23.78 -2.66
C ILE Q 32 28.22 -22.66 -3.17
N GLY Q 33 28.30 -21.47 -2.59
CA GLY Q 33 27.47 -20.38 -3.06
C GLY Q 33 28.04 -19.03 -2.71
N ARG Q 34 27.79 -18.05 -3.57
CA ARG Q 34 28.12 -16.65 -3.30
C ARG Q 34 26.90 -15.83 -3.75
N GLU Q 35 26.10 -15.40 -2.78
CA GLU Q 35 24.79 -14.82 -3.04
C GLU Q 35 24.76 -13.34 -2.69
N PHE Q 36 24.17 -12.57 -3.60
CA PHE Q 36 23.94 -11.14 -3.39
C PHE Q 36 22.58 -10.98 -2.74
N VAL Q 37 22.57 -10.62 -1.46
CA VAL Q 37 21.31 -10.47 -0.74
C VAL Q 37 20.48 -9.34 -1.33
N GLY Q 38 21.11 -8.21 -1.60
CA GLY Q 38 20.40 -7.02 -2.00
C GLY Q 38 20.68 -5.87 -1.05
N GLY Q 39 20.61 -4.64 -1.55
CA GLY Q 39 20.95 -3.50 -0.72
C GLY Q 39 22.37 -3.52 -0.21
N GLY Q 40 23.29 -4.16 -0.93
CA GLY Q 40 24.68 -4.22 -0.55
C GLY Q 40 25.04 -5.38 0.35
N TYR Q 41 24.06 -6.12 0.85
CA TYR Q 41 24.36 -7.27 1.70
C TYR Q 41 24.79 -8.44 0.84
N VAL Q 42 25.87 -9.12 1.25
CA VAL Q 42 26.45 -10.21 0.48
C VAL Q 42 26.74 -11.37 1.42
N THR Q 43 26.71 -12.58 0.88
CA THR Q 43 26.76 -13.82 1.64
C THR Q 43 27.61 -14.85 0.91
N VAL Q 44 28.41 -15.60 1.67
CA VAL Q 44 29.10 -16.77 1.12
C VAL Q 44 28.67 -17.99 1.93
N LEU Q 45 28.49 -19.10 1.20
CA LEU Q 45 27.83 -20.30 1.69
C LEU Q 45 28.76 -21.48 1.41
N VAL Q 46 29.29 -22.09 2.48
CA VAL Q 46 30.33 -23.10 2.35
C VAL Q 46 29.84 -24.41 2.93
N ARG Q 47 30.52 -25.50 2.55
CA ARG Q 47 30.24 -26.82 3.07
C ARG Q 47 31.54 -27.50 3.49
N GLY Q 48 31.44 -28.32 4.53
CA GLY Q 48 32.61 -29.02 5.03
C GLY Q 48 32.30 -29.71 6.35
N GLU Q 49 33.37 -30.19 6.98
CA GLU Q 49 33.25 -30.87 8.27
C GLU Q 49 32.89 -29.88 9.37
N THR Q 50 32.17 -30.37 10.37
CA THR Q 50 31.63 -29.50 11.42
C THR Q 50 32.74 -28.74 12.14
N GLY Q 51 33.76 -29.46 12.62
CA GLY Q 51 34.90 -28.79 13.20
C GLY Q 51 35.65 -27.94 12.19
N ALA Q 52 35.76 -28.43 10.96
CA ALA Q 52 36.37 -27.64 9.89
C ALA Q 52 35.56 -26.39 9.63
N VAL Q 53 34.24 -26.51 9.58
CA VAL Q 53 33.39 -25.34 9.38
C VAL Q 53 33.60 -24.35 10.52
N ASN Q 54 33.65 -24.85 11.74
CA ASN Q 54 33.90 -24.01 12.90
C ASN Q 54 35.20 -23.25 12.76
N ALA Q 55 36.30 -23.97 12.54
CA ALA Q 55 37.60 -23.34 12.46
C ALA Q 55 37.64 -22.29 11.35
N ALA Q 56 37.22 -22.70 10.16
CA ALA Q 56 37.21 -21.81 9.01
C ALA Q 56 36.42 -20.56 9.32
N VAL Q 57 35.11 -20.70 9.52
CA VAL Q 57 34.18 -19.60 9.68
C VAL Q 57 34.64 -18.71 10.83
N ARG Q 58 34.98 -19.31 11.96
CA ARG Q 58 35.45 -18.54 13.10
C ARG Q 58 36.60 -17.64 12.70
N ALA Q 59 37.66 -18.23 12.14
CA ALA Q 59 38.84 -17.44 11.79
C ALA Q 59 38.49 -16.33 10.80
N GLY Q 60 37.83 -16.69 9.71
CA GLY Q 60 37.57 -15.74 8.65
C GLY Q 60 36.67 -14.60 9.04
N ALA Q 61 35.51 -14.94 9.60
CA ALA Q 61 34.56 -13.92 10.03
C ALA Q 61 35.15 -13.06 11.14
N ASP Q 62 35.81 -13.67 12.11
CA ASP Q 62 36.31 -12.89 13.23
C ASP Q 62 37.60 -12.16 12.91
N ALA Q 63 38.19 -12.41 11.73
CA ALA Q 63 39.34 -11.67 11.27
C ALA Q 63 38.97 -10.54 10.32
N CYS Q 64 37.87 -10.69 9.57
CA CYS Q 64 37.51 -9.70 8.56
C CYS Q 64 36.42 -8.73 9.02
N GLU Q 65 36.21 -8.57 10.33
CA GLU Q 65 35.16 -7.65 10.78
C GLU Q 65 35.50 -6.21 10.46
N ARG Q 66 36.78 -5.85 10.55
CA ARG Q 66 37.22 -4.47 10.39
C ARG Q 66 37.58 -4.15 8.96
N VAL Q 67 37.38 -5.09 8.04
CA VAL Q 67 37.65 -4.88 6.63
C VAL Q 67 36.54 -3.99 6.06
N GLY Q 68 36.85 -2.72 5.87
CA GLY Q 68 35.87 -1.81 5.31
C GLY Q 68 34.67 -1.64 6.22
N ASP Q 69 33.50 -1.48 5.59
CA ASP Q 69 32.27 -1.22 6.32
C ASP Q 69 31.82 -2.40 7.18
N GLY Q 70 32.40 -3.58 7.00
CA GLY Q 70 32.40 -4.60 8.03
C GLY Q 70 31.40 -5.72 7.77
N LEU Q 71 31.72 -6.87 8.38
CA LEU Q 71 30.85 -8.03 8.43
C LEU Q 71 29.69 -7.78 9.37
N VAL Q 72 28.53 -8.35 9.05
CA VAL Q 72 27.31 -8.12 9.81
C VAL Q 72 27.03 -9.27 10.77
N ALA Q 73 27.08 -10.50 10.27
CA ALA Q 73 26.87 -11.68 11.10
C ALA Q 73 27.51 -12.90 10.46
N ALA Q 74 27.76 -13.92 11.27
CA ALA Q 74 28.25 -15.20 10.82
C ALA Q 74 27.52 -16.29 11.58
N HIS Q 75 27.40 -17.47 10.97
CA HIS Q 75 26.58 -18.52 11.55
C HIS Q 75 27.02 -19.86 10.99
N ILE Q 76 26.66 -20.93 11.70
CA ILE Q 76 27.07 -22.29 11.35
C ILE Q 76 25.88 -23.22 11.53
N ILE Q 77 25.75 -24.18 10.63
CA ILE Q 77 24.76 -25.25 10.73
C ILE Q 77 25.49 -26.56 10.46
N ALA Q 78 25.49 -27.46 11.45
CA ALA Q 78 26.10 -28.76 11.26
C ALA Q 78 25.27 -29.62 10.29
N ARG Q 79 23.97 -29.69 10.50
CA ARG Q 79 23.12 -30.33 9.50
C ARG Q 79 21.91 -29.48 9.16
N PRO Q 80 21.87 -28.87 7.99
CA PRO Q 80 20.60 -28.38 7.46
C PRO Q 80 19.71 -29.56 7.10
N HIS Q 81 18.40 -29.36 7.22
CA HIS Q 81 17.48 -30.42 6.86
C HIS Q 81 17.53 -30.66 5.36
N ARG Q 82 17.34 -31.92 4.97
CA ARG Q 82 17.35 -32.26 3.55
C ARG Q 82 16.33 -31.45 2.76
N GLU Q 83 15.18 -31.17 3.38
CA GLU Q 83 14.12 -30.40 2.74
C GLU Q 83 14.53 -28.95 2.49
N VAL Q 84 15.63 -28.50 3.09
CA VAL Q 84 16.12 -27.13 2.89
C VAL Q 84 17.07 -27.12 1.70
N GLU Q 85 17.09 -28.23 0.96
CA GLU Q 85 17.94 -28.32 -0.23
C GLU Q 85 17.71 -27.21 -1.25
N PRO Q 86 16.47 -26.80 -1.59
CA PRO Q 86 16.30 -25.78 -2.65
C PRO Q 86 17.04 -24.49 -2.37
N ALA Q 87 17.27 -24.19 -1.10
CA ALA Q 87 18.09 -23.04 -0.74
C ALA Q 87 19.54 -23.20 -1.20
N LEU Q 88 19.95 -24.41 -1.52
CA LEU Q 88 21.32 -24.68 -1.93
C LEU Q 88 21.44 -24.64 -3.45
N GLY R 2 49.62 -13.13 -14.38
CA GLY R 2 49.70 -13.10 -12.94
C GLY R 2 48.58 -13.86 -12.26
N ILE R 3 48.67 -13.99 -10.94
CA ILE R 3 47.65 -14.69 -10.16
C ILE R 3 47.05 -13.83 -9.06
N ALA R 4 47.76 -12.81 -8.57
CA ALA R 4 47.24 -11.97 -7.50
C ALA R 4 46.03 -11.18 -7.97
N LEU R 5 45.11 -10.93 -7.04
CA LEU R 5 43.84 -10.29 -7.34
C LEU R 5 43.75 -9.00 -6.57
N GLY R 6 43.86 -7.88 -7.29
CA GLY R 6 43.59 -6.57 -6.73
C GLY R 6 42.11 -6.28 -6.82
N MET R 7 41.62 -5.42 -5.94
CA MET R 7 40.18 -5.31 -5.79
C MET R 7 39.75 -4.13 -4.91
N ILE R 8 38.82 -3.34 -5.42
CA ILE R 8 38.36 -2.11 -4.78
C ILE R 8 36.84 -2.06 -4.87
N GLU R 9 36.22 -1.32 -3.95
CA GLU R 9 34.77 -1.21 -3.96
C GLU R 9 34.33 0.08 -3.27
N THR R 10 33.23 0.63 -3.76
CA THR R 10 32.87 1.98 -3.38
C THR R 10 31.39 2.23 -3.61
N ARG R 11 30.98 3.46 -3.27
CA ARG R 11 29.61 3.94 -3.41
C ARG R 11 29.49 4.59 -4.80
N GLY R 12 28.68 4.00 -5.67
CA GLY R 12 28.44 4.57 -6.98
C GLY R 12 29.54 4.25 -7.98
N LEU R 13 29.13 4.19 -9.25
CA LEU R 13 29.99 3.73 -10.32
C LEU R 13 31.11 4.71 -10.66
N VAL R 14 30.95 5.99 -10.34
CA VAL R 14 31.96 7.00 -10.65
C VAL R 14 33.28 6.59 -10.00
N PRO R 15 33.38 6.55 -8.67
CA PRO R 15 34.68 6.18 -8.08
C PRO R 15 35.12 4.79 -8.47
N ALA R 16 34.19 3.93 -8.85
CA ALA R 16 34.56 2.60 -9.33
C ALA R 16 35.42 2.69 -10.58
N ILE R 17 34.94 3.42 -11.59
CA ILE R 17 35.76 3.53 -12.80
C ILE R 17 36.98 4.39 -12.53
N GLU R 18 36.92 5.28 -11.55
CA GLU R 18 38.12 6.03 -11.20
C GLU R 18 39.22 5.11 -10.67
N ALA R 19 38.86 4.22 -9.75
CA ALA R 19 39.83 3.25 -9.27
C ALA R 19 40.29 2.31 -10.38
N ALA R 20 39.36 1.93 -11.27
CA ALA R 20 39.74 1.07 -12.38
C ALA R 20 40.76 1.75 -13.30
N ASP R 21 40.50 3.00 -13.66
CA ASP R 21 41.42 3.74 -14.51
C ASP R 21 42.76 3.93 -13.82
N ALA R 22 42.74 4.19 -12.50
CA ALA R 22 43.99 4.33 -11.77
C ALA R 22 44.79 3.03 -11.81
N MET R 23 44.13 1.90 -11.58
CA MET R 23 44.83 0.62 -11.58
C MET R 23 45.41 0.30 -12.95
N THR R 24 44.59 0.40 -14.00
CA THR R 24 45.05 0.04 -15.33
C THR R 24 46.13 1.00 -15.82
N LYS R 25 46.29 2.16 -15.19
CA LYS R 25 47.38 3.07 -15.52
C LYS R 25 48.59 2.91 -14.62
N ALA R 26 48.45 2.24 -13.47
CA ALA R 26 49.51 2.22 -12.48
C ALA R 26 50.17 0.87 -12.29
N ALA R 27 49.72 -0.18 -12.96
CA ALA R 27 50.30 -1.49 -12.72
C ALA R 27 50.05 -2.42 -13.89
N GLU R 28 50.78 -3.53 -13.88
CA GLU R 28 50.71 -4.55 -14.92
C GLU R 28 49.50 -5.43 -14.64
N VAL R 29 48.32 -4.82 -14.76
CA VAL R 29 47.09 -5.45 -14.29
C VAL R 29 46.06 -5.46 -15.42
N ARG R 30 45.37 -6.60 -15.55
CA ARG R 30 44.32 -6.77 -16.55
C ARG R 30 42.98 -6.85 -15.85
N LEU R 31 42.11 -5.87 -16.11
CA LEU R 31 40.82 -5.81 -15.45
C LEU R 31 39.95 -6.97 -15.91
N ILE R 32 39.33 -7.66 -14.94
CA ILE R 32 38.61 -8.89 -15.23
C ILE R 32 37.20 -8.94 -14.64
N GLY R 33 36.86 -8.07 -13.68
CA GLY R 33 35.53 -8.16 -13.10
C GLY R 33 34.94 -6.85 -12.62
N ARG R 34 33.67 -6.63 -12.93
CA ARG R 34 32.95 -5.41 -12.57
C ARG R 34 31.57 -5.80 -12.06
N GLU R 35 31.33 -5.58 -10.76
CA GLU R 35 30.15 -6.12 -10.10
C GLU R 35 29.31 -4.98 -9.55
N PHE R 36 28.04 -4.95 -9.94
CA PHE R 36 27.03 -4.10 -9.33
C PHE R 36 26.41 -4.89 -8.18
N VAL R 37 26.62 -4.42 -6.96
CA VAL R 37 26.30 -5.24 -5.79
C VAL R 37 24.90 -4.97 -5.26
N GLY R 38 24.44 -3.73 -5.31
CA GLY R 38 23.17 -3.36 -4.71
C GLY R 38 23.34 -2.25 -3.69
N GLY R 39 22.38 -1.33 -3.64
CA GLY R 39 22.51 -0.19 -2.75
C GLY R 39 23.62 0.75 -3.10
N GLY R 40 24.12 0.72 -4.34
CA GLY R 40 25.21 1.57 -4.77
C GLY R 40 26.59 0.97 -4.62
N TYR R 41 26.70 -0.19 -4.00
CA TYR R 41 28.00 -0.84 -3.85
C TYR R 41 28.45 -1.35 -5.21
N VAL R 42 29.64 -0.92 -5.64
CA VAL R 42 30.22 -1.34 -6.90
C VAL R 42 31.63 -1.83 -6.64
N THR R 43 31.99 -2.96 -7.23
CA THR R 43 33.29 -3.58 -6.99
C THR R 43 34.01 -3.81 -8.30
N VAL R 44 35.26 -3.37 -8.36
CA VAL R 44 36.13 -3.60 -9.51
C VAL R 44 37.28 -4.51 -9.06
N LEU R 45 37.46 -5.61 -9.79
CA LEU R 45 38.47 -6.61 -9.42
C LEU R 45 39.33 -6.93 -10.62
N VAL R 46 40.64 -6.96 -10.40
CA VAL R 46 41.65 -6.98 -11.44
C VAL R 46 42.67 -8.07 -11.11
N ARG R 47 43.29 -8.61 -12.15
CA ARG R 47 44.23 -9.71 -12.03
C ARG R 47 45.61 -9.25 -12.49
N GLY R 48 46.62 -9.60 -11.69
CA GLY R 48 47.98 -9.26 -12.04
C GLY R 48 48.94 -9.80 -10.99
N GLU R 49 50.22 -9.49 -11.18
CA GLU R 49 51.23 -9.94 -10.25
C GLU R 49 51.11 -9.20 -8.92
N THR R 50 51.70 -9.80 -7.88
CA THR R 50 51.48 -9.33 -6.51
C THR R 50 51.93 -7.89 -6.33
N GLY R 51 53.15 -7.58 -6.78
CA GLY R 51 53.61 -6.20 -6.69
C GLY R 51 52.75 -5.26 -7.50
N ALA R 52 52.38 -5.67 -8.71
CA ALA R 52 51.49 -4.86 -9.53
C ALA R 52 50.14 -4.71 -8.86
N VAL R 53 49.63 -5.78 -8.26
CA VAL R 53 48.34 -5.69 -7.55
C VAL R 53 48.42 -4.68 -6.42
N ASN R 54 49.49 -4.75 -5.63
CA ASN R 54 49.65 -3.80 -4.52
C ASN R 54 49.73 -2.38 -5.03
N ALA R 55 50.55 -2.14 -6.06
CA ALA R 55 50.72 -0.79 -6.58
C ALA R 55 49.40 -0.24 -7.14
N ALA R 56 48.70 -1.06 -7.91
CA ALA R 56 47.44 -0.62 -8.50
C ALA R 56 46.41 -0.33 -7.43
N VAL R 57 46.29 -1.20 -6.42
CA VAL R 57 45.31 -0.99 -5.38
C VAL R 57 45.60 0.29 -4.62
N ARG R 58 46.87 0.49 -4.24
CA ARG R 58 47.21 1.69 -3.50
C ARG R 58 47.01 2.95 -4.32
N ALA R 59 47.38 2.91 -5.61
CA ALA R 59 47.21 4.08 -6.46
C ALA R 59 45.75 4.42 -6.64
N GLY R 60 44.90 3.41 -6.90
CA GLY R 60 43.49 3.67 -7.05
C GLY R 60 42.85 4.19 -5.77
N ALA R 61 43.18 3.57 -4.65
CA ALA R 61 42.64 4.03 -3.37
C ALA R 61 43.07 5.46 -3.08
N ASP R 62 44.32 5.80 -3.40
CA ASP R 62 44.80 7.14 -3.12
C ASP R 62 44.12 8.17 -4.01
N ALA R 63 44.05 7.91 -5.32
CA ALA R 63 43.44 8.85 -6.24
C ALA R 63 41.92 8.88 -6.12
N CYS R 64 41.34 7.95 -5.36
CA CYS R 64 39.88 7.84 -5.28
C CYS R 64 39.34 8.25 -3.92
N GLU R 65 40.14 8.91 -3.08
CA GLU R 65 39.79 9.08 -1.67
C GLU R 65 38.47 9.84 -1.48
N ARG R 66 38.46 11.12 -1.82
CA ARG R 66 37.32 11.95 -1.45
C ARG R 66 36.33 12.13 -2.60
N VAL R 67 36.70 11.68 -3.80
CA VAL R 67 35.84 11.84 -4.95
C VAL R 67 34.59 10.99 -4.78
N GLY R 68 33.47 11.48 -5.33
CA GLY R 68 32.23 10.75 -5.22
C GLY R 68 31.82 10.62 -3.78
N ASP R 69 31.29 9.45 -3.43
CA ASP R 69 30.96 9.15 -2.04
C ASP R 69 32.07 8.41 -1.32
N GLY R 70 33.19 8.14 -1.98
CA GLY R 70 34.35 7.55 -1.35
C GLY R 70 34.41 6.04 -1.45
N LEU R 71 35.58 5.50 -1.10
CA LEU R 71 35.76 4.06 -1.04
C LEU R 71 35.02 3.48 0.15
N VAL R 72 34.98 2.16 0.24
CA VAL R 72 34.72 1.58 1.55
C VAL R 72 35.90 0.73 1.98
N ALA R 73 36.55 0.05 1.03
CA ALA R 73 37.77 -0.69 1.35
C ALA R 73 38.50 -1.05 0.06
N ALA R 74 39.67 -1.67 0.24
CA ALA R 74 40.42 -2.30 -0.84
C ALA R 74 41.36 -3.32 -0.22
N HIS R 75 41.79 -4.30 -1.01
CA HIS R 75 42.68 -5.31 -0.46
C HIS R 75 43.59 -5.88 -1.55
N ILE R 76 44.68 -6.51 -1.11
CA ILE R 76 45.63 -7.17 -2.00
C ILE R 76 45.67 -8.66 -1.68
N ILE R 77 45.07 -9.47 -2.54
CA ILE R 77 45.14 -10.92 -2.39
C ILE R 77 46.11 -11.47 -3.42
N ALA R 78 47.07 -12.27 -2.96
CA ALA R 78 48.08 -12.81 -3.86
C ALA R 78 47.65 -14.12 -4.51
N ARG R 79 46.96 -14.98 -3.79
CA ARG R 79 46.41 -16.22 -4.36
C ARG R 79 45.08 -16.57 -3.73
N PRO R 80 43.97 -16.35 -4.46
CA PRO R 80 42.74 -17.07 -4.13
C PRO R 80 42.89 -18.53 -4.53
N HIS R 81 42.10 -19.40 -3.92
CA HIS R 81 42.22 -20.81 -4.22
C HIS R 81 41.59 -21.12 -5.58
N ARG R 82 41.84 -22.33 -6.06
CA ARG R 82 41.26 -22.75 -7.33
C ARG R 82 39.74 -22.72 -7.29
N GLU R 83 39.15 -22.86 -6.10
CA GLU R 83 37.72 -22.86 -5.93
C GLU R 83 37.14 -21.46 -5.71
N VAL R 84 37.97 -20.43 -5.67
CA VAL R 84 37.47 -19.08 -5.46
C VAL R 84 37.16 -18.38 -6.78
N GLU R 85 37.86 -18.70 -7.86
CA GLU R 85 37.59 -18.06 -9.14
C GLU R 85 36.18 -18.32 -9.69
N PRO R 86 35.47 -19.41 -9.35
CA PRO R 86 34.06 -19.48 -9.75
C PRO R 86 33.20 -18.37 -9.17
N ALA R 87 33.62 -17.76 -8.06
CA ALA R 87 32.91 -16.62 -7.51
C ALA R 87 33.10 -15.35 -8.32
N LEU R 88 33.73 -15.44 -9.47
CA LEU R 88 34.00 -14.27 -10.30
C LEU R 88 34.03 -14.64 -11.78
N GLY S 2 37.03 12.32 -30.71
CA GLY S 2 37.09 12.60 -29.29
C GLY S 2 36.93 11.35 -28.44
N ILE S 3 38.04 10.85 -27.91
CA ILE S 3 38.03 9.65 -27.08
C ILE S 3 37.96 9.97 -25.60
N ALA S 4 37.90 11.25 -25.24
CA ALA S 4 37.76 11.63 -23.85
C ALA S 4 36.43 11.15 -23.30
N LEU S 5 36.44 10.68 -22.05
CA LEU S 5 35.26 10.11 -21.42
C LEU S 5 34.81 11.01 -20.29
N GLY S 6 33.56 11.47 -20.36
CA GLY S 6 32.91 12.16 -19.27
C GLY S 6 31.77 11.29 -18.76
N MET S 7 31.37 11.52 -17.51
CA MET S 7 30.35 10.66 -16.95
C MET S 7 29.80 11.29 -15.68
N ILE S 8 28.50 11.16 -15.48
CA ILE S 8 27.84 11.74 -14.32
C ILE S 8 26.86 10.73 -13.74
N GLU S 9 26.91 10.56 -12.42
CA GLU S 9 26.01 9.69 -11.69
C GLU S 9 25.23 10.49 -10.66
N THR S 10 23.97 10.14 -10.49
CA THR S 10 23.07 10.91 -9.64
C THR S 10 22.02 9.98 -9.04
N ARG S 11 21.16 10.55 -8.21
CA ARG S 11 20.12 9.81 -7.51
C ARG S 11 18.83 9.92 -8.32
N GLY S 12 18.43 8.82 -8.93
CA GLY S 12 17.21 8.82 -9.71
C GLY S 12 17.47 9.01 -11.19
N LEU S 13 16.58 8.43 -12.00
CA LEU S 13 16.73 8.50 -13.45
C LEU S 13 16.43 9.89 -13.98
N VAL S 14 15.65 10.69 -13.24
CA VAL S 14 15.23 12.00 -13.71
C VAL S 14 16.45 12.89 -13.92
N PRO S 15 17.24 13.18 -12.87
CA PRO S 15 18.44 13.99 -13.09
C PRO S 15 19.40 13.33 -14.06
N ALA S 16 19.45 12.00 -14.08
CA ALA S 16 20.34 11.31 -14.99
C ALA S 16 20.04 11.66 -16.45
N ILE S 17 18.79 11.53 -16.86
CA ILE S 17 18.51 11.75 -18.28
C ILE S 17 18.41 13.23 -18.62
N GLU S 18 17.99 14.09 -17.70
CA GLU S 18 18.04 15.52 -18.02
C GLU S 18 19.49 16.00 -18.10
N ALA S 19 20.38 15.42 -17.28
CA ALA S 19 21.79 15.69 -17.43
C ALA S 19 22.33 15.12 -18.73
N ALA S 20 21.75 14.02 -19.19
CA ALA S 20 22.13 13.49 -20.50
C ALA S 20 21.75 14.46 -21.61
N ASP S 21 20.57 15.07 -21.50
CA ASP S 21 20.20 16.10 -22.48
C ASP S 21 21.13 17.30 -22.37
N ALA S 22 21.53 17.65 -21.15
CA ALA S 22 22.53 18.70 -20.98
C ALA S 22 23.83 18.33 -21.69
N MET S 23 24.23 17.07 -21.57
CA MET S 23 25.38 16.55 -22.32
C MET S 23 25.21 16.84 -23.80
N THR S 24 24.12 16.34 -24.38
CA THR S 24 23.96 16.36 -25.82
C THR S 24 23.75 17.75 -26.37
N LYS S 25 23.21 18.68 -25.59
CA LYS S 25 22.99 20.03 -26.09
C LYS S 25 24.10 20.99 -25.70
N ALA S 26 25.02 20.58 -24.82
CA ALA S 26 26.10 21.48 -24.42
C ALA S 26 27.21 21.49 -25.46
N ALA S 27 27.83 20.34 -25.69
CA ALA S 27 28.95 20.25 -26.61
C ALA S 27 28.80 18.96 -27.42
N GLU S 28 29.85 18.63 -28.16
CA GLU S 28 29.82 17.42 -28.99
C GLU S 28 30.15 16.24 -28.09
N VAL S 29 29.14 15.42 -27.80
CA VAL S 29 29.30 14.20 -27.04
C VAL S 29 28.38 13.14 -27.64
N ARG S 30 28.66 11.89 -27.32
CA ARG S 30 27.77 10.79 -27.66
C ARG S 30 27.36 10.07 -26.37
N LEU S 31 26.07 10.04 -26.09
CA LEU S 31 25.57 9.31 -24.94
C LEU S 31 25.73 7.82 -25.20
N ILE S 32 26.82 7.25 -24.67
CA ILE S 32 27.17 5.86 -24.95
C ILE S 32 26.61 4.88 -23.94
N GLY S 33 26.00 5.36 -22.85
CA GLY S 33 25.44 4.44 -21.89
C GLY S 33 24.72 5.05 -20.71
N ARG S 34 23.56 4.47 -20.40
CA ARG S 34 22.82 4.73 -19.17
C ARG S 34 22.81 3.45 -18.35
N GLU S 35 23.19 3.55 -17.09
CA GLU S 35 23.42 2.37 -16.25
C GLU S 35 22.74 2.54 -14.91
N PHE S 36 22.21 1.43 -14.39
CA PHE S 36 21.52 1.41 -13.10
C PHE S 36 22.47 0.82 -12.07
N VAL S 37 23.09 1.70 -11.28
CA VAL S 37 23.99 1.21 -10.23
C VAL S 37 23.22 0.45 -9.17
N GLY S 38 22.07 0.97 -8.77
CA GLY S 38 21.28 0.34 -7.75
C GLY S 38 20.91 1.28 -6.62
N GLY S 39 19.79 1.01 -5.95
CA GLY S 39 19.33 1.89 -4.90
C GLY S 39 19.03 3.30 -5.36
N GLY S 40 18.75 3.48 -6.64
CA GLY S 40 18.46 4.78 -7.20
C GLY S 40 19.61 5.46 -7.88
N TYR S 41 20.81 4.89 -7.79
CA TYR S 41 21.97 5.48 -8.45
C TYR S 41 21.95 5.18 -9.95
N VAL S 42 21.97 6.24 -10.75
CA VAL S 42 21.93 6.12 -12.20
C VAL S 42 23.12 6.88 -12.79
N THR S 43 23.80 6.26 -13.75
CA THR S 43 25.01 6.79 -14.35
C THR S 43 24.80 7.02 -15.84
N VAL S 44 25.38 8.10 -16.35
CA VAL S 44 25.37 8.41 -17.78
C VAL S 44 26.80 8.61 -18.24
N LEU S 45 27.09 8.10 -19.44
CA LEU S 45 28.43 8.10 -20.03
C LEU S 45 28.42 8.87 -21.34
N VAL S 46 29.47 9.65 -21.59
CA VAL S 46 29.62 10.41 -22.82
C VAL S 46 31.06 10.33 -23.29
N ARG S 47 31.25 10.40 -24.60
CA ARG S 47 32.57 10.47 -25.21
C ARG S 47 32.65 11.70 -26.10
N GLY S 48 33.85 12.28 -26.16
CA GLY S 48 34.05 13.47 -26.96
C GLY S 48 35.41 14.08 -26.66
N GLU S 49 35.61 15.29 -27.19
CA GLU S 49 36.85 16.00 -26.97
C GLU S 49 36.98 16.43 -25.52
N THR S 50 38.22 16.55 -25.06
CA THR S 50 38.48 16.86 -23.65
C THR S 50 37.83 18.18 -23.25
N GLY S 51 38.01 19.22 -24.05
CA GLY S 51 37.31 20.46 -23.80
C GLY S 51 35.81 20.30 -23.94
N ALA S 52 35.38 19.56 -24.97
CA ALA S 52 33.96 19.28 -25.14
C ALA S 52 33.42 18.50 -23.95
N VAL S 53 34.16 17.50 -23.48
CA VAL S 53 33.73 16.72 -22.33
C VAL S 53 33.63 17.61 -21.09
N ASN S 54 34.62 18.48 -20.90
CA ASN S 54 34.61 19.40 -19.76
C ASN S 54 33.37 20.28 -19.78
N ALA S 55 33.12 20.94 -20.91
CA ALA S 55 31.96 21.82 -20.99
C ALA S 55 30.67 21.03 -20.79
N ALA S 56 30.60 19.83 -21.37
CA ALA S 56 29.42 19.00 -21.23
C ALA S 56 29.13 18.70 -19.78
N VAL S 57 30.12 18.19 -19.05
CA VAL S 57 29.89 17.79 -17.66
C VAL S 57 29.58 19.01 -16.80
N ARG S 58 30.23 20.14 -17.08
CA ARG S 58 29.89 21.37 -16.38
C ARG S 58 28.41 21.69 -16.52
N ALA S 59 27.93 21.72 -17.77
CA ALA S 59 26.52 22.04 -18.00
C ALA S 59 25.61 20.99 -17.36
N GLY S 60 26.03 19.72 -17.39
CA GLY S 60 25.21 18.66 -16.83
C GLY S 60 25.03 18.81 -15.33
N ALA S 61 26.11 19.07 -14.61
CA ALA S 61 25.99 19.35 -13.18
C ALA S 61 25.13 20.59 -12.95
N ASP S 62 25.38 21.64 -13.74
CA ASP S 62 24.61 22.88 -13.59
C ASP S 62 23.14 22.67 -13.88
N ALA S 63 22.79 21.60 -14.59
CA ALA S 63 21.39 21.26 -14.78
C ALA S 63 20.88 20.40 -13.64
N CYS S 64 21.72 19.48 -13.15
CA CYS S 64 21.24 18.42 -12.28
C CYS S 64 21.36 18.71 -10.79
N GLU S 65 21.86 19.89 -10.39
CA GLU S 65 21.93 20.14 -8.95
C GLU S 65 20.59 19.90 -8.28
N ARG S 66 19.57 20.62 -8.72
CA ARG S 66 18.30 20.74 -8.02
C ARG S 66 17.20 19.92 -8.66
N VAL S 67 17.55 18.80 -9.29
CA VAL S 67 16.57 17.95 -9.96
C VAL S 67 16.27 16.78 -9.03
N GLY S 68 15.06 16.77 -8.49
CA GLY S 68 14.73 15.78 -7.49
C GLY S 68 15.62 15.94 -6.27
N ASP S 69 16.15 14.83 -5.78
CA ASP S 69 17.07 14.87 -4.65
C ASP S 69 18.47 15.33 -5.05
N GLY S 70 18.79 15.35 -6.34
CA GLY S 70 19.96 16.05 -6.81
C GLY S 70 21.17 15.19 -7.09
N LEU S 71 22.22 15.87 -7.54
CA LEU S 71 23.48 15.24 -7.88
C LEU S 71 24.20 14.72 -6.65
N VAL S 72 24.98 13.66 -6.86
CA VAL S 72 25.85 13.13 -5.82
C VAL S 72 27.31 13.17 -6.30
N ALA S 73 27.55 12.84 -7.56
CA ALA S 73 28.90 12.80 -8.08
C ALA S 73 28.94 12.99 -9.60
N ALA S 74 29.85 13.85 -10.04
CA ALA S 74 30.07 14.07 -11.47
C ALA S 74 31.57 14.19 -11.74
N HIS S 75 32.08 13.47 -12.72
CA HIS S 75 33.53 13.31 -12.87
C HIS S 75 33.92 13.10 -14.33
N ILE S 76 35.23 13.16 -14.60
CA ILE S 76 35.80 13.01 -15.93
C ILE S 76 37.04 12.14 -15.87
N ILE S 77 37.18 11.27 -16.88
CA ILE S 77 38.46 10.64 -17.18
C ILE S 77 38.87 11.05 -18.58
N ALA S 78 39.87 11.92 -18.68
CA ALA S 78 40.25 12.50 -19.95
C ALA S 78 40.77 11.45 -20.92
N ARG S 79 41.73 10.64 -20.49
CA ARG S 79 42.22 9.61 -21.41
C ARG S 79 42.17 8.25 -20.74
N PRO S 80 41.02 7.57 -20.80
CA PRO S 80 40.93 6.22 -20.20
C PRO S 80 41.84 5.24 -20.93
N HIS S 81 42.34 4.26 -20.16
CA HIS S 81 43.19 3.24 -20.74
C HIS S 81 42.33 2.23 -21.52
N ARG S 82 43.01 1.34 -22.24
CA ARG S 82 42.29 0.39 -23.08
C ARG S 82 41.58 -0.71 -22.29
N GLU S 83 41.78 -0.78 -20.98
CA GLU S 83 41.13 -1.81 -20.18
C GLU S 83 39.83 -1.37 -19.53
N VAL S 84 39.31 -0.19 -19.87
CA VAL S 84 38.10 0.30 -19.22
C VAL S 84 36.90 0.22 -20.17
N GLU S 85 37.18 0.17 -21.47
CA GLU S 85 36.10 -0.01 -22.45
C GLU S 85 35.23 -1.23 -22.17
N PRO S 86 35.74 -2.37 -21.71
CA PRO S 86 34.83 -3.46 -21.31
C PRO S 86 33.90 -3.09 -20.18
N ALA S 87 34.15 -2.00 -19.45
CA ALA S 87 33.24 -1.62 -18.38
C ALA S 87 31.87 -1.18 -18.88
N LEU S 88 31.60 -1.28 -20.18
CA LEU S 88 30.30 -0.96 -20.73
C LEU S 88 29.69 -2.16 -21.42
N MET T 1 -9.82 49.83 -52.82
CA MET T 1 -8.48 50.23 -52.39
C MET T 1 -8.59 51.32 -51.32
N GLY T 2 -8.34 50.95 -50.06
CA GLY T 2 -8.47 51.87 -48.96
C GLY T 2 -7.55 53.08 -49.07
N ILE T 3 -8.13 54.27 -49.04
CA ILE T 3 -7.34 55.48 -49.17
C ILE T 3 -6.84 55.98 -47.80
N ALA T 4 -7.61 55.77 -46.74
CA ALA T 4 -7.19 56.20 -45.42
C ALA T 4 -5.94 55.45 -44.99
N LEU T 5 -4.94 56.20 -44.55
CA LEU T 5 -3.66 55.66 -44.11
C LEU T 5 -3.58 55.68 -42.60
N GLY T 6 -3.40 54.51 -42.00
CA GLY T 6 -3.00 54.38 -40.61
C GLY T 6 -1.54 54.01 -40.59
N MET T 7 -0.78 54.59 -39.66
CA MET T 7 0.65 54.36 -39.72
C MET T 7 1.28 54.76 -38.40
N ILE T 8 2.13 53.89 -37.88
CA ILE T 8 2.59 53.96 -36.50
C ILE T 8 4.07 53.64 -36.45
N GLU T 9 4.81 54.41 -35.66
CA GLU T 9 6.23 54.13 -35.41
C GLU T 9 6.42 53.73 -33.97
N THR T 10 7.42 52.87 -33.74
CA THR T 10 7.71 52.38 -32.41
C THR T 10 9.19 52.07 -32.29
N ARG T 11 9.63 51.89 -31.05
CA ARG T 11 11.02 51.62 -30.74
C ARG T 11 11.19 50.11 -30.60
N GLY T 12 11.74 49.47 -31.62
CA GLY T 12 11.94 48.04 -31.57
C GLY T 12 11.00 47.31 -32.51
N LEU T 13 11.44 46.16 -33.01
CA LEU T 13 10.63 45.41 -33.97
C LEU T 13 9.52 44.62 -33.27
N VAL T 14 9.73 44.22 -32.02
CA VAL T 14 8.67 43.51 -31.29
C VAL T 14 7.41 44.36 -31.14
N PRO T 15 7.49 45.61 -30.67
CA PRO T 15 6.26 46.43 -30.66
C PRO T 15 5.70 46.67 -32.04
N ALA T 16 6.55 46.72 -33.06
CA ALA T 16 6.05 46.86 -34.43
C ALA T 16 5.22 45.65 -34.82
N ILE T 17 5.67 44.45 -34.45
CA ILE T 17 4.91 43.24 -34.76
C ILE T 17 3.62 43.20 -33.94
N GLU T 18 3.68 43.65 -32.68
CA GLU T 18 2.45 43.86 -31.93
C GLU T 18 1.46 44.73 -32.68
N ALA T 19 1.94 45.88 -33.17
CA ALA T 19 1.07 46.81 -33.87
C ALA T 19 0.50 46.18 -35.14
N ALA T 20 1.35 45.49 -35.91
CA ALA T 20 0.87 44.87 -37.14
C ALA T 20 -0.14 43.77 -36.87
N ASP T 21 0.10 42.96 -35.83
CA ASP T 21 -0.85 41.91 -35.47
C ASP T 21 -2.18 42.51 -35.07
N ALA T 22 -2.15 43.59 -34.28
CA ALA T 22 -3.39 44.28 -33.92
C ALA T 22 -4.07 44.86 -35.15
N MET T 23 -3.27 45.38 -36.10
CA MET T 23 -3.84 45.89 -37.35
C MET T 23 -4.64 44.79 -38.03
N THR T 24 -3.99 43.65 -38.25
CA THR T 24 -4.58 42.56 -39.01
C THR T 24 -5.63 41.78 -38.25
N LYS T 25 -5.75 42.00 -36.94
CA LYS T 25 -6.85 41.41 -36.18
C LYS T 25 -7.93 42.41 -35.82
N ALA T 26 -7.77 43.69 -36.17
CA ALA T 26 -8.75 44.69 -35.77
C ALA T 26 -9.81 44.93 -36.84
N ALA T 27 -9.42 45.46 -37.99
CA ALA T 27 -10.38 45.93 -38.96
C ALA T 27 -9.92 45.58 -40.37
N GLU T 28 -10.65 46.10 -41.35
CA GLU T 28 -10.34 45.87 -42.77
C GLU T 28 -9.21 46.81 -43.17
N VAL T 29 -8.02 46.53 -42.67
CA VAL T 29 -6.85 47.32 -43.00
C VAL T 29 -5.81 46.41 -43.63
N ARG T 30 -5.25 46.85 -44.74
CA ARG T 30 -4.22 46.12 -45.47
C ARG T 30 -2.88 46.76 -45.15
N LEU T 31 -1.99 46.01 -44.50
CA LEU T 31 -0.67 46.53 -44.22
C LEU T 31 0.09 46.69 -45.53
N ILE T 32 0.65 47.87 -45.74
CA ILE T 32 1.34 48.19 -46.99
C ILE T 32 2.82 48.43 -46.80
N GLY T 33 3.28 48.64 -45.57
CA GLY T 33 4.69 48.94 -45.36
C GLY T 33 5.16 48.52 -43.99
N ARG T 34 6.39 48.02 -43.93
CA ARG T 34 7.08 47.75 -42.69
C ARG T 34 8.53 48.17 -42.93
N GLU T 35 8.93 49.33 -42.43
CA GLU T 35 10.26 49.81 -42.72
C GLU T 35 11.00 50.19 -41.45
N PHE T 36 12.32 50.07 -41.51
CA PHE T 36 13.21 50.38 -40.40
C PHE T 36 13.81 51.75 -40.64
N VAL T 37 13.40 52.73 -39.83
CA VAL T 37 13.96 54.07 -39.97
C VAL T 37 15.45 54.07 -39.69
N GLY T 38 15.86 53.41 -38.61
CA GLY T 38 17.23 53.46 -38.17
C GLY T 38 17.32 53.90 -36.72
N GLY T 39 18.25 53.32 -35.97
CA GLY T 39 18.31 53.60 -34.56
C GLY T 39 17.20 52.98 -33.75
N GLY T 40 16.57 51.93 -34.26
CA GLY T 40 15.54 51.22 -33.53
C GLY T 40 14.13 51.62 -33.89
N TYR T 41 13.94 52.64 -34.72
CA TYR T 41 12.60 53.08 -35.09
C TYR T 41 12.08 52.20 -36.23
N VAL T 42 10.92 51.59 -36.01
CA VAL T 42 10.26 50.76 -37.01
C VAL T 42 8.84 51.28 -37.21
N THR T 43 8.44 51.43 -38.47
CA THR T 43 7.14 51.99 -38.79
C THR T 43 6.33 51.01 -39.61
N VAL T 44 5.04 50.94 -39.28
CA VAL T 44 4.06 50.09 -39.96
C VAL T 44 3.06 51.00 -40.66
N LEU T 45 2.69 50.59 -41.88
CA LEU T 45 1.88 51.38 -42.81
C LEU T 45 0.74 50.50 -43.28
N VAL T 46 -0.50 50.90 -43.00
CA VAL T 46 -1.69 50.15 -43.38
C VAL T 46 -2.68 51.09 -44.04
N ARG T 47 -3.54 50.53 -44.89
CA ARG T 47 -4.54 51.28 -45.63
C ARG T 47 -5.91 50.69 -45.39
N GLY T 48 -6.92 51.56 -45.47
CA GLY T 48 -8.29 51.14 -45.28
C GLY T 48 -9.20 52.34 -45.16
N GLU T 49 -10.45 52.08 -44.80
CA GLU T 49 -11.42 53.15 -44.63
C GLU T 49 -11.12 53.94 -43.36
N THR T 50 -11.66 55.15 -43.31
CA THR T 50 -11.41 56.05 -42.18
C THR T 50 -11.77 55.41 -40.85
N GLY T 51 -12.98 54.87 -40.74
CA GLY T 51 -13.38 54.23 -39.49
C GLY T 51 -12.56 53.00 -39.19
N ALA T 52 -12.34 52.15 -40.20
CA ALA T 52 -11.54 50.95 -40.00
C ALA T 52 -10.11 51.30 -39.62
N VAL T 53 -9.52 52.29 -40.29
CA VAL T 53 -8.17 52.72 -39.97
C VAL T 53 -8.10 53.25 -38.55
N ASN T 54 -9.07 54.09 -38.16
CA ASN T 54 -9.09 54.63 -36.81
C ASN T 54 -9.15 53.52 -35.77
N ALA T 55 -10.09 52.60 -35.93
CA ALA T 55 -10.24 51.53 -34.96
C ALA T 55 -9.00 50.67 -34.90
N ALA T 56 -8.46 50.30 -36.06
CA ALA T 56 -7.27 49.44 -36.08
C ALA T 56 -6.09 50.11 -35.42
N VAL T 57 -5.86 51.39 -35.73
CA VAL T 57 -4.71 52.09 -35.18
C VAL T 57 -4.84 52.24 -33.67
N ARG T 58 -6.05 52.53 -33.18
CA ARG T 58 -6.23 52.64 -31.74
C ARG T 58 -6.03 51.29 -31.06
N ALA T 59 -6.48 50.21 -31.71
CA ALA T 59 -6.23 48.88 -31.16
C ALA T 59 -4.73 48.58 -31.12
N GLY T 60 -4.01 48.98 -32.17
CA GLY T 60 -2.57 48.78 -32.16
C GLY T 60 -1.88 49.56 -31.06
N ALA T 61 -2.31 50.81 -30.85
CA ALA T 61 -1.75 51.61 -29.77
C ALA T 61 -2.03 50.97 -28.42
N ASP T 62 -3.25 50.44 -28.23
CA ASP T 62 -3.56 49.74 -27.00
C ASP T 62 -2.67 48.52 -26.80
N ALA T 63 -2.49 47.73 -27.86
CA ALA T 63 -1.71 46.51 -27.74
C ALA T 63 -0.21 46.78 -27.68
N CYS T 64 0.21 48.01 -27.96
CA CYS T 64 1.62 48.31 -28.12
C CYS T 64 2.19 49.19 -27.01
N GLU T 65 1.35 49.83 -26.19
CA GLU T 65 1.89 50.80 -25.26
C GLU T 65 2.80 50.17 -24.21
N ARG T 66 2.64 48.88 -23.93
CA ARG T 66 3.34 48.26 -22.82
C ARG T 66 4.44 47.32 -23.28
N VAL T 67 4.32 46.74 -24.48
CA VAL T 67 5.28 45.76 -24.97
C VAL T 67 6.64 46.41 -25.16
N GLY T 68 7.67 45.79 -24.62
CA GLY T 68 9.02 46.26 -24.82
C GLY T 68 9.19 47.70 -24.41
N ASP T 69 9.85 48.47 -25.27
CA ASP T 69 10.04 49.89 -25.02
C ASP T 69 8.81 50.69 -25.44
N GLY T 70 7.99 50.15 -26.34
CA GLY T 70 6.70 50.75 -26.65
C GLY T 70 6.77 51.74 -27.79
N LEU T 71 5.58 52.14 -28.25
CA LEU T 71 5.49 53.09 -29.34
C LEU T 71 5.74 54.50 -28.84
N VAL T 72 5.94 55.41 -29.79
CA VAL T 72 6.08 56.82 -29.45
C VAL T 72 4.92 57.66 -29.95
N ALA T 73 4.26 57.26 -31.03
CA ALA T 73 3.13 58.03 -31.54
C ALA T 73 2.26 57.13 -32.42
N ALA T 74 0.97 57.45 -32.43
CA ALA T 74 -0.01 56.84 -33.33
C ALA T 74 -0.68 57.92 -34.17
N HIS T 75 -0.79 57.67 -35.47
CA HIS T 75 -1.21 58.70 -36.39
C HIS T 75 -2.08 58.10 -37.48
N ILE T 76 -3.12 58.85 -37.86
CA ILE T 76 -4.03 58.46 -38.94
C ILE T 76 -4.27 59.67 -39.83
N ILE T 77 -4.23 59.45 -41.14
CA ILE T 77 -4.63 60.49 -42.09
C ILE T 77 -5.83 60.02 -42.89
N ALA T 78 -6.80 60.92 -43.08
CA ALA T 78 -8.11 60.57 -43.61
C ALA T 78 -8.16 60.67 -45.13
N ARG T 79 -7.83 61.84 -45.70
CA ARG T 79 -7.84 62.05 -47.14
C ARG T 79 -6.42 62.44 -47.56
N PRO T 80 -5.53 61.47 -47.70
CA PRO T 80 -4.14 61.78 -48.06
C PRO T 80 -4.06 62.34 -49.47
N HIS T 81 -3.08 63.22 -49.68
CA HIS T 81 -2.83 63.75 -51.01
C HIS T 81 -2.11 62.72 -51.86
N ARG T 82 -2.42 62.74 -53.16
CA ARG T 82 -1.78 61.79 -54.08
C ARG T 82 -0.29 62.08 -54.22
N GLU T 83 0.12 63.31 -53.94
CA GLU T 83 1.54 63.66 -54.05
C GLU T 83 2.35 62.98 -52.95
N VAL T 84 1.76 62.76 -51.79
CA VAL T 84 2.47 62.08 -50.71
C VAL T 84 2.68 60.61 -51.03
N GLU T 85 1.80 60.04 -51.86
CA GLU T 85 1.85 58.59 -52.11
C GLU T 85 3.19 58.10 -52.65
N PRO T 86 3.84 58.76 -53.62
CA PRO T 86 5.16 58.27 -54.03
C PRO T 86 6.17 58.24 -52.90
N ALA T 87 6.07 59.15 -51.94
CA ALA T 87 6.97 59.13 -50.80
C ALA T 87 6.76 57.89 -49.93
N LEU T 88 5.63 57.21 -50.06
CA LEU T 88 5.39 55.95 -49.39
C LEU T 88 5.80 54.75 -50.22
N GLY T 89 6.32 54.98 -51.43
CA GLY T 89 6.60 53.90 -52.34
C GLY T 89 5.45 53.49 -53.22
N ASN T 90 4.40 54.30 -53.30
CA ASN T 90 3.25 54.03 -54.15
C ASN T 90 2.58 52.70 -53.81
N GLY U 2 7.69 77.47 -58.29
CA GLY U 2 8.59 78.21 -57.42
C GLY U 2 9.85 77.45 -57.06
N ILE U 3 10.99 78.13 -57.19
CA ILE U 3 12.28 77.50 -56.90
C ILE U 3 12.63 77.53 -55.43
N ALA U 4 11.82 78.17 -54.60
CA ALA U 4 12.07 78.20 -53.17
C ALA U 4 11.99 76.80 -52.60
N LEU U 5 12.90 76.49 -51.67
CA LEU U 5 13.03 75.16 -51.10
C LEU U 5 12.60 75.19 -49.64
N GLY U 6 11.58 74.42 -49.30
CA GLY U 6 11.18 74.22 -47.92
C GLY U 6 11.46 72.78 -47.55
N MET U 7 11.63 72.53 -46.25
CA MET U 7 12.03 71.20 -45.81
C MET U 7 12.00 71.13 -44.30
N ILE U 8 11.83 69.92 -43.79
CA ILE U 8 11.66 69.73 -42.36
C ILE U 8 12.17 68.35 -41.95
N GLU U 9 12.75 68.29 -40.75
CA GLU U 9 13.35 67.07 -40.21
C GLU U 9 12.80 66.78 -38.82
N THR U 10 12.67 65.48 -38.53
CA THR U 10 12.14 65.06 -37.24
C THR U 10 12.75 63.71 -36.87
N ARG U 11 12.41 63.25 -35.67
CA ARG U 11 12.81 61.93 -35.19
C ARG U 11 11.62 61.00 -35.33
N GLY U 12 11.78 59.95 -36.14
CA GLY U 12 10.69 59.05 -36.45
C GLY U 12 9.97 59.46 -37.73
N LEU U 13 9.27 58.49 -38.32
CA LEU U 13 8.60 58.70 -39.59
C LEU U 13 7.13 59.10 -39.45
N VAL U 14 6.49 58.80 -38.32
CA VAL U 14 5.15 59.34 -38.08
C VAL U 14 5.15 60.87 -38.10
N PRO U 15 6.02 61.57 -37.36
CA PRO U 15 6.05 63.03 -37.51
C PRO U 15 6.41 63.47 -38.92
N ALA U 16 7.23 62.68 -39.63
CA ALA U 16 7.60 63.04 -40.99
C ALA U 16 6.39 63.01 -41.91
N ILE U 17 5.55 61.98 -41.79
CA ILE U 17 4.35 61.93 -42.60
C ILE U 17 3.37 63.02 -42.18
N GLU U 18 3.30 63.31 -40.88
CA GLU U 18 2.53 64.46 -40.43
C GLU U 18 2.98 65.73 -41.14
N ALA U 19 4.29 65.95 -41.18
CA ALA U 19 4.83 67.14 -41.81
C ALA U 19 4.54 67.17 -43.31
N ALA U 20 4.68 66.02 -43.98
CA ALA U 20 4.42 65.99 -45.41
C ALA U 20 2.95 66.25 -45.72
N ASP U 21 2.05 65.69 -44.93
CA ASP U 21 0.63 65.96 -45.11
C ASP U 21 0.33 67.43 -44.87
N ALA U 22 0.94 68.02 -43.84
CA ALA U 22 0.75 69.44 -43.61
C ALA U 22 1.31 70.26 -44.76
N MET U 23 2.44 69.85 -45.32
CA MET U 23 2.98 70.50 -46.51
C MET U 23 1.93 70.52 -47.62
N THR U 24 1.50 69.34 -48.04
CA THR U 24 0.64 69.24 -49.21
C THR U 24 -0.74 69.83 -48.96
N LYS U 25 -1.16 69.94 -47.69
CA LYS U 25 -2.48 70.44 -47.37
C LYS U 25 -2.51 71.94 -47.11
N ALA U 26 -1.41 72.53 -46.64
CA ALA U 26 -1.41 73.95 -46.33
C ALA U 26 -1.15 74.80 -47.56
N ALA U 27 -0.09 74.48 -48.30
CA ALA U 27 0.23 75.21 -49.53
C ALA U 27 0.55 74.20 -50.62
N GLU U 28 0.18 74.54 -51.85
CA GLU U 28 0.39 73.66 -52.99
C GLU U 28 1.86 73.76 -53.39
N VAL U 29 2.70 73.17 -52.55
CA VAL U 29 4.14 73.13 -52.77
C VAL U 29 4.52 71.74 -53.23
N ARG U 30 5.35 71.67 -54.26
CA ARG U 30 5.71 70.41 -54.89
C ARG U 30 6.65 69.62 -53.99
N LEU U 31 6.23 68.42 -53.61
CA LEU U 31 7.10 67.53 -52.86
C LEU U 31 8.25 67.06 -53.75
N ILE U 32 9.46 67.04 -53.19
CA ILE U 32 10.62 66.58 -53.92
C ILE U 32 11.07 65.20 -53.45
N GLY U 33 11.26 65.02 -52.15
CA GLY U 33 11.80 63.75 -51.69
C GLY U 33 11.66 63.55 -50.19
N ARG U 34 11.74 62.28 -49.79
CA ARG U 34 11.85 61.89 -48.40
C ARG U 34 13.17 61.16 -48.22
N GLU U 35 13.93 61.51 -47.19
CA GLU U 35 15.26 60.97 -46.98
C GLU U 35 15.39 60.44 -45.56
N PHE U 36 15.97 59.26 -45.43
CA PHE U 36 16.31 58.69 -44.13
C PHE U 36 17.74 59.11 -43.80
N VAL U 37 17.88 60.03 -42.85
CA VAL U 37 19.21 60.46 -42.44
C VAL U 37 19.95 59.32 -41.77
N GLY U 38 19.25 58.54 -40.96
CA GLY U 38 19.86 57.45 -40.22
C GLY U 38 19.81 57.76 -38.73
N GLY U 39 19.62 56.71 -37.93
CA GLY U 39 19.53 56.89 -36.50
C GLY U 39 18.26 57.53 -36.01
N GLY U 40 17.18 57.46 -36.79
CA GLY U 40 15.90 58.01 -36.41
C GLY U 40 15.55 59.33 -37.06
N TYR U 41 16.53 60.04 -37.62
CA TYR U 41 16.24 61.30 -38.29
C TYR U 41 15.63 61.03 -39.66
N VAL U 42 14.47 61.62 -39.91
CA VAL U 42 13.81 61.54 -41.21
C VAL U 42 13.51 62.96 -41.67
N THR U 43 13.80 63.24 -42.94
CA THR U 43 13.69 64.57 -43.49
C THR U 43 12.83 64.54 -44.74
N VAL U 44 12.13 65.63 -45.00
CA VAL U 44 11.35 65.77 -46.24
C VAL U 44 11.68 67.11 -46.88
N LEU U 45 11.77 67.09 -48.21
CA LEU U 45 12.19 68.21 -49.04
C LEU U 45 11.08 68.50 -50.05
N VAL U 46 10.65 69.76 -50.12
CA VAL U 46 9.62 70.20 -51.05
C VAL U 46 10.03 71.53 -51.66
N ARG U 47 9.40 71.87 -52.79
CA ARG U 47 9.66 73.11 -53.50
C ARG U 47 8.37 73.87 -53.75
N GLY U 48 8.50 75.18 -53.90
CA GLY U 48 7.38 76.04 -54.19
C GLY U 48 7.84 77.49 -54.15
N GLU U 49 6.90 78.40 -54.36
CA GLU U 49 7.28 79.80 -54.29
C GLU U 49 7.43 80.22 -52.83
N THR U 50 8.10 81.35 -52.63
CA THR U 50 8.60 81.71 -51.31
C THR U 50 7.47 81.81 -50.28
N GLY U 51 6.42 82.56 -50.60
CA GLY U 51 5.33 82.71 -49.64
C GLY U 51 4.62 81.40 -49.34
N ALA U 52 4.33 80.63 -50.39
CA ALA U 52 3.70 79.33 -50.17
C ALA U 52 4.61 78.42 -49.35
N VAL U 53 5.90 78.42 -49.65
CA VAL U 53 6.83 77.59 -48.91
C VAL U 53 6.85 77.99 -47.43
N ASN U 54 6.88 79.29 -47.17
CA ASN U 54 6.90 79.77 -45.79
C ASN U 54 5.65 79.33 -45.04
N ALA U 55 4.48 79.57 -45.63
CA ALA U 55 3.24 79.19 -44.96
C ALA U 55 3.17 77.69 -44.76
N ALA U 56 3.56 76.92 -45.78
CA ALA U 56 3.50 75.47 -45.67
C ALA U 56 4.42 74.98 -44.56
N VAL U 57 5.63 75.52 -44.49
CA VAL U 57 6.59 75.04 -43.50
C VAL U 57 6.15 75.42 -42.09
N ARG U 58 5.65 76.64 -41.91
CA ARG U 58 5.18 77.01 -40.57
C ARG U 58 4.00 76.15 -40.14
N ALA U 59 3.08 75.89 -41.07
CA ALA U 59 1.95 75.01 -40.74
C ALA U 59 2.42 73.59 -40.44
N GLY U 60 3.41 73.11 -41.19
CA GLY U 60 3.93 71.78 -40.95
C GLY U 60 4.62 71.67 -39.61
N ALA U 61 5.38 72.69 -39.23
CA ALA U 61 5.98 72.71 -37.90
C ALA U 61 4.90 72.69 -36.82
N ASP U 62 3.85 73.49 -37.00
CA ASP U 62 2.78 73.52 -36.02
C ASP U 62 2.11 72.15 -35.90
N ALA U 63 1.89 71.48 -37.02
CA ALA U 63 1.21 70.19 -37.00
C ALA U 63 2.12 69.08 -36.49
N CYS U 64 3.43 69.21 -36.70
CA CYS U 64 4.36 68.15 -36.38
C CYS U 64 4.91 68.23 -34.96
N GLU U 65 4.89 69.42 -34.36
CA GLU U 65 5.45 69.57 -33.02
C GLU U 65 4.75 68.66 -32.01
N ARG U 66 3.47 68.36 -32.24
CA ARG U 66 2.64 67.67 -31.27
C ARG U 66 2.62 66.15 -31.45
N VAL U 67 3.33 65.62 -32.43
CA VAL U 67 3.26 64.20 -32.75
C VAL U 67 4.65 63.59 -32.65
N GLY U 68 4.75 62.44 -31.98
CA GLY U 68 6.03 61.77 -31.84
C GLY U 68 7.02 62.64 -31.09
N ASP U 69 8.29 62.54 -31.47
CA ASP U 69 9.30 63.44 -30.94
C ASP U 69 9.14 64.86 -31.46
N GLY U 70 8.32 65.05 -32.50
CA GLY U 70 8.09 66.37 -33.04
C GLY U 70 9.21 66.83 -33.94
N LEU U 71 9.11 68.09 -34.35
CA LEU U 71 10.14 68.71 -35.17
C LEU U 71 11.47 68.70 -34.43
N VAL U 72 12.56 68.52 -35.19
CA VAL U 72 13.90 68.63 -34.66
C VAL U 72 14.69 69.75 -35.34
N ALA U 73 14.54 69.88 -36.66
CA ALA U 73 15.17 70.96 -37.39
C ALA U 73 14.34 71.24 -38.64
N ALA U 74 14.12 72.52 -38.94
CA ALA U 74 13.37 72.91 -40.12
C ALA U 74 13.69 74.36 -40.46
N HIS U 75 14.18 74.59 -41.68
CA HIS U 75 14.45 75.95 -42.12
C HIS U 75 14.25 76.05 -43.62
N ILE U 76 14.14 77.29 -44.09
CA ILE U 76 13.78 77.58 -45.47
C ILE U 76 14.93 78.34 -46.12
N ILE U 77 15.11 78.10 -47.41
CA ILE U 77 16.05 78.84 -48.25
C ILE U 77 15.25 79.54 -49.34
N ALA U 78 15.40 80.86 -49.42
CA ALA U 78 14.68 81.62 -50.44
C ALA U 78 15.29 81.39 -51.82
N ARG U 79 16.61 81.37 -51.91
CA ARG U 79 17.32 81.31 -53.19
C ARG U 79 18.30 80.15 -53.17
N PRO U 80 17.82 78.92 -53.36
CA PRO U 80 18.72 77.77 -53.42
C PRO U 80 19.61 77.86 -54.64
N HIS U 81 20.90 77.56 -54.45
CA HIS U 81 21.85 77.66 -55.53
C HIS U 81 21.68 76.50 -56.51
N ARG U 82 22.16 76.71 -57.74
CA ARG U 82 21.96 75.74 -58.81
C ARG U 82 22.58 74.39 -58.48
N GLU U 83 23.84 74.38 -58.05
CA GLU U 83 24.53 73.11 -57.87
C GLU U 83 24.04 72.36 -56.64
N VAL U 84 23.24 72.99 -55.79
CA VAL U 84 22.71 72.31 -54.62
C VAL U 84 21.73 71.23 -55.02
N GLU U 85 20.89 71.50 -56.02
CA GLU U 85 19.87 70.54 -56.43
C GLU U 85 20.42 69.17 -56.82
N PRO U 86 21.50 69.05 -57.58
CA PRO U 86 22.03 67.70 -57.88
C PRO U 86 22.41 66.93 -56.65
N ALA U 87 22.75 67.60 -55.56
CA ALA U 87 23.14 66.92 -54.32
C ALA U 87 21.94 66.53 -53.46
N LEU U 88 20.73 66.87 -53.88
CA LEU U 88 19.54 66.51 -53.12
C LEU U 88 18.54 65.75 -53.98
N GLY V 2 2.74 23.46 -36.80
CA GLY V 2 2.84 24.66 -35.99
C GLY V 2 3.24 25.88 -36.79
N ILE V 3 2.50 26.97 -36.64
CA ILE V 3 2.76 28.20 -37.38
C ILE V 3 2.93 29.40 -36.49
N ALA V 4 2.68 29.29 -35.18
CA ALA V 4 2.76 30.44 -34.30
C ALA V 4 4.19 30.97 -34.24
N LEU V 5 4.31 32.27 -34.00
CA LEU V 5 5.59 32.98 -34.06
C LEU V 5 6.11 33.23 -32.65
N GLY V 6 7.34 32.80 -32.39
CA GLY V 6 8.04 33.15 -31.16
C GLY V 6 9.19 34.09 -31.51
N MET V 7 9.15 35.29 -30.94
CA MET V 7 10.05 36.33 -31.43
C MET V 7 10.48 37.31 -30.34
N ILE V 8 11.77 37.66 -30.37
CA ILE V 8 12.48 38.27 -29.26
C ILE V 8 13.30 39.44 -29.78
N GLU V 9 13.36 40.52 -29.00
CA GLU V 9 14.19 41.68 -29.30
C GLU V 9 15.20 41.91 -28.19
N THR V 10 16.43 42.27 -28.58
CA THR V 10 17.48 42.50 -27.61
C THR V 10 18.47 43.52 -28.14
N ARG V 11 19.35 44.00 -27.25
CA ARG V 11 20.41 44.92 -27.60
C ARG V 11 21.68 44.12 -27.88
N GLY V 12 22.21 44.26 -29.09
CA GLY V 12 23.42 43.55 -29.46
C GLY V 12 23.12 42.15 -29.97
N LEU V 13 24.08 41.60 -30.72
CA LEU V 13 23.86 40.31 -31.37
C LEU V 13 24.24 39.13 -30.48
N VAL V 14 25.05 39.34 -29.44
CA VAL V 14 25.37 38.24 -28.53
C VAL V 14 24.12 37.69 -27.84
N PRO V 15 23.30 38.51 -27.16
CA PRO V 15 22.07 37.95 -26.59
C PRO V 15 21.15 37.38 -27.65
N ALA V 16 21.11 37.98 -28.84
CA ALA V 16 20.25 37.46 -29.90
C ALA V 16 20.67 36.06 -30.30
N ILE V 17 21.98 35.84 -30.47
CA ILE V 17 22.46 34.54 -30.92
C ILE V 17 22.26 33.49 -29.82
N GLU V 18 22.58 33.83 -28.57
CA GLU V 18 22.37 32.85 -27.51
C GLU V 18 20.88 32.58 -27.31
N ALA V 19 20.03 33.58 -27.55
CA ALA V 19 18.59 33.36 -27.47
C ALA V 19 18.12 32.47 -28.61
N ALA V 20 18.73 32.60 -29.79
CA ALA V 20 18.42 31.68 -30.87
C ALA V 20 18.83 30.26 -30.51
N ASP V 21 19.97 30.11 -29.84
CA ASP V 21 20.38 28.79 -29.36
C ASP V 21 19.36 28.25 -28.36
N ALA V 22 18.87 29.12 -27.46
CA ALA V 22 17.83 28.71 -26.54
C ALA V 22 16.57 28.29 -27.30
N MET V 23 16.24 29.01 -28.36
CA MET V 23 15.11 28.64 -29.22
C MET V 23 15.28 27.23 -29.74
N THR V 24 16.44 26.97 -30.35
CA THR V 24 16.65 25.71 -31.07
C THR V 24 16.90 24.53 -30.16
N LYS V 25 17.30 24.75 -28.90
CA LYS V 25 17.42 23.66 -27.96
C LYS V 25 16.24 23.53 -27.01
N ALA V 26 15.31 24.49 -27.02
CA ALA V 26 14.19 24.42 -26.09
C ALA V 26 13.10 23.49 -26.59
N ALA V 27 12.45 23.86 -27.71
CA ALA V 27 11.31 23.12 -28.22
C ALA V 27 11.39 23.09 -29.73
N GLU V 28 10.39 22.48 -30.37
CA GLU V 28 10.37 22.37 -31.81
C GLU V 28 10.07 23.76 -32.40
N VAL V 29 11.05 24.33 -33.08
CA VAL V 29 10.94 25.64 -33.71
C VAL V 29 11.75 25.62 -34.99
N ARG V 30 11.48 26.61 -35.84
CA ARG V 30 12.29 26.86 -37.01
C ARG V 30 12.45 28.37 -37.18
N LEU V 31 13.68 28.86 -37.13
CA LEU V 31 13.89 30.29 -37.26
C LEU V 31 13.64 30.71 -38.70
N ILE V 32 12.87 31.79 -38.86
CA ILE V 32 12.67 32.40 -40.15
C ILE V 32 13.04 33.88 -40.16
N GLY V 33 13.60 34.39 -39.06
CA GLY V 33 14.07 35.76 -39.10
C GLY V 33 15.19 36.08 -38.12
N ARG V 34 16.25 36.68 -38.62
CA ARG V 34 17.33 37.20 -37.80
C ARG V 34 17.53 38.64 -38.29
N GLU V 35 16.81 39.57 -37.69
CA GLU V 35 16.64 40.91 -38.23
C GLU V 35 17.51 41.91 -37.49
N PHE V 36 18.17 42.78 -38.25
CA PHE V 36 18.95 43.89 -37.71
C PHE V 36 18.06 45.12 -37.70
N VAL V 37 17.44 45.40 -36.55
CA VAL V 37 16.54 46.54 -36.46
C VAL V 37 17.30 47.85 -36.65
N GLY V 38 18.45 47.99 -36.01
CA GLY V 38 19.21 49.21 -36.07
C GLY V 38 19.46 49.78 -34.70
N GLY V 39 20.56 50.52 -34.54
CA GLY V 39 20.91 51.05 -33.24
C GLY V 39 21.17 50.00 -32.19
N GLY V 40 21.74 48.85 -32.57
CA GLY V 40 21.99 47.77 -31.66
C GLY V 40 20.81 46.85 -31.41
N TYR V 41 19.66 47.13 -32.01
CA TYR V 41 18.48 46.31 -31.79
C TYR V 41 18.49 45.12 -32.76
N VAL V 42 18.38 43.92 -32.21
CA VAL V 42 18.38 42.70 -33.00
C VAL V 42 17.17 41.86 -32.61
N THR V 43 16.49 41.30 -33.60
CA THR V 43 15.31 40.48 -33.39
C THR V 43 15.57 39.07 -33.90
N VAL V 44 15.15 38.08 -33.13
CA VAL V 44 15.19 36.68 -33.56
C VAL V 44 13.76 36.14 -33.53
N LEU V 45 13.35 35.49 -34.61
CA LEU V 45 11.96 35.09 -34.73
C LEU V 45 11.85 33.73 -35.42
N VAL V 46 11.10 32.83 -34.80
CA VAL V 46 11.03 31.42 -35.15
C VAL V 46 9.57 31.02 -35.25
N ARG V 47 9.32 29.91 -35.94
CA ARG V 47 7.98 29.37 -36.14
C ARG V 47 7.82 28.04 -35.42
N GLY V 48 6.62 27.81 -34.90
CA GLY V 48 6.29 26.57 -34.24
C GLY V 48 4.87 26.64 -33.72
N GLU V 49 4.45 25.58 -33.04
CA GLU V 49 3.15 25.62 -32.41
C GLU V 49 3.21 26.45 -31.13
N THR V 50 2.04 26.87 -30.66
CA THR V 50 1.99 27.90 -29.63
C THR V 50 2.60 27.43 -28.31
N GLY V 51 2.38 26.16 -27.94
CA GLY V 51 3.02 25.65 -26.74
C GLY V 51 4.53 25.59 -26.88
N ALA V 52 4.99 25.10 -28.04
CA ALA V 52 6.43 25.03 -28.29
C ALA V 52 7.05 26.43 -28.30
N VAL V 53 6.38 27.39 -28.95
CA VAL V 53 6.96 28.72 -28.98
C VAL V 53 6.92 29.37 -27.60
N ASN V 54 5.90 29.08 -26.81
CA ASN V 54 5.87 29.60 -25.44
C ASN V 54 7.06 29.06 -24.65
N ALA V 55 7.23 27.74 -24.66
CA ALA V 55 8.34 27.15 -23.94
C ALA V 55 9.68 27.61 -24.49
N ALA V 56 9.77 27.92 -25.77
CA ALA V 56 11.01 28.38 -26.36
C ALA V 56 11.33 29.79 -25.92
N VAL V 57 10.33 30.67 -25.97
CA VAL V 57 10.48 32.07 -25.58
C VAL V 57 10.85 32.13 -24.10
N ARG V 58 10.28 31.23 -23.31
CA ARG V 58 10.73 31.05 -21.93
C ARG V 58 12.25 30.95 -21.87
N ALA V 59 12.80 29.93 -22.52
CA ALA V 59 14.22 29.62 -22.47
C ALA V 59 15.06 30.76 -23.01
N GLY V 60 14.58 31.38 -24.09
CA GLY V 60 15.24 32.54 -24.64
C GLY V 60 15.33 33.65 -23.62
N ALA V 61 14.26 33.82 -22.86
CA ALA V 61 14.22 34.88 -21.85
C ALA V 61 15.11 34.60 -20.65
N ASP V 62 15.22 33.35 -20.21
CA ASP V 62 16.00 33.06 -18.98
C ASP V 62 17.46 33.48 -19.14
N ALA V 63 18.05 33.20 -20.30
CA ALA V 63 19.48 33.41 -20.49
C ALA V 63 19.79 34.66 -21.30
N CYS V 64 18.85 35.61 -21.39
CA CYS V 64 19.07 36.79 -22.22
C CYS V 64 18.93 38.13 -21.51
N GLU V 65 18.03 38.26 -20.53
CA GLU V 65 17.76 39.58 -19.94
C GLU V 65 19.01 40.18 -19.33
N ARG V 66 19.95 39.34 -18.98
CA ARG V 66 21.09 39.69 -18.16
C ARG V 66 22.41 39.16 -18.69
N VAL V 67 22.41 38.54 -19.89
CA VAL V 67 23.64 38.20 -20.60
C VAL V 67 24.00 39.40 -21.48
N GLY V 68 25.29 39.51 -21.81
CA GLY V 68 25.72 40.49 -22.78
C GLY V 68 25.30 41.89 -22.41
N ASP V 69 24.66 42.58 -23.36
CA ASP V 69 24.16 43.93 -23.15
C ASP V 69 22.73 43.94 -22.63
N GLY V 70 22.06 42.78 -22.59
CA GLY V 70 20.74 42.68 -21.98
C GLY V 70 19.64 42.50 -22.99
N LEU V 71 18.48 42.07 -22.48
CA LEU V 71 17.30 41.86 -23.28
C LEU V 71 16.42 43.11 -23.28
N VAL V 72 15.66 43.26 -24.36
CA VAL V 72 14.72 44.36 -24.48
C VAL V 72 13.31 43.86 -24.22
N ALA V 73 12.88 42.87 -25.00
CA ALA V 73 11.50 42.40 -24.91
C ALA V 73 11.43 40.95 -25.33
N ALA V 74 10.61 40.18 -24.61
CA ALA V 74 10.26 38.82 -25.00
C ALA V 74 8.79 38.77 -25.37
N HIS V 75 8.48 38.04 -26.44
CA HIS V 75 7.11 38.07 -26.94
C HIS V 75 6.71 36.74 -27.52
N ILE V 76 5.40 36.48 -27.52
CA ILE V 76 4.81 35.31 -28.16
C ILE V 76 3.76 35.82 -29.15
N ILE V 77 3.79 35.29 -30.37
CA ILE V 77 2.69 35.44 -31.31
C ILE V 77 2.02 34.08 -31.46
N ALA V 78 0.71 34.06 -31.38
CA ALA V 78 0.01 32.78 -31.48
C ALA V 78 -0.67 32.59 -32.82
N ARG V 79 -1.19 33.66 -33.42
CA ARG V 79 -1.88 33.57 -34.71
C ARG V 79 -1.25 34.55 -35.68
N PRO V 80 -0.22 34.15 -36.40
CA PRO V 80 0.35 35.01 -37.45
C PRO V 80 -0.65 35.18 -38.58
N HIS V 81 -1.18 36.39 -38.72
CA HIS V 81 -2.17 36.67 -39.74
C HIS V 81 -1.57 36.53 -41.13
N ARG V 82 -2.39 36.08 -42.08
CA ARG V 82 -1.93 35.90 -43.44
C ARG V 82 -1.46 37.22 -44.05
N GLU V 83 -2.06 38.34 -43.62
CA GLU V 83 -1.61 39.63 -44.11
C GLU V 83 -0.24 40.00 -43.55
N VAL V 84 0.11 39.43 -42.39
CA VAL V 84 1.42 39.70 -41.80
C VAL V 84 2.51 38.94 -42.57
N GLU V 85 2.16 37.82 -43.20
CA GLU V 85 3.14 36.98 -43.90
C GLU V 85 4.00 37.73 -44.90
N PRO V 86 3.46 38.61 -45.77
CA PRO V 86 4.35 39.35 -46.68
C PRO V 86 5.40 40.16 -45.96
N ALA V 87 5.10 40.66 -44.77
CA ALA V 87 6.07 41.39 -43.97
C ALA V 87 7.16 40.50 -43.40
N LEU V 88 6.99 39.18 -43.47
CA LEU V 88 7.97 38.26 -42.90
C LEU V 88 8.58 37.36 -43.96
N GLY W 2 36.08 21.56 -36.09
CA GLY W 2 35.04 21.71 -35.10
C GLY W 2 33.93 22.65 -35.54
N ILE W 3 32.82 22.64 -34.80
CA ILE W 3 31.68 23.48 -35.11
C ILE W 3 31.30 24.39 -33.96
N ALA W 4 32.05 24.37 -32.86
CA ALA W 4 31.75 25.23 -31.73
C ALA W 4 31.85 26.69 -32.13
N LEU W 5 30.96 27.51 -31.56
CA LEU W 5 30.80 28.91 -31.94
C LEU W 5 31.32 29.82 -30.84
N GLY W 6 32.50 30.40 -31.06
CA GLY W 6 32.95 31.49 -30.24
C GLY W 6 32.57 32.81 -30.88
N MET W 7 32.38 33.84 -30.06
CA MET W 7 31.90 35.09 -30.63
C MET W 7 32.00 36.26 -29.67
N ILE W 8 32.34 37.43 -30.20
CA ILE W 8 32.73 38.60 -29.42
C ILE W 8 31.93 39.80 -29.88
N GLU W 9 31.58 40.68 -28.94
CA GLU W 9 30.91 41.94 -29.22
C GLU W 9 31.74 43.10 -28.73
N THR W 10 31.81 44.18 -29.51
CA THR W 10 32.55 45.35 -29.10
C THR W 10 32.03 46.58 -29.82
N ARG W 11 32.55 47.73 -29.40
CA ARG W 11 32.20 49.03 -30.00
C ARG W 11 33.43 49.54 -30.72
N GLY W 12 33.40 49.49 -32.05
CA GLY W 12 34.51 49.95 -32.85
C GLY W 12 35.26 48.82 -33.51
N LEU W 13 36.03 49.14 -34.56
CA LEU W 13 36.69 48.10 -35.34
C LEU W 13 38.13 47.83 -34.91
N VAL W 14 38.79 48.77 -34.20
CA VAL W 14 40.05 48.41 -33.54
C VAL W 14 39.85 47.25 -32.59
N PRO W 15 38.93 47.29 -31.62
CA PRO W 15 38.71 46.11 -30.78
C PRO W 15 38.24 44.91 -31.58
N ALA W 16 37.44 45.13 -32.63
CA ALA W 16 36.96 44.01 -33.43
C ALA W 16 38.10 43.25 -34.07
N ILE W 17 39.01 43.97 -34.74
CA ILE W 17 40.08 43.27 -35.45
C ILE W 17 41.16 42.77 -34.50
N GLU W 18 41.41 43.45 -33.38
CA GLU W 18 42.35 42.86 -32.43
C GLU W 18 41.75 41.63 -31.77
N ALA W 19 40.43 41.60 -31.58
CA ALA W 19 39.80 40.37 -31.12
C ALA W 19 39.92 39.27 -32.17
N ALA W 20 39.82 39.64 -33.45
CA ALA W 20 40.06 38.67 -34.51
C ALA W 20 41.49 38.15 -34.47
N ASP W 21 42.44 39.04 -34.22
CA ASP W 21 43.83 38.62 -34.09
C ASP W 21 44.01 37.67 -32.91
N ALA W 22 43.34 37.96 -31.80
CA ALA W 22 43.37 37.04 -30.67
C ALA W 22 42.76 35.70 -31.04
N MET W 23 41.66 35.73 -31.81
CA MET W 23 41.06 34.50 -32.32
C MET W 23 42.09 33.67 -33.08
N THR W 24 42.77 34.30 -34.03
CA THR W 24 43.65 33.59 -34.95
C THR W 24 45.05 33.37 -34.40
N LYS W 25 45.37 33.91 -33.22
CA LYS W 25 46.64 33.64 -32.58
C LYS W 25 46.53 32.76 -31.35
N ALA W 26 45.33 32.59 -30.80
CA ALA W 26 45.14 31.78 -29.60
C ALA W 26 45.03 30.30 -29.92
N ALA W 27 44.08 29.92 -30.77
CA ALA W 27 43.83 28.52 -31.04
C ALA W 27 43.33 28.36 -32.47
N GLU W 28 43.24 27.10 -32.90
CA GLU W 28 42.90 26.76 -34.28
C GLU W 28 41.42 27.04 -34.49
N VAL W 29 41.09 28.29 -34.79
CA VAL W 29 39.71 28.71 -34.94
C VAL W 29 39.61 29.62 -36.15
N ARG W 30 38.65 29.36 -37.02
CA ARG W 30 38.37 30.19 -38.17
C ARG W 30 37.16 31.06 -37.87
N LEU W 31 37.19 32.32 -38.31
CA LEU W 31 36.06 33.21 -38.13
C LEU W 31 35.07 32.99 -39.26
N ILE W 32 33.81 32.73 -38.91
CA ILE W 32 32.80 32.62 -39.94
C ILE W 32 32.33 33.99 -40.41
N GLY W 33 32.51 35.03 -39.61
CA GLY W 33 32.20 36.36 -40.09
C GLY W 33 32.17 37.49 -39.09
N ARG W 34 32.61 38.67 -39.54
CA ARG W 34 32.42 39.91 -38.80
C ARG W 34 31.08 40.50 -39.20
N GLU W 35 30.48 41.27 -38.29
CA GLU W 35 29.16 41.82 -38.56
C GLU W 35 29.00 43.18 -37.90
N PHE W 36 28.44 44.13 -38.65
CA PHE W 36 28.10 45.45 -38.14
C PHE W 36 26.67 45.36 -37.60
N VAL W 37 26.56 45.15 -36.29
CA VAL W 37 25.25 44.99 -35.67
C VAL W 37 24.41 46.24 -35.81
N GLY W 38 25.00 47.40 -35.58
CA GLY W 38 24.26 48.65 -35.66
C GLY W 38 24.39 49.48 -34.40
N GLY W 39 24.28 50.79 -34.53
CA GLY W 39 24.49 51.65 -33.38
C GLY W 39 25.89 51.61 -32.83
N GLY W 40 26.87 51.26 -33.65
CA GLY W 40 28.24 51.12 -33.23
C GLY W 40 28.62 49.72 -32.80
N TYR W 41 27.65 48.84 -32.61
CA TYR W 41 27.93 47.48 -32.17
C TYR W 41 28.48 46.66 -33.33
N VAL W 42 29.62 46.00 -33.12
CA VAL W 42 30.22 45.12 -34.12
C VAL W 42 30.64 43.83 -33.43
N THR W 43 30.39 42.72 -34.09
CA THR W 43 30.64 41.41 -33.51
C THR W 43 31.49 40.57 -34.46
N VAL W 44 32.13 39.55 -33.90
CA VAL W 44 32.88 38.57 -34.66
C VAL W 44 32.39 37.18 -34.27
N LEU W 45 32.22 36.32 -35.27
CA LEU W 45 31.69 34.97 -35.12
C LEU W 45 32.73 34.01 -35.68
N VAL W 46 33.19 33.08 -34.84
CA VAL W 46 34.29 32.18 -35.17
C VAL W 46 33.87 30.75 -34.86
N ARG W 47 34.39 29.81 -35.65
CA ARG W 47 34.06 28.40 -35.52
C ARG W 47 35.32 27.59 -35.25
N GLY W 48 35.24 26.68 -34.30
CA GLY W 48 36.36 25.82 -33.98
C GLY W 48 35.99 24.88 -32.86
N GLU W 49 37.00 24.13 -32.41
CA GLU W 49 36.80 23.15 -31.35
C GLU W 49 36.52 23.86 -30.03
N THR W 50 35.83 23.15 -29.13
CA THR W 50 35.36 23.75 -27.88
C THR W 50 36.51 24.36 -27.07
N GLY W 51 37.55 23.58 -26.82
CA GLY W 51 38.72 24.14 -26.16
C GLY W 51 39.38 25.21 -27.00
N ALA W 52 39.38 25.02 -28.32
CA ALA W 52 39.98 26.01 -29.21
C ALA W 52 39.23 27.34 -29.14
N VAL W 53 37.91 27.29 -29.28
CA VAL W 53 37.14 28.53 -29.21
C VAL W 53 37.22 29.12 -27.81
N ASN W 54 37.36 28.29 -26.78
CA ASN W 54 37.50 28.82 -25.44
C ASN W 54 38.80 29.60 -25.29
N ALA W 55 39.92 29.03 -25.76
CA ALA W 55 41.17 29.75 -25.71
C ALA W 55 41.09 31.04 -26.52
N ALA W 56 40.46 30.97 -27.70
CA ALA W 56 40.32 32.15 -28.54
C ALA W 56 39.55 33.25 -27.81
N VAL W 57 38.40 32.90 -27.21
CA VAL W 57 37.60 33.91 -26.53
C VAL W 57 38.33 34.45 -25.32
N ARG W 58 39.11 33.61 -24.63
CA ARG W 58 39.90 34.11 -23.51
C ARG W 58 40.86 35.18 -23.99
N ALA W 59 41.55 34.90 -25.09
CA ALA W 59 42.50 35.87 -25.65
C ALA W 59 41.79 37.15 -26.08
N GLY W 60 40.65 37.01 -26.75
CA GLY W 60 39.92 38.19 -27.20
C GLY W 60 39.46 39.05 -26.04
N ALA W 61 38.93 38.41 -24.99
CA ALA W 61 38.47 39.15 -23.82
C ALA W 61 39.63 39.86 -23.15
N ASP W 62 40.77 39.19 -23.00
CA ASP W 62 41.89 39.81 -22.29
C ASP W 62 42.50 40.95 -23.10
N ALA W 63 42.51 40.83 -24.42
CA ALA W 63 43.08 41.88 -25.25
C ALA W 63 42.08 42.93 -25.69
N CYS W 64 40.82 42.80 -25.32
CA CYS W 64 39.79 43.67 -25.88
C CYS W 64 39.24 44.71 -24.91
N GLU W 65 39.14 44.38 -23.62
CA GLU W 65 38.39 45.23 -22.69
C GLU W 65 39.00 46.62 -22.53
N ARG W 66 40.29 46.78 -22.80
CA ARG W 66 40.97 48.05 -22.59
C ARG W 66 41.30 48.75 -23.89
N VAL W 67 40.60 48.42 -24.97
CA VAL W 67 40.85 48.99 -26.29
C VAL W 67 39.61 49.76 -26.72
N GLY W 68 39.78 51.05 -27.01
CA GLY W 68 38.65 51.88 -27.37
C GLY W 68 37.62 51.90 -26.26
N ASP W 69 36.36 51.70 -26.63
CA ASP W 69 35.32 51.53 -25.62
C ASP W 69 35.49 50.23 -24.84
N GLY W 70 36.04 49.20 -25.47
CA GLY W 70 36.24 47.92 -24.83
C GLY W 70 35.19 46.92 -25.23
N LEU W 71 35.42 45.68 -24.78
CA LEU W 71 34.50 44.59 -25.05
C LEU W 71 33.14 44.86 -24.42
N VAL W 72 32.08 44.48 -25.12
CA VAL W 72 30.72 44.70 -24.63
C VAL W 72 30.16 43.36 -24.18
N ALA W 73 30.34 42.32 -25.00
CA ALA W 73 29.83 41.00 -24.69
C ALA W 73 30.70 39.94 -25.33
N ALA W 74 30.62 38.73 -24.78
CA ALA W 74 31.32 37.56 -25.31
C ALA W 74 30.55 36.33 -24.85
N HIS W 75 30.50 35.31 -25.72
CA HIS W 75 29.70 34.14 -25.39
C HIS W 75 30.30 32.94 -26.14
N ILE W 76 30.00 31.73 -25.64
CA ILE W 76 30.80 30.55 -25.96
C ILE W 76 29.99 29.34 -26.45
N ILE W 77 28.96 29.55 -27.27
CA ILE W 77 28.21 28.45 -27.86
C ILE W 77 29.13 27.30 -28.28
N ALA W 78 28.84 26.10 -27.81
CA ALA W 78 29.68 24.93 -28.06
C ALA W 78 29.07 23.97 -29.07
N ARG W 79 27.78 23.65 -28.95
CA ARG W 79 27.04 22.93 -29.98
C ARG W 79 25.97 23.85 -30.56
N PRO W 80 26.29 24.56 -31.65
CA PRO W 80 25.25 25.27 -32.40
C PRO W 80 24.40 24.26 -33.16
N HIS W 81 23.10 24.28 -32.91
CA HIS W 81 22.22 23.36 -33.61
C HIS W 81 22.18 23.69 -35.10
N ARG W 82 21.96 22.64 -35.91
CA ARG W 82 21.99 22.82 -37.36
C ARG W 82 20.96 23.83 -37.83
N GLU W 83 19.92 24.06 -37.04
CA GLU W 83 18.87 24.99 -37.43
C GLU W 83 19.34 26.43 -37.30
N VAL W 84 20.44 26.66 -36.58
CA VAL W 84 20.96 28.00 -36.38
C VAL W 84 21.93 28.42 -37.49
N GLU W 85 22.51 27.46 -38.20
CA GLU W 85 23.48 27.79 -39.26
C GLU W 85 22.98 28.84 -40.25
N PRO W 86 21.74 28.80 -40.76
CA PRO W 86 21.29 29.88 -41.65
C PRO W 86 21.38 31.26 -41.03
N ALA W 87 21.20 31.36 -39.71
CA ALA W 87 21.34 32.65 -39.03
C ALA W 87 22.77 33.15 -39.02
N LEU W 88 23.74 32.33 -39.39
CA LEU W 88 25.12 32.77 -39.50
C LEU W 88 25.68 32.48 -40.88
N GLY X 2 54.76 44.57 -47.63
CA GLY X 2 54.28 45.00 -46.33
C GLY X 2 52.88 44.52 -46.02
N ILE X 3 52.73 43.85 -44.88
CA ILE X 3 51.45 43.32 -44.44
C ILE X 3 50.97 43.99 -43.16
N ALA X 4 51.73 44.96 -42.66
CA ALA X 4 51.34 45.66 -41.45
C ALA X 4 50.04 46.43 -41.66
N LEU X 5 49.13 46.29 -40.72
CA LEU X 5 47.80 46.89 -40.82
C LEU X 5 47.63 47.92 -39.71
N GLY X 6 47.41 49.18 -40.11
CA GLY X 6 47.07 50.23 -39.18
C GLY X 6 45.67 50.73 -39.50
N MET X 7 44.97 51.19 -38.48
CA MET X 7 43.58 51.59 -38.68
C MET X 7 43.04 52.22 -37.42
N ILE X 8 42.12 53.16 -37.59
CA ILE X 8 41.50 53.84 -36.45
C ILE X 8 40.07 54.22 -36.81
N GLU X 9 39.18 54.16 -35.82
CA GLU X 9 37.84 54.71 -35.95
C GLU X 9 37.73 56.01 -35.18
N THR X 10 36.73 56.79 -35.56
CA THR X 10 36.50 58.07 -34.92
C THR X 10 35.04 58.45 -35.03
N ARG X 11 34.60 59.32 -34.13
CA ARG X 11 33.24 59.83 -34.10
C ARG X 11 33.17 60.98 -35.11
N GLY X 12 32.59 60.72 -36.27
CA GLY X 12 32.56 61.72 -37.31
C GLY X 12 33.63 61.46 -38.34
N LEU X 13 33.31 61.77 -39.59
CA LEU X 13 34.19 61.46 -40.72
C LEU X 13 35.19 62.56 -41.03
N VAL X 14 35.02 63.77 -40.47
CA VAL X 14 36.04 64.81 -40.63
C VAL X 14 37.34 64.28 -40.06
N PRO X 15 37.38 63.81 -38.80
CA PRO X 15 38.63 63.24 -38.30
C PRO X 15 39.05 62.02 -39.10
N ALA X 16 38.11 61.24 -39.61
CA ALA X 16 38.47 60.05 -40.37
C ALA X 16 39.29 60.41 -41.60
N ILE X 17 38.79 61.35 -42.42
CA ILE X 17 39.52 61.65 -43.65
C ILE X 17 40.75 62.50 -43.37
N GLU X 18 40.71 63.40 -42.38
CA GLU X 18 41.93 64.15 -42.11
C GLU X 18 43.03 63.23 -41.59
N ALA X 19 42.66 62.24 -40.77
CA ALA X 19 43.63 61.25 -40.33
C ALA X 19 44.08 60.36 -41.48
N ALA X 20 43.21 60.09 -42.44
CA ALA X 20 43.64 59.35 -43.63
C ALA X 20 44.68 60.13 -44.42
N ASP X 21 44.45 61.43 -44.58
CA ASP X 21 45.44 62.27 -45.24
C ASP X 21 46.75 62.29 -44.45
N ALA X 22 46.65 62.35 -43.12
CA ALA X 22 47.84 62.24 -42.29
C ALA X 22 48.54 60.90 -42.50
N MET X 23 47.77 59.82 -42.61
CA MET X 23 48.35 58.50 -42.85
C MET X 23 49.16 58.52 -44.13
N THR X 24 48.56 58.98 -45.21
CA THR X 24 49.18 58.89 -46.52
C THR X 24 50.25 59.95 -46.75
N LYS X 25 50.27 61.00 -45.93
CA LYS X 25 51.28 62.04 -46.09
C LYS X 25 52.47 61.84 -45.17
N ALA X 26 52.24 61.29 -43.97
CA ALA X 26 53.33 61.07 -43.02
C ALA X 26 54.25 59.94 -43.46
N ALA X 27 53.70 58.87 -44.03
CA ALA X 27 54.51 57.73 -44.40
C ALA X 27 53.91 57.08 -45.64
N GLU X 28 54.76 56.33 -46.34
CA GLU X 28 54.36 55.66 -47.57
C GLU X 28 53.53 54.44 -47.19
N VAL X 29 52.22 54.64 -47.11
CA VAL X 29 51.27 53.60 -46.73
C VAL X 29 50.10 53.65 -47.70
N ARG X 30 49.60 52.48 -48.10
CA ARG X 30 48.48 52.40 -49.03
C ARG X 30 47.20 52.17 -48.25
N LEU X 31 46.19 53.00 -48.51
CA LEU X 31 44.90 52.82 -47.88
C LEU X 31 44.20 51.61 -48.47
N ILE X 32 43.46 50.88 -47.63
CA ILE X 32 42.72 49.71 -48.08
C ILE X 32 41.28 49.70 -47.60
N GLY X 33 40.85 50.66 -46.78
CA GLY X 33 39.48 50.60 -46.33
C GLY X 33 38.88 51.86 -45.73
N ARG X 34 37.68 52.22 -46.20
CA ARG X 34 36.79 53.14 -45.52
C ARG X 34 35.66 52.28 -44.97
N GLU X 35 35.23 52.56 -43.74
CA GLU X 35 34.15 51.79 -43.13
C GLU X 35 33.19 52.71 -42.41
N PHE X 36 31.94 52.74 -42.88
CA PHE X 36 30.85 53.34 -42.13
C PHE X 36 30.39 52.31 -41.11
N VAL X 37 30.99 52.37 -39.92
CA VAL X 37 30.67 51.39 -38.88
C VAL X 37 29.21 51.50 -38.48
N GLY X 38 28.69 52.71 -38.43
CA GLY X 38 27.34 52.95 -37.94
C GLY X 38 27.37 53.51 -36.53
N GLY X 39 26.38 54.33 -36.21
CA GLY X 39 26.36 54.98 -34.92
C GLY X 39 27.41 56.03 -34.72
N GLY X 40 27.92 56.63 -35.80
CA GLY X 40 28.92 57.67 -35.73
C GLY X 40 30.34 57.20 -35.84
N TYR X 41 30.59 55.91 -35.61
CA TYR X 41 31.94 55.39 -35.79
C TYR X 41 32.25 55.26 -37.27
N VAL X 42 33.39 55.80 -37.68
CA VAL X 42 33.88 55.66 -39.04
C VAL X 42 35.34 55.28 -38.99
N THR X 43 35.72 54.28 -39.76
CA THR X 43 37.03 53.65 -39.67
C THR X 43 37.84 53.86 -40.93
N VAL X 44 39.09 54.28 -40.75
CA VAL X 44 40.08 54.32 -41.82
C VAL X 44 41.05 53.17 -41.61
N LEU X 45 41.45 52.54 -42.72
CA LEU X 45 42.17 51.27 -42.73
C LEU X 45 43.29 51.36 -43.77
N VAL X 46 44.54 51.42 -43.31
CA VAL X 46 45.70 51.53 -44.17
C VAL X 46 46.62 50.33 -43.97
N ARG X 47 47.40 50.04 -45.01
CA ARG X 47 48.25 48.86 -45.06
C ARG X 47 49.63 49.26 -45.56
N GLY X 48 50.66 48.78 -44.88
CA GLY X 48 52.03 49.10 -45.26
C GLY X 48 53.00 48.39 -44.33
N GLU X 49 54.28 48.71 -44.49
CA GLU X 49 55.29 48.07 -43.66
C GLU X 49 55.24 48.62 -42.24
N THR X 50 55.87 47.90 -41.32
CA THR X 50 55.67 48.16 -39.89
C THR X 50 56.11 49.56 -39.50
N GLY X 51 57.32 49.97 -39.90
CA GLY X 51 57.82 51.26 -39.48
C GLY X 51 56.99 52.41 -40.02
N ALA X 52 56.69 52.37 -41.32
CA ALA X 52 55.87 53.42 -41.91
C ALA X 52 54.48 53.44 -41.30
N VAL X 53 53.89 52.27 -41.10
CA VAL X 53 52.56 52.20 -40.50
C VAL X 53 52.58 52.83 -39.12
N ASN X 54 53.57 52.45 -38.30
CA ASN X 54 53.66 52.96 -36.94
C ASN X 54 53.82 54.47 -36.93
N ALA X 55 54.74 54.99 -37.74
CA ALA X 55 54.97 56.42 -37.76
C ALA X 55 53.72 57.18 -38.22
N ALA X 56 53.11 56.71 -39.30
CA ALA X 56 51.94 57.38 -39.84
C ALA X 56 50.79 57.38 -38.83
N VAL X 57 50.53 56.23 -38.21
CA VAL X 57 49.41 56.15 -37.28
C VAL X 57 49.68 56.99 -36.04
N ARG X 58 50.93 57.00 -35.56
CA ARG X 58 51.26 57.84 -34.41
C ARG X 58 51.02 59.30 -34.72
N ALA X 59 51.49 59.76 -35.88
CA ALA X 59 51.31 61.16 -36.25
C ALA X 59 49.83 61.49 -36.42
N GLY X 60 49.08 60.62 -37.11
CA GLY X 60 47.68 60.89 -37.34
C GLY X 60 46.86 60.90 -36.08
N ALA X 61 47.13 59.95 -35.17
CA ALA X 61 46.43 59.94 -33.90
C ALA X 61 46.74 61.18 -33.08
N ASP X 62 48.03 61.57 -33.02
CA ASP X 62 48.38 62.75 -32.24
C ASP X 62 47.80 64.02 -32.86
N ALA X 63 47.57 64.02 -34.17
CA ALA X 63 46.97 65.17 -34.83
C ALA X 63 45.45 65.07 -34.97
N CYS X 64 44.84 64.00 -34.47
CA CYS X 64 43.42 63.75 -34.71
C CYS X 64 42.51 64.15 -33.55
N GLU X 65 43.04 64.24 -32.33
CA GLU X 65 42.18 64.46 -31.17
C GLU X 65 41.39 65.76 -31.31
N ARG X 66 42.07 66.86 -31.60
CA ARG X 66 41.43 68.16 -31.62
C ARG X 66 40.43 68.31 -32.75
N VAL X 67 40.60 67.59 -33.86
CA VAL X 67 39.72 67.73 -35.02
C VAL X 67 38.44 66.97 -34.74
N GLY X 68 37.30 67.65 -34.90
CA GLY X 68 36.01 66.98 -34.77
C GLY X 68 35.76 66.46 -33.38
N ASP X 69 35.08 65.32 -33.30
CA ASP X 69 34.75 64.68 -32.04
C ASP X 69 35.86 63.78 -31.54
N GLY X 70 36.98 63.72 -32.24
CA GLY X 70 38.12 62.99 -31.77
C GLY X 70 38.10 61.51 -32.10
N LEU X 71 39.09 60.82 -31.56
CA LEU X 71 39.33 59.42 -31.86
C LEU X 71 38.38 58.52 -31.08
N VAL X 72 38.34 57.24 -31.46
CA VAL X 72 37.73 56.20 -30.66
C VAL X 72 38.77 55.21 -30.14
N ALA X 73 39.68 54.79 -30.99
CA ALA X 73 40.76 53.88 -30.59
C ALA X 73 41.90 54.00 -31.57
N ALA X 74 43.12 53.78 -31.07
CA ALA X 74 44.31 53.80 -31.92
C ALA X 74 45.23 52.67 -31.46
N HIS X 75 45.16 51.55 -32.16
CA HIS X 75 46.11 50.46 -31.96
C HIS X 75 46.33 49.75 -33.29
N ILE X 76 47.43 49.02 -33.35
CA ILE X 76 47.96 48.50 -34.60
C ILE X 76 48.30 47.04 -34.41
N ILE X 77 47.97 46.23 -35.42
CA ILE X 77 48.43 44.85 -35.49
C ILE X 77 49.45 44.76 -36.61
N ALA X 78 50.64 44.25 -36.29
CA ALA X 78 51.72 44.27 -37.26
C ALA X 78 51.63 43.13 -38.27
N ARG X 79 51.18 41.95 -37.82
CA ARG X 79 51.07 40.78 -38.70
C ARG X 79 49.67 40.21 -38.60
N PRO X 80 48.71 40.75 -39.35
CA PRO X 80 47.40 40.11 -39.44
C PRO X 80 47.53 38.73 -40.06
N HIS X 81 46.71 37.80 -39.59
CA HIS X 81 46.73 36.46 -40.16
C HIS X 81 46.11 36.48 -41.55
N ARG X 82 46.41 35.44 -42.33
CA ARG X 82 45.89 35.37 -43.70
C ARG X 82 44.37 35.33 -43.71
N GLU X 83 43.76 34.55 -42.81
CA GLU X 83 42.31 34.43 -42.76
C GLU X 83 41.63 35.75 -42.43
N VAL X 84 42.35 36.72 -41.86
CA VAL X 84 41.77 38.03 -41.61
C VAL X 84 41.58 38.81 -42.90
N GLU X 85 42.36 38.52 -43.94
CA GLU X 85 42.27 39.27 -45.19
C GLU X 85 40.89 39.21 -45.83
N PRO X 86 40.21 38.06 -45.94
CA PRO X 86 38.83 38.08 -46.43
C PRO X 86 37.90 38.92 -45.57
N ALA X 87 38.22 39.08 -44.29
CA ALA X 87 37.46 39.96 -43.40
C ALA X 87 38.06 41.35 -43.32
N LEU X 88 38.69 41.81 -44.40
CA LEU X 88 39.28 43.14 -44.44
C LEU X 88 38.19 44.20 -44.24
N GLY Y 2 40.01 74.56 -57.67
CA GLY Y 2 41.25 73.92 -57.29
C GLY Y 2 41.04 72.61 -56.55
N ILE Y 3 42.14 71.93 -56.22
CA ILE Y 3 42.07 70.65 -55.52
C ILE Y 3 41.85 70.82 -54.03
N ALA Y 4 41.74 72.06 -53.54
CA ALA Y 4 41.50 72.28 -52.12
C ALA Y 4 40.18 71.66 -51.70
N LEU Y 5 40.20 70.91 -50.60
CA LEU Y 5 39.05 70.16 -50.13
C LEU Y 5 38.54 70.80 -48.84
N GLY Y 6 37.30 71.30 -48.88
CA GLY Y 6 36.61 71.75 -47.69
C GLY Y 6 35.46 70.80 -47.41
N MET Y 7 35.10 70.66 -46.14
CA MET Y 7 34.04 69.70 -45.83
C MET Y 7 33.56 69.88 -44.40
N ILE Y 8 32.29 69.56 -44.18
CA ILE Y 8 31.59 69.83 -42.93
C ILE Y 8 30.78 68.60 -42.55
N GLU Y 9 30.58 68.38 -41.24
CA GLU Y 9 29.51 67.50 -40.79
C GLU Y 9 28.55 68.21 -39.87
N THR Y 10 27.28 67.89 -40.07
CA THR Y 10 26.21 68.40 -39.25
C THR Y 10 25.44 67.22 -38.67
N ARG Y 11 24.78 67.48 -37.54
CA ARG Y 11 23.87 66.50 -36.97
C ARG Y 11 22.49 66.81 -37.52
N GLY Y 12 22.09 66.09 -38.56
CA GLY Y 12 20.83 66.34 -39.21
C GLY Y 12 21.01 66.87 -40.61
N LEU Y 13 20.06 66.56 -41.49
CA LEU Y 13 20.18 66.99 -42.88
C LEU Y 13 19.87 68.48 -43.06
N VAL Y 14 19.05 69.07 -42.19
CA VAL Y 14 18.77 70.50 -42.30
C VAL Y 14 20.05 71.33 -42.17
N PRO Y 15 20.84 71.19 -41.10
CA PRO Y 15 22.09 71.94 -41.05
C PRO Y 15 23.03 71.57 -42.17
N ALA Y 16 23.00 70.32 -42.63
CA ALA Y 16 23.85 69.91 -43.75
C ALA Y 16 23.55 70.73 -44.98
N ILE Y 17 22.27 70.81 -45.38
CA ILE Y 17 21.95 71.49 -46.62
C ILE Y 17 22.15 72.99 -46.47
N GLU Y 18 21.80 73.55 -45.31
CA GLU Y 18 22.01 74.99 -45.17
C GLU Y 18 23.50 75.34 -45.16
N ALA Y 19 24.33 74.49 -44.57
CA ALA Y 19 25.77 74.70 -44.63
C ALA Y 19 26.28 74.57 -46.06
N ALA Y 20 25.74 73.63 -46.82
CA ALA Y 20 26.12 73.52 -48.23
C ALA Y 20 25.71 74.75 -49.01
N ASP Y 21 24.53 75.29 -48.72
CA ASP Y 21 24.08 76.50 -49.42
C ASP Y 21 24.98 77.67 -49.05
N ALA Y 22 25.37 77.78 -47.79
CA ALA Y 22 26.33 78.81 -47.41
C ALA Y 22 27.65 78.61 -48.14
N MET Y 23 28.10 77.36 -48.25
CA MET Y 23 29.30 77.02 -49.01
C MET Y 23 29.23 77.58 -50.42
N THR Y 24 28.14 77.28 -51.12
CA THR Y 24 28.05 77.62 -52.53
C THR Y 24 27.66 79.08 -52.76
N LYS Y 25 27.09 79.74 -51.76
CA LYS Y 25 26.67 81.13 -51.96
C LYS Y 25 27.76 82.10 -51.55
N ALA Y 26 28.41 81.86 -50.41
CA ALA Y 26 29.51 82.73 -49.99
C ALA Y 26 30.69 82.67 -50.94
N ALA Y 27 31.01 81.49 -51.45
CA ALA Y 27 32.08 81.33 -52.41
C ALA Y 27 31.61 80.41 -53.52
N GLU Y 28 32.23 80.56 -54.69
CA GLU Y 28 31.85 79.78 -55.87
C GLU Y 28 32.79 78.59 -55.99
N VAL Y 29 32.48 77.55 -55.22
CA VAL Y 29 33.23 76.30 -55.23
C VAL Y 29 32.26 75.15 -55.44
N ARG Y 30 32.62 74.24 -56.34
CA ARG Y 30 31.76 73.11 -56.69
C ARG Y 30 31.74 72.11 -55.53
N LEU Y 31 30.54 71.61 -55.21
CA LEU Y 31 30.44 70.54 -54.24
C LEU Y 31 30.71 69.20 -54.91
N ILE Y 32 31.39 68.31 -54.19
CA ILE Y 32 31.75 67.02 -54.73
C ILE Y 32 31.02 65.87 -54.06
N GLY Y 33 30.47 66.06 -52.87
CA GLY Y 33 29.79 64.97 -52.21
C GLY Y 33 28.79 65.35 -51.13
N ARG Y 34 27.71 64.58 -51.01
CA ARG Y 34 26.74 64.71 -49.94
C ARG Y 34 26.54 63.32 -49.36
N GLU Y 35 27.32 62.96 -48.35
CA GLU Y 35 27.36 61.59 -47.86
C GLU Y 35 26.69 61.47 -46.50
N PHE Y 36 26.05 60.34 -46.28
CA PHE Y 36 25.38 60.03 -45.02
C PHE Y 36 26.31 59.15 -44.21
N VAL Y 37 26.89 59.73 -43.16
CA VAL Y 37 27.82 58.97 -42.31
C VAL Y 37 27.09 57.81 -41.63
N GLY Y 38 25.89 58.08 -41.13
CA GLY Y 38 25.12 57.05 -40.46
C GLY Y 38 24.82 57.44 -39.03
N GLY Y 39 23.58 57.23 -38.62
CA GLY Y 39 23.16 57.58 -37.29
C GLY Y 39 22.89 59.05 -37.07
N GLY Y 40 22.84 59.86 -38.14
CA GLY Y 40 22.52 61.26 -38.04
C GLY Y 40 23.61 62.20 -38.51
N TYR Y 41 24.86 61.74 -38.54
CA TYR Y 41 25.94 62.57 -39.06
C TYR Y 41 25.83 62.66 -40.58
N VAL Y 42 25.79 63.89 -41.09
CA VAL Y 42 25.73 64.12 -42.53
C VAL Y 42 26.93 64.98 -42.91
N THR Y 43 27.69 64.54 -43.91
CA THR Y 43 28.89 65.24 -44.34
C THR Y 43 28.69 65.81 -45.74
N VAL Y 44 29.22 67.02 -45.94
CA VAL Y 44 29.24 67.69 -47.22
C VAL Y 44 30.68 67.95 -47.61
N LEU Y 45 31.02 67.63 -48.85
CA LEU Y 45 32.36 67.68 -49.39
C LEU Y 45 32.37 68.61 -50.60
N VAL Y 46 33.22 69.63 -50.56
CA VAL Y 46 33.32 70.61 -51.64
C VAL Y 46 34.78 70.76 -52.04
N ARG Y 47 34.99 71.12 -53.31
CA ARG Y 47 36.32 71.31 -53.86
C ARG Y 47 36.44 72.71 -54.44
N GLY Y 48 37.64 73.27 -54.39
CA GLY Y 48 37.87 74.59 -54.94
C GLY Y 48 39.25 75.09 -54.56
N GLU Y 49 39.48 76.37 -54.89
CA GLU Y 49 40.75 77.00 -54.54
C GLU Y 49 40.82 77.22 -53.02
N THR Y 50 42.06 77.34 -52.54
CA THR Y 50 42.30 77.40 -51.10
C THR Y 50 41.55 78.58 -50.46
N GLY Y 51 41.70 79.77 -51.03
CA GLY Y 51 41.07 80.94 -50.43
C GLY Y 51 39.56 80.88 -50.43
N ALA Y 52 38.96 80.52 -51.56
CA ALA Y 52 37.51 80.41 -51.64
C ALA Y 52 37.01 79.30 -50.72
N VAL Y 53 37.73 78.19 -50.66
CA VAL Y 53 37.35 77.11 -49.75
C VAL Y 53 37.35 77.61 -48.32
N ASN Y 54 38.40 78.34 -47.93
CA ASN Y 54 38.48 78.84 -46.56
C ASN Y 54 37.33 79.80 -46.26
N ALA Y 55 37.06 80.73 -47.17
CA ALA Y 55 35.96 81.68 -46.93
C ALA Y 55 34.63 80.96 -46.84
N ALA Y 56 34.38 80.03 -47.75
CA ALA Y 56 33.11 79.30 -47.75
C ALA Y 56 32.95 78.46 -46.49
N VAL Y 57 34.02 77.81 -46.04
CA VAL Y 57 33.91 76.98 -44.85
C VAL Y 57 33.71 77.85 -43.61
N ARG Y 58 34.37 79.02 -43.56
CA ARG Y 58 34.11 79.95 -42.47
C ARG Y 58 32.63 80.32 -42.43
N ALA Y 59 32.09 80.70 -43.59
CA ALA Y 59 30.69 81.11 -43.65
C ALA Y 59 29.75 79.96 -43.26
N GLY Y 60 30.01 78.77 -43.78
CA GLY Y 60 29.14 77.65 -43.49
C GLY Y 60 29.18 77.26 -42.02
N ALA Y 61 30.38 77.22 -41.44
CA ALA Y 61 30.52 76.90 -40.03
C ALA Y 61 29.82 77.94 -39.17
N ASP Y 62 29.96 79.22 -39.51
CA ASP Y 62 29.31 80.25 -38.71
C ASP Y 62 27.79 80.19 -38.84
N ALA Y 63 27.29 79.85 -40.04
CA ALA Y 63 25.86 79.80 -40.25
C ALA Y 63 25.22 78.50 -39.75
N CYS Y 64 26.03 77.47 -39.47
CA CYS Y 64 25.48 76.18 -39.08
C CYS Y 64 25.31 76.02 -37.58
N GLU Y 65 25.94 76.88 -36.78
CA GLU Y 65 26.00 76.65 -35.35
C GLU Y 65 24.66 76.83 -34.65
N ARG Y 66 23.63 77.31 -35.34
CA ARG Y 66 22.37 77.64 -34.68
C ARG Y 66 21.15 77.08 -35.38
N VAL Y 67 21.28 75.97 -36.10
CA VAL Y 67 20.14 75.31 -36.75
C VAL Y 67 20.13 73.84 -36.33
N GLY Y 68 18.98 73.41 -35.81
CA GLY Y 68 18.87 72.03 -35.35
C GLY Y 68 19.91 71.72 -34.30
N ASP Y 69 20.53 70.55 -34.40
CA ASP Y 69 21.70 70.25 -33.58
C ASP Y 69 22.97 70.89 -34.11
N GLY Y 70 22.96 71.34 -35.37
CA GLY Y 70 24.04 72.13 -35.90
C GLY Y 70 25.31 71.36 -36.21
N LEU Y 71 26.38 72.13 -36.37
CA LEU Y 71 27.68 71.59 -36.74
C LEU Y 71 28.19 70.64 -35.66
N VAL Y 72 28.84 69.55 -36.09
CA VAL Y 72 29.49 68.63 -35.18
C VAL Y 72 31.00 68.58 -35.39
N ALA Y 73 31.44 68.62 -36.65
CA ALA Y 73 32.87 68.62 -36.96
C ALA Y 73 33.09 69.43 -38.22
N ALA Y 74 34.16 70.22 -38.23
CA ALA Y 74 34.45 71.12 -39.34
C ALA Y 74 35.95 71.31 -39.46
N HIS Y 75 36.52 70.95 -40.61
CA HIS Y 75 37.94 71.17 -40.87
C HIS Y 75 38.16 71.18 -42.38
N ILE Y 76 39.37 71.57 -42.76
CA ILE Y 76 39.73 71.80 -44.16
C ILE Y 76 40.99 71.00 -44.46
N ILE Y 77 41.09 70.48 -45.68
CA ILE Y 77 42.29 69.82 -46.16
C ILE Y 77 42.84 70.65 -47.32
N ALA Y 78 44.11 71.04 -47.21
CA ALA Y 78 44.70 71.93 -48.21
C ALA Y 78 45.10 71.16 -49.46
N ARG Y 79 45.93 70.14 -49.31
CA ARG Y 79 46.48 69.37 -50.44
C ARG Y 79 46.17 67.90 -50.21
N PRO Y 80 44.95 67.46 -50.55
CA PRO Y 80 44.63 66.03 -50.45
C PRO Y 80 45.51 65.22 -51.38
N HIS Y 81 45.83 63.99 -50.95
CA HIS Y 81 46.65 63.10 -51.75
C HIS Y 81 45.79 62.46 -52.82
N ARG Y 82 46.44 61.93 -53.86
CA ARG Y 82 45.69 61.47 -55.03
C ARG Y 82 44.81 60.27 -54.69
N GLU Y 83 45.29 59.38 -53.81
CA GLU Y 83 44.61 58.11 -53.59
C GLU Y 83 43.48 58.18 -52.58
N VAL Y 84 43.26 59.33 -51.94
CA VAL Y 84 42.13 59.43 -51.01
C VAL Y 84 40.82 59.72 -51.74
N GLU Y 85 40.87 59.93 -53.06
CA GLU Y 85 39.63 60.04 -53.82
C GLU Y 85 38.77 58.78 -53.69
N PRO Y 86 39.29 57.56 -53.87
CA PRO Y 86 38.47 56.39 -53.52
C PRO Y 86 38.14 56.31 -52.05
N ALA Y 87 38.85 57.04 -51.19
CA ALA Y 87 38.53 57.07 -49.77
C ALA Y 87 37.47 58.11 -49.43
N LEU Y 88 37.05 58.92 -50.40
CA LEU Y 88 36.02 59.93 -50.15
C LEU Y 88 34.64 59.30 -50.12
N ILE Z 234 -37.44 -62.18 99.39
CA ILE Z 234 -37.28 -63.62 99.51
C ILE Z 234 -37.55 -64.07 100.94
N ALA Z 235 -38.52 -64.98 101.07
CA ALA Z 235 -38.99 -65.42 102.38
C ALA Z 235 -38.05 -66.45 103.00
N ASP Z 236 -38.53 -67.10 104.06
CA ASP Z 236 -37.76 -68.13 104.76
C ASP Z 236 -37.15 -69.13 103.79
N ALA Z 237 -35.95 -69.61 104.12
CA ALA Z 237 -35.22 -70.52 103.26
C ALA Z 237 -36.08 -71.69 102.82
N SER Z 238 -36.47 -72.53 103.78
CA SER Z 238 -37.48 -73.59 103.62
C SER Z 238 -37.66 -74.02 102.17
N TRP Z 239 -38.64 -73.41 101.49
CA TRP Z 239 -38.93 -73.71 100.10
C TRP Z 239 -37.85 -73.22 99.15
N LYS Z 240 -37.40 -71.97 99.31
CA LYS Z 240 -36.46 -71.42 98.35
C LYS Z 240 -35.24 -70.83 99.04
N VAL Z 241 -34.06 -71.27 98.58
CA VAL Z 241 -32.80 -70.83 99.16
C VAL Z 241 -32.56 -69.36 98.82
N GLY Z 242 -32.07 -68.60 99.80
CA GLY Z 242 -31.86 -67.18 99.60
C GLY Z 242 -30.40 -66.77 99.54
N LYS Z 243 -29.98 -66.31 98.36
CA LYS Z 243 -28.67 -65.68 98.16
C LYS Z 243 -27.52 -66.60 98.56
N SER Z 244 -27.52 -67.83 98.07
CA SER Z 244 -26.41 -68.75 98.35
C SER Z 244 -25.39 -68.61 97.24
N GLU Z 245 -24.40 -67.75 97.45
CA GLU Z 245 -23.38 -67.48 96.44
C GLU Z 245 -22.47 -68.69 96.26
N THR Z 246 -21.87 -68.79 95.08
CA THR Z 246 -20.92 -69.85 94.78
C THR Z 246 -19.50 -69.34 94.58
N ASP Z 247 -19.26 -68.43 93.64
CA ASP Z 247 -17.91 -67.94 93.40
C ASP Z 247 -17.77 -66.43 93.54
N SER Z 248 -18.56 -65.63 92.81
CA SER Z 248 -18.39 -64.18 92.80
C SER Z 248 -19.74 -63.50 92.53
N GLY Z 249 -20.43 -63.13 93.60
CA GLY Z 249 -21.56 -62.22 93.51
C GLY Z 249 -22.92 -62.82 93.22
N GLN Z 250 -23.02 -63.71 92.25
CA GLN Z 250 -24.33 -64.16 91.77
C GLN Z 250 -25.11 -64.86 92.87
N THR Z 251 -26.43 -64.64 92.90
CA THR Z 251 -27.28 -65.27 93.90
C THR Z 251 -27.33 -66.78 93.69
N VAL Z 252 -27.40 -67.21 92.43
CA VAL Z 252 -27.47 -68.61 92.00
C VAL Z 252 -28.29 -69.45 92.97
N THR Z 253 -29.50 -68.99 93.28
CA THR Z 253 -30.38 -69.75 94.17
C THR Z 253 -30.84 -71.05 93.50
N GLY Z 254 -30.96 -71.05 92.18
CA GLY Z 254 -31.30 -72.25 91.43
C GLY Z 254 -32.56 -72.94 91.91
N THR Z 255 -32.46 -74.24 92.18
CA THR Z 255 -33.51 -75.01 92.84
C THR Z 255 -32.89 -75.98 93.85
N GLN Z 256 -31.85 -75.51 94.55
CA GLN Z 256 -31.02 -76.38 95.38
C GLN Z 256 -31.38 -76.31 96.86
N ALA Z 257 -30.64 -77.05 97.67
CA ALA Z 257 -30.73 -77.03 99.13
C ALA Z 257 -29.47 -77.63 99.73
N ASN Z 258 -28.66 -76.81 100.40
CA ASN Z 258 -27.33 -77.26 100.81
C ASN Z 258 -27.02 -76.98 102.28
N ARG Z 259 -25.74 -77.10 102.62
CA ARG Z 259 -25.29 -77.05 104.01
C ARG Z 259 -25.67 -75.73 104.67
N SER Z 260 -26.04 -75.82 105.95
CA SER Z 260 -26.33 -74.67 106.80
C SER Z 260 -25.51 -74.78 108.08
N LEU Z 261 -25.83 -73.91 109.04
CA LEU Z 261 -25.10 -73.90 110.30
C LEU Z 261 -25.43 -75.09 111.18
N LYS Z 262 -26.65 -75.59 111.13
CA LYS Z 262 -27.12 -76.63 112.04
C LYS Z 262 -26.87 -78.04 111.52
N THR Z 263 -25.92 -78.21 110.60
CA THR Z 263 -25.66 -79.51 110.00
C THR Z 263 -24.47 -80.18 110.68
N THR Z 264 -24.48 -81.51 110.68
CA THR Z 264 -23.41 -82.31 111.26
C THR Z 264 -22.96 -83.35 110.24
N GLY Z 265 -21.73 -83.82 110.39
CA GLY Z 265 -21.19 -84.84 109.53
C GLY Z 265 -20.59 -84.34 108.23
N ASN Z 266 -20.43 -83.03 108.07
CA ASN Z 266 -19.89 -82.46 106.85
C ASN Z 266 -18.91 -81.33 107.14
N GLU Z 267 -18.16 -81.43 108.22
CA GLU Z 267 -17.31 -80.31 108.66
C GLU Z 267 -15.87 -80.45 108.17
N ALA Z 268 -15.49 -81.62 107.69
CA ALA Z 268 -14.07 -81.90 107.45
C ALA Z 268 -13.47 -80.97 106.40
N SER Z 269 -14.10 -80.89 105.23
CA SER Z 269 -13.54 -80.10 104.15
C SER Z 269 -13.98 -78.65 104.18
N THR Z 270 -14.59 -78.20 105.29
CA THR Z 270 -15.18 -76.86 105.31
C THR Z 270 -14.12 -75.78 105.20
N CYS Z 271 -13.09 -75.82 106.05
CA CYS Z 271 -12.05 -74.80 106.04
C CYS Z 271 -10.79 -75.23 105.30
N ARG Z 272 -10.78 -76.48 104.84
CA ARG Z 272 -9.58 -77.02 104.14
C ARG Z 272 -9.58 -76.58 102.67
N THR Z 273 -8.39 -76.35 102.09
CA THR Z 273 -8.33 -76.01 100.68
C THR Z 273 -8.96 -77.12 99.85
N VAL Z 274 -9.41 -76.77 98.65
CA VAL Z 274 -10.16 -77.68 97.80
C VAL Z 274 -9.47 -77.84 96.46
N THR Z 275 -9.34 -79.09 96.02
CA THR Z 275 -8.81 -79.42 94.70
C THR Z 275 -9.97 -79.79 93.78
N GLY Z 276 -9.95 -79.28 92.56
CA GLY Z 276 -10.98 -79.60 91.60
C GLY Z 276 -12.11 -78.59 91.58
N THR Z 277 -13.26 -79.00 91.05
CA THR Z 277 -14.40 -78.11 90.94
C THR Z 277 -14.93 -77.73 92.32
N GLN Z 278 -15.42 -76.50 92.43
CA GLN Z 278 -15.97 -76.01 93.68
C GLN Z 278 -17.49 -76.19 93.66
N TYR Z 279 -18.05 -76.54 94.82
CA TYR Z 279 -19.49 -76.59 94.96
C TYR Z 279 -19.98 -76.01 96.28
N MET Z 280 -19.09 -75.80 97.25
CA MET Z 280 -19.42 -75.18 98.52
C MET Z 280 -19.52 -73.67 98.34
N GLY Z 281 -20.50 -73.06 98.98
CA GLY Z 281 -20.67 -71.62 98.88
C GLY Z 281 -19.63 -70.86 99.68
N ALA Z 282 -19.46 -69.59 99.32
CA ALA Z 282 -18.49 -68.76 100.01
C ALA Z 282 -18.98 -68.34 101.39
N GLU Z 283 -20.30 -68.21 101.57
CA GLU Z 283 -20.84 -67.79 102.85
C GLU Z 283 -20.54 -68.81 103.94
N VAL Z 284 -20.44 -70.09 103.58
CA VAL Z 284 -20.13 -71.12 104.58
C VAL Z 284 -18.79 -70.84 105.22
N THR Z 285 -17.77 -70.55 104.40
CA THR Z 285 -16.47 -70.17 104.95
C THR Z 285 -16.54 -68.81 105.61
N GLY Z 286 -17.35 -67.90 105.07
CA GLY Z 286 -17.39 -66.54 105.59
C GLY Z 286 -17.88 -66.48 107.03
N GLN Z 287 -18.97 -67.17 107.32
CA GLN Z 287 -19.56 -67.13 108.66
C GLN Z 287 -19.49 -68.46 109.40
N PHE Z 288 -18.69 -69.41 108.91
CA PHE Z 288 -18.59 -70.70 109.58
C PHE Z 288 -17.12 -71.03 109.82
N CYS Z 289 -16.27 -70.66 108.88
CA CYS Z 289 -14.82 -70.76 109.04
C CYS Z 289 -14.27 -69.44 109.55
N GLN Z 290 -12.95 -69.38 109.72
CA GLN Z 290 -12.34 -68.19 110.30
C GLN Z 290 -11.73 -67.28 109.24
N ASP Z 291 -11.23 -67.84 108.14
CA ASP Z 291 -10.57 -67.05 107.11
C ASP Z 291 -11.15 -67.39 105.75
N LYS Z 292 -11.01 -66.45 104.82
CA LYS Z 292 -11.50 -66.67 103.47
C LYS Z 292 -10.66 -67.76 102.79
N PRO Z 293 -11.26 -68.59 101.94
CA PRO Z 293 -10.49 -69.67 101.30
C PRO Z 293 -9.43 -69.12 100.37
N LYS Z 294 -8.22 -69.67 100.49
CA LYS Z 294 -7.10 -69.26 99.63
C LYS Z 294 -7.04 -70.14 98.39
N TYR Z 295 -8.19 -70.23 97.70
CA TYR Z 295 -8.30 -71.02 96.48
C TYR Z 295 -9.45 -70.47 95.65
N LYS Z 296 -9.11 -69.84 94.53
CA LYS Z 296 -10.09 -69.33 93.60
C LYS Z 296 -9.98 -70.11 92.30
N GLN Z 297 -11.04 -70.80 91.93
CA GLN Z 297 -11.00 -71.70 90.79
C GLN Z 297 -11.11 -70.88 89.51
N PRO Z 298 -10.13 -70.94 88.62
CA PRO Z 298 -10.18 -70.13 87.40
C PRO Z 298 -11.07 -70.75 86.33
N ILE Z 299 -11.37 -69.98 85.29
CA ILE Z 299 -12.17 -70.45 84.17
C ILE Z 299 -11.44 -70.10 82.88
N ARG Z 300 -11.73 -70.86 81.83
CA ARG Z 300 -11.22 -70.60 80.49
C ARG Z 300 -11.96 -69.46 79.80
N ALA Z 301 -13.05 -68.97 80.37
CA ALA Z 301 -13.85 -67.91 79.76
C ALA Z 301 -13.26 -66.54 80.12
N SER Z 302 -12.17 -66.21 79.44
CA SER Z 302 -11.54 -64.91 79.63
C SER Z 302 -12.38 -63.81 79.00
N VAL Z 303 -12.20 -62.61 79.53
CA VAL Z 303 -12.92 -61.41 79.09
C VAL Z 303 -11.89 -60.43 78.54
N THR Z 304 -12.07 -60.04 77.28
CA THR Z 304 -11.14 -59.14 76.61
C THR Z 304 -11.93 -58.09 75.85
N THR Z 305 -11.21 -57.15 75.22
CA THR Z 305 -11.81 -56.12 74.39
C THR Z 305 -11.04 -56.02 73.08
N THR Z 306 -11.75 -55.61 72.03
CA THR Z 306 -11.13 -55.42 70.73
C THR Z 306 -10.34 -54.11 70.71
N THR Z 307 -9.77 -53.81 69.54
CA THR Z 307 -9.05 -52.55 69.38
C THR Z 307 -9.98 -51.37 69.60
N SER Z 308 -11.21 -51.44 69.09
CA SER Z 308 -12.21 -50.43 69.37
C SER Z 308 -12.80 -50.56 70.76
N GLY Z 309 -12.51 -51.65 71.47
CA GLY Z 309 -13.02 -51.86 72.80
C GLY Z 309 -14.24 -52.74 72.89
N ASN Z 310 -14.65 -53.38 71.80
CA ASN Z 310 -15.81 -54.26 71.84
C ASN Z 310 -15.55 -55.46 72.74
N LYS Z 311 -16.53 -55.78 73.57
CA LYS Z 311 -16.36 -56.84 74.55
C LYS Z 311 -16.35 -58.21 73.89
N VAL Z 312 -15.43 -59.06 74.33
CA VAL Z 312 -15.30 -60.43 73.83
C VAL Z 312 -15.17 -61.36 75.03
N THR Z 313 -15.96 -62.44 75.02
CA THR Z 313 -15.90 -63.45 76.08
C THR Z 313 -15.64 -64.81 75.46
N GLY Z 314 -14.65 -65.53 76.00
CA GLY Z 314 -14.38 -66.85 75.48
C GLY Z 314 -12.99 -67.36 75.79
N ASN Z 315 -12.57 -68.43 75.11
CA ASN Z 315 -11.25 -68.98 75.33
C ASN Z 315 -10.19 -68.05 74.75
N GLU Z 316 -9.15 -67.79 75.54
CA GLU Z 316 -8.11 -66.85 75.12
C GLU Z 316 -6.88 -67.58 74.60
N VAL Z 317 -6.36 -67.09 73.48
CA VAL Z 317 -5.09 -67.54 72.93
C VAL Z 317 -4.19 -66.32 72.76
N GLY Z 318 -2.93 -66.47 73.12
CA GLY Z 318 -2.01 -65.34 73.10
C GLY Z 318 -0.94 -65.45 74.15
N ARG Z 319 -0.52 -64.31 74.70
CA ARG Z 319 0.56 -64.27 75.67
C ARG Z 319 0.02 -64.36 77.09
N SER Z 320 0.71 -65.15 77.91
CA SER Z 320 0.39 -65.30 79.32
C SER Z 320 1.69 -65.42 80.11
N GLU Z 321 1.54 -65.44 81.43
CA GLU Z 321 2.71 -65.59 82.30
C GLU Z 321 3.20 -67.03 82.38
N LYS Z 322 2.31 -68.00 82.24
CA LYS Z 322 2.62 -69.42 82.44
C LYS Z 322 2.72 -70.16 81.10
N VAL Z 323 3.28 -69.51 80.08
CA VAL Z 323 3.30 -70.05 78.73
C VAL Z 323 4.74 -70.19 78.25
N THR Z 324 4.98 -71.17 77.39
CA THR Z 324 6.30 -71.49 76.88
C THR Z 324 6.28 -71.55 75.36
N GLY Z 325 7.31 -70.98 74.75
CA GLY Z 325 7.52 -71.09 73.32
C GLY Z 325 7.01 -69.94 72.47
N ASP Z 326 6.07 -69.14 72.98
CA ASP Z 326 5.49 -68.04 72.24
C ASP Z 326 6.06 -66.69 72.68
N GLU Z 327 7.13 -66.70 73.47
CA GLU Z 327 7.68 -65.45 73.99
C GLU Z 327 8.09 -64.46 72.90
N PRO Z 328 8.76 -64.87 71.82
CA PRO Z 328 9.13 -63.89 70.79
C PRO Z 328 7.91 -63.30 70.08
N GLY Z 329 8.11 -62.11 69.51
CA GLY Z 329 7.14 -61.51 68.61
C GLY Z 329 6.29 -60.40 69.16
N THR Z 330 6.25 -60.22 70.48
CA THR Z 330 5.32 -59.26 71.07
C THR Z 330 5.68 -57.83 70.68
N CYS Z 331 4.67 -56.96 70.67
CA CYS Z 331 4.81 -55.52 70.50
C CYS Z 331 5.26 -55.13 69.10
N LYS Z 332 5.18 -56.06 68.16
CA LYS Z 332 5.38 -55.69 66.76
C LYS Z 332 4.06 -55.20 66.18
N ASN Z 333 4.13 -54.67 64.96
CA ASN Z 333 2.96 -54.11 64.30
C ASN Z 333 2.20 -55.23 63.60
N LEU Z 334 0.88 -55.23 63.72
CA LEU Z 334 0.03 -56.26 63.09
C LEU Z 334 -0.89 -55.60 62.06
N THR Z 335 -0.40 -55.53 60.84
CA THR Z 335 -1.24 -55.08 59.73
C THR Z 335 -2.10 -56.25 59.26
N GLY Z 336 -3.11 -55.94 58.46
CA GLY Z 336 -4.03 -56.95 57.99
C GLY Z 336 -5.02 -57.40 59.05
N THR Z 337 -5.32 -58.70 59.09
CA THR Z 337 -6.25 -59.24 60.06
C THR Z 337 -5.55 -59.45 61.39
N GLU Z 338 -6.31 -59.90 62.38
CA GLU Z 338 -5.77 -60.10 63.71
C GLU Z 338 -6.75 -60.93 64.52
N TYR Z 339 -6.23 -61.58 65.57
CA TYR Z 339 -7.09 -62.07 66.64
C TYR Z 339 -6.47 -61.91 68.02
N ILE Z 340 -5.37 -61.18 68.14
CA ILE Z 340 -4.84 -60.88 69.46
C ILE Z 340 -5.75 -59.85 70.14
N SER Z 341 -5.84 -59.95 71.47
CA SER Z 341 -6.72 -59.09 72.24
C SER Z 341 -6.02 -57.77 72.55
N ALA Z 342 -6.82 -56.70 72.56
CA ALA Z 342 -6.26 -55.39 72.88
C ALA Z 342 -5.79 -55.32 74.33
N ASN Z 343 -6.39 -56.13 75.21
CA ASN Z 343 -5.94 -56.16 76.60
C ASN Z 343 -4.49 -56.62 76.68
N GLN Z 344 -4.15 -57.70 75.97
CA GLN Z 344 -2.77 -58.18 75.97
C GLN Z 344 -1.83 -57.17 75.37
N SER Z 345 -2.24 -56.51 74.28
CA SER Z 345 -1.40 -55.48 73.68
C SER Z 345 -1.13 -54.35 74.65
N LYS Z 346 -2.18 -53.89 75.34
CA LYS Z 346 -2.02 -52.80 76.30
C LYS Z 346 -1.11 -53.20 77.45
N LYS Z 347 -1.28 -54.42 77.97
CA LYS Z 347 -0.57 -54.79 79.18
C LYS Z 347 0.84 -55.29 78.92
N TYR Z 348 1.13 -55.77 77.71
CA TYR Z 348 2.47 -56.22 77.36
C TYR Z 348 3.26 -55.22 76.53
N CYS Z 349 2.63 -54.15 76.05
CA CYS Z 349 3.30 -53.19 75.21
C CYS Z 349 3.05 -51.74 75.59
N GLY Z 350 2.06 -51.47 76.44
CA GLY Z 350 1.80 -50.12 76.88
C GLY Z 350 1.09 -49.24 75.87
N GLU Z 351 0.70 -49.78 74.73
CA GLU Z 351 0.05 -48.99 73.69
C GLU Z 351 -0.80 -49.92 72.82
N VAL Z 352 -1.92 -49.39 72.35
CA VAL Z 352 -2.84 -50.12 71.47
C VAL Z 352 -2.74 -49.49 70.08
N ILE Z 353 -2.41 -50.31 69.09
CA ILE Z 353 -2.31 -49.86 67.71
C ILE Z 353 -3.71 -49.95 67.10
N LYS Z 354 -4.36 -48.80 66.91
CA LYS Z 354 -5.70 -48.79 66.37
C LYS Z 354 -5.70 -49.26 64.92
N LYS Z 355 -6.67 -50.09 64.57
CA LYS Z 355 -6.80 -50.66 63.23
C LYS Z 355 -8.06 -50.15 62.54
N PRO Z 356 -7.99 -49.82 61.25
CA PRO Z 356 -9.15 -49.22 60.59
C PRO Z 356 -10.27 -50.23 60.40
N SER Z 357 -11.50 -49.71 60.36
CA SER Z 357 -12.65 -50.52 60.04
C SER Z 357 -12.87 -50.50 58.53
N LYS Z 358 -13.48 -51.57 58.01
CA LYS Z 358 -13.82 -51.64 56.60
C LYS Z 358 -15.22 -51.16 56.30
N VAL Z 359 -16.16 -51.31 57.23
CA VAL Z 359 -17.48 -50.71 57.09
C VAL Z 359 -17.35 -49.22 57.36
N MET Z 360 -17.83 -48.40 56.44
CA MET Z 360 -17.80 -46.96 56.64
C MET Z 360 -19.19 -46.38 56.37
N GLN Z 361 -19.43 -45.19 56.93
CA GLN Z 361 -20.77 -44.64 56.99
C GLN Z 361 -20.84 -43.30 56.29
N SER Z 362 -22.07 -42.82 56.14
CA SER Z 362 -22.38 -41.55 55.50
C SER Z 362 -23.77 -41.12 55.94
N ILE Z 363 -24.15 -39.90 55.54
CA ILE Z 363 -25.45 -39.34 55.88
C ILE Z 363 -26.17 -38.97 54.59
N THR Z 364 -27.42 -39.42 54.47
CA THR Z 364 -28.23 -39.14 53.30
C THR Z 364 -28.65 -37.67 53.27
N THR Z 365 -29.20 -37.25 52.14
CA THR Z 365 -29.56 -35.85 51.96
C THR Z 365 -30.64 -35.41 52.95
N ASP Z 366 -31.45 -36.34 53.43
CA ASP Z 366 -32.48 -36.03 54.41
C ASP Z 366 -32.00 -36.22 55.85
N GLY Z 367 -30.69 -36.32 56.06
CA GLY Z 367 -30.12 -36.43 57.38
C GLY Z 367 -30.06 -37.83 57.94
N LEU Z 368 -30.57 -38.83 57.24
CA LEU Z 368 -30.56 -40.18 57.75
C LEU Z 368 -29.17 -40.80 57.63
N LYS Z 369 -28.93 -41.81 58.47
CA LYS Z 369 -27.62 -42.43 58.61
C LYS Z 369 -27.57 -43.74 57.82
N VAL Z 370 -26.52 -43.91 57.02
CA VAL Z 370 -26.33 -45.12 56.23
C VAL Z 370 -24.92 -45.62 56.46
N SER Z 371 -24.72 -46.92 56.31
CA SER Z 371 -23.42 -47.52 56.57
C SER Z 371 -23.23 -48.73 55.67
N GLY Z 372 -21.97 -49.13 55.51
CA GLY Z 372 -21.64 -50.28 54.70
C GLY Z 372 -20.45 -50.00 53.79
N SER Z 373 -20.51 -50.54 52.57
CA SER Z 373 -19.49 -50.23 51.58
C SER Z 373 -19.60 -48.78 51.11
N LEU Z 374 -20.81 -48.36 50.75
CA LEU Z 374 -21.13 -46.96 50.45
C LEU Z 374 -20.20 -46.35 49.40
N PRO Z 375 -20.38 -46.67 48.12
CA PRO Z 375 -19.49 -46.14 47.08
C PRO Z 375 -19.67 -44.64 46.87
N GLY Z 376 -19.34 -43.87 47.90
CA GLY Z 376 -19.40 -42.42 47.83
C GLY Z 376 -18.05 -41.80 47.50
N ARG Z 377 -17.82 -40.64 48.10
CA ARG Z 377 -16.58 -39.91 47.87
C ARG Z 377 -15.68 -39.96 49.10
N SER Z 378 -14.41 -40.27 48.90
CA SER Z 378 -13.42 -40.27 49.96
C SER Z 378 -12.20 -39.48 49.54
N SER Z 379 -11.56 -38.83 50.51
CA SER Z 379 -10.38 -38.04 50.24
C SER Z 379 -9.18 -38.87 49.82
N LEU Z 380 -9.13 -40.15 50.20
CA LEU Z 380 -8.03 -41.00 49.82
C LEU Z 380 -8.02 -41.28 48.32
N VAL Z 381 -9.19 -41.44 47.72
CA VAL Z 381 -9.32 -41.78 46.31
C VAL Z 381 -9.54 -40.50 45.52
N THR Z 382 -8.77 -40.33 44.46
CA THR Z 382 -8.97 -39.18 43.58
C THR Z 382 -9.62 -39.62 42.27
N GLY Z 383 -10.19 -38.66 41.55
CA GLY Z 383 -10.88 -38.94 40.31
C GLY Z 383 -12.36 -38.65 40.37
N ASP Z 384 -13.00 -38.99 41.49
CA ASP Z 384 -14.42 -38.74 41.66
C ASP Z 384 -14.71 -37.38 42.29
N GLU Z 385 -14.19 -36.31 41.69
CA GLU Z 385 -14.39 -34.97 42.24
C GLU Z 385 -15.45 -34.18 41.49
N SER Z 386 -15.57 -34.38 40.18
CA SER Z 386 -16.55 -33.64 39.40
C SER Z 386 -17.97 -33.92 39.88
N GLY Z 387 -18.73 -32.86 40.06
CA GLY Z 387 -20.12 -32.95 40.48
C GLY Z 387 -20.34 -32.94 41.97
N SER Z 388 -19.31 -33.22 42.76
CA SER Z 388 -19.45 -33.27 44.21
C SER Z 388 -19.77 -31.91 44.79
N GLY Z 389 -19.11 -30.87 44.27
CA GLY Z 389 -19.21 -29.54 44.85
C GLY Z 389 -20.60 -28.96 44.91
N LYS Z 390 -21.16 -28.61 43.75
CA LYS Z 390 -22.46 -27.95 43.71
C LYS Z 390 -23.59 -28.92 44.01
N GLN Z 391 -24.80 -28.39 44.18
CA GLN Z 391 -25.94 -29.17 44.62
C GLN Z 391 -26.21 -30.34 43.69
N LEU Z 392 -26.46 -31.50 44.29
CA LEU Z 392 -26.76 -32.71 43.54
C LEU Z 392 -28.14 -32.62 42.91
N THR Z 393 -28.31 -33.29 41.78
CA THR Z 393 -29.59 -33.29 41.08
C THR Z 393 -30.57 -34.24 41.74
N GLY Z 394 -31.68 -34.55 41.06
CA GLY Z 394 -32.71 -35.39 41.60
C GLY Z 394 -32.22 -36.75 42.05
N ASP Z 395 -33.09 -37.44 42.78
CA ASP Z 395 -32.78 -38.70 43.47
C ASP Z 395 -31.57 -38.48 44.38
N GLN Z 396 -30.82 -39.55 44.65
CA GLN Z 396 -29.67 -39.47 45.55
C GLN Z 396 -28.76 -40.67 45.37
N TYR Z 397 -27.46 -40.42 45.22
CA TYR Z 397 -26.48 -41.49 45.18
C TYR Z 397 -25.27 -41.12 46.03
N LEU Z 398 -25.06 -39.83 46.22
CA LEU Z 398 -23.96 -39.33 47.04
C LEU Z 398 -24.54 -38.72 48.31
N GLY Z 399 -23.95 -39.13 49.44
CA GLY Z 399 -24.42 -38.68 50.74
C GLY Z 399 -24.36 -37.18 50.93
N SER Z 400 -25.08 -36.68 51.93
CA SER Z 400 -25.12 -35.26 52.23
C SER Z 400 -23.75 -34.73 52.62
N GLU Z 401 -22.87 -35.63 53.04
CA GLU Z 401 -21.51 -35.28 53.42
C GLU Z 401 -20.81 -34.57 52.26
N PRO Z 402 -20.38 -33.33 52.45
CA PRO Z 402 -19.69 -32.62 51.36
C PRO Z 402 -18.33 -33.25 51.05
N SER Z 403 -17.92 -33.10 49.80
CA SER Z 403 -16.65 -33.66 49.36
C SER Z 403 -15.50 -33.01 50.10
N PRO Z 404 -14.50 -33.77 50.56
CA PRO Z 404 -13.39 -33.17 51.31
C PRO Z 404 -12.71 -32.06 50.54
N LYS Z 405 -12.14 -32.39 49.38
CA LYS Z 405 -11.42 -31.45 48.52
C LYS Z 405 -10.97 -32.23 47.29
N GLY Z 406 -10.75 -31.50 46.20
CA GLY Z 406 -10.21 -32.04 44.96
C GLY Z 406 -10.82 -31.39 43.74
N LYS Z 407 -9.95 -30.86 42.87
CA LYS Z 407 -10.33 -30.27 41.59
C LYS Z 407 -9.71 -31.08 40.45
N SER Z 408 -10.58 -31.63 39.59
CA SER Z 408 -10.19 -32.78 38.78
C SER Z 408 -9.50 -32.48 37.45
N PHE Z 409 -10.27 -32.00 36.46
CA PHE Z 409 -9.65 -31.72 35.17
C PHE Z 409 -10.07 -30.39 34.56
N GLU Z 410 -11.35 -30.05 34.67
CA GLU Z 410 -11.94 -28.87 34.01
C GLU Z 410 -11.40 -28.68 32.59
N LYS Z 411 -11.63 -29.70 31.76
CA LYS Z 411 -11.17 -29.67 30.38
C LYS Z 411 -11.66 -28.43 29.66
N VAL Z 412 -12.86 -27.96 30.01
CA VAL Z 412 -13.33 -26.70 29.46
C VAL Z 412 -12.48 -25.56 30.01
N GLY Z 413 -11.84 -24.81 29.13
CA GLY Z 413 -11.05 -23.67 29.51
C GLY Z 413 -11.53 -22.39 28.85
N SER Z 414 -11.53 -21.29 29.60
CA SER Z 414 -11.95 -20.00 29.10
C SER Z 414 -10.74 -19.23 28.62
N TYR Z 415 -10.74 -18.87 27.34
CA TYR Z 415 -9.60 -18.18 26.73
C TYR Z 415 -10.09 -16.91 26.05
N ASP Z 416 -9.35 -15.84 26.25
CA ASP Z 416 -9.72 -14.52 25.75
C ASP Z 416 -8.94 -14.24 24.49
N THR Z 417 -9.66 -13.91 23.41
CA THR Z 417 -9.03 -13.59 22.15
C THR Z 417 -8.30 -12.25 22.24
N LEU Z 418 -7.72 -11.85 21.12
CA LEU Z 418 -7.00 -10.58 21.07
C LEU Z 418 -7.92 -9.41 21.36
N ASN Z 419 -9.14 -9.43 20.82
CA ASN Z 419 -10.15 -8.44 21.19
C ASN Z 419 -10.76 -8.71 22.55
N GLY Z 420 -10.41 -9.81 23.19
CA GLY Z 420 -10.93 -10.13 24.51
C GLY Z 420 -12.21 -10.92 24.52
N ASN Z 421 -12.63 -11.46 23.38
CA ASN Z 421 -13.81 -12.30 23.32
C ASN Z 421 -13.52 -13.61 24.03
N ASN Z 422 -14.51 -14.09 24.79
CA ASN Z 422 -14.33 -15.31 25.57
C ASN Z 422 -14.75 -16.53 24.77
N VAL Z 423 -13.84 -17.50 24.67
CA VAL Z 423 -14.16 -18.79 24.06
C VAL Z 423 -13.96 -19.89 25.09
N THR Z 424 -14.98 -20.72 25.26
CA THR Z 424 -14.88 -21.91 26.10
C THR Z 424 -14.41 -23.07 25.25
N GLY Z 425 -13.10 -23.28 25.19
CA GLY Z 425 -12.52 -24.31 24.34
C GLY Z 425 -11.52 -25.16 25.10
N THR Z 426 -10.61 -25.76 24.34
CA THR Z 426 -9.52 -26.53 24.92
C THR Z 426 -8.22 -25.74 24.86
N GLY Z 427 -7.29 -26.10 25.74
CA GLY Z 427 -6.05 -25.38 25.87
C GLY Z 427 -4.90 -25.89 25.02
N VAL Z 428 -4.31 -25.00 24.25
CA VAL Z 428 -3.12 -25.30 23.44
C VAL Z 428 -1.95 -24.40 23.85
N GLY Z 429 -2.12 -23.62 24.91
CA GLY Z 429 -1.15 -22.63 25.29
C GLY Z 429 -0.05 -23.17 26.20
N ARG Z 430 0.81 -22.26 26.63
CA ARG Z 430 1.93 -22.61 27.49
C ARG Z 430 1.45 -22.96 28.90
N SER Z 431 2.35 -23.59 29.66
CA SER Z 431 2.12 -23.86 31.07
C SER Z 431 3.46 -24.10 31.75
N ASP Z 432 3.49 -23.94 33.07
CA ASP Z 432 4.65 -24.32 33.87
C ASP Z 432 4.85 -25.82 33.73
N TYR Z 433 3.77 -26.49 33.35
CA TYR Z 433 3.72 -27.89 32.96
C TYR Z 433 4.23 -28.04 31.54
N VAL Z 434 3.82 -29.10 30.85
CA VAL Z 434 4.57 -29.76 29.77
C VAL Z 434 5.40 -28.83 28.91
N THR Z 435 6.68 -29.19 28.74
CA THR Z 435 7.65 -28.35 28.09
C THR Z 435 7.82 -28.69 26.62
N GLY Z 436 8.82 -28.08 25.97
CA GLY Z 436 9.01 -28.21 24.54
C GLY Z 436 8.26 -27.20 23.73
N ASN Z 437 7.33 -26.47 24.35
CA ASN Z 437 6.68 -25.36 23.68
C ASN Z 437 7.12 -24.02 24.26
N GLU Z 438 8.17 -23.99 25.08
CA GLU Z 438 8.58 -22.74 25.71
C GLU Z 438 9.47 -21.93 24.78
N TYR Z 439 10.71 -22.38 24.56
CA TYR Z 439 11.57 -21.85 23.48
C TYR Z 439 11.48 -20.34 23.32
N GLY Z 440 11.19 -19.63 24.42
CA GLY Z 440 11.01 -18.19 24.36
C GLY Z 440 9.76 -17.78 23.62
N SER Z 441 8.68 -18.55 23.79
CA SER Z 441 7.46 -18.29 23.04
C SER Z 441 6.74 -17.06 23.57
N CYS Z 442 7.25 -15.88 23.23
CA CYS Z 442 6.64 -14.62 23.65
C CYS Z 442 6.44 -13.68 22.46
N LYS Z 443 7.24 -13.85 21.42
CA LYS Z 443 7.08 -13.06 20.21
C LYS Z 443 5.68 -13.20 19.65
N ASN Z 444 4.97 -12.08 19.57
CA ASN Z 444 3.57 -12.06 19.15
C ASN Z 444 3.50 -11.86 17.64
N LEU Z 445 2.69 -12.68 16.97
CA LEU Z 445 2.51 -12.53 15.54
C LEU Z 445 1.33 -11.61 15.28
N THR Z 446 0.97 -11.44 14.01
CA THR Z 446 -0.12 -10.52 13.68
C THR Z 446 -1.32 -11.26 13.12
N GLY Z 447 -1.11 -12.00 12.03
CA GLY Z 447 -2.23 -12.65 11.38
C GLY Z 447 -2.60 -13.95 12.07
N ASP Z 448 -3.89 -14.07 12.37
CA ASP Z 448 -4.58 -15.25 12.91
C ASP Z 448 -3.69 -16.11 13.80
N GLU Z 449 -3.02 -15.48 14.76
CA GLU Z 449 -2.23 -16.18 15.77
C GLU Z 449 -3.12 -16.84 16.81
N TYR Z 450 -3.32 -18.16 16.66
CA TYR Z 450 -4.29 -18.85 17.50
C TYR Z 450 -3.81 -19.08 18.92
N ILE Z 451 -2.68 -18.49 19.30
CA ILE Z 451 -2.29 -18.42 20.71
C ILE Z 451 -3.17 -17.40 21.42
N GLY Z 452 -3.86 -17.84 22.47
CA GLY Z 452 -4.74 -16.96 23.20
C GLY Z 452 -3.99 -15.93 24.01
N SER Z 453 -4.68 -14.85 24.41
CA SER Z 453 -4.04 -13.80 25.18
C SER Z 453 -3.61 -14.28 26.56
N GLN Z 454 -4.23 -15.36 27.05
CA GLN Z 454 -3.87 -15.89 28.36
C GLN Z 454 -2.43 -16.34 28.41
N GLN Z 455 -1.94 -16.98 27.34
CA GLN Z 455 -0.55 -17.39 27.30
C GLN Z 455 0.38 -16.19 27.46
N TYR Z 456 0.15 -15.13 26.69
CA TYR Z 456 1.02 -13.97 26.74
C TYR Z 456 0.95 -13.27 28.09
N GLU Z 457 -0.26 -13.13 28.66
CA GLU Z 457 -0.37 -12.45 29.95
C GLU Z 457 0.27 -13.27 31.06
N LYS Z 458 0.14 -14.60 30.99
CA LYS Z 458 0.64 -15.45 32.06
C LYS Z 458 2.15 -15.63 32.01
N PHE Z 459 2.73 -15.72 30.81
CA PHE Z 459 4.12 -16.13 30.68
C PHE Z 459 5.04 -15.07 30.13
N CYS Z 460 4.51 -14.02 29.51
CA CYS Z 460 5.35 -13.07 28.80
C CYS Z 460 5.14 -11.63 29.22
N GLY Z 461 3.96 -11.27 29.73
CA GLY Z 461 3.75 -9.93 30.23
C GLY Z 461 3.63 -8.86 29.18
N SER Z 462 3.56 -9.24 27.90
CA SER Z 462 3.40 -8.29 26.81
C SER Z 462 2.17 -8.69 26.00
N THR Z 463 1.08 -7.96 26.19
CA THR Z 463 -0.18 -8.29 25.54
C THR Z 463 -0.22 -7.67 24.15
N PRO Z 464 -0.35 -8.45 23.09
CA PRO Z 464 -0.52 -7.87 21.75
C PRO Z 464 -1.89 -7.27 21.57
N LYS Z 465 -2.07 -6.47 20.52
CA LYS Z 465 -3.35 -5.82 20.28
C LYS Z 465 -4.04 -6.53 19.11
N PRO Z 466 -5.35 -6.50 19.02
CA PRO Z 466 -6.04 -7.27 17.98
C PRO Z 466 -5.93 -6.60 16.61
N GLU Z 467 -6.28 -7.39 15.59
CA GLU Z 467 -6.23 -6.92 14.21
C GLU Z 467 -7.17 -7.74 13.33
N ALA Z 468 -7.06 -7.56 12.01
CA ALA Z 468 -7.86 -8.31 11.04
C ALA Z 468 -9.35 -8.13 11.30
N ARG Z 469 -9.74 -6.92 11.66
CA ARG Z 469 -11.14 -6.64 11.99
C ARG Z 469 -11.93 -6.54 10.69
N LYS Z 470 -12.40 -7.69 10.24
CA LYS Z 470 -13.03 -7.79 8.93
C LYS Z 470 -14.41 -7.14 8.88
N VAL Z 471 -15.19 -7.22 9.96
CA VAL Z 471 -16.54 -6.70 9.94
C VAL Z 471 -16.49 -5.18 9.95
N GLY Z 472 -17.27 -4.54 9.07
CA GLY Z 472 -17.29 -3.10 8.96
C GLY Z 472 -18.60 -2.53 9.47
N LEU Z 473 -18.53 -1.90 10.64
CA LEU Z 473 -19.71 -1.35 11.30
C LEU Z 473 -19.95 0.06 10.79
N SER Z 474 -20.80 0.17 9.77
CA SER Z 474 -21.18 1.47 9.23
C SER Z 474 -22.60 1.77 9.68
N LEU Z 475 -23.04 2.99 9.38
CA LEU Z 475 -24.32 3.48 9.88
C LEU Z 475 -25.16 3.92 8.68
N SER Z 476 -26.42 3.49 8.66
CA SER Z 476 -27.27 3.73 7.51
C SER Z 476 -27.56 5.21 7.33
N SER Z 477 -28.26 5.53 6.25
CA SER Z 477 -28.67 6.91 5.99
C SER Z 477 -29.63 7.43 7.03
N LYS Z 478 -30.38 6.54 7.69
CA LYS Z 478 -31.24 6.93 8.80
C LYS Z 478 -30.83 6.30 10.13
N SER Z 479 -29.52 6.06 10.31
CA SER Z 479 -28.97 5.52 11.55
C SER Z 479 -29.48 4.10 11.83
N ASN Z 480 -29.22 3.19 10.91
CA ASN Z 480 -29.38 1.76 11.15
C ASN Z 480 -28.00 1.13 11.09
N LEU Z 481 -27.64 0.36 12.12
CA LEU Z 481 -26.30 -0.19 12.21
C LEU Z 481 -26.08 -1.29 11.17
N ILE Z 482 -25.47 -0.93 10.04
CA ILE Z 482 -25.17 -1.89 9.00
C ILE Z 482 -23.79 -2.46 9.28
N SER Z 483 -23.58 -3.72 8.91
CA SER Z 483 -22.36 -4.42 9.27
C SER Z 483 -21.91 -5.30 8.13
N GLY Z 484 -20.61 -5.59 8.12
CA GLY Z 484 -20.04 -6.49 7.15
C GLY Z 484 -19.38 -5.73 6.03
N THR Z 485 -18.06 -5.57 6.12
CA THR Z 485 -17.29 -4.74 5.18
C THR Z 485 -17.85 -3.32 5.12
N MET Z 486 -17.26 -2.50 4.26
CA MET Z 486 -17.79 -1.18 3.94
C MET Z 486 -16.91 -0.57 2.86
N THR Z 487 -17.52 0.23 2.00
CA THR Z 487 -16.83 0.77 0.83
C THR Z 487 -16.96 2.29 0.79
N GLY Z 488 -16.78 2.93 1.94
CA GLY Z 488 -16.84 4.38 2.01
C GLY Z 488 -15.47 5.02 1.89
N ARG Z 489 -15.15 5.89 2.84
CA ARG Z 489 -13.84 6.55 2.88
C ARG Z 489 -13.05 6.00 4.06
N SER Z 490 -11.90 5.41 3.77
CA SER Z 490 -11.00 4.97 4.82
C SER Z 490 -9.90 5.99 5.02
N LYS Z 491 -9.40 6.07 6.25
CA LYS Z 491 -8.33 7.00 6.59
C LYS Z 491 -7.02 6.65 5.91
N ILE Z 492 -6.90 5.45 5.34
CA ILE Z 492 -5.65 5.01 4.73
C ILE Z 492 -5.74 4.88 3.22
N VAL Z 493 -6.90 4.55 2.66
CA VAL Z 493 -7.00 4.31 1.22
C VAL Z 493 -6.97 5.65 0.49
N THR Z 494 -6.53 5.62 -0.76
CA THR Z 494 -6.50 6.80 -1.60
C THR Z 494 -7.23 6.52 -2.92
N GLY Z 495 -7.73 7.59 -3.54
CA GLY Z 495 -8.44 7.50 -4.79
C GLY Z 495 -9.94 7.68 -4.71
N ASP Z 496 -10.55 7.53 -3.54
CA ASP Z 496 -11.97 7.80 -3.36
C ASP Z 496 -12.23 9.15 -2.71
N GLU Z 497 -11.18 9.94 -2.48
CA GLU Z 497 -11.34 11.27 -1.92
C GLU Z 497 -12.33 12.14 -2.68
N PRO Z 498 -12.31 12.21 -4.02
CA PRO Z 498 -13.26 13.09 -4.71
C PRO Z 498 -14.70 12.73 -4.43
N GLY Z 499 -15.52 13.77 -4.26
CA GLY Z 499 -16.94 13.62 -4.09
C GLY Z 499 -17.38 13.07 -2.75
N SER Z 500 -16.49 13.04 -1.75
CA SER Z 500 -16.80 12.39 -0.49
C SER Z 500 -17.97 13.07 0.22
N CYS Z 501 -18.01 14.40 0.19
CA CYS Z 501 -19.02 15.16 0.90
C CYS Z 501 -20.09 15.74 -0.01
N LYS Z 502 -20.47 15.01 -1.06
CA LYS Z 502 -21.48 15.49 -1.98
C LYS Z 502 -22.80 14.76 -1.73
N VAL Z 503 -23.90 15.50 -1.92
CA VAL Z 503 -25.23 14.90 -1.73
C VAL Z 503 -25.45 13.80 -2.76
N LEU Z 504 -26.12 12.74 -2.35
CA LEU Z 504 -26.44 11.62 -3.22
C LEU Z 504 -27.91 11.28 -3.05
N THR Z 505 -28.74 11.85 -3.91
CA THR Z 505 -30.15 11.48 -3.93
C THR Z 505 -30.31 10.10 -4.56
N GLY Z 506 -31.12 9.27 -3.94
CA GLY Z 506 -31.43 7.95 -4.46
C GLY Z 506 -30.95 6.85 -3.54
N THR Z 507 -30.74 5.68 -4.16
CA THR Z 507 -30.38 4.48 -3.43
C THR Z 507 -29.06 4.68 -2.69
N PRO Z 508 -29.05 4.54 -1.37
CA PRO Z 508 -27.83 4.82 -0.62
C PRO Z 508 -26.75 3.80 -0.91
N TYR Z 509 -25.51 4.29 -0.99
CA TYR Z 509 -24.36 3.39 -1.11
C TYR Z 509 -23.20 3.77 -0.20
N ALA Z 510 -23.14 5.00 0.31
CA ALA Z 510 -22.08 5.44 1.20
C ALA Z 510 -22.66 5.70 2.58
N GLY Z 511 -21.91 5.33 3.62
CA GLY Z 511 -22.41 5.40 4.98
C GLY Z 511 -22.34 6.80 5.57
N LEU Z 512 -23.19 7.01 6.59
CA LEU Z 512 -23.10 8.25 7.35
C LEU Z 512 -21.91 8.28 8.29
N ASP Z 513 -21.32 7.12 8.58
CA ASP Z 513 -20.03 7.13 9.26
C ASP Z 513 -18.99 7.85 8.42
N GLN Z 514 -19.02 7.61 7.10
CA GLN Z 514 -18.13 8.30 6.19
C GLN Z 514 -18.33 9.80 6.24
N ILE Z 515 -19.59 10.24 6.25
CA ILE Z 515 -19.87 11.67 6.33
C ILE Z 515 -19.40 12.22 7.67
N ASN Z 516 -19.65 11.49 8.75
CA ASN Z 516 -19.30 11.97 10.08
C ASN Z 516 -17.79 12.15 10.23
N ASP Z 517 -17.01 11.17 9.76
CA ASP Z 517 -15.58 11.23 9.97
C ASP Z 517 -14.83 11.89 8.82
N ASN Z 518 -15.51 12.29 7.74
CA ASN Z 518 -14.87 13.01 6.65
C ASN Z 518 -15.53 14.32 6.31
N CYS Z 519 -16.75 14.57 6.78
CA CYS Z 519 -17.49 15.77 6.44
C CYS Z 519 -18.03 16.42 7.71
N ASN Z 520 -18.50 17.64 7.56
CA ASN Z 520 -19.02 18.40 8.69
C ASN Z 520 -20.49 18.05 8.95
N ALA Z 521 -21.10 18.77 9.89
CA ALA Z 521 -22.38 18.34 10.45
C ALA Z 521 -23.54 18.61 9.50
N GLU Z 522 -23.48 19.72 8.75
CA GLU Z 522 -24.61 20.06 7.89
C GLU Z 522 -24.80 19.02 6.78
N ILE Z 523 -23.71 18.51 6.23
CA ILE Z 523 -23.82 17.42 5.27
C ILE Z 523 -24.45 16.21 5.96
N ALA Z 524 -24.04 15.94 7.20
CA ALA Z 524 -24.56 14.79 7.92
C ALA Z 524 -26.07 14.86 8.09
N ASP Z 525 -26.58 15.98 8.60
CA ASP Z 525 -28.01 16.03 8.85
C ASP Z 525 -28.82 16.30 7.57
N ASP Z 526 -28.18 16.84 6.52
CA ASP Z 526 -28.87 16.87 5.23
C ASP Z 526 -29.07 15.46 4.69
N MET Z 527 -28.06 14.61 4.81
CA MET Z 527 -28.24 13.20 4.45
C MET Z 527 -29.25 12.52 5.37
N LYS Z 528 -29.22 12.85 6.66
CA LYS Z 528 -30.20 12.30 7.59
C LYS Z 528 -31.62 12.64 7.16
N SER Z 529 -31.85 13.89 6.77
CA SER Z 529 -33.15 14.27 6.24
C SER Z 529 -33.46 13.57 4.94
N ARG Z 530 -32.46 13.45 4.06
CA ARG Z 530 -32.68 12.92 2.71
C ARG Z 530 -32.73 11.39 2.72
N ALA Z 531 -32.68 10.80 1.52
CA ALA Z 531 -32.51 9.36 1.33
C ALA Z 531 -33.61 8.50 1.97
N THR Z 532 -34.84 8.64 1.49
CA THR Z 532 -35.84 7.60 1.71
C THR Z 532 -35.59 6.49 0.69
N VAL Z 533 -36.43 5.46 0.67
CA VAL Z 533 -36.22 4.39 -0.30
C VAL Z 533 -37.29 4.41 -1.39
N ASN Z 534 -38.53 4.10 -1.05
CA ASN Z 534 -39.64 4.32 -1.98
C ASN Z 534 -40.81 4.99 -1.27
N SER Z 535 -41.04 4.59 -0.01
CA SER Z 535 -42.21 5.02 0.75
C SER Z 535 -41.84 5.95 1.91
N GLY Z 536 -42.07 7.25 1.72
CA GLY Z 536 -42.09 8.19 2.82
C GLY Z 536 -43.52 8.31 3.28
N ASN Z 537 -44.32 7.32 2.89
CA ASN Z 537 -45.70 7.14 3.30
C ASN Z 537 -46.60 8.31 2.94
N ASN Z 538 -47.43 8.74 3.90
CA ASN Z 538 -48.57 9.59 3.60
C ASN Z 538 -48.20 11.07 3.51
N SER Z 539 -46.91 11.40 3.49
CA SER Z 539 -46.47 12.80 3.46
C SER Z 539 -46.96 13.48 2.19
N ASN Z 540 -47.34 12.67 1.21
CA ASN Z 540 -47.88 13.11 -0.07
C ASN Z 540 -49.38 13.38 0.00
N ALA Z 541 -49.77 14.51 0.57
CA ALA Z 541 -51.16 14.78 0.87
C ALA Z 541 -51.99 15.05 -0.38
N ARG Z 542 -51.70 16.14 -1.08
CA ARG Z 542 -52.58 16.54 -2.18
C ARG Z 542 -52.06 16.07 -3.53
N LEU Z 543 -52.94 15.40 -4.28
CA LEU Z 543 -52.68 15.02 -5.66
C LEU Z 543 -53.59 15.75 -6.64
N THR Z 544 -54.68 16.35 -6.16
CA THR Z 544 -55.60 17.14 -6.97
C THR Z 544 -56.25 16.30 -8.07
N GLY Z 545 -56.04 14.99 -8.03
CA GLY Z 545 -56.60 14.11 -9.04
C GLY Z 545 -57.92 13.48 -8.64
N LEU Z 546 -58.88 14.31 -8.23
CA LEU Z 546 -60.22 13.85 -7.85
C LEU Z 546 -60.18 13.03 -6.56
N GLN Z 547 -58.98 12.77 -6.05
CA GLN Z 547 -58.72 12.19 -4.74
C GLN Z 547 -59.61 10.99 -4.41
N PRO Z 548 -59.33 9.80 -4.97
CA PRO Z 548 -60.00 8.58 -4.50
C PRO Z 548 -60.20 8.59 -3.00
N GLY Z 549 -59.13 8.86 -2.27
CA GLY Z 549 -59.21 9.34 -0.90
C GLY Z 549 -59.76 8.30 0.05
N ILE Z 550 -59.76 8.67 1.33
CA ILE Z 550 -60.33 7.86 2.40
C ILE Z 550 -61.53 8.55 3.04
N GLY Z 551 -62.72 8.23 2.56
CA GLY Z 551 -63.93 8.76 3.15
C GLY Z 551 -64.04 10.27 3.19
N GLY Z 552 -64.16 10.82 4.40
CA GLY Z 552 -64.33 12.24 4.57
C GLY Z 552 -65.78 12.64 4.47
N VAL Z 553 -66.15 13.20 3.32
CA VAL Z 553 -67.51 13.63 3.07
C VAL Z 553 -68.43 12.41 3.05
N MET Z 554 -67.91 11.24 2.70
CA MET Z 554 -68.72 10.03 2.66
C MET Z 554 -68.29 9.04 3.74
N THR Z 555 -69.28 8.45 4.39
CA THR Z 555 -69.05 7.57 5.54
C THR Z 555 -68.66 6.15 5.12
N GLY Z 556 -68.65 5.24 6.09
CA GLY Z 556 -68.34 3.85 5.82
C GLY Z 556 -66.90 3.48 6.05
N ALA Z 557 -66.10 3.49 4.97
CA ALA Z 557 -64.71 3.06 5.07
C ALA Z 557 -63.89 3.98 5.97
N THR Z 558 -64.45 5.15 6.29
CA THR Z 558 -63.85 6.07 7.24
C THR Z 558 -63.45 5.38 8.53
N LYS Z 559 -64.17 4.32 8.90
CA LYS Z 559 -63.89 3.58 10.12
C LYS Z 559 -62.45 3.07 10.11
N GLY Z 560 -61.73 3.30 11.20
CA GLY Z 560 -60.36 2.86 11.34
C GLY Z 560 -59.45 3.37 10.24
N SER Z 561 -59.57 4.65 9.90
CA SER Z 561 -58.75 5.25 8.87
C SER Z 561 -57.58 6.04 9.44
N CYS Z 562 -57.09 5.67 10.61
CA CYS Z 562 -55.99 6.38 11.25
C CYS Z 562 -54.72 5.56 11.38
N LYS Z 563 -54.82 4.24 11.31
CA LYS Z 563 -53.64 3.39 11.43
C LYS Z 563 -52.70 3.59 10.25
N ASN Z 564 -51.42 3.38 10.49
CA ASN Z 564 -50.43 3.53 9.43
C ASN Z 564 -50.53 2.41 8.42
N LEU Z 565 -50.51 2.77 7.14
CA LEU Z 565 -50.35 1.76 6.09
C LEU Z 565 -48.92 1.27 6.00
N THR Z 566 -47.97 2.02 6.57
CA THR Z 566 -46.55 1.69 6.70
C THR Z 566 -46.00 0.93 5.50
N GLY Z 567 -46.31 1.38 4.30
CA GLY Z 567 -45.85 0.70 3.10
C GLY Z 567 -46.12 1.54 1.87
N THR Z 568 -46.50 0.87 0.80
CA THR Z 568 -46.89 1.54 -0.43
C THR Z 568 -48.06 2.47 -0.14
N PRO Z 569 -47.86 3.78 -0.20
CA PRO Z 569 -48.92 4.71 0.22
C PRO Z 569 -50.09 4.75 -0.75
N TYR Z 570 -51.27 5.07 -0.24
CA TYR Z 570 -52.43 5.23 -1.11
C TYR Z 570 -53.15 6.54 -0.83
N ILE Z 571 -53.20 6.95 0.44
CA ILE Z 571 -54.01 8.10 0.81
C ILE Z 571 -53.12 9.27 1.19
N GLY Z 572 -53.61 10.48 0.95
CA GLY Z 572 -52.85 11.66 1.32
C GLY Z 572 -53.03 12.02 2.78
N GLY Z 573 -52.08 12.81 3.28
CA GLY Z 573 -52.15 13.23 4.68
C GLY Z 573 -53.22 14.27 4.95
N ASP Z 574 -53.61 15.02 3.92
CA ASP Z 574 -54.70 15.98 4.10
C ASP Z 574 -56.01 15.25 4.38
N GLN Z 575 -56.27 14.16 3.66
CA GLN Z 575 -57.44 13.34 3.97
C GLN Z 575 -57.29 12.71 5.33
N PHE Z 576 -56.07 12.37 5.72
CA PHE Z 576 -55.83 11.88 7.08
C PHE Z 576 -56.28 12.90 8.11
N LEU Z 577 -55.88 14.16 7.93
CA LEU Z 577 -56.25 15.19 8.89
C LEU Z 577 -57.76 15.45 8.87
N SER Z 578 -58.36 15.49 7.69
CA SER Z 578 -59.79 15.76 7.59
C SER Z 578 -60.63 14.58 8.08
N ASN Z 579 -60.05 13.39 8.18
CA ASN Z 579 -60.71 12.23 8.76
C ASN Z 579 -60.30 11.98 10.20
N CYS Z 580 -59.01 11.82 10.44
CA CYS Z 580 -58.48 11.71 11.79
C CYS Z 580 -57.92 13.07 12.21
N GLU Z 581 -58.41 13.59 13.33
CA GLU Z 581 -58.01 14.92 13.76
C GLU Z 581 -56.50 15.01 13.94
N THR Z 582 -55.86 13.91 14.28
CA THR Z 582 -54.42 13.89 14.46
C THR Z 582 -53.70 13.97 13.12
N PRO Z 583 -52.47 14.49 13.11
CA PRO Z 583 -51.64 14.35 11.93
C PRO Z 583 -51.20 12.91 11.76
N PRO Z 584 -50.66 12.55 10.61
CA PRO Z 584 -50.31 11.13 10.36
C PRO Z 584 -49.38 10.54 11.40
N ASN Z 585 -49.62 9.29 11.80
CA ASN Z 585 -48.71 8.61 12.70
C ASN Z 585 -47.40 8.28 12.00
N ASP Z 586 -47.46 8.06 10.68
CA ASP Z 586 -46.28 8.09 9.82
C ASP Z 586 -45.93 9.55 9.57
N ALA Z 587 -45.12 9.84 8.55
CA ALA Z 587 -44.48 11.14 8.47
C ALA Z 587 -45.50 12.27 8.44
N SER Z 588 -45.64 12.97 9.57
CA SER Z 588 -46.68 13.97 9.74
C SER Z 588 -46.31 15.28 9.08
N TYR Z 589 -45.02 15.59 8.99
CA TYR Z 589 -44.58 16.84 8.38
C TYR Z 589 -44.98 16.95 6.92
N ALA Z 590 -45.38 15.85 6.29
CA ALA Z 590 -46.15 15.90 5.05
C ALA Z 590 -45.38 16.62 3.94
N ASN Z 591 -44.33 15.99 3.44
CA ASN Z 591 -43.48 16.54 2.39
C ASN Z 591 -44.26 17.27 1.31
N GLN Z 592 -45.23 16.61 0.67
CA GLN Z 592 -45.95 17.26 -0.41
C GLN Z 592 -46.95 18.29 0.12
N GLU Z 593 -47.94 17.83 0.90
CA GLU Z 593 -48.92 18.65 1.61
C GLU Z 593 -49.24 19.99 0.93
N LYS Z 594 -48.36 20.98 1.16
CA LYS Z 594 -48.55 22.32 0.63
C LYS Z 594 -49.04 22.30 -0.80
N SER Z 595 -48.40 21.50 -1.65
CA SER Z 595 -48.85 21.25 -3.01
C SER Z 595 -49.34 22.50 -3.71
N ALA Z 596 -50.66 22.63 -3.82
CA ALA Z 596 -51.29 23.80 -4.40
C ALA Z 596 -51.33 24.97 -3.43
N SER Z 597 -51.46 24.69 -2.13
CA SER Z 597 -51.70 25.73 -1.12
C SER Z 597 -50.62 26.79 -1.10
N ASN Z 598 -49.35 26.38 -1.21
CA ASN Z 598 -48.24 27.32 -1.13
C ASN Z 598 -48.36 28.43 -2.15
N SER Z 599 -48.62 28.07 -3.41
CA SER Z 599 -48.81 28.93 -4.58
C SER Z 599 -48.39 30.39 -4.41
N TRP Z 600 -49.32 31.31 -4.72
CA TRP Z 600 -49.07 32.74 -4.77
C TRP Z 600 -47.74 33.06 -5.45
N LYS Z 601 -46.75 33.45 -4.64
CA LYS Z 601 -45.43 33.85 -5.17
C LYS Z 601 -44.54 32.62 -5.28
N GLU Z 602 -44.97 31.68 -6.12
CA GLU Z 602 -44.10 30.61 -6.56
C GLU Z 602 -43.45 31.01 -7.88
N PHE Z 603 -44.27 31.32 -8.87
CA PHE Z 603 -43.86 31.88 -10.16
C PHE Z 603 -42.63 31.16 -10.69
N SER Z 604 -41.46 31.78 -10.50
CA SER Z 604 -40.19 31.14 -10.81
C SER Z 604 -39.51 30.62 -9.56
N VAL Z 605 -40.12 29.64 -8.89
CA VAL Z 605 -39.53 29.10 -7.68
C VAL Z 605 -38.31 28.23 -8.04
N ASN Z 606 -37.50 27.94 -7.03
CA ASN Z 606 -36.18 27.30 -7.18
C ASN Z 606 -35.33 28.24 -8.02
N SER Z 607 -34.73 27.80 -9.12
CA SER Z 607 -33.88 28.66 -9.95
C SER Z 607 -34.02 28.25 -11.40
N PRO Z 608 -35.03 28.76 -12.09
CA PRO Z 608 -35.08 28.61 -13.56
C PRO Z 608 -34.32 29.72 -14.27
N SER Z 609 -33.13 30.02 -13.77
CA SER Z 609 -32.20 30.99 -14.33
C SER Z 609 -32.72 32.41 -14.22
N ARG Z 610 -33.95 32.57 -13.74
CA ARG Z 610 -34.62 33.87 -13.62
C ARG Z 610 -34.48 34.72 -14.88
N GLU Z 611 -34.42 34.08 -16.05
CA GLU Z 611 -34.38 34.83 -17.29
C GLU Z 611 -35.68 35.59 -17.52
N LYS Z 612 -36.81 34.96 -17.20
CA LYS Z 612 -38.12 35.52 -17.48
C LYS Z 612 -38.30 36.90 -16.86
N TYR Z 613 -37.69 37.13 -15.70
CA TYR Z 613 -37.75 38.41 -15.01
C TYR Z 613 -39.22 38.82 -14.84
N SER Z 614 -39.72 39.64 -15.75
CA SER Z 614 -41.15 39.92 -15.85
C SER Z 614 -41.71 40.49 -14.56
N ALA Z 615 -41.22 41.67 -14.15
CA ALA Z 615 -41.75 42.37 -13.00
C ALA Z 615 -42.76 43.45 -13.37
N VAL Z 621 -47.02 51.74 -22.67
CA VAL Z 621 -46.34 52.64 -23.59
C VAL Z 621 -46.59 52.18 -25.02
N THR Z 622 -46.89 53.14 -25.92
CA THR Z 622 -47.24 52.78 -27.28
C THR Z 622 -46.04 52.77 -28.21
N GLY Z 623 -45.15 53.75 -28.10
CA GLY Z 623 -44.01 53.80 -29.00
C GLY Z 623 -44.41 54.03 -30.45
N ASN Z 624 -44.87 55.24 -30.77
CA ASN Z 624 -45.49 55.53 -32.06
C ASN Z 624 -45.10 56.94 -32.49
N ARG Z 625 -45.86 57.47 -33.46
CA ARG Z 625 -45.75 58.88 -33.80
C ARG Z 625 -46.07 59.77 -32.60
N TYR Z 626 -46.79 59.21 -31.62
CA TYR Z 626 -47.24 59.97 -30.46
C TYR Z 626 -46.11 60.60 -29.65
N GLU Z 627 -45.05 59.85 -29.38
CA GLU Z 627 -44.00 60.42 -28.53
C GLU Z 627 -43.19 61.46 -29.31
N ASP Z 628 -43.80 62.64 -29.49
CA ASP Z 628 -43.15 63.76 -30.15
C ASP Z 628 -43.37 65.02 -29.33
N SER Z 629 -43.65 64.84 -28.04
CA SER Z 629 -43.97 65.92 -27.11
C SER Z 629 -45.03 66.85 -27.69
N SER Z 630 -44.63 68.08 -28.02
CA SER Z 630 -45.55 69.04 -28.61
C SER Z 630 -45.88 68.67 -30.05
N LYS Z 631 -44.87 68.64 -30.91
CA LYS Z 631 -45.02 68.36 -32.33
C LYS Z 631 -45.88 69.43 -32.99
N ILE Z 632 -47.20 69.27 -32.96
CA ILE Z 632 -48.15 70.28 -33.45
C ILE Z 632 -47.81 70.78 -34.84
N THR Z 633 -48.34 70.13 -35.87
CA THR Z 633 -48.24 70.66 -37.22
C THR Z 633 -48.96 72.00 -37.31
N GLY Z 634 -49.81 72.27 -36.33
CA GLY Z 634 -50.69 73.42 -36.32
C GLY Z 634 -52.13 73.13 -36.72
N PRO Z 635 -52.38 72.76 -37.98
CA PRO Z 635 -53.76 72.42 -38.36
C PRO Z 635 -54.28 71.16 -37.69
N PHE Z 636 -53.41 70.26 -37.28
CA PHE Z 636 -53.83 68.91 -36.93
C PHE Z 636 -53.95 68.77 -35.42
N ASP Z 637 -55.04 68.15 -34.98
CA ASP Z 637 -55.28 68.05 -33.54
C ASP Z 637 -55.51 66.63 -33.04
N MET Z 638 -56.28 65.79 -33.75
CA MET Z 638 -56.68 64.48 -33.25
C MET Z 638 -57.27 64.61 -31.86
N ALA Z 639 -58.38 65.33 -31.75
CA ALA Z 639 -58.96 65.63 -30.44
C ALA Z 639 -60.20 64.79 -30.15
N GLU Z 640 -60.44 63.76 -30.96
CA GLU Z 640 -61.56 62.87 -30.71
C GLU Z 640 -61.09 61.58 -30.04
N ASP Z 641 -59.78 61.44 -29.89
CA ASP Z 641 -59.23 60.26 -29.18
C ASP Z 641 -59.65 60.33 -27.71
N LYS Z 642 -58.74 60.75 -26.82
CA LYS Z 642 -59.12 60.93 -25.40
C LYS Z 642 -60.07 59.79 -24.99
N VAL Z 643 -59.60 58.54 -25.08
CA VAL Z 643 -60.49 57.38 -24.79
C VAL Z 643 -59.61 56.18 -24.39
N ILE Z 683 -78.19 41.90 -21.26
CA ILE Z 683 -78.49 41.53 -19.89
C ILE Z 683 -80.00 41.41 -19.72
N THR Z 684 -80.75 41.92 -20.69
CA THR Z 684 -82.20 41.88 -20.59
C THR Z 684 -82.77 40.80 -21.49
N GLY Z 685 -82.50 40.89 -22.79
CA GLY Z 685 -82.87 39.86 -23.76
C GLY Z 685 -84.21 39.21 -23.51
N GLU Z 686 -84.18 37.90 -23.24
CA GLU Z 686 -85.32 37.18 -22.68
C GLU Z 686 -84.79 36.34 -21.51
N GLY Z 687 -84.69 36.98 -20.34
CA GLY Z 687 -84.29 36.31 -19.12
C GLY Z 687 -82.98 35.55 -19.14
N GLN Z 688 -81.89 36.21 -19.55
CA GLN Z 688 -80.58 35.56 -19.55
C GLN Z 688 -80.18 35.11 -18.15
N SER Z 689 -80.20 36.03 -17.18
CA SER Z 689 -79.83 35.73 -15.81
C SER Z 689 -81.00 35.25 -14.97
N ALA Z 690 -82.22 35.32 -15.50
CA ALA Z 690 -83.40 34.85 -14.79
C ALA Z 690 -83.26 33.37 -14.50
N GLY Z 691 -82.82 32.61 -15.49
CA GLY Z 691 -82.54 31.21 -15.30
C GLY Z 691 -81.15 30.98 -14.73
N ASN Z 692 -80.95 31.40 -13.48
CA ASN Z 692 -79.66 31.21 -12.81
C ASN Z 692 -79.64 30.01 -11.87
N ILE Z 693 -80.72 29.23 -11.83
CA ILE Z 693 -80.77 28.03 -11.01
C ILE Z 693 -80.18 26.89 -11.84
N THR Z 694 -80.05 27.13 -13.15
CA THR Z 694 -79.55 26.12 -14.08
C THR Z 694 -78.27 25.47 -13.58
N GLY Z 695 -78.27 24.15 -13.52
CA GLY Z 695 -77.34 23.42 -12.69
C GLY Z 695 -75.86 23.48 -13.02
N ASP Z 696 -75.44 22.86 -14.11
CA ASP Z 696 -74.02 22.56 -14.25
C ASP Z 696 -73.34 23.39 -15.33
N ASP Z 697 -73.80 23.26 -16.56
CA ASP Z 697 -73.17 24.00 -17.66
C ASP Z 697 -74.14 25.03 -18.21
N TRP Z 698 -73.57 26.14 -18.67
CA TRP Z 698 -74.33 27.36 -18.87
C TRP Z 698 -73.65 28.23 -19.90
N ASP Z 699 -74.38 29.13 -20.54
CA ASP Z 699 -73.72 30.18 -21.30
C ASP Z 699 -73.29 31.29 -20.34
N ARG Z 700 -72.94 32.46 -20.87
CA ARG Z 700 -72.57 33.64 -20.04
C ARG Z 700 -71.05 33.72 -19.80
N GLY Z 701 -70.62 34.33 -18.69
CA GLY Z 701 -69.21 34.61 -18.47
C GLY Z 701 -68.66 34.60 -17.06
N ASP Z 702 -68.96 33.58 -16.24
CA ASP Z 702 -68.61 33.55 -14.82
C ASP Z 702 -67.30 34.28 -14.51
N LYS Z 703 -66.22 33.94 -15.20
CA LYS Z 703 -64.98 34.70 -15.09
C LYS Z 703 -64.02 34.22 -16.17
N VAL Z 704 -62.92 34.97 -16.33
CA VAL Z 704 -61.87 34.79 -17.33
C VAL Z 704 -62.46 34.44 -18.70
N THR Z 705 -63.24 35.38 -19.26
CA THR Z 705 -64.04 35.13 -20.45
C THR Z 705 -63.94 36.28 -21.45
N GLY Z 706 -62.71 36.65 -21.79
CA GLY Z 706 -62.38 37.94 -22.38
C GLY Z 706 -63.38 38.62 -23.30
N THR Z 707 -63.81 37.96 -24.36
CA THR Z 707 -64.63 38.66 -25.35
C THR Z 707 -66.12 38.65 -24.99
N GLU Z 708 -66.47 39.38 -23.94
CA GLU Z 708 -67.88 39.60 -23.61
C GLU Z 708 -68.12 41.08 -23.33
N GLY Z 709 -67.22 41.92 -23.83
CA GLY Z 709 -67.32 43.35 -23.63
C GLY Z 709 -66.45 43.91 -22.53
N VAL Z 710 -65.99 43.08 -21.60
CA VAL Z 710 -65.09 43.54 -20.55
C VAL Z 710 -63.73 43.84 -21.19
N SER Z 711 -63.40 45.12 -21.28
CA SER Z 711 -62.18 45.58 -21.93
C SER Z 711 -62.19 45.23 -23.41
N ALA Z 712 -63.29 44.62 -23.88
CA ALA Z 712 -63.40 44.17 -25.25
C ALA Z 712 -64.31 45.09 -26.04
N ARG Z 713 -65.48 45.41 -25.49
CA ARG Z 713 -66.49 46.17 -26.22
C ARG Z 713 -66.00 47.56 -26.60
N LYS Z 714 -64.99 48.07 -25.88
CA LYS Z 714 -64.48 49.41 -26.14
C LYS Z 714 -64.08 49.61 -27.60
N ARG Z 715 -63.50 48.56 -28.22
CA ARG Z 715 -63.36 48.45 -29.67
C ARG Z 715 -63.05 49.75 -30.40
N ASN Z 716 -64.03 50.23 -31.16
CA ASN Z 716 -63.95 51.50 -31.87
C ASN Z 716 -64.15 52.61 -30.84
N PRO Z 717 -63.17 53.51 -30.68
CA PRO Z 717 -63.28 54.55 -29.66
C PRO Z 717 -64.49 55.45 -29.89
N SER Z 718 -65.47 55.36 -29.00
CA SER Z 718 -66.63 56.24 -29.09
C SER Z 718 -66.34 57.54 -28.35
N ARG Z 719 -67.34 58.40 -28.22
CA ARG Z 719 -67.16 59.64 -27.50
C ARG Z 719 -68.38 59.89 -26.61
N ALA Z 720 -68.20 60.66 -25.54
CA ALA Z 720 -69.33 60.88 -24.63
C ALA Z 720 -69.99 62.22 -24.92
N GLY Z 721 -69.22 63.31 -24.79
CA GLY Z 721 -69.73 64.65 -24.98
C GLY Z 721 -71.07 64.88 -24.32
N PHE Z 722 -71.97 65.56 -25.04
CA PHE Z 722 -73.34 65.75 -24.59
C PHE Z 722 -73.40 66.56 -23.29
N MET Z 723 -73.20 65.90 -22.13
CA MET Z 723 -73.34 66.56 -20.84
C MET Z 723 -74.77 67.08 -20.64
N GLY Z 724 -75.69 66.14 -20.40
CA GLY Z 724 -77.10 66.46 -20.34
C GLY Z 724 -77.97 65.30 -20.81
N ALA Z 725 -77.31 64.20 -21.19
CA ALA Z 725 -77.96 62.93 -21.46
C ALA Z 725 -79.16 63.05 -22.40
N MET Z 726 -80.33 62.70 -21.91
CA MET Z 726 -81.52 62.61 -22.73
C MET Z 726 -82.15 63.98 -22.94
N PRO Z 727 -82.78 64.22 -24.08
CA PRO Z 727 -83.39 65.52 -24.32
C PRO Z 727 -84.54 65.75 -23.37
N PRO Z 728 -84.79 67.01 -22.99
CA PRO Z 728 -85.88 67.36 -22.06
C PRO Z 728 -87.26 67.41 -22.72
N VAL Z 729 -87.85 66.23 -22.93
CA VAL Z 729 -89.15 66.11 -23.57
C VAL Z 729 -90.26 66.50 -22.60
N ASP Z 730 -91.10 67.45 -23.01
CA ASP Z 730 -92.17 67.94 -22.10
C ASP Z 730 -93.49 67.20 -22.39
N ASN Z 731 -94.28 66.94 -21.34
CA ASN Z 731 -95.61 66.32 -21.55
C ASN Z 731 -96.54 67.37 -22.15
N LYS Z 732 -96.90 67.22 -23.44
CA LYS Z 732 -97.76 68.21 -24.12
C LYS Z 732 -99.00 68.47 -23.25
N ARG Z 733 -99.47 67.45 -22.53
CA ARG Z 733 -100.64 67.64 -21.62
C ARG Z 733 -100.22 68.55 -20.47
N ASN Z 734 -100.86 69.71 -20.36
CA ASN Z 734 -100.53 70.68 -19.27
C ASN Z 734 -101.67 71.70 -19.15
N ASP Z 735 -101.33 72.98 -18.95
CA ASP Z 735 -102.35 74.05 -18.84
C ASP Z 735 -103.29 73.74 -17.66
N GLU Z 736 -104.39 73.02 -17.93
CA GLU Z 736 -105.38 72.68 -16.88
C GLU Z 736 -105.95 73.97 -16.29
N THR Z 737 -105.35 74.48 -15.22
CA THR Z 737 -105.83 75.72 -14.59
C THR Z 737 -107.34 75.73 -14.39
N GLU Z 738 -108.06 76.14 -15.44
CA GLU Z 738 -109.51 76.26 -15.35
C GLU Z 738 -110.18 74.90 -15.46
N LYS Z 739 -111.52 74.90 -15.51
CA LYS Z 739 -112.27 73.63 -15.61
C LYS Z 739 -112.71 73.42 -17.06
N PRO Z 740 -112.64 72.19 -17.60
CA PRO Z 740 -113.03 71.93 -18.99
C PRO Z 740 -114.43 72.44 -19.32
N ASP Z 741 -114.63 72.92 -20.55
CA ASP Z 741 -115.83 73.68 -20.87
C ASP Z 741 -117.07 72.79 -20.87
N PHE Z 742 -117.74 72.72 -19.72
CA PHE Z 742 -119.08 72.15 -19.55
C PHE Z 742 -119.33 70.92 -20.41
N LEU Z 743 -118.42 69.94 -20.34
CA LEU Z 743 -118.57 68.68 -21.05
C LEU Z 743 -118.91 68.90 -22.52
N ILE Z 744 -119.69 67.98 -23.10
CA ILE Z 744 -120.24 67.99 -24.46
C ILE Z 744 -119.19 68.28 -25.52
N THR Z 745 -118.02 68.77 -25.11
CA THR Z 745 -116.90 68.95 -26.04
C THR Z 745 -115.66 68.43 -25.30
N GLY Z 746 -115.39 67.14 -25.43
CA GLY Z 746 -114.23 66.53 -24.80
C GLY Z 746 -114.45 66.10 -23.36
N SER Z 747 -113.36 65.61 -22.75
CA SER Z 747 -113.27 65.24 -21.33
C SER Z 747 -113.98 63.93 -21.05
N SER Z 748 -113.25 62.99 -20.42
CA SER Z 748 -113.77 61.66 -20.12
C SER Z 748 -114.14 61.52 -18.66
N GLY Z 749 -114.50 60.32 -18.23
CA GLY Z 749 -114.87 60.06 -16.86
C GLY Z 749 -116.16 60.77 -16.49
N ASN Z 750 -116.10 61.62 -15.45
CA ASN Z 750 -117.14 62.58 -15.12
C ASN Z 750 -118.52 61.96 -14.92
N THR Z 751 -119.55 62.81 -14.83
CA THR Z 751 -120.91 62.39 -14.53
C THR Z 751 -121.92 63.35 -15.14
N ARG Z 752 -122.49 64.22 -14.30
CA ARG Z 752 -123.53 65.18 -14.65
C ARG Z 752 -124.59 64.62 -15.58
N ASP Z 753 -124.94 65.36 -16.63
CA ASP Z 753 -126.18 65.14 -17.36
C ASP Z 753 -125.96 65.20 -18.87
N GLY Z 754 -126.79 64.46 -19.61
CA GLY Z 754 -126.70 64.51 -21.08
C GLY Z 754 -127.28 65.82 -21.59
N GLN Z 755 -126.71 66.94 -21.18
CA GLN Z 755 -127.27 68.27 -21.55
C GLN Z 755 -128.78 68.22 -21.32
N LEU Z 756 -129.19 67.74 -20.14
CA LEU Z 756 -130.63 67.59 -19.82
C LEU Z 756 -131.28 68.97 -19.68
N VAL Z 757 -132.62 69.02 -19.74
CA VAL Z 757 -133.34 70.31 -19.57
C VAL Z 757 -133.10 70.82 -18.14
N THR Z 758 -132.54 69.96 -17.27
CA THR Z 758 -132.26 70.34 -15.86
C THR Z 758 -131.56 71.69 -15.82
N PHE Z 759 -131.79 72.47 -14.76
CA PHE Z 759 -131.07 73.77 -14.61
C PHE Z 759 -129.62 73.59 -15.04
N SER Z 760 -128.98 72.50 -14.62
CA SER Z 760 -127.58 72.22 -15.01
C SER Z 760 -127.43 72.47 -16.51
N GLY Z 761 -128.16 71.71 -17.34
CA GLY Z 761 -128.10 71.89 -18.81
C GLY Z 761 -126.76 72.45 -19.23
N GLY Z 762 -126.74 73.69 -19.72
CA GLY Z 762 -125.48 74.34 -20.12
C GLY Z 762 -124.50 74.43 -18.97
N ALA Z 763 -124.88 75.12 -17.89
CA ALA Z 763 -124.00 75.26 -16.70
C ALA Z 763 -123.89 73.92 -15.99
N ARG Z 764 -124.03 72.82 -16.73
CA ARG Z 764 -123.97 71.46 -16.13
C ARG Z 764 -122.76 71.35 -15.20
N GLY Z 765 -121.62 71.94 -15.60
CA GLY Z 765 -120.40 71.84 -14.80
C GLY Z 765 -120.04 70.40 -14.51
N ARG AA 300 43.98 -58.51 53.09
CA ARG AA 300 44.16 -59.08 51.73
C ARG AA 300 43.75 -58.04 50.69
N ALA AA 301 42.83 -57.15 51.04
CA ALA AA 301 42.35 -56.11 50.10
C ALA AA 301 43.35 -54.96 50.02
N SER AA 302 44.41 -55.01 50.84
CA SER AA 302 45.47 -53.96 50.83
C SER AA 302 44.90 -52.68 50.20
N VAL AA 303 43.90 -52.09 50.85
CA VAL AA 303 43.24 -50.92 50.26
C VAL AA 303 44.21 -49.76 50.31
N THR AA 304 44.50 -49.17 49.16
CA THR AA 304 45.47 -48.10 49.03
C THR AA 304 44.81 -46.91 48.32
N THR AA 305 45.59 -45.86 48.10
CA THR AA 305 45.12 -44.63 47.48
C THR AA 305 45.85 -44.39 46.17
N THR AA 306 45.13 -43.86 45.20
CA THR AA 306 45.74 -43.44 43.94
C THR AA 306 46.43 -42.08 44.11
N THR AA 307 47.08 -41.63 43.04
CA THR AA 307 47.68 -40.30 43.06
C THR AA 307 46.61 -39.24 43.30
N SER AA 308 45.41 -39.47 42.77
CA SER AA 308 44.28 -38.60 43.06
C SER AA 308 43.46 -39.07 44.24
N GLY AA 309 43.85 -40.18 44.88
CA GLY AA 309 43.24 -40.60 46.13
C GLY AA 309 42.15 -41.64 46.04
N ASN AA 310 41.98 -42.29 44.88
CA ASN AA 310 40.96 -43.32 44.76
C ASN AA 310 41.29 -44.52 45.63
N LYS AA 311 40.26 -45.11 46.22
CA LYS AA 311 40.44 -46.31 47.03
C LYS AA 311 40.58 -47.52 46.13
N VAL AA 312 41.73 -48.19 46.22
CA VAL AA 312 42.03 -49.36 45.39
C VAL AA 312 42.11 -50.57 46.29
N THR AA 313 41.26 -51.56 46.04
CA THR AA 313 41.13 -52.72 46.90
C THR AA 313 41.63 -53.95 46.16
N GLY AA 314 42.39 -54.80 46.87
CA GLY AA 314 42.81 -56.06 46.28
C GLY AA 314 44.17 -56.54 46.72
N ASN AA 315 44.76 -57.45 45.92
CA ASN AA 315 46.06 -57.98 46.25
C ASN AA 315 47.14 -56.96 45.88
N GLU AA 316 47.83 -56.44 46.90
CA GLU AA 316 48.85 -55.43 46.69
C GLU AA 316 50.05 -56.00 45.95
N VAL AA 317 50.55 -55.24 44.98
CA VAL AA 317 51.79 -55.55 44.29
C VAL AA 317 52.62 -54.28 44.25
N GLY AA 318 53.92 -54.44 44.52
CA GLY AA 318 54.83 -53.34 44.67
C GLY AA 318 55.74 -53.54 45.87
N ARG AA 319 56.25 -52.42 46.38
CA ARG AA 319 57.10 -52.44 47.55
C ARG AA 319 56.37 -53.01 48.76
N SER AA 320 57.01 -53.96 49.44
CA SER AA 320 56.46 -54.59 50.62
C SER AA 320 57.43 -54.46 51.79
N GLU AA 321 56.90 -54.61 53.00
CA GLU AA 321 57.73 -54.48 54.20
C GLU AA 321 58.84 -55.52 54.24
N LYS AA 322 58.55 -56.77 53.90
CA LYS AA 322 59.53 -57.85 53.90
C LYS AA 322 59.48 -58.53 52.54
N VAL AA 323 60.40 -58.13 51.64
CA VAL AA 323 60.38 -58.62 50.27
C VAL AA 323 61.78 -58.45 49.69
N THR AA 324 62.12 -59.31 48.73
CA THR AA 324 63.38 -59.24 48.01
C THR AA 324 63.12 -59.24 46.52
N GLY AA 325 63.96 -58.49 45.79
CA GLY AA 325 63.85 -58.40 44.35
C GLY AA 325 63.23 -57.13 43.81
N ASP AA 326 62.69 -56.28 44.67
CA ASP AA 326 62.13 -55.00 44.26
C ASP AA 326 62.93 -53.81 44.79
N GLU AA 327 64.08 -54.06 45.39
CA GLU AA 327 64.85 -53.00 46.03
C GLU AA 327 65.27 -51.90 45.06
N PRO AA 328 65.85 -52.20 43.90
CA PRO AA 328 66.16 -51.12 42.96
C PRO AA 328 64.90 -50.54 42.31
N GLY AA 329 64.95 -49.25 42.03
CA GLY AA 329 63.90 -48.58 41.28
C GLY AA 329 63.01 -47.65 42.06
N THR AA 330 63.06 -47.66 43.39
CA THR AA 330 62.11 -46.91 44.19
C THR AA 330 62.29 -45.40 43.98
N CYS AA 331 61.18 -44.67 44.15
CA CYS AA 331 61.18 -43.21 44.12
C CYS AA 331 61.59 -42.64 42.77
N LYS AA 332 61.48 -43.43 41.72
CA LYS AA 332 61.79 -42.92 40.40
C LYS AA 332 60.53 -42.46 39.69
N ASN AA 333 60.68 -41.42 38.86
CA ASN AA 333 59.56 -40.85 38.13
C ASN AA 333 59.22 -41.75 36.95
N LEU AA 334 58.21 -42.61 37.12
CA LEU AA 334 57.72 -43.43 36.02
C LEU AA 334 56.39 -42.88 35.51
N THR AA 335 56.52 -41.91 34.61
CA THR AA 335 55.38 -41.27 33.95
C THR AA 335 54.69 -42.27 33.03
N GLY AA 336 53.55 -41.86 32.47
CA GLY AA 336 52.72 -42.75 31.69
C GLY AA 336 51.78 -43.55 32.56
N THR AA 337 52.01 -44.85 32.65
CA THR AA 337 51.20 -45.73 33.49
C THR AA 337 52.00 -46.16 34.71
N GLU AA 338 51.36 -46.93 35.58
CA GLU AA 338 51.97 -47.47 36.78
C GLU AA 338 50.98 -48.42 37.44
N TYR AA 339 51.50 -49.32 38.28
CA TYR AA 339 50.64 -50.12 39.13
C TYR AA 339 51.04 -50.08 40.60
N ILE AA 340 52.21 -49.53 40.94
CA ILE AA 340 52.53 -49.32 42.34
C ILE AA 340 51.69 -48.18 42.90
N SER AA 341 51.02 -48.46 44.01
CA SER AA 341 50.06 -47.55 44.61
C SER AA 341 50.73 -46.27 45.07
N ALA AA 342 49.96 -45.18 45.10
CA ALA AA 342 50.51 -43.90 45.52
C ALA AA 342 50.82 -43.89 47.01
N ASN AA 343 50.15 -44.75 47.79
CA ASN AA 343 50.48 -44.86 49.20
C ASN AA 343 51.92 -45.34 49.38
N GLN AA 344 52.34 -46.30 48.55
CA GLN AA 344 53.72 -46.76 48.60
C GLN AA 344 54.69 -45.64 48.27
N SER AA 345 54.39 -44.84 47.25
CA SER AA 345 55.27 -43.72 46.91
C SER AA 345 55.33 -42.72 48.04
N LYS AA 346 54.17 -42.39 48.63
CA LYS AA 346 54.14 -41.42 49.71
C LYS AA 346 54.88 -41.91 50.94
N LYS AA 347 54.82 -43.21 51.21
CA LYS AA 347 55.39 -43.76 52.44
C LYS AA 347 56.87 -44.09 52.31
N TYR AA 348 57.30 -44.68 51.20
CA TYR AA 348 58.69 -45.03 51.00
C TYR AA 348 59.49 -43.95 50.29
N CYS AA 349 58.84 -42.88 49.83
CA CYS AA 349 59.52 -41.84 49.08
C CYS AA 349 59.14 -40.44 49.50
N GLY AA 350 57.99 -40.24 50.16
CA GLY AA 350 57.62 -38.96 50.71
C GLY AA 350 56.97 -38.00 49.74
N VAL AA 359 40.76 -37.06 30.53
CA VAL AA 359 39.44 -36.44 30.47
C VAL AA 359 39.59 -34.93 30.61
N MET AA 360 39.08 -34.19 29.64
CA MET AA 360 39.03 -32.74 29.73
C MET AA 360 37.60 -32.26 29.91
N GLN AA 361 37.46 -31.07 30.49
CA GLN AA 361 36.18 -30.57 30.97
C GLN AA 361 35.81 -29.30 30.22
N SER AA 362 34.53 -28.95 30.26
CA SER AA 362 34.04 -27.73 29.64
C SER AA 362 32.67 -27.39 30.23
N ILE AA 363 32.27 -26.15 30.03
CA ILE AA 363 31.00 -25.63 30.50
C ILE AA 363 30.18 -25.20 29.30
N THR AA 364 28.91 -25.60 29.27
CA THR AA 364 28.07 -25.32 28.12
C THR AA 364 27.68 -23.85 28.05
N THR AA 365 27.11 -23.46 26.91
CA THR AA 365 26.70 -22.07 26.70
C THR AA 365 25.64 -21.64 27.69
N ASP AA 366 24.85 -22.58 28.21
CA ASP AA 366 23.89 -22.28 29.26
C ASP AA 366 24.41 -22.61 30.65
N GLY AA 367 25.71 -22.88 30.76
CA GLY AA 367 26.34 -23.10 32.05
C GLY AA 367 26.42 -24.54 32.50
N LEU AA 368 25.99 -25.50 31.67
CA LEU AA 368 26.00 -26.90 32.09
C LEU AA 368 27.38 -27.50 31.93
N LYS AA 369 27.53 -28.71 32.47
CA LYS AA 369 28.83 -29.33 32.68
C LYS AA 369 29.01 -30.49 31.70
N VAL AA 370 30.05 -30.43 30.87
CA VAL AA 370 30.29 -31.43 29.85
C VAL AA 370 31.77 -31.80 29.89
N SER AA 371 32.10 -32.97 29.33
CA SER AA 371 33.46 -33.47 29.40
C SER AA 371 33.71 -34.49 28.31
N GLY AA 372 34.98 -34.80 28.09
CA GLY AA 372 35.40 -35.74 27.08
C GLY AA 372 36.75 -35.41 26.48
N SER AA 373 36.97 -35.83 25.24
CA SER AA 373 38.15 -35.39 24.50
C SER AA 373 38.09 -33.89 24.25
N LEU AA 374 36.91 -33.38 23.89
CA LEU AA 374 36.61 -31.95 23.88
C LEU AA 374 37.61 -31.16 23.05
N PRO AA 375 37.53 -31.21 21.72
CA PRO AA 375 38.51 -30.50 20.87
C PRO AA 375 38.33 -28.98 20.93
N GLY AA 376 38.64 -28.41 22.10
CA GLY AA 376 38.54 -26.98 22.30
C GLY AA 376 39.85 -26.27 22.04
N ARG AA 377 40.06 -25.19 22.79
CA ARG AA 377 41.29 -24.43 22.66
C ARG AA 377 42.12 -24.56 23.93
N SER AA 378 43.42 -24.83 23.75
CA SER AA 378 44.35 -24.92 24.86
C SER AA 378 45.58 -24.07 24.56
N SER AA 379 46.17 -23.52 25.63
CA SER AA 379 47.35 -22.69 25.48
C SER AA 379 48.60 -23.48 25.11
N LEU AA 380 48.62 -24.79 25.38
CA LEU AA 380 49.78 -25.60 25.03
C LEU AA 380 49.94 -25.75 23.53
N VAL AA 381 48.83 -25.74 22.79
CA VAL AA 381 48.83 -25.94 21.35
C VAL AA 381 48.64 -24.60 20.66
N THR AA 382 49.44 -24.35 19.64
CA THR AA 382 49.27 -23.14 18.84
C THR AA 382 48.58 -23.45 17.52
N GLY AA 383 48.05 -22.42 16.89
CA GLY AA 383 47.39 -22.56 15.61
C GLY AA 383 45.93 -22.14 15.61
N ASP AA 384 45.20 -22.52 16.65
CA ASP AA 384 43.79 -22.15 16.78
C ASP AA 384 43.60 -20.87 17.58
N GLU AA 385 44.30 -19.79 17.22
CA GLU AA 385 44.17 -18.53 17.93
C GLU AA 385 43.25 -17.55 17.22
N SER AA 386 43.33 -17.50 15.89
CA SER AA 386 42.62 -16.48 15.14
C SER AA 386 41.12 -16.64 15.31
N GLY AA 387 40.49 -15.59 15.83
CA GLY AA 387 39.06 -15.51 15.87
C GLY AA 387 38.38 -16.15 17.06
N SER AA 388 39.01 -17.13 17.70
CA SER AA 388 38.39 -17.86 18.80
C SER AA 388 37.99 -16.91 19.92
N GLY AA 389 38.83 -15.91 20.19
CA GLY AA 389 38.57 -14.99 21.28
C GLY AA 389 37.36 -14.10 21.13
N LYS AA 390 37.12 -13.53 19.95
CA LYS AA 390 36.11 -12.47 19.78
C LYS AA 390 34.71 -13.10 19.79
N GLN AA 391 33.69 -12.28 19.53
CA GLN AA 391 32.28 -12.65 19.60
C GLN AA 391 32.01 -14.05 19.08
N LEU AA 392 31.22 -14.80 19.85
CA LEU AA 392 30.77 -16.13 19.46
C LEU AA 392 29.77 -16.04 18.32
N THR AA 393 29.91 -16.95 17.35
CA THR AA 393 29.02 -16.96 16.20
C THR AA 393 27.69 -17.61 16.53
N GLY AA 394 26.82 -17.77 15.53
CA GLY AA 394 25.56 -18.46 15.73
C GLY AA 394 25.79 -19.93 15.99
N ASP AA 395 24.71 -20.59 16.42
CA ASP AA 395 24.79 -21.95 16.92
C ASP AA 395 25.81 -21.95 18.06
N GLN AA 396 26.50 -23.07 18.30
CA GLN AA 396 27.46 -23.15 19.39
C GLN AA 396 28.31 -24.42 19.33
N TYR AA 397 29.62 -24.28 19.55
CA TYR AA 397 30.54 -25.41 19.62
C TYR AA 397 31.55 -25.28 20.74
N LEU AA 398 31.86 -24.05 21.15
CA LEU AA 398 32.98 -23.81 22.07
C LEU AA 398 32.43 -23.49 23.46
N GLY AA 399 33.11 -24.04 24.46
CA GLY AA 399 32.71 -23.87 25.85
C GLY AA 399 32.67 -22.43 26.30
N SER AA 400 31.85 -22.15 27.30
CA SER AA 400 31.77 -20.80 27.88
C SER AA 400 33.09 -20.45 28.54
N GLU AA 401 33.94 -21.45 28.79
CA GLU AA 401 35.29 -21.21 29.27
C GLU AA 401 36.02 -20.32 28.28
N PRO AA 402 36.60 -19.21 28.73
CA PRO AA 402 37.26 -18.30 27.80
C PRO AA 402 38.49 -18.92 27.17
N SER AA 403 38.76 -18.57 25.91
CA SER AA 403 39.90 -19.18 25.19
C SER AA 403 41.07 -18.21 25.10
N PRO AA 404 42.34 -18.68 25.10
CA PRO AA 404 43.48 -17.78 24.92
C PRO AA 404 43.32 -16.91 23.68
N LYS AA 405 44.11 -15.84 23.58
CA LYS AA 405 44.02 -14.91 22.41
C LYS AA 405 45.29 -15.03 21.57
N GLY AA 406 46.16 -14.03 21.64
CA GLY AA 406 47.42 -14.05 20.88
C GLY AA 406 47.17 -14.29 19.40
N LYS AA 407 46.43 -13.38 18.75
CA LYS AA 407 46.16 -13.49 17.30
C LYS AA 407 47.40 -14.04 16.60
N SER AA 408 48.55 -13.42 16.82
CA SER AA 408 49.84 -13.89 16.23
C SER AA 408 49.94 -13.53 14.75
N PHE AA 409 48.91 -13.84 13.95
CA PHE AA 409 49.03 -13.60 12.49
C PHE AA 409 48.09 -12.48 12.02
N GLU AA 410 46.86 -12.83 11.61
CA GLU AA 410 45.92 -11.83 11.09
C GLU AA 410 46.37 -11.32 9.71
N LYS AA 411 46.22 -12.22 8.73
CA LYS AA 411 46.64 -11.93 7.36
C LYS AA 411 46.15 -10.58 6.88
N VAL AA 412 45.00 -10.13 7.36
CA VAL AA 412 44.52 -8.80 7.00
C VAL AA 412 45.37 -7.76 7.73
N GLY AA 413 46.08 -6.94 6.96
CA GLY AA 413 46.95 -5.94 7.55
C GLY AA 413 46.58 -4.54 7.11
N SER AA 414 46.42 -3.63 8.05
CA SER AA 414 46.05 -2.26 7.76
C SER AA 414 47.31 -1.45 7.48
N TYR AA 415 47.38 -0.86 6.29
CA TYR AA 415 48.49 -0.02 5.90
C TYR AA 415 47.96 1.31 5.41
N ASP AA 416 48.62 2.39 5.83
CA ASP AA 416 48.17 3.74 5.55
C ASP AA 416 48.97 4.28 4.37
N THR AA 417 48.27 4.72 3.32
CA THR AA 417 48.95 5.26 2.16
C THR AA 417 49.67 6.55 2.53
N LEU AA 418 50.52 7.00 1.60
CA LEU AA 418 51.32 8.20 1.88
C LEU AA 418 50.45 9.42 2.06
N ASN AA 419 49.29 9.47 1.39
CA ASN AA 419 48.35 10.57 1.56
C ASN AA 419 47.50 10.43 2.82
N GLY AA 420 47.24 9.22 3.27
CA GLY AA 420 46.35 9.01 4.40
C GLY AA 420 45.17 8.12 4.14
N ASN AA 421 45.29 7.13 3.25
CA ASN AA 421 44.24 6.17 3.00
C ASN AA 421 44.53 4.84 3.69
N ASN AA 422 43.51 4.31 4.35
CA ASN AA 422 43.60 2.99 4.96
C ASN AA 422 43.29 1.91 3.93
N VAL AA 423 44.28 1.08 3.64
CA VAL AA 423 44.07 -0.09 2.81
C VAL AA 423 44.39 -1.33 3.63
N THR AA 424 43.46 -2.26 3.69
CA THR AA 424 43.72 -3.54 4.34
C THR AA 424 44.19 -4.50 3.26
N GLY AA 425 45.45 -4.91 3.31
CA GLY AA 425 46.00 -5.86 2.37
C GLY AA 425 47.00 -6.78 3.03
N THR AA 426 48.07 -7.07 2.29
CA THR AA 426 49.18 -7.86 2.79
C THR AA 426 50.43 -6.99 2.89
N GLY AA 427 50.58 -6.10 1.93
CA GLY AA 427 51.64 -5.11 1.93
C GLY AA 427 52.99 -5.71 1.59
N VAL AA 428 54.01 -4.86 1.58
CA VAL AA 428 55.38 -5.29 1.37
C VAL AA 428 56.35 -4.64 2.36
N GLY AA 429 55.83 -4.05 3.43
CA GLY AA 429 56.60 -3.14 4.25
C GLY AA 429 57.67 -3.81 5.09
N ARG AA 430 58.40 -2.97 5.81
CA ARG AA 430 59.51 -3.41 6.63
C ARG AA 430 59.05 -3.86 8.01
N SER AA 431 59.91 -4.63 8.67
CA SER AA 431 59.69 -5.09 10.04
C SER AA 431 61.03 -5.50 10.61
N ASP AA 432 61.09 -5.66 11.94
CA ASP AA 432 62.31 -6.14 12.58
C ASP AA 432 62.62 -7.55 12.10
N TYR AA 433 61.60 -8.23 11.59
CA TYR AA 433 61.72 -9.57 11.02
C TYR AA 433 62.18 -9.47 9.58
N VAL AA 434 61.86 -10.49 8.77
CA VAL AA 434 62.75 -11.06 7.75
C VAL AA 434 63.70 -10.04 7.11
N THR AA 435 64.98 -10.38 7.14
CA THR AA 435 66.06 -9.47 6.79
C THR AA 435 66.47 -9.61 5.34
N GLY AA 436 67.60 -9.02 4.98
CA GLY AA 436 68.02 -8.99 3.59
C GLY AA 436 67.39 -7.89 2.78
N ASN AA 437 66.51 -7.09 3.37
CA ASN AA 437 65.87 -6.00 2.66
C ASN AA 437 65.77 -4.74 3.50
N GLU AA 438 66.55 -4.59 4.57
CA GLU AA 438 66.47 -3.37 5.35
C GLU AA 438 67.31 -2.30 4.68
N TYR AA 439 68.64 -2.47 4.77
CA TYR AA 439 69.63 -1.66 4.05
C TYR AA 439 69.33 -0.16 4.05
N GLY AA 440 68.61 0.32 5.07
CA GLY AA 440 68.31 1.73 5.20
C GLY AA 440 67.29 2.25 4.22
N SER AA 441 66.22 1.48 3.97
CA SER AA 441 65.23 1.86 2.97
C SER AA 441 64.35 3.00 3.47
N CYS AA 442 64.83 4.24 3.28
CA CYS AA 442 64.12 5.44 3.71
C CYS AA 442 64.01 6.50 2.63
N LYS AA 443 64.98 6.59 1.73
CA LYS AA 443 65.00 7.62 0.71
C LYS AA 443 63.84 7.46 -0.26
N ASN AA 444 63.11 8.55 -0.47
CA ASN AA 444 61.80 8.51 -1.12
C ASN AA 444 61.58 9.82 -1.88
N LEU AA 445 61.88 9.78 -3.18
CA LEU AA 445 61.66 10.88 -4.10
C LEU AA 445 61.16 10.35 -5.43
N THR AA 446 60.28 9.35 -5.36
CA THR AA 446 59.87 8.58 -6.53
C THR AA 446 58.38 8.78 -6.75
N GLY AA 447 57.98 8.98 -8.00
CA GLY AA 447 56.57 9.04 -8.33
C GLY AA 447 55.92 7.67 -8.28
N ASP AA 448 54.65 7.63 -7.88
CA ASP AA 448 53.91 6.38 -7.76
C ASP AA 448 54.60 5.41 -6.81
N GLU AA 449 54.87 5.88 -5.59
CA GLU AA 449 55.49 5.04 -4.57
C GLU AA 449 54.39 4.19 -3.92
N TYR AA 450 54.44 2.89 -4.20
CA TYR AA 450 53.53 1.97 -3.53
C TYR AA 450 54.08 1.53 -2.18
N ILE AA 451 55.27 2.00 -1.81
CA ILE AA 451 55.83 1.73 -0.49
C ILE AA 451 54.90 2.34 0.56
N GLY AA 452 54.52 1.54 1.55
CA GLY AA 452 53.63 2.02 2.60
C GLY AA 452 54.26 3.09 3.47
N SER AA 453 53.41 3.99 3.99
CA SER AA 453 53.92 5.03 4.88
C SER AA 453 54.42 4.43 6.19
N GLN AA 454 53.73 3.39 6.68
CA GLN AA 454 54.07 2.80 7.97
C GLN AA 454 55.55 2.47 8.05
N GLN AA 455 56.12 1.95 6.97
CA GLN AA 455 57.57 1.80 6.90
C GLN AA 455 58.26 3.11 7.22
N TYR AA 456 57.76 4.22 6.67
CA TYR AA 456 58.47 5.49 6.81
C TYR AA 456 58.39 6.05 8.23
N GLU AA 457 57.22 6.02 8.87
CA GLU AA 457 57.20 6.56 10.22
C GLU AA 457 57.84 5.61 11.22
N LYS AA 458 57.63 4.30 11.07
CA LYS AA 458 58.18 3.37 12.05
C LYS AA 458 59.68 3.19 11.93
N PHE AA 459 60.23 3.28 10.72
CA PHE AA 459 61.61 2.90 10.51
C PHE AA 459 62.50 4.02 10.01
N CYS AA 460 61.94 5.17 9.66
CA CYS AA 460 62.72 6.26 9.08
C CYS AA 460 62.52 7.60 9.73
N GLY AA 461 61.33 7.89 10.27
CA GLY AA 461 61.10 9.16 10.92
C GLY AA 461 60.96 10.33 9.97
N SER AA 462 60.88 10.09 8.67
CA SER AA 462 60.70 11.15 7.69
C SER AA 462 59.51 10.79 6.83
N THR AA 463 58.44 11.58 6.91
CA THR AA 463 57.23 11.34 6.14
C THR AA 463 57.23 12.22 4.91
N PRO AA 464 57.36 11.67 3.70
CA PRO AA 464 57.23 12.50 2.50
C PRO AA 464 55.80 12.95 2.28
N LYS AA 465 55.57 13.77 1.27
CA LYS AA 465 54.23 14.22 0.93
C LYS AA 465 53.75 13.50 -0.31
N PRO AA 466 52.45 13.21 -0.44
CA PRO AA 466 51.99 12.23 -1.44
C PRO AA 466 51.92 12.79 -2.85
N GLU AA 467 51.64 11.88 -3.79
CA GLU AA 467 51.47 12.20 -5.20
C GLU AA 467 50.28 11.42 -5.77
N ALA AA 468 50.19 11.34 -7.09
CA ALA AA 468 49.22 10.50 -7.79
C ALA AA 468 47.78 10.92 -7.49
N ARG AA 469 47.65 12.17 -7.03
CA ARG AA 469 46.33 12.77 -6.83
C ARG AA 469 46.02 13.47 -8.16
N LYS AA 470 45.74 12.66 -9.18
CA LYS AA 470 45.49 13.21 -10.51
C LYS AA 470 44.15 13.91 -10.53
N VAL AA 471 43.26 13.54 -9.62
CA VAL AA 471 41.95 14.16 -9.53
C VAL AA 471 42.12 15.61 -9.11
N GLY AA 472 41.68 16.54 -9.96
CA GLY AA 472 41.75 17.95 -9.69
C GLY AA 472 40.38 18.50 -9.34
N LEU AA 473 40.22 18.89 -8.09
CA LEU AA 473 38.92 19.20 -7.53
C LEU AA 473 38.62 20.68 -7.75
N SER AA 474 37.66 20.96 -8.64
CA SER AA 474 37.25 22.32 -8.95
C SER AA 474 35.83 22.55 -8.46
N LEU AA 475 35.44 23.81 -8.40
CA LEU AA 475 34.10 24.21 -7.99
C LEU AA 475 33.39 24.83 -9.17
N SER AA 476 32.26 24.24 -9.57
CA SER AA 476 31.50 24.76 -10.69
C SER AA 476 30.84 26.08 -10.33
N SER AA 477 30.73 26.97 -11.33
CA SER AA 477 30.26 28.35 -11.13
C SER AA 477 29.06 28.43 -10.20
N LYS AA 478 28.19 27.44 -10.26
CA LYS AA 478 27.08 27.24 -9.34
C LYS AA 478 27.48 26.55 -8.04
N SER AA 479 28.76 26.65 -7.65
CA SER AA 479 29.22 26.28 -6.31
C SER AA 479 28.87 24.84 -5.95
N ASN AA 480 29.34 23.91 -6.78
CA ASN AA 480 29.24 22.49 -6.48
C ASN AA 480 30.53 21.84 -6.94
N LEU AA 481 30.86 20.69 -6.37
CA LEU AA 481 32.17 20.09 -6.51
C LEU AA 481 32.29 19.21 -7.74
N ILE AA 482 33.05 19.67 -8.73
CA ILE AA 482 33.40 18.87 -9.89
C ILE AA 482 34.85 18.46 -9.75
N SER AA 483 35.29 17.51 -10.57
CA SER AA 483 36.69 17.10 -10.57
C SER AA 483 36.99 16.27 -11.81
N GLY AA 484 38.22 15.78 -11.88
CA GLY AA 484 38.67 14.91 -12.96
C GLY AA 484 39.60 15.61 -13.92
N THR AA 485 40.91 15.46 -13.70
CA THR AA 485 41.86 16.42 -14.23
C THR AA 485 41.35 17.79 -13.83
N MET AA 486 41.72 18.82 -14.57
CA MET AA 486 41.01 20.09 -14.57
C MET AA 486 41.70 21.02 -15.56
N THR AA 487 40.94 21.95 -16.11
CA THR AA 487 41.42 22.75 -17.23
C THR AA 487 41.26 24.22 -16.95
N GLY AA 488 41.71 24.66 -15.78
CA GLY AA 488 41.66 26.07 -15.44
C GLY AA 488 43.02 26.74 -15.55
N ARG AA 489 43.33 27.60 -14.59
CA ARG AA 489 44.61 28.30 -14.52
C ARG AA 489 45.46 27.67 -13.43
N SER AA 490 46.43 26.86 -13.84
CA SER AA 490 47.39 26.33 -12.89
C SER AA 490 48.41 27.39 -12.52
N LYS AA 491 48.78 27.42 -11.24
CA LYS AA 491 49.72 28.42 -10.75
C LYS AA 491 51.10 28.28 -11.39
N ILE AA 492 51.49 27.09 -11.80
CA ILE AA 492 52.82 26.83 -12.34
C ILE AA 492 52.78 26.69 -13.86
N VAL AA 493 51.64 26.27 -14.41
CA VAL AA 493 51.52 26.19 -15.86
C VAL AA 493 51.30 27.59 -16.41
N THR AA 494 52.25 28.07 -17.21
CA THR AA 494 52.19 29.45 -17.68
C THR AA 494 51.79 29.53 -19.15
N GLY AA 495 51.60 30.74 -19.65
CA GLY AA 495 51.14 30.96 -21.01
C GLY AA 495 49.65 30.80 -21.20
N ASP AA 496 48.91 30.89 -20.09
CA ASP AA 496 47.46 30.82 -20.15
C ASP AA 496 46.85 31.87 -19.22
N GLU AA 497 47.71 32.65 -18.57
CA GLU AA 497 47.26 33.69 -17.64
C GLU AA 497 46.26 34.67 -18.25
N PRO AA 498 46.49 35.26 -19.43
CA PRO AA 498 45.58 36.31 -19.90
C PRO AA 498 44.17 35.76 -20.10
N GLY AA 499 43.20 36.57 -19.68
CA GLY AA 499 41.81 36.17 -19.70
C GLY AA 499 41.32 35.49 -18.45
N SER AA 500 42.20 35.23 -17.48
CA SER AA 500 41.82 34.46 -16.30
C SER AA 500 40.69 35.14 -15.54
N CYS AA 501 40.63 36.46 -15.60
CA CYS AA 501 39.64 37.23 -14.84
C CYS AA 501 38.53 37.78 -15.71
N LYS AA 502 38.09 37.03 -16.71
CA LYS AA 502 37.04 37.47 -17.62
C LYS AA 502 35.84 36.55 -17.56
N VAL AA 503 34.68 37.11 -17.91
CA VAL AA 503 33.40 36.41 -17.86
C VAL AA 503 33.16 35.77 -19.22
N LEU AA 504 32.71 34.52 -19.20
CA LEU AA 504 32.44 33.75 -20.41
C LEU AA 504 31.02 33.21 -20.43
N THR AA 505 30.03 34.09 -20.30
CA THR AA 505 28.63 33.69 -20.38
C THR AA 505 28.42 32.61 -21.43
N GLY AA 506 27.74 31.53 -21.06
CA GLY AA 506 27.44 30.47 -21.98
C GLY AA 506 27.73 29.12 -21.36
N THR AA 507 28.02 28.15 -22.22
CA THR AA 507 28.35 26.80 -21.81
C THR AA 507 29.56 26.80 -20.89
N PRO AA 508 29.37 26.53 -19.60
CA PRO AA 508 30.47 26.66 -18.64
C PRO AA 508 31.62 25.73 -18.98
N TYR AA 509 32.84 26.22 -18.78
CA TYR AA 509 34.03 25.39 -18.99
C TYR AA 509 35.07 25.55 -17.89
N ALA AA 510 35.08 26.66 -17.15
CA ALA AA 510 36.02 26.89 -16.06
C ALA AA 510 35.26 27.22 -14.79
N GLY AA 511 35.59 26.53 -13.70
CA GLY AA 511 34.91 26.75 -12.43
C GLY AA 511 35.34 28.03 -11.74
N LEU AA 512 34.57 28.39 -10.70
CA LEU AA 512 34.84 29.66 -10.03
C LEU AA 512 35.99 29.55 -9.04
N ASP AA 513 36.51 28.36 -8.78
CA ASP AA 513 37.74 28.27 -8.02
C ASP AA 513 38.86 28.98 -8.74
N GLN AA 514 38.79 29.00 -10.08
CA GLN AA 514 39.76 29.74 -10.88
C GLN AA 514 39.67 31.23 -10.64
N ILE AA 515 38.45 31.78 -10.64
CA ILE AA 515 38.28 33.19 -10.31
C ILE AA 515 38.72 33.44 -8.87
N ASN AA 516 38.47 32.47 -7.99
CA ASN AA 516 38.79 32.65 -6.58
C ASN AA 516 40.29 32.75 -6.36
N ASP AA 517 41.06 31.84 -6.93
CA ASP AA 517 42.50 31.83 -6.74
C ASP AA 517 43.25 32.68 -7.74
N ASN AA 518 42.56 33.28 -8.71
CA ASN AA 518 43.20 34.17 -9.67
C ASN AA 518 42.64 35.59 -9.67
N CYS AA 519 41.44 35.81 -9.15
CA CYS AA 519 40.79 37.12 -9.20
C CYS AA 519 40.15 37.45 -7.87
N ASN AA 520 39.74 38.70 -7.75
CA ASN AA 520 39.13 39.22 -6.54
C ASN AA 520 37.63 38.89 -6.50
N ALA AA 521 36.96 39.39 -5.46
CA ALA AA 521 35.65 38.85 -5.09
C ALA AA 521 34.54 39.34 -6.02
N GLU AA 522 34.61 40.59 -6.48
CA GLU AA 522 33.52 41.13 -7.28
C GLU AA 522 33.41 40.43 -8.63
N ILE AA 523 34.54 40.01 -9.20
CA ILE AA 523 34.46 39.19 -10.40
C ILE AA 523 33.72 37.90 -10.10
N ALA AA 524 34.04 37.29 -8.96
CA ALA AA 524 33.42 36.03 -8.58
C ALA AA 524 31.91 36.19 -8.40
N ASP AA 525 31.47 37.25 -7.72
CA ASP AA 525 30.04 37.37 -7.46
C ASP AA 525 29.28 37.84 -8.70
N ASP AA 526 29.92 38.64 -9.56
CA ASP AA 526 29.33 38.92 -10.86
C ASP AA 526 29.14 37.64 -11.65
N MET AA 527 30.13 36.75 -11.64
CA MET AA 527 30.05 35.59 -12.51
C MET AA 527 29.11 34.54 -11.93
N LYS AA 528 29.03 34.42 -10.59
CA LYS AA 528 28.02 33.54 -10.02
C LYS AA 528 26.62 34.10 -10.25
N SER AA 529 26.47 35.42 -10.21
CA SER AA 529 25.23 36.01 -10.72
C SER AA 529 25.10 35.73 -12.20
N ARG AA 530 26.22 35.64 -12.90
CA ARG AA 530 26.23 35.34 -14.33
C ARG AA 530 26.14 33.83 -14.55
N ALA AA 531 26.22 33.42 -15.82
CA ALA AA 531 26.35 32.02 -16.21
C ALA AA 531 25.23 31.16 -15.63
N THR AA 532 23.99 31.42 -16.07
CA THR AA 532 22.90 30.51 -15.77
C THR AA 532 23.05 29.28 -16.65
N VAL AA 533 22.17 28.31 -16.50
CA VAL AA 533 22.33 27.07 -17.25
C VAL AA 533 21.33 26.97 -18.40
N ASN AA 534 20.03 26.98 -18.10
CA ASN AA 534 19.00 26.84 -19.13
C ASN AA 534 17.61 26.97 -18.53
N SER AA 535 16.92 25.83 -18.42
CA SER AA 535 15.55 25.74 -17.92
C SER AA 535 15.49 25.75 -16.40
N GLY AA 536 14.35 25.36 -15.85
CA GLY AA 536 14.17 25.28 -14.42
C GLY AA 536 14.01 26.62 -13.74
N ASN AA 537 13.30 27.53 -14.41
CA ASN AA 537 13.07 28.86 -13.85
C ASN AA 537 11.90 29.56 -14.53
N ASN AA 538 10.85 29.84 -13.77
CA ASN AA 538 9.68 30.54 -14.29
C ASN AA 538 9.76 32.05 -14.09
N SER AA 539 10.90 32.56 -13.62
CA SER AA 539 11.09 34.00 -13.41
C SER AA 539 10.95 34.76 -14.72
N ASN AA 540 11.08 34.04 -15.84
CA ASN AA 540 10.82 34.60 -17.16
C ASN AA 540 9.32 34.84 -17.34
N ALA AA 541 8.82 35.90 -16.71
CA ALA AA 541 7.39 36.02 -16.45
C ALA AA 541 6.56 36.53 -17.61
N ARG AA 542 6.79 37.75 -18.05
CA ARG AA 542 5.79 38.48 -18.81
C ARG AA 542 6.19 38.67 -20.27
N LEU AA 543 5.74 37.75 -21.12
CA LEU AA 543 6.13 37.73 -22.53
C LEU AA 543 5.32 38.70 -23.37
N THR AA 544 4.66 39.67 -22.74
CA THR AA 544 4.13 40.85 -23.43
C THR AA 544 3.05 40.52 -24.45
N GLY AA 545 2.78 39.24 -24.66
CA GLY AA 545 1.77 38.85 -25.63
C GLY AA 545 0.47 38.50 -24.96
N LEU AA 546 -0.28 37.56 -25.55
CA LEU AA 546 -1.45 37.04 -24.86
C LEU AA 546 -1.04 36.28 -23.61
N GLN AA 547 0.19 35.76 -23.59
CA GLN AA 547 0.81 35.12 -22.43
C GLN AA 547 -0.08 34.04 -21.83
N PRO AA 548 -0.20 32.88 -22.46
CA PRO AA 548 -0.95 31.78 -21.86
C PRO AA 548 -0.46 31.45 -20.46
N GLY AA 549 -1.39 31.34 -19.50
CA GLY AA 549 -1.02 31.16 -18.11
C GLY AA 549 -1.76 30.00 -17.49
N ILE AA 550 -1.69 29.94 -16.16
CA ILE AA 550 -2.34 28.88 -15.41
C ILE AA 550 -3.66 29.34 -14.79
N GLY AA 551 -4.75 29.08 -15.50
CA GLY AA 551 -6.09 29.23 -14.95
C GLY AA 551 -6.47 30.58 -14.40
N GLY AA 552 -7.02 30.60 -13.19
CA GLY AA 552 -7.60 31.80 -12.62
C GLY AA 552 -9.11 31.81 -12.73
N VAL AA 553 -9.65 32.58 -13.67
CA VAL AA 553 -11.09 32.77 -13.78
C VAL AA 553 -11.77 31.52 -14.34
N MET AA 554 -11.02 30.66 -15.02
CA MET AA 554 -11.59 29.42 -15.55
C MET AA 554 -10.95 28.22 -14.89
N THR AA 555 -11.74 27.13 -14.82
CA THR AA 555 -11.29 25.90 -14.19
C THR AA 555 -10.57 25.01 -15.19
N GLY AA 556 -10.34 23.75 -14.81
CA GLY AA 556 -9.73 22.80 -15.71
C GLY AA 556 -8.24 22.60 -15.51
N ALA AA 557 -7.43 23.29 -16.29
CA ALA AA 557 -5.98 23.10 -16.31
C ALA AA 557 -5.34 23.37 -14.95
N THR AA 558 -5.99 24.21 -14.14
CA THR AA 558 -5.42 24.63 -12.86
C THR AA 558 -5.01 23.43 -12.00
N LYS AA 559 -6.01 22.69 -11.51
CA LYS AA 559 -5.81 21.56 -10.62
C LYS AA 559 -4.75 21.90 -9.57
N GLY AA 560 -4.78 23.13 -9.06
CA GLY AA 560 -3.81 23.58 -8.09
C GLY AA 560 -2.37 23.50 -8.58
N SER AA 561 -2.09 24.07 -9.76
CA SER AA 561 -0.76 23.99 -10.36
C SER AA 561 0.18 25.05 -9.78
N CYS AA 562 0.78 24.70 -8.63
CA CYS AA 562 1.77 25.55 -8.00
C CYS AA 562 3.11 24.86 -7.77
N LYS AA 563 3.17 23.54 -7.93
CA LYS AA 563 4.42 22.82 -7.80
C LYS AA 563 5.38 23.20 -8.93
N ASN AA 564 6.67 23.03 -8.68
CA ASN AA 564 7.69 23.46 -9.63
C ASN AA 564 7.67 22.60 -10.88
N LEU AA 565 7.93 23.25 -12.02
CA LEU AA 565 8.11 22.51 -13.27
C LEU AA 565 9.40 21.70 -13.25
N THR AA 566 10.45 22.23 -12.63
CA THR AA 566 11.76 21.56 -12.56
C THR AA 566 12.25 21.16 -13.93
N GLY AA 567 12.16 22.08 -14.88
CA GLY AA 567 12.58 21.79 -16.24
C GLY AA 567 12.23 22.93 -17.16
N THR AA 568 12.06 22.59 -18.44
CA THR AA 568 11.72 23.56 -19.48
C THR AA 568 10.52 24.39 -19.05
N PRO AA 569 10.72 25.66 -18.74
CA PRO AA 569 9.63 26.47 -18.20
C PRO AA 569 8.53 26.71 -19.22
N TYR AA 570 7.29 26.87 -18.74
CA TYR AA 570 6.18 27.21 -19.60
C TYR AA 570 5.44 28.42 -19.04
N ILE AA 571 5.42 28.52 -17.71
CA ILE AA 571 4.62 29.55 -17.06
C ILE AA 571 5.53 30.65 -16.52
N GLY AA 572 4.95 31.83 -16.30
CA GLY AA 572 5.75 32.95 -15.84
C GLY AA 572 5.61 33.19 -14.35
N GLY AA 573 6.59 33.91 -13.80
CA GLY AA 573 6.57 34.23 -12.38
C GLY AA 573 5.41 35.13 -12.01
N ASP AA 574 5.10 36.12 -12.86
CA ASP AA 574 3.93 36.97 -12.60
C ASP AA 574 2.66 36.14 -12.61
N GLN AA 575 2.57 35.19 -13.54
CA GLN AA 575 1.42 34.28 -13.58
C GLN AA 575 1.33 33.49 -12.29
N PHE AA 576 2.47 32.99 -11.81
CA PHE AA 576 2.48 32.25 -10.56
C PHE AA 576 1.99 33.10 -9.40
N LEU AA 577 2.50 34.33 -9.30
CA LEU AA 577 2.09 35.22 -8.21
C LEU AA 577 0.61 35.55 -8.29
N SER AA 578 0.11 35.83 -9.49
CA SER AA 578 -1.29 36.17 -9.65
C SER AA 578 -2.20 34.97 -9.43
N ASN AA 579 -1.69 33.75 -9.58
CA ASN AA 579 -2.51 32.55 -9.40
C ASN AA 579 -2.28 31.88 -8.07
N CYS AA 580 -1.04 31.50 -7.75
CA CYS AA 580 -0.71 30.99 -6.43
C CYS AA 580 -0.25 32.16 -5.56
N GLU AA 581 -0.93 32.33 -4.42
CA GLU AA 581 -0.63 33.47 -3.56
C GLU AA 581 0.80 33.42 -3.04
N THR AA 582 1.40 32.25 -3.05
CA THR AA 582 2.79 32.10 -2.62
C THR AA 582 3.72 32.77 -3.63
N PRO AA 583 4.89 33.23 -3.18
CA PRO AA 583 5.87 33.82 -4.09
C PRO AA 583 6.46 32.76 -5.01
N PRO AA 584 7.11 33.16 -6.11
CA PRO AA 584 7.65 32.18 -7.05
C PRO AA 584 8.61 31.20 -6.40
N ASN AA 585 8.48 29.92 -6.75
CA ASN AA 585 9.30 28.90 -6.13
C ASN AA 585 10.70 28.85 -6.72
N ASP AA 586 10.91 29.50 -7.86
CA ASP AA 586 12.26 29.57 -8.44
C ASP AA 586 13.02 30.73 -7.82
N ALA AA 587 14.15 31.09 -8.41
CA ALA AA 587 14.82 32.33 -8.04
C ALA AA 587 13.87 33.49 -8.33
N SER AA 588 13.44 34.17 -7.27
CA SER AA 588 12.34 35.13 -7.38
C SER AA 588 12.76 36.43 -8.06
N TYR AA 589 13.93 36.46 -8.70
CA TYR AA 589 14.39 37.70 -9.32
C TYR AA 589 13.49 38.15 -10.48
N ALA AA 590 12.53 37.33 -10.89
CA ALA AA 590 11.51 37.74 -11.84
C ALA AA 590 12.12 38.22 -13.15
N ASN AA 591 12.76 37.29 -13.86
CA ASN AA 591 13.55 37.56 -15.07
C ASN AA 591 12.87 38.55 -16.01
N GLN AA 592 11.73 38.18 -16.57
CA GLN AA 592 11.11 39.06 -17.56
C GLN AA 592 10.31 40.14 -16.87
N GLU AA 593 9.30 39.74 -16.10
CA GLU AA 593 8.47 40.56 -15.20
C GLU AA 593 8.84 42.04 -15.25
N LYS AA 594 9.50 42.54 -14.21
CA LYS AA 594 9.97 43.92 -14.15
C LYS AA 594 8.83 44.91 -14.30
N SER AA 595 7.59 44.41 -14.30
CA SER AA 595 6.39 45.19 -14.58
C SER AA 595 6.50 45.90 -15.93
N ALA AA 596 7.46 45.50 -16.75
CA ALA AA 596 7.80 46.16 -18.01
C ALA AA 596 8.07 47.65 -17.80
N SER AA 597 8.34 48.03 -16.55
CA SER AA 597 8.50 49.44 -16.21
C SER AA 597 9.66 49.61 -15.24
N ASN AA 598 10.62 48.68 -15.29
CA ASN AA 598 11.81 48.73 -14.47
C ASN AA 598 12.49 50.10 -14.56
N SER AA 599 12.63 50.60 -15.79
CA SER AA 599 13.17 51.91 -16.05
C SER AA 599 12.33 52.61 -17.11
N TRP AA 600 12.50 53.93 -17.21
CA TRP AA 600 11.89 54.73 -18.24
C TRP AA 600 12.98 55.55 -18.94
N LYS AA 601 12.59 56.35 -19.93
CA LYS AA 601 13.55 57.04 -20.80
C LYS AA 601 14.41 56.05 -21.58
N GLU AA 602 14.03 54.76 -21.51
CA GLU AA 602 14.94 53.66 -21.73
C GLU AA 602 15.68 53.81 -23.05
N PHE AA 603 14.95 53.68 -24.15
CA PHE AA 603 15.42 53.89 -25.51
C PHE AA 603 16.91 53.61 -25.66
N SER AA 604 17.74 54.62 -25.44
CA SER AA 604 19.18 54.44 -25.45
C SER AA 604 19.67 53.84 -24.13
N VAL AA 605 19.28 52.61 -23.84
CA VAL AA 605 19.75 51.94 -22.63
C VAL AA 605 21.21 51.56 -22.87
N ASN AA 606 21.97 51.45 -21.79
CA ASN AA 606 23.40 51.09 -21.83
C ASN AA 606 24.13 52.21 -22.56
N SER AA 607 25.04 51.90 -23.49
CA SER AA 607 25.83 52.93 -24.18
C SER AA 607 25.88 52.60 -25.67
N PRO AA 608 24.77 52.79 -26.38
CA PRO AA 608 24.73 52.54 -27.82
C PRO AA 608 25.16 53.78 -28.62
N SER AA 609 26.32 54.32 -28.25
CA SER AA 609 26.94 55.50 -28.87
C SER AA 609 26.18 56.77 -28.51
N ARG AA 610 25.01 56.62 -27.87
CA ARG AA 610 24.17 57.70 -27.39
C ARG AA 610 24.08 58.87 -28.35
N GLU AA 611 24.13 58.60 -29.66
CA GLU AA 611 24.16 59.65 -30.65
C GLU AA 611 23.01 60.63 -30.50
N LYS AA 612 21.82 60.10 -30.25
CA LYS AA 612 20.55 60.82 -30.26
C LYS AA 612 20.52 62.11 -29.44
N TYR AA 613 21.00 62.07 -28.20
CA TYR AA 613 20.97 63.23 -27.31
C TYR AA 613 19.63 63.96 -27.29
N SER AA 614 19.68 65.26 -27.07
CA SER AA 614 18.60 66.21 -27.26
C SER AA 614 17.24 65.75 -26.75
N ALA AA 615 17.15 65.44 -25.45
CA ALA AA 615 15.87 65.45 -24.75
C ALA AA 615 14.82 64.55 -25.39
N LYS AA 616 14.99 63.23 -25.31
CA LYS AA 616 14.04 62.28 -25.88
C LYS AA 616 12.59 62.63 -25.59
N ASN AA 617 12.30 63.31 -24.48
CA ASN AA 617 10.97 63.89 -24.27
C ASN AA 617 9.87 62.84 -24.36
N THR AA 618 9.83 61.90 -23.41
CA THR AA 618 8.84 60.84 -23.40
C THR AA 618 7.45 61.44 -23.50
N GLU AA 619 6.63 60.88 -24.40
CA GLU AA 619 5.29 61.40 -24.66
C GLU AA 619 4.51 60.31 -25.39
N GLY AA 620 3.27 60.10 -25.01
CA GLY AA 620 2.52 58.96 -25.51
C GLY AA 620 1.10 59.21 -25.93
N VAL AA 621 0.78 58.78 -27.16
CA VAL AA 621 -0.57 58.74 -27.72
C VAL AA 621 -1.08 60.15 -28.00
N THR AA 622 -1.58 60.37 -29.22
CA THR AA 622 -2.20 61.66 -29.56
C THR AA 622 -3.58 61.48 -30.16
N GLY AA 623 -3.83 60.40 -30.89
CA GLY AA 623 -5.09 60.19 -31.58
C GLY AA 623 -5.50 61.40 -32.41
N ASN AA 624 -4.59 61.90 -33.24
CA ASN AA 624 -4.78 63.15 -33.95
C ASN AA 624 -5.82 63.01 -35.06
N ARG AA 625 -6.71 63.99 -35.15
CA ARG AA 625 -7.89 63.93 -36.00
C ARG AA 625 -8.63 62.61 -35.78
N TYR AA 626 -9.17 62.48 -34.57
CA TYR AA 626 -9.86 61.30 -34.07
C TYR AA 626 -11.26 61.12 -34.62
N GLU AA 627 -11.96 62.21 -34.91
CA GLU AA 627 -13.36 62.18 -35.29
C GLU AA 627 -14.21 61.46 -34.24
N ASP AA 628 -14.01 61.82 -32.98
CA ASP AA 628 -14.92 61.44 -31.91
C ASP AA 628 -15.38 62.60 -31.05
N SER AA 629 -15.05 63.84 -31.42
CA SER AA 629 -15.52 65.01 -30.69
C SER AA 629 -17.04 65.13 -30.77
N SER AA 630 -17.69 65.14 -29.62
CA SER AA 630 -19.14 65.20 -29.53
C SER AA 630 -19.57 66.65 -29.70
N LYS AA 631 -20.30 66.93 -30.78
CA LYS AA 631 -20.76 68.32 -31.06
C LYS AA 631 -22.08 68.24 -31.84
N ILE AA 632 -22.30 69.18 -32.76
CA ILE AA 632 -23.53 69.14 -33.61
C ILE AA 632 -23.70 67.68 -34.06
N THR AA 633 -22.62 67.04 -34.53
CA THR AA 633 -22.67 65.61 -34.94
C THR AA 633 -24.10 65.19 -35.30
N GLY AA 634 -24.82 64.58 -34.36
CA GLY AA 634 -26.18 64.09 -34.64
C GLY AA 634 -26.26 62.58 -34.53
N PRO AA 635 -25.77 61.82 -35.53
CA PRO AA 635 -25.72 60.36 -35.43
C PRO AA 635 -24.80 59.99 -34.26
N PHE AA 636 -23.79 60.83 -33.99
CA PHE AA 636 -22.89 60.59 -32.83
C PHE AA 636 -23.67 60.87 -31.54
N ASP AA 637 -22.97 61.33 -30.50
CA ASP AA 637 -23.64 61.55 -29.18
C ASP AA 637 -24.41 60.28 -28.82
N MET AA 638 -23.80 59.11 -29.06
CA MET AA 638 -24.45 57.81 -28.75
C MET AA 638 -23.64 57.09 -27.67
N ALA AA 639 -22.33 56.94 -27.89
CA ALA AA 639 -21.47 56.22 -26.92
C ALA AA 639 -21.86 56.57 -25.49
N GLU AA 640 -22.22 57.83 -25.22
CA GLU AA 640 -22.64 58.27 -23.87
C GLU AA 640 -23.17 57.08 -23.09
N ASP AA 641 -22.36 56.52 -22.18
CA ASP AA 641 -22.79 55.36 -21.35
C ASP AA 641 -23.80 54.52 -22.13
N LYS AA 642 -23.38 53.94 -23.25
CA LYS AA 642 -24.29 53.12 -24.09
C LYS AA 642 -23.48 52.38 -25.15
N VAL AA 643 -24.15 51.57 -25.98
CA VAL AA 643 -23.49 50.83 -27.05
C VAL AA 643 -22.56 49.78 -26.45
N THR AA 644 -21.44 50.23 -25.90
CA THR AA 644 -20.43 49.36 -25.28
C THR AA 644 -19.94 48.29 -26.26
N GLY AA 645 -19.54 48.74 -27.46
CA GLY AA 645 -18.94 47.89 -28.45
C GLY AA 645 -17.54 48.38 -28.83
N THR AA 646 -16.67 47.39 -29.12
CA THR AA 646 -15.28 47.64 -29.45
C THR AA 646 -14.57 48.59 -28.49
N GLU AA 647 -13.77 49.51 -29.03
CA GLU AA 647 -12.88 50.32 -28.25
C GLU AA 647 -13.17 51.82 -28.35
N GLN AA 648 -14.33 52.21 -28.89
CA GLN AA 648 -14.62 53.64 -29.04
C GLN AA 648 -14.69 54.33 -27.69
N PHE AA 649 -14.81 53.55 -26.61
CA PHE AA 649 -14.81 54.04 -25.25
C PHE AA 649 -13.64 53.49 -24.45
N ARG AA 650 -13.24 52.25 -24.73
CA ARG AA 650 -12.20 51.58 -23.96
C ARG AA 650 -10.89 52.35 -24.08
N PHE AA 651 -10.18 52.46 -22.95
CA PHE AA 651 -8.89 53.14 -22.90
C PHE AA 651 -8.91 54.44 -23.70
N GLU AA 652 -9.74 55.39 -23.25
CA GLU AA 652 -9.95 56.68 -23.92
C GLU AA 652 -8.62 57.28 -24.37
N PRO AA 653 -8.57 57.88 -25.56
CA PRO AA 653 -7.27 58.10 -26.20
C PRO AA 653 -6.49 59.29 -25.67
N ASN AA 654 -6.99 59.94 -24.61
CA ASN AA 654 -6.31 60.99 -23.85
C ASN AA 654 -5.41 61.86 -24.71
N LYS AA 655 -5.99 62.49 -25.73
CA LYS AA 655 -5.28 63.27 -26.72
C LYS AA 655 -4.30 64.24 -26.09
N MET BA 1 -19.41 -57.43 34.15
CA MET BA 1 -18.47 -57.39 33.05
C MET BA 1 -18.13 -55.95 32.69
N GLY BA 2 -18.62 -55.01 33.51
CA GLY BA 2 -18.40 -53.61 33.27
C GLY BA 2 -16.93 -53.24 33.19
N ILE BA 3 -16.57 -52.44 32.17
CA ILE BA 3 -15.16 -52.13 31.95
C ILE BA 3 -14.67 -51.02 32.86
N ALA BA 4 -15.47 -50.58 33.82
CA ALA BA 4 -15.02 -49.59 34.80
C ALA BA 4 -13.75 -50.09 35.47
N LEU BA 5 -12.74 -49.24 35.53
CA LEU BA 5 -11.38 -49.67 35.83
C LEU BA 5 -10.95 -49.11 37.18
N GLY BA 6 -10.72 -50.01 38.13
CA GLY BA 6 -10.09 -49.67 39.39
C GLY BA 6 -8.60 -49.86 39.31
N MET BA 7 -7.87 -49.01 40.03
CA MET BA 7 -6.45 -48.83 39.76
C MET BA 7 -5.77 -48.04 40.87
N ILE BA 8 -4.87 -48.69 41.61
CA ILE BA 8 -4.20 -48.01 42.72
C ILE BA 8 -2.74 -48.41 42.81
N GLU BA 9 -1.96 -47.55 43.45
CA GLU BA 9 -0.52 -47.68 43.62
C GLU BA 9 -0.14 -47.81 45.08
N THR BA 10 0.76 -48.75 45.37
CA THR BA 10 1.32 -48.91 46.71
C THR BA 10 2.83 -48.95 46.61
N ARG BA 11 3.49 -48.54 47.69
CA ARG BA 11 4.94 -48.65 47.81
C ARG BA 11 5.20 -49.94 48.60
N GLY BA 12 5.50 -51.01 47.89
CA GLY BA 12 5.59 -52.33 48.47
C GLY BA 12 4.43 -53.23 48.05
N LEU BA 13 4.68 -54.53 48.08
CA LEU BA 13 3.73 -55.50 47.57
C LEU BA 13 2.68 -55.90 48.61
N VAL BA 14 3.03 -55.87 49.90
CA VAL BA 14 2.07 -56.19 50.94
C VAL BA 14 0.88 -55.24 50.95
N PRO BA 15 1.07 -53.92 50.92
CA PRO BA 15 -0.10 -53.04 50.79
C PRO BA 15 -0.87 -53.30 49.51
N ALA BA 16 -0.18 -53.67 48.44
CA ALA BA 16 -0.86 -53.98 47.19
C ALA BA 16 -1.81 -55.16 47.36
N ILE BA 17 -1.33 -56.25 47.97
CA ILE BA 17 -2.17 -57.43 48.10
C ILE BA 17 -3.26 -57.21 49.14
N GLU BA 18 -2.98 -56.43 50.19
CA GLU BA 18 -4.04 -56.05 51.12
C GLU BA 18 -5.15 -55.31 50.37
N ALA BA 19 -4.77 -54.36 49.54
CA ALA BA 19 -5.76 -53.63 48.75
C ALA BA 19 -6.49 -54.54 47.78
N ALA BA 20 -5.78 -55.52 47.21
CA ALA BA 20 -6.42 -56.46 46.29
C ALA BA 20 -7.47 -57.29 47.00
N ASP BA 21 -7.14 -57.77 48.20
CA ASP BA 21 -8.11 -58.53 48.99
C ASP BA 21 -9.30 -57.65 49.31
N ALA BA 22 -9.06 -56.38 49.64
CA ALA BA 22 -10.16 -55.45 49.88
C ALA BA 22 -11.03 -55.29 48.63
N MET BA 23 -10.39 -55.15 47.46
CA MET BA 23 -11.13 -55.10 46.20
C MET BA 23 -12.07 -56.29 46.09
N THR BA 24 -11.54 -57.49 46.28
CA THR BA 24 -12.33 -58.70 46.08
C THR BA 24 -13.46 -58.84 47.09
N LYS BA 25 -13.22 -58.51 48.36
CA LYS BA 25 -14.29 -58.63 49.35
C LYS BA 25 -15.37 -57.58 49.17
N ALA BA 26 -14.98 -56.34 48.83
CA ALA BA 26 -15.93 -55.24 48.89
C ALA BA 26 -17.08 -55.42 47.90
N ALA BA 27 -16.79 -55.85 46.67
CA ALA BA 27 -17.83 -55.95 45.66
C ALA BA 27 -17.46 -57.01 44.65
N GLU BA 28 -18.46 -57.45 43.88
CA GLU BA 28 -18.26 -58.44 42.83
C GLU BA 28 -17.57 -57.76 41.66
N VAL BA 29 -16.25 -57.62 41.76
CA VAL BA 29 -15.43 -57.07 40.69
C VAL BA 29 -14.29 -58.04 40.42
N ARG BA 30 -13.72 -57.94 39.23
CA ARG BA 30 -12.63 -58.80 38.82
C ARG BA 30 -11.33 -58.01 38.80
N LEU BA 31 -10.27 -58.61 39.35
CA LEU BA 31 -8.95 -58.01 39.31
C LEU BA 31 -8.21 -58.50 38.07
N ILE BA 32 -7.78 -57.56 37.23
CA ILE BA 32 -7.13 -57.96 35.98
C ILE BA 32 -5.63 -58.10 36.10
N GLY BA 33 -5.02 -57.54 37.15
CA GLY BA 33 -3.61 -57.83 37.35
C GLY BA 33 -2.86 -57.00 38.37
N ARG BA 34 -1.61 -57.40 38.62
CA ARG BA 34 -0.65 -56.61 39.36
C ARG BA 34 0.52 -56.29 38.45
N GLU BA 35 1.24 -55.23 38.77
CA GLU BA 35 2.43 -54.88 38.01
C GLU BA 35 3.42 -54.23 38.96
N PHE BA 36 4.61 -54.81 39.03
CA PHE BA 36 5.69 -54.25 39.84
C PHE BA 36 6.44 -53.23 39.00
N VAL BA 37 6.28 -51.95 39.34
CA VAL BA 37 6.90 -50.89 38.56
C VAL BA 37 8.41 -50.90 38.75
N GLY BA 38 8.86 -51.12 39.98
CA GLY BA 38 10.28 -51.04 40.29
C GLY BA 38 10.56 -50.06 41.40
N GLY BA 39 11.52 -50.40 42.26
CA GLY BA 39 11.77 -49.54 43.40
C GLY BA 39 10.69 -49.54 44.44
N GLY BA 40 9.93 -50.63 44.55
CA GLY BA 40 8.86 -50.75 45.53
C GLY BA 40 7.49 -50.37 45.03
N TYR BA 41 7.39 -49.77 43.86
CA TYR BA 41 6.10 -49.35 43.33
C TYR BA 41 5.37 -50.54 42.71
N VAL BA 42 4.18 -50.85 43.25
CA VAL BA 42 3.33 -51.91 42.72
C VAL BA 42 1.96 -51.31 42.46
N THR BA 43 1.44 -51.54 41.25
CA THR BA 43 0.12 -51.03 40.88
C THR BA 43 -0.80 -52.21 40.65
N VAL BA 44 -2.00 -52.16 41.21
CA VAL BA 44 -2.99 -53.20 41.04
C VAL BA 44 -4.16 -52.65 40.25
N LEU BA 45 -4.67 -53.48 39.32
CA LEU BA 45 -5.67 -53.13 38.34
C LEU BA 45 -6.82 -54.12 38.43
N VAL BA 46 -8.05 -53.61 38.60
CA VAL BA 46 -9.26 -54.40 38.68
C VAL BA 46 -10.28 -53.82 37.70
N ARG BA 47 -11.30 -54.62 37.37
CA ARG BA 47 -12.37 -54.18 36.49
C ARG BA 47 -13.72 -54.60 37.06
N GLY BA 48 -14.73 -53.79 36.73
CA GLY BA 48 -16.07 -54.00 37.23
C GLY BA 48 -16.93 -52.79 36.91
N GLU BA 49 -18.14 -52.81 37.45
CA GLU BA 49 -19.06 -51.70 37.27
C GLU BA 49 -18.63 -50.50 38.11
N THR BA 50 -19.07 -49.31 37.69
CA THR BA 50 -18.52 -48.07 38.25
C THR BA 50 -18.76 -47.98 39.75
N GLY BA 51 -20.00 -48.24 40.18
CA GLY BA 51 -20.29 -48.17 41.60
C GLY BA 51 -19.56 -49.22 42.41
N ALA BA 52 -19.53 -50.45 41.92
CA ALA BA 52 -18.82 -51.51 42.61
C ALA BA 52 -17.33 -51.21 42.69
N VAL BA 53 -16.76 -50.73 41.58
CA VAL BA 53 -15.33 -50.37 41.58
C VAL BA 53 -15.07 -49.24 42.57
N ASN BA 54 -15.95 -48.26 42.61
CA ASN BA 54 -15.79 -47.14 43.54
C ASN BA 54 -15.80 -47.63 44.98
N ALA BA 55 -16.78 -48.45 45.34
CA ALA BA 55 -16.85 -48.96 46.70
C ALA BA 55 -15.61 -49.79 47.04
N ALA BA 56 -15.19 -50.66 46.12
CA ALA BA 56 -14.03 -51.49 46.37
C ALA BA 56 -12.80 -50.64 46.61
N VAL BA 57 -12.56 -49.64 45.75
CA VAL BA 57 -11.36 -48.84 45.89
C VAL BA 57 -11.41 -48.00 47.16
N ARG BA 58 -12.59 -47.51 47.57
CA ARG BA 58 -12.67 -46.78 48.82
C ARG BA 58 -12.28 -47.66 49.99
N ALA BA 59 -12.81 -48.89 50.02
CA ALA BA 59 -12.46 -49.82 51.09
C ALA BA 59 -10.96 -50.11 51.08
N GLY BA 60 -10.39 -50.34 49.90
CA GLY BA 60 -8.97 -50.67 49.83
C GLY BA 60 -8.08 -49.52 50.24
N ALA BA 61 -8.39 -48.32 49.78
CA ALA BA 61 -7.59 -47.15 50.15
C ALA BA 61 -7.69 -46.90 51.65
N ASP BA 62 -8.86 -47.14 52.25
CA ASP BA 62 -8.97 -47.00 53.69
C ASP BA 62 -8.17 -48.08 54.41
N ALA BA 63 -8.10 -49.28 53.83
CA ALA BA 63 -7.40 -50.38 54.49
C ALA BA 63 -5.93 -50.46 54.11
N CYS BA 64 -5.42 -49.53 53.30
CA CYS BA 64 -4.08 -49.65 52.75
C CYS BA 64 -3.15 -48.49 53.11
N GLU BA 65 -3.67 -47.32 53.47
CA GLU BA 65 -2.84 -46.13 53.53
C GLU BA 65 -1.77 -46.21 54.60
N ARG BA 66 -1.98 -46.97 55.67
CA ARG BA 66 -0.94 -47.18 56.68
C ARG BA 66 -0.55 -48.65 56.83
N VAL BA 67 -0.56 -49.40 55.74
CA VAL BA 67 -0.02 -50.75 55.70
C VAL BA 67 1.28 -50.72 54.94
N GLY BA 68 2.36 -51.15 55.59
CA GLY BA 68 3.67 -51.01 54.99
C GLY BA 68 4.02 -49.56 54.79
N ASP BA 69 4.62 -49.25 53.64
CA ASP BA 69 4.89 -47.86 53.32
C ASP BA 69 3.65 -47.09 52.91
N GLY BA 70 2.56 -47.79 52.58
CA GLY BA 70 1.27 -47.15 52.40
C GLY BA 70 0.92 -46.84 50.97
N LEU BA 71 -0.30 -46.30 50.84
CA LEU BA 71 -0.83 -45.91 49.53
C LEU BA 71 0.00 -44.79 48.92
N VAL BA 72 0.04 -44.74 47.60
CA VAL BA 72 0.66 -43.66 46.87
C VAL BA 72 -0.35 -42.90 46.02
N ALA BA 73 -1.26 -43.63 45.38
CA ALA BA 73 -2.25 -43.01 44.50
C ALA BA 73 -3.44 -43.95 44.38
N ALA BA 74 -4.62 -43.46 44.76
CA ALA BA 74 -5.87 -44.17 44.58
C ALA BA 74 -6.76 -43.38 43.63
N HIS BA 75 -7.12 -43.99 42.50
CA HIS BA 75 -7.87 -43.29 41.48
C HIS BA 75 -8.71 -44.25 40.66
N ILE BA 76 -9.89 -43.80 40.23
CA ILE BA 76 -10.80 -44.61 39.41
C ILE BA 76 -11.04 -43.91 38.09
N ILE BA 77 -10.94 -44.68 37.00
CA ILE BA 77 -11.45 -44.28 35.71
C ILE BA 77 -12.58 -45.23 35.33
N ALA BA 78 -13.70 -44.67 34.91
CA ALA BA 78 -14.86 -45.51 34.60
C ALA BA 78 -14.85 -45.97 33.15
N ARG BA 79 -14.31 -45.16 32.23
CA ARG BA 79 -14.38 -45.47 30.80
C ARG BA 79 -13.00 -45.44 30.17
N PRO BA 80 -12.31 -46.57 30.12
CA PRO BA 80 -11.06 -46.64 29.39
C PRO BA 80 -11.30 -46.63 27.88
N HIS BA 81 -10.43 -45.93 27.17
CA HIS BA 81 -10.48 -45.87 25.72
C HIS BA 81 -9.95 -47.18 25.14
N ARG BA 82 -10.28 -47.46 23.87
CA ARG BA 82 -9.79 -48.71 23.29
C ARG BA 82 -8.29 -48.63 23.04
N GLU BA 83 -7.77 -47.42 22.95
CA GLU BA 83 -6.32 -47.22 22.88
C GLU BA 83 -5.64 -47.46 24.22
N VAL BA 84 -6.41 -47.58 25.30
CA VAL BA 84 -5.80 -47.72 26.63
C VAL BA 84 -5.48 -49.17 26.99
N GLU BA 85 -6.31 -50.13 26.58
CA GLU BA 85 -6.02 -51.53 26.88
C GLU BA 85 -4.65 -52.01 26.41
N PRO BA 86 -4.04 -51.47 25.34
CA PRO BA 86 -2.64 -51.79 25.10
C PRO BA 86 -1.74 -51.47 26.28
N ALA BA 87 -2.05 -50.38 27.00
CA ALA BA 87 -1.33 -50.06 28.24
C ALA BA 87 -1.91 -50.79 29.44
N LEU BA 88 -2.88 -51.67 29.23
CA LEU BA 88 -3.54 -52.38 30.31
C LEU BA 88 -3.29 -53.88 30.25
N GLY BA 89 -2.55 -54.36 29.25
CA GLY BA 89 -2.43 -55.77 28.99
C GLY BA 89 -3.58 -56.37 28.23
N ASN BA 90 -4.49 -55.55 27.72
CA ASN BA 90 -5.68 -56.00 26.99
C ASN BA 90 -6.52 -56.96 27.83
N GLY CA 2 -0.09 -37.69 11.49
CA GLY CA 2 0.27 -37.33 12.86
C GLY CA 2 1.66 -37.80 13.26
N ILE CA 3 2.66 -36.95 13.03
CA ILE CA 3 4.05 -37.28 13.28
C ILE CA 3 4.52 -36.77 14.63
N ALA CA 4 3.90 -35.73 15.17
CA ALA CA 4 4.36 -35.14 16.42
C ALA CA 4 4.32 -36.15 17.55
N LEU CA 5 5.38 -36.15 18.36
CA LEU CA 5 5.55 -37.10 19.45
C LEU CA 5 5.43 -36.39 20.79
N GLY CA 6 4.39 -36.73 21.54
CA GLY CA 6 4.25 -36.27 22.91
C GLY CA 6 4.65 -37.37 23.87
N MET CA 7 5.20 -36.97 25.01
CA MET CA 7 5.68 -37.94 25.98
C MET CA 7 5.58 -37.37 27.38
N ILE CA 8 5.24 -38.26 28.32
CA ILE CA 8 5.02 -37.87 29.71
C ILE CA 8 5.74 -38.84 30.63
N GLU CA 9 6.43 -38.29 31.63
CA GLU CA 9 7.14 -39.05 32.64
C GLU CA 9 6.44 -38.88 33.99
N THR CA 10 6.13 -40.00 34.65
CA THR CA 10 5.34 -39.96 35.87
C THR CA 10 5.95 -40.90 36.92
N ARG CA 11 5.69 -40.57 38.19
CA ARG CA 11 6.13 -41.36 39.33
C ARG CA 11 5.14 -42.50 39.54
N GLY CA 12 5.34 -43.59 38.83
CA GLY CA 12 4.50 -44.74 39.02
C GLY CA 12 3.56 -44.99 37.86
N LEU CA 13 2.93 -46.17 37.88
CA LEU CA 13 2.07 -46.58 36.78
C LEU CA 13 0.72 -45.85 36.82
N VAL CA 14 0.23 -45.52 38.02
CA VAL CA 14 -1.07 -44.83 38.12
C VAL CA 14 -1.05 -43.47 37.45
N PRO CA 15 -0.12 -42.56 37.76
CA PRO CA 15 -0.06 -41.31 36.99
C PRO CA 15 0.22 -41.54 35.52
N ALA CA 16 0.98 -42.58 35.20
CA ALA CA 16 1.27 -42.86 33.79
C ALA CA 16 0.00 -43.18 33.02
N ILE CA 17 -0.80 -44.11 33.53
CA ILE CA 17 -1.97 -44.55 32.79
C ILE CA 17 -3.07 -43.50 32.84
N GLU CA 18 -3.18 -42.74 33.93
CA GLU CA 18 -4.15 -41.64 33.89
C GLU CA 18 -3.74 -40.60 32.87
N ALA CA 19 -2.43 -40.35 32.74
CA ALA CA 19 -1.96 -39.42 31.73
C ALA CA 19 -2.24 -39.95 30.32
N ALA CA 20 -2.03 -41.25 30.11
CA ALA CA 20 -2.34 -41.85 28.82
C ALA CA 20 -3.82 -41.75 28.50
N ASP CA 21 -4.67 -41.94 29.51
CA ASP CA 21 -6.10 -41.78 29.32
C ASP CA 21 -6.44 -40.34 28.97
N ALA CA 22 -5.77 -39.38 29.63
CA ALA CA 22 -5.97 -37.98 29.28
C ALA CA 22 -5.56 -37.72 27.85
N MET CA 23 -4.45 -38.32 27.42
CA MET CA 23 -4.02 -38.22 26.03
C MET CA 23 -5.12 -38.71 25.10
N THR CA 24 -5.68 -39.89 25.40
CA THR CA 24 -6.59 -40.53 24.47
C THR CA 24 -7.96 -39.86 24.49
N LYS CA 25 -8.33 -39.25 25.61
CA LYS CA 25 -9.59 -38.53 25.67
C LYS CA 25 -9.48 -37.12 25.14
N ALA CA 26 -8.30 -36.52 25.16
CA ALA CA 26 -8.18 -35.10 24.85
C ALA CA 26 -8.18 -34.85 23.34
N ALA CA 27 -7.17 -35.36 22.64
CA ALA CA 27 -6.99 -35.03 21.23
C ALA CA 27 -6.58 -36.27 20.46
N GLU CA 28 -6.64 -36.16 19.14
CA GLU CA 28 -6.42 -37.31 18.27
C GLU CA 28 -4.95 -37.71 18.29
N VAL CA 29 -4.62 -38.72 19.08
CA VAL CA 29 -3.27 -39.26 19.17
C VAL CA 29 -3.36 -40.78 19.17
N ARG CA 30 -2.23 -41.42 18.88
CA ARG CA 30 -2.10 -42.87 18.97
C ARG CA 30 -1.01 -43.21 19.98
N LEU CA 31 -1.32 -44.11 20.89
CA LEU CA 31 -0.35 -44.53 21.91
C LEU CA 31 0.63 -45.53 21.32
N ILE CA 32 1.87 -45.10 21.14
CA ILE CA 32 2.90 -45.97 20.60
C ILE CA 32 3.81 -46.54 21.69
N GLY CA 33 3.90 -45.89 22.85
CA GLY CA 33 4.88 -46.34 23.82
C GLY CA 33 4.42 -46.36 25.26
N ARG CA 34 4.63 -47.48 25.93
CA ARG CA 34 4.36 -47.63 27.36
C ARG CA 34 5.60 -48.25 27.98
N GLU CA 35 6.46 -47.43 28.58
CA GLU CA 35 7.77 -47.88 28.98
C GLU CA 35 7.92 -47.72 30.49
N PHE CA 36 8.52 -48.72 31.13
CA PHE CA 36 8.80 -48.71 32.56
C PHE CA 36 10.29 -48.45 32.74
N VAL CA 37 10.64 -47.23 33.14
CA VAL CA 37 12.05 -46.87 33.28
C VAL CA 37 12.72 -47.71 34.35
N GLY CA 38 12.07 -47.87 35.50
CA GLY CA 38 12.69 -48.49 36.64
C GLY CA 38 12.82 -47.50 37.78
N GLY CA 39 12.61 -47.97 39.01
CA GLY CA 39 12.57 -47.06 40.13
C GLY CA 39 11.30 -46.23 40.19
N GLY CA 40 10.24 -46.69 39.56
CA GLY CA 40 8.96 -46.02 39.58
C GLY CA 40 8.69 -45.12 38.39
N TYR CA 41 9.73 -44.68 37.70
CA TYR CA 41 9.52 -43.83 36.53
C TYR CA 41 8.81 -44.61 35.43
N VAL CA 42 7.72 -44.04 34.92
CA VAL CA 42 6.99 -44.63 33.80
C VAL CA 42 6.76 -43.54 32.76
N THR CA 43 6.99 -43.88 31.49
CA THR CA 43 6.90 -42.92 30.41
C THR CA 43 5.88 -43.40 29.37
N VAL CA 44 5.06 -42.46 28.90
CA VAL CA 44 4.04 -42.73 27.90
C VAL CA 44 4.33 -41.90 26.66
N LEU CA 45 4.18 -42.51 25.49
CA LEU CA 45 4.56 -41.96 24.20
C LEU CA 45 3.38 -42.03 23.26
N VAL CA 46 2.91 -40.87 22.80
CA VAL CA 46 1.81 -40.79 21.86
C VAL CA 46 2.26 -40.02 20.62
N ARG CA 47 1.62 -40.33 19.49
CA ARG CA 47 1.87 -39.63 18.23
C ARG CA 47 0.58 -39.04 17.71
N GLY CA 48 0.69 -37.86 17.12
CA GLY CA 48 -0.47 -37.18 16.57
C GLY CA 48 -0.09 -35.85 15.96
N GLU CA 49 -1.11 -35.10 15.58
CA GLU CA 49 -0.91 -33.80 14.97
C GLU CA 49 -0.32 -32.82 15.99
N THR CA 50 0.49 -31.88 15.48
CA THR CA 50 1.26 -31.00 16.35
C THR CA 50 0.37 -30.24 17.32
N GLY CA 51 -0.65 -29.55 16.81
CA GLY CA 51 -1.59 -28.90 17.71
C GLY CA 51 -2.41 -29.89 18.51
N ALA CA 52 -2.75 -31.03 17.91
CA ALA CA 52 -3.44 -32.07 18.66
C ALA CA 52 -2.59 -32.57 19.81
N VAL CA 53 -1.32 -32.86 19.55
CA VAL CA 53 -0.42 -33.26 20.64
C VAL CA 53 -0.29 -32.15 21.66
N ASN CA 54 -0.22 -30.90 21.20
CA ASN CA 54 -0.12 -29.77 22.11
C ASN CA 54 -1.29 -29.76 23.09
N ALA CA 55 -2.52 -29.78 22.56
CA ALA CA 55 -3.70 -29.74 23.42
C ALA CA 55 -3.76 -30.97 24.32
N ALA CA 56 -3.49 -32.15 23.74
CA ALA CA 56 -3.57 -33.38 24.51
C ALA CA 56 -2.62 -33.35 25.70
N VAL CA 57 -1.35 -33.02 25.45
CA VAL CA 57 -0.36 -33.10 26.52
C VAL CA 57 -0.50 -31.92 27.47
N ARG CA 58 -1.09 -30.81 27.02
CA ARG CA 58 -1.50 -29.78 27.96
C ARG CA 58 -2.51 -30.35 28.94
N ALA CA 59 -3.50 -31.09 28.42
CA ALA CA 59 -4.47 -31.74 29.28
C ALA CA 59 -3.82 -32.75 30.22
N GLY CA 60 -2.86 -33.53 29.72
CA GLY CA 60 -2.24 -34.54 30.55
C GLY CA 60 -1.39 -33.94 31.65
N ALA CA 61 -0.66 -32.88 31.34
CA ALA CA 61 0.11 -32.16 32.34
C ALA CA 61 -0.80 -31.53 33.38
N ASP CA 62 -1.98 -31.06 32.96
CA ASP CA 62 -2.94 -30.52 33.91
C ASP CA 62 -3.66 -31.68 34.62
N ALA CA 63 -3.47 -32.88 34.12
CA ALA CA 63 -4.08 -34.05 34.75
C ALA CA 63 -3.22 -34.58 35.88
N CYS CA 64 -1.91 -34.60 35.68
CA CYS CA 64 -0.98 -35.37 36.49
C CYS CA 64 -0.51 -34.70 37.78
N GLU CA 65 -0.77 -33.40 37.96
CA GLU CA 65 -0.21 -32.73 39.13
C GLU CA 65 -0.78 -33.26 40.45
N ARG CA 66 -2.06 -33.61 40.49
CA ARG CA 66 -2.70 -33.98 41.74
C ARG CA 66 -2.84 -35.49 41.88
N VAL CA 67 -2.25 -36.27 40.98
CA VAL CA 67 -2.39 -37.71 40.98
C VAL CA 67 -1.13 -38.32 41.59
N GLY CA 68 -1.29 -38.93 42.76
CA GLY CA 68 -0.16 -39.58 43.42
C GLY CA 68 1.00 -38.63 43.64
N ASP CA 69 2.19 -39.08 43.25
CA ASP CA 69 3.40 -38.28 43.39
C ASP CA 69 3.55 -37.25 42.28
N GLY CA 70 2.71 -37.30 41.25
CA GLY CA 70 2.71 -36.26 40.24
C GLY CA 70 3.71 -36.47 39.13
N LEU CA 71 3.84 -35.42 38.32
CA LEU CA 71 4.68 -35.40 37.13
C LEU CA 71 6.16 -35.49 37.51
N VAL CA 72 6.98 -35.86 36.53
CA VAL CA 72 8.42 -35.67 36.59
C VAL CA 72 8.82 -34.79 35.41
N ALA CA 73 8.49 -35.27 34.20
CA ALA CA 73 8.88 -34.59 32.97
C ALA CA 73 7.78 -34.79 31.94
N ALA CA 74 7.17 -33.70 31.51
CA ALA CA 74 6.23 -33.69 30.39
C ALA CA 74 6.82 -32.78 29.32
N HIS CA 75 6.92 -33.30 28.10
CA HIS CA 75 7.61 -32.64 27.00
C HIS CA 75 6.85 -32.88 25.71
N ILE CA 76 7.13 -32.05 24.69
CA ILE CA 76 6.55 -32.26 23.37
C ILE CA 76 7.60 -32.05 22.28
N ILE CA 77 7.67 -32.99 21.35
CA ILE CA 77 8.48 -32.89 20.15
C ILE CA 77 7.62 -33.21 18.94
N ALA CA 78 7.68 -32.35 17.93
CA ALA CA 78 6.86 -32.53 16.74
C ALA CA 78 7.58 -33.24 15.61
N ARG CA 79 8.91 -33.35 15.64
CA ARG CA 79 9.68 -33.90 14.54
C ARG CA 79 10.56 -35.04 15.00
N PRO CA 80 10.04 -36.27 15.06
CA PRO CA 80 10.91 -37.43 15.26
C PRO CA 80 11.53 -37.84 13.93
N HIS CA 81 12.85 -37.89 13.88
CA HIS CA 81 13.54 -38.29 12.66
C HIS CA 81 13.34 -39.78 12.40
N ARG CA 82 13.55 -40.16 11.14
CA ARG CA 82 13.41 -41.56 10.75
C ARG CA 82 14.42 -42.44 11.49
N GLU CA 83 15.59 -41.89 11.81
CA GLU CA 83 16.60 -42.68 12.51
C GLU CA 83 16.25 -42.81 13.99
N VAL CA 84 15.32 -41.99 14.47
CA VAL CA 84 14.90 -42.09 15.87
C VAL CA 84 13.91 -43.24 16.05
N GLU CA 85 13.26 -43.67 14.98
CA GLU CA 85 12.30 -44.77 15.02
C GLU CA 85 12.89 -46.03 15.68
N PRO CA 86 14.14 -46.41 15.41
CA PRO CA 86 14.71 -47.55 16.15
C PRO CA 86 14.65 -47.39 17.66
N ALA CA 87 14.69 -46.15 18.16
CA ALA CA 87 14.46 -45.91 19.57
C ALA CA 87 12.98 -45.86 19.92
N LEU CA 88 12.10 -45.95 18.94
CA LEU CA 88 10.66 -45.93 19.20
C LEU CA 88 10.02 -47.28 18.88
N GLY DA 2 -4.82 -75.88 55.13
CA GLY DA 2 -5.04 -74.48 55.47
C GLY DA 2 -5.16 -73.59 54.26
N ILE DA 3 -5.82 -72.45 54.42
CA ILE DA 3 -5.99 -71.48 53.34
C ILE DA 3 -5.59 -70.08 53.73
N ALA DA 4 -5.32 -69.80 55.01
CA ALA DA 4 -4.95 -68.46 55.42
C ALA DA 4 -3.61 -68.07 54.82
N LEU DA 5 -3.53 -66.82 54.36
CA LEU DA 5 -2.32 -66.29 53.74
C LEU DA 5 -1.61 -65.36 54.70
N GLY DA 6 -0.34 -65.65 54.99
CA GLY DA 6 0.54 -64.75 55.71
C GLY DA 6 1.63 -64.30 54.76
N MET DA 7 2.15 -63.11 55.00
CA MET DA 7 3.16 -62.54 54.11
C MET DA 7 4.01 -61.55 54.87
N ILE DA 8 5.29 -61.50 54.52
CA ILE DA 8 6.23 -60.60 55.18
C ILE DA 8 7.05 -59.91 54.11
N GLU DA 9 7.34 -58.63 54.34
CA GLU DA 9 8.05 -57.78 53.38
C GLU DA 9 9.27 -57.17 54.03
N THR DA 10 10.41 -57.25 53.34
CA THR DA 10 11.67 -56.84 53.92
C THR DA 10 12.49 -56.06 52.91
N ARG DA 11 13.15 -55.01 53.41
CA ARG DA 11 14.13 -54.26 52.65
C ARG DA 11 15.41 -55.07 52.55
N GLY DA 12 15.57 -55.78 51.45
CA GLY DA 12 16.66 -56.74 51.35
C GLY DA 12 16.18 -58.14 51.70
N LEU DA 13 16.76 -59.12 51.02
CA LEU DA 13 16.27 -60.49 51.15
C LEU DA 13 16.94 -61.24 52.29
N VAL DA 14 17.92 -60.65 52.96
CA VAL DA 14 18.53 -61.31 54.11
C VAL DA 14 17.46 -61.47 55.19
N PRO DA 15 16.76 -60.41 55.59
CA PRO DA 15 15.63 -60.60 56.50
C PRO DA 15 14.55 -61.48 55.90
N ALA DA 16 14.36 -61.45 54.58
CA ALA DA 16 13.35 -62.31 53.96
C ALA DA 16 13.66 -63.78 54.18
N ILE DA 17 14.91 -64.19 53.96
CA ILE DA 17 15.28 -65.58 54.10
C ILE DA 17 15.24 -66.00 55.56
N GLU DA 18 15.78 -65.16 56.45
CA GLU DA 18 15.73 -65.54 57.86
C GLU DA 18 14.29 -65.62 58.35
N ALA DA 19 13.44 -64.71 57.89
CA ALA DA 19 12.04 -64.73 58.27
C ALA DA 19 11.33 -65.95 57.71
N ALA DA 20 11.65 -66.37 56.49
CA ALA DA 20 11.04 -67.57 55.94
C ALA DA 20 11.45 -68.80 56.73
N ASP DA 21 12.72 -68.88 57.11
CA ASP DA 21 13.15 -69.99 57.96
C ASP DA 21 12.42 -69.97 59.29
N ALA DA 22 12.23 -68.77 59.86
CA ALA DA 22 11.43 -68.65 61.07
C ALA DA 22 9.99 -69.10 60.83
N MET DA 23 9.44 -68.77 59.66
CA MET DA 23 8.08 -69.18 59.31
C MET DA 23 7.96 -70.68 59.39
N THR DA 24 8.86 -71.37 58.70
CA THR DA 24 8.75 -72.83 58.61
C THR DA 24 9.28 -73.55 59.84
N LYS DA 25 9.97 -72.85 60.74
CA LYS DA 25 10.43 -73.49 61.97
C LYS DA 25 9.48 -73.29 63.15
N ALA DA 26 8.96 -72.08 63.33
CA ALA DA 26 8.05 -71.81 64.44
C ALA DA 26 6.69 -72.46 64.26
N ALA DA 27 6.32 -72.81 63.03
CA ALA DA 27 5.04 -73.44 62.76
C ALA DA 27 5.18 -74.25 61.48
N GLU DA 28 4.19 -75.11 61.24
CA GLU DA 28 4.19 -75.96 60.05
C GLU DA 28 3.23 -75.35 59.03
N VAL DA 29 3.74 -74.35 58.32
CA VAL DA 29 3.04 -73.70 57.22
C VAL DA 29 3.91 -73.83 55.98
N ARG DA 30 3.28 -73.87 54.81
CA ARG DA 30 4.00 -74.05 53.56
C ARG DA 30 4.20 -72.72 52.84
N LEU DA 31 5.44 -72.47 52.45
CA LEU DA 31 5.78 -71.28 51.66
C LEU DA 31 5.22 -71.43 50.26
N ILE DA 32 4.52 -70.40 49.78
CA ILE DA 32 3.98 -70.43 48.43
C ILE DA 32 4.62 -69.41 47.51
N GLY DA 33 5.23 -68.35 48.04
CA GLY DA 33 5.79 -67.33 47.17
C GLY DA 33 7.02 -66.69 47.76
N ARG DA 34 8.01 -66.44 46.90
CA ARG DA 34 9.15 -65.60 47.23
C ARG DA 34 9.38 -64.69 46.04
N GLU DA 35 8.98 -63.42 46.17
CA GLU DA 35 8.92 -62.53 45.02
C GLU DA 35 9.77 -61.29 45.29
N PHE DA 36 10.59 -60.94 44.30
CA PHE DA 36 11.42 -59.75 44.35
C PHE DA 36 10.59 -58.56 43.87
N VAL DA 37 10.16 -57.71 44.81
CA VAL DA 37 9.30 -56.59 44.46
C VAL DA 37 10.01 -55.65 43.50
N GLY DA 38 11.30 -55.43 43.71
CA GLY DA 38 12.05 -54.52 42.87
C GLY DA 38 12.66 -53.39 43.66
N GLY DA 39 13.88 -53.01 43.32
CA GLY DA 39 14.55 -51.97 44.07
C GLY DA 39 14.97 -52.36 45.47
N GLY DA 40 14.96 -53.66 45.79
CA GLY DA 40 15.39 -54.16 47.08
C GLY DA 40 14.30 -54.77 47.92
N TYR DA 41 13.05 -54.36 47.73
CA TYR DA 41 11.94 -54.94 48.48
C TYR DA 41 11.73 -56.39 48.07
N VAL DA 42 11.54 -57.26 49.05
CA VAL DA 42 11.29 -58.67 48.79
C VAL DA 42 10.18 -59.13 49.71
N THR DA 43 9.22 -59.87 49.17
CA THR DA 43 8.06 -60.32 49.92
C THR DA 43 7.94 -61.83 49.80
N VAL DA 44 7.75 -62.51 50.92
CA VAL DA 44 7.53 -63.95 50.92
C VAL DA 44 6.19 -64.25 51.57
N LEU DA 45 5.46 -65.18 50.97
CA LEU DA 45 4.08 -65.50 51.33
C LEU DA 45 3.98 -66.98 51.63
N VAL DA 46 3.37 -67.30 52.78
CA VAL DA 46 3.12 -68.66 53.22
C VAL DA 46 1.62 -68.85 53.41
N ARG DA 47 1.21 -70.12 53.45
CA ARG DA 47 -0.18 -70.48 53.68
C ARG DA 47 -0.27 -71.43 54.86
N GLY DA 48 -1.37 -71.32 55.60
CA GLY DA 48 -1.58 -72.19 56.74
C GLY DA 48 -2.85 -71.82 57.48
N GLU DA 49 -3.06 -72.49 58.60
CA GLU DA 49 -4.23 -72.21 59.42
C GLU DA 49 -4.00 -70.92 60.21
N THR DA 50 -5.11 -70.33 60.67
CA THR DA 50 -5.06 -69.03 61.33
C THR DA 50 -4.06 -69.01 62.48
N GLY DA 51 -4.16 -69.99 63.38
CA GLY DA 51 -3.24 -70.04 64.50
C GLY DA 51 -1.80 -70.24 64.06
N ALA DA 52 -1.58 -71.18 63.15
CA ALA DA 52 -0.22 -71.43 62.67
C ALA DA 52 0.33 -70.22 61.95
N VAL DA 53 -0.49 -69.56 61.13
CA VAL DA 53 -0.02 -68.39 60.40
C VAL DA 53 0.34 -67.26 61.37
N ASN DA 54 -0.54 -66.98 62.34
CA ASN DA 54 -0.27 -65.90 63.27
C ASN DA 54 0.97 -66.18 64.10
N ALA DA 55 1.11 -67.41 64.58
CA ALA DA 55 2.29 -67.77 65.36
C ALA DA 55 3.54 -67.60 64.51
N ALA DA 56 3.47 -68.08 63.27
CA ALA DA 56 4.61 -67.96 62.37
C ALA DA 56 4.89 -66.51 62.01
N VAL DA 57 3.94 -65.86 61.35
CA VAL DA 57 4.20 -64.56 60.73
C VAL DA 57 4.43 -63.48 61.76
N ARG DA 58 3.47 -63.29 62.67
CA ARG DA 58 3.56 -62.20 63.64
C ARG DA 58 4.82 -62.31 64.49
N ALA DA 59 5.03 -63.48 65.10
CA ALA DA 59 6.25 -63.73 65.87
C ALA DA 59 7.26 -64.46 64.99
N GLY DA 60 7.49 -63.92 63.80
CA GLY DA 60 8.48 -64.54 62.94
C GLY DA 60 9.57 -63.64 62.40
N ALA DA 61 9.28 -62.35 62.23
CA ALA DA 61 10.32 -61.48 61.73
C ALA DA 61 11.06 -60.84 62.90
N ASP DA 62 11.35 -61.64 63.92
CA ASP DA 62 11.82 -61.10 65.19
C ASP DA 62 13.29 -60.73 65.09
N ALA DA 63 14.09 -61.61 64.51
CA ALA DA 63 15.43 -61.23 64.11
C ALA DA 63 15.34 -60.66 62.70
N CYS DA 64 14.43 -59.71 62.49
CA CYS DA 64 14.32 -59.03 61.20
C CYS DA 64 14.74 -57.57 61.32
N GLU DA 65 14.15 -56.82 62.26
CA GLU DA 65 14.53 -55.43 62.44
C GLU DA 65 15.99 -55.30 62.84
N ARG DA 66 16.55 -56.35 63.41
CA ARG DA 66 17.96 -56.33 63.79
C ARG DA 66 18.88 -56.86 62.70
N VAL DA 67 18.33 -57.55 61.69
CA VAL DA 67 19.18 -58.06 60.61
C VAL DA 67 19.08 -57.14 59.40
N GLY DA 68 20.23 -56.88 58.79
CA GLY DA 68 20.31 -56.09 57.58
C GLY DA 68 19.64 -54.74 57.65
N ASP DA 69 18.87 -54.41 56.62
CA ASP DA 69 18.13 -53.15 56.60
C ASP DA 69 16.82 -53.23 57.36
N GLY DA 70 16.36 -54.43 57.70
CA GLY DA 70 15.22 -54.56 58.59
C GLY DA 70 13.92 -54.91 57.89
N LEU DA 71 12.84 -54.74 58.65
CA LEU DA 71 11.49 -55.08 58.25
C LEU DA 71 10.86 -53.93 57.48
N VAL DA 72 9.76 -54.23 56.79
CA VAL DA 72 8.95 -53.18 56.16
C VAL DA 72 7.53 -53.28 56.69
N ALA DA 73 6.92 -54.45 56.55
CA ALA DA 73 5.54 -54.64 56.99
C ALA DA 73 5.34 -56.08 57.45
N ALA DA 74 4.56 -56.24 58.52
CA ALA DA 74 4.16 -57.55 59.04
C ALA DA 74 2.65 -57.65 58.87
N HIS DA 75 2.21 -58.65 58.11
CA HIS DA 75 0.84 -58.69 57.63
C HIS DA 75 0.30 -60.12 57.62
N ILE DA 76 -0.97 -60.25 57.94
CA ILE DA 76 -1.67 -61.54 57.94
C ILE DA 76 -3.02 -61.35 57.27
N ILE DA 77 -3.46 -62.35 56.53
CA ILE DA 77 -4.78 -62.39 55.91
C ILE DA 77 -5.47 -63.67 56.34
N ALA DA 78 -6.72 -63.54 56.80
CA ALA DA 78 -7.45 -64.70 57.30
C ALA DA 78 -7.94 -65.59 56.16
N ARG DA 79 -8.79 -65.04 55.30
CA ARG DA 79 -9.39 -65.80 54.20
C ARG DA 79 -9.31 -64.97 52.91
N PRO DA 80 -8.27 -65.20 52.10
CA PRO DA 80 -8.20 -64.52 50.81
C PRO DA 80 -9.33 -64.97 49.89
N HIS DA 81 -9.73 -64.08 48.98
CA HIS DA 81 -10.80 -64.41 48.04
C HIS DA 81 -10.45 -65.64 47.24
N ARG DA 82 -11.40 -66.57 47.16
CA ARG DA 82 -11.09 -67.93 46.75
C ARG DA 82 -10.87 -68.04 45.24
N GLU DA 83 -11.51 -67.19 44.45
CA GLU DA 83 -11.59 -67.46 43.02
C GLU DA 83 -10.48 -66.79 42.21
N VAL DA 84 -10.07 -65.57 42.56
CA VAL DA 84 -9.17 -64.82 41.69
C VAL DA 84 -7.71 -64.84 42.14
N GLU DA 85 -7.40 -64.30 43.31
CA GLU DA 85 -6.01 -64.11 43.70
C GLU DA 85 -5.23 -65.39 44.06
N PRO DA 86 -5.83 -66.48 44.57
CA PRO DA 86 -4.99 -67.59 45.07
C PRO DA 86 -4.07 -68.18 44.01
N ALA DA 87 -4.40 -68.07 42.73
CA ALA DA 87 -3.48 -68.48 41.68
C ALA DA 87 -2.30 -67.54 41.54
N LEU DA 88 -2.32 -66.40 42.22
CA LEU DA 88 -1.27 -65.40 42.11
C LEU DA 88 -0.22 -65.60 43.18
N GLY EA 2 27.57 -80.30 51.74
CA GLY EA 2 26.97 -80.22 53.07
C GLY EA 2 25.48 -79.92 53.01
N ILE EA 3 24.94 -79.45 54.14
CA ILE EA 3 23.53 -79.08 54.21
C ILE EA 3 23.32 -77.68 54.74
N ALA EA 4 24.26 -77.10 55.48
CA ALA EA 4 24.08 -75.76 56.00
C ALA EA 4 24.13 -74.73 54.87
N LEU EA 5 23.41 -73.64 55.08
CA LEU EA 5 23.28 -72.60 54.09
C LEU EA 5 23.97 -71.33 54.59
N GLY EA 6 24.93 -70.83 53.81
CA GLY EA 6 25.59 -69.57 54.11
C GLY EA 6 25.15 -68.52 53.12
N MET EA 7 25.03 -67.28 53.60
CA MET EA 7 24.42 -66.23 52.79
C MET EA 7 25.05 -64.89 53.13
N ILE EA 8 25.19 -64.02 52.13
CA ILE EA 8 25.70 -62.67 52.34
C ILE EA 8 25.26 -61.76 51.20
N GLU EA 9 24.80 -60.56 51.57
CA GLU EA 9 24.24 -59.58 50.64
C GLU EA 9 24.81 -58.21 50.96
N THR EA 10 24.85 -57.33 49.96
CA THR EA 10 25.48 -56.03 50.17
C THR EA 10 25.03 -55.03 49.12
N ARG EA 11 25.27 -53.76 49.41
CA ARG EA 11 25.06 -52.66 48.48
C ARG EA 11 26.13 -52.69 47.41
N GLY EA 12 25.72 -52.81 46.15
CA GLY EA 12 26.68 -52.94 45.07
C GLY EA 12 27.23 -54.35 44.99
N LEU EA 13 27.62 -54.79 43.78
CA LEU EA 13 28.06 -56.16 43.60
C LEU EA 13 29.55 -56.33 43.84
N VAL EA 14 30.30 -55.24 44.02
CA VAL EA 14 31.73 -55.36 44.30
C VAL EA 14 31.82 -56.12 45.62
N PRO EA 15 31.34 -55.57 46.74
CA PRO EA 15 31.46 -56.32 47.99
C PRO EA 15 30.80 -57.68 47.93
N ALA EA 16 29.83 -57.87 47.03
CA ALA EA 16 29.29 -59.21 46.80
C ALA EA 16 30.36 -60.15 46.26
N ILE EA 17 31.21 -59.67 45.35
CA ILE EA 17 32.18 -60.61 44.78
C ILE EA 17 33.37 -60.83 45.71
N GLU EA 18 33.79 -59.80 46.46
CA GLU EA 18 34.69 -60.10 47.59
C GLU EA 18 34.06 -61.08 48.58
N ALA EA 19 32.76 -60.95 48.84
CA ALA EA 19 32.11 -61.95 49.68
C ALA EA 19 32.22 -63.34 49.06
N ALA EA 20 31.99 -63.45 47.75
CA ALA EA 20 32.00 -64.76 47.11
C ALA EA 20 33.39 -65.40 47.13
N ASP EA 21 34.41 -64.66 46.71
CA ASP EA 21 35.72 -65.30 46.64
C ASP EA 21 36.31 -65.48 48.03
N ALA EA 22 35.90 -64.65 49.00
CA ALA EA 22 36.24 -64.93 50.39
C ALA EA 22 35.60 -66.23 50.84
N MET EA 23 34.35 -66.47 50.42
CA MET EA 23 33.71 -67.75 50.69
C MET EA 23 34.58 -68.88 50.18
N THR EA 24 35.01 -68.78 48.92
CA THR EA 24 35.75 -69.86 48.30
C THR EA 24 37.14 -70.06 48.90
N LYS EA 25 37.83 -68.96 49.21
CA LYS EA 25 39.19 -69.06 49.73
C LYS EA 25 39.22 -69.49 51.18
N ALA EA 26 38.25 -69.07 51.98
CA ALA EA 26 38.26 -69.40 53.40
C ALA EA 26 38.16 -70.90 53.63
N ALA EA 27 37.29 -71.57 52.88
CA ALA EA 27 37.08 -73.00 53.07
C ALA EA 27 36.50 -73.59 51.78
N GLU EA 28 36.35 -74.90 51.78
CA GLU EA 28 35.73 -75.61 50.66
C GLU EA 28 34.21 -75.54 50.85
N VAL EA 29 33.57 -74.68 50.07
CA VAL EA 29 32.13 -74.50 50.10
C VAL EA 29 31.66 -74.21 48.68
N ARG EA 30 30.50 -74.73 48.32
CA ARG EA 30 29.97 -74.58 46.97
C ARG EA 30 28.89 -73.50 46.95
N LEU EA 31 28.96 -72.64 45.94
CA LEU EA 31 28.02 -71.53 45.77
C LEU EA 31 26.77 -72.01 45.08
N ILE EA 32 25.61 -71.57 45.56
CA ILE EA 32 24.36 -72.02 44.96
C ILE EA 32 23.54 -70.89 44.34
N GLY EA 33 23.82 -69.64 44.70
CA GLY EA 33 22.97 -68.58 44.19
C GLY EA 33 23.62 -67.22 44.02
N ARG EA 34 23.32 -66.57 42.90
CA ARG EA 34 23.81 -65.24 42.59
C ARG EA 34 22.61 -64.38 42.22
N GLU EA 35 22.29 -63.40 43.06
CA GLU EA 35 21.00 -62.71 42.97
C GLU EA 35 21.22 -61.22 42.77
N PHE EA 36 20.60 -60.67 41.74
CA PHE EA 36 20.51 -59.23 41.53
C PHE EA 36 19.15 -58.77 42.06
N VAL EA 37 19.11 -58.38 43.32
CA VAL EA 37 17.84 -58.00 43.94
C VAL EA 37 17.25 -56.73 43.35
N GLY EA 38 18.09 -55.77 43.01
CA GLY EA 38 17.59 -54.51 42.51
C GLY EA 38 17.81 -53.38 43.50
N GLY EA 39 17.97 -52.17 42.96
CA GLY EA 39 18.27 -51.04 43.81
C GLY EA 39 19.65 -51.08 44.42
N GLY EA 40 20.59 -51.77 43.79
CA GLY EA 40 21.95 -51.87 44.28
C GLY EA 40 22.20 -53.02 45.23
N TYR EA 41 21.16 -53.76 45.61
CA TYR EA 41 21.36 -54.90 46.50
C TYR EA 41 21.75 -56.13 45.69
N VAL EA 42 22.90 -56.71 46.02
CA VAL EA 42 23.41 -57.90 45.33
C VAL EA 42 23.71 -58.97 46.37
N THR EA 43 23.36 -60.21 46.06
CA THR EA 43 23.30 -61.27 47.06
C THR EA 43 24.00 -62.51 46.54
N VAL EA 44 24.62 -63.25 47.45
CA VAL EA 44 25.23 -64.53 47.10
C VAL EA 44 24.94 -65.55 48.19
N LEU EA 45 24.65 -66.77 47.74
CA LEU EA 45 24.22 -67.91 48.54
C LEU EA 45 25.16 -69.08 48.28
N VAL EA 46 25.65 -69.69 49.36
CA VAL EA 46 26.53 -70.85 49.26
C VAL EA 46 25.99 -71.96 50.15
N ARG EA 47 26.46 -73.18 49.90
CA ARG EA 47 26.01 -74.35 50.62
C ARG EA 47 27.21 -75.14 51.10
N GLY EA 48 27.24 -75.47 52.38
CA GLY EA 48 28.35 -76.21 52.94
C GLY EA 48 28.10 -76.55 54.39
N GLU EA 49 29.16 -77.08 55.02
CA GLU EA 49 29.06 -77.48 56.42
C GLU EA 49 29.07 -76.27 57.34
N THR EA 50 28.51 -76.46 58.54
CA THR EA 50 28.26 -75.34 59.45
C THR EA 50 29.54 -74.61 59.80
N GLY EA 51 30.58 -75.34 60.19
CA GLY EA 51 31.84 -74.68 60.52
C GLY EA 51 32.45 -74.00 59.32
N ALA EA 52 32.45 -74.67 58.17
CA ALA EA 52 33.04 -74.09 56.97
C ALA EA 52 32.31 -72.82 56.56
N VAL EA 53 30.97 -72.86 56.54
CA VAL EA 53 30.22 -71.68 56.13
C VAL EA 53 30.36 -70.57 57.16
N ASN EA 54 30.43 -70.91 58.45
CA ASN EA 54 30.64 -69.90 59.48
C ASN EA 54 31.97 -69.19 59.26
N ALA EA 55 33.04 -69.95 59.05
CA ALA EA 55 34.35 -69.34 58.82
C ALA EA 55 34.33 -68.50 57.55
N ALA EA 56 33.69 -69.00 56.49
CA ALA EA 56 33.64 -68.27 55.24
C ALA EA 56 32.92 -66.94 55.42
N VAL EA 57 31.73 -66.96 56.02
CA VAL EA 57 30.95 -65.73 56.16
C VAL EA 57 31.66 -64.75 57.08
N ARG EA 58 32.33 -65.26 58.13
CA ARG EA 58 33.11 -64.37 58.98
C ARG EA 58 34.21 -63.69 58.20
N ALA EA 59 34.92 -64.46 57.36
CA ALA EA 59 35.99 -63.87 56.55
C ALA EA 59 35.44 -62.83 55.59
N GLY EA 60 34.31 -63.15 54.93
CA GLY EA 60 33.74 -62.21 53.98
C GLY EA 60 33.29 -60.92 54.63
N ALA EA 61 32.60 -61.04 55.77
CA ALA EA 61 32.11 -59.86 56.47
C ALA EA 61 33.26 -59.05 57.06
N ASP EA 62 34.36 -59.72 57.38
CA ASP EA 62 35.53 -59.00 57.90
C ASP EA 62 36.44 -58.50 56.80
N ALA EA 63 36.19 -58.87 55.55
CA ALA EA 63 37.02 -58.43 54.44
C ALA EA 63 36.39 -57.35 53.58
N CYS EA 64 35.12 -57.50 53.23
CA CYS EA 64 34.55 -56.65 52.17
C CYS EA 64 33.86 -55.39 52.69
N GLU EA 65 33.76 -55.20 54.01
CA GLU EA 65 33.08 -53.99 54.50
C GLU EA 65 33.85 -52.74 54.12
N ARG EA 66 35.18 -52.78 54.25
CA ARG EA 66 36.04 -51.66 53.89
C ARG EA 66 36.12 -51.47 52.38
N VAL EA 67 35.77 -52.49 51.61
CA VAL EA 67 35.76 -52.40 50.16
C VAL EA 67 34.43 -51.80 49.71
N GLY EA 68 34.52 -50.75 48.89
CA GLY EA 68 33.32 -50.14 48.33
C GLY EA 68 32.49 -49.44 49.39
N ASP EA 69 31.22 -49.23 49.07
CA ASP EA 69 30.30 -48.56 49.98
C ASP EA 69 30.05 -49.36 51.24
N GLY EA 70 30.26 -50.68 51.22
CA GLY EA 70 30.20 -51.47 52.43
C GLY EA 70 29.10 -52.52 52.41
N LEU EA 71 29.29 -53.50 53.30
CA LEU EA 71 28.33 -54.57 53.50
C LEU EA 71 27.10 -54.06 54.25
N VAL EA 72 25.96 -54.71 54.03
CA VAL EA 72 24.71 -54.31 54.67
C VAL EA 72 24.08 -55.43 55.48
N ALA EA 73 24.36 -56.69 55.12
CA ALA EA 73 23.81 -57.83 55.84
C ALA EA 73 24.54 -59.11 55.47
N ALA EA 74 24.82 -59.94 56.46
CA ALA EA 74 25.52 -61.20 56.23
C ALA EA 74 25.05 -62.19 57.30
N HIS EA 75 24.04 -62.97 56.98
CA HIS EA 75 23.45 -63.88 57.94
C HIS EA 75 23.91 -65.31 57.68
N ILE EA 76 23.79 -66.14 58.71
CA ILE EA 76 24.16 -67.54 58.60
C ILE EA 76 23.11 -68.39 59.31
N ILE EA 77 22.65 -69.45 58.65
CA ILE EA 77 21.71 -70.37 59.28
C ILE EA 77 22.37 -71.74 59.46
N ALA EA 78 21.97 -72.42 60.53
CA ALA EA 78 22.56 -73.71 60.88
C ALA EA 78 21.75 -74.89 60.39
N ARG EA 79 20.42 -74.84 60.51
CA ARG EA 79 19.54 -75.93 60.09
C ARG EA 79 18.59 -75.38 59.03
N PRO EA 80 19.02 -75.33 57.78
CA PRO EA 80 18.13 -74.85 56.71
C PRO EA 80 16.98 -75.82 56.50
N HIS EA 81 15.76 -75.31 56.63
CA HIS EA 81 14.58 -76.14 56.46
C HIS EA 81 14.44 -76.59 55.00
N ARG EA 82 13.82 -77.76 54.82
CA ARG EA 82 13.62 -78.29 53.48
C ARG EA 82 12.69 -77.40 52.66
N GLU EA 83 11.69 -76.81 53.30
CA GLU EA 83 10.69 -76.00 52.59
C GLU EA 83 11.31 -74.79 51.92
N VAL EA 84 12.49 -74.34 52.37
CA VAL EA 84 13.14 -73.21 51.74
C VAL EA 84 13.87 -73.64 50.46
N GLU EA 85 14.24 -74.92 50.38
CA GLU EA 85 15.01 -75.40 49.24
C GLU EA 85 14.33 -75.20 47.89
N PRO EA 86 13.08 -75.60 47.67
CA PRO EA 86 12.49 -75.41 46.34
C PRO EA 86 12.12 -73.96 46.05
N ALA EA 87 12.13 -73.09 47.06
CA ALA EA 87 12.14 -71.66 46.82
C ALA EA 87 13.49 -71.17 46.31
N LEU EA 88 14.50 -72.04 46.32
CA LEU EA 88 15.82 -71.70 45.82
C LEU EA 88 16.15 -72.55 44.59
N GLY FA 2 45.38 -63.08 31.38
CA GLY FA 2 45.48 -64.32 32.12
C GLY FA 2 44.20 -64.69 32.84
N ILE FA 3 44.29 -64.81 34.17
CA ILE FA 3 43.14 -65.15 34.99
C ILE FA 3 42.74 -64.02 35.93
N ALA FA 4 43.56 -62.98 36.06
CA ALA FA 4 43.24 -61.89 36.97
C ALA FA 4 42.00 -61.14 36.51
N LEU FA 5 41.07 -60.95 37.44
CA LEU FA 5 39.79 -60.29 37.17
C LEU FA 5 39.81 -58.89 37.75
N GLY FA 6 39.57 -57.89 36.90
CA GLY FA 6 39.39 -56.52 37.34
C GLY FA 6 37.96 -56.12 37.08
N MET FA 7 37.45 -55.18 37.88
CA MET FA 7 36.06 -54.82 37.72
C MET FA 7 35.81 -53.45 38.36
N ILE FA 8 34.91 -52.69 37.74
CA ILE FA 8 34.66 -51.31 38.12
C ILE FA 8 33.16 -51.10 38.29
N GLU FA 9 32.80 -50.43 39.38
CA GLU FA 9 31.41 -50.08 39.68
C GLU FA 9 31.22 -48.57 39.62
N THR FA 10 30.13 -48.14 38.99
CA THR FA 10 29.80 -46.74 38.98
C THR FA 10 28.29 -46.59 38.84
N ARG FA 11 27.82 -45.35 38.91
CA ARG FA 11 26.41 -45.04 38.79
C ARG FA 11 26.21 -44.30 37.49
N GLY FA 12 25.28 -44.78 36.67
CA GLY FA 12 25.16 -44.26 35.33
C GLY FA 12 26.11 -44.98 34.39
N LEU FA 13 25.68 -45.17 33.15
CA LEU FA 13 26.44 -45.98 32.21
C LEU FA 13 27.59 -45.20 31.58
N VAL FA 14 27.54 -43.88 31.58
CA VAL FA 14 28.58 -43.05 30.96
C VAL FA 14 29.92 -43.29 31.65
N PRO FA 15 30.01 -43.12 32.98
CA PRO FA 15 31.29 -43.45 33.64
C PRO FA 15 31.68 -44.90 33.47
N ALA FA 16 30.71 -45.80 33.34
CA ALA FA 16 31.02 -47.21 33.11
C ALA FA 16 31.77 -47.38 31.79
N ILE FA 17 31.23 -46.80 30.71
CA ILE FA 17 31.89 -46.98 29.42
C ILE FA 17 33.22 -46.24 29.38
N GLU FA 18 33.34 -45.11 30.08
CA GLU FA 18 34.61 -44.41 30.07
C GLU FA 18 35.67 -45.20 30.86
N ALA FA 19 35.25 -45.83 31.96
CA ALA FA 19 36.16 -46.73 32.67
C ALA FA 19 36.55 -47.91 31.80
N ALA FA 20 35.60 -48.47 31.04
CA ALA FA 20 35.93 -49.58 30.15
C ALA FA 20 36.91 -49.15 29.08
N ASP FA 21 36.71 -47.95 28.52
CA ASP FA 21 37.66 -47.40 27.56
C ASP FA 21 39.03 -47.23 28.18
N ALA FA 22 39.08 -46.78 29.43
CA ALA FA 22 40.36 -46.70 30.13
C ALA FA 22 40.99 -48.08 30.26
N MET FA 23 40.20 -49.11 30.59
CA MET FA 23 40.74 -50.46 30.67
C MET FA 23 41.38 -50.87 29.35
N THR FA 24 40.64 -50.75 28.27
CA THR FA 24 41.08 -51.31 27.01
C THR FA 24 41.94 -50.36 26.20
N LYS FA 25 42.23 -49.18 26.73
CA LYS FA 25 43.18 -48.26 26.12
C LYS FA 25 44.47 -48.12 26.92
N ALA FA 26 44.44 -48.44 28.22
CA ALA FA 26 45.61 -48.30 29.06
C ALA FA 26 46.46 -49.56 29.11
N ALA FA 27 45.83 -50.73 29.10
CA ALA FA 27 46.56 -51.99 29.18
C ALA FA 27 45.90 -53.02 28.28
N GLU FA 28 46.59 -54.14 28.09
CA GLU FA 28 46.09 -55.23 27.26
C GLU FA 28 45.30 -56.20 28.14
N VAL FA 29 43.99 -56.00 28.18
CA VAL FA 29 43.10 -56.86 28.93
C VAL FA 29 41.92 -57.23 28.04
N ARG FA 30 41.25 -58.31 28.41
CA ARG FA 30 40.05 -58.75 27.70
C ARG FA 30 38.83 -58.48 28.57
N LEU FA 31 38.02 -57.52 28.14
CA LEU FA 31 36.77 -57.23 28.82
C LEU FA 31 35.83 -58.42 28.71
N ILE FA 32 35.42 -58.95 29.86
CA ILE FA 32 34.58 -60.14 29.82
C ILE FA 32 33.09 -59.80 29.81
N GLY FA 33 32.70 -58.63 30.27
CA GLY FA 33 31.31 -58.24 30.14
C GLY FA 33 30.96 -56.97 30.89
N ARG FA 34 29.69 -56.62 30.79
CA ARG FA 34 29.08 -55.50 31.50
C ARG FA 34 27.85 -56.00 32.24
N GLU FA 35 27.48 -55.31 33.32
CA GLU FA 35 26.33 -55.72 34.10
C GLU FA 35 25.54 -54.49 34.55
N PHE FA 36 24.23 -54.53 34.32
CA PHE FA 36 23.30 -53.53 34.83
C PHE FA 36 22.74 -54.06 36.15
N VAL FA 37 23.33 -53.60 37.25
CA VAL FA 37 22.93 -54.12 38.57
C VAL FA 37 21.52 -53.67 38.91
N GLY FA 38 21.21 -52.40 38.73
CA GLY FA 38 19.94 -51.87 39.16
C GLY FA 38 20.11 -50.75 40.15
N GLY FA 39 19.14 -49.85 40.21
CA GLY FA 39 19.31 -48.66 41.03
C GLY FA 39 20.37 -47.72 40.50
N GLY FA 40 20.68 -47.79 39.21
CA GLY FA 40 21.72 -46.98 38.61
C GLY FA 40 23.09 -47.60 38.61
N TYR FA 41 23.27 -48.77 39.24
CA TYR FA 41 24.59 -49.37 39.35
C TYR FA 41 24.96 -50.13 38.09
N VAL FA 42 26.07 -49.71 37.46
CA VAL FA 42 26.60 -50.35 36.27
C VAL FA 42 28.04 -50.77 36.55
N THR FA 43 28.40 -51.98 36.16
CA THR FA 43 29.74 -52.49 36.41
C THR FA 43 30.32 -53.11 35.16
N VAL FA 44 31.63 -52.95 35.00
CA VAL FA 44 32.38 -53.55 33.90
C VAL FA 44 33.35 -54.58 34.48
N LEU FA 45 33.34 -55.78 33.90
CA LEU FA 45 34.21 -56.89 34.27
C LEU FA 45 35.20 -57.12 33.13
N VAL FA 46 36.49 -57.06 33.43
CA VAL FA 46 37.54 -57.29 32.46
C VAL FA 46 38.50 -58.35 33.00
N ARG FA 47 39.20 -58.99 32.08
CA ARG FA 47 40.09 -60.12 32.38
C ARG FA 47 41.47 -59.83 31.81
N GLY FA 48 42.50 -60.24 32.54
CA GLY FA 48 43.86 -60.09 32.06
C GLY FA 48 44.84 -60.53 33.12
N GLU FA 49 46.11 -60.37 32.80
CA GLU FA 49 47.15 -60.72 33.75
C GLU FA 49 47.18 -59.70 34.89
N THR FA 50 47.84 -60.07 35.98
CA THR FA 50 47.74 -59.28 37.21
C THR FA 50 48.27 -57.86 37.02
N GLY FA 51 49.42 -57.72 36.38
CA GLY FA 51 49.97 -56.39 36.18
C GLY FA 51 49.12 -55.55 35.25
N ALA FA 52 48.68 -56.13 34.13
CA ALA FA 52 47.83 -55.40 33.20
C ALA FA 52 46.52 -55.02 33.85
N VAL FA 53 45.91 -55.94 34.60
CA VAL FA 53 44.64 -55.66 35.25
C VAL FA 53 44.81 -54.53 36.26
N ASN FA 54 45.89 -54.59 37.06
CA ASN FA 54 46.11 -53.56 38.06
C ASN FA 54 46.34 -52.20 37.43
N ALA FA 55 47.19 -52.14 36.41
CA ALA FA 55 47.45 -50.87 35.74
C ALA FA 55 46.17 -50.33 35.11
N ALA FA 56 45.39 -51.21 34.48
CA ALA FA 56 44.16 -50.78 33.85
C ALA FA 56 43.20 -50.19 34.86
N VAL FA 57 42.91 -50.92 35.94
CA VAL FA 57 41.94 -50.44 36.91
C VAL FA 57 42.44 -49.16 37.58
N ARG FA 58 43.76 -49.07 37.79
CA ARG FA 58 44.34 -47.85 38.33
C ARG FA 58 44.05 -46.65 37.43
N ALA FA 59 44.37 -46.79 36.14
CA ALA FA 59 44.14 -45.69 35.20
C ALA FA 59 42.66 -45.36 35.10
N GLY FA 60 41.81 -46.39 35.10
CA GLY FA 60 40.39 -46.18 34.98
C GLY FA 60 39.80 -45.45 36.17
N ALA FA 61 40.22 -45.83 37.37
CA ALA FA 61 39.78 -45.10 38.56
C ALA FA 61 40.23 -43.65 38.49
N ASP FA 62 41.49 -43.42 38.10
CA ASP FA 62 42.00 -42.06 38.00
C ASP FA 62 41.18 -41.24 37.02
N ALA FA 63 40.80 -41.84 35.89
CA ALA FA 63 40.04 -41.12 34.89
C ALA FA 63 38.59 -40.92 35.32
N CYS FA 64 38.03 -41.91 36.01
CA CYS FA 64 36.60 -41.95 36.29
C CYS FA 64 36.21 -41.28 37.59
N GLU FA 65 37.18 -40.82 38.40
CA GLU FA 65 36.85 -40.05 39.59
C GLU FA 65 35.81 -38.98 39.30
N ARG FA 66 36.12 -38.06 38.38
CA ARG FA 66 35.37 -36.82 38.24
C ARG FA 66 34.40 -36.84 37.07
N VAL FA 67 34.18 -37.99 36.44
CA VAL FA 67 33.31 -38.08 35.28
C VAL FA 67 31.90 -38.36 35.77
N GLY FA 68 30.93 -37.63 35.20
CA GLY FA 68 29.54 -37.84 35.56
C GLY FA 68 29.33 -37.66 37.04
N ASP FA 69 28.63 -38.61 37.64
CA ASP FA 69 28.37 -38.60 39.08
C ASP FA 69 29.25 -39.57 39.86
N GLY FA 70 30.25 -40.17 39.24
CA GLY FA 70 31.38 -40.71 39.97
C GLY FA 70 31.41 -42.22 40.07
N LEU FA 71 32.58 -42.68 40.51
CA LEU FA 71 32.93 -44.08 40.75
C LEU FA 71 32.37 -44.52 42.10
N VAL FA 72 32.26 -45.85 42.28
CA VAL FA 72 31.78 -46.43 43.53
C VAL FA 72 32.85 -47.32 44.18
N ALA FA 73 33.36 -48.30 43.44
CA ALA FA 73 34.38 -49.19 43.95
C ALA FA 73 35.19 -49.75 42.78
N ALA FA 74 36.50 -49.78 42.93
CA ALA FA 74 37.41 -50.35 41.94
C ALA FA 74 38.30 -51.36 42.61
N HIS FA 75 38.27 -52.59 42.12
CA HIS FA 75 38.91 -53.70 42.81
C HIS FA 75 39.68 -54.57 41.83
N ILE FA 76 40.63 -55.34 42.38
CA ILE FA 76 41.42 -56.28 41.59
C ILE FA 76 41.33 -57.68 42.21
N ILE FA 77 41.08 -58.67 41.36
CA ILE FA 77 41.17 -60.06 41.76
C ILE FA 77 42.19 -60.77 40.87
N ALA FA 78 43.14 -61.46 41.50
CA ALA FA 78 44.22 -62.13 40.79
C ALA FA 78 44.00 -63.62 40.63
N ARG FA 79 43.38 -64.28 41.62
CA ARG FA 79 43.19 -65.73 41.62
C ARG FA 79 41.72 -66.06 41.84
N PRO FA 80 40.88 -65.83 40.84
CA PRO FA 80 39.47 -66.21 40.97
C PRO FA 80 39.32 -67.71 41.07
N HIS FA 81 38.45 -68.16 41.97
CA HIS FA 81 38.30 -69.58 42.20
C HIS FA 81 37.40 -70.19 41.13
N ARG FA 82 37.42 -71.53 41.05
CA ARG FA 82 36.71 -72.21 39.98
C ARG FA 82 35.21 -71.96 40.01
N GLU FA 83 34.58 -72.04 41.19
CA GLU FA 83 33.13 -71.85 41.22
C GLU FA 83 32.77 -70.37 41.17
N VAL FA 84 33.76 -69.49 41.30
CA VAL FA 84 33.50 -68.06 41.14
C VAL FA 84 33.21 -67.70 39.69
N GLU FA 85 33.87 -68.35 38.73
CA GLU FA 85 33.68 -68.00 37.33
C GLU FA 85 32.23 -68.12 36.85
N PRO FA 86 31.47 -69.19 37.16
CA PRO FA 86 30.10 -69.28 36.62
C PRO FA 86 29.20 -68.14 37.05
N ALA FA 87 29.68 -67.31 37.97
CA ALA FA 87 28.99 -66.05 38.28
C ALA FA 87 29.14 -65.04 37.16
N LEU FA 88 30.00 -65.30 36.18
CA LEU FA 88 30.23 -64.38 35.08
C LEU FA 88 29.59 -64.89 33.80
N GLY GA 2 31.75 -41.86 10.44
CA GLY GA 2 32.42 -41.49 11.67
C GLY GA 2 32.24 -42.52 12.77
N ILE GA 3 33.31 -42.76 13.54
CA ILE GA 3 33.28 -43.79 14.57
C ILE GA 3 33.33 -43.21 15.98
N ALA GA 4 33.52 -41.91 16.14
CA ALA GA 4 33.53 -41.32 17.47
C ALA GA 4 32.19 -41.53 18.16
N LEU GA 5 32.25 -41.88 19.43
CA LEU GA 5 31.05 -42.19 20.21
C LEU GA 5 30.74 -41.02 21.13
N GLY GA 6 29.54 -40.47 21.00
CA GLY GA 6 29.01 -39.52 21.94
C GLY GA 6 28.06 -40.22 22.90
N MET GA 7 28.07 -39.76 24.14
CA MET GA 7 27.32 -40.39 25.21
C MET GA 7 26.61 -39.33 26.03
N ILE GA 8 25.39 -39.63 26.46
CA ILE GA 8 24.69 -38.73 27.37
C ILE GA 8 23.66 -39.50 28.17
N GLU GA 9 23.58 -39.20 29.46
CA GLU GA 9 22.79 -39.92 30.44
C GLU GA 9 21.83 -38.94 31.11
N THR GA 10 20.69 -39.46 31.56
CA THR GA 10 19.74 -38.64 32.31
C THR GA 10 18.92 -39.54 33.22
N ARG GA 11 17.97 -38.94 33.92
CA ARG GA 11 17.01 -39.66 34.73
C ARG GA 11 15.64 -39.51 34.08
N GLY GA 12 15.07 -40.61 33.62
CA GLY GA 12 13.79 -40.57 32.96
C GLY GA 12 13.94 -40.68 31.45
N LEU GA 13 12.94 -41.33 30.83
CA LEU GA 13 12.99 -41.54 29.39
C LEU GA 13 12.76 -40.25 28.62
N VAL GA 14 11.94 -39.34 29.17
CA VAL GA 14 11.62 -38.12 28.44
C VAL GA 14 12.86 -37.27 28.17
N PRO GA 15 13.70 -36.93 29.16
CA PRO GA 15 14.92 -36.18 28.84
C PRO GA 15 15.83 -36.92 27.89
N ALA GA 16 15.91 -38.25 28.01
CA ALA GA 16 16.78 -39.01 27.11
C ALA GA 16 16.31 -38.91 25.67
N ILE GA 17 15.01 -39.03 25.44
CA ILE GA 17 14.52 -39.03 24.07
C ILE GA 17 14.59 -37.63 23.47
N GLU GA 18 14.36 -36.59 24.29
CA GLU GA 18 14.53 -35.25 23.73
C GLU GA 18 16.00 -34.93 23.50
N ALA GA 19 16.89 -35.53 24.31
CA ALA GA 19 18.32 -35.42 24.00
C ALA GA 19 18.65 -36.12 22.70
N ALA GA 20 18.00 -37.25 22.43
CA ALA GA 20 18.18 -37.92 21.14
C ALA GA 20 17.66 -37.04 20.00
N ASP GA 21 16.59 -36.30 20.25
CA ASP GA 21 16.13 -35.32 19.28
C ASP GA 21 17.19 -34.26 19.02
N ALA GA 22 17.80 -33.74 20.08
CA ALA GA 22 18.89 -32.79 19.92
C ALA GA 22 20.04 -33.41 19.16
N MET GA 23 20.26 -34.71 19.36
CA MET GA 23 21.29 -35.42 18.61
C MET GA 23 20.99 -35.39 17.12
N THR GA 24 19.78 -35.82 16.75
CA THR GA 24 19.43 -35.93 15.34
C THR GA 24 19.19 -34.60 14.67
N LYS GA 25 19.04 -33.52 15.46
CA LYS GA 25 18.88 -32.20 14.87
C LYS GA 25 20.16 -31.37 14.94
N ALA GA 26 21.16 -31.83 15.70
CA ALA GA 26 22.40 -31.07 15.83
C ALA GA 26 23.37 -31.37 14.69
N ALA GA 27 23.82 -32.63 14.57
CA ALA GA 27 24.86 -32.97 13.64
C ALA GA 27 24.70 -34.43 13.23
N GLU GA 28 25.57 -34.87 12.31
CA GLU GA 28 25.50 -36.20 11.72
C GLU GA 28 25.95 -37.23 12.75
N VAL GA 29 25.01 -37.62 13.61
CA VAL GA 29 25.24 -38.63 14.63
C VAL GA 29 24.13 -39.67 14.54
N ARG GA 30 24.51 -40.94 14.41
CA ARG GA 30 23.55 -42.02 14.35
C ARG GA 30 23.47 -42.71 15.70
N LEU GA 31 22.29 -42.72 16.29
CA LEU GA 31 22.09 -43.36 17.59
C LEU GA 31 22.10 -44.86 17.40
N ILE GA 32 23.04 -45.54 18.06
CA ILE GA 32 23.16 -46.98 17.96
C ILE GA 32 22.52 -47.72 19.12
N GLY GA 33 22.25 -47.04 20.23
CA GLY GA 33 21.65 -47.71 21.36
C GLY GA 33 20.98 -46.79 22.36
N ARG GA 34 19.74 -47.09 22.70
CA ARG GA 34 19.01 -46.42 23.77
C ARG GA 34 18.67 -47.49 24.79
N GLU GA 35 19.40 -47.50 25.90
CA GLU GA 35 19.28 -48.55 26.90
C GLU GA 35 18.91 -47.94 28.24
N PHE GA 36 18.32 -48.79 29.08
CA PHE GA 36 17.83 -48.39 30.40
C PHE GA 36 18.76 -48.98 31.44
N VAL GA 37 19.49 -48.12 32.15
CA VAL GA 37 20.31 -48.59 33.25
C VAL GA 37 19.45 -49.16 34.36
N GLY GA 38 18.37 -48.46 34.71
CA GLY GA 38 17.57 -48.85 35.86
C GLY GA 38 17.59 -47.76 36.90
N GLY GA 39 16.69 -47.85 37.88
CA GLY GA 39 16.59 -46.82 38.89
C GLY GA 39 16.34 -45.43 38.35
N GLY GA 40 15.74 -45.32 37.16
CA GLY GA 40 15.50 -44.06 36.52
C GLY GA 40 16.58 -43.63 35.55
N TYR GA 41 17.74 -44.26 35.60
CA TYR GA 41 18.84 -43.84 34.73
C TYR GA 41 18.61 -44.34 33.30
N VAL GA 42 18.70 -43.42 32.34
CA VAL GA 42 18.46 -43.71 30.93
C VAL GA 42 19.63 -43.20 30.11
N THR GA 43 20.03 -43.99 29.11
CA THR GA 43 21.24 -43.77 28.33
C THR GA 43 20.87 -43.49 26.88
N VAL GA 44 21.59 -42.59 26.23
CA VAL GA 44 21.55 -42.49 24.77
C VAL GA 44 22.96 -42.30 24.23
N LEU GA 45 23.27 -43.07 23.18
CA LEU GA 45 24.55 -43.07 22.51
C LEU GA 45 24.37 -42.53 21.09
N VAL GA 46 25.45 -42.02 20.52
CA VAL GA 46 25.48 -41.61 19.12
C VAL GA 46 26.86 -41.93 18.54
N ARG GA 47 26.90 -42.12 17.23
CA ARG GA 47 28.14 -42.40 16.52
C ARG GA 47 28.29 -41.41 15.38
N GLY GA 48 29.51 -40.91 15.21
CA GLY GA 48 29.77 -39.93 14.17
C GLY GA 48 31.22 -39.50 14.22
N GLU GA 49 31.51 -38.41 13.51
CA GLU GA 49 32.83 -37.82 13.55
C GLU GA 49 33.01 -37.02 14.85
N THR GA 50 34.28 -36.91 15.28
CA THR GA 50 34.59 -36.32 16.58
C THR GA 50 34.01 -34.91 16.71
N GLY GA 51 34.23 -34.06 15.72
CA GLY GA 51 33.70 -32.71 15.78
C GLY GA 51 32.18 -32.69 15.76
N ALA GA 52 31.59 -33.48 14.87
CA ALA GA 52 30.14 -33.59 14.80
C ALA GA 52 29.57 -34.14 16.09
N VAL GA 53 30.23 -35.15 16.65
CA VAL GA 53 29.81 -35.76 17.91
C VAL GA 53 29.87 -34.72 19.02
N ASN GA 54 30.95 -33.95 19.06
CA ASN GA 54 31.13 -32.91 20.07
C ASN GA 54 30.00 -31.90 20.00
N ALA GA 55 29.76 -31.37 18.80
CA ALA GA 55 28.71 -30.38 18.63
C ALA GA 55 27.35 -30.95 19.01
N ALA GA 56 27.09 -32.18 18.60
CA ALA GA 56 25.81 -32.82 18.86
C ALA GA 56 25.58 -32.99 20.36
N VAL GA 57 26.55 -33.56 21.06
CA VAL GA 57 26.43 -33.84 22.48
C VAL GA 57 26.29 -32.53 23.23
N ARG GA 58 27.07 -31.53 22.84
CA ARG GA 58 27.00 -30.23 23.48
C ARG GA 58 25.62 -29.61 23.32
N ALA GA 59 25.05 -29.71 22.12
CA ALA GA 59 23.70 -29.20 21.87
C ALA GA 59 22.68 -29.97 22.70
N GLY GA 60 22.86 -31.28 22.80
CA GLY GA 60 21.97 -32.09 23.61
C GLY GA 60 21.98 -31.66 25.05
N ALA GA 61 23.17 -31.36 25.55
CA ALA GA 61 23.30 -30.82 26.90
C ALA GA 61 22.57 -29.48 27.02
N ASP GA 62 22.73 -28.63 26.02
CA ASP GA 62 22.07 -27.32 26.03
C ASP GA 62 20.56 -27.46 25.91
N ALA GA 63 20.09 -28.64 25.51
CA ALA GA 63 18.66 -28.85 25.33
C ALA GA 63 18.01 -29.60 26.50
N CYS GA 64 18.79 -30.38 27.24
CA CYS GA 64 18.24 -31.30 28.22
C CYS GA 64 18.31 -30.80 29.66
N GLU GA 65 18.74 -29.55 29.87
CA GLU GA 65 19.05 -29.10 31.23
C GLU GA 65 17.82 -29.05 32.12
N ARG GA 66 16.68 -28.61 31.59
CA ARG GA 66 15.50 -28.36 32.42
C ARG GA 66 14.33 -29.26 32.05
N VAL GA 67 14.58 -30.34 31.30
CA VAL GA 67 13.51 -31.25 30.90
C VAL GA 67 13.24 -32.16 32.09
N GLY GA 68 12.30 -31.76 32.95
CA GLY GA 68 11.99 -32.51 34.14
C GLY GA 68 13.19 -32.66 35.06
N ASP GA 69 13.73 -33.88 35.15
CA ASP GA 69 14.93 -34.11 35.94
C ASP GA 69 16.12 -33.34 35.39
N GLY GA 70 16.33 -33.36 34.08
CA GLY GA 70 17.43 -32.65 33.48
C GLY GA 70 18.65 -33.54 33.26
N LEU GA 71 19.74 -32.89 32.87
CA LEU GA 71 20.98 -33.58 32.58
C LEU GA 71 21.59 -34.22 33.81
N VAL GA 72 22.21 -35.37 33.61
CA VAL GA 72 22.96 -36.03 34.67
C VAL GA 72 24.42 -36.14 34.24
N ALA GA 73 24.66 -36.67 33.05
CA ALA GA 73 26.02 -36.81 32.54
C ALA GA 73 26.01 -36.73 31.02
N ALA GA 74 26.94 -35.95 30.47
CA ALA GA 74 27.12 -35.84 29.03
C ALA GA 74 28.55 -36.13 28.60
N HIS GA 75 29.34 -36.80 29.45
CA HIS GA 75 30.71 -37.17 29.17
C HIS GA 75 30.82 -38.03 27.92
N ILE GA 76 31.83 -37.79 27.09
CA ILE GA 76 31.95 -38.48 25.81
C ILE GA 76 33.36 -38.97 25.57
N ILE GA 77 33.55 -39.72 24.48
CA ILE GA 77 34.85 -40.23 24.09
C ILE GA 77 35.12 -39.79 22.65
N ALA GA 78 36.25 -40.19 22.10
CA ALA GA 78 36.52 -39.92 20.70
C ALA GA 78 36.72 -41.19 19.88
N ARG GA 79 37.18 -42.27 20.50
CA ARG GA 79 37.29 -43.54 19.80
C ARG GA 79 36.94 -44.71 20.71
N PRO GA 80 35.86 -45.43 20.43
CA PRO GA 80 35.64 -46.71 21.09
C PRO GA 80 36.73 -47.70 20.68
N HIS GA 81 37.06 -48.61 21.58
CA HIS GA 81 38.03 -49.64 21.26
C HIS GA 81 37.38 -50.72 20.39
N ARG GA 82 38.22 -51.46 19.66
CA ARG GA 82 37.71 -52.52 18.80
C ARG GA 82 37.08 -53.65 19.60
N GLU GA 83 37.34 -53.72 20.90
CA GLU GA 83 36.79 -54.79 21.72
C GLU GA 83 35.45 -54.42 22.34
N VAL GA 84 35.17 -53.13 22.51
CA VAL GA 84 34.01 -52.71 23.29
C VAL GA 84 32.68 -52.90 22.57
N GLU GA 85 32.69 -53.40 21.33
CA GLU GA 85 31.44 -53.56 20.59
C GLU GA 85 30.43 -54.43 21.33
N PRO GA 86 30.78 -55.61 21.86
CA PRO GA 86 29.80 -56.33 22.70
C PRO GA 86 29.35 -55.53 23.90
N ALA GA 87 30.21 -54.66 24.43
CA ALA GA 87 29.83 -53.79 25.53
C ALA GA 87 29.01 -52.59 25.07
N LEU GA 88 28.90 -52.37 23.77
CA LEU GA 88 28.10 -51.27 23.25
C LEU GA 88 26.63 -51.65 23.21
N MET HA 1 40.50 -40.31 6.35
CA MET HA 1 40.47 -39.62 5.07
C MET HA 1 40.76 -38.16 5.38
N GLY HA 2 40.72 -37.83 6.67
CA GLY HA 2 41.00 -36.48 7.11
C GLY HA 2 42.39 -36.02 6.72
N ILE HA 3 42.48 -34.82 6.13
CA ILE HA 3 43.73 -34.31 5.60
C ILE HA 3 44.28 -33.16 6.42
N ALA HA 4 43.57 -32.70 7.45
CA ALA HA 4 44.13 -31.73 8.37
C ALA HA 4 45.34 -32.34 9.08
N LEU HA 5 46.36 -31.51 9.30
CA LEU HA 5 47.64 -31.97 9.82
C LEU HA 5 47.77 -31.64 11.29
N GLY HA 6 47.95 -32.67 12.11
CA GLY HA 6 48.26 -32.49 13.52
C GLY HA 6 49.68 -32.93 13.79
N MET HA 7 50.52 -32.00 14.21
CA MET HA 7 51.95 -32.27 14.24
C MET HA 7 52.62 -31.43 15.32
N ILE HA 8 53.48 -32.08 16.12
CA ILE HA 8 54.02 -31.48 17.32
C ILE HA 8 55.51 -31.81 17.45
N GLU HA 9 56.15 -31.13 18.41
CA GLU HA 9 57.59 -31.20 18.63
C GLU HA 9 57.90 -31.53 20.08
N THR HA 10 58.88 -32.40 20.29
CA THR HA 10 59.32 -32.77 21.63
C THR HA 10 60.84 -32.81 21.70
N ARG HA 11 61.37 -32.40 22.85
CA ARG HA 11 62.79 -32.55 23.15
C ARG HA 11 63.00 -33.97 23.65
N GLY HA 12 63.64 -34.80 22.84
CA GLY HA 12 63.79 -36.20 23.16
C GLY HA 12 62.69 -37.04 22.55
N LEU HA 13 62.98 -38.34 22.39
CA LEU HA 13 62.03 -39.21 21.72
C LEU HA 13 61.02 -39.83 22.68
N VAL HA 14 61.31 -39.86 23.98
CA VAL HA 14 60.36 -40.42 24.94
C VAL HA 14 59.07 -39.61 24.94
N PRO HA 15 59.12 -38.28 25.09
CA PRO HA 15 57.88 -37.50 24.95
C PRO HA 15 57.25 -37.66 23.59
N ALA HA 16 58.05 -37.80 22.53
CA ALA HA 16 57.49 -38.00 21.20
C ALA HA 16 56.65 -39.28 21.15
N ILE HA 17 57.19 -40.37 21.66
CA ILE HA 17 56.50 -41.66 21.58
C ILE HA 17 55.24 -41.62 22.43
N GLU HA 18 55.34 -41.15 23.68
CA GLU HA 18 54.15 -41.18 24.53
C GLU HA 18 53.11 -40.18 24.06
N ALA HA 19 53.54 -39.04 23.53
CA ALA HA 19 52.61 -38.06 22.98
C ALA HA 19 51.91 -38.60 21.74
N ALA HA 20 52.64 -39.31 20.88
CA ALA HA 20 51.99 -39.93 19.73
C ALA HA 20 51.03 -41.03 20.17
N ASP HA 21 51.38 -41.74 21.25
CA ASP HA 21 50.48 -42.76 21.78
C ASP HA 21 49.18 -42.12 22.25
N ALA HA 22 49.28 -41.01 22.98
CA ALA HA 22 48.08 -40.28 23.36
C ALA HA 22 47.35 -39.75 22.14
N MET HA 23 48.12 -39.35 21.12
CA MET HA 23 47.55 -38.82 19.89
C MET HA 23 46.64 -39.84 19.23
N THR HA 24 47.12 -41.08 19.11
CA THR HA 24 46.37 -42.15 18.47
C THR HA 24 45.46 -42.89 19.43
N LYS HA 25 45.48 -42.56 20.72
CA LYS HA 25 44.46 -43.00 21.65
C LYS HA 25 43.34 -41.98 21.81
N ALA HA 26 43.52 -40.76 21.34
CA ALA HA 26 42.57 -39.69 21.57
C ALA HA 26 41.74 -39.33 20.35
N ALA HA 27 42.09 -39.83 19.17
CA ALA HA 27 41.29 -39.57 17.97
C ALA HA 27 41.75 -40.53 16.88
N GLU HA 28 40.96 -40.58 15.81
CA GLU HA 28 41.27 -41.39 14.63
C GLU HA 28 42.13 -40.56 13.68
N VAL HA 29 43.41 -40.44 14.04
CA VAL HA 29 44.39 -39.72 13.22
C VAL HA 29 45.45 -40.71 12.78
N ARG HA 30 45.75 -40.71 11.49
CA ARG HA 30 46.72 -41.64 10.93
C ARG HA 30 48.12 -41.09 11.15
N LEU HA 31 48.95 -41.85 11.87
CA LEU HA 31 50.32 -41.43 12.16
C LEU HA 31 51.12 -41.50 10.88
N ILE HA 32 51.29 -40.36 10.22
CA ILE HA 32 51.97 -40.35 8.93
C ILE HA 32 53.48 -40.28 9.05
N GLY HA 33 54.01 -39.81 10.19
CA GLY HA 33 55.46 -39.78 10.28
C GLY HA 33 56.08 -39.34 11.59
N ARG HA 34 57.34 -39.75 11.78
CA ARG HA 34 58.20 -39.24 12.85
C ARG HA 34 59.50 -38.78 12.21
N GLU HA 35 59.99 -37.62 12.65
CA GLU HA 35 61.19 -37.05 12.06
C GLU HA 35 62.12 -36.60 13.17
N PHE HA 36 63.42 -36.85 12.97
CA PHE HA 36 64.44 -36.43 13.93
C PHE HA 36 65.03 -35.12 13.43
N VAL HA 37 64.65 -34.01 14.08
CA VAL HA 37 65.12 -32.70 13.66
C VAL HA 37 66.62 -32.60 13.79
N GLY HA 38 67.17 -33.09 14.90
CA GLY HA 38 68.60 -32.97 15.14
C GLY HA 38 68.79 -32.38 16.52
N GLY HA 39 69.75 -32.95 17.27
CA GLY HA 39 69.94 -32.55 18.64
C GLY HA 39 68.86 -33.03 19.59
N GLY HA 40 68.18 -34.12 19.27
CA GLY HA 40 67.15 -34.68 20.12
C GLY HA 40 65.74 -34.20 19.82
N TYR HA 41 65.59 -33.18 18.96
CA TYR HA 41 64.27 -32.70 18.62
C TYR HA 41 63.56 -33.70 17.72
N VAL HA 42 62.34 -34.10 18.10
CA VAL HA 42 61.56 -35.06 17.35
C VAL HA 42 60.20 -34.45 17.05
N THR HA 43 59.82 -34.48 15.78
CA THR HA 43 58.51 -33.98 15.36
C THR HA 43 57.66 -35.14 14.87
N VAL HA 44 56.44 -35.23 15.40
CA VAL HA 44 55.50 -36.28 15.00
C VAL HA 44 54.39 -35.64 14.19
N LEU HA 45 53.95 -36.35 13.15
CA LEU HA 45 53.02 -35.85 12.15
C LEU HA 45 51.91 -36.88 11.97
N VAL HA 46 50.65 -36.43 12.06
CA VAL HA 46 49.49 -37.27 11.79
C VAL HA 46 48.51 -36.49 10.93
N ARG HA 47 47.67 -37.23 10.22
CA ARG HA 47 46.61 -36.64 9.41
C ARG HA 47 45.25 -37.09 9.92
N GLY HA 48 44.31 -36.16 9.89
CA GLY HA 48 42.94 -36.44 10.27
C GLY HA 48 42.11 -35.19 10.09
N GLU HA 49 40.80 -35.35 10.27
CA GLU HA 49 39.91 -34.21 10.16
C GLU HA 49 40.09 -33.26 11.33
N THR HA 50 39.56 -32.04 11.18
CA THR HA 50 39.94 -30.93 12.04
C THR HA 50 39.61 -31.20 13.50
N GLY HA 51 38.40 -31.67 13.78
CA GLY HA 51 38.01 -31.88 15.17
C GLY HA 51 38.84 -32.96 15.85
N ALA HA 52 39.04 -34.08 15.17
CA ALA HA 52 39.87 -35.14 15.71
C ALA HA 52 41.29 -34.66 15.92
N VAL HA 53 41.83 -33.91 14.96
CA VAL HA 53 43.17 -33.36 15.10
C VAL HA 53 43.25 -32.47 16.34
N ASN HA 54 42.26 -31.58 16.50
CA ASN HA 54 42.26 -30.68 17.65
C ASN HA 54 42.26 -31.46 18.96
N ALA HA 55 41.33 -32.40 19.11
CA ALA HA 55 41.21 -33.12 20.37
C ALA HA 55 42.47 -33.95 20.65
N ALA HA 56 42.95 -34.70 19.66
CA ALA HA 56 44.10 -35.56 19.89
C ALA HA 56 45.36 -34.74 20.16
N VAL HA 57 45.52 -33.62 19.46
CA VAL HA 57 46.69 -32.77 19.70
C VAL HA 57 46.63 -32.18 21.10
N ARG HA 58 45.45 -31.74 21.52
CA ARG HA 58 45.31 -31.25 22.89
C ARG HA 58 45.71 -32.31 23.90
N ALA HA 59 45.20 -33.53 23.72
CA ALA HA 59 45.47 -34.61 24.67
C ALA HA 59 46.95 -34.95 24.71
N GLY HA 60 47.57 -35.09 23.53
CA GLY HA 60 49.00 -35.33 23.49
C GLY HA 60 49.78 -34.21 24.16
N ALA HA 61 49.32 -32.97 24.01
CA ALA HA 61 50.02 -31.84 24.62
C ALA HA 61 50.00 -31.92 26.14
N ASP HA 62 48.81 -32.12 26.74
CA ASP HA 62 48.79 -32.06 28.20
C ASP HA 62 49.28 -33.37 28.80
N ALA HA 63 49.48 -34.39 27.95
CA ALA HA 63 50.15 -35.59 28.43
C ALA HA 63 51.67 -35.45 28.34
N CYS HA 64 52.16 -34.74 27.33
CA CYS HA 64 53.59 -34.67 27.07
C CYS HA 64 54.28 -33.48 27.71
N GLU HA 65 53.52 -32.51 28.23
CA GLU HA 65 54.15 -31.31 28.78
C GLU HA 65 55.10 -31.63 29.94
N ARG HA 66 54.93 -32.79 30.57
CA ARG HA 66 55.71 -33.15 31.75
C ARG HA 66 56.74 -34.24 31.45
N VAL HA 67 56.46 -35.12 30.50
CA VAL HA 67 57.27 -36.31 30.24
C VAL HA 67 58.60 -35.86 29.68
N GLY HA 68 59.69 -36.33 30.29
CA GLY HA 68 61.02 -35.97 29.83
C GLY HA 68 61.25 -34.47 29.91
N ASP HA 69 61.93 -33.95 28.88
CA ASP HA 69 62.11 -32.51 28.80
C ASP HA 69 60.79 -31.78 28.64
N GLY HA 70 59.90 -32.32 27.81
CA GLY HA 70 58.57 -31.76 27.64
C GLY HA 70 58.32 -31.31 26.21
N LEU HA 71 57.13 -30.76 26.03
CA LEU HA 71 56.69 -30.29 24.72
C LEU HA 71 57.53 -29.08 24.29
N VAL HA 72 57.69 -28.92 22.98
CA VAL HA 72 58.38 -27.77 22.41
C VAL HA 72 57.40 -26.90 21.61
N ALA HA 73 56.72 -27.48 20.62
CA ALA HA 73 55.73 -26.78 19.85
C ALA HA 73 54.63 -27.75 19.46
N ALA HA 74 53.38 -27.37 19.72
CA ALA HA 74 52.22 -28.15 19.33
C ALA HA 74 51.35 -27.29 18.43
N HIS HA 75 51.12 -27.76 17.21
CA HIS HA 75 50.46 -26.95 16.20
C HIS HA 75 49.51 -27.82 15.37
N ILE HA 76 48.52 -27.17 14.77
CA ILE HA 76 47.48 -27.86 14.03
C ILE HA 76 47.27 -27.22 12.66
N ILE HA 77 47.75 -27.90 11.61
CA ILE HA 77 47.42 -27.47 10.26
C ILE HA 77 46.10 -28.06 9.84
N ALA HA 78 45.17 -27.21 9.40
CA ALA HA 78 43.90 -27.66 8.89
C ALA HA 78 43.84 -27.72 7.38
N ARG HA 79 44.67 -26.93 6.69
CA ARG HA 79 44.75 -26.94 5.22
C ARG HA 79 46.20 -27.05 4.80
N PRO HA 80 46.75 -28.25 4.77
CA PRO HA 80 48.08 -28.44 4.18
C PRO HA 80 48.02 -28.18 2.68
N HIS HA 81 48.84 -27.24 2.23
CA HIS HA 81 48.84 -26.87 0.82
C HIS HA 81 49.29 -28.03 -0.03
N ARG HA 82 48.79 -28.06 -1.27
CA ARG HA 82 49.04 -29.19 -2.17
C ARG HA 82 50.54 -29.44 -2.34
N GLU HA 83 51.34 -28.38 -2.25
CA GLU HA 83 52.77 -28.51 -2.50
C GLU HA 83 53.53 -28.88 -1.23
N VAL HA 84 52.93 -28.66 -0.05
CA VAL HA 84 53.66 -28.85 1.19
C VAL HA 84 54.07 -30.30 1.39
N GLU HA 85 53.13 -31.24 1.25
CA GLU HA 85 53.46 -32.64 1.49
C GLU HA 85 54.57 -33.17 0.58
N PRO HA 86 54.59 -32.87 -0.72
CA PRO HA 86 55.76 -33.25 -1.51
C PRO HA 86 57.06 -32.67 -0.97
N ALA HA 87 57.04 -31.44 -0.48
CA ALA HA 87 58.18 -30.93 0.26
C ALA HA 87 58.26 -31.49 1.67
N LEU HA 88 57.15 -31.98 2.20
CA LEU HA 88 57.11 -32.62 3.51
C LEU HA 88 57.50 -34.09 3.45
N GLY HA 89 57.62 -34.66 2.24
CA GLY HA 89 57.92 -36.06 2.09
C GLY HA 89 56.73 -36.95 1.84
N ASN HA 90 55.51 -36.38 1.77
CA ASN HA 90 54.30 -37.12 1.44
C ASN HA 90 54.06 -38.28 2.38
N GLY IA 2 59.11 -15.44 -10.92
CA GLY IA 2 60.38 -14.88 -10.55
C GLY IA 2 61.31 -15.88 -9.90
N ILE IA 3 62.61 -15.60 -9.96
CA ILE IA 3 63.63 -16.47 -9.36
C ILE IA 3 64.07 -15.97 -8.00
N ALA IA 4 63.40 -14.95 -7.47
CA ALA IA 4 63.71 -14.48 -6.13
C ALA IA 4 63.55 -15.60 -5.12
N LEU IA 5 64.54 -15.74 -4.24
CA LEU IA 5 64.64 -16.84 -3.30
C LEU IA 5 64.35 -16.34 -1.90
N GLY IA 6 63.25 -16.80 -1.31
CA GLY IA 6 62.94 -16.56 0.08
C GLY IA 6 63.28 -17.79 0.89
N MET IA 7 63.64 -17.59 2.15
CA MET IA 7 64.14 -18.69 2.94
C MET IA 7 64.17 -18.36 4.42
N ILE IA 8 63.69 -19.29 5.25
CA ILE IA 8 63.40 -19.04 6.66
C ILE IA 8 64.02 -20.13 7.51
N GLU IA 9 64.74 -19.74 8.55
CA GLU IA 9 65.34 -20.67 9.50
C GLU IA 9 64.69 -20.53 10.87
N THR IA 10 64.41 -21.66 11.52
CA THR IA 10 63.65 -21.63 12.76
C THR IA 10 64.00 -22.81 13.65
N ARG IA 11 63.54 -22.69 14.90
CA ARG IA 11 63.78 -23.65 15.97
C ARG IA 11 62.98 -24.92 15.69
N GLY IA 12 63.60 -25.88 15.02
CA GLY IA 12 62.96 -27.15 14.77
C GLY IA 12 61.97 -27.10 13.62
N LEU IA 13 61.30 -28.23 13.42
CA LEU IA 13 60.51 -28.47 12.23
C LEU IA 13 59.10 -27.92 12.30
N VAL IA 14 58.51 -27.82 13.50
CA VAL IA 14 57.12 -27.37 13.61
C VAL IA 14 56.95 -25.93 13.13
N PRO IA 15 57.72 -24.96 13.61
CA PRO IA 15 57.61 -23.61 13.03
C PRO IA 15 57.97 -23.58 11.56
N ALA IA 16 58.86 -24.46 11.11
CA ALA IA 16 59.19 -24.52 9.68
C ALA IA 16 57.97 -24.92 8.86
N ILE IA 17 57.21 -25.91 9.33
CA ILE IA 17 56.04 -26.36 8.57
C ILE IA 17 54.95 -25.31 8.60
N GLU IA 18 54.69 -24.72 9.77
CA GLU IA 18 53.66 -23.68 9.78
C GLU IA 18 54.11 -22.47 8.97
N ALA IA 19 55.42 -22.20 8.90
CA ALA IA 19 55.92 -21.13 8.05
C ALA IA 19 55.73 -21.46 6.58
N ALA IA 20 55.91 -22.74 6.22
CA ALA IA 20 55.64 -23.14 4.83
C ALA IA 20 54.15 -23.00 4.51
N ASP IA 21 53.30 -23.30 5.48
CA ASP IA 21 51.87 -23.02 5.34
C ASP IA 21 51.63 -21.55 5.06
N ALA IA 22 52.28 -20.68 5.84
CA ALA IA 22 52.15 -19.24 5.59
C ALA IA 22 52.70 -18.87 4.23
N MET IA 23 53.78 -19.53 3.80
CA MET IA 23 54.32 -19.31 2.46
C MET IA 23 53.26 -19.57 1.41
N THR IA 24 52.61 -20.74 1.49
CA THR IA 24 51.72 -21.17 0.42
C THR IA 24 50.36 -20.50 0.52
N LYS IA 25 50.05 -19.89 1.66
CA LYS IA 25 48.80 -19.15 1.80
C LYS IA 25 48.98 -17.64 1.73
N ALA IA 26 50.20 -17.14 1.64
CA ALA IA 26 50.42 -15.70 1.63
C ALA IA 26 50.59 -15.16 0.22
N ALA IA 27 51.48 -15.76 -0.58
CA ALA IA 27 51.75 -15.25 -1.92
C ALA IA 27 52.26 -16.38 -2.79
N GLU IA 28 52.41 -16.07 -4.08
CA GLU IA 28 52.80 -17.08 -5.06
C GLU IA 28 54.26 -17.46 -4.86
N VAL IA 29 54.49 -18.58 -4.18
CA VAL IA 29 55.82 -19.13 -3.98
C VAL IA 29 55.73 -20.64 -4.17
N ARG IA 30 56.89 -21.25 -4.40
CA ARG IA 30 56.99 -22.69 -4.55
C ARG IA 30 58.08 -23.23 -3.64
N LEU IA 31 57.71 -24.18 -2.79
CA LEU IA 31 58.68 -24.82 -1.90
C LEU IA 31 59.70 -25.61 -2.72
N ILE IA 32 60.92 -25.10 -2.78
CA ILE IA 32 62.02 -25.83 -3.40
C ILE IA 32 62.82 -26.62 -2.39
N GLY IA 33 62.73 -26.30 -1.10
CA GLY IA 33 63.56 -27.01 -0.15
C GLY IA 33 63.08 -27.06 1.29
N ARG IA 34 63.21 -28.22 1.92
CA ARG IA 34 63.01 -28.39 3.35
C ARG IA 34 64.26 -29.04 3.91
N GLU IA 35 65.04 -28.27 4.67
CA GLU IA 35 66.35 -28.72 5.12
C GLU IA 35 66.41 -28.76 6.63
N PHE IA 36 66.94 -29.86 7.16
CA PHE IA 36 67.22 -29.98 8.59
C PHE IA 36 68.72 -29.78 8.75
N VAL IA 37 69.10 -28.58 9.19
CA VAL IA 37 70.51 -28.21 9.26
C VAL IA 37 71.25 -29.12 10.24
N GLY IA 38 70.64 -29.40 11.38
CA GLY IA 38 71.29 -30.14 12.43
C GLY IA 38 71.38 -29.32 13.69
N GLY IA 39 71.22 -29.96 14.85
CA GLY IA 39 71.19 -29.23 16.09
C GLY IA 39 69.92 -28.45 16.33
N GLY IA 40 68.82 -28.83 15.70
CA GLY IA 40 67.53 -28.19 15.92
C GLY IA 40 67.16 -27.12 14.92
N TYR IA 41 68.05 -26.80 13.98
CA TYR IA 41 67.76 -25.77 12.99
C TYR IA 41 67.03 -26.39 11.80
N VAL IA 42 65.94 -25.75 11.35
CA VAL IA 42 65.26 -26.17 10.14
C VAL IA 42 64.99 -24.96 9.26
N THR IA 43 65.28 -25.11 7.97
CA THR IA 43 65.14 -24.03 6.99
C THR IA 43 64.18 -24.45 5.88
N VAL IA 44 63.42 -23.48 5.39
CA VAL IA 44 62.51 -23.66 4.27
C VAL IA 44 62.92 -22.71 3.16
N LEU IA 45 62.89 -23.22 1.92
CA LEU IA 45 63.41 -22.54 0.74
C LEU IA 45 62.28 -22.47 -0.29
N VAL IA 46 61.92 -21.25 -0.69
CA VAL IA 46 60.87 -21.00 -1.66
C VAL IA 46 61.39 -20.05 -2.74
N ARG IA 47 60.75 -20.10 -3.90
CA ARG IA 47 61.09 -19.22 -5.02
C ARG IA 47 59.83 -18.55 -5.56
N GLY IA 48 60.04 -17.39 -6.16
CA GLY IA 48 58.95 -16.66 -6.79
C GLY IA 48 59.37 -15.24 -7.08
N GLU IA 49 58.38 -14.43 -7.45
CA GLU IA 49 58.63 -13.02 -7.72
C GLU IA 49 59.00 -12.29 -6.44
N THR IA 50 59.87 -11.27 -6.61
CA THR IA 50 60.46 -10.57 -5.46
C THR IA 50 59.41 -10.06 -4.49
N GLY IA 51 58.43 -9.30 -4.98
CA GLY IA 51 57.41 -8.76 -4.10
C GLY IA 51 56.57 -9.85 -3.47
N ALA IA 52 56.17 -10.84 -4.27
CA ALA IA 52 55.39 -11.95 -3.73
C ALA IA 52 56.16 -12.69 -2.65
N VAL IA 53 57.43 -12.99 -2.91
CA VAL IA 53 58.22 -13.71 -1.92
C VAL IA 53 58.43 -12.86 -0.68
N ASN IA 54 58.60 -11.56 -0.85
CA ASN IA 54 58.77 -10.69 0.31
C ASN IA 54 57.53 -10.68 1.19
N ALA IA 55 56.36 -10.54 0.57
CA ALA IA 55 55.12 -10.60 1.34
C ALA IA 55 54.97 -11.95 2.01
N ALA IA 56 55.30 -13.02 1.28
CA ALA IA 56 55.14 -14.37 1.82
C ALA IA 56 56.03 -14.57 3.04
N VAL IA 57 57.30 -14.16 2.96
CA VAL IA 57 58.22 -14.36 4.08
C VAL IA 57 57.85 -13.47 5.25
N ARG IA 58 57.36 -12.26 4.99
CA ARG IA 58 56.81 -11.46 6.08
C ARG IA 58 55.72 -12.21 6.81
N ALA IA 59 54.76 -12.75 6.05
CA ALA IA 59 53.66 -13.49 6.67
C ALA IA 59 54.17 -14.70 7.42
N GLY IA 60 55.17 -15.39 6.87
CA GLY IA 60 55.71 -16.56 7.52
C GLY IA 60 56.36 -16.25 8.85
N ALA IA 61 57.18 -15.19 8.90
CA ALA IA 61 57.70 -14.73 10.16
C ALA IA 61 56.58 -14.39 11.12
N ASP IA 62 55.69 -13.49 10.70
CA ASP IA 62 54.61 -13.01 11.57
C ASP IA 62 53.80 -14.17 12.12
N ALA IA 63 53.72 -15.27 11.38
CA ALA IA 63 53.13 -16.49 11.94
C ALA IA 63 54.07 -17.17 12.93
N CYS IA 64 55.38 -17.20 12.65
CA CYS IA 64 56.27 -18.08 13.41
C CYS IA 64 56.67 -17.50 14.76
N GLU IA 65 56.57 -16.18 14.96
CA GLU IA 65 57.05 -15.67 16.26
C GLU IA 65 56.33 -16.31 17.43
N ARG IA 66 55.04 -16.57 17.31
CA ARG IA 66 54.24 -17.07 18.42
C ARG IA 66 54.08 -18.58 18.37
N VAL IA 67 54.80 -19.24 17.46
CA VAL IA 67 54.76 -20.69 17.33
C VAL IA 67 56.05 -21.27 17.87
N GLY IA 68 55.92 -22.14 18.87
CA GLY IA 68 57.07 -22.82 19.42
C GLY IA 68 58.07 -21.87 20.06
N ASP IA 69 59.35 -22.17 19.86
CA ASP IA 69 60.43 -21.43 20.51
C ASP IA 69 60.77 -20.12 19.82
N GLY IA 70 60.21 -19.85 18.65
CA GLY IA 70 60.44 -18.59 17.99
C GLY IA 70 61.31 -18.68 16.75
N LEU IA 71 61.45 -17.55 16.09
CA LEU IA 71 62.23 -17.48 14.87
C LEU IA 71 63.72 -17.38 15.18
N VAL IA 72 64.53 -17.94 14.29
CA VAL IA 72 65.98 -17.86 14.38
C VAL IA 72 66.53 -16.81 13.42
N ALA IA 73 66.30 -17.00 12.12
CA ALA IA 73 66.83 -16.10 11.11
C ALA IA 73 65.91 -16.12 9.91
N ALA IA 74 65.93 -15.03 9.16
CA ALA IA 74 65.04 -14.89 8.01
C ALA IA 74 65.62 -13.88 7.02
N HIS IA 75 65.79 -14.29 5.76
CA HIS IA 75 66.47 -13.43 4.79
C HIS IA 75 65.76 -13.46 3.44
N ILE IA 76 65.97 -12.43 2.64
CA ILE IA 76 65.41 -12.36 1.29
C ILE IA 76 66.52 -12.14 0.26
N ILE IA 77 66.84 -13.18 -0.49
CA ILE IA 77 67.77 -13.07 -1.61
C ILE IA 77 66.97 -12.93 -2.89
N ALA IA 78 67.07 -11.77 -3.54
CA ALA IA 78 66.23 -11.53 -4.71
C ALA IA 78 66.91 -11.97 -6.00
N ARG IA 79 68.25 -12.05 -6.01
CA ARG IA 79 69.00 -12.45 -7.20
C ARG IA 79 69.95 -13.58 -6.84
N PRO IA 80 69.47 -14.81 -6.82
CA PRO IA 80 70.39 -15.96 -6.66
C PRO IA 80 71.25 -16.12 -7.90
N HIS IA 81 72.56 -16.00 -7.70
CA HIS IA 81 73.49 -16.21 -8.81
C HIS IA 81 73.48 -17.67 -9.24
N ARG IA 82 73.85 -17.88 -10.50
CA ARG IA 82 73.92 -19.24 -11.03
C ARG IA 82 74.90 -20.10 -10.24
N GLU IA 83 75.89 -19.47 -9.61
CA GLU IA 83 76.82 -20.22 -8.77
C GLU IA 83 76.15 -20.70 -7.49
N VAL IA 84 75.06 -20.03 -7.08
CA VAL IA 84 74.33 -20.47 -5.90
C VAL IA 84 73.44 -21.68 -6.19
N GLU IA 85 73.04 -21.87 -7.45
CA GLU IA 85 72.13 -22.97 -7.78
C GLU IA 85 72.65 -24.33 -7.31
N PRO IA 86 73.92 -24.68 -7.46
CA PRO IA 86 74.37 -25.98 -6.93
C PRO IA 86 74.20 -26.10 -5.43
N ALA IA 87 74.09 -24.99 -4.71
CA ALA IA 87 73.85 -25.02 -3.27
C ALA IA 87 72.38 -25.21 -2.92
N LEU IA 88 71.51 -25.30 -3.91
CA LEU IA 88 70.08 -25.45 -3.67
C LEU IA 88 69.48 -26.53 -4.55
N GLY JA 2 53.94 -61.03 25.67
CA GLY JA 2 53.86 -59.68 26.20
C GLY JA 2 53.76 -58.63 25.11
N ILE JA 3 52.85 -57.67 25.30
CA ILE JA 3 52.66 -56.58 24.34
C ILE JA 3 52.99 -55.22 24.92
N ALA JA 4 53.17 -55.10 26.24
CA ALA JA 4 53.52 -53.84 26.85
C ALA JA 4 54.89 -53.36 26.39
N LEU JA 5 55.01 -52.05 26.20
CA LEU JA 5 56.22 -51.43 25.66
C LEU JA 5 56.81 -50.48 26.69
N GLY JA 6 58.01 -50.80 27.17
CA GLY JA 6 58.75 -49.92 28.06
C GLY JA 6 59.88 -49.27 27.29
N MET JA 7 60.29 -48.09 27.74
CA MET JA 7 61.24 -47.32 26.96
C MET JA 7 61.76 -46.09 27.70
N ILE JA 8 63.05 -45.79 27.54
CA ILE JA 8 63.68 -44.72 28.30
C ILE JA 8 64.72 -43.99 27.47
N GLU JA 9 65.23 -42.89 28.03
CA GLU JA 9 66.13 -41.94 27.38
C GLU JA 9 67.33 -41.65 28.27
N THR JA 10 68.47 -41.38 27.64
CA THR JA 10 69.69 -41.09 28.39
C THR JA 10 70.72 -40.41 27.49
N ARG JA 11 71.85 -40.09 28.12
CA ARG JA 11 72.94 -39.36 27.47
C ARG JA 11 74.06 -40.34 27.15
N GLY JA 12 74.23 -40.66 25.87
CA GLY JA 12 75.31 -41.53 25.45
C GLY JA 12 74.95 -43.00 25.61
N LEU JA 13 75.92 -43.86 25.26
CA LEU JA 13 75.63 -45.27 25.16
C LEU JA 13 76.01 -46.06 26.42
N VAL JA 14 76.89 -45.53 27.27
CA VAL JA 14 77.21 -46.27 28.50
C VAL JA 14 75.92 -46.46 29.30
N PRO JA 15 75.17 -45.39 29.61
CA PRO JA 15 73.90 -45.60 30.32
C PRO JA 15 72.90 -46.39 29.52
N ALA JA 16 72.86 -46.24 28.20
CA ALA JA 16 71.89 -46.97 27.40
C ALA JA 16 72.14 -48.47 27.46
N ILE JA 17 73.40 -48.88 27.33
CA ILE JA 17 73.73 -50.30 27.34
C ILE JA 17 73.54 -50.89 28.73
N GLU JA 18 73.97 -50.16 29.77
CA GLU JA 18 73.73 -50.71 31.11
C GLU JA 18 72.24 -50.75 31.43
N ALA JA 19 71.46 -49.80 30.90
CA ALA JA 19 70.02 -49.83 31.10
C ALA JA 19 69.40 -51.01 30.38
N ALA JA 20 69.87 -51.34 29.17
CA ALA JA 20 69.39 -52.52 28.48
C ALA JA 20 69.75 -53.79 29.26
N ASP JA 21 70.95 -53.83 29.83
CA ASP JA 21 71.33 -54.97 30.66
C ASP JA 21 70.43 -55.08 31.87
N ALA JA 22 70.09 -53.95 32.49
CA ALA JA 22 69.14 -53.98 33.60
C ALA JA 22 67.76 -54.44 33.14
N MET JA 23 67.35 -54.00 31.94
CA MET JA 23 66.10 -54.47 31.36
C MET JA 23 66.09 -55.99 31.33
N THR JA 24 67.15 -56.57 30.76
CA THR JA 24 67.20 -58.01 30.56
C THR JA 24 67.31 -58.77 31.87
N LYS JA 25 68.13 -58.29 32.81
CA LYS JA 25 68.35 -59.02 34.05
C LYS JA 25 67.15 -58.92 34.98
N ALA JA 26 66.58 -57.73 35.14
CA ALA JA 26 65.47 -57.54 36.07
C ALA JA 26 64.23 -58.32 35.62
N ALA JA 27 63.92 -58.28 34.33
CA ALA JA 27 62.73 -58.95 33.83
C ALA JA 27 63.06 -59.65 32.52
N GLU JA 28 62.32 -60.71 32.24
CA GLU JA 28 62.52 -61.51 31.04
C GLU JA 28 61.68 -60.95 29.91
N VAL JA 29 62.13 -59.80 29.40
CA VAL JA 29 61.48 -59.10 28.30
C VAL JA 29 62.42 -59.12 27.10
N ARG JA 30 61.88 -58.77 25.94
CA ARG JA 30 62.63 -58.73 24.70
C ARG JA 30 62.76 -57.29 24.22
N LEU JA 31 63.99 -56.89 23.88
CA LEU JA 31 64.25 -55.56 23.38
C LEU JA 31 63.94 -55.49 21.89
N ILE JA 32 63.26 -54.41 21.49
CA ILE JA 32 62.86 -54.25 20.10
C ILE JA 32 63.53 -53.08 19.40
N GLY JA 33 64.14 -52.15 20.13
CA GLY JA 33 64.73 -50.99 19.49
C GLY JA 33 65.78 -50.32 20.35
N ARG JA 34 66.81 -49.81 19.68
CA ARG JA 34 67.81 -48.95 20.30
C ARG JA 34 68.03 -47.79 19.35
N GLU JA 35 67.41 -46.65 19.64
CA GLU JA 35 67.31 -45.57 18.68
C GLU JA 35 68.22 -44.41 19.07
N PHE JA 36 68.91 -43.86 18.07
CA PHE JA 36 69.78 -42.70 18.24
C PHE JA 36 68.99 -41.48 17.84
N VAL JA 37 68.43 -40.78 18.82
CA VAL JA 37 67.63 -39.60 18.53
C VAL JA 37 68.48 -38.50 17.91
N GLY JA 38 69.72 -38.36 18.37
CA GLY JA 38 70.60 -37.34 17.84
C GLY JA 38 71.00 -36.33 18.89
N GLY JA 39 72.21 -35.76 18.74
CA GLY JA 39 72.71 -34.83 19.73
C GLY JA 39 72.92 -35.45 21.09
N GLY JA 40 73.43 -36.68 21.14
CA GLY JA 40 73.65 -37.37 22.39
C GLY JA 40 72.43 -38.03 22.98
N TYR JA 41 71.27 -37.86 22.35
CA TYR JA 41 70.04 -38.46 22.86
C TYR JA 41 69.97 -39.93 22.45
N VAL JA 42 69.94 -40.84 23.43
CA VAL JA 42 69.86 -42.27 23.14
C VAL JA 42 68.65 -42.83 23.85
N THR JA 43 67.82 -43.59 23.12
CA THR JA 43 66.64 -44.18 23.73
C THR JA 43 66.62 -45.68 23.49
N VAL JA 44 65.99 -46.39 24.42
CA VAL JA 44 65.86 -47.85 24.34
C VAL JA 44 64.38 -48.21 24.45
N LEU JA 45 64.00 -49.25 23.70
CA LEU JA 45 62.62 -49.67 23.48
C LEU JA 45 62.55 -51.18 23.68
N VAL JA 46 61.89 -51.61 24.75
CA VAL JA 46 61.79 -53.03 25.09
C VAL JA 46 60.32 -53.44 25.14
N ARG JA 47 60.11 -54.75 24.93
CA ARG JA 47 58.79 -55.34 24.81
C ARG JA 47 58.64 -56.47 25.83
N GLY JA 48 57.55 -56.46 26.58
CA GLY JA 48 57.29 -57.49 27.55
C GLY JA 48 55.94 -57.27 28.20
N GLU JA 49 55.61 -58.12 29.17
CA GLU JA 49 54.34 -57.94 29.86
C GLU JA 49 54.44 -56.80 30.86
N THR JA 50 53.27 -56.26 31.23
CA THR JA 50 53.22 -54.98 31.92
C THR JA 50 54.01 -55.00 33.23
N GLY JA 51 53.84 -56.05 34.03
CA GLY JA 51 54.59 -56.14 35.27
C GLY JA 51 56.08 -56.23 35.04
N ALA JA 52 56.49 -57.09 34.10
CA ALA JA 52 57.90 -57.21 33.77
C ALA JA 52 58.45 -55.91 33.20
N VAL JA 53 57.66 -55.25 32.34
CA VAL JA 53 58.08 -53.97 31.79
C VAL JA 53 58.35 -52.97 32.90
N ASN JA 54 57.39 -52.82 33.83
CA ASN JA 54 57.55 -51.84 34.88
C ASN JA 54 58.76 -52.17 35.76
N ALA JA 55 58.89 -53.44 36.16
CA ALA JA 55 60.00 -53.81 37.03
C ALA JA 55 61.34 -53.57 36.36
N ALA JA 56 61.48 -54.00 35.11
CA ALA JA 56 62.73 -53.82 34.40
C ALA JA 56 63.05 -52.34 34.24
N VAL JA 57 62.04 -51.52 33.93
CA VAL JA 57 62.30 -50.11 33.74
C VAL JA 57 62.71 -49.46 35.05
N ARG JA 58 62.08 -49.85 36.16
CA ARG JA 58 62.49 -49.33 37.46
C ARG JA 58 63.94 -49.66 37.73
N ALA JA 59 64.33 -50.92 37.47
CA ALA JA 59 65.71 -51.32 37.72
C ALA JA 59 66.68 -50.53 36.85
N GLY JA 60 66.36 -50.36 35.57
CA GLY JA 60 67.23 -49.59 34.70
C GLY JA 60 67.28 -48.12 35.08
N ALA JA 61 66.15 -47.59 35.55
CA ALA JA 61 66.08 -46.18 35.91
C ALA JA 61 66.94 -45.86 37.11
N ASP JA 62 66.91 -46.72 38.13
CA ASP JA 62 67.74 -46.45 39.30
C ASP JA 62 69.20 -46.78 39.05
N ALA JA 63 69.51 -47.42 37.93
CA ALA JA 63 70.86 -47.89 37.65
C ALA JA 63 71.64 -46.96 36.74
N CYS JA 64 71.17 -45.73 36.50
CA CYS JA 64 71.82 -44.88 35.52
C CYS JA 64 72.15 -43.48 36.02
N GLU JA 65 71.59 -43.04 37.16
CA GLU JA 65 71.93 -41.70 37.63
C GLU JA 65 73.40 -41.56 37.95
N ARG JA 66 73.99 -42.57 38.58
CA ARG JA 66 75.43 -42.58 38.82
C ARG JA 66 76.22 -42.94 37.57
N VAL JA 67 75.54 -43.18 36.46
CA VAL JA 67 76.18 -43.61 35.21
C VAL JA 67 76.16 -42.47 34.23
N GLY JA 68 77.34 -42.00 33.84
CA GLY JA 68 77.44 -40.93 32.86
C GLY JA 68 76.70 -39.68 33.30
N ASP JA 69 75.96 -39.09 32.38
CA ASP JA 69 75.18 -37.90 32.66
C ASP JA 69 73.82 -38.22 33.27
N GLY JA 70 73.50 -39.50 33.41
CA GLY JA 70 72.27 -39.90 34.07
C GLY JA 70 71.07 -39.95 33.15
N LEU JA 71 69.93 -40.27 33.74
CA LEU JA 71 68.68 -40.45 33.02
C LEU JA 71 68.06 -39.11 32.70
N VAL JA 72 67.41 -39.05 31.53
CA VAL JA 72 66.72 -37.84 31.10
C VAL JA 72 65.21 -38.04 31.07
N ALA JA 73 64.73 -39.14 30.50
CA ALA JA 73 63.30 -39.40 30.40
C ALA JA 73 63.02 -40.87 30.64
N ALA JA 74 62.31 -41.17 31.72
CA ALA JA 74 61.87 -42.51 32.04
C ALA JA 74 60.35 -42.59 31.93
N HIS JA 75 59.88 -43.65 31.29
CA HIS JA 75 58.46 -43.80 30.99
C HIS JA 75 58.10 -45.26 30.75
N ILE JA 76 56.89 -45.64 31.15
CA ILE JA 76 56.34 -46.96 30.85
C ILE JA 76 54.93 -46.74 30.30
N ILE JA 77 54.61 -47.46 29.24
CA ILE JA 77 53.25 -47.55 28.75
C ILE JA 77 52.90 -49.03 28.56
N ALA JA 78 51.63 -49.37 28.71
CA ALA JA 78 51.20 -50.75 28.64
C ALA JA 78 50.61 -51.10 27.29
N ARG JA 79 49.65 -50.33 26.78
CA ARG JA 79 48.99 -50.63 25.51
C ARG JA 79 49.27 -49.52 24.51
N PRO JA 80 50.32 -49.65 23.72
CA PRO JA 80 50.49 -48.74 22.58
C PRO JA 80 49.55 -49.11 21.45
N HIS JA 81 49.12 -48.11 20.70
CA HIS JA 81 48.24 -48.34 19.58
C HIS JA 81 49.01 -48.97 18.42
N ARG JA 82 48.27 -49.66 17.56
CA ARG JA 82 48.89 -50.26 16.37
C ARG JA 82 49.46 -49.20 15.44
N GLU JA 83 48.96 -47.96 15.53
CA GLU JA 83 49.49 -46.88 14.72
C GLU JA 83 50.94 -46.56 15.05
N VAL JA 84 51.40 -46.92 16.25
CA VAL JA 84 52.78 -46.64 16.62
C VAL JA 84 53.72 -47.71 16.09
N GLU JA 85 53.20 -48.91 15.82
CA GLU JA 85 54.04 -50.00 15.32
C GLU JA 85 54.80 -49.66 14.04
N PRO JA 86 54.21 -49.04 13.01
CA PRO JA 86 55.02 -48.64 11.86
C PRO JA 86 56.13 -47.68 12.20
N ALA JA 87 55.96 -46.88 13.25
CA ALA JA 87 57.07 -46.09 13.78
C ALA JA 87 58.02 -46.91 14.63
N LEU JA 88 57.80 -48.21 14.72
CA LEU JA 88 58.64 -49.09 15.52
C LEU JA 88 59.15 -50.26 14.66
N GLY KA 2 86.15 -63.82 23.95
CA GLY KA 2 85.68 -63.02 25.07
C GLY KA 2 84.35 -62.36 24.80
N ILE KA 3 83.49 -62.32 25.81
CA ILE KA 3 82.18 -61.70 25.69
C ILE KA 3 82.01 -60.49 26.59
N ALA KA 4 82.95 -60.23 27.49
CA ALA KA 4 82.84 -59.07 28.37
C ALA KA 4 82.92 -57.78 27.56
N LEU KA 5 82.06 -56.83 27.90
CA LEU KA 5 81.96 -55.56 27.19
C LEU KA 5 82.69 -54.46 27.95
N GLY KA 6 83.60 -53.77 27.28
CA GLY KA 6 84.12 -52.50 27.75
C GLY KA 6 83.74 -51.44 26.74
N MET KA 7 83.32 -50.29 27.23
CA MET KA 7 82.82 -49.30 26.29
C MET KA 7 82.68 -47.95 26.96
N ILE KA 8 83.11 -46.91 26.24
CA ILE KA 8 83.47 -45.61 26.79
C ILE KA 8 82.80 -44.51 25.98
N GLU KA 9 82.35 -43.45 26.67
CA GLU KA 9 81.84 -42.24 26.06
C GLU KA 9 82.86 -41.12 26.18
N THR KA 10 82.91 -40.25 25.17
CA THR KA 10 83.76 -39.08 25.24
C THR KA 10 83.23 -38.00 24.31
N ARG KA 11 83.87 -36.84 24.36
CA ARG KA 11 83.51 -35.68 23.55
C ARG KA 11 84.52 -35.57 22.41
N GLY KA 12 84.05 -35.73 21.19
CA GLY KA 12 84.98 -35.77 20.08
C GLY KA 12 85.73 -37.08 20.02
N LEU KA 13 86.09 -37.50 18.80
CA LEU KA 13 86.60 -38.86 18.66
C LEU KA 13 88.09 -38.93 18.95
N VAL KA 14 88.78 -37.81 19.15
CA VAL KA 14 90.20 -37.87 19.46
C VAL KA 14 90.45 -38.53 20.82
N PRO KA 15 89.80 -38.12 21.91
CA PRO KA 15 89.92 -38.92 23.14
C PRO KA 15 89.39 -40.33 22.98
N ALA KA 16 88.42 -40.55 22.08
CA ALA KA 16 87.96 -41.90 21.82
C ALA KA 16 89.05 -42.76 21.21
N ILE KA 17 89.81 -42.21 20.27
CA ILE KA 17 90.94 -42.94 19.69
C ILE KA 17 92.02 -43.17 20.72
N GLU KA 18 92.22 -42.19 21.61
CA GLU KA 18 93.18 -42.41 22.70
C GLU KA 18 92.71 -43.53 23.63
N ALA KA 19 91.41 -43.59 23.91
CA ALA KA 19 90.87 -44.67 24.73
C ALA KA 19 91.03 -46.01 24.04
N ALA KA 20 90.79 -46.05 22.72
CA ALA KA 20 91.01 -47.30 21.98
C ALA KA 20 92.48 -47.67 21.96
N ASP KA 21 93.36 -46.68 21.95
CA ASP KA 21 94.80 -46.95 22.01
C ASP KA 21 95.16 -47.59 23.35
N ALA KA 22 94.59 -47.05 24.43
CA ALA KA 22 94.74 -47.69 25.73
C ALA KA 22 94.14 -49.08 25.73
N MET KA 23 93.05 -49.28 24.98
CA MET KA 23 92.47 -50.61 24.84
C MET KA 23 93.50 -51.57 24.22
N THR KA 24 94.13 -51.14 23.13
CA THR KA 24 94.92 -52.05 22.31
C THR KA 24 96.32 -52.28 22.86
N LYS KA 25 96.87 -51.37 23.65
CA LYS KA 25 98.11 -51.65 24.36
C LYS KA 25 97.96 -51.78 25.87
N ALA KA 26 96.74 -51.92 26.38
CA ALA KA 26 96.59 -52.24 27.80
C ALA KA 26 96.37 -53.73 28.01
N ALA KA 27 95.61 -54.35 27.12
CA ALA KA 27 95.36 -55.79 27.16
C ALA KA 27 94.95 -56.22 25.76
N GLU KA 28 94.97 -57.54 25.54
CA GLU KA 28 94.60 -58.09 24.24
C GLU KA 28 93.09 -58.28 24.22
N VAL KA 29 92.38 -57.23 23.79
CA VAL KA 29 90.93 -57.25 23.68
C VAL KA 29 90.55 -56.73 22.29
N ARG KA 30 89.58 -57.39 21.68
CA ARG KA 30 89.09 -56.99 20.37
C ARG KA 30 88.10 -55.84 20.50
N LEU KA 31 88.15 -54.91 19.56
CA LEU KA 31 87.19 -53.81 19.52
C LEU KA 31 86.04 -54.17 18.60
N ILE KA 32 84.82 -53.91 19.04
CA ILE KA 32 83.66 -54.19 18.21
C ILE KA 32 83.26 -52.99 17.37
N GLY KA 33 83.60 -51.77 17.78
CA GLY KA 33 83.34 -50.64 16.93
C GLY KA 33 83.58 -49.30 17.60
N ARG KA 34 83.57 -48.26 16.78
CA ARG KA 34 83.54 -46.86 17.20
C ARG KA 34 82.37 -46.18 16.50
N GLU KA 35 81.70 -45.28 17.19
CA GLU KA 35 80.45 -44.74 16.69
C GLU KA 35 80.29 -43.28 17.10
N PHE KA 36 79.73 -42.48 16.18
CA PHE KA 36 79.44 -41.07 16.43
C PHE KA 36 78.01 -40.96 16.92
N VAL KA 37 77.87 -40.72 18.23
CA VAL KA 37 76.53 -40.70 18.83
C VAL KA 37 75.69 -39.57 18.26
N GLY KA 38 76.29 -38.40 18.10
CA GLY KA 38 75.56 -37.23 17.68
C GLY KA 38 75.74 -36.09 18.66
N GLY KA 39 75.95 -34.88 18.16
CA GLY KA 39 76.25 -33.77 19.03
C GLY KA 39 77.65 -33.77 19.59
N GLY KA 40 78.55 -34.57 19.02
CA GLY KA 40 79.92 -34.64 19.48
C GLY KA 40 80.23 -35.83 20.37
N TYR KA 41 79.21 -36.47 20.94
CA TYR KA 41 79.44 -37.67 21.73
C TYR KA 41 79.97 -38.79 20.83
N VAL KA 42 81.02 -39.46 21.29
CA VAL KA 42 81.63 -40.56 20.56
C VAL KA 42 81.76 -41.74 21.52
N THR KA 43 81.37 -42.92 21.04
CA THR KA 43 81.40 -44.13 21.86
C THR KA 43 82.32 -45.16 21.24
N VAL KA 44 83.18 -45.75 22.07
CA VAL KA 44 84.06 -46.84 21.64
C VAL KA 44 83.67 -48.10 22.41
N LEU KA 45 83.50 -49.19 21.69
CA LEU KA 45 83.05 -50.45 22.29
C LEU KA 45 84.00 -51.57 21.88
N VAL KA 46 84.49 -52.30 22.86
CA VAL KA 46 85.43 -53.41 22.70
C VAL KA 46 84.92 -54.59 23.50
N ARG KA 47 85.38 -55.78 23.12
CA ARG KA 47 85.04 -57.01 23.80
C ARG KA 47 86.30 -57.74 24.22
N GLY KA 48 86.18 -58.49 25.31
CA GLY KA 48 87.32 -59.26 25.79
C GLY KA 48 86.99 -59.96 27.09
N GLU KA 49 88.02 -60.53 27.70
CA GLU KA 49 87.85 -61.20 28.98
C GLU KA 49 87.67 -60.16 30.09
N THR KA 50 87.03 -60.60 31.18
CA THR KA 50 86.59 -59.67 32.21
C THR KA 50 87.78 -58.94 32.83
N GLY KA 51 88.85 -59.66 33.16
CA GLY KA 51 90.02 -59.01 33.72
C GLY KA 51 90.70 -58.09 32.73
N ALA KA 52 90.87 -58.57 31.49
CA ALA KA 52 91.48 -57.74 30.46
C ALA KA 52 90.63 -56.51 30.17
N VAL KA 53 89.30 -56.69 30.12
CA VAL KA 53 88.40 -55.56 29.89
C VAL KA 53 88.53 -54.55 31.02
N ASN KA 54 88.56 -55.02 32.26
CA ASN KA 54 88.67 -54.12 33.41
C ASN KA 54 89.97 -53.34 33.37
N ALA KA 55 91.08 -54.03 33.12
CA ALA KA 55 92.38 -53.36 33.07
C ALA KA 55 92.43 -52.34 31.94
N ALA KA 56 91.93 -52.72 30.76
CA ALA KA 56 91.93 -51.80 29.64
C ALA KA 56 91.09 -50.56 29.94
N VAL KA 57 89.92 -50.77 30.54
CA VAL KA 57 89.03 -49.64 30.82
C VAL KA 57 89.64 -48.72 31.85
N ARG KA 58 90.29 -49.27 32.88
CA ARG KA 58 90.97 -48.43 33.85
C ARG KA 58 92.10 -47.65 33.19
N ALA KA 59 92.85 -48.29 32.30
CA ALA KA 59 93.91 -47.59 31.59
C ALA KA 59 93.37 -46.45 30.73
N GLY KA 60 92.27 -46.71 30.02
CA GLY KA 60 91.69 -45.67 29.19
C GLY KA 60 91.14 -44.52 30.00
N ALA KA 61 90.52 -44.83 31.14
CA ALA KA 61 90.01 -43.79 32.02
C ALA KA 61 91.16 -42.94 32.57
N ASP KA 62 92.28 -43.58 32.90
CA ASP KA 62 93.43 -42.84 33.39
C ASP KA 62 94.17 -42.10 32.28
N ALA KA 63 93.93 -42.47 31.03
CA ALA KA 63 94.66 -41.86 29.91
C ALA KA 63 93.90 -40.70 29.28
N CYS KA 64 92.68 -40.94 28.80
CA CYS KA 64 92.01 -40.02 27.90
C CYS KA 64 91.23 -38.91 28.62
N GLU KA 65 91.21 -38.89 29.94
CA GLU KA 65 90.37 -37.94 30.67
C GLU KA 65 90.91 -36.52 30.66
N ARG KA 66 92.15 -36.31 30.23
CA ARG KA 66 92.75 -34.98 30.26
C ARG KA 66 92.75 -34.28 28.91
N VAL KA 67 92.47 -35.01 27.83
CA VAL KA 67 92.52 -34.44 26.47
C VAL KA 67 91.17 -33.82 26.17
N GLY KA 68 91.17 -32.51 25.92
CA GLY KA 68 89.92 -31.81 25.67
C GLY KA 68 88.97 -31.97 26.83
N ASP KA 69 87.69 -32.22 26.54
CA ASP KA 69 86.75 -32.59 27.59
C ASP KA 69 87.06 -34.00 28.09
N GLY KA 70 87.42 -34.91 27.19
CA GLY KA 70 87.88 -36.22 27.60
C GLY KA 70 86.74 -37.17 27.93
N LEU KA 71 87.03 -38.03 28.91
CA LEU KA 71 86.10 -39.08 29.30
C LEU KA 71 84.79 -38.49 29.79
N VAL KA 72 83.68 -39.09 29.39
CA VAL KA 72 82.35 -38.71 29.87
C VAL KA 72 81.74 -39.80 30.73
N ALA KA 73 81.81 -41.06 30.26
CA ALA KA 73 81.28 -42.19 31.00
C ALA KA 73 82.13 -43.41 30.72
N ALA KA 74 82.44 -44.17 31.77
CA ALA KA 74 83.30 -45.34 31.64
C ALA KA 74 82.86 -46.38 32.65
N HIS KA 75 82.24 -47.46 32.18
CA HIS KA 75 81.93 -48.59 33.05
C HIS KA 75 81.86 -49.84 32.19
N ILE KA 76 81.94 -50.99 32.86
CA ILE KA 76 82.10 -52.27 32.20
C ILE KA 76 80.86 -53.12 32.44
N ILE KA 77 80.71 -54.14 31.61
CA ILE KA 77 79.71 -55.18 31.79
C ILE KA 77 80.42 -56.52 31.77
N ALA KA 78 80.25 -57.30 32.84
CA ALA KA 78 80.97 -58.56 32.96
C ALA KA 78 80.48 -59.59 31.95
N ARG KA 79 79.21 -59.98 32.06
CA ARG KA 79 78.61 -60.98 31.17
C ARG KA 79 77.31 -60.40 30.64
N PRO KA 80 77.37 -59.66 29.53
CA PRO KA 80 76.15 -59.04 28.99
C PRO KA 80 75.13 -60.08 28.57
N HIS KA 81 73.87 -59.69 28.67
CA HIS KA 81 72.78 -60.60 28.31
C HIS KA 81 72.71 -60.79 26.80
N ARG KA 82 72.18 -61.94 26.38
CA ARG KA 82 72.08 -62.24 24.96
C ARG KA 82 71.14 -61.29 24.24
N GLU KA 83 70.15 -60.76 24.96
CA GLU KA 83 69.24 -59.79 24.37
C GLU KA 83 69.91 -58.44 24.13
N VAL KA 84 70.97 -58.14 24.86
CA VAL KA 84 71.66 -56.86 24.68
C VAL KA 84 72.43 -56.84 23.36
N GLU KA 85 73.09 -57.93 23.00
CA GLU KA 85 74.00 -57.91 21.86
C GLU KA 85 73.37 -57.56 20.51
N PRO KA 86 72.08 -57.76 20.25
CA PRO KA 86 71.51 -57.24 19.00
C PRO KA 86 71.70 -55.75 18.82
N ALA KA 87 71.83 -55.00 19.92
CA ALA KA 87 72.16 -53.58 19.81
C ALA KA 87 73.56 -53.35 19.24
N LEU KA 88 74.39 -54.38 19.20
CA LEU KA 88 75.74 -54.26 18.64
C LEU KA 88 75.81 -54.95 17.29
N GLY LA 2 106.00 -42.77 9.24
CA GLY LA 2 105.06 -43.07 8.18
C GLY LA 2 103.71 -43.54 8.69
N ILE LA 3 103.73 -44.40 9.71
CA ILE LA 3 102.51 -44.94 10.30
C ILE LA 3 102.03 -44.12 11.49
N ALA LA 4 102.80 -43.13 11.92
CA ALA LA 4 102.36 -42.30 13.04
C ALA LA 4 101.10 -41.54 12.66
N LEU LA 5 100.09 -41.61 13.52
CA LEU LA 5 98.78 -41.04 13.28
C LEU LA 5 98.58 -39.85 14.18
N GLY LA 6 98.27 -38.69 13.60
CA GLY LA 6 98.06 -37.46 14.34
C GLY LA 6 96.64 -36.96 14.15
N MET LA 7 96.01 -36.57 15.25
CA MET LA 7 94.62 -36.11 15.25
C MET LA 7 94.57 -34.67 15.73
N ILE LA 8 93.84 -33.83 15.01
CA ILE LA 8 93.63 -32.44 15.40
C ILE LA 8 92.12 -32.21 15.44
N GLU LA 9 91.61 -31.76 16.59
CA GLU LA 9 90.19 -31.62 16.85
C GLU LA 9 89.83 -30.17 17.11
N THR LA 10 88.75 -29.69 16.51
CA THR LA 10 88.33 -28.32 16.72
C THR LA 10 86.82 -28.20 16.59
N ARG LA 11 86.33 -27.05 17.05
CA ARG LA 11 84.93 -26.66 16.91
C ARG LA 11 84.77 -25.96 15.57
N GLY LA 12 84.26 -26.68 14.58
CA GLY LA 12 84.04 -26.10 13.28
C GLY LA 12 85.00 -26.61 12.22
N LEU LA 13 84.78 -26.15 11.00
CA LEU LA 13 85.53 -26.63 9.84
C LEU LA 13 86.67 -25.71 9.47
N VAL LA 14 86.49 -24.39 9.62
CA VAL LA 14 87.50 -23.43 9.20
C VAL LA 14 88.78 -23.67 9.99
N PRO LA 15 88.74 -23.72 11.33
CA PRO LA 15 89.97 -24.07 12.05
C PRO LA 15 90.51 -25.43 11.67
N ALA LA 16 89.62 -26.40 11.43
CA ALA LA 16 90.06 -27.74 11.11
C ALA LA 16 90.93 -27.76 9.85
N ILE LA 17 90.45 -27.16 8.77
CA ILE LA 17 91.21 -27.29 7.54
C ILE LA 17 92.32 -26.26 7.43
N GLU LA 18 92.24 -25.11 8.12
CA GLU LA 18 93.43 -24.28 8.17
C GLU LA 18 94.52 -24.97 8.97
N ALA LA 19 94.14 -25.72 10.02
CA ALA LA 19 95.12 -26.52 10.74
C ALA LA 19 95.67 -27.64 9.86
N ALA LA 20 94.83 -28.20 8.99
CA ALA LA 20 95.32 -29.21 8.05
C ALA LA 20 96.34 -28.60 7.08
N ASP LA 21 96.07 -27.39 6.59
CA ASP LA 21 97.05 -26.70 5.77
C ASP LA 21 98.33 -26.45 6.54
N ALA LA 22 98.21 -26.10 7.82
CA ALA LA 22 99.40 -25.96 8.65
C ALA LA 22 100.15 -27.28 8.77
N MET LA 23 99.41 -28.38 8.92
CA MET LA 23 100.02 -29.71 8.96
C MET LA 23 100.88 -29.94 7.73
N THR LA 24 100.28 -29.74 6.56
CA THR LA 24 100.96 -30.08 5.32
C THR LA 24 102.03 -29.08 4.93
N LYS LA 25 101.98 -27.85 5.46
CA LYS LA 25 102.99 -26.87 5.13
C LYS LA 25 104.17 -26.91 6.08
N ALA LA 26 103.94 -27.12 7.37
CA ALA LA 26 105.04 -27.19 8.33
C ALA LA 26 105.94 -28.39 8.05
N ALA LA 27 105.35 -29.51 7.65
CA ALA LA 27 106.12 -30.71 7.35
C ALA LA 27 105.38 -31.51 6.30
N GLU LA 28 106.10 -32.40 5.64
CA GLU LA 28 105.52 -33.27 4.62
C GLU LA 28 104.86 -34.45 5.34
N VAL LA 29 103.58 -34.29 5.67
CA VAL LA 29 102.79 -35.34 6.29
C VAL LA 29 101.49 -35.47 5.50
N ARG LA 30 101.07 -36.70 5.25
CA ARG LA 30 99.90 -36.94 4.42
C ARG LA 30 98.64 -37.02 5.28
N LEU LA 31 97.69 -36.14 5.00
CA LEU LA 31 96.40 -36.20 5.67
C LEU LA 31 95.57 -37.32 5.06
N ILE LA 32 94.87 -38.06 5.92
CA ILE LA 32 94.11 -39.20 5.47
C ILE LA 32 92.61 -39.03 5.67
N GLY LA 33 92.18 -38.26 6.67
CA GLY LA 33 90.74 -38.14 6.86
C GLY LA 33 90.24 -36.87 7.50
N ARG LA 34 89.10 -36.38 7.03
CA ARG LA 34 88.34 -35.36 7.74
C ARG LA 34 87.08 -36.00 8.29
N GLU LA 35 86.76 -35.72 9.55
CA GLU LA 35 85.63 -36.35 10.22
C GLU LA 35 84.80 -35.28 10.89
N PHE LA 36 83.58 -35.10 10.40
CA PHE LA 36 82.60 -34.22 11.04
C PHE LA 36 81.97 -35.03 12.16
N VAL LA 37 82.43 -34.77 13.38
CA VAL LA 37 82.06 -35.63 14.52
C VAL LA 37 80.57 -35.58 14.77
N GLY LA 38 79.98 -34.39 14.69
CA GLY LA 38 78.58 -34.21 15.00
C GLY LA 38 78.39 -33.03 15.92
N GLY LA 39 77.45 -32.15 15.56
CA GLY LA 39 77.24 -30.96 16.36
C GLY LA 39 78.33 -29.92 16.26
N GLY LA 40 79.24 -30.06 15.31
CA GLY LA 40 80.25 -29.04 15.06
C GLY LA 40 81.68 -29.46 15.25
N TYR LA 41 81.95 -30.51 16.02
CA TYR LA 41 83.31 -31.02 16.13
C TYR LA 41 83.80 -31.56 14.79
N VAL LA 42 84.98 -31.13 14.38
CA VAL LA 42 85.64 -31.63 13.18
C VAL LA 42 87.06 -32.02 13.55
N THR LA 43 87.48 -33.20 13.11
CA THR LA 43 88.82 -33.70 13.37
C THR LA 43 89.50 -34.09 12.08
N VAL LA 44 90.73 -33.63 11.91
CA VAL LA 44 91.58 -34.04 10.80
C VAL LA 44 92.60 -35.04 11.30
N LEU LA 45 92.74 -36.15 10.59
CA LEU LA 45 93.65 -37.23 10.94
C LEU LA 45 94.65 -37.41 9.81
N VAL LA 46 95.94 -37.43 10.17
CA VAL LA 46 97.05 -37.40 9.22
C VAL LA 46 98.03 -38.50 9.59
N ARG LA 47 98.86 -38.86 8.61
CA ARG LA 47 99.89 -39.88 8.78
C ARG LA 47 101.26 -39.31 8.49
N GLY LA 48 102.25 -39.82 9.21
CA GLY LA 48 103.63 -39.41 9.01
C GLY LA 48 104.51 -39.96 10.11
N GLU LA 49 105.78 -39.60 10.03
CA GLU LA 49 106.72 -40.01 11.06
C GLU LA 49 106.59 -39.11 12.28
N THR LA 50 107.20 -39.56 13.39
CA THR LA 50 106.95 -38.94 14.69
C THR LA 50 107.32 -37.46 14.69
N GLY LA 51 108.55 -37.14 14.29
CA GLY LA 51 109.02 -35.77 14.39
C GLY LA 51 108.26 -34.81 13.49
N ALA LA 52 108.04 -35.21 12.23
CA ALA LA 52 107.31 -34.35 11.31
C ALA LA 52 105.89 -34.11 11.79
N VAL LA 53 105.22 -35.17 12.25
CA VAL LA 53 103.86 -35.01 12.76
C VAL LA 53 103.85 -34.10 13.98
N ASN LA 54 104.82 -34.26 14.88
CA ASN LA 54 104.87 -33.43 16.09
C ASN LA 54 105.04 -31.96 15.72
N ALA LA 55 105.99 -31.67 14.84
CA ALA LA 55 106.21 -30.28 14.44
C ALA LA 55 104.97 -29.71 13.75
N ALA LA 56 104.36 -30.50 12.86
CA ALA LA 56 103.19 -30.01 12.14
C ALA LA 56 102.04 -29.72 13.08
N VAL LA 57 101.78 -30.61 14.03
CA VAL LA 57 100.65 -30.41 14.93
C VAL LA 57 100.92 -29.25 15.88
N ARG LA 58 102.17 -29.08 16.30
CA ARG LA 58 102.50 -27.91 17.12
C ARG LA 58 102.24 -26.62 16.33
N ALA LA 59 102.65 -26.58 15.07
CA ALA LA 59 102.41 -25.39 14.26
C ALA LA 59 100.92 -25.14 14.07
N GLY LA 60 100.15 -26.19 13.81
CA GLY LA 60 98.72 -26.03 13.63
C GLY LA 60 98.03 -25.55 14.89
N ALA LA 61 98.42 -26.09 16.05
CA ALA LA 61 97.85 -25.62 17.30
C ALA LA 61 98.20 -24.16 17.54
N ASP LA 62 99.44 -23.77 17.23
CA ASP LA 62 99.83 -22.37 17.39
C ASP LA 62 99.11 -21.46 16.40
N ALA LA 63 98.64 -22.00 15.28
CA ALA LA 63 97.92 -21.20 14.30
C ALA LA 63 96.42 -21.43 14.29
N CYS LA 64 95.88 -22.14 15.28
CA CYS LA 64 94.47 -22.52 15.25
C CYS LA 64 93.62 -21.84 16.31
N GLU LA 65 94.24 -21.24 17.33
CA GLU LA 65 93.50 -20.81 18.51
C GLU LA 65 92.48 -19.71 18.19
N ARG LA 66 92.81 -18.80 17.27
CA ARG LA 66 91.96 -17.65 17.02
C ARG LA 66 90.96 -17.88 15.89
N VAL LA 67 91.05 -19.00 15.19
CA VAL LA 67 90.12 -19.29 14.11
C VAL LA 67 88.86 -19.89 14.71
N GLY LA 68 87.72 -19.26 14.46
CA GLY LA 68 86.50 -19.64 15.16
C GLY LA 68 86.70 -19.45 16.64
N ASP LA 69 86.36 -20.46 17.42
CA ASP LA 69 86.72 -20.48 18.84
C ASP LA 69 88.02 -21.23 19.09
N GLY LA 70 88.61 -21.84 18.07
CA GLY LA 70 89.93 -22.44 18.19
C GLY LA 70 89.89 -23.95 18.40
N LEU LA 71 91.05 -24.46 18.77
CA LEU LA 71 91.24 -25.89 18.99
C LEU LA 71 90.40 -26.38 20.17
N VAL LA 72 90.03 -27.65 20.12
CA VAL LA 72 89.38 -28.33 21.23
C VAL LA 72 90.30 -29.38 21.84
N ALA LA 73 90.98 -30.15 21.01
CA ALA LA 73 91.92 -31.15 21.48
C ALA LA 73 92.95 -31.43 20.39
N ALA LA 74 94.15 -31.79 20.82
CA ALA LA 74 95.23 -32.15 19.89
C ALA LA 74 96.28 -32.93 20.65
N HIS LA 75 96.49 -34.18 20.28
CA HIS LA 75 97.54 -34.99 20.88
C HIS LA 75 98.03 -36.01 19.86
N ILE LA 76 99.16 -36.64 20.17
CA ILE LA 76 99.87 -37.46 19.21
C ILE LA 76 100.14 -38.84 19.80
N ILE LA 77 100.04 -39.85 18.95
CA ILE LA 77 100.45 -41.20 19.27
C ILE LA 77 101.49 -41.62 18.24
N ALA LA 78 102.64 -42.13 18.72
CA ALA LA 78 103.73 -42.46 17.82
C ALA LA 78 103.42 -43.71 17.00
N ARG LA 79 103.01 -44.79 17.66
CA ARG LA 79 102.84 -46.10 17.02
C ARG LA 79 101.46 -46.65 17.33
N PRO LA 80 100.43 -46.14 16.66
CA PRO LA 80 99.10 -46.73 16.82
C PRO LA 80 99.09 -48.17 16.32
N HIS LA 81 98.33 -49.01 17.02
CA HIS LA 81 98.31 -50.43 16.68
C HIS LA 81 97.48 -50.68 15.43
N ARG LA 82 97.73 -51.82 14.78
CA ARG LA 82 97.09 -52.11 13.50
C ARG LA 82 95.59 -52.30 13.62
N GLU LA 83 95.12 -52.98 14.66
CA GLU LA 83 93.70 -53.29 14.73
C GLU LA 83 92.83 -52.05 14.80
N VAL LA 84 93.39 -50.92 15.24
CA VAL LA 84 92.62 -49.68 15.26
C VAL LA 84 92.36 -49.16 13.85
N GLU LA 85 93.26 -49.41 12.91
CA GLU LA 85 93.14 -48.88 11.55
C GLU LA 85 91.80 -49.18 10.86
N PRO LA 86 91.23 -50.39 10.95
CA PRO LA 86 89.89 -50.60 10.35
C PRO LA 86 88.83 -49.68 10.92
N ALA LA 87 89.03 -49.12 12.11
CA ALA LA 87 88.12 -48.13 12.66
C ALA LA 87 88.43 -46.72 12.17
N LEU LA 88 89.46 -46.55 11.35
CA LEU LA 88 89.79 -45.24 10.79
C LEU LA 88 89.07 -45.03 9.47
N GLY MA 2 93.10 -18.88 -10.30
CA GLY MA 2 93.04 -18.51 -8.90
C GLY MA 2 92.68 -19.67 -8.00
N ILE MA 3 93.69 -20.23 -7.32
CA ILE MA 3 93.48 -21.37 -6.44
C ILE MA 3 93.27 -20.97 -4.99
N ALA MA 4 93.31 -19.68 -4.67
CA ALA MA 4 93.11 -19.24 -3.30
C ALA MA 4 91.72 -19.63 -2.82
N LEU MA 5 91.66 -20.19 -1.61
CA LEU MA 5 90.43 -20.69 -1.03
C LEU MA 5 89.95 -19.74 0.04
N GLY MA 6 88.75 -19.20 -0.16
CA GLY MA 6 88.06 -18.43 0.87
C GLY MA 6 86.89 -19.25 1.39
N MET MA 7 86.47 -18.96 2.61
CA MET MA 7 85.44 -19.79 3.21
C MET MA 7 84.85 -19.08 4.42
N ILE MA 8 83.57 -19.30 4.65
CA ILE MA 8 82.81 -18.64 5.70
C ILE MA 8 82.08 -19.69 6.52
N GLU MA 9 82.17 -19.56 7.84
CA GLU MA 9 81.47 -20.42 8.79
C GLU MA 9 80.33 -19.63 9.42
N THR MA 10 79.14 -20.21 9.41
CA THR MA 10 77.94 -19.54 9.90
C THR MA 10 77.22 -20.42 10.91
N ARG MA 11 76.75 -19.78 11.97
CA ARG MA 11 75.81 -20.41 12.91
C ARG MA 11 74.45 -20.50 12.22
N GLY MA 12 74.18 -21.62 11.57
CA GLY MA 12 72.94 -21.80 10.85
C GLY MA 12 73.11 -21.66 9.36
N LEU MA 13 71.98 -21.76 8.66
CA LEU MA 13 71.94 -21.82 7.21
C LEU MA 13 71.56 -20.52 6.55
N VAL MA 14 70.81 -19.65 7.21
CA VAL MA 14 70.48 -18.34 6.63
C VAL MA 14 71.75 -17.51 6.38
N PRO MA 15 72.60 -17.25 7.37
CA PRO MA 15 73.83 -16.51 7.05
C PRO MA 15 74.74 -17.25 6.10
N ALA MA 16 74.64 -18.58 6.04
CA ALA MA 16 75.47 -19.34 5.11
C ALA MA 16 75.23 -18.91 3.68
N ILE MA 17 74.01 -19.12 3.17
CA ILE MA 17 73.71 -18.72 1.81
C ILE MA 17 73.63 -17.21 1.65
N GLU MA 18 73.38 -16.46 2.72
CA GLU MA 18 73.57 -15.01 2.62
C GLU MA 18 75.00 -14.66 2.22
N ALA MA 19 75.97 -15.21 2.95
CA ALA MA 19 77.36 -14.96 2.63
C ALA MA 19 77.74 -15.54 1.28
N ALA MA 20 77.14 -16.67 0.91
CA ALA MA 20 77.41 -17.26 -0.40
C ALA MA 20 76.94 -16.33 -1.51
N ASP MA 21 75.77 -15.72 -1.36
CA ASP MA 21 75.29 -14.76 -2.34
C ASP MA 21 76.19 -13.53 -2.36
N ALA MA 22 76.64 -13.08 -1.19
CA ALA MA 22 77.60 -11.98 -1.15
C ALA MA 22 78.87 -12.34 -1.91
N MET MA 23 79.35 -13.57 -1.73
CA MET MA 23 80.56 -14.03 -2.41
C MET MA 23 80.37 -13.98 -3.92
N THR MA 24 79.29 -14.64 -4.38
CA THR MA 24 79.03 -14.79 -5.80
C THR MA 24 78.55 -13.51 -6.46
N LYS MA 25 78.24 -12.48 -5.69
CA LYS MA 25 77.94 -11.18 -6.26
C LYS MA 25 79.11 -10.21 -6.17
N ALA MA 26 80.08 -10.47 -5.29
CA ALA MA 26 81.17 -9.52 -5.10
C ALA MA 26 82.25 -9.66 -6.17
N ALA MA 27 82.94 -10.80 -6.21
CA ALA MA 27 84.11 -10.96 -7.05
C ALA MA 27 84.18 -12.38 -7.58
N GLU MA 28 85.27 -12.69 -8.29
CA GLU MA 28 85.44 -13.98 -8.94
C GLU MA 28 85.65 -15.06 -7.88
N VAL MA 29 84.61 -15.87 -7.66
CA VAL MA 29 84.66 -16.98 -6.71
C VAL MA 29 83.98 -18.18 -7.33
N ARG MA 30 84.51 -19.36 -7.05
CA ARG MA 30 83.92 -20.62 -7.48
C ARG MA 30 83.48 -21.40 -6.25
N LEU MA 31 82.18 -21.44 -6.00
CA LEU MA 31 81.65 -22.14 -4.84
C LEU MA 31 81.82 -23.64 -5.02
N ILE MA 32 82.82 -24.20 -4.35
CA ILE MA 32 83.07 -25.63 -4.42
C ILE MA 32 82.53 -26.36 -3.19
N GLY MA 33 82.50 -25.72 -2.02
CA GLY MA 33 82.07 -26.40 -0.82
C GLY MA 33 80.79 -25.84 -0.23
N ARG MA 34 79.79 -26.70 -0.03
CA ARG MA 34 78.52 -26.34 0.58
C ARG MA 34 78.22 -27.38 1.66
N GLU MA 35 78.79 -27.17 2.85
CA GLU MA 35 78.83 -28.23 3.85
C GLU MA 35 77.92 -27.88 5.03
N PHE MA 36 76.94 -28.75 5.28
CA PHE MA 36 76.13 -28.68 6.50
C PHE MA 36 76.82 -29.54 7.53
N VAL MA 37 77.74 -28.94 8.29
CA VAL MA 37 78.53 -29.70 9.25
C VAL MA 37 77.64 -30.30 10.33
N GLY MA 38 76.73 -29.52 10.87
CA GLY MA 38 75.87 -29.99 11.94
C GLY MA 38 76.00 -29.16 13.19
N GLY MA 39 74.98 -29.22 14.06
CA GLY MA 39 74.99 -28.41 15.26
C GLY MA 39 74.94 -26.92 15.00
N GLY MA 40 74.40 -26.50 13.86
CA GLY MA 40 74.32 -25.11 13.51
C GLY MA 40 75.48 -24.58 12.69
N TYR MA 41 76.54 -25.36 12.52
CA TYR MA 41 77.69 -24.92 11.75
C TYR MA 41 77.50 -25.26 10.28
N VAL MA 42 77.50 -24.23 9.42
CA VAL MA 42 77.42 -24.42 7.99
C VAL MA 42 78.57 -23.66 7.34
N THR MA 43 79.25 -24.31 6.40
CA THR MA 43 80.43 -23.74 5.76
C THR MA 43 80.18 -23.55 4.27
N VAL MA 44 80.60 -22.40 3.77
CA VAL MA 44 80.64 -22.13 2.33
C VAL MA 44 82.08 -21.92 1.93
N LEU MA 45 82.47 -22.54 0.82
CA LEU MA 45 83.86 -22.59 0.38
C LEU MA 45 83.95 -22.23 -1.09
N VAL MA 46 84.66 -21.14 -1.38
CA VAL MA 46 84.82 -20.62 -2.73
C VAL MA 46 86.28 -20.57 -3.09
N ARG MA 47 86.56 -20.58 -4.40
CA ARG MA 47 87.91 -20.58 -4.93
C ARG MA 47 88.07 -19.43 -5.91
N GLY MA 48 89.27 -18.87 -5.97
CA GLY MA 48 89.53 -17.80 -6.91
C GLY MA 48 90.84 -17.10 -6.59
N GLU MA 49 91.00 -15.93 -7.21
CA GLU MA 49 92.19 -15.12 -7.02
C GLU MA 49 92.26 -14.57 -5.59
N THR MA 50 93.49 -14.39 -5.11
CA THR MA 50 93.70 -14.01 -3.71
C THR MA 50 92.99 -12.71 -3.37
N GLY MA 51 93.22 -11.65 -4.16
CA GLY MA 51 92.60 -10.38 -3.86
C GLY MA 51 91.09 -10.43 -4.00
N ALA MA 52 90.60 -11.12 -5.03
CA ALA MA 52 89.16 -11.27 -5.19
C ALA MA 52 88.56 -11.99 -3.99
N VAL MA 53 89.21 -13.06 -3.54
CA VAL MA 53 88.72 -13.80 -2.38
C VAL MA 53 88.71 -12.91 -1.14
N ASN MA 54 89.79 -12.16 -0.94
CA ASN MA 54 89.89 -11.30 0.24
C ASN MA 54 88.77 -10.26 0.27
N ALA MA 55 88.62 -9.53 -0.84
CA ALA MA 55 87.57 -8.52 -0.89
C ALA MA 55 86.19 -9.14 -0.73
N ALA MA 56 85.96 -10.28 -1.39
CA ALA MA 56 84.66 -10.93 -1.30
C ALA MA 56 84.34 -11.33 0.13
N VAL MA 57 85.28 -11.98 0.82
CA VAL MA 57 84.99 -12.46 2.16
C VAL MA 57 84.81 -11.29 3.12
N ARG MA 58 85.62 -10.23 2.95
CA ARG MA 58 85.44 -9.07 3.82
C ARG MA 58 84.05 -8.47 3.64
N ALA MA 59 83.63 -8.28 2.38
CA ALA MA 59 82.30 -7.72 2.13
C ALA MA 59 81.22 -8.64 2.66
N GLY MA 60 81.36 -9.94 2.44
CA GLY MA 60 80.33 -10.87 2.88
C GLY MA 60 80.16 -10.91 4.37
N ALA MA 61 81.28 -10.99 5.11
CA ALA MA 61 81.20 -10.99 6.56
C ALA MA 61 80.63 -9.67 7.08
N ASP MA 62 81.13 -8.54 6.54
CA ASP MA 62 80.67 -7.24 7.00
C ASP MA 62 79.23 -6.96 6.59
N ALA MA 63 78.70 -7.76 5.67
CA ALA MA 63 77.27 -7.66 5.38
C ALA MA 63 76.45 -8.56 6.30
N CYS MA 64 76.92 -9.79 6.53
CA CYS MA 64 76.10 -10.82 7.12
C CYS MA 64 76.27 -10.98 8.63
N GLU MA 65 77.11 -10.18 9.29
CA GLU MA 65 77.28 -10.38 10.73
C GLU MA 65 75.96 -10.17 11.46
N ARG MA 66 75.15 -9.22 11.00
CA ARG MA 66 73.97 -8.74 11.71
C ARG MA 66 72.72 -9.53 11.42
N VAL MA 67 72.77 -10.50 10.51
CA VAL MA 67 71.61 -11.31 10.15
C VAL MA 67 71.66 -12.59 10.95
N GLY MA 68 70.52 -12.99 11.52
CA GLY MA 68 70.49 -14.19 12.32
C GLY MA 68 71.29 -14.00 13.59
N ASP MA 69 71.99 -15.05 13.99
CA ASP MA 69 72.80 -15.03 15.20
C ASP MA 69 74.28 -14.82 14.93
N GLY MA 70 74.68 -14.65 13.68
CA GLY MA 70 76.01 -14.17 13.36
C GLY MA 70 76.90 -15.23 12.73
N LEU MA 71 78.11 -14.79 12.39
CA LEU MA 71 79.15 -15.57 11.76
C LEU MA 71 80.13 -16.08 12.80
N VAL MA 72 80.93 -17.09 12.43
CA VAL MA 72 81.89 -17.70 13.34
C VAL MA 72 83.32 -17.35 12.97
N ALA MA 73 83.77 -17.76 11.78
CA ALA MA 73 85.15 -17.57 11.38
C ALA MA 73 85.22 -17.03 9.97
N ALA MA 74 86.21 -16.16 9.72
CA ALA MA 74 86.40 -15.57 8.41
C ALA MA 74 87.90 -15.30 8.21
N HIS MA 75 88.59 -16.22 7.56
CA HIS MA 75 89.97 -16.01 7.16
C HIS MA 75 90.22 -16.77 5.87
N ILE MA 76 91.38 -16.52 5.27
CA ILE MA 76 91.67 -16.93 3.91
C ILE MA 76 92.83 -17.91 3.90
N ILE MA 77 92.70 -18.96 3.10
CA ILE MA 77 93.80 -19.88 2.81
C ILE MA 77 94.46 -19.37 1.52
N ALA MA 78 95.64 -18.76 1.66
CA ALA MA 78 96.29 -18.15 0.51
C ALA MA 78 96.71 -19.20 -0.51
N ARG MA 79 97.37 -20.27 -0.07
CA ARG MA 79 97.86 -21.31 -0.95
C ARG MA 79 97.40 -22.66 -0.42
N PRO MA 80 96.20 -23.11 -0.79
CA PRO MA 80 95.77 -24.46 -0.43
C PRO MA 80 96.72 -25.49 -1.01
N HIS MA 81 96.93 -26.56 -0.26
CA HIS MA 81 97.98 -27.52 -0.60
C HIS MA 81 97.46 -28.56 -1.60
N ARG MA 82 98.37 -29.38 -2.08
CA ARG MA 82 98.08 -30.31 -3.18
C ARG MA 82 97.26 -31.50 -2.74
N GLU MA 83 97.03 -31.70 -1.44
CA GLU MA 83 96.20 -32.81 -0.97
C GLU MA 83 95.03 -32.35 -0.11
N VAL MA 84 94.73 -31.05 -0.10
CA VAL MA 84 93.54 -30.60 0.63
C VAL MA 84 92.29 -30.83 -0.21
N GLU MA 85 92.44 -31.00 -1.52
CA GLU MA 85 91.30 -31.20 -2.41
C GLU MA 85 90.38 -32.34 -2.00
N PRO MA 86 90.85 -33.49 -1.51
CA PRO MA 86 89.90 -34.50 -1.01
C PRO MA 86 88.99 -33.97 0.08
N ALA MA 87 89.42 -32.97 0.84
CA ALA MA 87 88.57 -32.29 1.81
C ALA MA 87 87.71 -31.21 1.18
N LEU MA 88 87.82 -31.01 -0.13
CA LEU MA 88 87.06 -29.96 -0.81
C LEU MA 88 86.02 -30.56 -1.74
N MET NA 1 45.16 14.65 -33.40
CA MET NA 1 45.75 15.26 -34.58
C MET NA 1 45.78 16.78 -34.41
N GLY NA 2 45.26 17.24 -33.27
CA GLY NA 2 45.30 18.67 -32.98
C GLY NA 2 46.73 19.18 -32.95
N ILE NA 3 46.93 20.35 -33.53
CA ILE NA 3 48.27 20.91 -33.66
C ILE NA 3 48.58 21.79 -32.47
N ALA NA 4 47.75 21.70 -31.43
CA ALA NA 4 48.03 22.41 -30.19
C ALA NA 4 49.33 21.88 -29.58
N LEU NA 5 50.21 22.78 -29.17
CA LEU NA 5 51.54 22.44 -28.70
C LEU NA 5 51.61 22.54 -27.18
N GLY NA 6 52.23 21.55 -26.56
CA GLY NA 6 52.46 21.57 -25.12
C GLY NA 6 53.88 21.19 -24.79
N MET NA 7 54.37 21.69 -23.68
CA MET NA 7 55.74 21.48 -23.22
C MET NA 7 55.78 21.13 -21.74
N ILE NA 8 56.85 20.44 -21.36
CA ILE NA 8 57.40 20.45 -20.00
C ILE NA 8 58.91 20.62 -20.12
N GLU NA 9 59.45 21.63 -19.46
CA GLU NA 9 60.90 21.85 -19.40
C GLU NA 9 61.35 21.69 -17.96
N THR NA 10 62.38 20.87 -17.74
CA THR NA 10 62.78 20.52 -16.40
C THR NA 10 64.29 20.58 -16.22
N ARG NA 11 64.69 20.81 -14.97
CA ARG NA 11 66.06 20.69 -14.50
C ARG NA 11 66.37 19.22 -14.27
N GLY NA 12 66.81 18.52 -15.31
CA GLY NA 12 67.08 17.11 -15.20
C GLY NA 12 66.09 16.26 -15.97
N LEU NA 13 66.49 15.02 -16.24
CA LEU NA 13 65.71 14.13 -17.09
C LEU NA 13 64.64 13.37 -16.30
N VAL NA 14 64.85 13.14 -15.01
CA VAL NA 14 63.85 12.42 -14.22
C VAL NA 14 62.51 13.14 -14.20
N PRO NA 15 62.44 14.43 -13.85
CA PRO NA 15 61.14 15.12 -13.97
C PRO NA 15 60.62 15.14 -15.37
N ALA NA 16 61.49 15.17 -16.38
CA ALA NA 16 61.03 15.14 -17.76
C ALA NA 16 60.30 13.85 -18.09
N ILE NA 17 60.87 12.71 -17.71
CA ILE NA 17 60.24 11.44 -18.02
C ILE NA 17 58.98 11.25 -17.19
N GLU NA 18 59.00 11.69 -15.93
CA GLU NA 18 57.78 11.62 -15.14
C GLU NA 18 56.68 12.49 -15.74
N ALA NA 19 57.05 13.68 -16.22
CA ALA NA 19 56.09 14.57 -16.84
C ALA NA 19 55.53 13.96 -18.11
N ALA NA 20 56.37 13.29 -18.92
CA ALA NA 20 55.87 12.63 -20.13
C ALA NA 20 54.93 11.49 -19.79
N ASP NA 21 55.25 10.73 -18.74
CA ASP NA 21 54.34 9.71 -18.25
C ASP NA 21 52.99 10.31 -17.90
N ALA NA 22 53.02 11.43 -17.19
CA ALA NA 22 51.77 12.11 -16.84
C ALA NA 22 51.08 12.66 -18.08
N MET NA 23 51.86 13.07 -19.09
CA MET NA 23 51.28 13.53 -20.35
C MET NA 23 50.40 12.44 -20.94
N THR NA 24 50.97 11.25 -21.07
CA THR NA 24 50.25 10.15 -21.70
C THR NA 24 49.13 9.61 -20.82
N LYS NA 25 49.30 9.62 -19.50
CA LYS NA 25 48.25 9.10 -18.62
C LYS NA 25 47.18 10.14 -18.30
N ALA NA 26 47.37 11.39 -18.70
CA ALA NA 26 46.42 12.44 -18.33
C ALA NA 26 45.41 12.70 -19.43
N ALA NA 27 45.86 12.91 -20.66
CA ALA NA 27 44.98 13.21 -21.78
C ALA NA 27 45.63 12.71 -23.06
N GLU NA 28 44.90 12.79 -24.16
CA GLU NA 28 45.42 12.33 -25.44
C GLU NA 28 46.46 13.33 -25.94
N VAL NA 29 47.67 12.84 -26.19
CA VAL NA 29 48.77 13.63 -26.71
C VAL NA 29 49.66 12.72 -27.54
N ARG NA 30 50.30 13.29 -28.55
CA ARG NA 30 51.36 12.62 -29.28
C ARG NA 30 52.68 13.28 -28.92
N LEU NA 31 53.66 12.46 -28.52
CA LEU NA 31 54.98 12.96 -28.16
C LEU NA 31 55.81 13.10 -29.44
N ILE NA 32 56.27 14.31 -29.71
CA ILE NA 32 57.16 14.55 -30.83
C ILE NA 32 58.59 14.81 -30.39
N GLY NA 33 58.81 15.52 -29.29
CA GLY NA 33 60.18 15.84 -28.94
C GLY NA 33 60.59 15.49 -27.54
N ARG NA 34 61.70 14.77 -27.40
CA ARG NA 34 62.43 14.66 -26.15
C ARG NA 34 63.83 15.14 -26.48
N GLU NA 35 64.24 16.25 -25.88
CA GLU NA 35 65.49 16.88 -26.27
C GLU NA 35 66.28 17.30 -25.04
N PHE NA 36 67.55 16.92 -25.01
CA PHE NA 36 68.48 17.34 -23.96
C PHE NA 36 69.03 18.70 -24.36
N VAL NA 37 68.52 19.76 -23.73
CA VAL NA 37 68.98 21.10 -24.07
C VAL NA 37 70.46 21.25 -23.77
N GLY NA 38 70.90 20.67 -22.68
CA GLY NA 38 72.28 20.78 -22.23
C GLY NA 38 72.35 21.24 -20.79
N GLY NA 39 73.31 20.68 -20.06
CA GLY NA 39 73.51 21.07 -18.67
C GLY NA 39 72.37 20.71 -17.75
N GLY NA 40 71.50 19.78 -18.15
CA GLY NA 40 70.39 19.36 -17.31
C GLY NA 40 69.02 19.85 -17.74
N TYR NA 41 68.94 20.86 -18.59
CA TYR NA 41 67.65 21.25 -19.15
C TYR NA 41 67.16 20.17 -20.11
N VAL NA 42 66.02 19.58 -19.79
CA VAL NA 42 65.41 18.55 -20.63
C VAL NA 42 64.01 19.01 -20.99
N THR NA 43 63.69 18.93 -22.28
CA THR NA 43 62.39 19.37 -22.78
C THR NA 43 61.64 18.22 -23.39
N VAL NA 44 60.36 18.11 -23.02
CA VAL NA 44 59.42 17.19 -23.66
C VAL NA 44 58.32 18.03 -24.31
N LEU NA 45 58.08 17.77 -25.59
CA LEU NA 45 57.15 18.54 -26.41
C LEU NA 45 56.15 17.58 -27.05
N VAL NA 46 54.87 17.84 -26.81
CA VAL NA 46 53.77 17.02 -27.29
C VAL NA 46 52.81 17.89 -28.07
N ARG NA 47 51.94 17.23 -28.83
CA ARG NA 47 50.94 17.91 -29.64
C ARG NA 47 49.60 17.20 -29.49
N GLY NA 48 48.53 17.96 -29.70
CA GLY NA 48 47.20 17.39 -29.60
C GLY NA 48 46.15 18.48 -29.52
N GLU NA 49 44.96 18.06 -29.06
CA GLU NA 49 43.84 18.96 -28.88
C GLU NA 49 44.13 19.97 -27.77
N THR NA 50 43.62 21.19 -27.96
CA THR NA 50 43.96 22.30 -27.08
C THR NA 50 43.62 22.00 -25.63
N GLY NA 51 42.38 21.59 -25.37
CA GLY NA 51 42.01 21.22 -24.02
C GLY NA 51 42.76 20.00 -23.52
N ALA NA 52 42.94 19.00 -24.40
CA ALA NA 52 43.70 17.83 -24.03
C ALA NA 52 45.14 18.19 -23.67
N VAL NA 53 45.77 19.02 -24.50
CA VAL NA 53 47.14 19.43 -24.22
C VAL NA 53 47.20 20.23 -22.92
N ASN NA 54 46.23 21.12 -22.71
CA ASN NA 54 46.20 21.90 -21.48
C ASN NA 54 46.14 21.00 -20.26
N ALA NA 55 45.17 20.06 -20.25
CA ALA NA 55 45.03 19.19 -19.10
C ALA NA 55 46.26 18.32 -18.91
N ALA NA 56 46.83 17.81 -20.00
CA ALA NA 56 47.99 16.94 -19.90
C ALA NA 56 49.17 17.68 -19.30
N VAL NA 57 49.49 18.87 -19.83
CA VAL NA 57 50.65 19.60 -19.34
C VAL NA 57 50.42 20.04 -17.90
N ARG NA 58 49.18 20.38 -17.55
CA ARG NA 58 48.90 20.74 -16.17
C ARG NA 58 49.16 19.58 -15.23
N ALA NA 59 48.64 18.39 -15.56
CA ALA NA 59 48.84 17.24 -14.70
C ALA NA 59 50.32 16.88 -14.60
N GLY NA 60 51.04 16.95 -15.71
CA GLY NA 60 52.46 16.67 -15.67
C GLY NA 60 53.23 17.65 -14.80
N ALA NA 61 52.94 18.94 -14.96
CA ALA NA 61 53.62 19.95 -14.15
C ALA NA 61 53.32 19.76 -12.67
N ASP NA 62 52.07 19.40 -12.35
CA ASP NA 62 51.73 19.12 -10.96
C ASP NA 62 52.49 17.91 -10.43
N ALA NA 63 52.63 16.87 -11.26
CA ALA NA 63 53.26 15.65 -10.81
C ALA NA 63 54.76 15.82 -10.61
N CYS NA 64 55.43 16.50 -11.54
CA CYS NA 64 56.88 16.60 -11.53
C CYS NA 64 57.41 17.86 -10.85
N GLU NA 65 56.58 18.54 -10.05
CA GLU NA 65 57.02 19.79 -9.46
C GLU NA 65 58.19 19.59 -8.50
N ARG NA 66 58.24 18.47 -7.79
CA ARG NA 66 59.29 18.22 -6.82
C ARG NA 66 60.35 17.24 -7.32
N VAL NA 67 59.97 16.35 -8.24
CA VAL NA 67 60.75 15.15 -8.49
C VAL NA 67 62.13 15.54 -8.98
N GLY NA 68 63.16 14.96 -8.35
CA GLY NA 68 64.52 15.36 -8.66
C GLY NA 68 64.76 16.81 -8.32
N ASP NA 69 65.26 17.57 -9.29
CA ASP NA 69 65.47 18.98 -9.09
C ASP NA 69 64.19 19.80 -9.23
N GLY NA 70 63.13 19.21 -9.77
CA GLY NA 70 61.85 19.90 -9.86
C GLY NA 70 61.62 20.57 -11.20
N LEU NA 71 60.40 21.08 -11.35
CA LEU NA 71 60.00 21.76 -12.57
C LEU NA 71 60.65 23.13 -12.68
N VAL NA 72 60.89 23.57 -13.92
CA VAL NA 72 61.39 24.89 -14.21
C VAL NA 72 60.42 25.71 -15.03
N ALA NA 73 59.83 25.12 -16.07
CA ALA NA 73 58.89 25.84 -16.93
C ALA NA 73 57.74 24.92 -17.30
N ALA NA 74 56.54 25.50 -17.33
CA ALA NA 74 55.32 24.80 -17.70
C ALA NA 74 54.51 25.72 -18.63
N HIS NA 75 55.20 26.27 -19.62
CA HIS NA 75 54.64 27.32 -20.49
C HIS NA 75 53.88 26.71 -21.67
N ILE NA 76 52.56 26.63 -21.51
CA ILE NA 76 51.69 26.11 -22.57
C ILE NA 76 51.82 27.01 -23.79
N ILE NA 77 51.81 26.40 -24.97
CA ILE NA 77 51.88 27.13 -26.23
C ILE NA 77 50.48 27.20 -26.82
N ALA NA 78 50.03 28.42 -27.15
CA ALA NA 78 48.70 28.58 -27.72
C ALA NA 78 48.57 27.90 -29.08
N ARG NA 79 49.34 28.34 -30.06
CA ARG NA 79 49.36 27.70 -31.38
C ARG NA 79 50.65 28.09 -32.08
N PRO NA 80 51.44 27.10 -32.51
CA PRO NA 80 52.64 27.41 -33.29
C PRO NA 80 52.27 27.91 -34.68
N HIS NA 81 53.12 28.76 -35.24
CA HIS NA 81 52.95 29.20 -36.61
C HIS NA 81 53.33 28.10 -37.59
N ARG NA 82 52.82 28.21 -38.81
CA ARG NA 82 53.28 27.34 -39.88
C ARG NA 82 54.79 27.44 -40.04
N GLU NA 83 55.34 28.63 -39.80
CA GLU NA 83 56.78 28.84 -39.91
C GLU NA 83 57.54 28.32 -38.71
N VAL NA 84 56.89 28.26 -37.54
CA VAL NA 84 57.55 27.72 -36.35
C VAL NA 84 57.77 26.21 -36.50
N GLU NA 85 56.83 25.52 -37.15
CA GLU NA 85 56.87 24.07 -37.23
C GLU NA 85 58.17 23.50 -37.78
N PRO NA 86 58.78 24.05 -38.85
CA PRO NA 86 60.07 23.50 -39.30
C PRO NA 86 61.16 23.53 -38.24
N ALA NA 87 61.16 24.54 -37.37
CA ALA NA 87 62.21 24.66 -36.37
C ALA NA 87 62.06 23.68 -35.21
N LEU NA 88 60.88 23.11 -35.02
CA LEU NA 88 60.62 22.18 -33.92
C LEU NA 88 60.57 20.73 -34.39
N GLY NA 89 61.28 20.42 -35.48
CA GLY NA 89 61.30 19.08 -36.02
C GLY NA 89 60.66 18.94 -37.38
N ASN NA 90 60.02 19.99 -37.89
CA ASN NA 90 59.44 20.00 -39.23
C ASN NA 90 58.41 18.90 -39.42
N GLY OA 2 63.65 42.60 -45.24
CA GLY OA 2 63.82 41.21 -44.87
C GLY OA 2 65.26 40.87 -44.55
N ILE OA 3 66.14 41.84 -44.75
CA ILE OA 3 67.56 41.63 -44.49
C ILE OA 3 67.91 41.83 -43.02
N ALA OA 4 67.19 42.71 -42.31
CA ALA OA 4 67.48 42.95 -40.90
C ALA OA 4 67.37 41.65 -40.12
N LEU OA 5 68.39 41.36 -39.33
CA LEU OA 5 68.47 40.08 -38.63
C LEU OA 5 68.18 40.32 -37.16
N GLY OA 6 67.22 39.57 -36.61
CA GLY OA 6 66.90 39.65 -35.21
C GLY OA 6 67.37 38.38 -34.51
N MET OA 7 67.68 38.51 -33.22
CA MET OA 7 68.35 37.42 -32.53
C MET OA 7 68.19 37.57 -31.03
N ILE OA 8 68.07 36.43 -30.33
CA ILE OA 8 67.79 36.44 -28.89
C ILE OA 8 68.21 35.11 -28.27
N GLU OA 9 68.64 35.16 -27.00
CA GLU OA 9 68.86 33.96 -26.19
C GLU OA 9 67.75 33.80 -25.17
N THR OA 10 67.59 32.58 -24.67
CA THR OA 10 66.85 32.31 -23.45
C THR OA 10 67.61 31.27 -22.65
N ARG OA 11 67.49 31.37 -21.33
CA ARG OA 11 68.10 30.43 -20.39
C ARG OA 11 67.21 29.19 -20.35
N GLY OA 12 67.10 28.52 -21.48
CA GLY OA 12 66.22 27.38 -21.65
C GLY OA 12 65.62 27.33 -23.04
N LEU OA 13 65.26 26.12 -23.46
CA LEU OA 13 64.76 25.90 -24.82
C LEU OA 13 63.35 26.45 -25.02
N VAL OA 14 62.43 26.14 -24.11
CA VAL OA 14 61.03 26.53 -24.33
C VAL OA 14 60.82 28.03 -24.23
N PRO OA 15 61.53 28.76 -23.35
CA PRO OA 15 61.47 30.22 -23.48
C PRO OA 15 61.91 30.69 -24.87
N ALA OA 16 62.88 30.03 -25.49
CA ALA OA 16 63.26 30.38 -26.86
C ALA OA 16 62.15 30.05 -27.84
N ILE OA 17 61.49 28.90 -27.65
CA ILE OA 17 60.41 28.50 -28.55
C ILE OA 17 59.25 29.48 -28.46
N GLU OA 18 58.86 29.86 -27.24
CA GLU OA 18 57.80 30.84 -27.09
C GLU OA 18 58.24 32.21 -27.55
N ALA OA 19 59.54 32.51 -27.46
CA ALA OA 19 60.04 33.76 -28.02
C ALA OA 19 59.87 33.79 -29.52
N ALA OA 20 60.15 32.67 -30.19
CA ALA OA 20 59.91 32.58 -31.62
C ALA OA 20 58.43 32.65 -31.94
N ASP OA 21 57.60 32.07 -31.08
CA ASP OA 21 56.15 32.21 -31.25
C ASP OA 21 55.74 33.67 -31.17
N ALA OA 22 56.29 34.41 -30.20
CA ALA OA 22 56.02 35.83 -30.10
C ALA OA 22 56.55 36.56 -31.32
N MET OA 23 57.69 36.12 -31.85
CA MET OA 23 58.24 36.72 -33.07
C MET OA 23 57.24 36.63 -34.20
N THR OA 24 56.72 35.42 -34.43
CA THR OA 24 55.87 35.19 -35.59
C THR OA 24 54.46 35.71 -35.40
N LYS OA 25 53.98 35.78 -34.15
CA LYS OA 25 52.68 36.40 -33.86
C LYS OA 25 52.76 37.91 -33.75
N ALA OA 26 53.97 38.48 -33.66
CA ALA OA 26 54.13 39.92 -33.49
C ALA OA 26 54.19 40.66 -34.82
N ALA OA 27 55.13 40.28 -35.68
CA ALA OA 27 55.29 40.89 -36.99
C ALA OA 27 55.81 39.82 -37.95
N GLU OA 28 55.95 40.18 -39.22
CA GLU OA 28 56.40 39.23 -40.22
C GLU OA 28 57.90 39.02 -40.03
N VAL OA 29 58.27 37.79 -39.66
CA VAL OA 29 59.65 37.42 -39.42
C VAL OA 29 59.86 36.04 -40.02
N ARG OA 30 61.09 35.80 -40.46
CA ARG OA 30 61.51 34.50 -40.99
C ARG OA 30 62.53 33.91 -40.03
N LEU OA 31 62.08 33.08 -39.10
CA LEU OA 31 63.00 32.49 -38.13
C LEU OA 31 63.93 31.52 -38.85
N ILE OA 32 65.17 31.95 -39.07
CA ILE OA 32 66.11 31.18 -39.87
C ILE OA 32 66.79 30.15 -38.98
N GLY OA 33 67.07 30.52 -37.74
CA GLY OA 33 67.89 29.63 -36.93
C GLY OA 33 67.45 29.42 -35.50
N ARG OA 34 67.50 28.17 -35.05
CA ARG OA 34 67.37 27.81 -33.66
C ARG OA 34 68.58 26.98 -33.27
N GLU OA 35 69.38 27.49 -32.33
CA GLU OA 35 70.66 26.87 -32.00
C GLU OA 35 70.76 26.62 -30.50
N PHE OA 36 71.36 25.49 -30.15
CA PHE OA 36 71.64 25.15 -28.76
C PHE OA 36 73.02 25.68 -28.42
N VAL OA 37 73.07 26.66 -27.51
CA VAL OA 37 74.36 27.21 -27.09
C VAL OA 37 75.15 26.18 -26.32
N GLY OA 38 74.49 25.46 -25.41
CA GLY OA 38 75.15 24.52 -24.55
C GLY OA 38 74.97 24.86 -23.09
N GLY OA 39 74.47 23.91 -22.30
CA GLY OA 39 74.21 24.14 -20.90
C GLY OA 39 72.85 24.72 -20.58
N GLY OA 40 72.05 25.05 -21.59
CA GLY OA 40 70.70 25.56 -21.39
C GLY OA 40 70.37 26.79 -22.22
N TYR OA 41 71.35 27.64 -22.50
CA TYR OA 41 71.12 28.78 -23.38
C TYR OA 41 70.70 28.31 -24.76
N VAL OA 42 69.66 28.93 -25.30
CA VAL OA 42 69.18 28.62 -26.64
C VAL OA 42 68.96 29.92 -27.39
N THR OA 43 69.43 29.98 -28.64
CA THR OA 43 69.32 31.16 -29.47
C THR OA 43 68.29 30.93 -30.57
N VAL OA 44 67.55 31.97 -30.90
CA VAL OA 44 66.74 31.99 -32.12
C VAL OA 44 67.01 33.28 -32.87
N LEU OA 45 67.11 33.16 -34.19
CA LEU OA 45 67.42 34.27 -35.08
C LEU OA 45 66.45 34.26 -36.25
N VAL OA 46 65.95 35.45 -36.58
CA VAL OA 46 64.88 35.68 -37.55
C VAL OA 46 65.38 36.73 -38.55
N ARG OA 47 64.62 36.89 -39.61
CA ARG OA 47 64.89 37.94 -40.60
C ARG OA 47 63.62 38.73 -40.88
N GLY OA 48 63.81 40.02 -41.15
CA GLY OA 48 62.69 40.89 -41.43
C GLY OA 48 63.14 42.33 -41.58
N GLU OA 49 62.16 43.22 -41.67
CA GLU OA 49 62.43 44.65 -41.78
C GLU OA 49 62.87 45.21 -40.43
N THR OA 50 63.47 46.40 -40.49
CA THR OA 50 64.05 47.01 -39.29
C THR OA 50 63.00 47.21 -38.21
N GLY OA 51 61.97 48.02 -38.49
CA GLY OA 51 60.92 48.22 -37.52
C GLY OA 51 60.18 46.94 -37.19
N ALA OA 52 60.03 46.07 -38.19
CA ALA OA 52 59.34 44.81 -37.96
C ALA OA 52 60.05 43.97 -36.91
N VAL OA 53 61.35 43.75 -37.09
CA VAL OA 53 62.10 42.95 -36.13
C VAL OA 53 62.19 43.69 -34.80
N ASN OA 54 62.28 45.02 -34.83
CA ASN OA 54 62.32 45.79 -33.59
C ASN OA 54 61.08 45.51 -32.75
N ALA OA 55 59.90 45.68 -33.35
CA ALA OA 55 58.66 45.45 -32.62
C ALA OA 55 58.53 43.98 -32.20
N ALA OA 56 58.94 43.07 -33.09
CA ALA OA 56 58.83 41.65 -32.79
C ALA OA 56 59.63 41.29 -31.55
N VAL OA 57 60.90 41.71 -31.51
CA VAL OA 57 61.75 41.36 -30.38
C VAL OA 57 61.32 42.11 -29.13
N ARG OA 58 60.77 43.31 -29.29
CA ARG OA 58 60.25 44.01 -28.12
C ARG OA 58 59.12 43.19 -27.51
N ALA OA 59 58.23 42.69 -28.35
CA ALA OA 59 57.13 41.86 -27.87
C ALA OA 59 57.64 40.57 -27.25
N GLY OA 60 58.65 39.96 -27.88
CA GLY OA 60 59.22 38.73 -27.36
C GLY OA 60 59.84 38.89 -26.00
N ALA OA 61 60.61 39.96 -25.82
CA ALA OA 61 61.19 40.26 -24.52
C ALA OA 61 60.11 40.54 -23.49
N ASP OA 62 59.05 41.24 -23.90
CA ASP OA 62 57.93 41.49 -22.98
C ASP OA 62 57.27 40.19 -22.57
N ALA OA 63 57.18 39.23 -23.47
CA ALA OA 63 56.46 37.99 -23.17
C ALA OA 63 57.37 36.87 -22.69
N CYS OA 64 58.67 37.14 -22.52
CA CYS OA 64 59.61 36.07 -22.23
C CYS OA 64 59.97 35.94 -20.75
N GLU OA 65 59.99 37.03 -20.00
CA GLU OA 65 60.56 37.00 -18.66
C GLU OA 65 59.78 36.08 -17.72
N ARG OA 66 58.53 35.78 -18.02
CA ARG OA 66 57.70 34.94 -17.16
C ARG OA 66 57.81 33.47 -17.52
N VAL OA 67 58.68 33.10 -18.45
CA VAL OA 67 58.77 31.74 -18.96
C VAL OA 67 60.05 31.13 -18.40
N GLY OA 68 59.90 30.18 -17.48
CA GLY OA 68 61.06 29.51 -16.93
C GLY OA 68 62.00 30.50 -16.27
N ASP OA 69 63.29 30.35 -16.57
CA ASP OA 69 64.27 31.31 -16.09
C ASP OA 69 64.07 32.68 -16.71
N GLY OA 70 63.72 32.73 -17.99
CA GLY OA 70 63.38 33.98 -18.62
C GLY OA 70 64.45 34.53 -19.53
N LEU OA 71 64.24 35.79 -19.91
CA LEU OA 71 65.12 36.48 -20.84
C LEU OA 71 66.52 36.66 -20.24
N VAL OA 72 67.52 36.56 -21.11
CA VAL OA 72 68.90 36.84 -20.75
C VAL OA 72 69.52 37.91 -21.63
N ALA OA 73 69.27 37.87 -22.94
CA ALA OA 73 69.86 38.83 -23.86
C ALA OA 73 68.92 39.09 -25.03
N ALA OA 74 68.71 40.37 -25.35
CA ALA OA 74 67.86 40.74 -26.49
C ALA OA 74 68.30 42.10 -27.00
N HIS OA 75 69.13 42.10 -28.06
CA HIS OA 75 69.44 43.30 -28.81
C HIS OA 75 69.58 42.93 -30.27
N ILE OA 76 69.33 43.90 -31.15
CA ILE OA 76 69.14 43.65 -32.58
C ILE OA 76 70.03 44.57 -33.40
N ILE OA 77 70.27 44.18 -34.64
CA ILE OA 77 71.07 44.92 -35.59
C ILE OA 77 70.18 45.34 -36.77
N ALA OA 78 70.50 46.47 -37.37
CA ALA OA 78 69.73 46.92 -38.53
C ALA OA 78 70.35 46.45 -39.84
N ARG OA 79 71.67 46.58 -39.99
CA ARG OA 79 72.37 46.27 -41.24
C ARG OA 79 73.36 45.15 -40.97
N PRO OA 80 72.93 43.89 -41.14
CA PRO OA 80 73.85 42.76 -40.91
C PRO OA 80 74.96 42.74 -41.94
N HIS OA 81 76.12 42.24 -41.53
CA HIS OA 81 77.25 42.12 -42.44
C HIS OA 81 77.04 40.91 -43.34
N ARG OA 82 77.31 41.09 -44.64
CA ARG OA 82 76.93 40.08 -45.62
C ARG OA 82 77.73 38.79 -45.46
N GLU OA 83 78.89 38.84 -44.81
CA GLU OA 83 79.70 37.62 -44.69
C GLU OA 83 79.29 36.76 -43.50
N VAL OA 84 78.46 37.29 -42.58
CA VAL OA 84 78.17 36.57 -41.35
C VAL OA 84 77.23 35.40 -41.62
N GLU OA 85 76.22 35.59 -42.45
CA GLU OA 85 75.21 34.55 -42.65
C GLU OA 85 75.78 33.21 -43.11
N PRO OA 86 76.80 33.15 -43.98
CA PRO OA 86 77.40 31.84 -44.27
C PRO OA 86 77.89 31.13 -43.02
N ALA OA 87 78.33 31.87 -42.00
CA ALA OA 87 78.66 31.29 -40.71
C ALA OA 87 77.44 31.13 -39.82
N LEU OA 88 76.27 31.55 -40.27
CA LEU OA 88 75.05 31.41 -39.49
C LEU OA 88 74.10 30.40 -40.13
N GLY PA 2 57.96 -8.67 -17.47
CA GLY PA 2 57.50 -7.41 -16.95
C GLY PA 2 58.06 -6.20 -17.68
N ILE PA 3 57.24 -5.17 -17.84
CA ILE PA 3 57.62 -3.95 -18.54
C ILE PA 3 57.58 -2.73 -17.62
N ALA PA 4 57.56 -2.93 -16.31
CA ALA PA 4 57.69 -1.81 -15.38
C ALA PA 4 59.06 -1.19 -15.48
N LEU PA 5 59.16 0.09 -15.13
CA LEU PA 5 60.38 0.87 -15.35
C LEU PA 5 60.84 1.52 -14.07
N GLY PA 6 62.15 1.58 -13.89
CA GLY PA 6 62.75 2.41 -12.86
C GLY PA 6 63.97 3.11 -13.41
N MET PA 7 64.31 4.25 -12.82
CA MET PA 7 65.44 4.97 -13.39
C MET PA 7 65.99 6.00 -12.39
N ILE PA 8 67.28 6.27 -12.51
CA ILE PA 8 68.08 6.94 -11.50
C ILE PA 8 68.92 8.01 -12.16
N GLU PA 9 69.07 9.15 -11.48
CA GLU PA 9 69.87 10.27 -11.95
C GLU PA 9 70.98 10.58 -10.96
N THR PA 10 72.14 11.00 -11.47
CA THR PA 10 73.24 11.32 -10.58
C THR PA 10 74.29 12.17 -11.30
N ARG PA 11 75.31 12.55 -10.52
CA ARG PA 11 76.46 13.30 -11.00
C ARG PA 11 77.52 12.31 -11.46
N GLY PA 12 77.89 12.37 -12.73
CA GLY PA 12 78.97 11.55 -13.24
C GLY PA 12 78.63 10.07 -13.26
N LEU PA 13 79.57 9.28 -13.77
CA LEU PA 13 79.31 7.87 -13.99
C LEU PA 13 79.66 6.97 -12.81
N VAL PA 14 80.37 7.46 -11.80
CA VAL PA 14 80.73 6.57 -10.70
C VAL PA 14 79.47 6.13 -9.97
N PRO PA 15 78.69 7.04 -9.37
CA PRO PA 15 77.44 6.60 -8.75
C PRO PA 15 76.50 5.97 -9.75
N ALA PA 16 76.54 6.39 -11.00
CA ALA PA 16 75.66 5.82 -12.02
C ALA PA 16 75.92 4.32 -12.18
N ILE PA 17 77.17 3.93 -12.41
CA ILE PA 17 77.43 2.54 -12.70
C ILE PA 17 77.41 1.70 -11.43
N GLU PA 18 77.78 2.26 -10.27
CA GLU PA 18 77.61 1.45 -9.07
C GLU PA 18 76.13 1.28 -8.72
N ALA PA 19 75.29 2.26 -9.05
CA ALA PA 19 73.85 2.07 -8.91
C ALA PA 19 73.33 1.04 -9.91
N ALA PA 20 73.92 1.01 -11.10
CA ALA PA 20 73.57 -0.04 -12.06
C ALA PA 20 73.93 -1.41 -11.51
N ASP PA 21 75.09 -1.52 -10.87
CA ASP PA 21 75.46 -2.77 -10.23
C ASP PA 21 74.50 -3.11 -9.10
N ALA PA 22 74.04 -2.11 -8.35
CA ALA PA 22 73.04 -2.34 -7.32
C ALA PA 22 71.74 -2.85 -7.95
N MET PA 23 71.34 -2.28 -9.08
CA MET PA 23 70.20 -2.81 -9.83
C MET PA 23 70.39 -4.28 -10.13
N THR PA 24 71.53 -4.63 -10.71
CA THR PA 24 71.73 -5.96 -11.26
C THR PA 24 72.11 -6.98 -10.22
N LYS PA 25 72.38 -6.55 -8.99
CA LYS PA 25 72.54 -7.48 -7.88
C LYS PA 25 71.35 -7.48 -6.94
N ALA PA 26 70.42 -6.55 -7.11
CA ALA PA 26 69.31 -6.40 -6.18
C ALA PA 26 68.01 -6.99 -6.69
N ALA PA 27 67.77 -6.95 -8.00
CA ALA PA 27 66.52 -7.48 -8.53
C ALA PA 27 66.72 -7.86 -9.99
N GLU PA 28 65.93 -8.82 -10.45
CA GLU PA 28 66.05 -9.34 -11.81
C GLU PA 28 65.48 -8.31 -12.78
N VAL PA 29 66.31 -7.33 -13.13
CA VAL PA 29 65.91 -6.27 -14.05
C VAL PA 29 66.98 -6.16 -15.13
N ARG PA 30 66.58 -5.60 -16.26
CA ARG PA 30 67.49 -5.32 -17.36
C ARG PA 30 67.56 -3.83 -17.59
N LEU PA 31 68.78 -3.30 -17.72
CA LEU PA 31 68.95 -1.88 -17.97
C LEU PA 31 68.86 -1.63 -19.48
N ILE PA 32 67.92 -0.79 -19.87
CA ILE PA 32 67.75 -0.44 -21.28
C ILE PA 32 68.46 0.86 -21.63
N GLY PA 33 68.68 1.74 -20.66
CA GLY PA 33 69.27 3.01 -21.03
C GLY PA 33 70.35 3.50 -20.10
N ARG PA 34 71.45 3.99 -20.68
CA ARG PA 34 72.50 4.69 -19.95
C ARG PA 34 72.72 5.99 -20.72
N GLU PA 35 72.09 7.06 -20.26
CA GLU PA 35 72.01 8.30 -21.00
C GLU PA 35 72.88 9.36 -20.34
N PHE PA 36 73.71 10.03 -21.16
CA PHE PA 36 74.46 11.20 -20.72
C PHE PA 36 73.60 12.41 -21.03
N VAL PA 37 72.85 12.86 -20.03
CA VAL PA 37 71.93 13.97 -20.24
C VAL PA 37 72.68 15.25 -20.54
N GLY PA 38 73.84 15.43 -19.91
CA GLY PA 38 74.65 16.62 -20.15
C GLY PA 38 74.89 17.43 -18.90
N GLY PA 39 76.10 17.99 -18.78
CA GLY PA 39 76.43 18.74 -17.58
C GLY PA 39 76.50 17.92 -16.33
N GLY PA 40 77.09 16.72 -16.39
CA GLY PA 40 77.16 15.83 -15.26
C GLY PA 40 75.90 15.05 -14.99
N TYR PA 41 74.83 15.34 -15.71
CA TYR PA 41 73.56 14.63 -15.55
C TYR PA 41 73.66 13.26 -16.21
N VAL PA 42 73.65 12.20 -15.40
CA VAL PA 42 73.71 10.84 -15.92
C VAL PA 42 72.48 10.09 -15.44
N THR PA 43 71.80 9.42 -16.37
CA THR PA 43 70.58 8.68 -16.08
C THR PA 43 70.76 7.22 -16.46
N VAL PA 44 70.27 6.33 -15.60
CA VAL PA 44 70.25 4.90 -15.89
C VAL PA 44 68.82 4.40 -15.72
N LEU PA 45 68.29 3.74 -16.75
CA LEU PA 45 66.92 3.27 -16.74
C LEU PA 45 66.87 1.78 -17.02
N VAL PA 46 66.13 1.07 -16.16
CA VAL PA 46 66.03 -0.38 -16.15
C VAL PA 46 64.56 -0.76 -16.26
N ARG PA 47 64.33 -1.97 -16.79
CA ARG PA 47 62.99 -2.53 -16.92
C ARG PA 47 62.93 -3.85 -16.16
N GLY PA 48 61.74 -4.14 -15.65
CA GLY PA 48 61.52 -5.35 -14.90
C GLY PA 48 60.14 -5.34 -14.25
N GLU PA 49 59.95 -6.25 -13.31
CA GLU PA 49 58.70 -6.30 -12.57
C GLU PA 49 58.68 -5.17 -11.54
N THR PA 50 57.48 -4.67 -11.26
CA THR PA 50 57.35 -3.45 -10.46
C THR PA 50 57.90 -3.62 -9.05
N GLY PA 51 57.64 -4.76 -8.40
CA GLY PA 51 58.23 -5.00 -7.09
C GLY PA 51 59.74 -5.15 -7.17
N ALA PA 52 60.21 -5.86 -8.20
CA ALA PA 52 61.65 -5.91 -8.46
C ALA PA 52 62.21 -4.53 -8.75
N VAL PA 53 61.45 -3.71 -9.48
CA VAL PA 53 61.88 -2.34 -9.74
C VAL PA 53 62.05 -1.59 -8.42
N ASN PA 54 61.07 -1.74 -7.53
CA ASN PA 54 61.16 -1.09 -6.21
C ASN PA 54 62.40 -1.54 -5.47
N ALA PA 55 62.59 -2.85 -5.35
CA ALA PA 55 63.74 -3.35 -4.59
C ALA PA 55 65.05 -2.86 -5.20
N ALA PA 56 65.18 -2.96 -6.51
CA ALA PA 56 66.41 -2.54 -7.17
C ALA PA 56 66.68 -1.06 -6.95
N VAL PA 57 65.70 -0.20 -7.25
CA VAL PA 57 65.94 1.24 -7.15
C VAL PA 57 66.18 1.65 -5.71
N ARG PA 58 65.51 1.02 -4.75
CA ARG PA 58 65.74 1.38 -3.36
C ARG PA 58 67.15 0.99 -2.94
N ALA PA 59 67.61 -0.19 -3.34
CA ALA PA 59 68.97 -0.60 -3.03
C ALA PA 59 69.99 0.32 -3.69
N GLY PA 60 69.73 0.73 -4.93
CA GLY PA 60 70.64 1.62 -5.62
C GLY PA 60 70.72 2.99 -4.98
N ALA PA 61 69.57 3.52 -4.57
CA ALA PA 61 69.57 4.80 -3.85
C ALA PA 61 70.31 4.68 -2.53
N ASP PA 62 70.17 3.52 -1.86
CA ASP PA 62 70.85 3.36 -0.57
C ASP PA 62 72.34 3.17 -0.72
N ALA PA 63 72.79 2.58 -1.83
CA ALA PA 63 74.21 2.42 -2.10
C ALA PA 63 74.80 3.52 -2.97
N CYS PA 64 74.01 4.54 -3.31
CA CYS PA 64 74.43 5.50 -4.33
C CYS PA 64 74.71 6.89 -3.79
N GLU PA 65 73.99 7.32 -2.74
CA GLU PA 65 74.03 8.73 -2.36
C GLU PA 65 75.38 9.16 -1.81
N ARG PA 66 76.19 8.21 -1.33
CA ARG PA 66 77.45 8.55 -0.67
C ARG PA 66 78.65 8.38 -1.58
N VAL PA 67 78.43 8.10 -2.86
CA VAL PA 67 79.51 7.87 -3.82
C VAL PA 67 79.68 9.13 -4.65
N GLY PA 68 80.82 9.80 -4.48
CA GLY PA 68 81.02 11.07 -5.14
C GLY PA 68 79.98 12.06 -4.68
N ASP PA 69 79.30 12.69 -5.65
CA ASP PA 69 78.22 13.61 -5.34
C ASP PA 69 76.91 12.88 -5.07
N GLY PA 70 76.82 11.59 -5.38
CA GLY PA 70 75.68 10.79 -4.98
C GLY PA 70 74.44 10.98 -5.83
N LEU PA 71 73.34 10.49 -5.29
CA LEU PA 71 72.06 10.49 -5.97
C LEU PA 71 71.56 11.91 -6.22
N VAL PA 72 70.84 12.08 -7.33
CA VAL PA 72 70.11 13.29 -7.62
C VAL PA 72 68.61 13.03 -7.67
N ALA PA 73 68.20 11.92 -8.28
CA ALA PA 73 66.79 11.56 -8.36
C ALA PA 73 66.66 10.06 -8.58
N ALA PA 74 65.68 9.46 -7.91
CA ALA PA 74 65.34 8.05 -8.08
C ALA PA 74 63.84 7.97 -8.34
N HIS PA 75 63.46 7.38 -9.47
CA HIS PA 75 62.07 7.37 -9.90
C HIS PA 75 61.74 6.02 -10.51
N ILE PA 76 60.46 5.63 -10.42
CA ILE PA 76 59.97 4.42 -11.04
C ILE PA 76 58.78 4.76 -11.92
N ILE PA 77 58.73 4.13 -13.08
CA ILE PA 77 57.58 4.25 -13.97
C ILE PA 77 56.89 2.89 -14.02
N ALA PA 78 55.83 2.75 -13.22
CA ALA PA 78 55.18 1.45 -13.08
C ALA PA 78 54.61 0.96 -14.40
N ARG PA 79 53.91 1.84 -15.12
CA ARG PA 79 53.35 1.52 -16.43
C ARG PA 79 53.85 2.53 -17.46
N PRO PA 80 54.96 2.24 -18.13
CA PRO PA 80 55.41 3.11 -19.22
C PRO PA 80 54.46 3.00 -20.41
N HIS PA 81 53.89 4.13 -20.79
CA HIS PA 81 53.01 4.17 -21.95
C HIS PA 81 53.77 3.79 -23.21
N ARG PA 82 53.10 3.06 -24.10
CA ARG PA 82 53.72 2.74 -25.39
C ARG PA 82 53.97 4.00 -26.19
N GLU PA 83 53.25 5.07 -25.88
CA GLU PA 83 53.53 6.36 -26.52
C GLU PA 83 54.84 6.94 -26.02
N VAL PA 84 55.27 6.56 -24.81
CA VAL PA 84 56.54 7.01 -24.26
C VAL PA 84 57.70 6.16 -24.76
N GLU PA 85 57.43 4.91 -25.17
CA GLU PA 85 58.50 4.04 -25.64
C GLU PA 85 59.35 4.63 -26.75
N PRO PA 86 58.81 5.37 -27.73
CA PRO PA 86 59.69 6.01 -28.72
C PRO PA 86 60.74 6.91 -28.10
N ALA PA 87 60.46 7.52 -26.94
CA ALA PA 87 61.49 8.25 -26.22
C ALA PA 87 62.55 7.34 -25.63
N LEU PA 88 62.33 6.03 -25.66
CA LEU PA 88 63.30 5.07 -25.14
C LEU PA 88 63.72 4.09 -26.22
N GLY QA 2 90.94 -10.66 -16.47
CA GLY QA 2 90.32 -10.00 -15.34
C GLY QA 2 89.16 -9.10 -15.74
N ILE QA 3 88.02 -9.26 -15.07
CA ILE QA 3 86.83 -8.48 -15.35
C ILE QA 3 86.53 -7.45 -14.29
N ALA QA 4 87.35 -7.37 -13.24
CA ALA QA 4 87.15 -6.36 -12.21
C ALA QA 4 87.24 -4.96 -12.81
N LEU QA 5 86.27 -4.12 -12.46
CA LEU QA 5 86.14 -2.78 -13.03
C LEU QA 5 86.68 -1.74 -12.07
N GLY QA 6 87.78 -1.10 -12.44
CA GLY QA 6 88.27 0.08 -11.76
C GLY QA 6 87.92 1.29 -12.61
N MET QA 7 87.69 2.42 -11.97
CA MET QA 7 87.26 3.59 -12.73
C MET QA 7 87.31 4.83 -11.85
N ILE QA 8 87.70 5.94 -12.46
CA ILE QA 8 87.95 7.19 -11.75
C ILE QA 8 87.17 8.31 -12.42
N GLU QA 9 86.58 9.18 -11.60
CA GLU QA 9 85.94 10.41 -12.07
C GLU QA 9 86.74 11.62 -11.61
N THR QA 10 86.85 12.61 -12.47
CA THR QA 10 87.55 13.83 -12.09
C THR QA 10 87.05 14.99 -12.93
N ARG QA 11 87.59 16.17 -12.63
CA ARG QA 11 87.22 17.42 -13.29
C ARG QA 11 88.26 17.75 -14.34
N GLY QA 12 87.85 17.75 -15.60
CA GLY QA 12 88.80 17.85 -16.68
C GLY QA 12 89.53 16.55 -16.92
N LEU QA 13 90.43 16.55 -17.89
CA LEU QA 13 91.17 15.34 -18.21
C LEU QA 13 92.66 15.42 -17.91
N VAL QA 14 93.15 16.53 -17.36
CA VAL QA 14 94.53 16.53 -16.89
C VAL QA 14 94.59 15.48 -15.77
N PRO QA 15 93.78 15.60 -14.72
CA PRO QA 15 93.78 14.55 -13.71
C PRO QA 15 93.31 13.21 -14.24
N ALA QA 16 92.43 13.19 -15.24
CA ALA QA 16 91.96 11.92 -15.78
C ALA QA 16 93.09 11.15 -16.45
N ILE QA 17 93.89 11.82 -17.26
CA ILE QA 17 94.95 11.12 -17.97
C ILE QA 17 96.09 10.79 -17.03
N GLU QA 18 96.36 11.64 -16.03
CA GLU QA 18 97.38 11.22 -15.07
C GLU QA 18 96.87 10.10 -14.18
N ALA QA 19 95.54 10.02 -13.99
CA ALA QA 19 94.98 8.89 -13.28
C ALA QA 19 95.11 7.61 -14.10
N ALA QA 20 94.95 7.72 -15.42
CA ALA QA 20 95.22 6.57 -16.29
C ALA QA 20 96.70 6.19 -16.23
N ASP QA 21 97.58 7.19 -16.14
CA ASP QA 21 98.99 6.93 -15.91
C ASP QA 21 99.21 6.12 -14.64
N ALA QA 22 98.56 6.52 -13.56
CA ALA QA 22 98.63 5.76 -12.31
C ALA QA 22 98.05 4.36 -12.49
N MET QA 23 96.95 4.25 -13.23
CA MET QA 23 96.37 2.94 -13.54
C MET QA 23 97.41 2.03 -14.16
N THR QA 24 98.11 2.53 -15.18
CA THR QA 24 98.94 1.67 -16.01
C THR QA 24 100.31 1.44 -15.41
N LYS QA 25 100.76 2.28 -14.47
CA LYS QA 25 102.01 1.98 -13.79
C LYS QA 25 101.82 1.24 -12.47
N ALA QA 26 100.80 1.55 -11.68
CA ALA QA 26 100.57 0.81 -10.46
C ALA QA 26 100.23 -0.65 -10.76
N ALA QA 27 99.66 -0.92 -11.93
CA ALA QA 27 99.37 -2.28 -12.36
C ALA QA 27 99.30 -2.30 -13.88
N GLU QA 28 99.41 -3.51 -14.43
CA GLU QA 28 99.26 -3.70 -15.87
C GLU QA 28 97.81 -4.07 -16.15
N VAL QA 29 96.93 -3.10 -15.98
CA VAL QA 29 95.50 -3.26 -16.19
C VAL QA 29 95.10 -2.55 -17.47
N ARG QA 30 94.31 -3.23 -18.30
CA ARG QA 30 93.86 -2.65 -19.55
C ARG QA 30 92.81 -1.57 -19.28
N LEU QA 31 92.97 -0.43 -19.94
CA LEU QA 31 92.00 0.64 -19.86
C LEU QA 31 90.97 0.43 -20.96
N ILE QA 32 89.70 0.38 -20.59
CA ILE QA 32 88.66 0.07 -21.57
C ILE QA 32 87.99 1.30 -22.15
N GLY QA 33 88.13 2.46 -21.53
CA GLY QA 33 87.55 3.64 -22.14
C GLY QA 33 87.83 4.91 -21.38
N ARG QA 34 87.70 6.03 -22.10
CA ARG QA 34 87.65 7.36 -21.52
C ARG QA 34 86.35 8.02 -21.98
N GLU QA 35 85.65 8.65 -21.05
CA GLU QA 35 84.34 9.21 -21.35
C GLU QA 35 84.27 10.66 -20.90
N PHE QA 36 83.73 11.51 -21.77
CA PHE QA 36 83.49 12.92 -21.46
C PHE QA 36 82.04 13.04 -21.03
N VAL QA 37 81.83 13.10 -19.71
CA VAL QA 37 80.48 13.06 -19.16
C VAL QA 37 79.68 14.28 -19.56
N GLY QA 38 80.29 15.46 -19.48
CA GLY QA 38 79.57 16.70 -19.67
C GLY QA 38 79.61 17.55 -18.42
N GLY QA 39 79.68 18.87 -18.59
CA GLY QA 39 79.87 19.73 -17.45
C GLY QA 39 81.25 19.64 -16.84
N GLY QA 40 82.24 19.16 -17.60
CA GLY QA 40 83.59 19.03 -17.12
C GLY QA 40 83.93 17.68 -16.50
N TYR QA 41 82.94 16.86 -16.21
CA TYR QA 41 83.20 15.55 -15.62
C TYR QA 41 83.85 14.64 -16.67
N VAL QA 42 84.94 13.99 -16.29
CA VAL QA 42 85.65 13.06 -17.16
C VAL QA 42 85.89 11.76 -16.39
N THR QA 43 85.62 10.64 -17.04
CA THR QA 43 85.70 9.33 -16.42
C THR QA 43 86.66 8.43 -17.17
N VAL QA 44 87.42 7.64 -16.43
CA VAL QA 44 88.29 6.62 -16.99
C VAL QA 44 87.85 5.26 -16.49
N LEU QA 45 87.69 4.32 -17.41
CA LEU QA 45 87.22 2.96 -17.14
C LEU QA 45 88.32 1.99 -17.51
N VAL QA 46 88.75 1.16 -16.56
CA VAL QA 46 89.78 0.15 -16.76
C VAL QA 46 89.28 -1.17 -16.18
N ARG QA 47 89.85 -2.26 -16.69
CA ARG QA 47 89.53 -3.60 -16.21
C ARG QA 47 90.80 -4.34 -15.85
N GLY QA 48 90.66 -5.27 -14.92
CA GLY QA 48 91.80 -6.07 -14.48
C GLY QA 48 91.40 -6.96 -13.34
N GLU QA 49 92.40 -7.59 -12.73
CA GLU QA 49 92.15 -8.43 -11.57
C GLU QA 49 91.99 -7.59 -10.32
N THR QA 50 91.48 -8.21 -9.26
CA THR QA 50 91.07 -7.46 -8.07
C THR QA 50 92.25 -6.73 -7.44
N GLY QA 51 93.36 -7.43 -7.21
CA GLY QA 51 94.49 -6.80 -6.57
C GLY QA 51 95.11 -5.70 -7.41
N ALA QA 52 95.26 -5.96 -8.72
CA ALA QA 52 95.80 -4.94 -9.61
C ALA QA 52 94.89 -3.73 -9.68
N VAL QA 53 93.59 -3.95 -9.75
CA VAL QA 53 92.64 -2.85 -9.78
C VAL QA 53 92.72 -2.04 -8.48
N ASN QA 54 92.82 -2.73 -7.34
CA ASN QA 54 92.91 -2.03 -6.07
C ASN QA 54 94.17 -1.18 -6.00
N ALA QA 55 95.31 -1.75 -6.39
CA ALA QA 55 96.56 -0.98 -6.36
C ALA QA 55 96.48 0.22 -7.30
N ALA QA 56 95.97 0.01 -8.51
CA ALA QA 56 95.87 1.10 -9.48
C ALA QA 56 94.96 2.20 -8.96
N VAL QA 57 93.80 1.84 -8.40
CA VAL QA 57 92.85 2.86 -7.96
C VAL QA 57 93.39 3.61 -6.76
N ARG QA 58 94.11 2.92 -5.86
CA ARG QA 58 94.74 3.63 -4.75
C ARG QA 58 95.77 4.63 -5.26
N ALA QA 59 96.60 4.21 -6.22
CA ALA QA 59 97.59 5.12 -6.79
C ALA QA 59 96.92 6.32 -7.46
N GLY QA 60 95.85 6.06 -8.23
CA GLY QA 60 95.17 7.15 -8.90
C GLY QA 60 94.52 8.12 -7.93
N ALA QA 61 93.87 7.60 -6.89
CA ALA QA 61 93.26 8.46 -5.89
C ALA QA 61 94.33 9.30 -5.19
N ASP QA 62 95.47 8.71 -4.89
CA ASP QA 62 96.56 9.49 -4.29
C ASP QA 62 97.06 10.56 -5.24
N ALA QA 63 97.15 10.24 -6.54
CA ALA QA 63 97.72 11.17 -7.50
C ALA QA 63 96.78 12.30 -7.89
N CYS QA 64 95.46 12.10 -7.80
CA CYS QA 64 94.52 13.10 -8.28
C CYS QA 64 94.26 14.23 -7.30
N GLU QA 65 94.65 14.08 -6.03
CA GLU QA 65 94.25 15.05 -5.00
C GLU QA 65 94.85 16.42 -5.23
N ARG QA 66 95.90 16.53 -6.04
CA ARG QA 66 96.57 17.81 -6.29
C ARG QA 66 96.24 18.38 -7.65
N VAL QA 67 95.97 17.54 -8.64
CA VAL QA 67 95.87 17.98 -10.03
C VAL QA 67 94.52 18.65 -10.25
N GLY QA 68 94.54 19.85 -10.84
CA GLY QA 68 93.32 20.53 -11.23
C GLY QA 68 92.43 20.82 -10.05
N ASP QA 69 91.12 20.83 -10.30
CA ASP QA 69 90.16 20.96 -9.22
C ASP QA 69 90.19 19.74 -8.31
N GLY QA 70 90.43 18.56 -8.87
CA GLY QA 70 90.61 17.36 -8.08
C GLY QA 70 89.71 16.22 -8.56
N LEU QA 71 89.82 15.12 -7.83
CA LEU QA 71 89.05 13.91 -8.12
C LEU QA 71 87.66 14.04 -7.52
N VAL QA 72 86.69 13.39 -8.17
CA VAL QA 72 85.30 13.42 -7.77
C VAL QA 72 84.93 12.20 -6.95
N ALA QA 73 85.05 11.01 -7.54
CA ALA QA 73 84.72 9.77 -6.86
C ALA QA 73 85.71 8.70 -7.28
N ALA QA 74 86.05 7.82 -6.35
CA ALA QA 74 87.01 6.73 -6.61
C ALA QA 74 86.58 5.52 -5.79
N HIS QA 75 85.95 4.55 -6.44
CA HIS QA 75 85.63 3.29 -5.81
C HIS QA 75 85.87 2.17 -6.80
N ILE QA 76 85.62 0.95 -6.36
CA ILE QA 76 85.99 -0.25 -7.11
C ILE QA 76 84.75 -1.08 -7.38
N ILE QA 77 84.83 -1.88 -8.45
CA ILE QA 77 83.81 -2.88 -8.77
C ILE QA 77 84.54 -4.21 -8.90
N ALA QA 78 84.43 -5.05 -7.88
CA ALA QA 78 85.14 -6.33 -7.90
C ALA QA 78 84.63 -7.22 -9.04
N ARG QA 79 83.32 -7.27 -9.24
CA ARG QA 79 82.79 -7.96 -10.40
C ARG QA 79 81.51 -7.28 -10.88
N PRO QA 80 81.54 -6.64 -12.05
CA PRO QA 80 80.30 -6.15 -12.63
C PRO QA 80 79.43 -7.30 -13.09
N HIS QA 81 78.12 -7.15 -12.91
CA HIS QA 81 77.18 -8.13 -13.43
C HIS QA 81 77.23 -8.13 -14.96
N ARG QA 82 77.07 -9.31 -15.55
CA ARG QA 82 77.21 -9.40 -17.01
C ARG QA 82 76.13 -8.59 -17.73
N GLU QA 83 74.96 -8.44 -17.11
CA GLU QA 83 73.93 -7.60 -17.71
C GLU QA 83 74.38 -6.15 -17.75
N VAL QA 84 75.33 -5.76 -16.90
CA VAL QA 84 75.85 -4.41 -16.90
C VAL QA 84 76.73 -4.15 -18.12
N GLU QA 85 77.06 -5.19 -18.88
CA GLU QA 85 78.00 -5.04 -19.99
C GLU QA 85 77.69 -3.89 -20.94
N PRO QA 86 76.44 -3.63 -21.37
CA PRO QA 86 76.19 -2.51 -22.29
C PRO QA 86 76.47 -1.14 -21.69
N ALA QA 87 77.01 -1.09 -20.48
CA ALA QA 87 77.52 0.18 -19.95
C ALA QA 87 78.75 0.64 -20.70
N LEU QA 88 79.34 -0.21 -21.54
CA LEU QA 88 80.48 0.16 -22.37
C LEU QA 88 80.11 1.33 -23.29
N GLY RA 2 109.19 11.52 -30.50
CA GLY RA 2 109.06 11.94 -29.12
C GLY RA 2 108.03 11.14 -28.34
N ILE RA 3 108.19 11.11 -27.02
CA ILE RA 3 107.26 10.40 -26.15
C ILE RA 3 106.75 11.24 -25.00
N ALA RA 4 107.23 12.48 -24.85
CA ALA RA 4 106.77 13.34 -23.76
C ALA RA 4 105.48 14.04 -24.15
N LEU RA 5 104.43 13.80 -23.38
CA LEU RA 5 103.13 14.42 -23.62
C LEU RA 5 102.93 15.56 -22.63
N GLY RA 6 102.86 16.79 -23.14
CA GLY RA 6 102.49 17.93 -22.33
C GLY RA 6 101.08 18.36 -22.72
N MET RA 7 100.37 18.94 -21.75
CA MET RA 7 98.95 19.19 -21.99
C MET RA 7 98.35 20.08 -20.92
N ILE RA 8 97.49 21.00 -21.36
CA ILE RA 8 96.97 22.06 -20.50
C ILE RA 8 95.45 22.08 -20.57
N GLU RA 9 94.82 22.32 -19.42
CA GLU RA 9 93.39 22.55 -19.31
C GLU RA 9 93.12 24.01 -18.96
N THR RA 10 92.15 24.61 -19.63
CA THR RA 10 91.89 26.01 -19.37
C THR RA 10 90.41 26.32 -19.51
N ARG RA 11 90.03 27.43 -18.88
CA ARG RA 11 88.66 27.94 -18.87
C ARG RA 11 88.52 28.84 -20.10
N GLY RA 12 87.78 28.37 -21.10
CA GLY RA 12 87.66 29.09 -22.35
C GLY RA 12 88.71 28.66 -23.37
N LEU RA 13 88.63 29.26 -24.55
CA LEU RA 13 89.49 28.90 -25.66
C LEU RA 13 90.62 29.87 -25.92
N VAL RA 14 90.43 31.17 -25.67
CA VAL RA 14 91.50 32.14 -25.87
C VAL RA 14 92.76 31.75 -25.10
N PRO RA 15 92.70 31.45 -23.80
CA PRO RA 15 93.91 30.97 -23.12
C PRO RA 15 94.47 29.71 -23.75
N ALA RA 16 93.60 28.80 -24.21
CA ALA RA 16 94.07 27.56 -24.81
C ALA RA 16 94.89 27.83 -26.06
N ILE RA 17 94.35 28.65 -26.97
CA ILE RA 17 95.03 28.88 -28.24
C ILE RA 17 96.27 29.73 -28.05
N GLU RA 18 96.23 30.71 -27.14
CA GLU RA 18 97.45 31.49 -26.91
C GLU RA 18 98.52 30.62 -26.27
N ALA RA 19 98.13 29.70 -25.39
CA ALA RA 19 99.08 28.76 -24.82
C ALA RA 19 99.66 27.86 -25.90
N ALA RA 20 98.82 27.44 -26.86
CA ALA RA 20 99.32 26.62 -27.95
C ALA RA 20 100.33 27.39 -28.81
N ASP RA 21 100.06 28.67 -29.06
CA ASP RA 21 101.03 29.48 -29.78
C ASP RA 21 102.33 29.61 -29.00
N ALA RA 22 102.23 29.79 -27.68
CA ALA RA 22 103.43 29.79 -26.84
C ALA RA 22 104.16 28.45 -26.94
N MET RA 23 103.41 27.36 -27.01
CA MET RA 23 104.02 26.04 -27.15
C MET RA 23 104.84 25.97 -28.43
N THR RA 24 104.22 26.33 -29.54
CA THR RA 24 104.88 26.24 -30.84
C THR RA 24 106.03 27.23 -30.97
N LYS RA 25 105.99 28.34 -30.24
CA LYS RA 25 107.05 29.34 -30.35
C LYS RA 25 108.22 29.05 -29.42
N ALA RA 26 107.96 28.48 -28.25
CA ALA RA 26 109.00 28.29 -27.25
C ALA RA 26 109.79 26.99 -27.46
N ALA RA 27 109.10 25.88 -27.70
CA ALA RA 27 109.77 24.59 -27.83
C ALA RA 27 109.25 23.88 -29.06
N GLU RA 28 110.06 22.94 -29.56
CA GLU RA 28 109.71 22.18 -30.75
C GLU RA 28 108.80 21.02 -30.33
N VAL RA 29 107.55 21.37 -30.08
CA VAL RA 29 106.52 20.41 -29.70
C VAL RA 29 105.37 20.52 -30.70
N ARG RA 30 104.84 19.38 -31.11
CA ARG RA 30 103.76 19.33 -32.09
C ARG RA 30 102.44 19.13 -31.38
N LEU RA 31 101.47 19.98 -31.69
CA LEU RA 31 100.13 19.88 -31.12
C LEU RA 31 99.47 18.60 -31.62
N ILE RA 32 99.18 17.69 -30.70
CA ILE RA 32 98.56 16.42 -31.07
C ILE RA 32 97.11 16.30 -30.63
N GLY RA 33 96.56 17.32 -29.99
CA GLY RA 33 95.17 17.23 -29.60
C GLY RA 33 94.49 18.53 -29.21
N ARG RA 34 93.28 18.74 -29.72
CA ARG RA 34 92.42 19.84 -29.30
C ARG RA 34 91.10 19.27 -28.83
N GLU RA 35 90.71 19.55 -27.59
CA GLU RA 35 89.58 18.85 -27.00
C GLU RA 35 88.62 19.83 -26.33
N PHE RA 36 87.34 19.66 -26.63
CA PHE RA 36 86.25 20.36 -25.94
C PHE RA 36 85.70 19.40 -24.91
N VAL RA 37 86.12 19.58 -23.65
CA VAL RA 37 85.74 18.64 -22.60
C VAL RA 37 84.23 18.62 -22.40
N GLY RA 38 83.60 19.77 -22.46
CA GLY RA 38 82.18 19.89 -22.16
C GLY RA 38 82.00 20.92 -21.05
N GLY RA 39 81.07 21.84 -21.27
CA GLY RA 39 80.89 22.95 -20.35
C GLY RA 39 81.84 24.09 -20.54
N GLY RA 40 82.65 24.07 -21.61
CA GLY RA 40 83.58 25.14 -21.89
C GLY RA 40 85.03 24.86 -21.55
N TYR RA 41 85.31 23.77 -20.84
CA TYR RA 41 86.68 23.39 -20.55
C TYR RA 41 87.41 23.01 -21.83
N VAL RA 42 88.52 23.69 -22.11
CA VAL RA 42 89.23 23.50 -23.37
C VAL RA 42 90.63 22.98 -23.08
N THR RA 43 91.02 21.92 -23.79
CA THR RA 43 92.26 21.22 -23.49
C THR RA 43 93.15 21.14 -24.72
N VAL RA 44 94.45 21.33 -24.50
CA VAL RA 44 95.48 21.28 -25.53
C VAL RA 44 96.46 20.15 -25.20
N LEU RA 45 96.82 19.37 -26.21
CA LEU RA 45 97.75 18.25 -26.13
C LEU RA 45 98.87 18.47 -27.13
N VAL RA 46 100.11 18.50 -26.63
CA VAL RA 46 101.31 18.60 -27.47
C VAL RA 46 102.25 17.46 -27.13
N ARG RA 47 103.07 17.10 -28.12
CA ARG RA 47 104.03 16.01 -28.01
C ARG RA 47 105.43 16.54 -28.29
N GLY RA 48 106.40 16.07 -27.51
CA GLY RA 48 107.78 16.50 -27.72
C GLY RA 48 108.70 15.85 -26.72
N GLU RA 49 109.94 16.33 -26.72
CA GLU RA 49 110.95 15.83 -25.81
C GLU RA 49 110.71 16.34 -24.39
N THR RA 50 111.18 15.55 -23.41
CA THR RA 50 110.87 15.84 -22.01
C THR RA 50 111.31 17.25 -21.62
N GLY RA 51 112.54 17.62 -21.95
CA GLY RA 51 113.02 18.94 -21.59
C GLY RA 51 112.26 20.04 -22.32
N ALA RA 52 112.04 19.86 -23.62
CA ALA RA 52 111.28 20.84 -24.39
C ALA RA 52 109.86 20.95 -23.87
N VAL RA 53 109.22 19.81 -23.59
CA VAL RA 53 107.86 19.84 -23.04
C VAL RA 53 107.84 20.56 -21.71
N ASN RA 54 108.81 20.28 -20.85
CA ASN RA 54 108.84 20.90 -19.54
C ASN RA 54 108.97 22.42 -19.66
N ALA RA 55 109.95 22.87 -20.44
CA ALA RA 55 110.17 24.31 -20.59
C ALA RA 55 108.96 24.99 -21.20
N ALA RA 56 108.40 24.39 -22.27
CA ALA RA 56 107.25 24.97 -22.93
C ALA RA 56 106.07 25.06 -21.97
N VAL RA 57 105.80 23.98 -21.23
CA VAL RA 57 104.66 23.97 -20.32
C VAL RA 57 104.82 25.03 -19.24
N ARG RA 58 106.02 25.13 -18.67
CA ARG RA 58 106.25 26.15 -17.65
C ARG RA 58 106.01 27.54 -18.20
N ALA RA 59 106.59 27.84 -19.38
CA ALA RA 59 106.43 29.17 -19.95
C ALA RA 59 104.97 29.47 -20.28
N GLY RA 60 104.28 28.52 -20.89
CA GLY RA 60 102.88 28.73 -21.26
C GLY RA 60 101.97 28.88 -20.06
N ALA RA 61 102.19 28.08 -19.01
CA ALA RA 61 101.39 28.20 -17.80
C ALA RA 61 101.64 29.54 -17.12
N ASP RA 62 102.89 29.98 -17.08
CA ASP RA 62 103.17 31.28 -16.47
C ASP RA 62 102.54 32.41 -17.26
N ALA RA 63 102.57 32.32 -18.60
CA ALA RA 63 102.02 33.37 -19.44
C ALA RA 63 100.52 33.24 -19.64
N CYS RA 64 99.90 32.15 -19.15
CA CYS RA 64 98.50 31.87 -19.41
C CYS RA 64 97.59 32.13 -18.22
N GLU RA 65 98.16 32.32 -17.03
CA GLU RA 65 97.35 32.31 -15.82
C GLU RA 65 96.31 33.43 -15.82
N ARG RA 66 96.71 34.64 -16.19
CA ARG RA 66 95.81 35.79 -16.16
C ARG RA 66 95.16 36.08 -17.50
N VAL RA 67 95.37 35.24 -18.50
CA VAL RA 67 94.78 35.47 -19.82
C VAL RA 67 93.28 35.21 -19.73
N GLY RA 68 92.48 36.25 -19.93
CA GLY RA 68 91.03 36.09 -19.96
C GLY RA 68 90.52 35.59 -18.63
N ASP RA 69 89.86 34.44 -18.65
CA ASP RA 69 89.20 33.87 -17.49
C ASP RA 69 90.03 32.81 -16.79
N GLY RA 70 91.28 32.61 -17.21
CA GLY RA 70 92.25 31.86 -16.42
C GLY RA 70 92.38 30.41 -16.85
N LEU RA 71 93.44 29.80 -16.35
CA LEU RA 71 93.78 28.40 -16.59
C LEU RA 71 93.21 27.53 -15.48
N VAL RA 72 92.95 26.27 -15.79
CA VAL RA 72 92.39 25.32 -14.84
C VAL RA 72 93.45 24.37 -14.30
N ALA RA 73 94.06 23.58 -15.17
CA ALA RA 73 95.09 22.64 -14.77
C ALA RA 73 96.19 22.62 -15.80
N ALA RA 74 97.40 22.30 -15.35
CA ALA RA 74 98.57 22.27 -16.23
C ALA RA 74 99.64 21.41 -15.59
N HIS RA 75 99.93 20.26 -16.20
CA HIS RA 75 100.99 19.38 -15.71
C HIS RA 75 101.55 18.60 -16.89
N ILE RA 76 102.54 17.77 -16.59
CA ILE RA 76 103.30 17.05 -17.60
C ILE RA 76 103.29 15.56 -17.27
N ILE RA 77 103.03 14.74 -18.28
CA ILE RA 77 103.12 13.29 -18.17
C ILE RA 77 104.52 12.91 -18.62
N ALA RA 78 105.35 12.48 -17.66
CA ALA RA 78 106.77 12.28 -17.94
C ALA RA 78 107.01 11.05 -18.80
N ARG RA 79 106.47 9.89 -18.37
CA ARG RA 79 106.76 8.60 -19.00
C ARG RA 79 105.44 7.94 -19.34
N PRO RA 80 104.76 8.40 -20.39
CA PRO RA 80 103.45 7.84 -20.74
C PRO RA 80 103.58 6.38 -21.18
N HIS RA 81 102.52 5.61 -20.92
CA HIS RA 81 102.53 4.20 -21.31
C HIS RA 81 102.02 4.05 -22.74
N ARG RA 82 102.35 2.90 -23.34
CA ARG RA 82 101.90 2.65 -24.70
C ARG RA 82 100.39 2.53 -24.78
N GLU RA 83 99.75 1.88 -23.80
CA GLU RA 83 98.30 1.78 -23.84
C GLU RA 83 97.63 3.12 -23.56
N VAL RA 84 98.38 4.12 -23.10
CA VAL RA 84 97.84 5.48 -23.01
C VAL RA 84 97.77 6.14 -24.36
N GLU RA 85 98.48 5.61 -25.36
CA GLU RA 85 98.41 6.16 -26.72
C GLU RA 85 96.99 6.14 -27.27
N PRO RA 86 96.20 5.07 -27.13
CA PRO RA 86 94.80 5.14 -27.57
C PRO RA 86 94.00 6.21 -26.84
N ALA RA 87 94.45 6.65 -25.67
CA ALA RA 87 93.81 7.73 -24.95
C ALA RA 87 94.23 9.10 -25.46
N LEU RA 88 94.77 9.18 -26.67
CA LEU RA 88 95.22 10.45 -27.24
C LEU RA 88 94.03 11.38 -27.45
N GLY SA 2 96.28 38.80 -44.73
CA GLY SA 2 96.73 38.87 -43.34
C GLY SA 2 96.57 37.57 -42.61
N ILE SA 3 97.51 37.26 -41.71
CA ILE SA 3 97.50 36.01 -40.97
C ILE SA 3 97.31 36.21 -39.47
N ALA SA 4 97.30 37.44 -38.98
CA ALA SA 4 97.05 37.68 -37.57
C ALA SA 4 95.65 37.23 -37.20
N LEU SA 5 95.52 36.65 -36.01
CA LEU SA 5 94.27 36.02 -35.56
C LEU SA 5 93.65 36.85 -34.44
N GLY SA 6 92.36 37.11 -34.57
CA GLY SA 6 91.61 37.81 -33.55
C GLY SA 6 90.42 36.96 -33.11
N MET SA 7 90.30 36.76 -31.81
CA MET SA 7 89.35 35.80 -31.28
C MET SA 7 88.62 36.39 -30.09
N ILE SA 8 87.33 36.09 -29.98
CA ILE SA 8 86.47 36.64 -28.94
C ILE SA 8 85.66 35.54 -28.29
N GLU SA 9 85.58 35.57 -26.96
CA GLU SA 9 84.79 34.66 -26.15
C GLU SA 9 83.64 35.41 -25.50
N THR SA 10 82.46 34.79 -25.48
CA THR SA 10 81.34 35.42 -24.81
C THR SA 10 80.33 34.38 -24.37
N ARG SA 11 79.28 34.86 -23.70
CA ARG SA 11 78.24 34.03 -23.12
C ARG SA 11 77.02 34.05 -24.04
N GLY SA 12 77.00 33.17 -25.02
CA GLY SA 12 75.86 33.10 -25.93
C GLY SA 12 76.19 33.64 -27.31
N LEU SA 13 75.39 33.24 -28.30
CA LEU SA 13 75.69 33.61 -29.68
C LEU SA 13 75.39 35.07 -29.99
N VAL SA 14 74.37 35.67 -29.40
CA VAL SA 14 74.02 37.05 -29.75
C VAL SA 14 75.12 38.04 -29.40
N PRO SA 15 75.68 38.03 -28.19
CA PRO SA 15 76.87 38.87 -27.97
C PRO SA 15 77.99 38.55 -28.93
N ALA SA 16 78.18 37.26 -29.24
CA ALA SA 16 79.24 36.87 -30.17
C ALA SA 16 79.04 37.51 -31.53
N ILE SA 17 77.83 37.44 -32.06
CA ILE SA 17 77.60 37.87 -33.44
C ILE SA 17 77.49 39.40 -33.51
N GLU SA 18 76.97 40.03 -32.45
CA GLU SA 18 77.01 41.49 -32.43
C GLU SA 18 78.44 42.00 -32.38
N ALA SA 19 79.28 41.38 -31.56
CA ALA SA 19 80.70 41.73 -31.54
C ALA SA 19 81.35 41.48 -32.90
N ALA SA 20 81.00 40.35 -33.52
CA ALA SA 20 81.58 40.01 -34.82
C ALA SA 20 81.19 41.02 -35.87
N ASP SA 21 79.92 41.44 -35.90
CA ASP SA 21 79.51 42.47 -36.84
C ASP SA 21 80.23 43.78 -36.56
N ALA SA 22 80.34 44.16 -35.29
CA ALA SA 22 81.01 45.41 -34.96
C ALA SA 22 82.47 45.39 -35.41
N MET SA 23 83.17 44.27 -35.18
CA MET SA 23 84.57 44.21 -35.55
C MET SA 23 84.76 44.12 -37.05
N THR SA 24 83.88 43.38 -37.75
CA THR SA 24 84.00 43.30 -39.20
C THR SA 24 83.70 44.64 -39.85
N LYS SA 25 82.76 45.39 -39.30
CA LYS SA 25 82.51 46.74 -39.79
C LYS SA 25 83.67 47.67 -39.47
N ALA SA 26 84.29 47.53 -38.29
CA ALA SA 26 85.42 48.38 -37.94
C ALA SA 26 86.60 48.12 -38.88
N ALA SA 27 86.89 46.86 -39.16
CA ALA SA 27 87.98 46.51 -40.06
C ALA SA 27 87.59 45.27 -40.85
N GLU SA 28 87.95 45.27 -42.13
CA GLU SA 28 87.57 44.18 -43.03
C GLU SA 28 88.48 42.99 -42.77
N VAL SA 29 87.97 42.03 -42.02
CA VAL SA 29 88.65 40.78 -41.72
C VAL SA 29 87.73 39.64 -42.10
N ARG SA 30 88.32 38.48 -42.40
CA ARG SA 30 87.57 37.31 -42.79
C ARG SA 30 87.20 36.52 -41.53
N LEU SA 31 85.90 36.34 -41.30
CA LEU SA 31 85.43 35.56 -40.17
C LEU SA 31 85.76 34.09 -40.41
N ILE SA 32 86.85 33.62 -39.81
CA ILE SA 32 87.31 32.26 -40.09
C ILE SA 32 86.37 31.23 -39.50
N GLY SA 33 85.95 31.42 -38.25
CA GLY SA 33 85.19 30.38 -37.59
C GLY SA 33 84.29 30.91 -36.49
N ARG SA 34 83.24 30.14 -36.21
CA ARG SA 34 82.39 30.34 -35.04
C ARG SA 34 82.30 28.98 -34.36
N GLU SA 35 82.68 28.92 -33.08
CA GLU SA 35 82.72 27.65 -32.38
C GLU SA 35 81.95 27.72 -31.07
N PHE SA 36 81.13 26.68 -30.84
CA PHE SA 36 80.44 26.51 -29.58
C PHE SA 36 81.39 25.84 -28.59
N VAL SA 37 82.02 26.65 -27.74
CA VAL SA 37 82.98 26.11 -26.78
C VAL SA 37 82.29 25.15 -25.82
N GLY SA 38 81.11 25.53 -25.33
CA GLY SA 38 80.38 24.69 -24.39
C GLY SA 38 80.05 25.41 -23.10
N GLY SA 39 78.96 25.01 -22.46
CA GLY SA 39 78.57 25.64 -21.21
C GLY SA 39 78.21 27.10 -21.34
N GLY SA 40 77.81 27.55 -22.52
CA GLY SA 40 77.48 28.93 -22.79
C GLY SA 40 78.60 29.71 -23.45
N TYR SA 41 79.81 29.17 -23.51
CA TYR SA 41 80.91 29.86 -24.13
C TYR SA 41 80.84 29.73 -25.64
N VAL SA 42 80.82 30.87 -26.34
CA VAL SA 42 80.81 30.92 -27.79
C VAL SA 42 81.98 31.79 -28.22
N THR SA 43 82.72 31.33 -29.22
CA THR SA 43 83.90 32.05 -29.68
C THR SA 43 83.82 32.33 -31.17
N VAL SA 44 84.43 33.46 -31.56
CA VAL SA 44 84.51 33.87 -32.96
C VAL SA 44 85.97 34.10 -33.30
N LEU SA 45 86.36 33.65 -34.49
CA LEU SA 45 87.75 33.66 -34.96
C LEU SA 45 87.80 34.35 -36.31
N VAL SA 46 88.63 35.40 -36.41
CA VAL SA 46 88.83 36.15 -37.64
C VAL SA 46 90.33 36.24 -37.90
N ARG SA 47 90.68 36.45 -39.17
CA ARG SA 47 92.08 36.59 -39.57
C ARG SA 47 92.25 37.78 -40.48
N GLY SA 48 93.38 38.46 -40.33
CA GLY SA 48 93.66 39.63 -41.16
C GLY SA 48 94.97 40.27 -40.75
N GLU SA 49 95.13 41.52 -41.16
CA GLU SA 49 96.37 42.24 -40.89
C GLU SA 49 96.44 42.65 -39.42
N THR SA 50 97.68 42.86 -38.95
CA THR SA 50 97.92 43.04 -37.52
C THR SA 50 97.18 44.27 -36.99
N GLY SA 51 97.39 45.42 -37.61
CA GLY SA 51 96.72 46.63 -37.15
C GLY SA 51 95.21 46.56 -37.34
N ALA SA 52 94.77 46.07 -38.49
CA ALA SA 52 93.34 45.95 -38.75
C ALA SA 52 92.67 45.03 -37.74
N VAL SA 53 93.28 43.87 -37.47
CA VAL SA 53 92.68 42.93 -36.54
C VAL SA 53 92.72 43.48 -35.13
N ASN SA 54 93.80 44.18 -34.76
CA ASN SA 54 93.87 44.81 -33.45
C ASN SA 54 92.73 45.80 -33.27
N ALA SA 55 92.53 46.68 -34.25
CA ALA SA 55 91.46 47.66 -34.14
C ALA SA 55 90.09 46.98 -34.11
N ALA SA 56 89.90 45.95 -34.93
CA ALA SA 56 88.62 45.26 -34.96
C ALA SA 56 88.32 44.60 -33.62
N VAL SA 57 89.32 43.93 -33.03
CA VAL SA 57 89.11 43.28 -31.75
C VAL SA 57 88.81 44.30 -30.68
N ARG SA 58 89.54 45.43 -30.69
CA ARG SA 58 89.27 46.48 -29.71
C ARG SA 58 87.84 47.00 -29.84
N ALA SA 59 87.40 47.23 -31.08
CA ALA SA 59 86.06 47.75 -31.31
C ALA SA 59 84.99 46.75 -30.87
N GLY SA 60 85.16 45.47 -31.22
CA GLY SA 60 84.22 44.47 -30.75
C GLY SA 60 84.18 44.40 -29.23
N ALA SA 61 85.35 44.52 -28.59
CA ALA SA 61 85.41 44.45 -27.15
C ALA SA 61 84.62 45.59 -26.51
N ASP SA 62 84.86 46.83 -26.92
CA ASP SA 62 84.16 47.92 -26.25
C ASP SA 62 82.76 48.12 -26.81
N ALA SA 63 82.37 47.33 -27.81
CA ALA SA 63 81.00 47.42 -28.31
C ALA SA 63 80.08 46.33 -27.75
N CYS SA 64 80.62 45.17 -27.39
CA CYS SA 64 79.79 44.06 -26.95
C CYS SA 64 79.80 43.84 -25.44
N GLU SA 65 80.33 44.77 -24.66
CA GLU SA 65 80.48 44.54 -23.23
C GLU SA 65 79.13 44.43 -22.51
N ARG SA 66 78.14 45.21 -22.94
CA ARG SA 66 76.87 45.29 -22.24
C ARG SA 66 75.74 44.55 -22.95
N VAL SA 67 76.09 43.55 -23.76
CA VAL SA 67 75.11 42.70 -24.42
C VAL SA 67 75.01 41.42 -23.62
N GLY SA 68 73.82 41.16 -23.06
CA GLY SA 68 73.62 39.94 -22.29
C GLY SA 68 74.60 39.86 -21.14
N ASP SA 69 75.21 38.68 -20.96
CA ASP SA 69 76.23 38.52 -19.96
C ASP SA 69 77.55 39.18 -20.34
N GLY SA 70 77.78 39.41 -21.62
CA GLY SA 70 78.92 40.19 -22.06
C GLY SA 70 80.14 39.36 -22.41
N LEU SA 71 81.22 40.08 -22.66
CA LEU SA 71 82.50 39.49 -23.01
C LEU SA 71 83.01 38.58 -21.91
N VAL SA 72 83.84 37.61 -22.30
CA VAL SA 72 84.54 36.75 -21.35
C VAL SA 72 86.05 36.91 -21.47
N ALA SA 73 86.59 36.75 -22.69
CA ALA SA 73 88.02 36.91 -22.93
C ALA SA 73 88.22 37.55 -24.29
N ALA SA 74 89.15 38.49 -24.36
CA ALA SA 74 89.47 39.16 -25.61
C ALA SA 74 90.95 39.54 -25.62
N HIS SA 75 91.76 38.75 -26.31
CA HIS SA 75 93.18 39.04 -26.45
C HIS SA 75 93.55 38.91 -27.92
N ILE SA 76 94.76 39.33 -28.25
CA ILE SA 76 95.22 39.40 -29.64
C ILE SA 76 96.46 38.53 -29.80
N ILE SA 77 96.65 37.98 -30.99
CA ILE SA 77 97.84 37.23 -31.34
C ILE SA 77 98.44 37.87 -32.59
N ALA SA 78 99.72 38.25 -32.50
CA ALA SA 78 100.36 38.93 -33.62
C ALA SA 78 100.68 37.96 -34.75
N ARG SA 79 101.44 36.91 -34.45
CA ARG SA 79 101.91 35.96 -35.45
C ARG SA 79 101.46 34.56 -35.02
N PRO SA 80 100.23 34.18 -35.36
CA PRO SA 80 99.81 32.79 -35.12
C PRO SA 80 100.73 31.83 -35.84
N HIS SA 81 101.10 30.75 -35.16
CA HIS SA 81 102.15 29.88 -35.67
C HIS SA 81 101.52 28.80 -36.53
N ARG SA 82 102.34 28.16 -37.37
CA ARG SA 82 101.81 27.34 -38.46
C ARG SA 82 100.97 26.17 -37.94
N GLU SA 83 101.47 25.44 -36.96
CA GLU SA 83 100.77 24.24 -36.49
C GLU SA 83 99.45 24.55 -35.80
N VAL SA 84 99.16 25.82 -35.53
CA VAL SA 84 97.85 26.19 -35.01
C VAL SA 84 96.76 26.06 -36.07
N GLU SA 85 97.13 26.01 -37.35
CA GLU SA 85 96.13 25.91 -38.40
C GLU SA 85 95.23 24.69 -38.27
N PRO SA 86 95.72 23.49 -37.98
CA PRO SA 86 94.80 22.36 -37.72
C PRO SA 86 93.85 22.63 -36.56
N ALA SA 87 94.22 23.52 -35.64
CA ALA SA 87 93.30 23.97 -34.61
C ALA SA 87 92.40 25.10 -35.08
N LEU SA 88 92.52 25.50 -36.35
CA LEU SA 88 91.73 26.59 -36.88
C LEU SA 88 90.93 26.14 -38.09
N MET TA 1 -73.99 -29.56 10.66
CA MET TA 1 -72.73 -28.97 10.26
C MET TA 1 -72.76 -27.45 10.38
N GLY TA 2 -72.94 -26.95 11.60
CA GLY TA 2 -72.93 -25.52 11.84
C GLY TA 2 -71.63 -24.88 11.44
N ILE TA 3 -71.69 -23.84 10.60
CA ILE TA 3 -70.47 -23.21 10.09
C ILE TA 3 -69.86 -22.22 11.07
N ALA TA 4 -70.59 -21.80 12.09
CA ALA TA 4 -70.06 -20.84 13.05
C ALA TA 4 -68.80 -21.38 13.70
N LEU TA 5 -67.76 -20.54 13.75
CA LEU TA 5 -66.43 -20.96 14.19
C LEU TA 5 -66.09 -20.21 15.47
N GLY TA 6 -65.82 -20.95 16.54
CA GLY TA 6 -65.19 -20.40 17.72
C GLY TA 6 -63.74 -20.86 17.77
N MET TA 7 -62.88 -20.03 18.32
CA MET TA 7 -61.47 -20.41 18.44
C MET TA 7 -60.80 -19.60 19.53
N ILE TA 8 -60.03 -20.30 20.36
CA ILE TA 8 -59.51 -19.76 21.61
C ILE TA 8 -57.99 -19.89 21.62
N GLU TA 9 -57.32 -18.84 22.09
CA GLU TA 9 -55.88 -18.80 22.24
C GLU TA 9 -55.50 -19.00 23.70
N THR TA 10 -54.49 -19.85 23.93
CA THR TA 10 -53.99 -20.12 25.26
C THR TA 10 -52.48 -20.12 25.23
N ARG TA 11 -51.88 -19.68 26.33
CA ARG TA 11 -50.44 -19.81 26.52
C ARG TA 11 -50.21 -21.10 27.28
N GLY TA 12 -49.78 -22.13 26.57
CA GLY TA 12 -49.64 -23.46 27.13
C GLY TA 12 -50.74 -24.39 26.66
N LEU TA 13 -50.44 -25.69 26.69
CA LEU TA 13 -51.38 -26.68 26.16
C LEU TA 13 -52.53 -26.92 27.13
N VAL TA 14 -52.29 -26.76 28.43
CA VAL TA 14 -53.29 -27.06 29.45
C VAL TA 14 -54.55 -26.26 29.12
N PRO TA 15 -54.50 -24.91 29.20
CA PRO TA 15 -55.76 -24.16 29.04
C PRO TA 15 -56.44 -24.46 27.73
N ALA TA 16 -55.68 -24.77 26.67
CA ALA TA 16 -56.30 -25.22 25.43
C ALA TA 16 -57.09 -26.51 25.62
N ILE TA 17 -56.52 -27.46 26.37
CA ILE TA 17 -57.18 -28.76 26.50
C ILE TA 17 -58.47 -28.64 27.30
N GLU TA 18 -58.42 -27.97 28.47
CA GLU TA 18 -59.71 -27.83 29.16
C GLU TA 18 -60.62 -26.84 28.46
N ALA TA 19 -60.08 -25.97 27.61
CA ALA TA 19 -60.93 -25.15 26.77
C ALA TA 19 -61.74 -26.01 25.82
N ALA TA 20 -61.09 -26.98 25.19
CA ALA TA 20 -61.81 -27.90 24.31
C ALA TA 20 -62.82 -28.73 25.09
N ASP TA 21 -62.44 -29.19 26.28
CA ASP TA 21 -63.36 -29.96 27.09
C ASP TA 21 -64.59 -29.13 27.44
N ALA TA 22 -64.40 -27.87 27.82
CA ALA TA 22 -65.52 -26.99 28.11
C ALA TA 22 -66.34 -26.73 26.85
N MET TA 23 -65.69 -26.57 25.71
CA MET TA 23 -66.41 -26.41 24.45
C MET TA 23 -67.40 -27.54 24.29
N THR TA 24 -66.91 -28.77 24.42
CA THR TA 24 -67.75 -29.94 24.21
C THR TA 24 -68.83 -30.06 25.27
N LYS TA 25 -68.50 -29.75 26.53
CA LYS TA 25 -69.45 -29.96 27.61
C LYS TA 25 -70.59 -28.94 27.57
N ALA TA 26 -70.26 -27.67 27.28
CA ALA TA 26 -71.28 -26.63 27.31
C ALA TA 26 -72.35 -26.87 26.26
N ALA TA 27 -71.95 -27.25 25.04
CA ALA TA 27 -72.90 -27.52 23.99
C ALA TA 27 -72.32 -28.60 23.09
N GLU TA 28 -73.22 -29.29 22.38
CA GLU TA 28 -72.81 -30.38 21.49
C GLU TA 28 -72.32 -29.77 20.18
N VAL TA 29 -71.17 -29.09 20.27
CA VAL TA 29 -70.53 -28.50 19.11
C VAL TA 29 -69.29 -29.31 18.79
N ARG TA 30 -68.88 -29.25 17.53
CA ARG TA 30 -67.75 -30.04 17.05
C ARG TA 30 -66.49 -29.20 17.03
N LEU TA 31 -65.37 -29.81 17.37
CA LEU TA 31 -64.07 -29.17 17.25
C LEU TA 31 -63.46 -29.53 15.90
N ILE TA 32 -62.98 -28.52 15.18
CA ILE TA 32 -62.45 -28.77 13.84
C ILE TA 32 -60.96 -28.96 13.92
N GLY TA 33 -60.33 -28.38 14.94
CA GLY TA 33 -58.91 -28.61 15.07
C GLY TA 33 -58.19 -27.82 16.14
N ARG TA 34 -57.23 -28.49 16.75
CA ARG TA 34 -56.27 -27.89 17.67
C ARG TA 34 -54.97 -27.67 16.92
N GLU TA 35 -54.29 -26.56 17.23
CA GLU TA 35 -53.04 -26.21 16.55
C GLU TA 35 -52.02 -25.72 17.57
N PHE TA 36 -50.79 -26.21 17.43
CA PHE TA 36 -49.65 -25.65 18.16
C PHE TA 36 -49.10 -24.48 17.35
N VAL TA 37 -49.46 -23.26 17.75
CA VAL TA 37 -48.99 -22.08 17.05
C VAL TA 37 -47.48 -21.95 17.17
N GLY TA 38 -46.94 -22.20 18.35
CA GLY TA 38 -45.53 -22.02 18.60
C GLY TA 38 -45.28 -20.98 19.68
N GLY TA 39 -44.12 -21.10 20.33
CA GLY TA 39 -43.81 -20.19 21.41
C GLY TA 39 -44.70 -20.36 22.62
N GLY TA 40 -45.27 -21.54 22.81
CA GLY TA 40 -46.20 -21.80 23.88
C GLY TA 40 -47.65 -21.53 23.53
N TYR TA 41 -47.91 -20.91 22.38
CA TYR TA 41 -49.28 -20.62 22.00
C TYR TA 41 -49.95 -21.87 21.45
N VAL TA 42 -51.08 -22.23 22.05
CA VAL TA 42 -51.90 -23.35 21.60
C VAL TA 42 -53.31 -22.83 21.36
N THR TA 43 -53.92 -23.29 20.28
CA THR TA 43 -55.19 -22.74 19.86
C THR TA 43 -56.18 -23.86 19.58
N VAL TA 44 -57.42 -23.65 20.02
CA VAL TA 44 -58.49 -24.61 19.78
C VAL TA 44 -59.50 -23.99 18.83
N LEU TA 45 -60.00 -24.80 17.89
CA LEU TA 45 -60.90 -24.34 16.84
C LEU TA 45 -62.09 -25.28 16.78
N VAL TA 46 -63.28 -24.77 17.07
CA VAL TA 46 -64.50 -25.57 17.11
C VAL TA 46 -65.53 -24.97 16.17
N ARG TA 47 -66.45 -25.82 15.73
CA ARG TA 47 -67.50 -25.44 14.81
C ARG TA 47 -68.87 -25.82 15.36
N GLY TA 48 -69.87 -25.06 14.95
CA GLY TA 48 -71.24 -25.32 15.38
C GLY TA 48 -72.12 -24.13 15.03
N GLU TA 49 -73.38 -24.25 15.44
CA GLU TA 49 -74.31 -23.15 15.21
C GLU TA 49 -73.97 -21.98 16.14
N THR TA 50 -74.40 -20.78 15.72
CA THR TA 50 -73.87 -19.56 16.31
C THR TA 50 -74.14 -19.49 17.82
N GLY TA 51 -75.37 -19.77 18.23
CA GLY TA 51 -75.69 -19.67 19.65
C GLY TA 51 -74.95 -20.69 20.49
N ALA TA 52 -74.90 -21.94 20.01
CA ALA TA 52 -74.16 -22.97 20.74
C ALA TA 52 -72.68 -22.64 20.82
N VAL TA 53 -72.11 -22.12 19.73
CA VAL TA 53 -70.71 -21.71 19.74
C VAL TA 53 -70.50 -20.59 20.76
N ASN TA 54 -71.42 -19.62 20.80
CA ASN TA 54 -71.28 -18.53 21.74
C ASN TA 54 -71.30 -19.05 23.17
N ALA TA 55 -72.25 -19.92 23.49
CA ALA TA 55 -72.34 -20.46 24.84
C ALA TA 55 -71.10 -21.26 25.19
N ALA TA 56 -70.62 -22.10 24.27
CA ALA TA 56 -69.45 -22.91 24.53
C ALA TA 56 -68.21 -22.06 24.75
N VAL TA 57 -68.02 -21.05 23.90
CA VAL TA 57 -66.85 -20.18 24.03
C VAL TA 57 -66.90 -19.42 25.34
N ARG TA 58 -68.09 -18.93 25.72
CA ARG TA 58 -68.22 -18.27 27.01
C ARG TA 58 -67.84 -19.21 28.14
N ALA TA 59 -68.31 -20.46 28.09
CA ALA TA 59 -67.99 -21.42 29.14
C ALA TA 59 -66.50 -21.70 29.21
N GLY TA 60 -65.86 -21.88 28.06
CA GLY TA 60 -64.43 -22.14 28.05
C GLY TA 60 -63.63 -20.97 28.59
N ALA TA 61 -63.99 -19.76 28.17
CA ALA TA 61 -63.31 -18.57 28.69
C ALA TA 61 -63.48 -18.48 30.20
N ASP TA 62 -64.67 -18.82 30.70
CA ASP TA 62 -64.87 -18.84 32.14
C ASP TA 62 -63.96 -19.87 32.81
N ALA TA 63 -63.82 -21.05 32.20
CA ALA TA 63 -63.13 -22.15 32.85
C ALA TA 63 -61.61 -22.11 32.67
N CYS TA 64 -61.09 -21.23 31.83
CA CYS TA 64 -59.65 -21.26 31.56
C CYS TA 64 -58.84 -20.16 32.23
N GLU TA 65 -59.47 -19.09 32.72
CA GLU TA 65 -58.69 -18.00 33.30
C GLU TA 65 -57.85 -18.47 34.49
N ARG TA 66 -58.44 -19.24 35.38
CA ARG TA 66 -57.75 -19.67 36.60
C ARG TA 66 -56.71 -20.76 36.36
N VAL TA 67 -56.99 -21.71 35.48
CA VAL TA 67 -56.12 -22.86 35.29
C VAL TA 67 -55.00 -22.48 34.32
N GLY TA 68 -53.76 -22.74 34.74
CA GLY TA 68 -52.63 -22.46 33.88
C GLY TA 68 -52.40 -20.97 33.69
N ASP TA 69 -51.82 -20.61 32.55
CA ASP TA 69 -51.58 -19.22 32.24
C ASP TA 69 -52.87 -18.45 31.97
N GLY TA 70 -53.92 -19.14 31.54
CA GLY TA 70 -55.18 -18.49 31.28
C GLY TA 70 -55.36 -18.13 29.81
N LEU TA 71 -56.34 -17.28 29.56
CA LEU TA 71 -56.70 -16.89 28.21
C LEU TA 71 -55.60 -16.05 27.58
N VAL TA 72 -55.55 -16.06 26.24
CA VAL TA 72 -54.81 -15.08 25.47
C VAL TA 72 -55.73 -14.32 24.52
N ALA TA 73 -56.62 -15.04 23.85
CA ALA TA 73 -57.67 -14.43 23.03
C ALA TA 73 -58.86 -15.35 23.03
N ALA TA 74 -60.04 -14.77 22.78
CA ALA TA 74 -61.27 -15.53 22.70
C ALA TA 74 -62.31 -14.68 22.00
N HIS TA 75 -62.85 -15.21 20.90
CA HIS TA 75 -63.82 -14.47 20.10
C HIS TA 75 -64.60 -15.48 19.27
N ILE TA 76 -65.71 -15.02 18.71
CA ILE TA 76 -66.62 -15.88 17.96
C ILE TA 76 -66.73 -15.43 16.51
N ILE TA 77 -66.56 -16.37 15.59
CA ILE TA 77 -66.85 -16.09 14.19
C ILE TA 77 -68.18 -16.71 13.83
N ALA TA 78 -69.15 -15.88 13.43
CA ALA TA 78 -70.47 -16.40 13.11
C ALA TA 78 -70.51 -17.01 11.72
N ARG TA 79 -69.97 -16.29 10.73
CA ARG TA 79 -69.95 -16.77 9.34
C ARG TA 79 -68.53 -16.69 8.81
N PRO TA 80 -67.74 -17.73 9.02
CA PRO TA 80 -66.43 -17.80 8.35
C PRO TA 80 -66.61 -17.76 6.85
N HIS TA 81 -65.71 -17.05 6.18
CA HIS TA 81 -65.84 -16.90 4.74
C HIS TA 81 -65.32 -18.13 4.00
N ARG TA 82 -65.75 -18.27 2.76
CA ARG TA 82 -65.25 -19.35 1.91
C ARG TA 82 -63.74 -19.22 1.71
N GLU TA 83 -63.24 -17.98 1.67
CA GLU TA 83 -61.81 -17.77 1.46
C GLU TA 83 -60.99 -18.16 2.69
N VAL TA 84 -61.62 -18.24 3.87
CA VAL TA 84 -60.92 -18.69 5.06
C VAL TA 84 -60.94 -20.20 5.17
N GLU TA 85 -61.90 -20.86 4.51
CA GLU TA 85 -61.97 -22.32 4.55
C GLU TA 85 -60.69 -23.02 4.13
N PRO TA 86 -59.95 -22.59 3.09
CA PRO TA 86 -58.68 -23.27 2.79
C PRO TA 86 -57.66 -23.20 3.91
N ALA TA 87 -57.78 -22.24 4.82
CA ALA TA 87 -56.96 -22.26 6.01
C ALA TA 87 -57.38 -23.34 6.99
N LEU TA 88 -58.52 -24.00 6.73
CA LEU TA 88 -59.06 -25.03 7.60
C LEU TA 88 -59.02 -26.41 6.94
N GLY TA 89 -57.95 -26.70 6.22
CA GLY TA 89 -57.81 -28.01 5.61
C GLY TA 89 -58.43 -28.12 4.23
N ASN TA 90 -58.01 -27.27 3.31
CA ASN TA 90 -58.50 -27.33 1.92
C ASN TA 90 -58.19 -28.66 1.24
N GLY UA 2 -55.45 -9.64 -9.90
CA GLY UA 2 -54.77 -8.88 -8.86
C GLY UA 2 -53.37 -9.38 -8.59
N ILE UA 3 -52.46 -8.46 -8.29
CA ILE UA 3 -51.06 -8.79 -8.04
C ILE UA 3 -50.66 -8.24 -6.68
N ALA UA 4 -51.34 -7.19 -6.24
CA ALA UA 4 -50.99 -6.52 -4.99
C ALA UA 4 -51.14 -7.47 -3.81
N LEU UA 5 -50.32 -7.23 -2.79
CA LEU UA 5 -50.18 -8.13 -1.65
C LEU UA 5 -50.65 -7.44 -0.37
N GLY UA 6 -51.58 -8.09 0.34
CA GLY UA 6 -51.99 -7.66 1.68
C GLY UA 6 -51.50 -8.66 2.70
N MET UA 7 -50.80 -8.16 3.72
CA MET UA 7 -49.84 -9.05 4.36
C MET UA 7 -49.41 -8.55 5.73
N ILE UA 8 -49.65 -9.38 6.76
CA ILE UA 8 -49.73 -8.92 8.15
C ILE UA 8 -49.14 -9.98 9.08
N GLU UA 9 -48.65 -9.56 10.26
CA GLU UA 9 -48.57 -10.46 11.41
C GLU UA 9 -49.47 -10.02 12.56
N THR UA 10 -49.76 -11.00 13.42
CA THR UA 10 -50.29 -10.76 14.74
C THR UA 10 -49.72 -11.82 15.69
N ARG UA 11 -50.00 -11.64 16.98
CA ARG UA 11 -49.54 -12.57 18.02
C ARG UA 11 -50.73 -13.43 18.44
N GLY UA 12 -50.67 -14.72 18.14
CA GLY UA 12 -51.83 -15.57 18.31
C GLY UA 12 -52.80 -15.33 17.17
N LEU UA 13 -53.45 -16.38 16.68
CA LEU UA 13 -54.13 -16.27 15.40
C LEU UA 13 -55.66 -16.07 15.49
N VAL UA 14 -56.20 -15.78 16.67
CA VAL UA 14 -57.57 -15.26 16.70
C VAL UA 14 -57.57 -13.94 15.94
N PRO UA 15 -56.71 -12.97 16.27
CA PRO UA 15 -56.65 -11.77 15.42
C PRO UA 15 -56.25 -12.09 13.99
N ALA UA 16 -55.55 -13.19 13.74
CA ALA UA 16 -55.25 -13.55 12.36
C ALA UA 16 -56.51 -13.92 11.59
N ILE UA 17 -57.40 -14.71 12.19
CA ILE UA 17 -58.62 -15.04 11.46
C ILE UA 17 -59.51 -13.81 11.37
N GLU UA 18 -59.47 -12.94 12.38
CA GLU UA 18 -60.23 -11.70 12.24
C GLU UA 18 -59.71 -10.87 11.09
N ALA UA 19 -58.38 -10.81 10.93
CA ALA UA 19 -57.81 -10.10 9.79
C ALA UA 19 -58.26 -10.73 8.48
N ALA UA 20 -58.21 -12.06 8.38
CA ALA UA 20 -58.62 -12.72 7.13
C ALA UA 20 -60.11 -12.54 6.87
N ASP UA 21 -60.92 -12.64 7.92
CA ASP UA 21 -62.36 -12.46 7.78
C ASP UA 21 -62.64 -11.05 7.29
N ALA UA 22 -61.96 -10.05 7.87
CA ALA UA 22 -62.12 -8.68 7.41
C ALA UA 22 -61.59 -8.51 5.99
N MET UA 23 -60.56 -9.28 5.61
CA MET UA 23 -60.10 -9.27 4.24
C MET UA 23 -61.27 -9.59 3.32
N THR UA 24 -61.96 -10.68 3.63
CA THR UA 24 -63.11 -11.09 2.83
C THR UA 24 -64.27 -10.11 2.91
N LYS UA 25 -64.57 -9.59 4.10
CA LYS UA 25 -65.66 -8.63 4.26
C LYS UA 25 -65.44 -7.39 3.41
N ALA UA 26 -64.21 -6.87 3.42
CA ALA UA 26 -63.97 -5.57 2.79
C ALA UA 26 -63.88 -5.69 1.27
N ALA UA 27 -62.87 -6.41 0.77
CA ALA UA 27 -62.59 -6.38 -0.66
C ALA UA 27 -62.18 -7.77 -1.12
N GLU UA 28 -62.00 -7.89 -2.44
CA GLU UA 28 -61.65 -9.17 -3.05
C GLU UA 28 -60.14 -9.37 -2.93
N VAL UA 29 -59.74 -10.28 -2.05
CA VAL UA 29 -58.36 -10.72 -1.95
C VAL UA 29 -58.35 -12.22 -1.78
N ARG UA 30 -57.47 -12.90 -2.50
CA ARG UA 30 -57.34 -14.34 -2.43
C ARG UA 30 -56.32 -14.69 -1.35
N LEU UA 31 -56.78 -15.42 -0.33
CA LEU UA 31 -55.92 -15.81 0.78
C LEU UA 31 -54.88 -16.81 0.28
N ILE UA 32 -53.67 -16.34 0.04
CA ILE UA 32 -52.64 -17.21 -0.51
C ILE UA 32 -51.82 -17.92 0.56
N GLY UA 33 -51.76 -17.40 1.78
CA GLY UA 33 -51.02 -18.12 2.79
C GLY UA 33 -51.11 -17.65 4.22
N ARG UA 34 -51.41 -18.58 5.13
CA ARG UA 34 -51.24 -18.37 6.56
C ARG UA 34 -49.99 -19.12 7.00
N GLU UA 35 -49.21 -18.52 7.89
CA GLU UA 35 -47.92 -19.10 8.24
C GLU UA 35 -47.60 -18.80 9.70
N PHE UA 36 -47.04 -19.79 10.39
CA PHE UA 36 -46.58 -19.63 11.77
C PHE UA 36 -45.11 -19.26 11.74
N VAL UA 37 -44.81 -17.98 11.97
CA VAL UA 37 -43.44 -17.50 11.87
C VAL UA 37 -42.55 -18.22 12.88
N GLY UA 38 -43.04 -18.39 14.10
CA GLY UA 38 -42.26 -18.96 15.17
C GLY UA 38 -42.35 -18.09 16.42
N GLY UA 39 -42.54 -18.73 17.57
CA GLY UA 39 -42.71 -17.96 18.79
C GLY UA 39 -44.06 -17.30 18.92
N GLY UA 40 -45.01 -17.61 18.04
CA GLY UA 40 -46.36 -17.10 18.11
C GLY UA 40 -46.75 -16.13 17.03
N TYR UA 41 -45.78 -15.60 16.28
CA TYR UA 41 -46.12 -14.70 15.18
C TYR UA 41 -46.84 -15.47 14.10
N VAL UA 42 -48.01 -14.97 13.70
CA VAL UA 42 -48.83 -15.57 12.66
C VAL UA 42 -48.98 -14.54 11.55
N THR UA 43 -48.62 -14.92 10.33
CA THR UA 43 -48.63 -14.02 9.18
C THR UA 43 -49.69 -14.46 8.19
N VAL UA 44 -50.50 -13.51 7.75
CA VAL UA 44 -51.53 -13.71 6.75
C VAL UA 44 -51.11 -13.01 5.46
N LEU UA 45 -51.37 -13.66 4.34
CA LEU UA 45 -50.91 -13.22 3.02
C LEU UA 45 -52.05 -13.42 2.03
N VAL UA 46 -52.48 -12.33 1.40
CA VAL UA 46 -53.56 -12.35 0.42
C VAL UA 46 -53.12 -11.57 -0.81
N ARG UA 47 -53.73 -11.90 -1.95
CA ARG UA 47 -53.44 -11.24 -3.21
C ARG UA 47 -54.71 -10.66 -3.81
N GLY UA 48 -54.60 -9.47 -4.38
CA GLY UA 48 -55.74 -8.81 -4.97
C GLY UA 48 -55.34 -7.48 -5.56
N GLU UA 49 -56.36 -6.70 -5.93
CA GLU UA 49 -56.13 -5.39 -6.52
C GLU UA 49 -55.57 -4.43 -5.48
N THR UA 50 -54.78 -3.46 -5.96
CA THR UA 50 -54.12 -2.51 -5.07
C THR UA 50 -55.11 -1.81 -4.16
N GLY UA 51 -56.15 -1.21 -4.74
CA GLY UA 51 -57.17 -0.59 -3.90
C GLY UA 51 -57.91 -1.59 -3.04
N ALA UA 52 -58.22 -2.75 -3.62
CA ALA UA 52 -58.88 -3.80 -2.85
C ALA UA 52 -57.99 -4.28 -1.71
N VAL UA 53 -56.71 -4.49 -1.99
CA VAL UA 53 -55.78 -4.91 -0.95
C VAL UA 53 -55.72 -3.85 0.14
N ASN UA 54 -55.64 -2.58 -0.26
CA ASN UA 54 -55.56 -1.50 0.71
C ASN UA 54 -56.77 -1.48 1.62
N ALA UA 55 -57.97 -1.50 1.04
CA ALA UA 55 -59.18 -1.45 1.84
C ALA UA 55 -59.28 -2.67 2.76
N ALA UA 56 -58.99 -3.85 2.23
CA ALA UA 56 -59.09 -5.07 3.03
C ALA UA 56 -58.12 -5.02 4.20
N VAL UA 57 -56.87 -4.59 3.95
CA VAL UA 57 -55.88 -4.54 5.01
C VAL UA 57 -56.24 -3.48 6.04
N ARG UA 58 -56.80 -2.35 5.59
CA ARG UA 58 -57.28 -1.35 6.52
C ARG UA 58 -58.31 -1.96 7.47
N ALA UA 59 -59.29 -2.66 6.90
CA ALA UA 59 -60.33 -3.28 7.72
C ALA UA 59 -59.75 -4.32 8.66
N GLY UA 60 -58.83 -5.16 8.18
CA GLY UA 60 -58.25 -6.18 9.03
C GLY UA 60 -57.46 -5.59 10.18
N ALA UA 61 -56.70 -4.53 9.91
CA ALA UA 61 -55.97 -3.85 10.98
C ALA UA 61 -56.94 -3.26 12.00
N ASP UA 62 -58.03 -2.65 11.53
CA ASP UA 62 -58.98 -2.06 12.48
C ASP UA 62 -59.74 -3.11 13.25
N ALA UA 63 -59.81 -4.34 12.72
CA ALA UA 63 -60.65 -5.35 13.37
C ALA UA 63 -59.86 -6.34 14.21
N CYS UA 64 -58.53 -6.37 14.07
CA CYS UA 64 -57.76 -7.42 14.72
C CYS UA 64 -56.97 -6.97 15.94
N GLU UA 65 -56.76 -5.66 16.10
CA GLU UA 65 -55.80 -5.18 17.11
C GLU UA 65 -56.35 -5.27 18.54
N ARG UA 66 -57.65 -5.04 18.74
CA ARG UA 66 -58.22 -5.13 20.08
C ARG UA 66 -58.34 -6.55 20.59
N VAL UA 67 -58.23 -7.55 19.74
CA VAL UA 67 -58.48 -8.93 20.10
C VAL UA 67 -57.15 -9.61 20.38
N GLY UA 68 -57.03 -10.22 21.56
CA GLY UA 68 -55.81 -10.92 21.92
C GLY UA 68 -54.65 -9.97 22.10
N ASP UA 69 -53.46 -10.46 21.76
CA ASP UA 69 -52.26 -9.64 21.87
C ASP UA 69 -52.26 -8.51 20.85
N GLY UA 70 -52.80 -8.75 19.66
CA GLY UA 70 -53.09 -7.67 18.74
C GLY UA 70 -52.23 -7.66 17.50
N LEU UA 71 -52.36 -6.56 16.77
CA LEU UA 71 -51.70 -6.36 15.49
C LEU UA 71 -50.18 -6.30 15.64
N VAL UA 72 -49.48 -6.54 14.53
CA VAL UA 72 -48.06 -6.23 14.46
C VAL UA 72 -47.71 -5.27 13.34
N ALA UA 73 -48.22 -5.45 12.12
CA ALA UA 73 -47.90 -4.55 11.02
C ALA UA 73 -49.00 -4.53 9.96
N ALA UA 74 -49.60 -3.36 9.74
CA ALA UA 74 -50.61 -3.19 8.69
C ALA UA 74 -49.89 -2.72 7.42
N HIS UA 75 -49.21 -3.66 6.78
CA HIS UA 75 -48.29 -3.38 5.69
C HIS UA 75 -48.77 -4.01 4.40
N ILE UA 76 -48.51 -3.32 3.29
CA ILE UA 76 -48.96 -3.76 1.97
C ILE UA 76 -47.84 -3.52 0.96
N ILE UA 77 -47.74 -4.44 0.00
CA ILE UA 77 -46.89 -4.31 -1.18
C ILE UA 77 -47.77 -4.30 -2.41
N ALA UA 78 -47.54 -3.33 -3.30
CA ALA UA 78 -48.33 -3.23 -4.52
C ALA UA 78 -47.77 -4.10 -5.63
N ARG UA 79 -46.44 -4.07 -5.83
CA ARG UA 79 -45.80 -4.93 -6.82
C ARG UA 79 -44.96 -5.98 -6.11
N PRO UA 80 -45.48 -7.18 -5.90
CA PRO UA 80 -44.59 -8.29 -5.53
C PRO UA 80 -43.75 -8.68 -6.74
N HIS UA 81 -42.47 -8.30 -6.73
CA HIS UA 81 -41.61 -8.53 -7.87
C HIS UA 81 -41.37 -10.02 -8.05
N ARG UA 82 -41.00 -10.41 -9.27
CA ARG UA 82 -41.00 -11.82 -9.65
C ARG UA 82 -40.16 -12.67 -8.70
N GLU UA 83 -39.00 -12.14 -8.29
CA GLU UA 83 -38.13 -12.90 -7.38
C GLU UA 83 -38.74 -13.07 -6.00
N VAL UA 84 -39.71 -12.24 -5.62
CA VAL UA 84 -40.37 -12.45 -4.33
C VAL UA 84 -41.29 -13.68 -4.39
N GLU UA 85 -41.91 -13.94 -5.54
CA GLU UA 85 -42.87 -15.03 -5.64
C GLU UA 85 -42.35 -16.38 -5.15
N PRO UA 86 -41.11 -16.80 -5.44
CA PRO UA 86 -40.66 -18.08 -4.87
C PRO UA 86 -40.72 -18.13 -3.36
N ALA UA 87 -40.68 -16.97 -2.70
CA ALA UA 87 -40.85 -16.90 -1.25
C ALA UA 87 -42.31 -16.91 -0.85
N LEU UA 88 -43.23 -16.98 -1.80
CA LEU UA 88 -44.65 -17.00 -1.49
C LEU UA 88 -45.22 -18.40 -1.70
N GLY VA 2 -58.73 -46.58 32.00
CA GLY VA 2 -59.45 -45.52 32.68
C GLY VA 2 -59.60 -44.27 31.85
N ILE VA 3 -60.84 -43.77 31.76
CA ILE VA 3 -61.12 -42.58 30.95
C ILE VA 3 -60.73 -41.30 31.66
N ALA VA 4 -60.52 -41.33 32.98
CA ALA VA 4 -60.07 -40.14 33.69
C ALA VA 4 -58.72 -39.70 33.13
N LEU VA 5 -58.61 -38.41 32.85
CA LEU VA 5 -57.47 -37.87 32.13
C LEU VA 5 -56.71 -36.89 33.02
N GLY VA 6 -55.47 -37.23 33.33
CA GLY VA 6 -54.59 -36.31 34.02
C GLY VA 6 -53.58 -35.79 33.03
N MET VA 7 -53.11 -34.55 33.21
CA MET VA 7 -52.19 -33.96 32.26
C MET VA 7 -51.46 -32.79 32.90
N ILE VA 8 -50.17 -32.67 32.60
CA ILE VA 8 -49.27 -31.76 33.32
C ILE VA 8 -48.44 -31.00 32.31
N GLU VA 9 -48.36 -29.69 32.50
CA GLU VA 9 -47.51 -28.82 31.69
C GLU VA 9 -46.29 -28.43 32.51
N THR VA 10 -45.14 -28.33 31.86
CA THR VA 10 -43.94 -27.89 32.54
C THR VA 10 -43.01 -27.20 31.55
N ARG VA 11 -42.03 -26.49 32.09
CA ARG VA 11 -41.08 -25.71 31.31
C ARG VA 11 -39.78 -26.50 31.26
N GLY VA 12 -39.70 -27.45 30.33
CA GLY VA 12 -38.52 -28.28 30.19
C GLY VA 12 -38.84 -29.76 30.07
N LEU VA 13 -38.09 -30.45 29.22
CA LEU VA 13 -38.35 -31.88 29.03
C LEU VA 13 -37.98 -32.68 30.27
N VAL VA 14 -36.91 -32.28 30.96
CA VAL VA 14 -36.48 -33.01 32.15
C VAL VA 14 -37.56 -33.04 33.22
N PRO VA 15 -38.11 -31.91 33.66
CA PRO VA 15 -39.22 -31.99 34.63
C PRO VA 15 -40.41 -32.75 34.08
N ALA VA 16 -40.66 -32.64 32.77
CA ALA VA 16 -41.78 -33.36 32.18
C ALA VA 16 -41.63 -34.87 32.37
N ILE VA 17 -40.48 -35.41 32.01
CA ILE VA 17 -40.32 -36.87 32.06
C ILE VA 17 -40.20 -37.34 33.51
N GLU VA 18 -39.57 -36.53 34.38
CA GLU VA 18 -39.50 -36.97 35.77
C GLU VA 18 -40.87 -36.92 36.41
N ALA VA 19 -41.71 -35.95 36.03
CA ALA VA 19 -43.08 -35.93 36.52
C ALA VA 19 -43.88 -37.08 35.96
N ALA VA 20 -43.57 -37.51 34.74
CA ALA VA 20 -44.21 -38.71 34.21
C ALA VA 20 -43.85 -39.93 35.03
N ASP VA 21 -42.58 -40.05 35.42
CA ASP VA 21 -42.19 -41.16 36.29
C ASP VA 21 -42.88 -41.05 37.64
N ALA VA 22 -43.02 -39.83 38.16
CA ALA VA 22 -43.75 -39.65 39.41
C ALA VA 22 -45.21 -40.09 39.25
N MET VA 23 -45.83 -39.73 38.14
CA MET VA 23 -47.20 -40.18 37.84
C MET VA 23 -47.27 -41.70 37.91
N THR VA 24 -46.33 -42.36 37.25
CA THR VA 24 -46.39 -43.81 37.06
C THR VA 24 -46.08 -44.57 38.33
N LYS VA 25 -45.16 -44.08 39.16
CA LYS VA 25 -44.82 -44.83 40.35
C LYS VA 25 -45.80 -44.53 41.49
N ALA VA 26 -46.29 -43.29 41.56
CA ALA VA 26 -47.28 -42.96 42.57
C ALA VA 26 -48.59 -43.70 42.33
N ALA VA 27 -49.04 -43.78 41.09
CA ALA VA 27 -50.30 -44.44 40.78
C ALA VA 27 -50.12 -45.36 39.58
N GLU VA 28 -50.89 -46.44 39.57
CA GLU VA 28 -50.82 -47.44 38.50
C GLU VA 28 -51.73 -46.99 37.37
N VAL VA 29 -51.22 -46.04 36.59
CA VAL VA 29 -51.93 -45.48 35.44
C VAL VA 29 -50.97 -45.41 34.26
N ARG VA 30 -51.54 -45.40 33.07
CA ARG VA 30 -50.77 -45.40 31.83
C ARG VA 30 -50.83 -44.02 31.19
N LEU VA 31 -49.69 -43.52 30.73
CA LEU VA 31 -49.63 -42.23 30.06
C LEU VA 31 -49.68 -42.42 28.56
N ILE VA 32 -50.28 -41.45 27.88
CA ILE VA 32 -50.50 -41.53 26.44
C ILE VA 32 -49.84 -40.42 25.65
N GLY VA 33 -49.40 -39.34 26.29
CA GLY VA 33 -48.90 -38.22 25.51
C GLY VA 33 -47.64 -37.57 26.02
N ARG VA 34 -46.68 -37.34 25.12
CA ARG VA 34 -45.43 -36.62 25.43
C ARG VA 34 -45.26 -35.56 24.34
N GLU VA 35 -45.82 -34.37 24.59
CA GLU VA 35 -45.93 -33.36 23.54
C GLU VA 35 -45.00 -32.19 23.82
N PHE VA 36 -44.39 -31.67 22.75
CA PHE VA 36 -43.54 -30.49 22.82
C PHE VA 36 -44.35 -29.29 22.33
N VAL VA 37 -44.84 -28.48 23.28
CA VAL VA 37 -45.70 -27.35 22.92
C VAL VA 37 -44.93 -26.34 22.07
N GLY VA 38 -43.70 -26.03 22.46
CA GLY VA 38 -42.95 -25.00 21.79
C GLY VA 38 -42.49 -23.93 22.77
N GLY VA 39 -41.29 -23.40 22.58
CA GLY VA 39 -40.76 -22.46 23.54
C GLY VA 39 -40.39 -23.06 24.86
N GLY VA 40 -40.10 -24.36 24.90
CA GLY VA 40 -39.71 -25.03 26.11
C GLY VA 40 -40.85 -25.64 26.89
N TYR VA 41 -42.09 -25.43 26.45
CA TYR VA 41 -43.24 -25.99 27.15
C TYR VA 41 -43.48 -27.43 26.70
N VAL VA 42 -43.58 -28.34 27.66
CA VAL VA 42 -43.77 -29.76 27.38
C VAL VA 42 -44.95 -30.25 28.22
N THR VA 43 -45.82 -31.03 27.59
CA THR VA 43 -47.02 -31.55 28.25
C THR VA 43 -46.98 -33.07 28.28
N VAL VA 44 -47.49 -33.63 29.37
CA VAL VA 44 -47.59 -35.07 29.55
C VAL VA 44 -49.05 -35.43 29.82
N LEU VA 45 -49.51 -36.48 29.15
CA LEU VA 45 -50.91 -36.90 29.16
C LEU VA 45 -51.00 -38.34 29.66
N VAL VA 46 -51.75 -38.54 30.75
CA VAL VA 46 -51.89 -39.83 31.40
C VAL VA 46 -53.37 -40.16 31.55
N ARG VA 47 -53.68 -41.45 31.59
CA ARG VA 47 -55.05 -41.96 31.67
C ARG VA 47 -55.18 -42.94 32.82
N GLY VA 48 -56.34 -42.92 33.46
CA GLY VA 48 -56.60 -43.80 34.59
C GLY VA 48 -57.88 -43.39 35.28
N GLU VA 49 -58.14 -44.02 36.41
CA GLU VA 49 -59.33 -43.70 37.18
C GLU VA 49 -59.13 -42.39 37.95
N THR VA 50 -60.24 -41.81 38.39
CA THR VA 50 -60.23 -40.46 38.94
C THR VA 50 -59.30 -40.34 40.15
N GLY VA 51 -59.48 -41.24 41.12
CA GLY VA 51 -58.65 -41.16 42.31
C GLY VA 51 -57.18 -41.38 42.01
N ALA VA 52 -56.88 -42.36 41.16
CA ALA VA 52 -55.49 -42.66 40.84
C ALA VA 52 -54.82 -41.48 40.15
N VAL VA 53 -55.49 -40.92 39.13
CA VAL VA 53 -54.88 -39.81 38.41
C VAL VA 53 -54.77 -38.58 39.31
N ASN VA 54 -55.75 -38.38 40.20
CA ASN VA 54 -55.68 -37.23 41.11
C ASN VA 54 -54.49 -37.37 42.05
N ALA VA 55 -54.33 -38.54 42.67
CA ALA VA 55 -53.21 -38.74 43.58
C ALA VA 55 -51.89 -38.63 42.83
N ALA VA 56 -51.81 -39.23 41.64
CA ALA VA 56 -50.58 -39.17 40.86
C ALA VA 56 -50.22 -37.74 40.51
N VAL VA 57 -51.19 -36.96 40.05
CA VAL VA 57 -50.90 -35.60 39.63
C VAL VA 57 -50.53 -34.73 40.82
N ARG VA 58 -51.17 -34.95 41.97
CA ARG VA 58 -50.80 -34.18 43.15
C ARG VA 58 -49.38 -34.50 43.58
N ALA VA 59 -49.02 -35.79 43.54
CA ALA VA 59 -47.66 -36.19 43.90
C ALA VA 59 -46.65 -35.60 42.92
N GLY VA 60 -46.95 -35.63 41.63
CA GLY VA 60 -46.03 -35.07 40.65
C GLY VA 60 -45.89 -33.57 40.77
N ALA VA 61 -46.99 -32.87 41.04
CA ALA VA 61 -46.93 -31.43 41.26
C ALA VA 61 -46.13 -31.09 42.51
N ASP VA 62 -46.24 -31.90 43.55
CA ASP VA 62 -45.46 -31.67 44.77
C ASP VA 62 -44.01 -32.09 44.63
N ALA VA 63 -43.69 -32.97 43.67
CA ALA VA 63 -42.33 -33.44 43.48
C ALA VA 63 -41.67 -32.90 42.22
N CYS VA 64 -42.28 -31.93 41.54
CA CYS VA 64 -41.77 -31.44 40.28
C CYS VA 64 -41.44 -29.95 40.28
N GLU VA 65 -41.91 -29.20 41.28
CA GLU VA 65 -41.73 -27.75 41.25
C GLU VA 65 -40.28 -27.34 41.41
N ARG VA 66 -39.45 -28.17 42.03
CA ARG VA 66 -38.10 -27.80 42.41
C ARG VA 66 -37.08 -28.15 41.33
N VAL VA 67 -37.44 -28.98 40.37
CA VAL VA 67 -36.52 -29.44 39.34
C VAL VA 67 -36.70 -28.58 38.10
N GLY VA 68 -35.58 -28.13 37.54
CA GLY VA 68 -35.64 -27.30 36.34
C GLY VA 68 -36.36 -26.00 36.60
N ASP VA 69 -37.29 -25.66 35.71
CA ASP VA 69 -38.06 -24.43 35.82
C ASP VA 69 -39.37 -24.63 36.56
N GLY VA 70 -39.63 -25.82 37.09
CA GLY VA 70 -40.82 -26.06 37.87
C GLY VA 70 -42.06 -26.23 37.01
N LEU VA 71 -43.19 -26.32 37.69
CA LEU VA 71 -44.47 -26.50 37.03
C LEU VA 71 -44.86 -25.25 36.25
N VAL VA 72 -45.71 -25.47 35.24
CA VAL VA 72 -46.44 -24.40 34.58
C VAL VA 72 -47.93 -24.51 34.85
N ALA VA 73 -48.47 -25.73 34.83
CA ALA VA 73 -49.85 -25.99 35.19
C ALA VA 73 -49.99 -27.49 35.46
N ALA VA 74 -50.98 -27.83 36.28
CA ALA VA 74 -51.26 -29.22 36.59
C ALA VA 74 -52.74 -29.42 36.89
N HIS VA 75 -53.51 -29.86 35.90
CA HIS VA 75 -54.94 -30.03 36.05
C HIS VA 75 -55.39 -31.36 35.47
N ILE VA 76 -56.54 -31.83 35.95
CA ILE VA 76 -57.10 -33.11 35.52
C ILE VA 76 -58.55 -32.91 35.10
N ILE VA 77 -59.02 -33.83 34.26
CA ILE VA 77 -60.42 -33.86 33.82
C ILE VA 77 -60.98 -35.23 34.19
N ALA VA 78 -62.11 -35.23 34.91
CA ALA VA 78 -62.65 -36.48 35.42
C ALA VA 78 -63.24 -37.34 34.30
N ARG VA 79 -64.19 -36.78 33.55
CA ARG VA 79 -64.88 -37.50 32.48
C ARG VA 79 -64.76 -36.67 31.20
N PRO VA 80 -63.61 -36.72 30.54
CA PRO VA 80 -63.42 -35.92 29.33
C PRO VA 80 -64.36 -36.36 28.22
N HIS VA 81 -64.71 -35.41 27.36
CA HIS VA 81 -65.62 -35.70 26.26
C HIS VA 81 -64.97 -36.62 25.25
N ARG VA 82 -65.81 -37.46 24.63
CA ARG VA 82 -65.31 -38.44 23.68
C ARG VA 82 -64.72 -37.77 22.44
N GLU VA 83 -65.35 -36.69 21.97
CA GLU VA 83 -64.87 -36.02 20.78
C GLU VA 83 -63.51 -35.37 20.99
N VAL VA 84 -63.10 -35.20 22.25
CA VAL VA 84 -61.76 -34.71 22.53
C VAL VA 84 -60.69 -35.71 22.09
N GLU VA 85 -61.06 -36.98 21.96
CA GLU VA 85 -60.08 -38.05 21.70
C GLU VA 85 -59.19 -37.78 20.50
N PRO VA 86 -59.69 -37.37 19.33
CA PRO VA 86 -58.77 -37.08 18.21
C PRO VA 86 -57.75 -36.01 18.52
N ALA VA 87 -58.02 -35.13 19.48
CA ALA VA 87 -57.05 -34.10 19.85
C ALA VA 87 -55.85 -34.67 20.60
N LEU VA 88 -55.89 -35.94 20.97
CA LEU VA 88 -54.77 -36.56 21.67
C LEU VA 88 -54.73 -38.07 21.40
N GLY WA 2 -28.15 -51.51 31.90
CA GLY WA 2 -28.10 -50.07 31.78
C GLY WA 2 -29.47 -49.45 31.53
N ILE WA 3 -30.37 -49.61 32.50
CA ILE WA 3 -31.71 -49.06 32.37
C ILE WA 3 -31.82 -47.63 32.87
N ALA WA 4 -30.90 -47.19 33.75
CA ALA WA 4 -30.96 -45.84 34.29
C ALA WA 4 -30.80 -44.81 33.17
N LEU WA 5 -31.49 -43.69 33.32
CA LEU WA 5 -31.52 -42.64 32.31
C LEU WA 5 -31.03 -41.34 32.93
N GLY WA 6 -30.08 -40.68 32.26
CA GLY WA 6 -29.53 -39.43 32.73
C GLY WA 6 -29.88 -38.30 31.76
N MET WA 7 -30.32 -37.18 32.33
CA MET WA 7 -30.86 -36.07 31.56
C MET WA 7 -30.08 -34.80 31.85
N ILE WA 8 -29.73 -34.07 30.80
CA ILE WA 8 -29.16 -32.73 30.94
C ILE WA 8 -29.94 -31.78 30.06
N GLU WA 9 -30.30 -30.62 30.61
CA GLU WA 9 -31.04 -29.60 29.88
C GLU WA 9 -30.30 -28.27 29.95
N THR WA 10 -30.28 -27.54 28.84
CA THR WA 10 -29.53 -26.30 28.81
C THR WA 10 -30.07 -25.35 27.74
N ARG WA 11 -29.59 -24.11 27.81
CA ARG WA 11 -29.87 -23.09 26.81
C ARG WA 11 -28.81 -23.21 25.72
N GLY WA 12 -29.24 -23.55 24.52
CA GLY WA 12 -28.27 -23.58 23.43
C GLY WA 12 -27.65 -24.95 23.25
N LEU WA 13 -27.23 -25.21 22.01
CA LEU WA 13 -26.76 -26.54 21.66
C LEU WA 13 -25.32 -26.77 22.10
N VAL WA 14 -24.52 -25.71 22.21
CA VAL WA 14 -23.11 -25.89 22.59
C VAL WA 14 -22.97 -26.46 24.00
N PRO WA 15 -23.64 -25.94 25.03
CA PRO WA 15 -23.59 -26.63 26.33
C PRO WA 15 -24.17 -28.02 26.29
N ALA WA 16 -25.12 -28.28 25.40
CA ALA WA 16 -25.61 -29.65 25.22
C ALA WA 16 -24.50 -30.56 24.73
N ILE WA 17 -23.68 -30.08 23.80
CA ILE WA 17 -22.54 -30.86 23.35
C ILE WA 17 -21.52 -31.02 24.47
N GLU WA 18 -21.35 -29.98 25.29
CA GLU WA 18 -20.51 -30.12 26.48
C GLU WA 18 -20.99 -31.28 27.33
N ALA WA 19 -22.29 -31.31 27.61
CA ALA WA 19 -22.87 -32.36 28.44
C ALA WA 19 -22.65 -33.72 27.80
N ALA WA 20 -22.90 -33.85 26.50
CA ALA WA 20 -22.70 -35.13 25.83
C ALA WA 20 -21.25 -35.57 25.89
N ASP WA 21 -20.32 -34.62 25.69
CA ASP WA 21 -18.90 -34.89 25.83
C ASP WA 21 -18.59 -35.51 27.19
N ALA WA 22 -19.05 -34.85 28.26
CA ALA WA 22 -18.75 -35.37 29.59
C ALA WA 22 -19.46 -36.69 29.82
N MET WA 23 -20.67 -36.85 29.28
CA MET WA 23 -21.37 -38.13 29.36
C MET WA 23 -20.47 -39.23 28.85
N THR WA 24 -19.95 -39.05 27.64
CA THR WA 24 -19.35 -40.13 26.89
C THR WA 24 -17.88 -40.34 27.19
N LYS WA 25 -17.19 -39.36 27.79
CA LYS WA 25 -15.91 -39.66 28.41
C LYS WA 25 -16.00 -40.01 29.88
N ALA WA 26 -17.19 -39.95 30.48
CA ALA WA 26 -17.27 -40.23 31.90
C ALA WA 26 -17.35 -41.73 32.17
N ALA WA 27 -18.40 -42.38 31.68
CA ALA WA 27 -18.62 -43.79 31.99
C ALA WA 27 -19.37 -44.43 30.83
N GLU WA 28 -19.73 -45.69 31.03
CA GLU WA 28 -20.43 -46.48 30.01
C GLU WA 28 -21.90 -46.05 29.97
N VAL WA 29 -22.12 -44.91 29.31
CA VAL WA 29 -23.46 -44.41 29.05
C VAL WA 29 -23.56 -44.07 27.57
N ARG WA 30 -24.59 -44.57 26.92
CA ARG WA 30 -24.87 -44.25 25.53
C ARG WA 30 -25.98 -43.20 25.51
N LEU WA 31 -25.71 -42.06 24.90
CA LEU WA 31 -26.72 -41.01 24.80
C LEU WA 31 -27.85 -41.52 23.91
N ILE WA 32 -28.99 -41.84 24.54
CA ILE WA 32 -30.08 -42.43 23.78
C ILE WA 32 -30.75 -41.41 22.86
N GLY WA 33 -30.71 -40.12 23.21
CA GLY WA 33 -31.40 -39.14 22.40
C GLY WA 33 -30.95 -37.73 22.64
N ARG WA 34 -31.11 -36.91 21.61
CA ARG WA 34 -31.02 -35.45 21.71
C ARG WA 34 -32.37 -34.89 21.33
N GLU WA 35 -32.83 -33.87 22.06
CA GLU WA 35 -34.15 -33.31 21.85
C GLU WA 35 -34.08 -31.79 21.83
N PHE WA 36 -34.67 -31.21 20.79
CA PHE WA 36 -34.78 -29.76 20.63
C PHE WA 36 -36.15 -29.38 21.18
N VAL WA 37 -36.20 -29.08 22.48
CA VAL WA 37 -37.46 -28.81 23.14
C VAL WA 37 -38.15 -27.60 22.54
N GLY WA 38 -37.38 -26.56 22.21
CA GLY WA 38 -37.96 -25.34 21.69
C GLY WA 38 -37.62 -24.16 22.55
N GLY WA 39 -37.67 -22.96 21.98
CA GLY WA 39 -37.26 -21.79 22.73
C GLY WA 39 -35.81 -21.80 23.14
N GLY WA 40 -34.99 -22.59 22.45
CA GLY WA 40 -33.60 -22.73 22.80
C GLY WA 40 -33.29 -23.84 23.79
N TYR WA 41 -34.31 -24.46 24.37
CA TYR WA 41 -34.08 -25.54 25.33
C TYR WA 41 -33.64 -26.79 24.61
N VAL WA 42 -32.47 -27.31 25.00
CA VAL WA 42 -31.91 -28.52 24.41
C VAL WA 42 -31.69 -29.52 25.52
N THR WA 43 -32.15 -30.76 25.30
CA THR WA 43 -32.01 -31.82 26.29
C THR WA 43 -31.28 -32.99 25.69
N VAL WA 44 -30.46 -33.64 26.49
CA VAL WA 44 -29.73 -34.84 26.10
C VAL WA 44 -30.00 -35.94 27.12
N LEU WA 45 -30.32 -37.12 26.60
CA LEU WA 45 -30.68 -38.27 27.41
C LEU WA 45 -29.73 -39.42 27.10
N VAL WA 46 -29.12 -39.96 28.16
CA VAL WA 46 -28.16 -41.05 28.07
C VAL WA 46 -28.71 -42.23 28.88
N ARG WA 47 -28.24 -43.42 28.55
CA ARG WA 47 -28.65 -44.64 29.25
C ARG WA 47 -27.44 -45.39 29.77
N GLY WA 48 -27.57 -45.89 31.00
CA GLY WA 48 -26.51 -46.64 31.64
C GLY WA 48 -26.93 -47.01 33.05
N GLU WA 49 -25.99 -47.61 33.77
CA GLU WA 49 -26.27 -48.04 35.13
C GLU WA 49 -26.15 -46.87 36.10
N THR WA 50 -26.50 -47.15 37.36
CA THR WA 50 -26.65 -46.08 38.35
C THR WA 50 -25.37 -45.29 38.54
N GLY WA 51 -24.27 -45.97 38.81
CA GLY WA 51 -23.00 -45.27 38.99
C GLY WA 51 -22.55 -44.59 37.72
N ALA WA 52 -22.74 -45.25 36.58
CA ALA WA 52 -22.33 -44.67 35.31
C ALA WA 52 -23.10 -43.39 35.02
N VAL WA 53 -24.42 -43.42 35.21
CA VAL WA 53 -25.19 -42.22 34.93
C VAL WA 53 -24.89 -41.14 35.94
N ASN WA 54 -24.64 -41.49 37.21
CA ASN WA 54 -24.23 -40.49 38.18
C ASN WA 54 -22.95 -39.79 37.74
N ALA WA 55 -21.93 -40.58 37.42
CA ALA WA 55 -20.64 -39.99 37.04
C ALA WA 55 -20.79 -39.14 35.78
N ALA WA 56 -21.51 -39.66 34.79
CA ALA WA 56 -21.69 -38.92 33.54
C ALA WA 56 -22.41 -37.59 33.79
N VAL WA 57 -23.53 -37.64 34.52
CA VAL WA 57 -24.34 -36.45 34.72
C VAL WA 57 -23.57 -35.41 35.50
N ARG WA 58 -22.84 -35.83 36.55
CA ARG WA 58 -22.08 -34.86 37.32
C ARG WA 58 -20.93 -34.28 36.50
N ALA WA 59 -20.32 -35.10 35.65
CA ALA WA 59 -19.29 -34.59 34.76
C ALA WA 59 -19.86 -33.53 33.83
N GLY WA 60 -21.04 -33.80 33.26
CA GLY WA 60 -21.68 -32.80 32.40
C GLY WA 60 -22.06 -31.56 33.16
N ALA WA 61 -22.47 -31.73 34.42
CA ALA WA 61 -22.89 -30.59 35.23
C ALA WA 61 -21.72 -29.69 35.56
N ASP WA 62 -20.53 -30.27 35.76
CA ASP WA 62 -19.35 -29.42 35.93
C ASP WA 62 -18.69 -29.07 34.61
N ALA WA 63 -19.19 -29.59 33.49
CA ALA WA 63 -18.63 -29.20 32.20
C ALA WA 63 -19.37 -28.01 31.58
N CYS WA 64 -20.69 -27.99 31.64
CA CYS WA 64 -21.45 -27.07 30.80
C CYS WA 64 -21.98 -25.84 31.54
N GLU WA 65 -21.73 -25.71 32.85
CA GLU WA 65 -22.37 -24.63 33.59
C GLU WA 65 -21.84 -23.27 33.17
N ARG WA 66 -20.57 -23.21 32.80
CA ARG WA 66 -19.87 -21.98 32.47
C ARG WA 66 -19.75 -21.79 30.97
N VAL WA 67 -20.25 -22.73 30.18
CA VAL WA 67 -20.21 -22.66 28.73
C VAL WA 67 -21.48 -21.96 28.25
N GLY WA 68 -21.31 -20.85 27.54
CA GLY WA 68 -22.46 -20.13 27.03
C GLY WA 68 -23.37 -19.69 28.17
N ASP WA 69 -24.66 -19.96 28.02
CA ASP WA 69 -25.65 -19.64 29.03
C ASP WA 69 -25.72 -20.68 30.14
N GLY WA 70 -25.03 -21.80 30.00
CA GLY WA 70 -24.95 -22.79 31.05
C GLY WA 70 -26.15 -23.71 31.09
N LEU WA 71 -26.01 -24.74 31.92
CA LEU WA 71 -27.10 -25.69 32.13
C LEU WA 71 -28.24 -25.01 32.89
N VAL WA 72 -29.44 -25.59 32.76
CA VAL WA 72 -30.60 -25.14 33.48
C VAL WA 72 -31.23 -26.27 34.30
N ALA WA 73 -31.39 -27.43 33.68
CA ALA WA 73 -31.95 -28.58 34.37
C ALA WA 73 -31.00 -29.77 34.22
N ALA WA 74 -30.90 -30.54 35.30
CA ALA WA 74 -30.11 -31.76 35.31
C ALA WA 74 -30.75 -32.70 36.31
N HIS WA 75 -30.82 -33.98 35.96
CA HIS WA 75 -31.55 -34.94 36.78
C HIS WA 75 -31.09 -36.35 36.42
N ILE WA 76 -31.04 -37.21 37.42
CA ILE WA 76 -30.77 -38.62 37.22
C ILE WA 76 -31.96 -39.41 37.72
N ILE WA 77 -32.29 -40.47 36.99
CA ILE WA 77 -33.33 -41.42 37.39
C ILE WA 77 -32.71 -42.81 37.40
N ALA WA 78 -32.66 -43.42 38.58
CA ALA WA 78 -32.06 -44.75 38.70
C ALA WA 78 -32.98 -45.83 38.14
N ARG WA 79 -34.29 -45.66 38.35
CA ARG WA 79 -35.28 -46.65 37.97
C ARG WA 79 -36.31 -45.97 37.06
N PRO WA 80 -35.97 -45.74 35.79
CA PRO WA 80 -36.98 -45.25 34.86
C PRO WA 80 -38.10 -46.26 34.73
N HIS WA 81 -39.33 -45.80 34.88
CA HIS WA 81 -40.47 -46.70 34.94
C HIS WA 81 -40.72 -47.37 33.60
N ARG WA 82 -41.27 -48.58 33.66
CA ARG WA 82 -41.34 -49.44 32.48
C ARG WA 82 -42.19 -48.81 31.38
N GLU WA 83 -43.41 -48.36 31.70
CA GLU WA 83 -44.28 -47.97 30.59
C GLU WA 83 -43.85 -46.62 30.04
N VAL WA 84 -42.87 -45.98 30.69
CA VAL WA 84 -42.38 -44.67 30.26
C VAL WA 84 -41.42 -44.94 29.10
N GLU WA 85 -41.32 -46.21 28.72
CA GLU WA 85 -40.44 -46.61 27.64
C GLU WA 85 -40.65 -45.88 26.30
N PRO WA 86 -41.87 -45.58 25.83
CA PRO WA 86 -41.97 -44.98 24.49
C PRO WA 86 -41.30 -43.63 24.37
N ALA WA 87 -41.01 -42.98 25.50
CA ALA WA 87 -40.21 -41.76 25.48
C ALA WA 87 -38.79 -42.00 25.00
N LEU WA 88 -38.43 -43.24 24.67
CA LEU WA 88 -37.13 -43.56 24.11
C LEU WA 88 -36.88 -42.79 22.82
N GLY XA 2 -9.49 -34.52 9.05
CA GLY XA 2 -9.78 -33.90 10.33
C GLY XA 2 -10.91 -34.58 11.07
N ILE XA 3 -10.82 -34.60 12.39
CA ILE XA 3 -11.85 -35.21 13.23
C ILE XA 3 -12.25 -34.25 14.34
N ALA XA 4 -11.46 -33.20 14.52
CA ALA XA 4 -11.78 -32.20 15.53
C ALA XA 4 -13.03 -31.43 15.14
N LEU XA 5 -13.89 -31.17 16.13
CA LEU XA 5 -15.19 -30.56 15.93
C LEU XA 5 -15.17 -29.15 16.52
N GLY XA 6 -15.86 -28.24 15.88
CA GLY XA 6 -16.02 -26.88 16.36
C GLY XA 6 -17.48 -26.47 16.31
N MET XA 7 -17.93 -25.81 17.37
CA MET XA 7 -19.32 -25.40 17.50
C MET XA 7 -19.37 -23.89 17.61
N ILE XA 8 -20.20 -23.26 16.78
CA ILE XA 8 -20.50 -21.84 16.93
C ILE XA 8 -21.99 -21.67 17.18
N GLU XA 9 -22.32 -21.11 18.33
CA GLU XA 9 -23.70 -20.80 18.69
C GLU XA 9 -23.88 -19.30 18.74
N THR XA 10 -25.02 -18.83 18.25
CA THR XA 10 -25.27 -17.40 18.26
C THR XA 10 -26.76 -17.14 18.18
N ARG XA 11 -27.10 -15.86 18.26
CA ARG XA 11 -28.47 -15.38 18.21
C ARG XA 11 -28.74 -14.94 16.79
N GLY XA 12 -29.40 -15.79 16.02
CA GLY XA 12 -29.77 -15.43 14.68
C GLY XA 12 -28.83 -16.02 13.65
N LEU XA 13 -29.36 -16.23 12.44
CA LEU XA 13 -28.61 -16.88 11.38
C LEU XA 13 -27.60 -15.96 10.73
N VAL XA 14 -27.78 -14.64 10.85
CA VAL XA 14 -26.83 -13.68 10.27
C VAL XA 14 -25.45 -13.86 10.92
N PRO XA 15 -25.30 -13.68 12.23
CA PRO XA 15 -23.99 -13.94 12.83
C PRO XA 15 -23.57 -15.38 12.66
N ALA XA 16 -24.53 -16.29 12.55
CA ALA XA 16 -24.19 -17.70 12.38
C ALA XA 16 -23.40 -17.92 11.09
N ILE XA 17 -23.91 -17.46 9.96
CA ILE XA 17 -23.20 -17.72 8.72
C ILE XA 17 -22.04 -16.77 8.54
N GLU XA 18 -22.04 -15.61 9.19
CA GLU XA 18 -20.85 -14.78 9.17
C GLU XA 18 -19.71 -15.51 9.87
N ALA XA 19 -20.00 -16.10 11.03
CA ALA XA 19 -19.01 -16.90 11.73
C ALA XA 19 -18.63 -18.13 10.93
N ALA XA 20 -19.58 -18.70 10.18
CA ALA XA 20 -19.26 -19.84 9.33
C ALA XA 20 -18.27 -19.46 8.24
N ASP XA 21 -18.46 -18.28 7.64
CA ASP XA 21 -17.48 -17.78 6.69
C ASP XA 21 -16.14 -17.57 7.36
N ALA XA 22 -16.12 -17.03 8.56
CA ALA XA 22 -14.87 -16.90 9.29
C ALA XA 22 -14.23 -18.27 9.52
N MET XA 23 -15.05 -19.27 9.83
CA MET XA 23 -14.56 -20.63 10.00
C MET XA 23 -13.81 -21.08 8.76
N THR XA 24 -14.54 -21.17 7.65
CA THR XA 24 -13.99 -21.72 6.42
C THR XA 24 -12.97 -20.81 5.77
N LYS XA 25 -12.82 -19.59 6.28
CA LYS XA 25 -11.99 -18.61 5.60
C LYS XA 25 -10.80 -18.21 6.44
N ALA XA 26 -10.69 -18.75 7.66
CA ALA XA 26 -9.50 -18.57 8.46
C ALA XA 26 -8.58 -19.78 8.36
N ALA XA 27 -9.15 -20.99 8.37
CA ALA XA 27 -8.35 -22.21 8.42
C ALA XA 27 -9.03 -23.30 7.62
N GLU XA 28 -8.31 -24.42 7.46
CA GLU XA 28 -8.78 -25.57 6.71
C GLU XA 28 -9.82 -26.37 7.50
N VAL XA 29 -11.09 -25.98 7.41
CA VAL XA 29 -12.16 -26.65 8.14
C VAL XA 29 -13.36 -26.81 7.22
N ARG XA 30 -14.19 -27.81 7.51
CA ARG XA 30 -15.39 -28.09 6.75
C ARG XA 30 -16.58 -28.07 7.70
N LEU XA 31 -17.60 -27.24 7.42
CA LEU XA 31 -18.75 -27.25 8.32
C LEU XA 31 -19.60 -28.45 7.97
N ILE XA 32 -19.99 -29.22 8.98
CA ILE XA 32 -20.83 -30.38 8.73
C ILE XA 32 -22.31 -30.05 8.82
N GLY XA 33 -22.67 -28.96 9.50
CA GLY XA 33 -24.10 -28.71 9.60
C GLY XA 33 -24.58 -27.37 10.10
N ARG XA 34 -25.78 -26.99 9.66
CA ARG XA 34 -26.54 -25.90 10.24
C ARG XA 34 -27.58 -26.49 11.16
N GLU XA 35 -28.00 -25.74 12.17
CA GLU XA 35 -29.14 -26.19 12.95
C GLU XA 35 -29.77 -25.02 13.69
N PHE XA 36 -31.08 -24.87 13.54
CA PHE XA 36 -31.83 -23.82 14.23
C PHE XA 36 -32.31 -24.39 15.56
N VAL XA 37 -31.66 -23.96 16.64
CA VAL XA 37 -31.96 -24.51 17.96
C VAL XA 37 -33.40 -24.25 18.35
N GLY XA 38 -33.89 -23.04 18.09
CA GLY XA 38 -35.22 -22.65 18.51
C GLY XA 38 -35.16 -21.38 19.34
N GLY XA 39 -36.19 -20.55 19.21
CA GLY XA 39 -36.16 -19.27 19.89
C GLY XA 39 -35.13 -18.31 19.35
N GLY XA 40 -34.54 -18.59 18.19
CA GLY XA 40 -33.54 -17.73 17.59
C GLY XA 40 -32.12 -18.23 17.72
N TYR XA 41 -31.87 -19.19 18.60
CA TYR XA 41 -30.54 -19.76 18.72
C TYR XA 41 -30.21 -20.58 17.49
N VAL XA 42 -29.04 -20.35 16.91
CA VAL XA 42 -28.59 -21.05 15.72
C VAL XA 42 -27.16 -21.53 15.95
N THR XA 43 -26.86 -22.75 15.49
CA THR XA 43 -25.53 -23.31 15.57
C THR XA 43 -25.02 -23.72 14.19
N VAL XA 44 -23.71 -23.58 14.02
CA VAL XA 44 -23.00 -24.17 12.91
C VAL XA 44 -21.95 -25.14 13.47
N LEU XA 45 -21.95 -26.35 12.93
CA LEU XA 45 -21.03 -27.42 13.30
C LEU XA 45 -20.00 -27.58 12.18
N VAL XA 46 -18.72 -27.47 12.55
CA VAL XA 46 -17.61 -27.50 11.61
C VAL XA 46 -16.64 -28.60 12.05
N ARG XA 47 -15.92 -29.15 11.09
CA ARG XA 47 -14.95 -30.20 11.39
C ARG XA 47 -13.64 -29.92 10.66
N GLY XA 48 -12.56 -30.44 11.25
CA GLY XA 48 -11.24 -30.26 10.65
C GLY XA 48 -10.16 -30.59 11.65
N GLU XA 49 -8.95 -30.16 11.31
CA GLU XA 49 -7.79 -30.39 12.15
C GLU XA 49 -7.87 -29.53 13.41
N THR XA 50 -7.31 -30.05 14.51
CA THR XA 50 -7.51 -29.44 15.82
C THR XA 50 -7.05 -27.99 15.84
N GLY XA 51 -5.81 -27.73 15.41
CA GLY XA 51 -5.35 -26.35 15.35
C GLY XA 51 -6.13 -25.54 14.33
N ALA XA 52 -6.50 -26.17 13.21
CA ALA XA 52 -7.35 -25.49 12.25
C ALA XA 52 -8.68 -25.13 12.86
N VAL XA 53 -9.27 -26.06 13.61
CA VAL XA 53 -10.51 -25.77 14.32
C VAL XA 53 -10.32 -24.60 15.27
N ASN XA 54 -9.20 -24.57 15.99
CA ASN XA 54 -8.97 -23.52 16.97
C ASN XA 54 -8.86 -22.15 16.29
N ALA XA 55 -8.05 -22.07 15.24
CA ALA XA 55 -7.89 -20.80 14.55
C ALA XA 55 -9.22 -20.34 13.96
N ALA XA 56 -9.95 -21.25 13.31
CA ALA XA 56 -11.23 -20.88 12.73
C ALA XA 56 -12.21 -20.41 13.80
N VAL XA 57 -12.27 -21.14 14.92
CA VAL XA 57 -13.29 -20.86 15.92
C VAL XA 57 -13.00 -19.53 16.61
N ARG XA 58 -11.73 -19.23 16.87
CA ARG XA 58 -11.42 -17.92 17.46
C ARG XA 58 -11.70 -16.82 16.45
N ALA XA 59 -11.43 -17.07 15.17
CA ALA XA 59 -11.72 -16.04 14.16
C ALA XA 59 -13.21 -15.73 14.12
N GLY XA 60 -14.04 -16.78 14.12
CA GLY XA 60 -15.47 -16.55 14.17
C GLY XA 60 -15.90 -15.88 15.46
N ALA XA 61 -15.25 -16.21 16.57
CA ALA XA 61 -15.58 -15.55 17.84
C ALA XA 61 -15.27 -14.07 17.78
N ASP XA 62 -14.11 -13.71 17.23
CA ASP XA 62 -13.77 -12.31 17.05
C ASP XA 62 -14.74 -11.63 16.08
N ALA XA 63 -15.28 -12.39 15.14
CA ALA XA 63 -16.13 -11.80 14.11
C ALA XA 63 -17.56 -11.60 14.60
N CYS XA 64 -18.05 -12.48 15.45
CA CYS XA 64 -19.48 -12.66 15.66
C CYS XA 64 -20.06 -11.80 16.79
N GLU XA 65 -19.25 -11.37 17.75
CA GLU XA 65 -19.80 -10.73 18.95
C GLU XA 65 -20.50 -9.42 18.61
N ARG XA 66 -19.96 -8.68 17.64
CA ARG XA 66 -20.47 -7.38 17.23
C ARG XA 66 -21.12 -7.43 15.86
N VAL XA 67 -21.78 -8.53 15.54
CA VAL XA 67 -22.59 -8.67 14.34
C VAL XA 67 -24.02 -9.00 14.74
N GLY XA 68 -24.96 -8.14 14.35
CA GLY XA 68 -26.35 -8.38 14.67
C GLY XA 68 -26.57 -8.45 16.16
N ASP XA 69 -27.29 -9.48 16.61
CA ASP XA 69 -27.60 -9.64 18.02
C ASP XA 69 -26.41 -10.15 18.82
N GLY XA 70 -25.42 -10.74 18.17
CA GLY XA 70 -24.18 -11.09 18.84
C GLY XA 70 -24.02 -12.57 19.10
N LEU XA 71 -22.79 -12.94 19.44
CA LEU XA 71 -22.40 -14.30 19.74
C LEU XA 71 -22.95 -14.72 21.10
N VAL XA 72 -23.13 -16.03 21.27
CA VAL XA 72 -23.54 -16.58 22.56
C VAL XA 72 -22.48 -17.55 23.07
N ALA XA 73 -22.20 -18.59 22.29
CA ALA XA 73 -21.25 -19.62 22.69
C ALA XA 73 -20.39 -20.05 21.51
N ALA XA 74 -19.24 -20.62 21.83
CA ALA XA 74 -18.29 -21.12 20.84
C ALA XA 74 -17.33 -22.10 21.50
N HIS XA 75 -17.14 -23.28 20.92
CA HIS XA 75 -16.37 -24.31 21.61
C HIS XA 75 -15.64 -25.23 20.63
N ILE XA 76 -14.66 -25.96 21.17
CA ILE XA 76 -13.82 -26.88 20.42
C ILE XA 76 -13.85 -28.24 21.11
N ILE XA 77 -14.03 -29.30 20.35
CA ILE XA 77 -13.89 -30.67 20.82
C ILE XA 77 -12.81 -31.34 20.00
N ALA XA 78 -11.66 -31.63 20.62
CA ALA XA 78 -10.58 -32.25 19.87
C ALA XA 78 -10.91 -33.69 19.49
N ARG XA 79 -11.49 -34.47 20.39
CA ARG XA 79 -12.00 -35.80 20.08
C ARG XA 79 -13.48 -35.92 20.43
N PRO XA 80 -14.36 -35.79 19.44
CA PRO XA 80 -15.73 -36.25 19.64
C PRO XA 80 -15.78 -37.76 19.71
N HIS XA 81 -16.51 -38.26 20.70
CA HIS XA 81 -16.60 -39.70 20.91
C HIS XA 81 -17.39 -40.35 19.78
N ARG XA 82 -17.12 -41.63 19.55
CA ARG XA 82 -17.81 -42.32 18.46
C ARG XA 82 -19.30 -42.48 18.71
N GLU XA 83 -19.76 -42.21 19.94
CA GLU XA 83 -21.19 -42.21 20.20
C GLU XA 83 -21.85 -40.87 19.89
N VAL XA 84 -21.08 -39.83 19.61
CA VAL XA 84 -21.66 -38.50 19.46
C VAL XA 84 -22.10 -38.21 18.04
N GLU XA 85 -21.37 -38.70 17.03
CA GLU XA 85 -21.73 -38.38 15.65
C GLU XA 85 -23.06 -38.96 15.17
N PRO XA 86 -23.51 -40.17 15.55
CA PRO XA 86 -24.80 -40.63 15.03
C PRO XA 86 -25.97 -39.90 15.67
N ALA XA 87 -25.64 -38.98 16.58
CA ALA XA 87 -26.56 -37.93 17.02
C ALA XA 87 -25.94 -36.55 16.85
N LEU XA 88 -25.17 -36.34 15.79
CA LEU XA 88 -24.48 -35.07 15.55
C LEU XA 88 -25.46 -33.91 15.48
N GLY YA 2 -23.47 -12.75 -10.74
CA GLY YA 2 -22.64 -12.42 -9.60
C GLY YA 2 -22.77 -13.42 -8.48
N ILE YA 3 -21.76 -13.48 -7.60
CA ILE YA 3 -21.76 -14.39 -6.47
C ILE YA 3 -21.61 -13.68 -5.14
N ALA YA 4 -21.65 -12.34 -5.12
CA ALA YA 4 -21.72 -11.63 -3.86
C ALA YA 4 -23.04 -11.96 -3.16
N LEU YA 5 -23.04 -11.93 -1.83
CA LEU YA 5 -24.20 -12.36 -1.06
C LEU YA 5 -24.67 -11.23 -0.17
N GLY YA 6 -25.96 -10.90 -0.27
CA GLY YA 6 -26.61 -9.98 0.65
C GLY YA 6 -27.57 -10.75 1.53
N MET YA 7 -27.77 -10.24 2.74
CA MET YA 7 -28.40 -11.07 3.76
C MET YA 7 -28.88 -10.25 4.96
N ILE YA 8 -30.10 -10.50 5.39
CA ILE YA 8 -30.77 -9.70 6.41
C ILE YA 8 -31.56 -10.62 7.32
N GLU YA 9 -31.68 -10.23 8.58
CA GLU YA 9 -32.55 -10.92 9.53
C GLU YA 9 -33.47 -9.90 10.18
N THR YA 10 -34.69 -10.33 10.50
CA THR YA 10 -35.67 -9.43 11.10
C THR YA 10 -36.69 -10.25 11.89
N ARG YA 11 -37.68 -9.53 12.42
CA ARG YA 11 -38.69 -10.08 13.32
C ARG YA 11 -39.99 -10.29 12.54
N GLY YA 12 -40.23 -11.53 12.11
CA GLY YA 12 -41.48 -11.86 11.45
C GLY YA 12 -41.36 -11.83 9.94
N LEU YA 13 -42.49 -12.09 9.29
CA LEU YA 13 -42.50 -12.25 7.84
C LEU YA 13 -42.76 -10.95 7.08
N VAL YA 14 -43.52 -10.00 7.62
CA VAL YA 14 -43.72 -8.73 6.92
C VAL YA 14 -42.42 -7.96 6.69
N PRO YA 15 -41.59 -7.70 7.71
CA PRO YA 15 -40.32 -7.02 7.42
C PRO YA 15 -39.46 -7.79 6.45
N ALA YA 16 -39.39 -9.11 6.57
CA ALA YA 16 -38.56 -9.90 5.67
C ALA YA 16 -39.07 -9.83 4.24
N ILE YA 17 -40.38 -9.92 4.05
CA ILE YA 17 -40.94 -9.90 2.71
C ILE YA 17 -40.75 -8.54 2.06
N GLU YA 18 -41.00 -7.47 2.80
CA GLU YA 18 -40.82 -6.16 2.18
C GLU YA 18 -39.34 -5.84 1.97
N ALA YA 19 -38.45 -6.36 2.82
CA ALA YA 19 -37.03 -6.18 2.56
C ALA YA 19 -36.58 -7.01 1.35
N ALA YA 20 -37.21 -8.16 1.14
CA ALA YA 20 -36.98 -8.91 -0.09
C ALA YA 20 -37.44 -8.11 -1.29
N ASP YA 21 -38.57 -7.42 -1.15
CA ASP YA 21 -39.01 -6.51 -2.20
C ASP YA 21 -37.95 -5.45 -2.44
N ALA YA 22 -37.37 -4.90 -1.36
CA ALA YA 22 -36.33 -3.90 -1.51
C ALA YA 22 -35.13 -4.45 -2.25
N MET YA 23 -34.72 -5.68 -1.93
CA MET YA 23 -33.64 -6.33 -2.68
C MET YA 23 -33.98 -6.41 -4.16
N THR YA 24 -35.11 -7.02 -4.47
CA THR YA 24 -35.45 -7.33 -5.85
C THR YA 24 -35.82 -6.10 -6.67
N LYS YA 25 -36.06 -4.97 -6.02
CA LYS YA 25 -36.30 -3.73 -6.75
C LYS YA 25 -35.08 -2.81 -6.77
N ALA YA 26 -34.12 -3.03 -5.88
CA ALA YA 26 -32.94 -2.16 -5.86
C ALA YA 26 -31.88 -2.60 -6.86
N ALA YA 27 -31.35 -3.81 -6.69
CA ALA YA 27 -30.16 -4.22 -7.43
C ALA YA 27 -30.37 -5.59 -8.04
N GLU YA 28 -29.42 -6.01 -8.88
CA GLU YA 28 -29.47 -7.30 -9.56
C GLU YA 28 -29.15 -8.40 -8.55
N VAL YA 29 -30.14 -8.70 -7.72
CA VAL YA 29 -30.02 -9.77 -6.73
C VAL YA 29 -31.25 -10.66 -6.84
N ARG YA 30 -31.07 -11.95 -6.58
CA ARG YA 30 -32.14 -12.93 -6.61
C ARG YA 30 -32.35 -13.50 -5.22
N LEU YA 31 -33.60 -13.57 -4.79
CA LEU YA 31 -33.91 -14.14 -3.48
C LEU YA 31 -33.59 -15.62 -3.52
N ILE YA 32 -32.41 -16.00 -3.02
CA ILE YA 32 -32.06 -17.40 -2.95
C ILE YA 32 -32.65 -18.06 -1.71
N GLY YA 33 -33.05 -17.29 -0.70
CA GLY YA 33 -33.62 -17.94 0.47
C GLY YA 33 -34.40 -17.06 1.43
N ARG YA 34 -35.56 -17.55 1.88
CA ARG YA 34 -36.29 -16.96 2.99
C ARG YA 34 -36.44 -18.04 4.04
N GLU YA 35 -35.71 -17.92 5.15
CA GLU YA 35 -35.64 -18.98 6.16
C GLU YA 35 -36.25 -18.50 7.47
N PHE YA 36 -37.05 -19.38 8.07
CA PHE YA 36 -37.57 -19.16 9.42
C PHE YA 36 -36.53 -19.66 10.41
N VAL YA 37 -35.85 -18.73 11.08
CA VAL YA 37 -34.84 -19.11 12.05
C VAL YA 37 -35.47 -19.86 13.22
N GLY YA 38 -36.60 -19.36 13.72
CA GLY YA 38 -37.21 -19.93 14.91
C GLY YA 38 -37.35 -18.86 15.98
N GLY YA 39 -38.43 -18.92 16.75
CA GLY YA 39 -38.70 -17.85 17.68
C GLY YA 39 -39.08 -16.53 17.05
N GLY YA 40 -39.43 -16.55 15.76
CA GLY YA 40 -39.85 -15.36 15.06
C GLY YA 40 -38.81 -14.76 14.13
N TYR YA 41 -37.54 -15.10 14.29
CA TYR YA 41 -36.51 -14.53 13.43
C TYR YA 41 -36.66 -15.09 12.03
N VAL YA 42 -36.71 -14.21 11.03
CA VAL YA 42 -36.80 -14.61 9.63
C VAL YA 42 -35.70 -13.90 8.86
N THR YA 43 -35.00 -14.65 8.02
CA THR YA 43 -33.85 -14.11 7.29
C THR YA 43 -34.06 -14.24 5.78
N VAL YA 44 -33.52 -13.27 5.07
CA VAL YA 44 -33.57 -13.21 3.61
C VAL YA 44 -32.14 -13.22 3.07
N LEU YA 45 -31.95 -13.97 1.99
CA LEU YA 45 -30.66 -14.23 1.38
C LEU YA 45 -30.77 -14.03 -0.12
N VAL YA 46 -29.90 -13.17 -0.67
CA VAL YA 46 -29.86 -12.85 -2.09
C VAL YA 46 -28.42 -12.91 -2.58
N ARG YA 47 -28.29 -13.02 -3.90
CA ARG YA 47 -26.98 -13.02 -4.56
C ARG YA 47 -26.95 -12.00 -5.69
N GLY YA 48 -25.92 -11.18 -5.69
CA GLY YA 48 -25.72 -10.21 -6.74
C GLY YA 48 -24.31 -9.68 -6.74
N GLU YA 49 -24.14 -8.54 -7.40
CA GLU YA 49 -22.84 -7.89 -7.52
C GLU YA 49 -22.50 -7.12 -6.25
N THR YA 50 -21.20 -7.08 -5.93
CA THR YA 50 -20.73 -6.55 -4.65
C THR YA 50 -21.32 -5.17 -4.35
N GLY YA 51 -21.05 -4.20 -5.22
CA GLY YA 51 -21.64 -2.88 -5.02
C GLY YA 51 -23.15 -2.91 -5.10
N ALA YA 52 -23.69 -3.71 -6.03
CA ALA YA 52 -25.14 -3.87 -6.12
C ALA YA 52 -25.69 -4.49 -4.84
N VAL YA 53 -25.01 -5.51 -4.30
CA VAL YA 53 -25.44 -6.11 -3.04
C VAL YA 53 -25.44 -5.07 -1.93
N ASN YA 54 -24.38 -4.27 -1.85
CA ASN YA 54 -24.30 -3.25 -0.81
C ASN YA 54 -25.48 -2.28 -0.91
N ALA YA 55 -25.69 -1.73 -2.10
CA ALA YA 55 -26.77 -0.77 -2.27
C ALA YA 55 -28.11 -1.39 -1.94
N ALA YA 56 -28.35 -2.63 -2.40
CA ALA YA 56 -29.62 -3.29 -2.17
C ALA YA 56 -29.86 -3.50 -0.68
N VAL YA 57 -28.86 -4.03 0.03
CA VAL YA 57 -29.07 -4.36 1.44
C VAL YA 57 -29.26 -3.09 2.26
N ARG YA 58 -28.55 -2.01 1.91
CA ARG YA 58 -28.79 -0.77 2.63
C ARG YA 58 -30.18 -0.23 2.36
N ALA YA 59 -30.66 -0.33 1.12
CA ALA YA 59 -32.03 0.08 0.86
C ALA YA 59 -33.01 -0.77 1.65
N GLY YA 60 -32.72 -2.07 1.78
CA GLY YA 60 -33.60 -2.93 2.54
C GLY YA 60 -33.68 -2.56 4.01
N ALA YA 61 -32.53 -2.32 4.63
CA ALA YA 61 -32.55 -1.87 6.02
C ALA YA 61 -33.24 -0.51 6.14
N ASP YA 62 -32.95 0.39 5.20
CA ASP YA 62 -33.54 1.72 5.17
C ASP YA 62 -35.05 1.64 5.03
N ALA YA 63 -35.56 0.52 4.52
CA ALA YA 63 -37.02 0.35 4.47
C ALA YA 63 -37.53 -0.39 5.70
N CYS YA 64 -36.75 -1.32 6.23
CA CYS YA 64 -37.24 -2.28 7.21
C CYS YA 64 -37.03 -1.84 8.67
N GLU YA 65 -36.40 -0.69 8.90
CA GLU YA 65 -36.21 -0.24 10.28
C GLU YA 65 -37.53 -0.14 11.04
N ARG YA 66 -38.63 0.13 10.35
CA ARG YA 66 -39.86 0.56 10.97
C ARG YA 66 -41.02 -0.40 10.78
N VAL YA 67 -41.00 -1.21 9.71
CA VAL YA 67 -42.09 -2.13 9.44
C VAL YA 67 -42.18 -3.14 10.57
N GLY YA 68 -43.40 -3.37 11.05
CA GLY YA 68 -43.57 -4.23 12.22
C GLY YA 68 -42.80 -3.68 13.38
N ASP YA 69 -42.01 -4.54 14.02
CA ASP YA 69 -41.11 -4.12 15.08
C ASP YA 69 -39.71 -3.83 14.58
N GLY YA 70 -39.44 -3.99 13.29
CA GLY YA 70 -38.24 -3.45 12.69
C GLY YA 70 -37.08 -4.44 12.56
N LEU YA 71 -35.97 -3.89 12.08
CA LEU YA 71 -34.76 -4.66 11.82
C LEU YA 71 -34.08 -5.09 13.11
N VAL YA 72 -33.31 -6.18 13.01
CA VAL YA 72 -32.40 -6.58 14.06
C VAL YA 72 -30.99 -6.64 13.49
N ALA YA 73 -30.79 -7.45 12.45
CA ALA YA 73 -29.46 -7.72 11.93
C ALA YA 73 -29.47 -7.58 10.41
N ALA YA 74 -28.37 -7.04 9.89
CA ALA YA 74 -28.17 -6.93 8.45
C ALA YA 74 -26.68 -6.86 8.14
N HIS YA 75 -26.11 -7.97 7.67
CA HIS YA 75 -24.67 -8.05 7.42
C HIS YA 75 -24.41 -8.20 5.92
N ILE YA 76 -23.18 -7.92 5.49
CA ILE YA 76 -22.81 -8.02 4.08
C ILE YA 76 -21.51 -8.81 3.95
N ILE YA 77 -21.51 -9.76 3.04
CA ILE YA 77 -20.31 -10.48 2.64
C ILE YA 77 -20.09 -10.25 1.15
N ALA YA 78 -18.84 -9.99 0.77
CA ALA YA 78 -18.54 -9.78 -0.65
C ALA YA 78 -18.33 -11.10 -1.36
N ARG YA 79 -17.36 -11.90 -0.92
CA ARG YA 79 -17.17 -13.24 -1.47
C ARG YA 79 -17.50 -14.29 -0.41
N PRO YA 80 -18.65 -14.95 -0.51
CA PRO YA 80 -18.85 -16.15 0.29
C PRO YA 80 -17.88 -17.25 -0.13
N HIS YA 81 -17.41 -18.01 0.84
CA HIS YA 81 -16.51 -19.11 0.52
C HIS YA 81 -17.32 -20.29 0.01
N ARG YA 82 -16.72 -21.03 -0.93
CA ARG YA 82 -17.44 -22.13 -1.56
C ARG YA 82 -17.87 -23.18 -0.54
N GLU YA 83 -17.04 -23.42 0.48
CA GLU YA 83 -17.36 -24.46 1.44
C GLU YA 83 -18.59 -24.10 2.26
N VAL YA 84 -18.94 -22.81 2.34
CA VAL YA 84 -20.18 -22.38 2.97
C VAL YA 84 -21.41 -22.73 2.14
N GLU YA 85 -21.26 -22.84 0.82
CA GLU YA 85 -22.42 -22.94 -0.08
C GLU YA 85 -23.45 -24.00 0.31
N PRO YA 86 -23.09 -25.17 0.86
CA PRO YA 86 -24.14 -26.08 1.34
C PRO YA 86 -25.06 -25.46 2.38
N ALA YA 87 -24.59 -24.46 3.13
CA ALA YA 87 -25.46 -23.75 4.05
C ALA YA 87 -26.45 -22.86 3.34
N LEU YA 88 -26.33 -22.69 2.02
CA LEU YA 88 -27.27 -21.88 1.26
C LEU YA 88 -28.36 -22.76 0.65
#